data_7FGH
#
_entry.id   7FGH
#
_cell.length_a   1.00
_cell.length_b   1.00
_cell.length_c   1.00
_cell.angle_alpha   90.00
_cell.angle_beta   90.00
_cell.angle_gamma   90.00
#
_symmetry.space_group_name_H-M   'P 1'
#
loop_
_entity.id
_entity.type
_entity.pdbx_description
1 polymer 'mRNA-capping enzyme nsP1'
2 non-polymer 'ZINC ION'
3 non-polymer S-ADENOSYL-L-HOMOCYSTEINE
4 non-polymer "N7-METHYL-GUANOSINE-5'-MONOPHOSPHATE"
5 water water
#
_entity_poly.entity_id   1
_entity_poly.type   'polypeptide(L)'
_entity_poly.pdbx_seq_one_letter_code
;MDPVYVDIDADSAFLKALQRAYPMFEVEPRQVTPNDHANARAFSHLAIKLIEQEIDPDSTILDIGSAPARRMMSDRKYHC
VCPMRSAEDPERLANYARKLASAAGKVLDRNISGKIGDLQAVMAVPDTETPTFCLHTDVSCRQRADVAIYQDVYAVHAPT
SLYHQAIKGVRLAYWVGFDTTPFMYNAMAGAYPSYSTNWADEQVLKAKNIGLCSTDLTEGRRGKLSIMRGKKLEPCDRVL
FSVGSTLYPESRKLLKSWHLPSVFHLKGKLSFTCRCDTVVSCEGYVVKRITMSPGLYGKTTGYAVTHHADGFLMCKTTDT
VDGERVSFSVCTYVPATICDQMTGILATEVTPEDAQKLLVGLNQRIVVNGRTQRNTNTMKNYMIPVVAQAFSKWAKECRK
DMEDEKLLGVRERTLTCCCLWAFKKQKTHTVYKRPDTQSIQKVQAEFDSFVVPSLWSSGLSIPLRTRIKWLLSKVPKTDL
TPYSGDAQEARDAEKEAEEEREAELTLEALPPLQAAGGGGSWSHPQFEKMDYKDHDGDYKDHDIDYKDDDDK
;
_entity_poly.pdbx_strand_id   A,B,C,D,E,F,G,H,I,J,K,L
#
loop_
_chem_comp.id
_chem_comp.type
_chem_comp.name
_chem_comp.formula
G7M RNA linking N7-METHYL-GUANOSINE-5'-MONOPHOSPHATE 'C11 H17 N5 O8 P 1'
SAH non-polymer S-ADENOSYL-L-HOMOCYSTEINE 'C14 H20 N6 O5 S'
ZN non-polymer 'ZINC ION' 'Zn 2'
#
# COMPACT_ATOMS: atom_id res chain seq x y z
N ASP A 2 57.08 -28.73 -7.20
CA ASP A 2 57.00 -27.28 -7.37
C ASP A 2 56.07 -26.63 -6.34
N PRO A 3 54.97 -27.27 -5.96
CA PRO A 3 54.27 -26.84 -4.75
C PRO A 3 55.07 -27.17 -3.51
N VAL A 4 54.84 -26.39 -2.46
CA VAL A 4 55.40 -26.65 -1.14
C VAL A 4 54.23 -26.96 -0.21
N TYR A 5 54.39 -27.99 0.61
CA TYR A 5 53.31 -28.53 1.43
C TYR A 5 53.57 -28.19 2.89
N VAL A 6 52.58 -27.61 3.56
CA VAL A 6 52.72 -27.22 4.95
C VAL A 6 51.64 -27.90 5.78
N ASP A 7 51.98 -28.23 7.02
CA ASP A 7 51.14 -29.03 7.91
C ASP A 7 50.25 -28.11 8.75
N ILE A 8 49.26 -27.51 8.08
CA ILE A 8 48.28 -26.65 8.73
C ILE A 8 46.91 -26.97 8.18
N ASP A 9 45.89 -26.54 8.92
CA ASP A 9 44.51 -26.77 8.51
C ASP A 9 44.17 -25.94 7.28
N ALA A 10 43.30 -26.51 6.43
CA ALA A 10 42.99 -25.90 5.15
C ALA A 10 42.17 -24.62 5.28
N ASP A 11 41.51 -24.39 6.40
CA ASP A 11 40.71 -23.20 6.62
C ASP A 11 41.40 -22.16 7.50
N SER A 12 42.70 -22.30 7.75
CA SER A 12 43.41 -21.36 8.59
C SER A 12 43.53 -19.99 7.93
N ALA A 13 43.50 -18.94 8.74
CA ALA A 13 43.73 -17.58 8.25
C ALA A 13 45.21 -17.27 8.03
N PHE A 14 46.11 -18.02 8.65
CA PHE A 14 47.54 -17.75 8.54
C PHE A 14 48.07 -18.04 7.14
N LEU A 15 47.30 -18.76 6.34
CA LEU A 15 47.77 -19.17 5.02
C LEU A 15 47.95 -17.97 4.09
N LYS A 16 47.07 -16.97 4.17
CA LYS A 16 47.20 -15.82 3.31
C LYS A 16 48.43 -14.98 3.67
N ALA A 17 48.71 -14.86 4.96
CA ALA A 17 49.95 -14.18 5.38
C ALA A 17 51.17 -14.93 4.87
N LEU A 18 51.15 -16.27 4.95
CA LEU A 18 52.27 -17.05 4.43
C LEU A 18 52.44 -16.85 2.93
N GLN A 19 51.34 -16.83 2.19
CA GLN A 19 51.42 -16.63 0.75
C GLN A 19 51.94 -15.25 0.39
N ARG A 20 51.54 -14.21 1.12
CA ARG A 20 52.09 -12.89 0.86
C ARG A 20 53.57 -12.80 1.19
N ALA A 21 54.04 -13.52 2.21
CA ALA A 21 55.46 -13.44 2.56
C ALA A 21 56.38 -14.19 1.60
N TYR A 22 55.89 -15.20 0.88
CA TYR A 22 56.71 -16.00 -0.03
C TYR A 22 56.07 -16.03 -1.41
N PRO A 23 56.11 -14.91 -2.14
CA PRO A 23 55.40 -14.84 -3.44
C PRO A 23 56.03 -15.70 -4.54
N MET A 24 57.21 -16.24 -4.35
CA MET A 24 57.85 -17.05 -5.39
C MET A 24 57.49 -18.53 -5.32
N PHE A 25 56.68 -18.95 -4.36
CA PHE A 25 56.29 -20.36 -4.23
C PHE A 25 54.80 -20.50 -4.42
N GLU A 26 54.33 -21.73 -4.28
CA GLU A 26 52.92 -22.08 -4.41
C GLU A 26 52.59 -23.03 -3.26
N VAL A 27 51.81 -22.54 -2.29
CA VAL A 27 51.73 -23.12 -0.95
C VAL A 27 50.43 -23.90 -0.81
N GLU A 28 50.55 -25.20 -0.49
CA GLU A 28 49.46 -26.16 -0.30
C GLU A 28 49.38 -26.61 1.15
N PRO A 29 48.19 -26.61 1.72
CA PRO A 29 48.00 -27.18 3.07
C PRO A 29 47.76 -28.69 3.06
N ARG A 30 48.43 -29.41 3.95
CA ARG A 30 48.28 -30.86 4.06
C ARG A 30 48.51 -31.25 5.52
N GLN A 31 47.43 -31.34 6.30
CA GLN A 31 47.54 -31.52 7.75
C GLN A 31 47.67 -32.99 8.11
N VAL A 32 48.64 -33.30 8.98
CA VAL A 32 48.84 -34.68 9.43
C VAL A 32 48.91 -34.84 10.94
N THR A 33 49.13 -33.80 11.72
CA THR A 33 49.22 -33.87 13.17
C THR A 33 48.46 -32.68 13.77
N PRO A 34 48.06 -32.77 15.06
CA PRO A 34 47.50 -31.61 15.76
C PRO A 34 48.52 -30.77 16.53
N ASN A 35 49.65 -30.46 15.90
CA ASN A 35 50.71 -29.70 16.57
C ASN A 35 50.19 -28.35 17.06
N ASP A 36 50.49 -28.01 18.30
CA ASP A 36 49.97 -26.75 18.84
C ASP A 36 50.90 -25.56 18.58
N HIS A 37 52.02 -25.75 17.89
CA HIS A 37 52.82 -24.66 17.37
C HIS A 37 53.11 -24.86 15.88
N ALA A 38 52.06 -25.12 15.10
CA ALA A 38 52.20 -25.47 13.69
C ALA A 38 52.69 -24.30 12.82
N ASN A 39 52.22 -23.07 13.11
CA ASN A 39 52.57 -21.92 12.27
C ASN A 39 54.08 -21.65 12.28
N ALA A 40 54.71 -21.75 13.45
CA ALA A 40 56.15 -21.52 13.55
C ALA A 40 56.95 -22.52 12.73
N ARG A 41 56.56 -23.80 12.79
CA ARG A 41 57.23 -24.84 12.01
C ARG A 41 57.06 -24.61 10.51
N ALA A 42 55.86 -24.20 10.07
CA ALA A 42 55.67 -23.92 8.65
C ALA A 42 56.56 -22.78 8.16
N PHE A 43 56.67 -21.70 8.96
CA PHE A 43 57.53 -20.59 8.56
C PHE A 43 59.00 -21.04 8.43
N SER A 44 59.48 -21.84 9.39
CA SER A 44 60.87 -22.29 9.30
C SER A 44 61.12 -23.16 8.07
N HIS A 45 60.17 -24.03 7.74
CA HIS A 45 60.27 -24.89 6.56
C HIS A 45 60.41 -24.05 5.28
N LEU A 46 59.53 -23.06 5.11
CA LEU A 46 59.60 -22.23 3.90
C LEU A 46 60.89 -21.41 3.86
N ALA A 47 61.38 -20.96 5.02
CA ALA A 47 62.62 -20.19 5.02
C ALA A 47 63.79 -21.01 4.50
N ILE A 48 63.88 -22.27 4.93
CA ILE A 48 64.97 -23.12 4.44
C ILE A 48 64.86 -23.32 2.94
N LYS A 49 63.64 -23.56 2.44
CA LYS A 49 63.48 -23.70 0.98
C LYS A 49 64.00 -22.48 0.23
N LEU A 50 63.63 -21.28 0.67
CA LEU A 50 64.04 -20.06 -0.04
C LEU A 50 65.56 -19.90 -0.01
N ILE A 51 66.17 -20.12 1.15
CA ILE A 51 67.63 -19.99 1.24
C ILE A 51 68.32 -20.96 0.30
N GLU A 52 67.84 -22.20 0.24
CA GLU A 52 68.45 -23.16 -0.69
C GLU A 52 68.29 -22.71 -2.13
N GLN A 53 67.17 -22.08 -2.46
CA GLN A 53 67.00 -21.59 -3.84
C GLN A 53 67.95 -20.45 -4.16
N GLU A 54 68.32 -19.61 -3.18
CA GLU A 54 69.26 -18.53 -3.49
C GLU A 54 70.65 -19.01 -3.88
N ILE A 55 71.26 -19.88 -3.09
CA ILE A 55 72.68 -20.15 -3.27
C ILE A 55 72.90 -21.19 -4.36
N ASP A 56 74.14 -21.25 -4.86
CA ASP A 56 74.41 -22.18 -5.94
C ASP A 56 75.06 -23.45 -5.41
N PRO A 57 74.87 -24.59 -6.09
CA PRO A 57 75.53 -25.82 -5.63
C PRO A 57 77.04 -25.76 -5.85
N ASP A 58 77.74 -26.84 -5.51
CA ASP A 58 79.19 -26.94 -5.47
C ASP A 58 79.79 -26.19 -4.29
N SER A 59 79.00 -25.45 -3.55
CA SER A 59 79.45 -24.84 -2.32
C SER A 59 79.05 -25.71 -1.14
N THR A 60 79.90 -25.74 -0.12
CA THR A 60 79.64 -26.50 1.09
C THR A 60 79.09 -25.57 2.15
N ILE A 61 78.12 -26.06 2.93
CA ILE A 61 77.34 -25.25 3.85
C ILE A 61 77.60 -25.75 5.27
N LEU A 62 78.10 -24.86 6.14
CA LEU A 62 78.18 -25.17 7.56
C LEU A 62 76.82 -25.00 8.21
N ASP A 63 76.39 -26.00 8.97
CA ASP A 63 75.13 -25.95 9.71
C ASP A 63 75.45 -25.88 11.19
N ILE A 64 75.36 -24.68 11.75
CA ILE A 64 75.75 -24.42 13.13
C ILE A 64 74.63 -24.84 14.07
N GLY A 65 74.97 -25.69 15.06
CA GLY A 65 73.99 -26.22 15.98
C GLY A 65 72.93 -27.05 15.30
N SER A 66 73.35 -27.98 14.46
CA SER A 66 72.46 -28.66 13.53
C SER A 66 71.59 -29.70 14.23
N ALA A 67 70.48 -30.03 13.57
CA ALA A 67 69.71 -31.24 13.85
C ALA A 67 69.78 -32.13 12.61
N PRO A 68 70.69 -33.11 12.59
CA PRO A 68 71.09 -33.73 11.31
C PRO A 68 69.96 -34.39 10.53
N ALA A 69 68.96 -34.96 11.21
CA ALA A 69 67.89 -35.66 10.51
C ALA A 69 67.10 -34.75 9.59
N ARG A 70 67.12 -33.43 9.82
CA ARG A 70 66.42 -32.54 8.90
C ARG A 70 67.15 -32.39 7.57
N ARG A 71 68.46 -32.60 7.54
CA ARG A 71 69.23 -32.41 6.31
C ARG A 71 69.47 -33.70 5.55
N MET A 72 68.84 -34.80 5.95
CA MET A 72 69.26 -36.12 5.46
C MET A 72 68.77 -36.39 4.04
N MET A 73 67.57 -35.93 3.66
CA MET A 73 67.08 -36.09 2.30
C MET A 73 67.26 -34.87 1.44
N SER A 74 68.37 -34.14 1.62
CA SER A 74 68.69 -32.98 0.79
C SER A 74 69.84 -33.33 -0.14
N ASP A 75 69.82 -32.76 -1.34
CA ASP A 75 70.88 -33.03 -2.31
C ASP A 75 72.08 -32.10 -2.19
N ARG A 76 72.00 -31.05 -1.38
CA ARG A 76 73.12 -30.13 -1.21
C ARG A 76 74.16 -30.74 -0.29
N LYS A 77 75.24 -30.01 -0.03
CA LYS A 77 76.38 -30.50 0.74
C LYS A 77 76.46 -29.78 2.08
N TYR A 78 75.98 -30.43 3.13
CA TYR A 78 75.96 -29.88 4.47
C TYR A 78 77.08 -30.50 5.32
N HIS A 79 77.65 -29.70 6.20
CA HIS A 79 78.56 -30.15 7.24
C HIS A 79 77.93 -29.73 8.57
N CYS A 80 77.46 -30.71 9.34
CA CYS A 80 76.67 -30.45 10.53
C CYS A 80 77.57 -30.35 11.75
N VAL A 81 77.48 -29.24 12.48
CA VAL A 81 78.29 -29.02 13.67
C VAL A 81 77.40 -29.31 14.87
N CYS A 82 77.68 -30.40 15.56
CA CYS A 82 76.82 -30.84 16.69
C CYS A 82 77.52 -31.10 17.97
N PRO A 83 77.57 -30.10 18.83
CA PRO A 83 78.15 -30.37 20.12
C PRO A 83 77.01 -30.86 21.09
N MET A 84 77.27 -31.74 22.00
CA MET A 84 76.19 -32.19 22.89
C MET A 84 76.05 -31.36 24.16
N ARG A 85 75.66 -30.09 24.06
CA ARG A 85 75.55 -29.15 25.16
C ARG A 85 74.13 -29.01 25.70
N SER A 86 73.14 -29.61 25.04
CA SER A 86 71.74 -29.46 25.39
C SER A 86 71.15 -30.82 25.73
N ALA A 87 70.15 -30.82 26.62
CA ALA A 87 69.52 -32.07 27.04
C ALA A 87 68.69 -32.72 25.95
N GLU A 88 68.40 -32.02 24.87
CA GLU A 88 67.64 -32.57 23.75
C GLU A 88 68.52 -33.22 22.70
N ASP A 89 69.84 -33.15 22.82
CA ASP A 89 70.75 -33.58 21.77
C ASP A 89 70.91 -35.10 21.62
N PRO A 90 71.05 -35.88 22.71
CA PRO A 90 71.20 -37.33 22.52
C PRO A 90 70.04 -37.98 21.77
N GLU A 91 68.82 -37.51 22.02
CA GLU A 91 67.67 -38.05 21.30
C GLU A 91 67.69 -37.66 19.82
N ARG A 92 68.15 -36.45 19.50
CA ARG A 92 68.31 -36.06 18.11
C ARG A 92 69.34 -36.93 17.40
N LEU A 93 70.47 -37.21 18.07
CA LEU A 93 71.48 -38.07 17.48
C LEU A 93 70.96 -39.50 17.25
N ALA A 94 70.28 -40.06 18.26
CA ALA A 94 69.71 -41.39 18.09
C ALA A 94 68.69 -41.43 16.97
N ASN A 95 67.89 -40.39 16.83
CA ASN A 95 66.91 -40.32 15.75
C ASN A 95 67.59 -40.26 14.39
N TYR A 96 68.70 -39.55 14.29
CA TYR A 96 69.46 -39.51 13.05
C TYR A 96 69.99 -40.89 12.68
N ALA A 97 70.59 -41.59 13.64
CA ALA A 97 71.12 -42.92 13.36
C ALA A 97 70.01 -43.88 12.96
N ARG A 98 68.86 -43.80 13.63
CA ARG A 98 67.71 -44.64 13.27
C ARG A 98 67.24 -44.37 11.85
N LYS A 99 67.03 -43.10 11.52
CA LYS A 99 66.64 -42.73 10.15
C LYS A 99 67.65 -43.21 9.12
N LEU A 100 68.94 -43.10 9.42
CA LEU A 100 69.97 -43.57 8.49
C LEU A 100 69.86 -45.06 8.27
N ALA A 101 69.82 -45.83 9.36
CA ALA A 101 69.80 -47.29 9.25
C ALA A 101 68.54 -47.79 8.56
N SER A 102 67.40 -47.12 8.76
CA SER A 102 66.16 -47.63 8.17
C SER A 102 66.21 -47.63 6.65
N ALA A 103 66.73 -46.57 6.05
CA ALA A 103 66.78 -46.45 4.59
C ALA A 103 68.25 -46.48 4.17
N ALA A 104 68.78 -47.69 3.98
CA ALA A 104 70.18 -47.85 3.64
C ALA A 104 70.41 -48.36 2.22
N GLY A 105 69.43 -49.00 1.61
CA GLY A 105 69.54 -49.42 0.23
C GLY A 105 68.37 -48.94 -0.60
N LYS A 106 67.29 -48.56 0.07
CA LYS A 106 66.09 -48.12 -0.63
C LYS A 106 66.30 -46.76 -1.28
N VAL A 107 67.11 -45.90 -0.67
CA VAL A 107 67.41 -44.58 -1.19
C VAL A 107 68.84 -44.57 -1.72
N LEU A 108 69.03 -44.12 -2.95
CA LEU A 108 70.33 -44.21 -3.60
C LEU A 108 70.90 -42.86 -4.03
N ASP A 109 70.06 -41.86 -4.31
CA ASP A 109 70.54 -40.58 -4.79
C ASP A 109 71.39 -39.86 -3.75
N ARG A 110 70.98 -39.93 -2.48
CA ARG A 110 71.69 -39.25 -1.43
C ARG A 110 72.90 -40.06 -0.98
N ASN A 111 73.88 -39.35 -0.42
CA ASN A 111 75.12 -39.98 0.02
C ASN A 111 74.90 -40.75 1.33
N ILE A 112 73.98 -41.72 1.27
CA ILE A 112 73.58 -42.45 2.46
C ILE A 112 74.75 -43.26 3.02
N SER A 113 75.42 -44.01 2.14
CA SER A 113 76.55 -44.84 2.59
C SER A 113 77.68 -43.98 3.13
N GLY A 114 77.98 -42.87 2.47
CA GLY A 114 78.99 -41.96 2.97
C GLY A 114 78.64 -41.40 4.34
N LYS A 115 77.37 -41.08 4.55
CA LYS A 115 76.94 -40.56 5.85
C LYS A 115 77.09 -41.62 6.94
N ILE A 116 76.72 -42.87 6.63
CA ILE A 116 76.89 -43.95 7.60
C ILE A 116 78.35 -44.13 7.96
N GLY A 117 79.22 -44.16 6.94
CA GLY A 117 80.64 -44.30 7.19
C GLY A 117 81.21 -43.16 8.02
N ASP A 118 80.78 -41.93 7.73
CA ASP A 118 81.27 -40.78 8.49
C ASP A 118 80.85 -40.86 9.95
N LEU A 119 79.59 -41.24 10.19
CA LEU A 119 79.14 -41.37 11.58
C LEU A 119 79.93 -42.45 12.31
N GLN A 120 80.17 -43.59 11.66
CA GLN A 120 80.94 -44.64 12.31
C GLN A 120 82.37 -44.18 12.60
N ALA A 121 83.00 -43.51 11.65
CA ALA A 121 84.35 -43.03 11.84
C ALA A 121 84.43 -42.04 12.99
N VAL A 122 83.42 -41.18 13.13
CA VAL A 122 83.42 -40.23 14.24
C VAL A 122 83.23 -40.95 15.56
N MET A 123 82.34 -41.96 15.60
CA MET A 123 82.17 -42.74 16.83
C MET A 123 83.47 -43.43 17.25
N ALA A 124 84.24 -43.92 16.28
CA ALA A 124 85.50 -44.58 16.62
C ALA A 124 86.48 -43.61 17.29
N VAL A 125 86.75 -42.48 16.65
CA VAL A 125 87.65 -41.46 17.18
C VAL A 125 86.88 -40.15 17.22
N PRO A 126 86.67 -39.54 18.39
CA PRO A 126 85.74 -38.40 18.49
C PRO A 126 86.33 -37.06 18.09
N ASP A 127 87.59 -36.98 17.69
CA ASP A 127 88.23 -35.73 17.36
C ASP A 127 88.64 -35.69 15.88
N THR A 128 87.77 -36.16 15.01
CA THR A 128 88.06 -36.18 13.58
C THR A 128 86.98 -35.46 12.81
N GLU A 129 87.38 -34.65 11.84
CA GLU A 129 86.45 -34.01 10.93
C GLU A 129 86.14 -34.95 9.77
N THR A 130 84.88 -35.00 9.37
CA THR A 130 84.44 -35.73 8.20
C THR A 130 83.60 -34.78 7.36
N PRO A 131 83.40 -35.08 6.09
CA PRO A 131 82.66 -34.14 5.22
C PRO A 131 81.24 -33.84 5.69
N THR A 132 80.59 -34.70 6.47
CA THR A 132 79.19 -34.47 6.80
C THR A 132 78.89 -34.33 8.29
N PHE A 133 79.88 -34.40 9.17
CA PHE A 133 79.57 -34.48 10.60
C PHE A 133 80.82 -34.23 11.42
N CYS A 134 80.64 -33.67 12.61
CA CYS A 134 81.71 -33.50 13.59
C CYS A 134 81.07 -33.14 14.92
N LEU A 135 81.89 -33.12 15.98
CA LEU A 135 81.41 -32.91 17.34
C LEU A 135 82.03 -31.67 17.99
N HIS A 136 82.44 -30.68 17.21
CA HIS A 136 83.08 -29.50 17.77
C HIS A 136 82.05 -28.39 17.96
N THR A 137 82.52 -27.25 18.47
CA THR A 137 81.70 -26.06 18.60
C THR A 137 81.93 -25.15 17.39
N ASP A 138 81.24 -24.00 17.39
CA ASP A 138 81.39 -23.04 16.31
C ASP A 138 82.80 -22.46 16.25
N VAL A 139 83.48 -22.41 17.39
CA VAL A 139 84.81 -21.84 17.46
C VAL A 139 85.92 -22.86 17.17
N SER A 140 85.69 -24.15 17.43
CA SER A 140 86.76 -25.14 17.32
C SER A 140 86.61 -26.09 16.13
N CYS A 141 85.65 -25.85 15.24
CA CYS A 141 85.57 -26.61 14.01
C CYS A 141 86.63 -26.13 13.02
N ARG A 142 87.12 -27.03 12.17
CA ARG A 142 88.20 -26.72 11.23
C ARG A 142 87.83 -26.98 9.77
N GLN A 143 86.59 -27.32 9.47
CA GLN A 143 86.17 -27.47 8.08
C GLN A 143 86.06 -26.10 7.42
N ARG A 144 86.49 -25.99 6.17
CA ARG A 144 86.42 -24.75 5.42
C ARG A 144 85.25 -24.77 4.47
N ALA A 145 84.57 -23.63 4.35
CA ALA A 145 83.35 -23.52 3.54
C ALA A 145 83.18 -22.07 3.11
N ASP A 146 82.04 -21.77 2.49
CA ASP A 146 81.74 -20.39 2.12
C ASP A 146 80.33 -19.93 2.46
N VAL A 147 79.48 -20.78 3.03
CA VAL A 147 78.16 -20.38 3.51
C VAL A 147 77.95 -20.97 4.90
N ALA A 148 77.38 -20.18 5.80
CA ALA A 148 76.98 -20.64 7.13
C ALA A 148 75.51 -20.35 7.36
N ILE A 149 74.85 -21.22 8.10
CA ILE A 149 73.42 -21.09 8.41
C ILE A 149 73.21 -21.22 9.91
N TYR A 150 72.35 -20.36 10.45
CA TYR A 150 71.92 -20.42 11.84
C TYR A 150 70.40 -20.51 11.87
N GLN A 151 69.85 -21.63 12.30
CA GLN A 151 68.41 -21.83 12.34
C GLN A 151 67.96 -21.97 13.79
N ASP A 152 67.27 -20.95 14.30
CA ASP A 152 66.75 -20.90 15.67
C ASP A 152 67.86 -21.10 16.71
N VAL A 153 68.95 -20.37 16.54
CA VAL A 153 70.11 -20.45 17.42
C VAL A 153 70.17 -19.17 18.24
N TYR A 154 70.09 -19.29 19.56
CA TYR A 154 70.05 -18.14 20.43
C TYR A 154 71.16 -18.15 21.48
N ALA A 155 72.11 -19.08 21.38
CA ALA A 155 73.02 -19.37 22.47
C ALA A 155 74.45 -18.86 22.25
N VAL A 156 74.72 -18.13 21.17
CA VAL A 156 76.08 -17.66 20.91
C VAL A 156 76.09 -16.13 20.83
N HIS A 157 77.28 -15.57 21.06
CA HIS A 157 77.55 -14.15 20.91
C HIS A 157 77.91 -13.87 19.45
N ALA A 158 77.09 -13.07 18.77
CA ALA A 158 77.12 -13.01 17.32
C ALA A 158 78.45 -12.54 16.72
N PRO A 159 79.08 -11.45 17.17
CA PRO A 159 80.33 -11.03 16.50
C PRO A 159 81.49 -11.99 16.63
N THR A 160 81.68 -12.62 17.78
CA THR A 160 82.74 -13.62 17.94
C THR A 160 82.53 -14.79 17.00
N SER A 161 81.31 -15.30 16.94
CA SER A 161 80.98 -16.42 16.06
C SER A 161 81.21 -16.06 14.60
N LEU A 162 80.75 -14.87 14.17
CA LEU A 162 80.91 -14.47 12.78
C LEU A 162 82.38 -14.29 12.41
N TYR A 163 83.19 -13.72 13.32
CA TYR A 163 84.61 -13.60 13.06
C TYR A 163 85.28 -14.94 12.85
N HIS A 164 84.92 -15.92 13.69
CA HIS A 164 85.51 -17.24 13.54
C HIS A 164 85.05 -17.94 12.26
N GLN A 165 83.85 -17.62 11.78
CA GLN A 165 83.47 -18.14 10.47
C GLN A 165 84.22 -17.43 9.34
N ALA A 166 84.51 -16.14 9.50
CA ALA A 166 85.13 -15.37 8.42
C ALA A 166 86.59 -15.74 8.21
N ILE A 167 87.33 -16.01 9.29
CA ILE A 167 88.74 -16.34 9.10
C ILE A 167 88.93 -17.70 8.45
N LYS A 168 87.82 -18.39 8.15
CA LYS A 168 87.84 -19.67 7.48
C LYS A 168 87.31 -19.62 6.05
N GLY A 169 87.05 -18.42 5.53
CA GLY A 169 86.63 -18.27 4.14
C GLY A 169 85.15 -18.18 3.87
N VAL A 170 84.32 -17.99 4.89
CA VAL A 170 82.89 -17.86 4.67
C VAL A 170 82.57 -16.42 4.26
N ARG A 171 81.74 -16.27 3.24
CA ARG A 171 81.39 -14.96 2.72
C ARG A 171 79.93 -14.58 2.90
N LEU A 172 79.06 -15.51 3.29
CA LEU A 172 77.62 -15.27 3.32
C LEU A 172 76.99 -16.09 4.44
N ALA A 173 76.11 -15.48 5.23
CA ALA A 173 75.48 -16.15 6.35
C ALA A 173 74.01 -15.75 6.47
N TYR A 174 73.19 -16.65 6.99
CA TYR A 174 71.77 -16.43 7.20
C TYR A 174 71.37 -16.74 8.63
N TRP A 175 70.39 -15.99 9.15
CA TRP A 175 69.87 -16.18 10.51
C TRP A 175 68.35 -16.16 10.47
N VAL A 176 67.71 -17.17 11.07
CA VAL A 176 66.26 -17.31 11.10
C VAL A 176 65.79 -17.28 12.54
N GLY A 177 64.82 -16.44 12.87
CA GLY A 177 64.36 -16.42 14.25
C GLY A 177 63.34 -15.33 14.55
N PHE A 178 62.99 -15.25 15.84
CA PHE A 178 62.05 -14.24 16.34
C PHE A 178 62.70 -12.86 16.35
N ASP A 179 61.91 -11.85 15.97
CA ASP A 179 62.38 -10.46 15.93
C ASP A 179 62.91 -9.99 17.28
N THR A 180 64.07 -9.34 17.27
CA THR A 180 64.77 -8.90 18.47
C THR A 180 64.37 -7.51 18.94
N THR A 181 63.47 -6.82 18.24
CA THR A 181 63.10 -5.45 18.61
C THR A 181 62.53 -5.29 20.02
N PRO A 182 61.62 -6.13 20.51
CA PRO A 182 61.09 -5.91 21.87
C PRO A 182 62.14 -5.95 22.98
N PHE A 183 63.27 -6.64 22.78
CA PHE A 183 64.31 -6.65 23.78
C PHE A 183 65.21 -5.43 23.73
N MET A 184 65.23 -4.70 22.62
CA MET A 184 65.94 -3.43 22.57
C MET A 184 65.18 -2.34 23.30
N TYR A 185 63.84 -2.41 23.33
CA TYR A 185 63.04 -1.49 24.12
C TYR A 185 63.00 -1.86 25.61
N ASN A 186 63.54 -3.01 26.01
CA ASN A 186 63.73 -3.40 27.41
C ASN A 186 62.41 -3.66 28.16
N ALA A 187 61.50 -4.41 27.53
CA ALA A 187 60.22 -4.74 28.15
C ALA A 187 60.37 -5.86 29.17
N MET A 188 59.40 -5.95 30.08
CA MET A 188 59.41 -6.99 31.10
C MET A 188 58.71 -8.28 30.69
N ALA A 189 57.69 -8.24 29.81
CA ALA A 189 57.01 -9.44 29.32
C ALA A 189 56.38 -9.13 27.97
N GLY A 190 56.00 -10.16 27.22
CA GLY A 190 55.39 -9.89 25.93
C GLY A 190 54.80 -11.10 25.23
N ALA A 191 54.26 -10.85 24.02
CA ALA A 191 53.55 -11.84 23.23
C ALA A 191 53.91 -11.77 21.75
N TYR A 192 53.93 -12.94 21.09
CA TYR A 192 53.87 -13.07 19.63
C TYR A 192 52.61 -13.86 19.32
N PRO A 193 51.47 -13.18 19.14
CA PRO A 193 50.17 -13.86 19.16
C PRO A 193 49.84 -14.70 17.94
N SER A 194 50.37 -14.37 16.77
CA SER A 194 50.14 -15.20 15.59
C SER A 194 50.80 -16.58 15.70
N TYR A 195 51.80 -16.73 16.56
CA TYR A 195 52.51 -17.99 16.70
C TYR A 195 52.23 -18.70 18.02
N SER A 196 51.18 -18.29 18.73
CA SER A 196 50.83 -18.84 20.04
C SER A 196 52.02 -18.79 21.00
N THR A 197 52.76 -17.69 21.02
CA THR A 197 53.97 -17.65 21.82
C THR A 197 53.91 -16.53 22.85
N ASN A 198 54.33 -16.83 24.08
CA ASN A 198 54.41 -15.83 25.14
C ASN A 198 55.74 -15.91 25.87
N TRP A 199 56.22 -14.78 26.41
CA TRP A 199 57.50 -14.77 27.12
C TRP A 199 57.44 -13.84 28.32
N ALA A 200 58.29 -14.12 29.31
CA ALA A 200 58.29 -13.34 30.55
C ALA A 200 59.64 -13.37 31.26
N ASP A 201 59.94 -12.27 31.94
CA ASP A 201 61.03 -12.19 32.91
C ASP A 201 60.78 -13.08 34.12
N GLU A 202 61.86 -13.65 34.65
CA GLU A 202 61.74 -14.60 35.76
C GLU A 202 61.10 -13.99 37.00
N GLN A 203 61.23 -12.68 37.20
CA GLN A 203 60.68 -12.05 38.39
C GLN A 203 59.16 -11.90 38.39
N VAL A 204 58.47 -12.11 37.28
CA VAL A 204 57.02 -11.89 37.24
C VAL A 204 56.26 -13.18 36.90
N LEU A 205 56.84 -14.35 37.15
CA LEU A 205 56.15 -15.59 36.83
C LEU A 205 54.96 -15.87 37.75
N LYS A 206 54.82 -15.16 38.87
CA LYS A 206 53.67 -15.30 39.75
C LYS A 206 52.66 -14.17 39.58
N ALA A 207 52.53 -13.61 38.39
CA ALA A 207 51.51 -12.63 38.10
C ALA A 207 50.16 -13.31 37.87
N LYS A 208 49.15 -12.54 37.50
CA LYS A 208 47.80 -13.05 37.36
C LYS A 208 47.23 -12.92 35.95
N ASN A 209 47.48 -11.83 35.24
CA ASN A 209 46.77 -11.56 33.99
C ASN A 209 47.67 -11.35 32.76
N ILE A 210 48.88 -11.89 32.76
CA ILE A 210 49.71 -11.85 31.54
C ILE A 210 49.66 -13.22 30.87
N GLY A 211 50.29 -13.33 29.70
CA GLY A 211 50.20 -14.56 28.93
C GLY A 211 50.77 -15.79 29.61
N LEU A 212 51.95 -15.67 30.21
CA LEU A 212 52.64 -16.81 30.83
C LEU A 212 52.84 -16.55 32.32
N CYS A 213 52.02 -17.17 33.18
CA CYS A 213 52.05 -16.93 34.62
C CYS A 213 51.15 -17.93 35.34
N SER A 214 51.20 -17.90 36.68
CA SER A 214 50.37 -18.76 37.52
C SER A 214 50.37 -18.26 38.96
N THR A 215 49.19 -18.24 39.59
CA THR A 215 49.06 -17.77 40.97
C THR A 215 47.91 -18.51 41.67
N ASP A 216 47.63 -18.15 42.92
CA ASP A 216 46.63 -18.87 43.72
C ASP A 216 45.76 -17.92 44.54
N LEU A 217 44.69 -18.48 45.11
CA LEU A 217 43.70 -17.72 45.86
C LEU A 217 44.17 -17.38 47.28
N THR A 218 43.79 -16.20 47.76
CA THR A 218 44.15 -15.74 49.10
C THR A 218 43.06 -14.84 49.65
N GLU A 219 43.02 -14.69 50.98
CA GLU A 219 42.12 -13.75 51.61
C GLU A 219 42.77 -12.40 51.93
N GLY A 220 44.08 -12.26 51.81
CA GLY A 220 44.66 -10.94 51.93
C GLY A 220 45.07 -10.46 53.31
N ARG A 221 46.03 -11.14 53.94
CA ARG A 221 46.59 -10.65 55.19
C ARG A 221 47.38 -9.36 54.97
N ARG A 222 47.30 -8.46 55.95
CA ARG A 222 48.03 -7.20 55.85
C ARG A 222 49.45 -7.27 56.38
N GLY A 223 49.84 -8.36 57.05
CA GLY A 223 51.14 -8.35 57.67
C GLY A 223 52.31 -8.45 56.72
N LYS A 224 52.54 -9.66 56.20
CA LYS A 224 53.66 -9.97 55.30
C LYS A 224 54.92 -9.17 55.64
N LEU A 225 55.25 -9.13 56.93
CA LEU A 225 56.32 -8.27 57.42
C LEU A 225 57.66 -8.91 57.09
N SER A 226 58.35 -8.37 56.09
CA SER A 226 59.69 -8.79 55.72
C SER A 226 60.62 -7.58 55.75
N ILE A 227 61.76 -7.75 56.42
CA ILE A 227 62.71 -6.65 56.55
C ILE A 227 63.50 -6.43 55.27
N MET A 228 63.59 -7.43 54.40
CA MET A 228 64.37 -7.34 53.17
C MET A 228 63.69 -6.35 52.22
N ARG A 229 64.29 -5.18 52.07
CA ARG A 229 63.74 -4.11 51.24
C ARG A 229 64.10 -4.36 49.78
N GLY A 230 63.10 -4.69 48.97
CA GLY A 230 63.33 -4.85 47.55
C GLY A 230 63.46 -3.50 46.87
N LYS A 231 62.33 -2.79 46.79
CA LYS A 231 62.29 -1.37 46.44
C LYS A 231 62.63 -1.03 45.00
N LYS A 232 63.02 -2.01 44.17
CA LYS A 232 63.13 -1.75 42.74
C LYS A 232 62.73 -2.99 41.98
N LEU A 233 61.98 -2.81 40.90
CA LEU A 233 61.56 -3.87 40.00
C LEU A 233 62.07 -3.51 38.61
N GLU A 234 63.20 -4.10 38.23
CA GLU A 234 63.85 -3.83 36.96
C GLU A 234 64.10 -5.14 36.24
N PRO A 235 64.16 -5.12 34.91
CA PRO A 235 64.47 -6.35 34.16
C PRO A 235 65.83 -6.93 34.52
N CYS A 236 65.91 -8.25 34.50
CA CYS A 236 67.12 -9.02 34.75
C CYS A 236 67.41 -9.92 33.55
N ASP A 237 68.57 -10.58 33.58
CA ASP A 237 69.08 -11.27 32.40
C ASP A 237 68.27 -12.51 32.02
N ARG A 238 67.61 -13.15 32.99
CA ARG A 238 66.98 -14.45 32.74
C ARG A 238 65.56 -14.28 32.20
N VAL A 239 65.26 -14.94 31.08
CA VAL A 239 63.93 -14.85 30.47
C VAL A 239 63.45 -16.25 30.10
N LEU A 240 62.13 -16.46 30.14
CA LEU A 240 61.51 -17.74 29.76
C LEU A 240 60.58 -17.54 28.57
N PHE A 241 60.69 -18.43 27.58
CA PHE A 241 59.91 -18.44 26.35
C PHE A 241 59.00 -19.67 26.32
N SER A 242 57.77 -19.51 25.85
CA SER A 242 56.86 -20.64 25.66
C SER A 242 56.27 -20.59 24.25
N VAL A 243 56.64 -21.59 23.44
CA VAL A 243 56.19 -21.73 22.06
C VAL A 243 55.22 -22.91 22.01
N GLY A 244 53.93 -22.62 21.87
CA GLY A 244 52.93 -23.63 22.12
C GLY A 244 52.97 -24.11 23.55
N SER A 245 53.42 -25.35 23.78
CA SER A 245 53.70 -25.83 25.12
C SER A 245 55.15 -26.22 25.32
N THR A 246 56.04 -25.84 24.41
CA THR A 246 57.47 -26.11 24.55
C THR A 246 58.17 -24.94 25.24
N LEU A 247 58.98 -25.23 26.26
CA LEU A 247 59.64 -24.23 27.08
C LEU A 247 61.12 -24.07 26.70
N TYR A 248 61.57 -22.80 26.62
CA TYR A 248 62.98 -22.50 26.36
C TYR A 248 63.48 -21.35 27.24
N PRO A 249 64.54 -21.53 28.02
CA PRO A 249 65.14 -20.40 28.73
C PRO A 249 66.15 -19.65 27.86
N GLU A 250 66.26 -18.33 28.10
CA GLU A 250 67.13 -17.47 27.30
C GLU A 250 67.78 -16.37 28.14
N SER A 251 68.81 -15.77 27.55
CA SER A 251 69.60 -14.69 28.13
C SER A 251 69.43 -13.40 27.33
N ARG A 252 69.23 -12.28 28.03
CA ARG A 252 68.97 -11.01 27.37
C ARG A 252 70.18 -10.50 26.58
N LYS A 253 71.39 -10.71 27.10
CA LYS A 253 72.60 -10.24 26.44
C LYS A 253 72.79 -10.91 25.07
N LEU A 254 72.63 -12.23 25.02
CA LEU A 254 72.84 -12.94 23.77
C LEU A 254 71.75 -12.60 22.75
N LEU A 255 70.52 -12.38 23.20
CA LEU A 255 69.46 -11.95 22.29
C LEU A 255 69.76 -10.57 21.71
N LYS A 256 70.18 -9.64 22.56
CA LYS A 256 70.51 -8.30 22.05
C LYS A 256 71.68 -8.33 21.07
N SER A 257 72.62 -9.26 21.24
CA SER A 257 73.78 -9.25 20.36
C SER A 257 73.46 -9.55 18.90
N TRP A 258 72.29 -10.08 18.57
CA TRP A 258 71.92 -10.32 17.18
C TRP A 258 71.14 -9.17 16.53
N HIS A 259 70.93 -8.05 17.24
CA HIS A 259 70.30 -6.85 16.68
C HIS A 259 71.40 -5.97 16.09
N LEU A 260 71.86 -6.34 14.92
CA LEU A 260 73.08 -5.80 14.31
C LEU A 260 72.81 -4.55 13.48
N PRO A 261 73.75 -3.62 13.43
CA PRO A 261 73.59 -2.42 12.59
C PRO A 261 73.83 -2.73 11.11
N SER A 262 73.48 -1.76 10.27
CA SER A 262 73.54 -1.98 8.83
C SER A 262 74.97 -2.10 8.31
N VAL A 263 75.96 -1.52 8.98
CA VAL A 263 77.36 -1.60 8.59
C VAL A 263 78.21 -1.79 9.84
N PHE A 264 79.18 -2.71 9.79
CA PHE A 264 80.11 -2.83 10.93
C PHE A 264 81.45 -3.41 10.49
N HIS A 265 82.45 -3.25 11.36
CA HIS A 265 83.83 -3.66 11.12
C HIS A 265 84.27 -4.69 12.13
N LEU A 266 84.95 -5.75 11.67
CA LEU A 266 85.55 -6.76 12.54
C LEU A 266 87.07 -6.66 12.43
N LYS A 267 87.73 -6.24 13.51
CA LYS A 267 89.14 -5.87 13.48
C LYS A 267 89.96 -6.77 14.40
N GLY A 268 90.59 -7.79 13.83
CA GLY A 268 91.45 -8.68 14.59
C GLY A 268 92.81 -8.78 13.93
N LYS A 269 93.33 -10.01 13.87
CA LYS A 269 94.54 -10.28 13.11
C LYS A 269 94.31 -10.00 11.63
N LEU A 270 93.16 -10.41 11.11
CA LEU A 270 92.64 -9.99 9.83
C LEU A 270 91.43 -9.09 10.05
N SER A 271 91.04 -8.36 9.02
CA SER A 271 89.98 -7.37 9.13
C SER A 271 88.90 -7.60 8.09
N PHE A 272 87.67 -7.26 8.45
CA PHE A 272 86.53 -7.48 7.57
C PHE A 272 85.53 -6.34 7.70
N THR A 273 84.77 -6.12 6.62
CA THR A 273 83.69 -5.14 6.55
C THR A 273 82.40 -5.87 6.24
N CYS A 274 81.35 -5.64 7.04
CA CYS A 274 80.15 -6.48 6.99
C CYS A 274 78.86 -5.66 6.96
N ARG A 275 77.82 -6.24 6.37
CA ARG A 275 76.49 -5.65 6.25
C ARG A 275 75.42 -6.65 6.69
N CYS A 276 74.28 -6.11 7.17
CA CYS A 276 73.15 -6.94 7.61
C CYS A 276 71.84 -6.34 7.14
N ASP A 277 71.05 -7.11 6.38
CA ASP A 277 69.76 -6.70 5.85
C ASP A 277 68.67 -7.70 6.27
N THR A 278 67.43 -7.21 6.35
CA THR A 278 66.27 -8.06 6.64
C THR A 278 65.51 -8.35 5.36
N VAL A 279 65.40 -9.62 4.99
CA VAL A 279 64.83 -9.98 3.69
C VAL A 279 63.46 -10.64 3.79
N VAL A 280 63.07 -11.17 4.93
CA VAL A 280 61.71 -11.68 5.14
C VAL A 280 61.25 -11.26 6.53
N SER A 281 60.00 -10.83 6.65
CA SER A 281 59.42 -10.37 7.91
C SER A 281 57.93 -10.67 7.92
N CYS A 282 57.47 -11.51 8.85
CA CYS A 282 56.07 -11.95 8.89
C CYS A 282 55.58 -12.01 10.34
N GLU A 283 54.85 -11.00 10.76
CA GLU A 283 54.15 -10.95 12.05
C GLU A 283 55.04 -11.28 13.24
N GLY A 284 56.32 -10.90 13.17
CA GLY A 284 57.25 -11.14 14.26
C GLY A 284 58.28 -12.23 14.03
N TYR A 285 58.30 -12.89 12.88
CA TYR A 285 59.34 -13.85 12.52
C TYR A 285 60.16 -13.30 11.34
N VAL A 286 61.49 -13.41 11.40
CA VAL A 286 62.35 -12.78 10.40
C VAL A 286 63.47 -13.69 9.89
N VAL A 287 63.97 -13.32 8.70
CA VAL A 287 65.16 -13.88 8.08
C VAL A 287 66.15 -12.76 7.77
N LYS A 288 67.39 -12.90 8.25
CA LYS A 288 68.45 -11.91 8.03
C LYS A 288 69.59 -12.47 7.20
N ARG A 289 70.11 -11.66 6.27
CA ARG A 289 71.22 -12.01 5.39
C ARG A 289 72.43 -11.13 5.68
N ILE A 290 73.60 -11.75 5.84
CA ILE A 290 74.83 -11.06 6.24
C ILE A 290 75.95 -11.39 5.27
N THR A 291 76.67 -10.36 4.81
CA THR A 291 77.82 -10.51 3.92
C THR A 291 79.08 -9.97 4.58
N MET A 292 80.23 -10.59 4.28
CA MET A 292 81.50 -10.18 4.87
C MET A 292 82.59 -10.14 3.80
N SER A 293 83.47 -9.13 3.88
CA SER A 293 84.51 -8.88 2.88
C SER A 293 85.85 -8.54 3.53
N PRO A 294 86.96 -8.99 2.97
CA PRO A 294 88.27 -8.70 3.58
C PRO A 294 88.70 -7.26 3.35
N GLY A 295 89.27 -6.66 4.38
CA GLY A 295 89.71 -5.28 4.34
C GLY A 295 88.70 -4.33 4.97
N LEU A 296 89.14 -3.09 5.13
CA LEU A 296 88.34 -2.04 5.75
C LEU A 296 87.95 -0.97 4.73
N TYR A 297 86.65 -0.70 4.61
CA TYR A 297 86.12 0.29 3.69
C TYR A 297 84.98 1.08 4.32
N GLY A 298 84.87 2.36 3.96
CA GLY A 298 83.77 3.18 4.39
C GLY A 298 83.89 3.63 5.84
N LYS A 299 82.74 4.00 6.41
CA LYS A 299 82.67 4.32 7.83
C LYS A 299 81.31 3.91 8.38
N THR A 300 81.24 3.84 9.70
CA THR A 300 80.08 3.34 10.41
C THR A 300 79.38 4.48 11.15
N THR A 301 78.06 4.33 11.32
CA THR A 301 77.29 5.25 12.14
C THR A 301 76.83 4.65 13.46
N GLY A 302 76.58 3.35 13.51
CA GLY A 302 76.08 2.73 14.71
C GLY A 302 74.58 2.77 14.91
N TYR A 303 73.80 2.80 13.83
CA TYR A 303 72.35 2.84 13.93
C TYR A 303 71.73 1.59 13.32
N ALA A 304 70.69 1.08 13.96
CA ALA A 304 69.92 -0.07 13.48
C ALA A 304 68.46 0.33 13.32
N VAL A 305 67.84 -0.11 12.22
CA VAL A 305 66.50 0.32 11.82
C VAL A 305 65.57 -0.87 11.70
N THR A 306 64.33 -0.70 12.15
CA THR A 306 63.26 -1.68 11.96
C THR A 306 62.09 -1.04 11.25
N HIS A 307 61.55 -1.71 10.22
CA HIS A 307 60.37 -1.26 9.50
C HIS A 307 59.13 -2.00 10.00
N HIS A 308 58.08 -1.26 10.34
CA HIS A 308 56.87 -1.83 10.94
C HIS A 308 55.78 -1.96 9.88
N ALA A 309 55.44 -3.19 9.49
CA ALA A 309 54.32 -3.41 8.59
C ALA A 309 52.99 -3.52 9.34
N ASP A 310 52.98 -4.14 10.52
CA ASP A 310 51.87 -4.09 11.45
C ASP A 310 52.22 -3.14 12.59
N GLY A 311 51.23 -2.80 13.41
CA GLY A 311 51.47 -1.90 14.52
C GLY A 311 52.20 -2.58 15.68
N PHE A 312 53.06 -1.80 16.35
CA PHE A 312 53.81 -2.28 17.51
C PHE A 312 53.52 -1.39 18.72
N LEU A 313 53.29 -2.03 19.88
CA LEU A 313 52.83 -1.32 21.09
C LEU A 313 53.66 -1.71 22.30
N MET A 314 53.99 -0.72 23.13
CA MET A 314 54.58 -0.92 24.45
C MET A 314 53.91 -0.02 25.46
N CYS A 315 53.53 -0.57 26.62
CA CYS A 315 52.75 0.20 27.57
C CYS A 315 52.93 -0.27 29.01
N LYS A 316 52.52 0.59 29.93
CA LYS A 316 52.59 0.35 31.36
C LYS A 316 51.29 -0.28 31.87
N THR A 317 51.41 -1.32 32.69
CA THR A 317 50.26 -2.04 33.22
C THR A 317 50.45 -2.30 34.72
N THR A 318 49.32 -2.51 35.40
CA THR A 318 49.27 -2.75 36.84
C THR A 318 48.72 -4.15 37.12
N ASP A 319 49.39 -4.89 37.99
CA ASP A 319 48.99 -6.27 38.29
C ASP A 319 49.32 -6.59 39.75
N THR A 320 49.04 -7.81 40.17
CA THR A 320 49.51 -8.32 41.46
C THR A 320 50.48 -9.47 41.22
N VAL A 321 51.62 -9.43 41.89
CA VAL A 321 52.62 -10.48 41.82
C VAL A 321 52.76 -11.08 43.20
N ASP A 322 52.43 -12.37 43.31
CA ASP A 322 52.37 -13.07 44.59
C ASP A 322 51.51 -12.31 45.61
N GLY A 323 50.49 -11.61 45.12
CA GLY A 323 49.58 -10.87 45.96
C GLY A 323 49.92 -9.40 46.19
N GLU A 324 51.07 -8.92 45.74
CA GLU A 324 51.47 -7.53 45.95
C GLU A 324 51.28 -6.73 44.66
N ARG A 325 50.64 -5.57 44.76
CA ARG A 325 50.29 -4.77 43.60
C ARG A 325 51.47 -3.94 43.09
N VAL A 326 51.79 -4.06 41.79
CA VAL A 326 52.94 -3.40 41.17
C VAL A 326 52.59 -2.95 39.75
N SER A 327 53.52 -2.22 39.13
CA SER A 327 53.42 -1.76 37.74
C SER A 327 54.67 -2.12 36.96
N PHE A 328 54.49 -2.48 35.68
CA PHE A 328 55.63 -2.79 34.80
C PHE A 328 55.18 -2.74 33.34
N SER A 329 56.12 -2.93 32.41
CA SER A 329 55.87 -2.70 30.99
C SER A 329 55.69 -3.98 30.18
N VAL A 330 54.84 -3.91 29.17
CA VAL A 330 54.38 -5.04 28.36
C VAL A 330 54.29 -4.62 26.89
N CYS A 331 54.63 -5.53 25.96
CA CYS A 331 54.65 -5.21 24.53
C CYS A 331 53.88 -6.24 23.69
N THR A 332 53.36 -5.79 22.54
CA THR A 332 52.63 -6.69 21.64
C THR A 332 52.53 -6.11 20.21
N TYR A 333 51.97 -6.93 19.29
CA TYR A 333 51.75 -6.60 17.89
C TYR A 333 50.26 -6.53 17.57
N VAL A 334 49.89 -5.61 16.67
CA VAL A 334 48.49 -5.37 16.31
C VAL A 334 48.31 -5.36 14.80
N PRO A 335 47.29 -6.02 14.25
CA PRO A 335 47.11 -6.06 12.78
C PRO A 335 46.77 -4.70 12.18
N ALA A 336 47.20 -4.52 10.92
CA ALA A 336 47.17 -3.21 10.28
C ALA A 336 45.75 -2.69 10.03
N THR A 337 44.81 -3.58 9.67
CA THR A 337 43.45 -3.12 9.39
C THR A 337 42.78 -2.53 10.63
N ILE A 338 43.00 -3.13 11.80
CA ILE A 338 42.44 -2.62 13.04
C ILE A 338 43.02 -1.24 13.37
N CYS A 339 44.34 -1.09 13.21
CA CYS A 339 45.00 0.19 13.41
C CYS A 339 44.41 1.25 12.50
N ASP A 340 44.19 0.92 11.22
CA ASP A 340 43.59 1.87 10.30
C ASP A 340 42.16 2.23 10.70
N GLN A 341 41.41 1.27 11.22
CA GLN A 341 40.03 1.54 11.60
C GLN A 341 39.89 2.30 12.91
N MET A 342 40.96 2.45 13.70
CA MET A 342 40.88 3.27 14.91
C MET A 342 41.29 4.73 14.74
N THR A 343 41.63 5.17 13.52
CA THR A 343 42.22 6.50 13.34
C THR A 343 41.24 7.62 13.75
N GLY A 344 39.96 7.48 13.41
CA GLY A 344 38.99 8.52 13.74
C GLY A 344 38.69 8.62 15.23
N ILE A 345 38.61 7.48 15.91
CA ILE A 345 38.24 7.45 17.34
C ILE A 345 39.29 8.18 18.18
N LEU A 346 40.56 8.02 17.85
CA LEU A 346 41.63 8.51 18.70
C LEU A 346 41.85 10.02 18.58
N ALA A 347 41.05 10.74 17.80
CA ALA A 347 41.15 12.19 17.77
C ALA A 347 40.66 12.84 19.05
N THR A 348 39.79 12.17 19.79
CA THR A 348 39.26 12.67 21.06
C THR A 348 39.78 11.83 22.22
N GLU A 349 39.35 12.18 23.42
CA GLU A 349 39.65 11.39 24.61
C GLU A 349 38.58 10.32 24.79
N VAL A 350 39.01 9.09 24.98
CA VAL A 350 38.14 7.93 25.07
C VAL A 350 38.52 7.15 26.32
N THR A 351 37.52 6.66 27.05
CA THR A 351 37.80 5.83 28.23
C THR A 351 38.21 4.42 27.81
N PRO A 352 38.90 3.70 28.69
CA PRO A 352 39.26 2.30 28.37
C PRO A 352 38.08 1.38 28.09
N GLU A 353 36.96 1.54 28.80
CA GLU A 353 35.81 0.67 28.60
C GLU A 353 35.19 0.87 27.22
N ASP A 354 35.05 2.11 26.79
CA ASP A 354 34.51 2.41 25.47
C ASP A 354 35.44 1.91 24.36
N ALA A 355 36.75 2.06 24.56
CA ALA A 355 37.71 1.52 23.61
C ALA A 355 37.58 0.01 23.50
N GLN A 356 37.40 -0.67 24.62
CA GLN A 356 37.25 -2.12 24.61
C GLN A 356 36.00 -2.55 23.83
N LYS A 357 34.89 -1.84 24.04
CA LYS A 357 33.68 -2.17 23.28
C LYS A 357 33.86 -1.93 21.79
N LEU A 358 34.50 -0.83 21.41
CA LEU A 358 34.76 -0.59 19.99
C LEU A 358 35.65 -1.67 19.36
N LEU A 359 36.70 -2.08 20.08
CA LEU A 359 37.60 -3.11 19.55
C LEU A 359 36.88 -4.44 19.39
N VAL A 360 36.04 -4.81 20.36
CA VAL A 360 35.27 -6.04 20.21
C VAL A 360 34.35 -5.96 19.00
N GLY A 361 33.73 -4.80 18.79
CA GLY A 361 32.89 -4.63 17.62
C GLY A 361 33.65 -4.79 16.31
N LEU A 362 34.85 -4.21 16.23
CA LEU A 362 35.65 -4.33 15.00
C LEU A 362 36.15 -5.74 14.78
N ASN A 363 36.51 -6.45 15.86
CA ASN A 363 37.19 -7.73 15.73
C ASN A 363 36.25 -8.82 15.23
N GLN A 364 35.07 -8.91 15.82
CA GLN A 364 34.19 -10.06 15.63
C GLN A 364 33.15 -9.73 14.56
N ARG A 365 33.63 -9.64 13.33
CA ARG A 365 32.80 -9.27 12.21
C ARG A 365 33.40 -9.78 10.90
N THR A 376 34.58 -15.65 13.33
CA THR A 376 35.89 -15.24 12.85
C THR A 376 36.50 -14.19 13.76
N ASN A 377 37.83 -14.23 13.90
CA ASN A 377 38.56 -13.32 14.77
C ASN A 377 39.79 -12.82 14.04
N THR A 378 39.93 -11.50 13.92
CA THR A 378 41.14 -10.94 13.31
C THR A 378 42.32 -11.01 14.29
N MET A 379 42.11 -10.70 15.55
CA MET A 379 43.16 -10.76 16.56
C MET A 379 42.68 -11.58 17.76
N LYS A 380 43.65 -12.10 18.53
CA LYS A 380 43.33 -12.93 19.69
C LYS A 380 42.72 -12.12 20.81
N ASN A 381 41.70 -12.69 21.47
CA ASN A 381 40.89 -11.92 22.41
C ASN A 381 41.62 -11.64 23.72
N TYR A 382 42.52 -12.52 24.17
CA TYR A 382 43.15 -12.33 25.48
C TYR A 382 44.05 -11.11 25.55
N MET A 383 44.43 -10.51 24.41
CA MET A 383 45.19 -9.27 24.42
C MET A 383 44.32 -8.02 24.34
N ILE A 384 43.03 -8.15 24.09
CA ILE A 384 42.19 -6.96 23.88
C ILE A 384 42.15 -6.00 25.06
N PRO A 385 42.02 -6.45 26.32
CA PRO A 385 41.99 -5.45 27.43
C PRO A 385 43.25 -4.60 27.56
N VAL A 386 44.44 -5.16 27.36
CA VAL A 386 45.64 -4.35 27.49
C VAL A 386 45.76 -3.35 26.33
N VAL A 387 45.43 -3.76 25.11
CA VAL A 387 45.49 -2.85 23.97
C VAL A 387 44.52 -1.68 24.17
N ALA A 388 43.30 -1.97 24.62
CA ALA A 388 42.34 -0.91 24.89
C ALA A 388 42.87 0.10 25.89
N GLN A 389 43.63 -0.36 26.88
CA GLN A 389 44.17 0.59 27.84
C GLN A 389 45.24 1.46 27.18
N ALA A 390 46.11 0.86 26.38
CA ALA A 390 47.22 1.61 25.78
C ALA A 390 46.70 2.70 24.86
N PHE A 391 45.77 2.36 23.96
CA PHE A 391 45.20 3.35 23.06
C PHE A 391 44.58 4.50 23.83
N SER A 392 43.99 4.22 25.00
CA SER A 392 43.34 5.28 25.75
C SER A 392 44.36 6.26 26.31
N LYS A 393 45.53 5.78 26.73
CA LYS A 393 46.52 6.70 27.28
C LYS A 393 47.19 7.51 26.19
N TRP A 394 47.51 6.88 25.06
CA TRP A 394 48.13 7.59 23.94
C TRP A 394 47.28 8.77 23.50
N ALA A 395 45.98 8.52 23.29
CA ALA A 395 45.07 9.59 22.89
C ALA A 395 45.08 10.73 23.89
N LYS A 396 45.21 10.43 25.18
CA LYS A 396 45.23 11.50 26.16
C LYS A 396 46.51 12.33 26.04
N GLU A 397 47.66 11.65 25.89
CA GLU A 397 48.93 12.38 25.90
C GLU A 397 49.03 13.32 24.71
N CYS A 398 48.53 12.91 23.55
CA CYS A 398 48.53 13.79 22.38
C CYS A 398 47.80 15.10 22.68
N ARG A 399 46.65 15.03 23.35
CA ARG A 399 45.92 16.26 23.65
C ARG A 399 46.75 17.20 24.51
N LYS A 400 47.49 16.65 25.47
CA LYS A 400 48.28 17.50 26.34
C LYS A 400 49.37 18.24 25.58
N ASP A 401 49.88 17.63 24.51
CA ASP A 401 50.86 18.34 23.69
C ASP A 401 50.21 19.50 22.94
N MET A 402 48.97 19.31 22.50
CA MET A 402 48.34 20.33 21.68
C MET A 402 47.93 21.56 22.48
N GLU A 403 47.76 21.43 23.79
CA GLU A 403 47.35 22.53 24.63
C GLU A 403 48.50 23.26 25.29
N ASP A 404 49.74 22.83 25.09
CA ASP A 404 50.91 23.51 25.64
C ASP A 404 51.92 23.71 24.51
N GLU A 405 51.69 24.75 23.71
CA GLU A 405 52.56 25.07 22.59
C GLU A 405 53.80 25.82 23.06
N LYS A 406 54.91 25.63 22.36
CA LYS A 406 56.15 26.33 22.61
C LYS A 406 56.44 27.27 21.44
N LEU A 407 57.55 28.01 21.54
CA LEU A 407 57.99 28.89 20.48
C LEU A 407 58.96 28.16 19.56
N LEU A 408 58.87 28.45 18.26
CA LEU A 408 59.72 27.80 17.28
C LEU A 408 61.19 28.11 17.52
N GLY A 409 62.02 27.08 17.41
CA GLY A 409 63.45 27.25 17.45
C GLY A 409 64.04 27.50 18.83
N VAL A 410 63.34 27.16 19.89
CA VAL A 410 63.71 27.57 21.24
C VAL A 410 63.50 26.40 22.19
N ARG A 411 64.42 26.27 23.14
CA ARG A 411 64.41 25.17 24.12
C ARG A 411 64.59 25.80 25.50
N GLU A 412 63.49 26.13 26.17
CA GLU A 412 63.58 26.82 27.44
C GLU A 412 64.07 25.89 28.55
N ARG A 413 64.95 26.40 29.40
CA ARG A 413 65.54 25.62 30.49
C ARG A 413 65.68 26.45 31.75
N THR A 414 64.66 27.24 32.06
CA THR A 414 64.67 28.11 33.24
C THR A 414 64.75 27.32 34.54
N TRP A 421 67.15 27.12 36.51
CA TRP A 421 68.07 26.70 35.47
C TRP A 421 67.90 25.21 35.16
N ALA A 422 66.67 24.72 35.20
CA ALA A 422 66.40 23.31 34.96
C ALA A 422 65.15 23.16 34.12
N PHE A 423 65.05 22.01 33.46
CA PHE A 423 63.88 21.64 32.67
C PHE A 423 63.29 20.35 33.21
N LYS A 424 61.98 20.21 33.05
CA LYS A 424 61.26 19.03 33.54
C LYS A 424 61.01 18.04 32.41
N LYS A 425 60.93 16.77 32.78
CA LYS A 425 60.54 15.72 31.87
C LYS A 425 59.06 15.42 32.06
N GLN A 426 58.36 15.22 30.95
CA GLN A 426 56.97 14.81 30.99
C GLN A 426 56.87 13.30 31.13
N LYS A 427 55.76 12.84 31.69
CA LYS A 427 55.54 11.41 31.84
C LYS A 427 55.01 10.79 30.56
N THR A 428 55.53 9.61 30.24
CA THR A 428 55.14 8.87 29.04
C THR A 428 54.77 7.45 29.45
N HIS A 429 53.54 7.04 29.17
CA HIS A 429 53.08 5.71 29.52
C HIS A 429 52.83 4.79 28.33
N THR A 430 52.92 5.28 27.10
CA THR A 430 52.68 4.45 25.92
C THR A 430 53.63 4.84 24.79
N VAL A 431 54.24 3.86 24.13
CA VAL A 431 54.86 4.09 22.83
C VAL A 431 54.13 3.25 21.79
N TYR A 432 53.80 3.87 20.66
CA TYR A 432 52.94 3.29 19.64
C TYR A 432 53.57 3.55 18.27
N LYS A 433 54.11 2.52 17.63
CA LYS A 433 54.66 2.63 16.29
C LYS A 433 53.61 2.15 15.30
N ARG A 434 53.09 3.08 14.49
CA ARG A 434 52.04 2.83 13.53
C ARG A 434 52.57 2.16 12.27
N PRO A 435 51.70 1.50 11.50
CA PRO A 435 52.12 0.94 10.21
C PRO A 435 52.75 1.98 9.30
N ASP A 436 53.85 1.57 8.65
CA ASP A 436 54.68 2.37 7.76
C ASP A 436 55.58 3.39 8.49
N THR A 437 55.89 3.19 9.75
CA THR A 437 56.90 3.98 10.44
C THR A 437 58.11 3.10 10.71
N GLN A 438 59.18 3.70 11.25
CA GLN A 438 60.44 3.02 11.46
C GLN A 438 61.03 3.33 12.83
N SER A 439 61.53 2.30 13.52
CA SER A 439 62.31 2.45 14.74
C SER A 439 63.80 2.54 14.41
N ILE A 440 64.54 3.29 15.24
CA ILE A 440 65.98 3.48 15.05
C ILE A 440 66.69 3.52 16.41
N GLN A 441 67.69 2.65 16.59
CA GLN A 441 68.41 2.54 17.86
C GLN A 441 69.91 2.56 17.66
N LYS A 442 70.63 3.04 18.66
CA LYS A 442 72.08 3.20 18.60
C LYS A 442 72.78 2.02 19.26
N VAL A 443 73.63 1.31 18.50
CA VAL A 443 74.33 0.12 18.98
C VAL A 443 75.81 0.19 18.62
N GLN A 444 76.57 -0.77 19.12
CA GLN A 444 78.01 -0.85 18.85
C GLN A 444 78.27 -1.33 17.44
N ALA A 445 79.28 -0.73 16.79
CA ALA A 445 79.60 -1.06 15.40
C ALA A 445 81.07 -1.36 15.14
N GLU A 446 81.95 -1.22 16.13
CA GLU A 446 83.36 -1.54 15.98
C GLU A 446 83.74 -2.62 16.99
N PHE A 447 84.19 -3.77 16.50
CA PHE A 447 84.50 -4.91 17.35
C PHE A 447 85.96 -5.31 17.15
N ASP A 448 86.74 -5.33 18.23
CA ASP A 448 88.12 -5.77 18.16
C ASP A 448 88.44 -6.94 19.06
N SER A 449 87.66 -7.21 20.10
CA SER A 449 87.98 -8.22 21.08
C SER A 449 87.29 -9.53 20.75
N PHE A 450 88.06 -10.60 20.59
CA PHE A 450 87.52 -11.94 20.35
C PHE A 450 88.35 -12.92 21.15
N VAL A 451 87.76 -13.48 22.20
CA VAL A 451 88.45 -14.49 23.01
C VAL A 451 87.59 -15.74 23.14
N TRP A 456 89.21 -27.77 24.76
CA TRP A 456 88.11 -28.52 24.18
C TRP A 456 88.15 -29.99 24.61
N SER A 457 87.02 -30.49 25.08
CA SER A 457 86.81 -31.91 25.33
C SER A 457 85.48 -32.32 24.72
N SER A 458 85.37 -33.61 24.36
CA SER A 458 84.27 -34.05 23.50
C SER A 458 82.91 -33.84 24.16
N GLY A 459 82.74 -34.33 25.39
CA GLY A 459 81.46 -34.27 26.06
C GLY A 459 80.55 -35.44 25.83
N LEU A 460 80.89 -36.34 24.92
CA LEU A 460 80.16 -37.57 24.71
C LEU A 460 80.53 -38.58 25.81
N SER A 461 79.73 -39.64 25.92
CA SER A 461 79.91 -40.65 26.95
C SER A 461 79.92 -42.05 26.35
N ILE A 462 80.56 -42.97 27.06
CA ILE A 462 80.75 -44.33 26.54
C ILE A 462 79.44 -45.06 26.29
N PRO A 463 78.47 -45.07 27.23
CA PRO A 463 77.21 -45.79 26.96
C PRO A 463 76.46 -45.27 25.74
N LEU A 464 76.44 -43.96 25.52
CA LEU A 464 75.76 -43.42 24.34
C LEU A 464 76.48 -43.81 23.06
N ARG A 465 77.82 -43.79 23.08
CA ARG A 465 78.59 -44.24 21.93
C ARG A 465 78.29 -45.71 21.63
N THR A 466 78.21 -46.54 22.67
CA THR A 466 77.88 -47.94 22.47
C THR A 466 76.50 -48.12 21.90
N ARG A 467 75.52 -47.34 22.38
CA ARG A 467 74.18 -47.42 21.82
C ARG A 467 74.15 -47.04 20.35
N ILE A 468 74.85 -45.97 19.98
CA ILE A 468 74.88 -45.54 18.58
C ILE A 468 75.57 -46.58 17.71
N LYS A 469 76.70 -47.12 18.18
CA LYS A 469 77.40 -48.15 17.43
C LYS A 469 76.55 -49.39 17.23
N TRP A 470 75.85 -49.82 18.28
CA TRP A 470 74.96 -50.97 18.14
C TRP A 470 73.83 -50.68 17.17
N LEU A 471 73.24 -49.48 17.25
CA LEU A 471 72.11 -49.13 16.41
C LEU A 471 72.52 -49.03 14.95
N LEU A 472 73.79 -48.70 14.69
CA LEU A 472 74.27 -48.57 13.32
C LEU A 472 74.75 -49.89 12.75
N SER A 473 75.67 -50.57 13.46
CA SER A 473 76.30 -51.77 12.95
C SER A 473 75.30 -52.87 12.62
N LYS A 474 74.12 -52.84 13.23
CA LYS A 474 73.05 -53.78 12.91
C LYS A 474 73.49 -55.23 13.08
N ASP B 2 40.70 -49.22 7.52
CA ASP B 2 41.25 -47.87 7.48
C ASP B 2 40.37 -46.86 8.24
N PRO B 3 39.05 -47.00 8.21
CA PRO B 3 38.22 -46.30 9.19
C PRO B 3 38.40 -46.89 10.58
N VAL B 4 38.16 -46.05 11.58
CA VAL B 4 38.12 -46.47 12.97
C VAL B 4 36.70 -46.27 13.47
N TYR B 5 36.18 -47.25 14.19
CA TYR B 5 34.78 -47.29 14.59
C TYR B 5 34.68 -47.03 16.08
N VAL B 6 33.82 -46.09 16.47
CA VAL B 6 33.65 -45.75 17.87
C VAL B 6 32.19 -45.92 18.26
N ASP B 7 31.97 -46.33 19.52
CA ASP B 7 30.65 -46.69 20.02
C ASP B 7 29.96 -45.47 20.64
N ILE B 8 29.55 -44.56 19.77
CA ILE B 8 28.83 -43.35 20.17
C ILE B 8 27.69 -43.12 19.20
N ASP B 9 26.74 -42.30 19.65
CA ASP B 9 25.58 -41.98 18.82
C ASP B 9 26.00 -41.11 17.62
N ALA B 10 25.29 -41.32 16.51
CA ALA B 10 25.67 -40.67 15.26
C ALA B 10 25.41 -39.17 15.26
N ASP B 11 24.57 -38.66 16.15
CA ASP B 11 24.27 -37.25 16.24
C ASP B 11 24.98 -36.54 17.39
N SER B 12 25.98 -37.18 18.00
CA SER B 12 26.69 -36.58 19.11
C SER B 12 27.53 -35.39 18.65
N ALA B 13 27.64 -34.38 19.51
CA ALA B 13 28.52 -33.25 19.26
C ALA B 13 29.99 -33.55 19.53
N PHE B 14 30.29 -34.58 20.32
CA PHE B 14 31.67 -34.91 20.67
C PHE B 14 32.46 -35.42 19.48
N LEU B 15 31.77 -35.80 18.41
CA LEU B 15 32.44 -36.40 17.26
C LEU B 15 33.35 -35.40 16.55
N LYS B 16 32.93 -34.13 16.46
CA LYS B 16 33.78 -33.14 15.80
C LYS B 16 35.05 -32.86 16.60
N ALA B 17 34.94 -32.82 17.93
CA ALA B 17 36.13 -32.67 18.75
C ALA B 17 37.07 -33.86 18.57
N LEU B 18 36.51 -35.08 18.51
CA LEU B 18 37.34 -36.26 18.28
C LEU B 18 38.04 -36.18 16.93
N GLN B 19 37.34 -35.74 15.89
CA GLN B 19 37.94 -35.64 14.56
C GLN B 19 39.04 -34.59 14.52
N ARG B 20 38.86 -33.46 15.20
CA ARG B 20 39.93 -32.46 15.25
C ARG B 20 41.14 -32.97 16.02
N ALA B 21 40.95 -33.79 17.06
CA ALA B 21 42.09 -34.27 17.83
C ALA B 21 42.90 -35.34 17.12
N TYR B 22 42.32 -36.11 16.20
CA TYR B 22 43.02 -37.19 15.49
C TYR B 22 42.88 -36.99 13.98
N PRO B 23 43.59 -36.01 13.42
CA PRO B 23 43.40 -35.71 11.99
C PRO B 23 43.97 -36.77 11.04
N MET B 24 44.72 -37.73 11.53
CA MET B 24 45.30 -38.76 10.65
C MET B 24 44.39 -39.97 10.46
N PHE B 25 43.22 -40.00 11.08
CA PHE B 25 42.31 -41.14 10.95
C PHE B 25 41.01 -40.68 10.30
N GLU B 26 40.09 -41.62 10.16
CA GLU B 26 38.77 -41.38 9.59
C GLU B 26 37.76 -42.08 10.47
N VAL B 27 36.97 -41.30 11.21
CA VAL B 27 36.25 -41.77 12.39
C VAL B 27 34.77 -41.96 12.06
N GLU B 28 34.27 -43.19 12.27
CA GLU B 28 32.91 -43.63 12.02
C GLU B 28 32.19 -43.98 13.33
N PRO B 29 30.98 -43.49 13.50
CA PRO B 29 30.17 -43.90 14.68
C PRO B 29 29.40 -45.18 14.43
N ARG B 30 29.41 -46.08 15.40
CA ARG B 30 28.68 -47.36 15.32
C ARG B 30 28.28 -47.75 16.74
N GLN B 31 27.06 -47.39 17.15
CA GLN B 31 26.62 -47.56 18.53
C GLN B 31 26.06 -48.96 18.76
N VAL B 32 26.49 -49.59 19.85
CA VAL B 32 26.00 -50.93 20.19
C VAL B 32 25.52 -51.05 21.63
N THR B 33 25.87 -50.16 22.54
CA THR B 33 25.45 -50.22 23.93
C THR B 33 25.06 -48.82 24.39
N PRO B 34 24.28 -48.70 25.49
CA PRO B 34 24.01 -47.40 26.10
C PRO B 34 24.97 -47.01 27.23
N ASN B 35 26.28 -47.19 27.00
CA ASN B 35 27.27 -46.89 28.04
C ASN B 35 27.18 -45.43 28.47
N ASP B 36 27.17 -45.21 29.78
CA ASP B 36 27.05 -43.82 30.26
C ASP B 36 28.39 -43.12 30.42
N HIS B 37 29.51 -43.75 30.08
CA HIS B 37 30.79 -43.08 29.94
C HIS B 37 31.44 -43.43 28.59
N ALA B 38 30.67 -43.27 27.51
CA ALA B 38 31.11 -43.68 26.18
C ALA B 38 32.25 -42.83 25.62
N ASN B 39 32.23 -41.51 25.88
CA ASN B 39 33.24 -40.62 25.31
C ASN B 39 34.65 -40.96 25.80
N ALA B 40 34.79 -41.27 27.08
CA ALA B 40 36.10 -41.63 27.64
C ALA B 40 36.66 -42.89 27.00
N ARG B 41 35.81 -43.91 26.81
CA ARG B 41 36.24 -45.15 26.17
C ARG B 41 36.67 -44.92 24.72
N ALA B 42 35.92 -44.09 23.99
CA ALA B 42 36.30 -43.79 22.61
C ALA B 42 37.67 -43.11 22.53
N PHE B 43 37.93 -42.14 23.43
CA PHE B 43 39.24 -41.47 23.43
C PHE B 43 40.37 -42.47 23.70
N SER B 44 40.19 -43.37 24.67
CA SER B 44 41.24 -44.34 24.96
C SER B 44 41.51 -45.26 23.78
N HIS B 45 40.45 -45.70 23.09
CA HIS B 45 40.59 -46.56 21.92
C HIS B 45 41.44 -45.88 20.83
N LEU B 46 41.11 -44.63 20.50
CA LEU B 46 41.86 -43.94 19.47
C LEU B 46 43.32 -43.69 19.89
N ALA B 47 43.56 -43.44 21.19
CA ALA B 47 44.92 -43.22 21.64
C ALA B 47 45.77 -44.46 21.42
N ILE B 48 45.24 -45.64 21.73
CA ILE B 48 46.01 -46.87 21.51
C ILE B 48 46.31 -47.05 20.03
N LYS B 49 45.33 -46.79 19.16
CA LYS B 49 45.59 -46.90 17.73
C LYS B 49 46.76 -46.01 17.29
N LEU B 50 46.75 -44.75 17.71
CA LEU B 50 47.80 -43.82 17.29
C LEU B 50 49.17 -44.27 17.79
N ILE B 51 49.25 -44.69 19.06
CA ILE B 51 50.53 -45.14 19.60
C ILE B 51 51.06 -46.33 18.81
N GLU B 52 50.19 -47.28 18.49
CA GLU B 52 50.64 -48.43 17.70
C GLU B 52 51.13 -47.99 16.32
N GLN B 53 50.51 -46.98 15.73
CA GLN B 53 50.98 -46.51 14.43
C GLN B 53 52.36 -45.84 14.53
N GLU B 54 52.68 -45.19 15.65
CA GLU B 54 54.01 -44.58 15.75
C GLU B 54 55.15 -45.59 15.75
N ILE B 55 55.10 -46.60 16.60
CA ILE B 55 56.28 -47.42 16.83
C ILE B 55 56.41 -48.50 15.77
N ASP B 56 57.64 -49.05 15.65
CA ASP B 56 57.84 -50.05 14.62
C ASP B 56 57.76 -51.46 15.19
N PRO B 57 57.37 -52.44 14.37
CA PRO B 57 57.32 -53.83 14.88
C PRO B 57 58.72 -54.37 15.13
N ASP B 58 58.81 -55.63 15.56
CA ASP B 58 60.02 -56.31 16.03
C ASP B 58 60.45 -55.82 17.40
N SER B 59 59.80 -54.80 17.94
CA SER B 59 60.05 -54.39 19.31
C SER B 59 58.99 -54.99 20.21
N THR B 60 59.39 -55.33 21.43
CA THR B 60 58.49 -55.89 22.43
C THR B 60 58.03 -54.78 23.36
N ILE B 61 56.76 -54.82 23.75
CA ILE B 61 56.10 -53.74 24.47
C ILE B 61 55.68 -54.26 25.84
N LEU B 62 56.18 -53.63 26.91
CA LEU B 62 55.69 -53.91 28.25
C LEU B 62 54.37 -53.19 28.48
N ASP B 63 53.36 -53.91 28.97
CA ASP B 63 52.05 -53.34 29.28
C ASP B 63 51.90 -53.36 30.79
N ILE B 64 52.09 -52.20 31.41
CA ILE B 64 52.10 -52.09 32.87
C ILE B 64 50.66 -52.00 33.39
N GLY B 65 50.32 -52.88 34.33
CA GLY B 65 48.97 -52.96 34.86
C GLY B 65 47.94 -53.32 33.81
N SER B 66 48.23 -54.36 33.05
CA SER B 66 47.48 -54.65 31.83
C SER B 66 46.11 -55.25 32.12
N ALA B 67 45.23 -55.14 31.13
CA ALA B 67 44.00 -55.93 31.04
C ALA B 67 44.13 -56.81 29.80
N PRO B 68 44.55 -58.06 29.95
CA PRO B 68 45.05 -58.83 28.80
C PRO B 68 44.06 -59.02 27.65
N ALA B 69 42.76 -59.12 27.94
CA ALA B 69 41.79 -59.36 26.88
C ALA B 69 41.74 -58.23 25.86
N ARG B 70 42.20 -57.03 26.21
CA ARG B 70 42.23 -55.95 25.22
C ARG B 70 43.33 -56.15 24.20
N ARG B 71 44.40 -56.86 24.54
CA ARG B 71 45.53 -57.02 23.63
C ARG B 71 45.49 -58.32 22.85
N MET B 72 44.38 -59.07 22.93
CA MET B 72 44.39 -60.46 22.46
C MET B 72 44.32 -60.57 20.94
N MET B 73 43.59 -59.67 20.26
CA MET B 73 43.51 -59.67 18.81
C MET B 73 44.44 -58.63 18.16
N SER B 74 45.60 -58.40 18.74
CA SER B 74 46.60 -57.49 18.18
C SER B 74 47.76 -58.30 17.60
N ASP B 75 48.34 -57.80 16.52
CA ASP B 75 49.46 -58.49 15.89
C ASP B 75 50.82 -58.12 16.46
N ARG B 76 50.90 -57.09 17.31
CA ARG B 76 52.17 -56.69 17.90
C ARG B 76 52.54 -57.65 19.04
N LYS B 77 53.68 -57.39 19.68
CA LYS B 77 54.24 -58.27 20.70
C LYS B 77 54.16 -57.61 22.07
N TYR B 78 53.15 -57.98 22.85
CA TYR B 78 52.93 -57.44 24.18
C TYR B 78 53.39 -58.41 25.25
N HIS B 79 53.91 -57.88 26.34
CA HIS B 79 54.20 -58.62 27.56
C HIS B 79 53.39 -57.96 28.67
N CYS B 80 52.37 -58.65 29.17
CA CYS B 80 51.39 -58.06 30.08
C CYS B 80 51.82 -58.29 31.52
N VAL B 81 51.94 -57.21 32.29
CA VAL B 81 52.36 -57.30 33.68
C VAL B 81 51.09 -57.18 34.52
N CYS B 82 50.69 -58.28 35.16
CA CYS B 82 49.42 -58.30 35.92
C CYS B 82 49.52 -58.78 37.32
N PRO B 83 49.69 -57.85 38.25
CA PRO B 83 49.66 -58.30 39.62
C PRO B 83 48.18 -58.27 40.16
N MET B 84 47.78 -59.15 41.00
CA MET B 84 46.39 -59.11 41.47
C MET B 84 46.20 -58.26 42.71
N ARG B 85 46.37 -56.94 42.64
CA ARG B 85 46.27 -56.00 43.74
C ARG B 85 44.94 -55.29 43.83
N SER B 86 44.06 -55.47 42.86
CA SER B 86 42.80 -54.77 42.77
C SER B 86 41.64 -55.77 42.78
N ALA B 87 40.50 -55.35 43.31
CA ALA B 87 39.34 -56.23 43.41
C ALA B 87 38.72 -56.53 42.05
N GLU B 88 39.08 -55.80 41.01
CA GLU B 88 38.56 -56.04 39.66
C GLU B 88 39.41 -57.01 38.86
N ASP B 89 40.54 -57.47 39.39
CA ASP B 89 41.50 -58.26 38.63
C ASP B 89 41.09 -59.72 38.38
N PRO B 90 40.58 -60.46 39.38
CA PRO B 90 40.20 -61.86 39.10
C PRO B 90 39.19 -62.01 37.97
N GLU B 91 38.24 -61.09 37.88
CA GLU B 91 37.25 -61.14 36.80
C GLU B 91 37.89 -60.85 35.44
N ARG B 92 38.86 -59.92 35.40
CA ARG B 92 39.59 -59.66 34.16
C ARG B 92 40.37 -60.89 33.71
N LEU B 93 41.03 -61.57 34.66
CA LEU B 93 41.76 -62.80 34.33
C LEU B 93 40.83 -63.90 33.81
N ALA B 94 39.70 -64.11 34.50
CA ALA B 94 38.76 -65.13 34.04
C ALA B 94 38.22 -64.79 32.66
N ASN B 95 37.96 -63.50 32.39
CA ASN B 95 37.48 -63.09 31.08
C ASN B 95 38.53 -63.35 30.00
N TYR B 96 39.80 -63.13 30.32
CA TYR B 96 40.86 -63.43 29.36
C TYR B 96 40.91 -64.92 29.04
N ALA B 97 40.86 -65.77 30.07
CA ALA B 97 40.89 -67.21 29.83
C ALA B 97 39.68 -67.67 29.02
N ARG B 98 38.51 -67.12 29.30
CA ARG B 98 37.31 -67.44 28.54
C ARG B 98 37.46 -67.05 27.08
N LYS B 99 37.86 -65.81 26.82
CA LYS B 99 38.10 -65.35 25.45
C LYS B 99 39.10 -66.23 24.73
N LEU B 100 40.18 -66.63 25.41
CA LEU B 100 41.19 -67.49 24.79
C LEU B 100 40.59 -68.83 24.40
N ALA B 101 39.91 -69.48 25.35
CA ALA B 101 39.37 -70.82 25.09
C ALA B 101 38.31 -70.80 24.00
N SER B 102 37.52 -69.73 23.91
CA SER B 102 36.43 -69.71 22.93
C SER B 102 36.95 -69.78 21.51
N ALA B 103 38.00 -69.04 21.19
CA ALA B 103 38.56 -68.98 19.84
C ALA B 103 39.94 -69.60 19.88
N ALA B 104 40.01 -70.93 19.74
CA ALA B 104 41.26 -71.65 19.83
C ALA B 104 41.72 -72.24 18.50
N GLY B 105 40.80 -72.46 17.55
CA GLY B 105 41.19 -72.92 16.24
C GLY B 105 40.62 -72.05 15.15
N LYS B 106 39.61 -71.25 15.50
CA LYS B 106 38.97 -70.38 14.51
C LYS B 106 39.87 -69.24 14.10
N VAL B 107 40.72 -68.76 15.01
CA VAL B 107 41.66 -67.68 14.74
C VAL B 107 43.06 -68.26 14.68
N LEU B 108 43.79 -67.96 13.61
CA LEU B 108 45.10 -68.57 13.38
C LEU B 108 46.24 -67.58 13.28
N ASP B 109 45.98 -66.33 12.86
CA ASP B 109 47.05 -65.36 12.68
C ASP B 109 47.72 -65.01 13.99
N ARG B 110 46.95 -64.88 15.06
CA ARG B 110 47.49 -64.49 16.35
C ARG B 110 48.08 -65.71 17.05
N ASN B 111 49.03 -65.44 17.95
CA ASN B 111 49.72 -66.49 18.69
C ASN B 111 48.82 -67.07 19.78
N ILE B 112 47.67 -67.60 19.35
CA ILE B 112 46.66 -68.08 20.29
C ILE B 112 47.19 -69.27 21.09
N SER B 113 47.76 -70.25 20.38
CA SER B 113 48.27 -71.43 21.06
C SER B 113 49.41 -71.09 22.00
N GLY B 114 50.31 -70.19 21.57
CA GLY B 114 51.37 -69.76 22.45
C GLY B 114 50.85 -69.07 23.70
N LYS B 115 49.81 -68.25 23.54
CA LYS B 115 49.23 -67.57 24.69
C LYS B 115 48.60 -68.58 25.67
N ILE B 116 47.91 -69.59 25.14
CA ILE B 116 47.31 -70.61 26.00
C ILE B 116 48.41 -71.35 26.77
N GLY B 117 49.46 -71.75 26.06
CA GLY B 117 50.57 -72.44 26.71
C GLY B 117 51.25 -71.59 27.78
N ASP B 118 51.43 -70.30 27.50
CA ASP B 118 52.05 -69.42 28.49
C ASP B 118 51.20 -69.28 29.73
N LEU B 119 49.89 -69.12 29.55
CA LEU B 119 49.01 -69.03 30.71
C LEU B 119 49.04 -70.31 31.54
N GLN B 120 49.01 -71.47 30.88
CA GLN B 120 49.08 -72.72 31.62
C GLN B 120 50.39 -72.86 32.38
N ALA B 121 51.51 -72.51 31.73
CA ALA B 121 52.80 -72.62 32.37
C ALA B 121 52.89 -71.69 33.58
N VAL B 122 52.29 -70.51 33.49
CA VAL B 122 52.30 -69.60 34.64
C VAL B 122 51.45 -70.15 35.77
N MET B 123 50.28 -70.73 35.44
CA MET B 123 49.44 -71.33 36.46
C MET B 123 50.16 -72.46 37.18
N ALA B 124 50.96 -73.26 36.45
CA ALA B 124 51.68 -74.35 37.09
C ALA B 124 52.69 -73.83 38.12
N VAL B 125 53.57 -72.92 37.71
CA VAL B 125 54.57 -72.33 38.58
C VAL B 125 54.40 -70.81 38.52
N PRO B 126 54.07 -70.14 39.63
CA PRO B 126 53.68 -68.73 39.56
C PRO B 126 54.83 -67.74 39.50
N ASP B 127 56.08 -68.19 39.51
CA ASP B 127 57.23 -67.30 39.51
C ASP B 127 58.06 -67.47 38.24
N THR B 128 57.41 -67.57 37.10
CA THR B 128 58.10 -67.75 35.84
C THR B 128 57.68 -66.68 34.84
N GLU B 129 58.65 -66.12 34.13
CA GLU B 129 58.38 -65.19 33.05
C GLU B 129 58.12 -65.97 31.76
N THR B 130 57.13 -65.53 31.00
CA THR B 130 56.83 -66.05 29.69
C THR B 130 56.74 -64.87 28.73
N PRO B 131 56.85 -65.10 27.43
CA PRO B 131 56.86 -63.98 26.49
C PRO B 131 55.60 -63.12 26.52
N THR B 132 54.45 -63.63 26.98
CA THR B 132 53.22 -62.85 26.90
C THR B 132 52.54 -62.57 28.23
N PHE B 133 53.10 -63.00 29.36
CA PHE B 133 52.33 -62.90 30.62
C PHE B 133 53.27 -63.15 31.79
N CYS B 134 52.94 -62.53 32.92
CA CYS B 134 53.63 -62.77 34.19
C CYS B 134 52.79 -62.14 35.30
N LEU B 135 53.17 -62.43 36.56
CA LEU B 135 52.40 -62.00 37.72
C LEU B 135 53.21 -61.09 38.65
N HIS B 136 54.19 -60.38 38.14
CA HIS B 136 55.03 -59.52 38.97
C HIS B 136 54.50 -58.09 38.96
N THR B 137 55.17 -57.22 39.70
CA THR B 137 54.89 -55.79 39.69
C THR B 137 55.82 -55.08 38.71
N ASP B 138 55.67 -53.75 38.61
CA ASP B 138 56.51 -52.97 37.72
C ASP B 138 57.97 -52.99 38.16
N VAL B 139 58.21 -53.19 39.45
CA VAL B 139 59.58 -53.19 39.97
C VAL B 139 60.23 -54.58 39.93
N SER B 140 59.46 -55.66 39.97
CA SER B 140 60.03 -56.99 40.10
C SER B 140 59.92 -57.84 38.83
N CYS B 141 59.46 -57.27 37.72
CA CYS B 141 59.49 -57.97 36.45
C CYS B 141 60.91 -57.97 35.88
N ARG B 142 61.25 -59.03 35.13
CA ARG B 142 62.60 -59.19 34.60
C ARG B 142 62.65 -59.33 33.08
N GLN B 143 61.53 -59.15 32.38
CA GLN B 143 61.56 -59.18 30.93
C GLN B 143 62.20 -57.88 30.40
N ARG B 144 63.01 -57.99 29.36
CA ARG B 144 63.67 -56.85 28.76
C ARG B 144 62.94 -56.42 27.49
N ALA B 145 62.83 -55.11 27.29
CA ALA B 145 62.07 -54.56 26.17
C ALA B 145 62.62 -53.17 25.86
N ASP B 146 61.96 -52.46 24.95
CA ASP B 146 62.34 -51.08 24.65
C ASP B 146 61.18 -50.09 24.59
N VAL B 147 59.93 -50.51 24.79
CA VAL B 147 58.80 -49.61 24.89
C VAL B 147 57.95 -50.03 26.09
N ALA B 148 57.47 -49.06 26.84
CA ALA B 148 56.53 -49.27 27.94
C ALA B 148 55.28 -48.42 27.74
N ILE B 149 54.14 -48.94 28.16
CA ILE B 149 52.87 -48.24 28.03
C ILE B 149 52.15 -48.23 29.37
N TYR B 150 51.56 -47.09 29.72
CA TYR B 150 50.73 -46.93 30.90
C TYR B 150 49.37 -46.41 30.45
N GLN B 151 48.32 -47.22 30.58
CA GLN B 151 46.98 -46.82 30.17
C GLN B 151 46.08 -46.73 31.39
N ASP B 152 45.71 -45.50 31.77
CA ASP B 152 44.85 -45.22 32.92
C ASP B 152 45.40 -45.81 34.21
N VAL B 153 46.68 -45.57 34.46
CA VAL B 153 47.37 -46.08 35.63
C VAL B 153 47.67 -44.91 36.56
N TYR B 154 47.12 -44.95 37.77
CA TYR B 154 47.26 -43.85 38.70
C TYR B 154 47.88 -44.27 40.03
N ALA B 155 48.38 -45.51 40.13
CA ALA B 155 48.71 -46.10 41.41
C ALA B 155 50.22 -46.20 41.68
N VAL B 156 51.08 -45.67 40.82
CA VAL B 156 52.52 -45.79 41.03
C VAL B 156 53.15 -44.40 41.11
N HIS B 157 54.31 -44.36 41.75
CA HIS B 157 55.14 -43.16 41.82
C HIS B 157 56.02 -43.09 40.58
N ALA B 158 55.84 -42.04 39.77
CA ALA B 158 56.35 -42.04 38.40
C ALA B 158 57.86 -42.15 38.29
N PRO B 159 58.70 -41.40 39.02
CA PRO B 159 60.16 -41.52 38.80
C PRO B 159 60.75 -42.87 39.18
N THR B 160 60.30 -43.49 40.27
CA THR B 160 60.78 -44.81 40.63
C THR B 160 60.46 -45.83 39.56
N SER B 161 59.21 -45.82 39.09
CA SER B 161 58.78 -46.74 38.04
C SER B 161 59.58 -46.54 36.76
N LEU B 162 59.78 -45.28 36.34
CA LEU B 162 60.51 -45.02 35.11
C LEU B 162 61.97 -45.44 35.22
N TYR B 163 62.60 -45.22 36.38
CA TYR B 163 63.97 -45.67 36.57
C TYR B 163 64.08 -47.18 36.45
N HIS B 164 63.14 -47.91 37.03
CA HIS B 164 63.20 -49.36 36.93
C HIS B 164 62.93 -49.85 35.51
N GLN B 165 62.17 -49.11 34.73
CA GLN B 165 62.06 -49.47 33.31
C GLN B 165 63.33 -49.14 32.54
N ALA B 166 64.04 -48.07 32.91
CA ALA B 166 65.20 -47.63 32.15
C ALA B 166 66.39 -48.57 32.36
N ILE B 167 66.59 -49.08 33.58
CA ILE B 167 67.75 -49.94 33.79
C ILE B 167 67.58 -51.29 33.09
N LYS B 168 66.46 -51.49 32.41
CA LYS B 168 66.20 -52.69 31.64
C LYS B 168 66.21 -52.47 30.14
N GLY B 169 66.61 -51.28 29.68
CA GLY B 169 66.75 -51.02 28.26
C GLY B 169 65.58 -50.36 27.56
N VAL B 170 64.62 -49.83 28.30
CA VAL B 170 63.49 -49.14 27.67
C VAL B 170 63.90 -47.71 27.33
N ARG B 171 63.57 -47.26 26.13
CA ARG B 171 63.93 -45.94 25.66
C ARG B 171 62.75 -45.01 25.43
N LEU B 172 61.52 -45.50 25.44
CA LEU B 172 60.35 -44.71 25.06
C LEU B 172 59.13 -45.19 25.85
N ALA B 173 58.36 -44.25 26.39
CA ALA B 173 57.19 -44.59 27.19
C ALA B 173 56.04 -43.63 26.90
N TYR B 174 54.81 -44.12 27.07
CA TYR B 174 53.60 -43.34 26.85
C TYR B 174 52.69 -43.43 28.06
N TRP B 175 51.97 -42.34 28.33
CA TRP B 175 51.01 -42.27 29.44
C TRP B 175 49.71 -41.65 28.94
N VAL B 176 48.58 -42.30 29.22
CA VAL B 176 47.25 -41.85 28.79
C VAL B 176 46.40 -41.60 30.02
N GLY B 177 45.79 -40.43 30.12
CA GLY B 177 44.95 -40.19 31.29
C GLY B 177 44.39 -38.78 31.39
N PHE B 178 43.71 -38.53 32.51
CA PHE B 178 43.13 -37.22 32.80
C PHE B 178 44.22 -36.21 33.15
N ASP B 179 44.04 -34.98 32.66
CA ASP B 179 44.99 -33.89 32.89
C ASP B 179 45.21 -33.63 34.38
N THR B 180 46.46 -33.50 34.79
CA THR B 180 46.86 -33.34 36.18
C THR B 180 46.90 -31.89 36.65
N THR B 181 46.61 -30.92 35.78
CA THR B 181 46.70 -29.50 36.16
C THR B 181 45.82 -29.09 37.34
N PRO B 182 44.54 -29.49 37.45
CA PRO B 182 43.74 -29.03 38.60
C PRO B 182 44.29 -29.46 39.95
N PHE B 183 45.06 -30.54 40.04
CA PHE B 183 45.64 -30.94 41.31
C PHE B 183 46.91 -30.17 41.65
N MET B 184 47.56 -29.54 40.67
CA MET B 184 48.68 -28.67 40.98
C MET B 184 48.21 -27.33 41.54
N TYR B 185 47.02 -26.88 41.17
CA TYR B 185 46.41 -25.69 41.76
C TYR B 185 45.77 -25.97 43.12
N ASN B 186 45.67 -27.23 43.55
CA ASN B 186 45.24 -27.63 44.90
C ASN B 186 43.76 -27.31 45.18
N ALA B 187 42.89 -27.65 44.23
CA ALA B 187 41.45 -27.43 44.40
C ALA B 187 40.82 -28.49 45.30
N MET B 188 39.66 -28.16 45.85
CA MET B 188 38.95 -29.09 46.72
C MET B 188 37.97 -30.01 45.99
N ALA B 189 37.38 -29.59 44.86
CA ALA B 189 36.48 -30.44 44.07
C ALA B 189 36.49 -29.94 42.63
N GLY B 190 35.99 -30.76 41.70
CA GLY B 190 35.98 -30.31 40.31
C GLY B 190 35.23 -31.20 39.35
N ALA B 191 35.24 -30.79 38.07
CA ALA B 191 34.49 -31.44 37.00
C ALA B 191 35.30 -31.56 35.72
N TYR B 192 35.08 -32.66 34.98
CA TYR B 192 35.45 -32.80 33.57
C TYR B 192 34.14 -33.04 32.81
N PRO B 193 33.48 -31.96 32.36
CA PRO B 193 32.09 -32.07 31.92
C PRO B 193 31.86 -32.75 30.58
N SER B 194 32.81 -32.69 29.67
CA SER B 194 32.68 -33.40 28.40
C SER B 194 32.68 -34.91 28.56
N TYR B 195 33.21 -35.43 29.66
CA TYR B 195 33.30 -36.86 29.88
C TYR B 195 32.36 -37.36 30.97
N SER B 196 31.38 -36.55 31.37
CA SER B 196 30.46 -36.88 32.46
C SER B 196 31.19 -37.28 33.73
N THR B 197 32.26 -36.57 34.08
CA THR B 197 33.08 -36.98 35.21
C THR B 197 33.12 -35.91 36.28
N ASN B 198 32.99 -36.31 37.55
CA ASN B 198 33.09 -35.39 38.67
C ASN B 198 33.99 -35.97 39.77
N TRP B 199 34.67 -35.11 40.53
CA TRP B 199 35.56 -35.58 41.59
C TRP B 199 35.48 -34.67 42.80
N ALA B 200 35.79 -35.24 43.97
CA ALA B 200 35.70 -34.49 45.22
C ALA B 200 36.64 -35.03 46.30
N ASP B 201 37.10 -34.13 47.15
CA ASP B 201 37.77 -34.45 48.40
C ASP B 201 36.82 -35.14 49.38
N GLU B 202 37.38 -36.07 50.16
CA GLU B 202 36.55 -36.86 51.07
C GLU B 202 35.84 -36.02 52.13
N GLN B 203 36.40 -34.86 52.49
CA GLN B 203 35.78 -34.02 53.51
C GLN B 203 34.52 -33.29 53.06
N VAL B 204 34.20 -33.24 51.78
CA VAL B 204 33.04 -32.47 51.33
C VAL B 204 32.00 -33.35 50.65
N LEU B 205 31.97 -34.65 50.94
CA LEU B 205 30.98 -35.52 50.30
C LEU B 205 29.56 -35.29 50.79
N LYS B 206 29.36 -34.54 51.88
CA LYS B 206 28.03 -34.19 52.35
C LYS B 206 27.64 -32.76 52.00
N ALA B 207 28.13 -32.23 50.89
CA ALA B 207 27.71 -30.92 50.40
C ALA B 207 26.35 -31.03 49.72
N LYS B 208 25.89 -29.93 49.14
CA LYS B 208 24.56 -29.87 48.54
C LYS B 208 24.56 -29.57 47.05
N ASN B 209 25.43 -28.68 46.55
CA ASN B 209 25.30 -28.18 45.18
C ASN B 209 26.55 -28.39 44.31
N ILE B 210 27.40 -29.36 44.62
CA ILE B 210 28.52 -29.69 43.72
C ILE B 210 28.17 -30.94 42.93
N GLY B 211 29.04 -31.33 42.00
CA GLY B 211 28.73 -32.44 41.12
C GLY B 211 28.54 -33.78 41.82
N LEU B 212 29.42 -34.12 42.75
CA LEU B 212 29.37 -35.42 43.43
C LEU B 212 29.18 -35.22 44.93
N CYS B 213 27.96 -35.43 45.44
CA CYS B 213 27.62 -35.19 46.84
C CYS B 213 26.22 -35.73 47.15
N SER B 214 25.85 -35.68 48.43
CA SER B 214 24.54 -36.12 48.89
C SER B 214 24.27 -35.61 50.30
N THR B 215 23.06 -35.12 50.56
CA THR B 215 22.69 -34.59 51.87
C THR B 215 21.20 -34.79 52.11
N ASP B 216 20.69 -34.32 53.25
CA ASP B 216 19.29 -34.55 53.62
C ASP B 216 18.64 -33.31 54.23
N LEU B 217 17.31 -33.39 54.40
CA LEU B 217 16.51 -32.27 54.88
C LEU B 217 16.60 -32.11 56.40
N THR B 218 16.57 -30.86 56.87
CA THR B 218 16.64 -30.54 58.29
C THR B 218 15.87 -29.26 58.57
N GLU B 219 15.47 -29.08 59.83
CA GLU B 219 14.85 -27.84 60.27
C GLU B 219 15.82 -26.85 60.90
N GLY B 220 17.06 -27.25 61.19
CA GLY B 220 18.03 -26.26 61.61
C GLY B 220 18.13 -25.94 63.09
N ARG B 221 18.50 -26.93 63.91
CA ARG B 221 18.78 -26.67 65.31
C ARG B 221 20.02 -25.81 65.48
N ARG B 222 20.00 -24.92 66.47
CA ARG B 222 21.14 -24.06 66.73
C ARG B 222 22.18 -24.67 67.65
N GLY B 223 21.89 -25.79 68.29
CA GLY B 223 22.82 -26.29 69.27
C GLY B 223 24.10 -26.88 68.72
N LYS B 224 24.01 -28.09 68.18
CA LYS B 224 25.14 -28.84 67.62
C LYS B 224 26.42 -28.61 68.42
N LEU B 225 26.31 -28.65 69.73
CA LEU B 225 27.42 -28.28 70.61
C LEU B 225 28.44 -29.42 70.65
N SER B 226 29.56 -29.22 69.95
CA SER B 226 30.68 -30.15 69.96
C SER B 226 31.93 -29.40 70.40
N ILE B 227 32.66 -29.98 71.36
CA ILE B 227 33.86 -29.36 71.88
C ILE B 227 35.04 -29.50 70.93
N MET B 228 35.01 -30.49 70.03
CA MET B 228 36.11 -30.75 69.11
C MET B 228 36.21 -29.60 68.10
N ARG B 229 37.23 -28.76 68.27
CA ARG B 229 37.41 -27.59 67.42
C ARG B 229 38.10 -27.99 66.11
N GLY B 230 37.36 -27.94 65.01
CA GLY B 230 37.96 -28.20 63.72
C GLY B 230 38.79 -27.04 63.25
N LYS B 231 38.12 -25.95 62.91
CA LYS B 231 38.74 -24.64 62.70
C LYS B 231 39.62 -24.51 61.48
N LYS B 232 39.84 -25.57 60.71
CA LYS B 232 40.49 -25.42 59.41
C LYS B 232 39.91 -26.43 58.44
N LEU B 233 39.67 -25.99 57.21
CA LEU B 233 39.18 -26.82 56.12
C LEU B 233 40.21 -26.74 55.00
N GLU B 234 41.08 -27.73 54.93
CA GLU B 234 42.15 -27.79 53.94
C GLU B 234 42.08 -29.10 53.20
N PRO B 235 42.58 -29.15 51.96
CA PRO B 235 42.61 -30.42 51.22
C PRO B 235 43.45 -31.49 51.91
N CYS B 236 43.01 -32.73 51.78
CA CYS B 236 43.68 -33.91 52.30
C CYS B 236 43.97 -34.88 51.17
N ASP B 237 44.71 -35.95 51.48
CA ASP B 237 45.26 -36.81 50.44
C ASP B 237 44.20 -37.65 49.71
N ARG B 238 43.07 -37.94 50.37
CA ARG B 238 42.12 -38.89 49.81
C ARG B 238 41.13 -38.19 48.89
N VAL B 239 40.96 -38.70 47.67
CA VAL B 239 40.03 -38.12 46.70
C VAL B 239 39.19 -39.22 46.06
N LEU B 240 37.96 -38.88 45.68
CA LEU B 240 37.05 -39.82 45.01
C LEU B 240 36.69 -39.31 43.62
N PHE B 241 36.77 -40.20 42.62
CA PHE B 241 36.48 -39.94 41.22
C PHE B 241 35.23 -40.70 40.79
N SER B 242 34.37 -40.08 39.99
CA SER B 242 33.20 -40.76 39.42
C SER B 242 33.16 -40.53 37.92
N VAL B 243 33.35 -41.61 37.15
CA VAL B 243 33.34 -41.60 35.70
C VAL B 243 32.07 -42.30 35.24
N GLY B 244 31.11 -41.52 34.74
CA GLY B 244 29.76 -42.04 34.57
C GLY B 244 29.17 -42.46 35.89
N SER B 245 29.02 -43.76 36.12
CA SER B 245 28.63 -44.28 37.43
C SER B 245 29.69 -45.21 38.02
N THR B 246 30.89 -45.24 37.47
CA THR B 246 31.98 -46.06 38.01
C THR B 246 32.82 -45.24 38.98
N LEU B 247 33.08 -45.80 40.17
CA LEU B 247 33.79 -45.12 41.24
C LEU B 247 35.24 -45.57 41.35
N TYR B 248 36.15 -44.59 41.54
CA TYR B 248 37.57 -44.87 41.75
C TYR B 248 38.17 -43.98 42.84
N PRO B 249 38.77 -44.55 43.89
CA PRO B 249 39.50 -43.74 44.86
C PRO B 249 40.94 -43.48 44.41
N GLU B 250 41.47 -42.31 44.81
CA GLU B 250 42.80 -41.88 44.39
C GLU B 250 43.52 -41.11 45.50
N SER B 251 44.84 -40.98 45.31
CA SER B 251 45.76 -40.29 46.22
C SER B 251 46.35 -39.06 45.53
N ARG B 252 46.39 -37.93 46.25
CA ARG B 252 46.87 -36.67 45.67
C ARG B 252 48.37 -36.72 45.34
N LYS B 253 49.16 -37.38 46.18
CA LYS B 253 50.61 -37.45 45.97
C LYS B 253 50.94 -38.17 44.66
N LEU B 254 50.31 -39.32 44.42
CA LEU B 254 50.61 -40.09 43.23
C LEU B 254 50.13 -39.38 41.98
N LEU B 255 49.00 -38.68 42.05
CA LEU B 255 48.54 -37.89 40.92
C LEU B 255 49.51 -36.75 40.59
N LYS B 256 49.98 -36.04 41.62
CA LYS B 256 50.93 -34.96 41.38
C LYS B 256 52.24 -35.47 40.79
N SER B 257 52.65 -36.69 41.14
CA SER B 257 53.94 -37.18 40.66
C SER B 257 54.01 -37.36 39.15
N TRP B 258 52.89 -37.39 38.43
CA TRP B 258 52.93 -37.51 36.98
C TRP B 258 52.89 -36.17 36.24
N HIS B 259 52.92 -35.04 36.97
CA HIS B 259 53.01 -33.71 36.36
C HIS B 259 54.49 -33.34 36.22
N LEU B 260 55.12 -33.90 35.21
CA LEU B 260 56.57 -33.91 35.06
C LEU B 260 57.08 -32.68 34.32
N PRO B 261 58.28 -32.20 34.65
CA PRO B 261 58.86 -31.06 33.93
C PRO B 261 59.42 -31.48 32.57
N SER B 262 59.76 -30.48 31.77
CA SER B 262 60.18 -30.74 30.39
C SER B 262 61.54 -31.44 30.32
N VAL B 263 62.41 -31.27 31.31
CA VAL B 263 63.71 -31.92 31.36
C VAL B 263 63.99 -32.39 32.78
N PHE B 264 64.49 -33.63 32.94
CA PHE B 264 64.88 -34.06 34.27
C PHE B 264 65.96 -35.14 34.21
N HIS B 265 66.61 -35.37 35.35
CA HIS B 265 67.73 -36.29 35.50
C HIS B 265 67.40 -37.40 36.49
N LEU B 266 67.72 -38.65 36.15
CA LEU B 266 67.58 -39.79 37.05
C LEU B 266 68.97 -40.30 37.42
N LYS B 267 69.36 -40.15 38.68
CA LYS B 267 70.74 -40.37 39.12
C LYS B 267 70.81 -41.50 40.15
N GLY B 268 71.13 -42.69 39.69
CA GLY B 268 71.30 -43.83 40.59
C GLY B 268 72.65 -44.49 40.36
N LYS B 269 72.64 -45.82 40.34
CA LYS B 269 73.83 -46.57 39.96
C LYS B 269 74.20 -46.27 38.51
N LEU B 270 73.21 -46.20 37.63
CA LEU B 270 73.34 -45.65 36.30
C LEU B 270 72.57 -44.34 36.24
N SER B 271 72.84 -43.54 35.21
CA SER B 271 72.27 -42.21 35.10
C SER B 271 71.58 -42.02 33.77
N PHE B 272 70.52 -41.21 33.77
CA PHE B 272 69.73 -40.98 32.56
C PHE B 272 69.25 -39.53 32.50
N THR B 273 69.02 -39.06 31.27
CA THR B 273 68.49 -37.74 30.98
C THR B 273 67.18 -37.90 30.21
N CYS B 274 66.11 -37.26 30.69
CA CYS B 274 64.77 -37.54 30.19
C CYS B 274 63.98 -36.28 29.86
N ARG B 275 63.03 -36.42 28.92
CA ARG B 275 62.15 -35.35 28.47
C ARG B 275 60.69 -35.83 28.46
N CYS B 276 59.76 -34.88 28.63
CA CYS B 276 58.33 -35.17 28.61
C CYS B 276 57.56 -34.12 27.83
N ASP B 277 56.83 -34.54 26.80
CA ASP B 277 56.03 -33.66 25.95
C ASP B 277 54.58 -34.13 25.92
N THR B 278 53.66 -33.20 25.67
CA THR B 278 52.23 -33.50 25.51
C THR B 278 51.87 -33.49 24.03
N VAL B 279 51.41 -34.63 23.51
CA VAL B 279 51.19 -34.77 22.08
C VAL B 279 49.71 -34.83 21.69
N VAL B 280 48.80 -35.14 22.60
CA VAL B 280 47.37 -35.05 22.34
C VAL B 280 46.70 -34.45 23.57
N SER B 281 45.73 -33.55 23.34
CA SER B 281 45.01 -32.87 24.41
C SER B 281 43.59 -32.55 23.94
N CYS B 282 42.58 -33.12 24.60
CA CYS B 282 41.19 -32.96 24.16
C CYS B 282 40.28 -32.79 25.39
N GLU B 283 39.90 -31.54 25.66
CA GLU B 283 38.90 -31.18 26.68
C GLU B 283 39.18 -31.81 28.05
N GLY B 284 40.45 -31.97 28.41
CA GLY B 284 40.81 -32.53 29.69
C GLY B 284 41.35 -33.95 29.68
N TYR B 285 41.49 -34.59 28.53
CA TYR B 285 42.14 -35.89 28.39
C TYR B 285 43.43 -35.75 27.59
N VAL B 286 44.52 -36.37 28.03
CA VAL B 286 45.83 -36.16 27.40
C VAL B 286 46.61 -37.45 27.16
N VAL B 287 47.56 -37.36 26.23
CA VAL B 287 48.58 -38.37 25.95
C VAL B 287 49.97 -37.74 26.07
N LYS B 288 50.84 -38.34 26.88
CA LYS B 288 52.20 -37.85 27.09
C LYS B 288 53.24 -38.85 26.60
N ARG B 289 54.30 -38.34 25.95
CA ARG B 289 55.40 -39.13 25.41
C ARG B 289 56.70 -38.80 26.16
N ILE B 290 57.43 -39.82 26.58
CA ILE B 290 58.62 -39.67 27.42
C ILE B 290 59.79 -40.43 26.79
N THR B 291 60.95 -39.80 26.68
CA THR B 291 62.17 -40.41 26.17
C THR B 291 63.26 -40.39 27.23
N MET B 292 64.10 -41.43 27.23
CA MET B 292 65.18 -41.55 28.22
C MET B 292 66.48 -41.96 27.53
N SER B 293 67.60 -41.39 27.97
CA SER B 293 68.92 -41.61 27.37
C SER B 293 70.00 -41.79 28.43
N PRO B 294 70.97 -42.68 28.19
CA PRO B 294 72.02 -42.91 29.19
C PRO B 294 73.02 -41.77 29.25
N GLY B 295 73.42 -41.41 30.46
CA GLY B 295 74.36 -40.32 30.69
C GLY B 295 73.64 -39.04 31.08
N LEU B 296 74.45 -38.06 31.49
CA LEU B 296 73.95 -36.76 31.94
C LEU B 296 74.36 -35.66 30.97
N TYR B 297 73.38 -34.89 30.48
CA TYR B 297 73.59 -33.80 29.55
C TYR B 297 72.71 -32.61 29.89
N GLY B 298 73.23 -31.41 29.64
CA GLY B 298 72.45 -30.19 29.80
C GLY B 298 72.26 -29.80 31.25
N LYS B 299 71.22 -28.99 31.49
CA LYS B 299 70.84 -28.62 32.83
C LYS B 299 69.33 -28.44 32.91
N THR B 300 68.82 -28.44 34.14
CA THR B 300 67.40 -28.41 34.40
C THR B 300 66.99 -27.06 35.00
N THR B 301 65.74 -26.67 34.75
CA THR B 301 65.16 -25.50 35.40
C THR B 301 64.12 -25.83 36.45
N GLY B 302 63.39 -26.93 36.28
CA GLY B 302 62.33 -27.27 37.21
C GLY B 302 60.98 -26.63 36.95
N TYR B 303 60.66 -26.32 35.69
CA TYR B 303 59.38 -25.70 35.35
C TYR B 303 58.57 -26.62 34.46
N ALA B 304 57.26 -26.66 34.70
CA ALA B 304 56.31 -27.42 33.90
C ALA B 304 55.25 -26.48 33.35
N VAL B 305 54.88 -26.67 32.07
CA VAL B 305 54.03 -25.75 31.33
C VAL B 305 52.80 -26.48 30.81
N THR B 306 51.64 -25.83 30.89
CA THR B 306 50.40 -26.31 30.29
C THR B 306 49.85 -25.27 29.32
N HIS B 307 49.46 -25.70 28.12
CA HIS B 307 48.84 -24.83 27.12
C HIS B 307 47.32 -25.02 27.15
N HIS B 308 46.58 -23.91 27.23
CA HIS B 308 45.12 -23.94 27.37
C HIS B 308 44.47 -23.64 26.01
N ALA B 309 43.82 -24.65 25.42
CA ALA B 309 43.04 -24.43 24.21
C ALA B 309 41.61 -24.00 24.51
N ASP B 310 41.00 -24.52 25.56
CA ASP B 310 39.75 -24.01 26.11
C ASP B 310 40.07 -23.24 27.40
N GLY B 311 39.07 -22.51 27.91
CA GLY B 311 39.28 -21.76 29.13
C GLY B 311 39.29 -22.63 30.38
N PHE B 312 40.12 -22.23 31.35
CA PHE B 312 40.21 -22.93 32.62
C PHE B 312 39.91 -21.98 33.78
N LEU B 313 39.11 -22.43 34.74
CA LEU B 313 38.60 -21.58 35.82
C LEU B 313 38.78 -22.22 37.18
N MET B 314 39.19 -21.41 38.16
CA MET B 314 39.20 -21.80 39.57
C MET B 314 38.64 -20.68 40.42
N CYS B 315 37.74 -21.00 41.35
CA CYS B 315 37.05 -19.95 42.09
C CYS B 315 36.58 -20.42 43.47
N LYS B 316 36.25 -19.43 44.29
CA LYS B 316 35.78 -19.64 45.66
C LYS B 316 34.25 -19.69 45.68
N THR B 317 33.69 -20.67 46.40
CA THR B 317 32.24 -20.86 46.47
C THR B 317 31.83 -21.14 47.92
N THR B 318 30.57 -20.85 48.21
CA THR B 318 29.97 -21.01 49.53
C THR B 318 28.87 -22.06 49.48
N ASP B 319 28.86 -22.99 50.44
CA ASP B 319 27.91 -24.09 50.47
C ASP B 319 27.61 -24.47 51.91
N THR B 320 26.76 -25.47 52.11
CA THR B 320 26.57 -26.09 53.42
C THR B 320 27.04 -27.53 53.36
N VAL B 321 27.83 -27.93 54.35
CA VAL B 321 28.32 -29.29 54.48
C VAL B 321 27.76 -29.85 55.77
N ASP B 322 26.95 -30.91 55.65
CA ASP B 322 26.22 -31.48 56.77
C ASP B 322 25.45 -30.41 57.55
N GLY B 323 24.98 -29.39 56.85
CA GLY B 323 24.22 -28.32 57.45
C GLY B 323 25.00 -27.10 57.92
N GLU B 324 26.33 -27.13 57.88
CA GLU B 324 27.13 -26.00 58.34
C GLU B 324 27.69 -25.24 57.15
N ARG B 325 27.55 -23.91 57.17
CA ARG B 325 27.93 -23.07 56.04
C ARG B 325 29.43 -22.80 56.00
N VAL B 326 30.07 -23.07 54.86
CA VAL B 326 31.52 -22.93 54.68
C VAL B 326 31.84 -22.44 53.28
N SER B 327 33.13 -22.15 53.04
CA SER B 327 33.65 -21.72 51.74
C SER B 327 34.85 -22.58 51.34
N PHE B 328 34.97 -22.88 50.04
CA PHE B 328 36.11 -23.63 49.52
C PHE B 328 36.19 -23.45 48.00
N SER B 329 37.24 -24.03 47.38
CA SER B 329 37.56 -23.76 45.99
C SER B 329 37.16 -24.88 45.04
N VAL B 330 36.78 -24.50 43.82
CA VAL B 330 36.20 -25.38 42.80
C VAL B 330 36.76 -25.00 41.43
N CYS B 331 36.99 -26.00 40.55
CA CYS B 331 37.59 -25.76 39.24
C CYS B 331 36.79 -26.42 38.10
N THR B 332 36.88 -25.84 36.90
CA THR B 332 36.19 -26.39 35.73
C THR B 332 36.77 -25.87 34.41
N TYR B 333 36.27 -26.43 33.30
CA TYR B 333 36.65 -26.08 31.93
C TYR B 333 35.49 -25.43 31.18
N VAL B 334 35.80 -24.47 30.31
CA VAL B 334 34.78 -23.70 29.57
C VAL B 334 35.12 -23.66 28.08
N PRO B 335 34.16 -23.88 27.18
CA PRO B 335 34.45 -23.88 25.74
C PRO B 335 34.87 -22.52 25.20
N ALA B 336 35.70 -22.56 24.16
CA ALA B 336 36.39 -21.37 23.67
C ALA B 336 35.44 -20.34 23.06
N THR B 337 34.40 -20.78 22.34
CA THR B 337 33.48 -19.83 21.71
C THR B 337 32.73 -19.00 22.75
N ILE B 338 32.33 -19.60 23.87
CA ILE B 338 31.65 -18.86 24.92
C ILE B 338 32.58 -17.83 25.55
N CYS B 339 33.82 -18.22 25.82
CA CYS B 339 34.83 -17.30 26.33
C CYS B 339 35.02 -16.11 25.39
N ASP B 340 35.10 -16.37 24.08
CA ASP B 340 35.25 -15.28 23.12
C ASP B 340 34.02 -14.38 23.11
N GLN B 341 32.82 -14.94 23.28
CA GLN B 341 31.62 -14.13 23.24
C GLN B 341 31.37 -13.34 24.53
N MET B 342 32.10 -13.61 25.61
CA MET B 342 31.96 -12.79 26.82
C MET B 342 32.94 -11.62 26.92
N THR B 343 33.80 -11.39 25.92
CA THR B 343 34.86 -10.40 26.06
C THR B 343 34.32 -8.98 26.27
N GLY B 344 33.28 -8.60 25.54
CA GLY B 344 32.73 -7.27 25.67
C GLY B 344 32.03 -7.01 27.00
N ILE B 345 31.30 -8.01 27.50
CA ILE B 345 30.52 -7.84 28.74
C ILE B 345 31.44 -7.56 29.93
N LEU B 346 32.58 -8.23 29.99
CA LEU B 346 33.44 -8.17 31.16
C LEU B 346 34.25 -6.88 31.27
N ALA B 347 34.06 -5.93 30.36
CA ALA B 347 34.73 -4.63 30.51
C ALA B 347 34.15 -3.81 31.64
N THR B 348 32.90 -4.06 32.02
CA THR B 348 32.23 -3.34 33.11
C THR B 348 31.98 -4.29 34.27
N GLU B 349 31.38 -3.77 35.32
CA GLU B 349 30.95 -4.57 36.46
C GLU B 349 29.55 -5.12 36.20
N VAL B 350 29.40 -6.42 36.38
CA VAL B 350 28.16 -7.13 36.09
C VAL B 350 27.79 -7.97 37.31
N THR B 351 26.51 -8.01 37.66
CA THR B 351 26.05 -8.83 38.76
C THR B 351 26.00 -10.31 38.36
N PRO B 352 26.04 -11.22 39.33
CA PRO B 352 25.92 -12.65 38.98
C PRO B 352 24.63 -13.03 38.27
N GLU B 353 23.50 -12.43 38.63
CA GLU B 353 22.22 -12.76 38.00
C GLU B 353 22.21 -12.39 36.52
N ASP B 354 22.70 -11.19 36.19
CA ASP B 354 22.77 -10.75 34.81
C ASP B 354 23.73 -11.60 33.99
N ALA B 355 24.87 -11.99 34.60
CA ALA B 355 25.79 -12.89 33.92
C ALA B 355 25.14 -14.23 33.63
N GLN B 356 24.35 -14.75 34.57
CA GLN B 356 23.66 -16.02 34.36
C GLN B 356 22.67 -15.94 33.22
N LYS B 357 21.90 -14.84 33.14
CA LYS B 357 20.97 -14.69 32.03
C LYS B 357 21.70 -14.58 30.69
N LEU B 358 22.80 -13.84 30.64
CA LEU B 358 23.57 -13.75 29.38
C LEU B 358 24.12 -15.12 28.96
N LEU B 359 24.65 -15.89 29.91
CA LEU B 359 25.20 -17.20 29.57
C LEU B 359 24.12 -18.15 29.08
N VAL B 360 22.94 -18.13 29.70
CA VAL B 360 21.84 -18.96 29.21
C VAL B 360 21.46 -18.55 27.79
N GLY B 361 21.42 -17.25 27.52
CA GLY B 361 21.14 -16.79 26.17
C GLY B 361 22.16 -17.27 25.14
N LEU B 362 23.44 -17.22 25.49
CA LEU B 362 24.48 -17.68 24.55
C LEU B 362 24.44 -19.19 24.36
N ASN B 363 24.14 -19.94 25.42
CA ASN B 363 24.28 -21.40 25.37
C ASN B 363 23.21 -22.03 24.50
N GLN B 364 21.96 -21.63 24.69
CA GLN B 364 20.81 -22.34 24.13
C GLN B 364 20.37 -21.66 22.84
N ARG B 365 21.22 -21.80 21.83
CA ARG B 365 21.00 -21.17 20.54
C ARG B 365 21.73 -21.92 19.44
N THR B 376 19.72 -27.69 21.50
CA THR B 376 21.17 -27.86 21.49
C THR B 376 21.82 -27.10 22.64
N ASN B 377 22.90 -27.67 23.17
CA ASN B 377 23.61 -27.10 24.31
C ASN B 377 25.10 -27.14 24.03
N THR B 378 25.77 -25.99 24.09
CA THR B 378 27.23 -25.98 23.95
C THR B 378 27.92 -26.48 25.22
N MET B 379 27.45 -26.08 26.39
CA MET B 379 28.02 -26.52 27.65
C MET B 379 26.92 -27.05 28.56
N LYS B 380 27.30 -27.88 29.53
CA LYS B 380 26.34 -28.49 30.45
C LYS B 380 25.76 -27.46 31.41
N ASN B 381 24.45 -27.57 31.67
CA ASN B 381 23.75 -26.53 32.40
C ASN B 381 24.07 -26.51 33.89
N TYR B 382 24.38 -27.65 34.49
CA TYR B 382 24.58 -27.70 35.94
C TYR B 382 25.82 -26.93 36.40
N MET B 383 26.73 -26.57 35.50
CA MET B 383 27.86 -25.74 35.87
C MET B 383 27.62 -24.25 35.66
N ILE B 384 26.51 -23.85 35.01
CA ILE B 384 26.32 -22.44 34.68
C ILE B 384 26.29 -21.51 35.89
N PRO B 385 25.60 -21.83 37.00
CA PRO B 385 25.61 -20.87 38.14
C PRO B 385 26.98 -20.58 38.72
N VAL B 386 27.86 -21.58 38.84
CA VAL B 386 29.17 -21.31 39.41
C VAL B 386 30.03 -20.47 38.46
N VAL B 387 29.98 -20.76 37.15
CA VAL B 387 30.74 -19.97 36.18
C VAL B 387 30.28 -18.51 36.19
N ALA B 388 28.97 -18.28 36.22
CA ALA B 388 28.45 -16.91 36.29
C ALA B 388 29.00 -16.18 37.50
N GLN B 389 29.16 -16.87 38.62
CA GLN B 389 29.69 -16.18 39.80
C GLN B 389 31.16 -15.83 39.58
N ALA B 390 31.94 -16.75 39.02
CA ALA B 390 33.37 -16.52 38.87
C ALA B 390 33.63 -15.33 37.95
N PHE B 391 32.98 -15.30 36.78
CA PHE B 391 33.15 -14.19 35.85
C PHE B 391 32.81 -12.87 36.51
N SER B 392 31.83 -12.87 37.42
CA SER B 392 31.43 -11.61 38.03
C SER B 392 32.52 -11.10 38.97
N LYS B 393 33.21 -11.99 39.68
CA LYS B 393 34.24 -11.53 40.59
C LYS B 393 35.50 -11.08 39.85
N TRP B 394 35.89 -11.82 38.81
CA TRP B 394 37.05 -11.44 38.00
C TRP B 394 36.90 -10.04 37.45
N ALA B 395 35.75 -9.75 36.83
CA ALA B 395 35.50 -8.42 36.28
C ALA B 395 35.63 -7.35 37.35
N LYS B 396 35.22 -7.64 38.58
CA LYS B 396 35.33 -6.64 39.63
C LYS B 396 36.80 -6.40 39.98
N GLU B 397 37.58 -7.47 40.12
CA GLU B 397 38.96 -7.32 40.59
C GLU B 397 39.79 -6.52 39.58
N CYS B 398 39.58 -6.74 38.29
CA CYS B 398 40.28 -5.96 37.27
C CYS B 398 40.06 -4.46 37.46
N ARG B 399 38.82 -4.05 37.75
CA ARG B 399 38.57 -2.62 37.93
C ARG B 399 39.36 -2.07 39.10
N LYS B 400 39.49 -2.84 40.17
CA LYS B 400 40.23 -2.34 41.32
C LYS B 400 41.70 -2.12 41.01
N ASP B 401 42.25 -2.91 40.09
CA ASP B 401 43.63 -2.67 39.67
C ASP B 401 43.74 -1.38 38.89
N MET B 402 42.75 -1.07 38.07
CA MET B 402 42.85 0.10 37.20
C MET B 402 42.73 1.41 37.97
N GLU B 403 42.11 1.39 39.14
CA GLU B 403 41.90 2.59 39.93
C GLU B 403 42.98 2.83 40.98
N ASP B 404 43.94 1.92 41.12
CA ASP B 404 45.04 2.10 42.06
C ASP B 404 46.35 1.85 41.32
N GLU B 405 46.81 2.88 40.59
CA GLU B 405 48.05 2.79 39.82
C GLU B 405 49.26 3.01 40.72
N LYS B 406 50.37 2.37 40.37
CA LYS B 406 51.64 2.53 41.05
C LYS B 406 52.62 3.24 40.13
N LEU B 407 53.83 3.48 40.64
CA LEU B 407 54.89 4.08 39.85
C LEU B 407 55.74 3.00 39.20
N LEU B 408 56.18 3.27 37.97
CA LEU B 408 56.98 2.30 37.23
C LEU B 408 58.30 2.01 37.93
N GLY B 409 58.66 0.74 37.98
CA GLY B 409 59.96 0.32 38.47
C GLY B 409 60.13 0.37 39.97
N VAL B 410 59.05 0.36 40.73
CA VAL B 410 59.10 0.63 42.16
C VAL B 410 58.17 -0.33 42.89
N ARG B 411 58.61 -0.80 44.05
CA ARG B 411 57.87 -1.77 44.87
C ARG B 411 57.83 -1.23 46.29
N GLU B 412 56.79 -0.47 46.63
CA GLU B 412 56.73 0.17 47.93
C GLU B 412 56.44 -0.85 49.03
N ARG B 413 57.13 -0.71 50.16
CA ARG B 413 56.99 -1.62 51.28
C ARG B 413 57.03 -0.88 52.61
N THR B 414 56.35 0.25 52.68
CA THR B 414 56.33 1.09 53.88
C THR B 414 55.68 0.36 55.06
N TRP B 421 57.06 -0.71 57.63
CA TRP B 421 58.03 -1.50 56.88
C TRP B 421 57.42 -2.80 56.39
N ALA B 422 56.14 -2.76 56.01
CA ALA B 422 55.44 -3.96 55.56
C ALA B 422 54.55 -3.62 54.37
N PHE B 423 54.24 -4.65 53.60
CA PHE B 423 53.33 -4.55 52.46
C PHE B 423 52.16 -5.49 52.66
N LYS B 424 51.02 -5.10 52.09
CA LYS B 424 49.79 -5.88 52.23
C LYS B 424 49.54 -6.72 50.98
N LYS B 425 48.88 -7.85 51.18
CA LYS B 425 48.42 -8.68 50.09
C LYS B 425 46.97 -8.37 49.79
N GLN B 426 46.64 -8.30 48.51
CA GLN B 426 45.26 -8.13 48.09
C GLN B 426 44.54 -9.47 48.04
N LYS B 427 43.23 -9.43 48.18
CA LYS B 427 42.44 -10.66 48.12
C LYS B 427 42.15 -11.06 46.68
N THR B 428 42.25 -12.35 46.41
CA THR B 428 41.99 -12.91 45.09
C THR B 428 41.01 -14.06 45.22
N HIS B 429 39.87 -13.94 44.54
CA HIS B 429 38.84 -14.97 44.59
C HIS B 429 38.65 -15.75 43.30
N THR B 430 39.31 -15.38 42.21
CA THR B 430 39.16 -16.08 40.93
C THR B 430 40.49 -16.13 40.20
N VAL B 431 40.85 -17.29 39.65
CA VAL B 431 41.89 -17.36 38.63
C VAL B 431 41.26 -17.87 37.34
N TYR B 432 41.57 -17.20 36.23
CA TYR B 432 40.93 -17.42 34.94
C TYR B 432 42.00 -17.47 33.87
N LYS B 433 42.28 -18.65 33.32
CA LYS B 433 43.23 -18.80 32.22
C LYS B 433 42.45 -18.85 30.91
N ARG B 434 42.62 -17.83 30.09
CA ARG B 434 41.90 -17.66 28.83
C ARG B 434 42.51 -18.53 27.73
N PRO B 435 41.75 -18.80 26.67
CA PRO B 435 42.30 -19.53 25.53
C PRO B 435 43.55 -18.84 24.95
N ASP B 436 44.54 -19.68 24.63
CA ASP B 436 45.85 -19.30 24.12
C ASP B 436 46.79 -18.70 25.17
N THR B 437 46.58 -18.96 26.45
CA THR B 437 47.55 -18.63 27.49
C THR B 437 48.17 -19.91 28.03
N GLN B 438 49.15 -19.76 28.92
CA GLN B 438 49.92 -20.89 29.44
C GLN B 438 50.12 -20.79 30.94
N SER B 439 49.94 -21.91 31.63
CA SER B 439 50.28 -22.06 33.05
C SER B 439 51.71 -22.57 33.20
N ILE B 440 52.38 -22.15 34.28
CA ILE B 440 53.76 -22.56 34.56
C ILE B 440 53.96 -22.76 36.05
N GLN B 441 54.43 -23.95 36.45
CA GLN B 441 54.61 -24.30 37.86
C GLN B 441 55.99 -24.89 38.12
N LYS B 442 56.48 -24.70 39.33
CA LYS B 442 57.82 -25.13 39.73
C LYS B 442 57.75 -26.48 40.45
N VAL B 443 58.46 -27.49 39.92
CA VAL B 443 58.44 -28.84 40.47
C VAL B 443 59.87 -29.37 40.57
N GLN B 444 60.01 -30.54 41.18
CA GLN B 444 61.31 -31.19 41.35
C GLN B 444 61.81 -31.77 40.04
N ALA B 445 63.12 -31.65 39.80
CA ALA B 445 63.70 -32.12 38.54
C ALA B 445 64.95 -32.98 38.71
N GLU B 446 65.45 -33.17 39.93
CA GLU B 446 66.60 -34.04 40.19
C GLU B 446 66.19 -35.14 41.15
N PHE B 447 66.29 -36.39 40.70
CA PHE B 447 65.85 -37.54 41.48
C PHE B 447 67.03 -38.49 41.69
N ASP B 448 67.35 -38.78 42.95
CA ASP B 448 68.40 -39.74 43.26
C ASP B 448 67.95 -40.92 44.10
N SER B 449 66.83 -40.82 44.81
CA SER B 449 66.41 -41.85 45.74
C SER B 449 65.41 -42.78 45.08
N PHE B 450 65.72 -44.07 45.06
CA PHE B 450 64.81 -45.09 44.53
C PHE B 450 64.91 -46.31 45.45
N VAL B 451 63.85 -46.56 46.20
CA VAL B 451 63.79 -47.73 47.08
C VAL B 451 62.53 -48.53 46.81
N TRP B 456 58.78 -60.17 47.63
CA TRP B 456 57.72 -60.43 46.67
C TRP B 456 57.06 -61.78 46.93
N SER B 457 55.73 -61.78 46.99
CA SER B 457 54.94 -62.99 47.02
C SER B 457 53.82 -62.86 46.00
N SER B 458 53.34 -64.01 45.50
CA SER B 458 52.49 -64.01 44.31
C SER B 458 51.18 -63.26 44.54
N GLY B 459 50.45 -63.60 45.60
CA GLY B 459 49.16 -63.01 45.86
C GLY B 459 47.98 -63.74 45.25
N LEU B 460 48.22 -64.72 44.39
CA LEU B 460 47.18 -65.58 43.86
C LEU B 460 46.76 -66.60 44.91
N SER B 461 45.63 -67.26 44.66
CA SER B 461 45.07 -68.23 45.59
C SER B 461 44.73 -69.53 44.88
N ILE B 462 44.71 -70.62 45.66
CA ILE B 462 44.51 -71.95 45.08
C ILE B 462 43.17 -72.10 44.38
N PRO B 463 42.03 -71.71 44.98
CA PRO B 463 40.75 -71.87 44.26
C PRO B 463 40.68 -71.14 42.94
N LEU B 464 41.24 -69.93 42.85
CA LEU B 464 41.23 -69.20 41.59
C LEU B 464 42.12 -69.89 40.56
N ARG B 465 43.27 -70.40 40.98
CA ARG B 465 44.13 -71.15 40.08
C ARG B 465 43.41 -72.38 39.54
N THR B 466 42.69 -73.08 40.42
CA THR B 466 41.93 -74.25 40.00
C THR B 466 40.84 -73.87 39.01
N ARG B 467 40.15 -72.76 39.26
CA ARG B 467 39.12 -72.32 38.31
C ARG B 467 39.72 -72.00 36.96
N ILE B 468 40.85 -71.30 36.91
CA ILE B 468 41.48 -70.97 35.64
C ILE B 468 41.96 -72.22 34.93
N LYS B 469 42.58 -73.15 35.66
CA LYS B 469 43.04 -74.39 35.05
C LYS B 469 41.88 -75.20 34.48
N TRP B 470 40.77 -75.28 35.21
CA TRP B 470 39.60 -75.98 34.70
C TRP B 470 39.04 -75.30 33.47
N LEU B 471 38.97 -73.97 33.49
CA LEU B 471 38.39 -73.22 32.39
C LEU B 471 39.25 -73.34 31.14
N LEU B 472 40.56 -73.53 31.30
CA LEU B 472 41.46 -73.64 30.17
C LEU B 472 41.55 -75.07 29.64
N SER B 473 41.85 -76.03 30.52
CA SER B 473 42.11 -77.40 30.11
C SER B 473 40.93 -78.02 29.38
N LYS B 474 39.72 -77.52 29.61
CA LYS B 474 38.52 -77.95 28.88
C LYS B 474 38.30 -79.45 29.03
N ASP C 2 13.94 -61.09 14.46
CA ASP C 2 14.95 -60.06 14.72
C ASP C 2 14.34 -58.77 15.28
N PRO C 3 13.14 -58.38 14.83
CA PRO C 3 12.39 -57.38 15.58
C PRO C 3 11.87 -57.95 16.89
N VAL C 4 11.68 -57.06 17.86
CA VAL C 4 11.04 -57.38 19.12
C VAL C 4 9.73 -56.62 19.18
N TYR C 5 8.67 -57.29 19.61
CA TYR C 5 7.31 -56.76 19.56
C TYR C 5 6.84 -56.45 20.97
N VAL C 6 6.35 -55.23 21.18
CA VAL C 6 5.89 -54.81 22.49
C VAL C 6 4.43 -54.37 22.40
N ASP C 7 3.69 -54.62 23.48
CA ASP C 7 2.24 -54.42 23.52
C ASP C 7 1.92 -53.01 24.02
N ILE C 8 2.19 -52.03 23.17
CA ILE C 8 1.90 -50.63 23.45
C ILE C 8 1.30 -49.99 22.21
N ASP C 9 0.65 -48.85 22.42
CA ASP C 9 0.04 -48.11 21.32
C ASP C 9 1.10 -47.52 20.41
N ALA C 10 0.78 -47.46 19.11
CA ALA C 10 1.75 -47.05 18.11
C ALA C 10 2.10 -45.57 18.19
N ASP C 11 1.29 -44.75 18.83
CA ASP C 11 1.54 -43.32 18.96
C ASP C 11 2.06 -42.94 20.34
N SER C 12 2.49 -43.90 21.16
CA SER C 12 2.99 -43.59 22.48
C SER C 12 4.32 -42.84 22.42
N ALA C 13 4.53 -41.94 23.37
CA ALA C 13 5.81 -41.26 23.51
C ALA C 13 6.88 -42.11 24.18
N PHE C 14 6.49 -43.16 24.91
CA PHE C 14 7.45 -43.99 25.64
C PHE C 14 8.32 -44.82 24.70
N LEU C 15 7.91 -44.92 23.43
CA LEU C 15 8.63 -45.77 22.48
C LEU C 15 10.02 -45.23 22.19
N LYS C 16 10.18 -43.90 22.11
CA LYS C 16 11.51 -43.35 21.83
C LYS C 16 12.46 -43.57 23.00
N ALA C 17 11.96 -43.46 24.24
CA ALA C 17 12.79 -43.77 25.39
C ALA C 17 13.19 -45.24 25.39
N LEU C 18 12.26 -46.13 25.03
CA LEU C 18 12.61 -47.55 24.94
C LEU C 18 13.67 -47.80 23.88
N GLN C 19 13.56 -47.15 22.73
CA GLN C 19 14.53 -47.32 21.67
C GLN C 19 15.91 -46.80 22.07
N ARG C 20 15.98 -45.67 22.77
CA ARG C 20 17.26 -45.19 23.24
C ARG C 20 17.88 -46.11 24.28
N ALA C 21 17.07 -46.75 25.13
CA ALA C 21 17.63 -47.63 26.16
C ALA C 21 18.14 -48.96 25.62
N TYR C 22 17.64 -49.44 24.49
CA TYR C 22 18.05 -50.73 23.92
C TYR C 22 18.49 -50.54 22.47
N PRO C 23 19.66 -49.94 22.25
CA PRO C 23 20.07 -49.63 20.87
C PRO C 23 20.44 -50.85 20.03
N MET C 24 20.58 -52.03 20.63
CA MET C 24 20.96 -53.22 19.87
C MET C 24 19.77 -53.98 19.29
N PHE C 25 18.54 -53.53 19.52
CA PHE C 25 17.36 -54.21 19.01
C PHE C 25 16.62 -53.30 18.05
N GLU C 26 15.50 -53.80 17.55
CA GLU C 26 14.64 -53.07 16.62
C GLU C 26 13.20 -53.29 17.08
N VAL C 27 12.58 -52.24 17.63
CA VAL C 27 11.40 -52.35 18.49
C VAL C 27 10.16 -51.95 17.70
N GLU C 28 9.19 -52.87 17.62
CA GLU C 28 7.91 -52.75 16.93
C GLU C 28 6.75 -52.73 17.92
N PRO C 29 5.83 -51.80 17.77
CA PRO C 29 4.60 -51.82 18.60
C PRO C 29 3.51 -52.70 18.00
N ARG C 30 2.86 -53.51 18.84
CA ARG C 30 1.77 -54.39 18.41
C ARG C 30 0.81 -54.54 19.58
N GLN C 31 -0.24 -53.72 19.64
CA GLN C 31 -1.11 -53.66 20.80
C GLN C 31 -2.21 -54.71 20.71
N VAL C 32 -2.42 -55.43 21.81
CA VAL C 32 -3.47 -56.45 21.86
C VAL C 32 -4.40 -56.33 23.06
N THR C 33 -4.05 -55.63 24.12
CA THR C 33 -4.87 -55.48 25.31
C THR C 33 -4.81 -54.02 25.77
N PRO C 34 -5.80 -53.58 26.58
CA PRO C 34 -5.72 -52.26 27.21
C PRO C 34 -5.09 -52.25 28.61
N ASN C 35 -3.96 -52.94 28.77
CA ASN C 35 -3.31 -53.03 30.08
C ASN C 35 -2.96 -51.65 30.61
N ASP C 36 -3.29 -51.39 31.87
CA ASP C 36 -3.03 -50.07 32.43
C ASP C 36 -1.64 -49.94 33.06
N HIS C 37 -0.81 -50.97 33.00
CA HIS C 37 0.61 -50.88 33.33
C HIS C 37 1.46 -51.49 32.22
N ALA C 38 1.19 -51.07 30.98
CA ALA C 38 1.83 -51.66 29.80
C ALA C 38 3.33 -51.35 29.71
N ASN C 39 3.74 -50.13 30.08
CA ASN C 39 5.14 -49.72 29.93
C ASN C 39 6.08 -50.58 30.79
N ALA C 40 5.67 -50.89 32.01
CA ALA C 40 6.49 -51.72 32.90
C ALA C 40 6.69 -53.12 32.34
N ARG C 41 5.63 -53.72 31.80
CA ARG C 41 5.73 -55.05 31.20
C ARG C 41 6.65 -55.04 29.97
N ALA C 42 6.55 -54.00 29.14
CA ALA C 42 7.43 -53.92 27.98
C ALA C 42 8.90 -53.84 28.39
N PHE C 43 9.22 -53.04 29.41
CA PHE C 43 10.61 -52.94 29.87
C PHE C 43 11.12 -54.30 30.37
N SER C 44 10.30 -55.02 31.14
CA SER C 44 10.75 -56.32 31.65
C SER C 44 11.01 -57.31 30.51
N HIS C 45 10.14 -57.31 29.49
CA HIS C 45 10.30 -58.19 28.34
C HIS C 45 11.64 -57.93 27.63
N LEU C 46 11.94 -56.67 27.35
CA LEU C 46 13.20 -56.36 26.67
C LEU C 46 14.41 -56.70 27.54
N ALA C 47 14.31 -56.52 28.85
CA ALA C 47 15.43 -56.85 29.72
C ALA C 47 15.76 -58.34 29.65
N ILE C 48 14.74 -59.19 29.66
CA ILE C 48 15.01 -60.63 29.56
C ILE C 48 15.67 -60.96 28.23
N LYS C 49 15.20 -60.36 27.13
CA LYS C 49 15.83 -60.60 25.84
C LYS C 49 17.32 -60.26 25.87
N LEU C 50 17.67 -59.09 26.39
CA LEU C 50 19.07 -58.67 26.41
C LEU C 50 19.93 -59.61 27.26
N ILE C 51 19.44 -59.99 28.43
CA ILE C 51 20.21 -60.90 29.29
C ILE C 51 20.45 -62.22 28.58
N GLU C 52 19.42 -62.76 27.91
CA GLU C 52 19.64 -64.01 27.19
C GLU C 52 20.67 -63.85 26.08
N GLN C 53 20.70 -62.68 25.42
CA GLN C 53 21.70 -62.48 24.38
C GLN C 53 23.11 -62.41 24.96
N GLU C 54 23.29 -61.91 26.19
CA GLU C 54 24.65 -61.88 26.75
C GLU C 54 25.26 -63.25 26.99
N ILE C 55 24.55 -64.14 27.67
CA ILE C 55 25.18 -65.35 28.17
C ILE C 55 25.22 -66.42 27.09
N ASP C 56 26.11 -67.42 27.30
CA ASP C 56 26.23 -68.44 26.28
C ASP C 56 25.43 -69.68 26.65
N PRO C 57 24.97 -70.46 25.67
CA PRO C 57 24.24 -71.70 25.99
C PRO C 57 25.17 -72.75 26.60
N ASP C 58 24.62 -73.92 26.90
CA ASP C 58 25.26 -75.01 27.64
C ASP C 58 25.39 -74.69 29.12
N SER C 59 25.05 -73.49 29.54
CA SER C 59 24.98 -73.17 30.96
C SER C 59 23.54 -73.27 31.43
N THR C 60 23.37 -73.71 32.67
CA THR C 60 22.07 -73.84 33.29
C THR C 60 21.79 -72.61 34.15
N ILE C 61 20.55 -72.13 34.12
CA ILE C 61 20.16 -70.86 34.72
C ILE C 61 19.18 -71.13 35.84
N LEU C 62 19.51 -70.71 37.06
CA LEU C 62 18.55 -70.74 38.16
C LEU C 62 17.61 -69.54 38.05
N ASP C 63 16.30 -69.79 38.14
CA ASP C 63 15.29 -68.75 38.10
C ASP C 63 14.67 -68.66 39.48
N ILE C 64 15.08 -67.66 40.25
CA ILE C 64 14.67 -67.51 41.64
C ILE C 64 13.30 -66.84 41.70
N GLY C 65 12.36 -67.48 42.40
CA GLY C 65 11.00 -67.01 42.49
C GLY C 65 10.30 -66.96 41.15
N SER C 66 10.39 -68.05 40.41
CA SER C 66 10.02 -68.07 39.00
C SER C 66 8.50 -68.05 38.80
N ALA C 67 8.10 -67.63 37.61
CA ALA C 67 6.76 -67.87 37.07
C ALA C 67 6.92 -68.77 35.85
N PRO C 68 6.75 -70.08 35.99
CA PRO C 68 7.26 -71.01 34.97
C PRO C 68 6.70 -70.83 33.57
N ALA C 69 5.45 -70.40 33.44
CA ALA C 69 4.84 -70.26 32.12
C ALA C 69 5.56 -69.24 31.24
N ARG C 70 6.31 -68.30 31.84
CA ARG C 70 7.06 -67.36 31.02
C ARG C 70 8.27 -68.00 30.36
N ARG C 71 8.81 -69.07 30.94
CA ARG C 71 10.02 -69.70 30.40
C ARG C 71 9.72 -70.90 29.52
N MET C 72 8.46 -71.14 29.18
CA MET C 72 8.09 -72.43 28.60
C MET C 72 8.45 -72.54 27.12
N MET C 73 8.38 -71.46 26.36
CA MET C 73 8.79 -71.47 24.95
C MET C 73 10.17 -70.90 24.72
N SER C 74 11.10 -71.14 25.65
CA SER C 74 12.48 -70.72 25.51
C SER C 74 13.36 -71.93 25.23
N ASP C 75 14.40 -71.74 24.43
CA ASP C 75 15.31 -72.83 24.11
C ASP C 75 16.45 -73.01 25.09
N ARG C 76 16.64 -72.08 26.03
CA ARG C 76 17.71 -72.20 27.01
C ARG C 76 17.32 -73.19 28.10
N LYS C 77 18.20 -73.38 29.08
CA LYS C 77 18.01 -74.39 30.13
C LYS C 77 17.76 -73.70 31.47
N TYR C 78 16.50 -73.63 31.87
CA TYR C 78 16.10 -73.00 33.11
C TYR C 78 15.77 -74.05 34.17
N HIS C 79 16.09 -73.73 35.42
CA HIS C 79 15.66 -74.49 36.58
C HIS C 79 14.87 -73.53 37.46
N CYS C 80 13.56 -73.74 37.54
CA CYS C 80 12.65 -72.79 38.18
C CYS C 80 12.48 -73.14 39.65
N VAL C 81 12.75 -72.17 40.53
CA VAL C 81 12.63 -72.37 41.96
C VAL C 81 11.32 -71.74 42.39
N CYS C 82 10.35 -72.56 42.76
CA CYS C 82 9.00 -72.05 43.09
C CYS C 82 8.46 -72.50 44.41
N PRO C 83 8.65 -71.68 45.43
CA PRO C 83 8.03 -72.04 46.68
C PRO C 83 6.59 -71.41 46.74
N MET C 84 5.63 -72.05 47.33
CA MET C 84 4.29 -71.45 47.36
C MET C 84 4.06 -70.54 48.56
N ARG C 85 4.75 -69.41 48.68
CA ARG C 85 4.67 -68.48 49.79
C ARG C 85 3.76 -67.29 49.54
N SER C 86 3.24 -67.14 48.34
CA SER C 86 2.43 -65.99 47.94
C SER C 86 1.05 -66.45 47.50
N ALA C 87 0.06 -65.60 47.71
CA ALA C 87 -1.32 -65.94 47.35
C ALA C 87 -1.55 -66.01 45.85
N GLU C 88 -0.63 -65.51 45.04
CA GLU C 88 -0.73 -65.57 43.59
C GLU C 88 -0.13 -66.82 42.99
N ASP C 89 0.51 -67.68 43.78
CA ASP C 89 1.29 -68.80 43.27
C ASP C 89 0.45 -69.99 42.76
N PRO C 90 -0.60 -70.43 43.48
CA PRO C 90 -1.37 -71.58 42.96
C PRO C 90 -1.95 -71.35 41.57
N GLU C 91 -2.39 -70.12 41.29
CA GLU C 91 -2.92 -69.82 39.97
C GLU C 91 -1.82 -69.83 38.90
N ARG C 92 -0.62 -69.37 39.25
CA ARG C 92 0.50 -69.46 38.32
C ARG C 92 0.85 -70.91 38.01
N LEU C 93 0.86 -71.77 39.03
CA LEU C 93 1.14 -73.19 38.81
C LEU C 93 0.07 -73.85 37.93
N ALA C 94 -1.20 -73.58 38.23
CA ALA C 94 -2.27 -74.15 37.40
C ALA C 94 -2.17 -73.66 35.96
N ASN C 95 -1.82 -72.39 35.76
CA ASN C 95 -1.67 -71.86 34.42
C ASN C 95 -0.51 -72.54 33.68
N TYR C 96 0.57 -72.84 34.39
CA TYR C 96 1.68 -73.57 33.78
C TYR C 96 1.25 -74.96 33.34
N ALA C 97 0.55 -75.69 34.20
CA ALA C 97 0.11 -77.02 33.84
C ALA C 97 -0.86 -76.99 32.66
N ARG C 98 -1.76 -76.00 32.63
CA ARG C 98 -2.68 -75.85 31.52
C ARG C 98 -1.95 -75.59 30.21
N LYS C 99 -1.02 -74.62 30.22
CA LYS C 99 -0.21 -74.34 29.03
C LYS C 99 0.55 -75.57 28.57
N LEU C 100 1.11 -76.34 29.51
CA LEU C 100 1.85 -77.54 29.13
C LEU C 100 0.94 -78.55 28.45
N ALA C 101 -0.20 -78.85 29.07
CA ALA C 101 -1.09 -79.86 28.52
C ALA C 101 -1.66 -79.46 27.18
N SER C 102 -1.91 -78.17 26.96
CA SER C 102 -2.54 -77.75 25.70
C SER C 102 -1.66 -78.06 24.51
N ALA C 103 -0.36 -77.80 24.60
CA ALA C 103 0.57 -78.01 23.49
C ALA C 103 1.52 -79.13 23.89
N ALA C 104 1.11 -80.37 23.64
CA ALA C 104 1.89 -81.53 24.03
C ALA C 104 2.48 -82.30 22.85
N GLY C 105 1.90 -82.16 21.65
CA GLY C 105 2.47 -82.78 20.48
C GLY C 105 2.67 -81.78 19.36
N LYS C 106 1.99 -80.64 19.47
CA LYS C 106 2.08 -79.62 18.42
C LYS C 106 3.43 -78.94 18.42
N VAL C 107 4.06 -78.80 19.58
CA VAL C 107 5.38 -78.19 19.72
C VAL C 107 6.39 -79.28 20.03
N LEU C 108 7.47 -79.34 19.27
CA LEU C 108 8.44 -80.41 19.39
C LEU C 108 9.85 -79.96 19.73
N ASP C 109 10.24 -78.72 19.39
CA ASP C 109 11.60 -78.26 19.64
C ASP C 109 11.90 -78.18 21.12
N ARG C 110 10.94 -77.71 21.91
CA ARG C 110 11.15 -77.55 23.34
C ARG C 110 10.97 -78.87 24.06
N ASN C 111 11.61 -78.97 25.22
CA ASN C 111 11.57 -80.19 26.02
C ASN C 111 10.22 -80.33 26.73
N ILE C 112 9.15 -80.37 25.91
CA ILE C 112 7.80 -80.39 26.46
C ILE C 112 7.55 -81.66 27.25
N SER C 113 7.89 -82.81 26.66
CA SER C 113 7.66 -84.09 27.34
C SER C 113 8.48 -84.19 28.61
N GLY C 114 9.74 -83.74 28.56
CA GLY C 114 10.55 -83.74 29.76
C GLY C 114 9.97 -82.86 30.85
N LYS C 115 9.43 -81.70 30.47
CA LYS C 115 8.81 -80.81 31.46
C LYS C 115 7.59 -81.46 32.10
N ILE C 116 6.76 -82.12 31.28
CA ILE C 116 5.58 -82.81 31.82
C ILE C 116 6.00 -83.90 32.80
N GLY C 117 6.99 -84.70 32.40
CA GLY C 117 7.47 -85.75 33.29
C GLY C 117 8.04 -85.21 34.59
N ASP C 118 8.79 -84.11 34.51
CA ASP C 118 9.36 -83.52 35.72
C ASP C 118 8.27 -83.02 36.66
N LEU C 119 7.25 -82.36 36.10
CA LEU C 119 6.16 -81.89 36.95
C LEU C 119 5.43 -83.05 37.61
N GLN C 120 5.17 -84.13 36.86
CA GLN C 120 4.51 -85.28 37.46
C GLN C 120 5.36 -85.91 38.56
N ALA C 121 6.66 -86.04 38.32
CA ALA C 121 7.54 -86.64 39.30
C ALA C 121 7.58 -85.79 40.57
N VAL C 122 7.56 -84.47 40.42
CA VAL C 122 7.55 -83.60 41.61
C VAL C 122 6.24 -83.74 42.36
N MET C 123 5.11 -83.81 41.64
CA MET C 123 3.83 -84.01 42.30
C MET C 123 3.79 -85.31 43.09
N ALA C 124 4.41 -86.38 42.56
CA ALA C 124 4.41 -87.65 43.27
C ALA C 124 5.16 -87.55 44.60
N VAL C 125 6.40 -87.06 44.56
CA VAL C 125 7.21 -86.90 45.76
C VAL C 125 7.67 -85.44 45.80
N PRO C 126 7.29 -84.66 46.82
CA PRO C 126 7.51 -83.21 46.78
C PRO C 126 8.91 -82.76 47.17
N ASP C 127 9.82 -83.66 47.51
CA ASP C 127 11.16 -83.30 47.95
C ASP C 127 12.22 -83.83 46.98
N THR C 128 11.97 -83.70 45.69
CA THR C 128 12.91 -84.18 44.68
C THR C 128 13.28 -83.06 43.72
N GLU C 129 14.56 -82.95 43.40
CA GLU C 129 15.01 -82.02 42.38
C GLU C 129 14.90 -82.67 41.01
N THR C 130 14.46 -81.89 40.03
CA THR C 130 14.41 -82.29 38.64
C THR C 130 15.09 -81.21 37.83
N PRO C 131 15.52 -81.50 36.61
CA PRO C 131 16.25 -80.49 35.82
C PRO C 131 15.47 -79.20 35.56
N THR C 132 14.15 -79.20 35.61
CA THR C 132 13.39 -78.01 35.23
C THR C 132 12.50 -77.43 36.32
N PHE C 133 12.45 -78.01 37.52
CA PHE C 133 11.44 -77.60 38.49
C PHE C 133 11.77 -78.15 39.85
N CYS C 134 11.38 -77.43 40.89
CA CYS C 134 11.47 -77.87 42.28
C CYS C 134 10.63 -76.94 43.14
N LEU C 135 10.45 -77.31 44.41
CA LEU C 135 9.59 -76.58 45.33
C LEU C 135 10.34 -76.04 46.54
N HIS C 136 11.63 -75.79 46.42
CA HIS C 136 12.42 -75.31 47.55
C HIS C 136 12.52 -73.79 47.53
N THR C 137 13.21 -73.24 48.53
CA THR C 137 13.51 -71.82 48.57
C THR C 137 14.90 -71.57 48.00
N ASP C 138 15.31 -70.29 48.00
CA ASP C 138 16.61 -69.93 47.48
C ASP C 138 17.74 -70.51 48.33
N VAL C 139 17.47 -70.75 49.61
CA VAL C 139 18.47 -71.29 50.52
C VAL C 139 18.52 -72.82 50.54
N SER C 140 17.42 -73.50 50.24
CA SER C 140 17.37 -74.95 50.40
C SER C 140 17.34 -75.71 49.07
N CYS C 141 17.52 -75.04 47.94
CA CYS C 141 17.68 -75.74 46.67
C CYS C 141 19.09 -76.32 46.56
N ARG C 142 19.22 -77.44 45.85
CA ARG C 142 20.49 -78.15 45.73
C ARG C 142 20.96 -78.34 44.30
N GLN C 143 20.29 -77.76 43.32
CA GLN C 143 20.76 -77.83 41.95
C GLN C 143 21.98 -76.90 41.76
N ARG C 144 22.97 -77.36 41.01
CA ARG C 144 24.18 -76.59 40.76
C ARG C 144 24.11 -75.94 39.38
N ALA C 145 24.59 -74.70 39.29
CA ALA C 145 24.50 -73.93 38.05
C ALA C 145 25.61 -72.87 38.06
N ASP C 146 25.59 -71.99 37.08
CA ASP C 146 26.54 -70.89 37.05
C ASP C 146 25.94 -69.52 36.74
N VAL C 147 24.63 -69.41 36.51
CA VAL C 147 23.96 -68.13 36.35
C VAL C 147 22.69 -68.14 37.18
N ALA C 148 22.41 -67.03 37.85
CA ALA C 148 21.17 -66.83 38.59
C ALA C 148 20.48 -65.56 38.11
N ILE C 149 19.15 -65.57 38.11
CA ILE C 149 18.36 -64.43 37.67
C ILE C 149 17.31 -64.09 38.73
N TYR C 150 17.13 -62.80 38.99
CA TYR C 150 16.10 -62.29 39.88
C TYR C 150 15.25 -61.29 39.09
N GLN C 151 14.01 -61.61 38.83
CA GLN C 151 13.13 -60.72 38.06
C GLN C 151 11.99 -60.25 38.97
N ASP C 152 12.03 -58.96 39.33
CA ASP C 152 11.02 -58.33 40.18
C ASP C 152 10.86 -59.05 41.52
N VAL C 153 11.98 -59.34 42.17
CA VAL C 153 12.02 -60.04 43.43
C VAL C 153 12.43 -59.06 44.52
N TYR C 154 11.56 -58.85 45.50
CA TYR C 154 11.80 -57.87 46.54
C TYR C 154 11.76 -58.46 47.94
N ALA C 155 11.68 -59.79 48.06
CA ALA C 155 11.34 -60.43 49.32
C ALA C 155 12.51 -61.11 50.02
N VAL C 156 13.74 -60.99 49.51
CA VAL C 156 14.88 -61.66 50.14
C VAL C 156 15.93 -60.63 50.54
N HIS C 157 16.76 -61.04 51.50
CA HIS C 157 17.91 -60.27 51.95
C HIS C 157 19.10 -60.59 51.04
N ALA C 158 19.59 -59.58 50.33
CA ALA C 158 20.47 -59.83 49.19
C ALA C 158 21.78 -60.53 49.52
N PRO C 159 22.56 -60.14 50.54
CA PRO C 159 23.84 -60.84 50.76
C PRO C 159 23.72 -62.30 51.16
N THR C 160 22.75 -62.66 52.00
CA THR C 160 22.54 -64.06 52.36
C THR C 160 22.20 -64.90 51.14
N SER C 161 21.28 -64.40 50.31
CA SER C 161 20.89 -65.11 49.10
C SER C 161 22.06 -65.28 48.15
N LEU C 162 22.84 -64.22 47.93
CA LEU C 162 23.99 -64.30 47.01
C LEU C 162 25.05 -65.26 47.52
N TYR C 163 25.30 -65.28 48.83
CA TYR C 163 26.26 -66.23 49.38
C TYR C 163 25.82 -67.66 49.15
N HIS C 164 24.53 -67.94 49.34
CA HIS C 164 24.05 -69.30 49.12
C HIS C 164 24.08 -69.69 47.65
N GLN C 165 23.96 -68.72 46.74
CA GLN C 165 24.18 -69.05 45.33
C GLN C 165 25.65 -69.28 45.03
N ALA C 166 26.56 -68.56 45.69
CA ALA C 166 27.98 -68.65 45.37
C ALA C 166 28.58 -69.97 45.83
N ILE C 167 28.17 -70.48 46.99
CA ILE C 167 28.77 -71.73 47.46
C ILE C 167 28.33 -72.92 46.61
N LYS C 168 27.50 -72.67 45.60
CA LYS C 168 27.05 -73.70 44.68
C LYS C 168 27.63 -73.54 43.27
N GLY C 169 28.58 -72.62 43.09
CA GLY C 169 29.25 -72.48 41.81
C GLY C 169 28.71 -71.44 40.86
N VAL C 170 27.85 -70.54 41.32
CA VAL C 170 27.34 -69.48 40.45
C VAL C 170 28.35 -68.34 40.40
N ARG C 171 28.60 -67.83 39.20
CA ARG C 171 29.58 -66.78 39.00
C ARG C 171 28.99 -65.46 38.52
N LEU C 172 27.72 -65.42 38.11
CA LEU C 172 27.15 -64.25 37.48
C LEU C 172 25.66 -64.17 37.81
N ALA C 173 25.17 -62.99 38.18
CA ALA C 173 23.78 -62.81 38.55
C ALA C 173 23.25 -61.49 38.03
N TYR C 174 21.93 -61.44 37.76
CA TYR C 174 21.26 -60.26 37.27
C TYR C 174 20.04 -59.94 38.13
N TRP C 175 19.76 -58.65 38.28
CA TRP C 175 18.60 -58.17 39.05
C TRP C 175 17.87 -57.10 38.25
N VAL C 176 16.55 -57.24 38.10
CA VAL C 176 15.71 -56.32 37.34
C VAL C 176 14.68 -55.71 38.28
N GLY C 177 14.56 -54.38 38.30
CA GLY C 177 13.56 -53.80 39.18
C GLY C 177 13.58 -52.29 39.25
N PHE C 178 12.74 -51.76 40.13
CA PHE C 178 12.65 -50.31 40.36
C PHE C 178 13.87 -49.81 41.12
N ASP C 179 14.35 -48.63 40.73
CA ASP C 179 15.51 -48.00 41.35
C ASP C 179 15.32 -47.80 42.86
N THR C 180 16.34 -48.17 43.63
CA THR C 180 16.29 -48.14 45.09
C THR C 180 16.74 -46.81 45.69
N THR C 181 17.14 -45.83 44.87
CA THR C 181 17.64 -44.56 45.41
C THR C 181 16.66 -43.79 46.30
N PRO C 182 15.37 -43.65 45.97
CA PRO C 182 14.48 -42.88 46.87
C PRO C 182 14.36 -43.44 48.28
N PHE C 183 14.59 -44.74 48.48
CA PHE C 183 14.54 -45.30 49.82
C PHE C 183 15.83 -45.09 50.61
N MET C 184 16.94 -44.80 49.94
CA MET C 184 18.15 -44.43 50.65
C MET C 184 18.09 -43.00 51.18
N TYR C 185 17.34 -42.12 50.51
CA TYR C 185 17.09 -40.78 51.01
C TYR C 185 15.99 -40.74 52.08
N ASN C 186 15.29 -41.85 52.33
CA ASN C 186 14.33 -41.99 53.43
C ASN C 186 13.07 -41.12 53.29
N ALA C 187 12.49 -41.11 52.09
CA ALA C 187 11.29 -40.33 51.84
C ALA C 187 10.04 -41.03 52.40
N MET C 188 8.98 -40.25 52.61
CA MET C 188 7.73 -40.80 53.12
C MET C 188 6.76 -41.26 52.03
N ALA C 189 6.77 -40.69 50.83
CA ALA C 189 5.92 -41.13 49.72
C ALA C 189 6.58 -40.71 48.40
N GLY C 190 6.13 -41.30 47.29
CA GLY C 190 6.72 -40.92 46.02
C GLY C 190 6.03 -41.47 44.79
N ALA C 191 6.60 -41.13 43.62
CA ALA C 191 6.05 -41.46 42.32
C ALA C 191 7.11 -41.93 41.33
N TYR C 192 6.73 -42.87 40.46
CA TYR C 192 7.44 -43.19 39.21
C TYR C 192 6.46 -42.91 38.08
N PRO C 193 6.44 -41.68 37.57
CA PRO C 193 5.33 -41.23 36.71
C PRO C 193 5.29 -41.80 35.30
N SER C 194 6.44 -42.15 34.73
CA SER C 194 6.45 -42.78 33.41
C SER C 194 5.82 -44.17 33.42
N TYR C 195 5.73 -44.82 34.57
CA TYR C 195 5.19 -46.17 34.67
C TYR C 195 3.83 -46.22 35.36
N SER C 196 3.17 -45.08 35.53
CA SER C 196 1.90 -44.98 36.25
C SER C 196 1.99 -45.61 37.63
N THR C 197 3.07 -45.36 38.36
CA THR C 197 3.26 -46.03 39.64
C THR C 197 3.37 -45.03 40.77
N ASN C 198 2.69 -45.32 41.89
CA ASN C 198 2.79 -44.48 43.08
C ASN C 198 3.00 -45.34 44.33
N TRP C 199 3.67 -44.79 45.34
CA TRP C 199 3.92 -45.55 46.57
C TRP C 199 3.82 -44.65 47.79
N ALA C 200 3.50 -45.27 48.94
CA ALA C 200 3.32 -44.50 50.17
C ALA C 200 3.58 -45.34 51.42
N ASP C 201 4.06 -44.67 52.46
CA ASP C 201 4.12 -45.19 53.81
C ASP C 201 2.72 -45.42 54.39
N GLU C 202 2.59 -46.47 55.19
CA GLU C 202 1.28 -46.85 55.73
C GLU C 202 0.66 -45.76 56.60
N GLN C 203 1.47 -44.91 57.23
CA GLN C 203 0.94 -43.87 58.10
C GLN C 203 0.27 -42.71 57.37
N VAL C 204 0.41 -42.56 56.06
CA VAL C 204 -0.16 -41.41 55.36
C VAL C 204 -1.18 -41.84 54.31
N LEU C 205 -1.79 -43.00 54.44
CA LEU C 205 -2.78 -43.43 53.46
C LEU C 205 -4.08 -42.63 53.51
N LYS C 206 -4.31 -41.84 54.56
CA LYS C 206 -5.48 -40.98 54.64
C LYS C 206 -5.16 -39.52 54.33
N ALA C 207 -4.18 -39.26 53.48
CA ALA C 207 -3.89 -37.91 53.02
C ALA C 207 -4.89 -37.48 51.95
N LYS C 208 -4.68 -36.32 51.38
CA LYS C 208 -5.61 -35.74 50.41
C LYS C 208 -5.02 -35.51 49.03
N ASN C 209 -3.77 -35.06 48.92
CA ASN C 209 -3.25 -34.59 47.62
C ASN C 209 -1.97 -35.30 47.16
N ILE C 210 -1.71 -36.52 47.60
CA ILE C 210 -0.58 -37.29 47.07
C ILE C 210 -1.12 -38.32 46.08
N GLY C 211 -0.23 -39.05 45.42
CA GLY C 211 -0.63 -39.98 44.38
C GLY C 211 -1.54 -41.11 44.85
N LEU C 212 -1.21 -41.74 45.97
CA LEU C 212 -1.96 -42.90 46.47
C LEU C 212 -2.53 -42.60 47.85
N CYS C 213 -3.83 -42.29 47.94
CA CYS C 213 -4.46 -41.89 49.18
C CYS C 213 -5.98 -41.82 49.01
N SER C 214 -6.69 -41.59 50.11
CA SER C 214 -8.15 -41.46 50.11
C SER C 214 -8.63 -40.85 51.42
N THR C 215 -9.57 -39.90 51.34
CA THR C 215 -10.11 -39.24 52.53
C THR C 215 -11.56 -38.82 52.28
N ASP C 216 -12.18 -38.15 53.26
CA ASP C 216 -13.60 -37.81 53.17
C ASP C 216 -13.88 -36.39 53.67
N LEU C 217 -15.11 -35.93 53.42
CA LEU C 217 -15.54 -34.57 53.75
C LEU C 217 -15.87 -34.41 55.23
N THR C 218 -15.56 -33.25 55.80
CA THR C 218 -15.84 -32.94 57.19
C THR C 218 -16.10 -31.45 57.35
N GLU C 219 -16.77 -31.09 58.45
CA GLU C 219 -16.98 -29.69 58.80
C GLU C 219 -15.95 -29.15 59.79
N GLY C 220 -15.12 -29.99 60.40
CA GLY C 220 -14.03 -29.47 61.19
C GLY C 220 -14.29 -29.18 62.67
N ARG C 221 -14.61 -30.20 63.45
CA ARG C 221 -14.72 -30.03 64.89
C ARG C 221 -13.35 -29.73 65.51
N ARG C 222 -13.35 -28.88 66.53
CA ARG C 222 -12.11 -28.54 67.21
C ARG C 222 -11.74 -29.48 68.34
N GLY C 223 -12.63 -30.38 68.74
CA GLY C 223 -12.32 -31.17 69.90
C GLY C 223 -11.27 -32.24 69.71
N LYS C 224 -11.65 -33.34 69.04
CA LYS C 224 -10.78 -34.48 68.78
C LYS C 224 -9.82 -34.76 69.94
N LEU C 225 -10.35 -34.72 71.16
CA LEU C 225 -9.52 -34.79 72.36
C LEU C 225 -9.09 -36.23 72.58
N SER C 226 -7.82 -36.51 72.29
CA SER C 226 -7.21 -37.81 72.54
C SER C 226 -5.98 -37.62 73.41
N ILE C 227 -5.88 -38.41 74.48
CA ILE C 227 -4.76 -38.30 75.40
C ILE C 227 -3.49 -38.93 74.84
N MET C 228 -3.61 -39.83 73.87
CA MET C 228 -2.47 -40.54 73.31
C MET C 228 -1.63 -39.56 72.51
N ARG C 229 -0.47 -39.18 73.05
CA ARG C 229 0.42 -38.21 72.42
C ARG C 229 1.26 -38.89 71.35
N GLY C 230 0.99 -38.58 70.09
CA GLY C 230 1.82 -39.09 69.02
C GLY C 230 3.14 -38.38 68.94
N LYS C 231 3.09 -37.11 68.53
CA LYS C 231 4.19 -36.16 68.65
C LYS C 231 5.40 -36.42 67.77
N LYS C 232 5.42 -37.52 67.00
CA LYS C 232 6.45 -37.67 65.98
C LYS C 232 5.87 -38.40 64.78
N LEU C 233 6.22 -37.94 63.59
CA LEU C 233 5.82 -38.54 62.33
C LEU C 233 7.10 -38.90 61.59
N GLU C 234 7.51 -40.16 61.68
CA GLU C 234 8.71 -40.66 61.06
C GLU C 234 8.39 -41.87 60.21
N PRO C 235 9.19 -42.14 59.18
CA PRO C 235 8.96 -43.33 58.35
C PRO C 235 9.07 -44.63 59.16
N CYS C 236 8.24 -45.60 58.77
CA CYS C 236 8.21 -46.94 59.36
C CYS C 236 8.45 -47.97 58.27
N ASP C 237 8.58 -49.23 58.68
CA ASP C 237 9.04 -50.28 57.77
C ASP C 237 8.05 -50.64 56.68
N ARG C 238 6.75 -50.45 56.93
CA ARG C 238 5.72 -50.95 56.01
C ARG C 238 5.43 -49.94 54.90
N VAL C 239 5.48 -50.38 53.65
CA VAL C 239 5.21 -49.51 52.51
C VAL C 239 4.25 -50.21 51.54
N LEU C 240 3.44 -49.42 50.84
CA LEU C 240 2.50 -49.93 49.83
C LEU C 240 2.83 -49.36 48.47
N PHE C 241 2.86 -50.24 47.45
CA PHE C 241 3.16 -49.92 46.06
C PHE C 241 1.92 -50.14 45.20
N SER C 242 1.66 -49.25 44.24
CA SER C 242 0.58 -49.43 43.28
C SER C 242 1.12 -49.25 41.87
N VAL C 243 1.10 -50.33 41.09
CA VAL C 243 1.56 -50.36 39.71
C VAL C 243 0.33 -50.51 38.82
N GLY C 244 -0.05 -49.43 38.14
CA GLY C 244 -1.36 -49.39 37.52
C GLY C 244 -2.45 -49.49 38.55
N SER C 245 -3.16 -50.62 38.58
CA SER C 245 -4.10 -50.90 39.66
C SER C 245 -3.74 -52.16 40.44
N THR C 246 -2.52 -52.68 40.28
CA THR C 246 -2.07 -53.85 41.04
C THR C 246 -1.34 -53.40 42.30
N LEU C 247 -1.71 -53.98 43.44
CA LEU C 247 -1.17 -53.61 44.75
C LEU C 247 -0.11 -54.59 45.24
N TYR C 248 0.99 -54.05 45.79
CA TYR C 248 2.05 -54.87 46.40
C TYR C 248 2.55 -54.27 47.71
N PRO C 249 2.52 -54.99 48.81
CA PRO C 249 3.17 -54.50 50.03
C PRO C 249 4.66 -54.85 50.08
N GLU C 250 5.44 -53.97 50.73
CA GLU C 250 6.89 -54.13 50.79
C GLU C 250 7.46 -53.67 52.13
N SER C 251 8.71 -54.08 52.36
CA SER C 251 9.49 -53.78 53.57
C SER C 251 10.69 -52.91 53.22
N ARG C 252 10.93 -51.87 54.02
CA ARG C 252 12.02 -50.93 53.75
C ARG C 252 13.40 -51.57 53.89
N LYS C 253 13.57 -52.47 54.86
CA LYS C 253 14.86 -53.11 55.08
C LYS C 253 15.28 -53.94 53.87
N LEU C 254 14.38 -54.76 53.34
CA LEU C 254 14.72 -55.61 52.22
C LEU C 254 14.97 -54.81 50.96
N LEU C 255 14.24 -53.71 50.76
CA LEU C 255 14.51 -52.84 49.62
C LEU C 255 15.88 -52.20 49.73
N LYS C 256 16.23 -51.69 50.90
CA LYS C 256 17.55 -51.09 51.08
C LYS C 256 18.68 -52.10 50.87
N SER C 257 18.45 -53.37 51.20
CA SER C 257 19.53 -54.35 51.09
C SER C 257 20.01 -54.58 49.65
N TRP C 258 19.25 -54.19 48.63
CA TRP C 258 19.70 -54.35 47.26
C TRP C 258 20.42 -53.13 46.69
N HIS C 259 20.64 -52.08 47.49
CA HIS C 259 21.43 -50.91 47.08
C HIS C 259 22.90 -51.16 47.43
N LEU C 260 23.55 -51.96 46.61
CA LEU C 260 24.85 -52.55 46.90
C LEU C 260 26.01 -51.64 46.47
N PRO C 261 27.12 -51.66 47.19
CA PRO C 261 28.29 -50.87 46.80
C PRO C 261 29.05 -51.52 45.65
N SER C 262 29.99 -50.76 45.09
CA SER C 262 30.67 -51.21 43.89
C SER C 262 31.62 -52.39 44.16
N VAL C 263 32.11 -52.55 45.38
CA VAL C 263 32.99 -53.66 45.75
C VAL C 263 32.59 -54.17 47.14
N PHE C 264 32.50 -55.49 47.30
CA PHE C 264 32.25 -56.01 48.65
C PHE C 264 32.78 -57.43 48.81
N HIS C 265 32.90 -57.86 50.07
CA HIS C 265 33.46 -59.15 50.45
C HIS C 265 32.43 -60.00 51.18
N LEU C 266 32.34 -61.29 50.83
CA LEU C 266 31.49 -62.26 51.53
C LEU C 266 32.39 -63.26 52.24
N LYS C 267 32.38 -63.24 53.57
CA LYS C 267 33.35 -63.98 54.38
C LYS C 267 32.66 -65.00 55.26
N GLY C 268 32.62 -66.25 54.81
CA GLY C 268 32.05 -67.34 55.59
C GLY C 268 33.03 -68.49 55.72
N LYS C 269 32.52 -69.70 55.56
CA LYS C 269 33.39 -70.87 55.48
C LYS C 269 34.29 -70.78 54.25
N LEU C 270 33.73 -70.35 53.13
CA LEU C 270 34.47 -69.93 51.96
C LEU C 270 34.33 -68.42 51.80
N SER C 271 35.20 -67.83 50.99
CA SER C 271 35.25 -66.39 50.85
C SER C 271 35.14 -65.98 49.39
N PHE C 272 34.54 -64.82 49.15
CA PHE C 272 34.33 -64.32 47.80
C PHE C 272 34.49 -62.81 47.74
N THR C 273 34.86 -62.32 46.55
CA THR C 273 35.01 -60.91 46.25
C THR C 273 34.05 -60.56 45.11
N CYS C 274 33.22 -59.53 45.30
CA CYS C 274 32.10 -59.27 44.39
C CYS C 274 32.01 -57.81 43.97
N ARG C 275 31.43 -57.59 42.79
CA ARG C 275 31.22 -56.27 42.19
C ARG C 275 29.77 -56.13 41.69
N CYS C 276 29.28 -54.89 41.67
CA CYS C 276 27.93 -54.59 41.19
C CYS C 276 27.93 -53.34 40.33
N ASP C 277 27.46 -53.46 39.08
CA ASP C 277 27.37 -52.36 38.13
C ASP C 277 25.94 -52.22 37.61
N THR C 278 25.58 -51.01 37.19
CA THR C 278 24.29 -50.72 36.58
C THR C 278 24.44 -50.62 35.06
N VAL C 279 23.76 -51.50 34.33
CA VAL C 279 23.97 -51.57 32.89
C VAL C 279 22.80 -51.06 32.06
N VAL C 280 21.60 -50.95 32.62
CA VAL C 280 20.47 -50.30 31.94
C VAL C 280 19.73 -49.46 32.97
N SER C 281 19.32 -48.25 32.55
CA SER C 281 18.61 -47.31 33.41
C SER C 281 17.66 -46.47 32.57
N CYS C 282 16.35 -46.56 32.83
CA CYS C 282 15.34 -45.88 32.02
C CYS C 282 14.24 -45.33 32.92
N GLU C 283 14.30 -44.02 33.19
CA GLU C 283 13.24 -43.27 33.89
C GLU C 283 12.81 -43.92 35.21
N GLY C 284 13.73 -44.56 35.92
CA GLY C 284 13.43 -45.19 37.19
C GLY C 284 13.35 -46.70 37.20
N TYR C 285 13.59 -47.36 36.08
CA TYR C 285 13.70 -48.83 36.02
C TYR C 285 15.13 -49.23 35.66
N VAL C 286 15.69 -50.23 36.36
CA VAL C 286 17.10 -50.57 36.17
C VAL C 286 17.35 -52.07 36.05
N VAL C 287 18.51 -52.38 35.46
CA VAL C 287 19.10 -53.72 35.40
C VAL C 287 20.50 -53.69 36.00
N LYS C 288 20.77 -54.57 36.97
CA LYS C 288 22.08 -54.66 37.63
C LYS C 288 22.74 -56.00 37.37
N ARG C 289 24.07 -55.97 37.14
CA ARG C 289 24.89 -57.15 36.88
C ARG C 289 25.90 -57.34 38.00
N ILE C 290 26.01 -58.56 38.53
CA ILE C 290 26.85 -58.86 39.70
C ILE C 290 27.75 -60.04 39.37
N THR C 291 29.04 -59.92 39.69
CA THR C 291 30.02 -60.99 39.51
C THR C 291 30.63 -61.37 40.85
N MET C 292 30.97 -62.66 41.00
CA MET C 292 31.55 -63.17 42.25
C MET C 292 32.72 -64.08 41.95
N SER C 293 33.78 -63.99 42.76
CA SER C 293 35.04 -64.73 42.57
C SER C 293 35.57 -65.30 43.88
N PRO C 294 36.15 -66.50 43.86
CA PRO C 294 36.64 -67.10 45.10
C PRO C 294 37.93 -66.45 45.57
N GLY C 295 38.03 -66.25 46.88
CA GLY C 295 39.18 -65.61 47.48
C GLY C 295 38.94 -64.14 47.77
N LEU C 296 39.88 -63.55 48.50
CA LEU C 296 39.81 -62.15 48.91
C LEU C 296 40.89 -61.32 48.21
N TYR C 297 40.49 -60.25 47.54
CA TYR C 297 41.39 -59.35 46.83
C TYR C 297 40.98 -57.90 47.01
N GLY C 298 41.97 -57.01 47.05
CA GLY C 298 41.71 -55.59 47.08
C GLY C 298 41.24 -55.11 48.45
N LYS C 299 40.58 -53.95 48.44
CA LYS C 299 39.96 -53.41 49.64
C LYS C 299 38.70 -52.65 49.27
N THR C 300 37.87 -52.41 50.28
CA THR C 300 36.56 -51.82 50.11
C THR C 300 36.54 -50.40 50.68
N THR C 301 35.68 -49.56 50.12
CA THR C 301 35.43 -48.23 50.67
C THR C 301 34.06 -48.09 51.31
N GLY C 302 33.06 -48.80 50.82
CA GLY C 302 31.72 -48.67 51.35
C GLY C 302 30.88 -47.56 50.76
N TYR C 303 31.11 -47.19 49.51
CA TYR C 303 30.36 -46.12 48.86
C TYR C 303 29.58 -46.67 47.67
N ALA C 304 28.35 -46.18 47.50
CA ALA C 304 27.49 -46.52 46.37
C ALA C 304 27.10 -45.25 45.63
N VAL C 305 27.12 -45.32 44.29
CA VAL C 305 26.96 -44.16 43.42
C VAL C 305 25.78 -44.35 42.48
N THR C 306 25.01 -43.29 42.27
CA THR C 306 23.94 -43.26 41.28
C THR C 306 24.18 -42.11 40.30
N HIS C 307 24.05 -42.39 39.00
CA HIS C 307 24.16 -41.38 37.95
C HIS C 307 22.77 -40.94 37.50
N HIS C 308 22.53 -39.63 37.47
CA HIS C 308 21.21 -39.07 37.16
C HIS C 308 21.18 -38.58 35.70
N ALA C 309 20.42 -39.27 34.85
CA ALA C 309 20.22 -38.79 33.48
C ALA C 309 19.05 -37.82 33.38
N ASP C 310 17.98 -38.03 34.14
CA ASP C 310 16.93 -37.05 34.34
C ASP C 310 17.08 -36.43 35.73
N GLY C 311 16.34 -35.36 35.99
CA GLY C 311 16.42 -34.70 37.28
C GLY C 311 15.71 -35.47 38.38
N PHE C 312 16.26 -35.41 39.59
CA PHE C 312 15.67 -36.06 40.76
C PHE C 312 15.41 -35.02 41.86
N LEU C 313 14.23 -35.09 42.48
CA LEU C 313 13.78 -34.08 43.44
C LEU C 313 13.26 -34.70 44.72
N MET C 314 13.61 -34.09 45.85
CA MET C 314 13.02 -34.42 47.16
C MET C 314 12.70 -33.14 47.90
N CYS C 315 11.50 -33.05 48.48
CA CYS C 315 11.07 -31.79 49.08
C CYS C 315 10.05 -31.99 50.19
N LYS C 316 9.89 -30.94 50.98
CA LYS C 316 8.95 -30.90 52.10
C LYS C 316 7.60 -30.34 51.66
N THR C 317 6.52 -30.99 52.07
CA THR C 317 5.17 -30.59 51.69
C THR C 317 4.25 -30.64 52.91
N THR C 318 3.16 -29.87 52.82
CA THR C 318 2.16 -29.74 53.88
C THR C 318 0.82 -30.27 53.40
N ASP C 319 0.16 -31.09 54.21
CA ASP C 319 -1.10 -31.72 53.83
C ASP C 319 -1.97 -31.90 55.08
N THR C 320 -3.15 -32.48 54.90
CA THR C 320 -3.97 -32.94 56.03
C THR C 320 -4.09 -34.45 55.98
N VAL C 321 -3.88 -35.09 57.11
CA VAL C 321 -4.02 -36.53 57.24
C VAL C 321 -5.13 -36.79 58.24
N ASP C 322 -6.19 -37.44 57.77
CA ASP C 322 -7.41 -37.65 58.55
C ASP C 322 -7.91 -36.33 59.17
N GLY C 323 -7.70 -35.23 58.47
CA GLY C 323 -8.15 -33.93 58.92
C GLY C 323 -7.15 -33.11 59.71
N GLU C 324 -5.99 -33.67 60.08
CA GLU C 324 -5.00 -32.94 60.88
C GLU C 324 -3.85 -32.49 59.99
N ARG C 325 -3.47 -31.22 60.10
CA ARG C 325 -2.46 -30.63 59.23
C ARG C 325 -1.04 -30.97 59.67
N VAL C 326 -0.23 -31.51 58.75
CA VAL C 326 1.13 -31.97 59.04
C VAL C 326 2.06 -31.67 57.85
N SER C 327 3.35 -31.93 58.05
CA SER C 327 4.38 -31.79 57.02
C SER C 327 5.23 -33.06 56.91
N PHE C 328 5.63 -33.42 55.68
CA PHE C 328 6.48 -34.58 55.46
C PHE C 328 7.11 -34.49 54.06
N SER C 329 7.98 -35.45 53.74
CA SER C 329 8.81 -35.37 52.54
C SER C 329 8.34 -36.27 51.41
N VAL C 330 8.54 -35.81 50.18
CA VAL C 330 8.03 -36.42 48.95
C VAL C 330 9.08 -36.33 47.85
N CYS C 331 9.18 -37.36 46.99
CA CYS C 331 10.21 -37.42 45.95
C CYS C 331 9.63 -37.74 44.57
N THR C 332 10.30 -37.27 43.51
CA THR C 332 9.86 -37.54 42.14
C THR C 332 10.99 -37.32 41.11
N TYR C 333 10.70 -37.67 39.85
CA TYR C 333 11.60 -37.54 38.70
C TYR C 333 11.08 -36.51 37.71
N VAL C 334 11.98 -35.77 37.07
CA VAL C 334 11.64 -34.69 36.14
C VAL C 334 12.42 -34.83 34.84
N PRO C 335 11.78 -34.68 33.68
CA PRO C 335 12.50 -34.84 32.40
C PRO C 335 13.56 -33.77 32.15
N ALA C 336 14.60 -34.17 31.41
CA ALA C 336 15.80 -33.36 31.28
C ALA C 336 15.57 -32.05 30.51
N THR C 337 14.72 -32.07 29.48
CA THR C 337 14.49 -30.86 28.70
C THR C 337 13.84 -29.76 29.53
N ILE C 338 12.91 -30.11 30.41
CA ILE C 338 12.26 -29.14 31.28
C ILE C 338 13.26 -28.54 32.26
N CYS C 339 14.11 -29.39 32.85
CA CYS C 339 15.17 -28.93 33.73
C CYS C 339 16.09 -27.94 33.02
N ASP C 340 16.47 -28.25 31.78
CA ASP C 340 17.32 -27.34 31.02
C ASP C 340 16.62 -26.02 30.73
N GLN C 341 15.31 -26.06 30.47
CA GLN C 341 14.58 -24.84 30.15
C GLN C 341 14.27 -23.98 31.38
N MET C 342 14.46 -24.48 32.60
CA MET C 342 14.27 -23.65 33.79
C MET C 342 15.53 -22.95 34.30
N THR C 343 16.67 -23.11 33.63
CA THR C 343 17.94 -22.62 34.18
C THR C 343 17.95 -21.10 34.36
N GLY C 344 17.43 -20.35 33.39
CA GLY C 344 17.42 -18.91 33.48
C GLY C 344 16.50 -18.36 34.56
N ILE C 345 15.31 -18.97 34.72
CA ILE C 345 14.32 -18.47 35.68
C ILE C 345 14.83 -18.55 37.10
N LEU C 346 15.56 -19.61 37.43
CA LEU C 346 15.94 -19.87 38.81
C LEU C 346 17.10 -19.00 39.29
N ALA C 347 17.60 -18.08 38.47
CA ALA C 347 18.63 -17.14 38.94
C ALA C 347 18.09 -16.13 39.92
N THR C 348 16.79 -15.85 39.88
CA THR C 348 16.14 -14.91 40.78
C THR C 348 15.19 -15.64 41.71
N GLU C 349 14.53 -14.88 42.57
CA GLU C 349 13.49 -15.42 43.44
C GLU C 349 12.16 -15.38 42.72
N VAL C 350 11.45 -16.50 42.72
CA VAL C 350 10.20 -16.67 41.99
C VAL C 350 9.18 -17.26 42.96
N THR C 351 7.94 -16.77 42.89
CA THR C 351 6.87 -17.32 43.72
C THR C 351 6.40 -18.66 43.17
N PRO C 352 5.77 -19.49 44.01
CA PRO C 352 5.23 -20.77 43.50
C PRO C 352 4.18 -20.62 42.39
N GLU C 353 3.32 -19.61 42.46
CA GLU C 353 2.29 -19.43 41.44
C GLU C 353 2.88 -19.12 40.07
N ASP C 354 3.88 -18.23 40.04
CA ASP C 354 4.55 -17.89 38.79
C ASP C 354 5.31 -19.09 38.22
N ALA C 355 5.95 -19.86 39.09
CA ALA C 355 6.63 -21.08 38.64
C ALA C 355 5.63 -22.05 38.03
N GLN C 356 4.46 -22.20 38.64
CA GLN C 356 3.44 -23.09 38.11
C GLN C 356 2.97 -22.66 36.72
N LYS C 357 2.76 -21.35 36.53
CA LYS C 357 2.36 -20.87 35.21
C LYS C 357 3.45 -21.10 34.17
N LEU C 358 4.72 -20.85 34.53
CA LEU C 358 5.81 -21.12 33.58
C LEU C 358 5.90 -22.60 33.21
N LEU C 359 5.75 -23.49 34.19
CA LEU C 359 5.83 -24.92 33.90
C LEU C 359 4.68 -25.38 33.01
N VAL C 360 3.48 -24.88 33.25
CA VAL C 360 2.36 -25.21 32.37
C VAL C 360 2.64 -24.73 30.95
N GLY C 361 3.20 -23.53 30.82
CA GLY C 361 3.56 -23.03 29.50
C GLY C 361 4.57 -23.91 28.78
N LEU C 362 5.60 -24.37 29.50
CA LEU C 362 6.62 -25.22 28.88
C LEU C 362 6.06 -26.60 28.53
N ASN C 363 5.18 -27.14 29.37
CA ASN C 363 4.75 -28.53 29.22
C ASN C 363 3.85 -28.71 28.01
N GLN C 364 2.87 -27.84 27.85
CA GLN C 364 1.78 -28.06 26.91
C GLN C 364 2.07 -27.30 25.61
N ARG C 365 3.07 -27.80 24.90
CA ARG C 365 3.52 -27.16 23.68
C ARG C 365 4.22 -28.17 22.78
N THR C 376 -0.39 -32.60 23.54
CA THR C 376 0.80 -33.33 23.94
C THR C 376 1.29 -32.87 25.32
N ASN C 377 1.85 -33.81 26.09
CA ASN C 377 2.31 -33.52 27.43
C ASN C 377 3.68 -34.17 27.63
N THR C 378 4.68 -33.38 28.00
CA THR C 378 5.99 -33.94 28.30
C THR C 378 6.00 -34.64 29.66
N MET C 379 5.38 -34.05 30.67
CA MET C 379 5.30 -34.65 32.00
C MET C 379 3.85 -34.66 32.47
N LYS C 380 3.55 -35.55 33.42
CA LYS C 380 2.20 -35.71 33.94
C LYS C 380 1.79 -34.51 34.79
N ASN C 381 0.53 -34.08 34.62
CA ASN C 381 0.09 -32.82 35.20
C ASN C 381 -0.10 -32.90 36.72
N TYR C 382 -0.47 -34.05 37.26
CA TYR C 382 -0.77 -34.13 38.70
C TYR C 382 0.45 -33.90 39.59
N MET C 383 1.67 -33.97 39.05
CA MET C 383 2.86 -33.64 39.82
C MET C 383 3.29 -32.17 39.69
N ILE C 384 2.69 -31.39 38.79
CA ILE C 384 3.17 -30.03 38.56
C ILE C 384 3.10 -29.13 39.79
N PRO C 385 2.04 -29.12 40.60
CA PRO C 385 2.05 -28.21 41.77
C PRO C 385 3.17 -28.47 42.78
N VAL C 386 3.51 -29.73 43.05
CA VAL C 386 4.58 -29.98 44.01
C VAL C 386 5.94 -29.58 43.45
N VAL C 387 6.20 -29.86 42.18
CA VAL C 387 7.47 -29.47 41.56
C VAL C 387 7.63 -27.95 41.58
N ALA C 388 6.57 -27.22 41.24
CA ALA C 388 6.63 -25.75 41.29
C ALA C 388 6.99 -25.26 42.67
N GLN C 389 6.52 -25.93 43.72
CA GLN C 389 6.87 -25.48 45.06
C GLN C 389 8.35 -25.74 45.34
N ALA C 390 8.84 -26.92 44.95
CA ALA C 390 10.23 -27.27 45.25
C ALA C 390 11.21 -26.32 44.59
N PHE C 391 11.02 -26.07 43.29
CA PHE C 391 11.89 -25.14 42.56
C PHE C 391 11.90 -23.77 43.22
N SER C 392 10.76 -23.35 43.78
CA SER C 392 10.71 -22.03 44.38
C SER C 392 11.55 -21.96 45.64
N LYS C 393 11.58 -23.03 46.43
CA LYS C 393 12.36 -22.99 47.66
C LYS C 393 13.85 -23.10 47.37
N TRP C 394 14.24 -23.96 46.43
CA TRP C 394 15.65 -24.11 46.06
C TRP C 394 16.23 -22.77 45.63
N ALA C 395 15.54 -22.07 44.73
CA ALA C 395 16.01 -20.77 44.27
C ALA C 395 16.20 -19.80 45.42
N LYS C 396 15.34 -19.87 46.44
CA LYS C 396 15.49 -18.97 47.57
C LYS C 396 16.75 -19.32 48.37
N GLU C 397 16.97 -20.61 48.63
CA GLU C 397 18.07 -21.00 49.50
C GLU C 397 19.41 -20.63 48.89
N CYS C 398 19.55 -20.78 47.57
CA CYS C 398 20.78 -20.38 46.89
C CYS C 398 21.11 -18.91 47.17
N ARG C 399 20.10 -18.03 47.10
CA ARG C 399 20.37 -16.61 47.34
C ARG C 399 20.91 -16.39 48.74
N LYS C 400 20.38 -17.12 49.72
CA LYS C 400 20.86 -16.91 51.08
C LYS C 400 22.31 -17.31 51.25
N ASP C 401 22.78 -18.28 50.47
CA ASP C 401 24.20 -18.62 50.52
C ASP C 401 25.05 -17.49 49.94
N MET C 402 24.55 -16.84 48.89
CA MET C 402 25.37 -15.84 48.22
C MET C 402 25.52 -14.56 49.04
N GLU C 403 24.61 -14.30 49.96
CA GLU C 403 24.64 -13.10 50.76
C GLU C 403 25.33 -13.27 52.11
N ASP C 404 25.77 -14.49 52.44
CA ASP C 404 26.50 -14.73 53.69
C ASP C 404 27.78 -15.49 53.35
N GLU C 405 28.80 -14.76 52.90
CA GLU C 405 30.08 -15.36 52.55
C GLU C 405 30.92 -15.61 53.78
N LYS C 406 31.75 -16.65 53.72
CA LYS C 406 32.70 -16.99 54.77
C LYS C 406 34.12 -16.75 54.27
N LEU C 407 35.10 -16.99 55.13
CA LEU C 407 36.50 -16.89 54.77
C LEU C 407 37.03 -18.23 54.30
N LEU C 408 37.91 -18.20 53.30
CA LEU C 408 38.47 -19.42 52.74
C LEU C 408 39.26 -20.20 53.77
N GLY C 409 39.07 -21.51 53.80
CA GLY C 409 39.88 -22.39 54.61
C GLY C 409 39.57 -22.37 56.09
N VAL C 410 38.38 -21.93 56.48
CA VAL C 410 38.09 -21.66 57.88
C VAL C 410 36.68 -22.15 58.19
N ARG C 411 36.50 -22.72 59.38
CA ARG C 411 35.24 -23.29 59.83
C ARG C 411 34.96 -22.74 61.22
N GLU C 412 34.24 -21.62 61.31
CA GLU C 412 34.02 -20.98 62.59
C GLU C 412 33.03 -21.76 63.44
N ARG C 413 33.33 -21.88 64.74
CA ARG C 413 32.49 -22.63 65.67
C ARG C 413 32.40 -21.93 67.01
N THR C 414 32.23 -20.61 66.98
CA THR C 414 32.14 -19.80 68.21
C THR C 414 30.92 -20.18 69.06
N TRP C 421 30.89 -21.63 71.79
CA TRP C 421 31.67 -22.75 71.30
C TRP C 421 30.79 -23.72 70.51
N ALA C 422 29.81 -23.19 69.77
CA ALA C 422 28.89 -24.03 69.01
C ALA C 422 28.64 -23.40 67.65
N PHE C 423 28.21 -24.24 66.72
CA PHE C 423 27.82 -23.82 65.38
C PHE C 423 26.37 -24.21 65.12
N LYS C 424 25.72 -23.42 64.28
CA LYS C 424 24.32 -23.64 63.95
C LYS C 424 24.17 -24.35 62.61
N LYS C 425 23.10 -25.12 62.49
CA LYS C 425 22.72 -25.74 61.23
C LYS C 425 21.68 -24.87 60.54
N GLN C 426 21.83 -24.72 59.23
CA GLN C 426 20.83 -24.02 58.43
C GLN C 426 19.72 -24.98 58.04
N LYS C 427 18.55 -24.42 57.78
CA LYS C 427 17.41 -25.23 57.36
C LYS C 427 17.46 -25.52 55.86
N THR C 428 17.13 -26.75 55.51
CA THR C 428 17.12 -27.21 54.13
C THR C 428 15.78 -27.86 53.83
N HIS C 429 15.06 -27.32 52.85
CA HIS C 429 13.75 -27.86 52.49
C HIS C 429 13.69 -28.54 51.13
N THR C 430 14.75 -28.48 50.33
CA THR C 430 14.76 -29.10 49.00
C THR C 430 16.12 -29.70 48.71
N VAL C 431 16.17 -30.92 48.18
CA VAL C 431 17.37 -31.42 47.51
C VAL C 431 17.03 -31.69 46.06
N TYR C 432 17.91 -31.23 45.17
CA TYR C 432 17.68 -31.22 43.73
C TYR C 432 18.93 -31.72 43.03
N LYS C 433 18.89 -32.93 42.48
CA LYS C 433 20.01 -33.48 41.71
C LYS C 433 19.72 -33.25 40.22
N ARG C 434 20.52 -32.39 39.59
CA ARG C 434 20.37 -32.00 38.20
C ARG C 434 20.90 -33.07 37.26
N PRO C 435 20.48 -33.04 36.00
CA PRO C 435 21.05 -33.96 35.00
C PRO C 435 22.56 -33.85 34.91
N ASP C 436 23.21 -35.01 34.82
CA ASP C 436 24.66 -35.20 34.77
C ASP C 436 25.36 -34.99 36.11
N THR C 437 24.67 -35.12 37.23
CA THR C 437 25.31 -35.15 38.54
C THR C 437 25.19 -36.57 39.11
N GLN C 438 25.81 -36.80 40.27
CA GLN C 438 25.88 -38.12 40.88
C GLN C 438 25.61 -38.07 42.37
N SER C 439 24.80 -39.00 42.86
CA SER C 439 24.60 -39.23 44.28
C SER C 439 25.59 -40.27 44.82
N ILE C 440 25.99 -40.12 46.08
CA ILE C 440 26.94 -41.03 46.72
C ILE C 440 26.56 -41.25 48.18
N GLN C 441 26.38 -42.52 48.58
CA GLN C 441 25.96 -42.87 49.93
C GLN C 441 26.84 -43.95 50.53
N LYS C 442 26.96 -43.94 51.86
CA LYS C 442 27.83 -44.85 52.59
C LYS C 442 27.02 -46.04 53.12
N VAL C 443 27.42 -47.26 52.72
CA VAL C 443 26.71 -48.49 53.11
C VAL C 443 27.71 -49.54 53.58
N GLN C 444 27.19 -50.65 54.08
CA GLN C 444 28.01 -51.75 54.57
C GLN C 444 28.64 -52.52 53.42
N ALA C 445 29.89 -52.93 53.60
CA ALA C 445 30.62 -53.63 52.54
C ALA C 445 31.31 -54.91 52.98
N GLU C 446 31.29 -55.25 54.27
CA GLU C 446 31.87 -56.50 54.78
C GLU C 446 30.79 -57.31 55.45
N PHE C 447 30.53 -58.52 54.93
CA PHE C 447 29.46 -59.38 55.43
C PHE C 447 30.05 -60.70 55.88
N ASP C 448 29.82 -61.07 57.15
CA ASP C 448 30.26 -62.35 57.66
C ASP C 448 29.15 -63.23 58.20
N SER C 449 28.00 -62.68 58.55
CA SER C 449 26.93 -63.43 59.20
C SER C 449 25.92 -63.90 58.17
N PHE C 450 25.69 -65.21 58.12
CA PHE C 450 24.69 -65.80 57.23
C PHE C 450 24.01 -66.92 58.01
N VAL C 451 22.75 -66.72 58.39
CA VAL C 451 21.98 -67.75 59.08
C VAL C 451 20.65 -67.98 58.37
N TRP C 456 12.68 -77.15 56.83
CA TRP C 456 11.96 -77.01 55.58
C TRP C 456 10.78 -77.98 55.50
N SER C 457 9.62 -77.44 55.14
CA SER C 457 8.45 -78.24 54.81
C SER C 457 7.85 -77.69 53.52
N SER C 458 7.15 -78.57 52.78
CA SER C 458 6.80 -78.27 51.39
C SER C 458 5.88 -77.06 51.30
N GLY C 459 4.78 -77.05 52.05
CA GLY C 459 3.81 -75.99 51.96
C GLY C 459 2.69 -76.20 50.96
N LEU C 460 2.80 -77.23 50.11
CA LEU C 460 1.73 -77.62 49.21
C LEU C 460 0.64 -78.36 49.97
N SER C 461 -0.51 -78.53 49.33
CA SER C 461 -1.67 -79.17 49.95
C SER C 461 -2.23 -80.25 49.04
N ILE C 462 -2.92 -81.21 49.66
CA ILE C 462 -3.42 -82.37 48.92
C ILE C 462 -4.41 -82.00 47.83
N PRO C 463 -5.44 -81.16 48.10
CA PRO C 463 -6.39 -80.83 47.02
C PRO C 463 -5.75 -80.17 45.81
N LEU C 464 -4.78 -79.28 46.02
CA LEU C 464 -4.09 -78.65 44.90
C LEU C 464 -3.26 -79.66 44.11
N ARG C 465 -2.59 -80.58 44.81
CA ARG C 465 -1.85 -81.63 44.14
C ARG C 465 -2.78 -82.49 43.29
N THR C 466 -3.95 -82.81 43.84
CA THR C 466 -4.92 -83.60 43.09
C THR C 466 -5.42 -82.85 41.86
N ARG C 467 -5.66 -81.54 41.99
CA ARG C 467 -6.08 -80.76 40.84
C ARG C 467 -5.01 -80.75 39.76
N ILE C 468 -3.75 -80.56 40.14
CA ILE C 468 -2.67 -80.53 39.15
C ILE C 468 -2.51 -81.89 38.49
N LYS C 469 -2.56 -82.97 39.28
CA LYS C 469 -2.45 -84.31 38.72
C LYS C 469 -3.58 -84.61 37.74
N TRP C 470 -4.81 -84.23 38.10
CA TRP C 470 -5.93 -84.42 37.19
C TRP C 470 -5.76 -83.61 35.92
N LEU C 471 -5.32 -82.36 36.06
CA LEU C 471 -5.19 -81.47 34.91
C LEU C 471 -4.09 -81.95 33.97
N LEU C 472 -3.09 -82.65 34.50
CA LEU C 472 -1.98 -83.14 33.69
C LEU C 472 -2.29 -84.50 33.07
N SER C 473 -2.67 -85.48 33.90
CA SER C 473 -2.85 -86.85 33.45
C SER C 473 -3.89 -86.97 32.34
N LYS C 474 -4.81 -86.01 32.23
CA LYS C 474 -5.78 -85.97 31.15
C LYS C 474 -6.60 -87.25 31.06
N ASP D 2 -16.01 -61.17 11.76
CA ASP D 2 -14.83 -60.62 12.41
C ASP D 2 -15.05 -59.17 12.89
N PRO D 3 -15.78 -58.35 12.14
CA PRO D 3 -16.29 -57.11 12.73
C PRO D 3 -17.37 -57.39 13.75
N VAL D 4 -17.50 -56.47 14.70
CA VAL D 4 -18.59 -56.48 15.67
C VAL D 4 -19.45 -55.25 15.41
N TYR D 5 -20.76 -55.44 15.43
CA TYR D 5 -21.71 -54.42 15.03
C TYR D 5 -22.45 -53.90 16.25
N VAL D 6 -22.48 -52.59 16.42
CA VAL D 6 -23.14 -51.98 17.57
C VAL D 6 -24.20 -51.00 17.09
N ASP D 7 -25.28 -50.90 17.86
CA ASP D 7 -26.47 -50.14 17.48
C ASP D 7 -26.36 -48.71 18.00
N ILE D 8 -25.48 -47.93 17.37
CA ILE D 8 -25.28 -46.53 17.70
C ILE D 8 -25.16 -45.75 16.41
N ASP D 9 -25.35 -44.44 16.53
CA ASP D 9 -25.25 -43.55 15.38
C ASP D 9 -23.81 -43.46 14.89
N ALA D 10 -23.66 -43.31 13.57
CA ALA D 10 -22.34 -43.34 12.95
C ALA D 10 -21.49 -42.12 13.28
N ASP D 11 -22.09 -41.03 13.72
CA ASP D 11 -21.36 -39.82 14.07
C ASP D 11 -21.19 -39.63 15.57
N SER D 12 -21.45 -40.65 16.37
CA SER D 12 -21.32 -40.54 17.82
C SER D 12 -19.86 -40.38 18.24
N ALA D 13 -19.64 -39.62 19.30
CA ALA D 13 -18.31 -39.49 19.89
C ALA D 13 -17.92 -40.68 20.76
N PHE D 14 -18.89 -41.46 21.23
CA PHE D 14 -18.61 -42.58 22.12
C PHE D 14 -17.87 -43.71 21.40
N LEU D 15 -17.86 -43.68 20.08
CA LEU D 15 -17.28 -44.77 19.31
C LEU D 15 -15.76 -44.84 19.50
N LYS D 16 -15.09 -43.69 19.61
CA LYS D 16 -13.64 -43.72 19.80
C LYS D 16 -13.27 -44.26 21.18
N ALA D 17 -14.05 -43.92 22.20
CA ALA D 17 -13.83 -44.51 23.52
C ALA D 17 -14.03 -46.01 23.49
N LEU D 18 -15.07 -46.48 22.78
CA LEU D 18 -15.28 -47.91 22.66
C LEU D 18 -14.13 -48.59 21.95
N GLN D 19 -13.61 -47.99 20.89
CA GLN D 19 -12.49 -48.57 20.16
C GLN D 19 -11.23 -48.62 21.01
N ARG D 20 -10.96 -47.59 21.80
CA ARG D 20 -9.81 -47.64 22.69
C ARG D 20 -9.96 -48.70 23.77
N ALA D 21 -11.17 -48.94 24.26
CA ALA D 21 -11.35 -49.94 25.32
C ALA D 21 -11.25 -51.39 24.83
N TYR D 22 -11.51 -51.66 23.56
CA TYR D 22 -11.48 -53.02 23.01
C TYR D 22 -10.56 -53.07 21.79
N PRO D 23 -9.24 -52.98 21.99
CA PRO D 23 -8.33 -52.90 20.84
C PRO D 23 -8.21 -54.20 20.04
N MET D 24 -8.73 -55.31 20.52
CA MET D 24 -8.62 -56.58 19.80
C MET D 24 -9.76 -56.82 18.81
N PHE D 25 -10.73 -55.91 18.71
CA PHE D 25 -11.85 -56.08 17.79
C PHE D 25 -11.84 -54.98 16.75
N GLU D 26 -12.84 -55.01 15.89
CA GLU D 26 -13.02 -54.02 14.82
C GLU D 26 -14.49 -53.64 14.81
N VAL D 27 -14.80 -52.41 15.24
CA VAL D 27 -16.13 -52.02 15.69
C VAL D 27 -16.81 -51.18 14.61
N GLU D 28 -17.98 -51.65 14.15
CA GLU D 28 -18.82 -51.04 13.12
C GLU D 28 -20.14 -50.55 13.71
N PRO D 29 -20.53 -49.33 13.38
CA PRO D 29 -21.86 -48.84 13.79
C PRO D 29 -22.96 -49.22 12.81
N ARG D 30 -24.09 -49.68 13.32
CA ARG D 30 -25.24 -50.07 12.50
C ARG D 30 -26.51 -49.81 13.31
N GLN D 31 -27.11 -48.63 13.13
CA GLN D 31 -28.22 -48.20 13.97
C GLN D 31 -29.55 -48.72 13.45
N VAL D 32 -30.36 -49.28 14.35
CA VAL D 32 -31.68 -49.79 13.97
C VAL D 32 -32.82 -49.28 14.85
N THR D 33 -32.57 -48.74 16.03
CA THR D 33 -33.61 -48.25 16.92
C THR D 33 -33.14 -46.92 17.53
N PRO D 34 -34.08 -46.09 18.04
CA PRO D 34 -33.70 -44.89 18.79
C PRO D 34 -33.60 -45.10 20.31
N ASN D 35 -32.93 -46.17 20.73
CA ASN D 35 -32.82 -46.48 22.17
C ASN D 35 -32.16 -45.33 22.92
N ASP D 36 -32.75 -44.93 24.03
CA ASP D 36 -32.19 -43.80 24.77
C ASP D 36 -31.13 -44.22 25.80
N HIS D 37 -30.80 -45.50 25.90
CA HIS D 37 -29.64 -45.96 26.64
C HIS D 37 -28.77 -46.89 25.79
N ALA D 38 -28.45 -46.44 24.57
CA ALA D 38 -27.75 -47.27 23.60
C ALA D 38 -26.30 -47.59 23.99
N ASN D 39 -25.60 -46.61 24.58
CA ASN D 39 -24.17 -46.80 24.91
C ASN D 39 -23.97 -47.94 25.92
N ALA D 40 -24.84 -48.02 26.92
CA ALA D 40 -24.72 -49.08 27.93
C ALA D 40 -24.91 -50.47 27.32
N ARG D 41 -25.89 -50.60 26.42
CA ARG D 41 -26.12 -51.88 25.75
C ARG D 41 -24.94 -52.27 24.86
N ALA D 42 -24.36 -51.30 24.15
CA ALA D 42 -23.19 -51.62 23.33
C ALA D 42 -22.01 -52.12 24.17
N PHE D 43 -21.75 -51.47 25.31
CA PHE D 43 -20.66 -51.92 26.18
C PHE D 43 -20.89 -53.36 26.67
N SER D 44 -22.13 -53.67 27.09
CA SER D 44 -22.40 -55.03 27.56
C SER D 44 -22.20 -56.07 26.46
N HIS D 45 -22.63 -55.76 25.24
CA HIS D 45 -22.46 -56.66 24.10
C HIS D 45 -20.98 -56.98 23.87
N LEU D 46 -20.14 -55.95 23.82
CA LEU D 46 -18.71 -56.18 23.58
C LEU D 46 -18.07 -56.95 24.74
N ALA D 47 -18.52 -56.70 25.97
CA ALA D 47 -17.95 -57.43 27.10
C ALA D 47 -18.20 -58.93 26.99
N ILE D 48 -19.42 -59.30 26.59
CA ILE D 48 -19.70 -60.74 26.44
C ILE D 48 -18.84 -61.34 25.34
N LYS D 49 -18.68 -60.63 24.22
CA LYS D 49 -17.80 -61.15 23.16
C LYS D 49 -16.39 -61.43 23.68
N LEU D 50 -15.81 -60.47 24.40
CA LEU D 50 -14.43 -60.64 24.88
C LEU D 50 -14.32 -61.82 25.85
N ILE D 51 -15.27 -61.93 26.77
CA ILE D 51 -15.22 -63.05 27.72
C ILE D 51 -15.29 -64.38 27.00
N GLU D 52 -16.18 -64.49 26.00
CA GLU D 52 -16.25 -65.74 25.25
C GLU D 52 -14.94 -66.03 24.52
N GLN D 53 -14.26 -65.00 24.04
CA GLN D 53 -12.97 -65.24 23.37
C GLN D 53 -11.90 -65.72 24.35
N GLU D 54 -11.95 -65.30 25.62
CA GLU D 54 -10.94 -65.79 26.56
C GLU D 54 -11.02 -67.28 26.83
N ILE D 55 -12.19 -67.79 27.18
CA ILE D 55 -12.26 -69.14 27.72
C ILE D 55 -12.29 -70.17 26.60
N ASP D 56 -11.99 -71.43 26.96
CA ASP D 56 -11.95 -72.45 25.93
C ASP D 56 -13.24 -73.26 25.92
N PRO D 57 -13.62 -73.82 24.76
CA PRO D 57 -14.83 -74.65 24.73
C PRO D 57 -14.63 -75.96 25.48
N ASP D 58 -15.65 -76.82 25.48
CA ASP D 58 -15.75 -78.04 26.26
C ASP D 58 -15.99 -77.76 27.74
N SER D 59 -15.95 -76.51 28.16
CA SER D 59 -16.33 -76.15 29.51
C SER D 59 -17.77 -75.66 29.51
N THR D 60 -18.48 -75.96 30.60
CA THR D 60 -19.86 -75.54 30.77
C THR D 60 -19.89 -74.28 31.63
N ILE D 61 -20.78 -73.35 31.28
CA ILE D 61 -20.81 -72.03 31.86
C ILE D 61 -22.13 -71.84 32.60
N LEU D 62 -22.07 -71.55 33.90
CA LEU D 62 -23.25 -71.16 34.64
C LEU D 62 -23.58 -69.70 34.37
N ASP D 63 -24.83 -69.41 34.04
CA ASP D 63 -25.30 -68.05 33.80
C ASP D 63 -26.24 -67.68 34.93
N ILE D 64 -25.74 -66.91 35.89
CA ILE D 64 -26.48 -66.56 37.09
C ILE D 64 -27.43 -65.41 36.81
N GLY D 65 -28.72 -65.61 37.13
CA GLY D 65 -29.74 -64.63 36.84
C GLY D 65 -29.90 -64.34 35.37
N SER D 66 -30.01 -65.40 34.58
CA SER D 66 -29.89 -65.31 33.13
C SER D 66 -31.14 -64.69 32.48
N ALA D 67 -30.94 -64.18 31.27
CA ALA D 67 -32.02 -63.89 30.34
C ALA D 67 -31.84 -64.80 29.13
N PRO D 68 -32.55 -65.94 29.08
CA PRO D 68 -32.13 -67.03 28.18
C PRO D 68 -32.10 -66.68 26.70
N ALA D 69 -32.99 -65.79 26.23
CA ALA D 69 -33.03 -65.46 24.82
C ALA D 69 -31.74 -64.83 24.31
N ARG D 70 -30.92 -64.26 25.20
CA ARG D 70 -29.65 -63.71 24.74
C ARG D 70 -28.64 -64.80 24.42
N ARG D 71 -28.76 -65.98 25.02
CA ARG D 71 -27.79 -67.05 24.81
C ARG D 71 -28.22 -68.06 23.76
N MET D 72 -29.31 -67.79 23.04
CA MET D 72 -29.95 -68.84 22.25
C MET D 72 -29.19 -69.14 20.95
N MET D 73 -28.61 -68.12 20.30
CA MET D 73 -27.81 -68.34 19.10
C MET D 73 -26.32 -68.38 19.36
N SER D 74 -25.90 -68.94 20.49
CA SER D 74 -24.49 -69.10 20.81
C SER D 74 -24.11 -70.57 20.70
N ASP D 75 -22.88 -70.83 20.27
CA ASP D 75 -22.41 -72.20 20.13
C ASP D 75 -21.80 -72.79 21.39
N ARG D 76 -21.58 -71.98 22.42
CA ARG D 76 -21.01 -72.49 23.67
C ARG D 76 -22.08 -73.20 24.48
N LYS D 77 -21.71 -73.71 25.66
CA LYS D 77 -22.58 -74.52 26.49
C LYS D 77 -22.95 -73.76 27.76
N TYR D 78 -24.15 -73.18 27.76
CA TYR D 78 -24.65 -72.41 28.88
C TYR D 78 -25.67 -73.21 29.68
N HIS D 79 -25.67 -73.01 31.00
CA HIS D 79 -26.71 -73.51 31.90
C HIS D 79 -27.30 -72.28 32.58
N CYS D 80 -28.54 -71.96 32.25
CA CYS D 80 -29.16 -70.70 32.67
C CYS D 80 -29.91 -70.91 33.98
N VAL D 81 -29.58 -70.11 34.99
CA VAL D 81 -30.22 -70.21 36.30
C VAL D 81 -31.25 -69.09 36.36
N CYS D 82 -32.52 -69.45 36.34
CA CYS D 82 -33.61 -68.44 36.30
C CYS D 82 -34.66 -68.60 37.34
N PRO D 83 -34.51 -67.90 38.45
CA PRO D 83 -35.58 -67.95 39.41
C PRO D 83 -36.60 -66.79 39.09
N MET D 84 -37.86 -66.97 39.30
CA MET D 84 -38.80 -65.89 38.98
C MET D 84 -39.04 -64.93 40.14
N ARG D 85 -38.04 -64.16 40.57
CA ARG D 85 -38.10 -63.25 41.70
C ARG D 85 -38.36 -61.81 41.31
N SER D 86 -38.36 -61.49 40.02
CA SER D 86 -38.50 -60.13 39.52
C SER D 86 -39.73 -60.02 38.64
N ALA D 87 -40.34 -58.83 38.62
CA ALA D 87 -41.55 -58.61 37.84
C ALA D 87 -41.30 -58.63 36.34
N GLU D 88 -40.05 -58.56 35.90
CA GLU D 88 -39.70 -58.61 34.48
C GLU D 88 -39.47 -60.02 33.97
N ASP D 89 -39.49 -61.04 34.83
CA ASP D 89 -39.10 -62.39 34.46
C ASP D 89 -40.11 -63.16 33.62
N PRO D 90 -41.42 -63.13 33.93
CA PRO D 90 -42.37 -63.89 33.09
C PRO D 90 -42.34 -63.49 31.62
N GLU D 91 -42.17 -62.19 31.34
CA GLU D 91 -42.09 -61.75 29.96
C GLU D 91 -40.80 -62.22 29.28
N ARG D 92 -39.69 -62.27 30.02
CA ARG D 92 -38.46 -62.83 29.47
C ARG D 92 -38.61 -64.31 29.14
N LEU D 93 -39.26 -65.07 30.02
CA LEU D 93 -39.50 -66.48 29.75
C LEU D 93 -40.40 -66.69 28.53
N ALA D 94 -41.50 -65.93 28.45
CA ALA D 94 -42.37 -66.04 27.29
C ALA D 94 -41.65 -65.68 26.00
N ASN D 95 -40.79 -64.67 26.05
CA ASN D 95 -40.02 -64.27 24.87
C ASN D 95 -39.05 -65.38 24.46
N TYR D 96 -38.45 -66.06 25.42
CA TYR D 96 -37.58 -67.19 25.10
C TYR D 96 -38.34 -68.31 24.41
N ALA D 97 -39.50 -68.68 24.95
CA ALA D 97 -40.29 -69.73 24.34
C ALA D 97 -40.74 -69.35 22.93
N ARG D 98 -41.13 -68.10 22.74
CA ARG D 98 -41.52 -67.62 21.41
C ARG D 98 -40.36 -67.71 20.43
N LYS D 99 -39.20 -67.19 20.81
CA LYS D 99 -38.01 -67.29 19.96
C LYS D 99 -37.66 -68.73 19.63
N LEU D 100 -37.78 -69.63 20.60
CA LEU D 100 -37.48 -71.04 20.35
C LEU D 100 -38.44 -71.62 19.32
N ALA D 101 -39.74 -71.43 19.54
CA ALA D 101 -40.74 -72.02 18.65
C ALA D 101 -40.65 -71.46 17.24
N SER D 102 -40.30 -70.18 17.09
CA SER D 102 -40.28 -69.59 15.75
C SER D 102 -39.26 -70.26 14.86
N ALA D 103 -38.07 -70.53 15.36
CA ALA D 103 -36.99 -71.12 14.58
C ALA D 103 -36.72 -72.52 15.12
N ALA D 104 -37.48 -73.50 14.64
CA ALA D 104 -37.36 -74.86 15.13
C ALA D 104 -36.78 -75.83 14.11
N GLY D 105 -36.84 -75.52 12.82
CA GLY D 105 -36.22 -76.34 11.81
C GLY D 105 -35.31 -75.53 10.90
N LYS D 106 -35.49 -74.22 10.92
CA LYS D 106 -34.70 -73.34 10.06
C LYS D 106 -33.25 -73.26 10.54
N VAL D 107 -33.03 -73.35 11.85
CA VAL D 107 -31.70 -73.31 12.43
C VAL D 107 -31.34 -74.71 12.92
N LEU D 108 -30.17 -75.20 12.52
CA LEU D 108 -29.79 -76.57 12.81
C LEU D 108 -28.50 -76.70 13.62
N ASP D 109 -27.58 -75.73 13.53
CA ASP D 109 -26.30 -75.84 14.22
C ASP D 109 -26.47 -75.84 15.73
N ARG D 110 -27.38 -75.00 16.23
CA ARG D 110 -27.59 -74.90 17.67
C ARG D 110 -28.48 -76.02 18.17
N ASN D 111 -28.34 -76.33 19.45
CA ASN D 111 -29.10 -77.42 20.07
C ASN D 111 -30.54 -76.99 20.32
N ILE D 112 -31.22 -76.63 19.23
CA ILE D 112 -32.57 -76.08 19.32
C ILE D 112 -33.54 -77.13 19.87
N SER D 113 -33.50 -78.34 19.30
CA SER D 113 -34.40 -79.40 19.75
C SER D 113 -34.13 -79.78 21.19
N GLY D 114 -32.86 -79.87 21.57
CA GLY D 114 -32.53 -80.16 22.95
C GLY D 114 -33.04 -79.09 23.90
N LYS D 115 -32.95 -77.83 23.50
CA LYS D 115 -33.45 -76.74 24.33
C LYS D 115 -34.97 -76.82 24.50
N ILE D 116 -35.68 -77.12 23.40
CA ILE D 116 -37.13 -77.28 23.49
C ILE D 116 -37.50 -78.41 24.43
N GLY D 117 -36.82 -79.56 24.28
CA GLY D 117 -37.09 -80.68 25.16
C GLY D 117 -36.81 -80.37 26.62
N ASP D 118 -35.71 -79.66 26.88
CA ASP D 118 -35.37 -79.32 28.27
C ASP D 118 -36.42 -78.39 28.87
N LEU D 119 -36.87 -77.40 28.11
CA LEU D 119 -37.90 -76.51 28.62
C LEU D 119 -39.20 -77.27 28.91
N GLN D 120 -39.59 -78.17 28.02
CA GLN D 120 -40.80 -78.95 28.27
C GLN D 120 -40.66 -79.83 29.51
N ALA D 121 -39.51 -80.48 29.65
CA ALA D 121 -39.28 -81.35 30.79
C ALA D 121 -39.32 -80.56 32.10
N VAL D 122 -38.79 -79.34 32.09
CA VAL D 122 -38.84 -78.50 33.29
C VAL D 122 -40.27 -78.08 33.59
N MET D 123 -41.04 -77.72 32.56
CA MET D 123 -42.45 -77.37 32.78
C MET D 123 -43.23 -78.53 33.38
N ALA D 124 -42.93 -79.77 32.95
CA ALA D 124 -43.64 -80.92 33.50
C ALA D 124 -43.38 -81.08 35.00
N VAL D 125 -42.11 -81.13 35.39
CA VAL D 125 -41.71 -81.27 36.79
C VAL D 125 -40.77 -80.11 37.11
N PRO D 126 -41.12 -79.22 38.04
CA PRO D 126 -40.36 -77.98 38.22
C PRO D 126 -39.09 -78.11 39.05
N ASP D 127 -38.76 -79.29 39.56
CA ASP D 127 -37.60 -79.48 40.42
C ASP D 127 -36.58 -80.41 39.77
N THR D 128 -36.34 -80.23 38.48
CA THR D 128 -35.39 -81.07 37.76
C THR D 128 -34.34 -80.21 37.08
N GLU D 129 -33.08 -80.63 37.17
CA GLU D 129 -32.00 -79.99 36.44
C GLU D 129 -31.92 -80.58 35.03
N THR D 130 -31.69 -79.72 34.05
CA THR D 130 -31.44 -80.11 32.69
C THR D 130 -30.18 -79.40 32.23
N PRO D 131 -29.54 -79.88 31.17
CA PRO D 131 -28.27 -79.26 30.74
C PRO D 131 -28.36 -77.78 30.40
N THR D 132 -29.53 -77.25 30.03
CA THR D 132 -29.59 -75.87 29.57
C THR D 132 -30.49 -74.96 30.39
N PHE D 133 -31.13 -75.44 31.45
CA PHE D 133 -32.16 -74.62 32.11
C PHE D 133 -32.53 -75.22 33.45
N CYS D 134 -32.91 -74.37 34.39
CA CYS D 134 -33.45 -74.78 35.68
C CYS D 134 -34.09 -73.57 36.34
N LEU D 135 -34.79 -73.80 37.46
CA LEU D 135 -35.55 -72.76 38.14
C LEU D 135 -35.08 -72.53 39.57
N HIS D 136 -33.82 -72.81 39.87
CA HIS D 136 -33.32 -72.66 41.23
C HIS D 136 -32.64 -71.30 41.39
N THR D 137 -32.14 -71.03 42.59
CA THR D 137 -31.35 -69.86 42.87
C THR D 137 -29.86 -70.19 42.78
N ASP D 138 -29.02 -69.18 43.03
CA ASP D 138 -27.58 -69.38 42.98
C ASP D 138 -27.11 -70.35 44.06
N VAL D 139 -27.84 -70.42 45.17
CA VAL D 139 -27.45 -71.28 46.28
C VAL D 139 -28.00 -72.71 46.16
N SER D 140 -29.14 -72.90 45.47
CA SER D 140 -29.78 -74.21 45.45
C SER D 140 -29.68 -74.94 44.11
N CYS D 141 -28.91 -74.42 43.16
CA CYS D 141 -28.63 -75.16 41.94
C CYS D 141 -27.60 -76.25 42.20
N ARG D 142 -27.70 -77.36 41.46
CA ARG D 142 -26.82 -78.52 41.66
C ARG D 142 -26.04 -78.91 40.42
N GLN D 143 -26.09 -78.15 39.35
CA GLN D 143 -25.26 -78.43 38.18
C GLN D 143 -23.81 -78.07 38.47
N ARG D 144 -22.88 -78.91 38.01
CA ARG D 144 -21.45 -78.69 38.21
C ARG D 144 -20.83 -78.11 36.96
N ALA D 145 -19.91 -77.17 37.14
CA ALA D 145 -19.29 -76.46 36.01
C ALA D 145 -17.94 -75.93 36.46
N ASP D 146 -17.30 -75.13 35.61
CA ASP D 146 -16.04 -74.51 35.98
C ASP D 146 -15.93 -73.02 35.65
N VAL D 147 -16.95 -72.41 35.04
CA VAL D 147 -16.99 -70.97 34.82
C VAL D 147 -18.36 -70.44 35.23
N ALA D 148 -18.38 -69.30 35.89
CA ALA D 148 -19.63 -68.60 36.23
C ALA D 148 -19.58 -67.18 35.70
N ILE D 149 -20.72 -66.66 35.30
CA ILE D 149 -20.84 -65.31 34.75
C ILE D 149 -21.96 -64.56 35.48
N TYR D 150 -21.69 -63.30 35.81
CA TYR D 150 -22.68 -62.39 36.38
C TYR D 150 -22.77 -61.16 35.48
N GLN D 151 -23.89 -60.96 34.81
CA GLN D 151 -24.07 -59.83 33.92
C GLN D 151 -25.16 -58.91 34.48
N ASP D 152 -24.76 -57.74 34.97
CA ASP D 152 -25.65 -56.73 35.54
C ASP D 152 -26.49 -57.30 36.68
N VAL D 153 -25.83 -57.98 37.60
CA VAL D 153 -26.47 -58.61 38.75
C VAL D 153 -26.09 -57.83 40.00
N TYR D 154 -27.07 -57.27 40.69
CA TYR D 154 -26.81 -56.43 41.84
C TYR D 154 -27.52 -56.93 43.10
N ALA D 155 -28.14 -58.10 43.05
CA ALA D 155 -29.08 -58.53 44.09
C ALA D 155 -28.55 -59.59 45.03
N VAL D 156 -27.28 -59.98 44.93
CA VAL D 156 -26.75 -61.03 45.80
C VAL D 156 -25.57 -60.49 46.61
N HIS D 157 -25.31 -61.16 47.72
CA HIS D 157 -24.16 -60.91 48.57
C HIS D 157 -22.96 -61.69 48.04
N ALA D 158 -21.92 -60.99 47.62
CA ALA D 158 -20.89 -61.59 46.77
C ALA D 158 -20.14 -62.76 47.42
N PRO D 159 -19.63 -62.68 48.65
CA PRO D 159 -18.86 -63.82 49.18
C PRO D 159 -19.65 -65.09 49.38
N THR D 160 -20.90 -65.01 49.84
CA THR D 160 -21.73 -66.21 49.98
C THR D 160 -21.96 -66.88 48.64
N SER D 161 -22.31 -66.08 47.63
CA SER D 161 -22.54 -66.61 46.28
C SER D 161 -21.28 -67.26 45.72
N LEU D 162 -20.12 -66.60 45.86
CA LEU D 162 -18.88 -67.16 45.33
C LEU D 162 -18.48 -68.45 46.03
N TYR D 163 -18.68 -68.52 47.35
CA TYR D 163 -18.40 -69.76 48.06
C TYR D 163 -19.25 -70.91 47.56
N HIS D 164 -20.54 -70.65 47.33
CA HIS D 164 -21.41 -71.71 46.83
C HIS D 164 -21.06 -72.12 45.41
N GLN D 165 -20.51 -71.20 44.61
CA GLN D 165 -20.01 -71.63 43.31
C GLN D 165 -18.72 -72.44 43.44
N ALA D 166 -17.88 -72.12 44.42
CA ALA D 166 -16.57 -72.78 44.53
C ALA D 166 -16.70 -74.21 45.02
N ILE D 167 -17.62 -74.49 45.94
CA ILE D 167 -17.74 -75.86 46.44
C ILE D 167 -18.29 -76.80 45.39
N LYS D 168 -18.60 -76.28 44.20
CA LYS D 168 -19.10 -77.06 43.09
C LYS D 168 -18.09 -77.19 41.95
N GLY D 169 -16.86 -76.73 42.15
CA GLY D 169 -15.81 -76.91 41.16
C GLY D 169 -15.58 -75.75 40.20
N VAL D 170 -16.12 -74.58 40.46
CA VAL D 170 -15.89 -73.43 39.60
C VAL D 170 -14.55 -72.78 39.96
N ARG D 171 -13.76 -72.46 38.96
CA ARG D 171 -12.44 -71.88 39.17
C ARG D 171 -12.29 -70.45 38.67
N LEU D 172 -13.24 -69.93 37.90
CA LEU D 172 -13.09 -68.64 37.25
C LEU D 172 -14.46 -67.97 37.12
N ALA D 173 -14.54 -66.68 37.44
CA ALA D 173 -15.80 -65.96 37.40
C ALA D 173 -15.59 -64.55 36.87
N TYR D 174 -16.62 -64.00 36.22
CA TYR D 174 -16.60 -62.65 35.67
C TYR D 174 -17.80 -61.85 36.15
N TRP D 175 -17.60 -60.54 36.34
CA TRP D 175 -18.66 -59.62 36.77
C TRP D 175 -18.63 -58.37 35.89
N VAL D 176 -19.78 -57.99 35.34
CA VAL D 176 -19.91 -56.83 34.46
C VAL D 176 -20.87 -55.84 35.10
N GLY D 177 -20.47 -54.57 35.22
CA GLY D 177 -21.39 -53.62 35.81
C GLY D 177 -20.80 -52.23 36.04
N PHE D 178 -21.61 -51.39 36.67
CA PHE D 178 -21.21 -50.01 37.00
C PHE D 178 -20.20 -50.02 38.15
N ASP D 179 -19.20 -49.14 38.04
CA ASP D 179 -18.15 -49.01 39.05
C ASP D 179 -18.72 -48.70 40.43
N THR D 180 -18.23 -49.42 41.44
CA THR D 180 -18.71 -49.34 42.81
C THR D 180 -18.00 -48.27 43.65
N THR D 181 -17.03 -47.56 43.09
CA THR D 181 -16.27 -46.57 43.88
C THR D 181 -17.10 -45.46 44.51
N PRO D 182 -18.06 -44.83 43.82
CA PRO D 182 -18.82 -43.74 44.48
C PRO D 182 -19.59 -44.17 45.73
N PHE D 183 -19.96 -45.45 45.86
CA PHE D 183 -20.64 -45.90 47.05
C PHE D 183 -19.69 -46.20 48.20
N MET D 184 -18.41 -46.39 47.94
CA MET D 184 -17.44 -46.51 49.02
C MET D 184 -17.12 -45.16 49.64
N TYR D 185 -17.21 -44.07 48.87
CA TYR D 185 -17.07 -42.73 49.41
C TYR D 185 -18.35 -42.22 50.09
N ASN D 186 -19.47 -42.95 50.00
CA ASN D 186 -20.70 -42.68 50.75
C ASN D 186 -21.40 -41.38 50.32
N ALA D 187 -21.53 -41.18 49.01
CA ALA D 187 -22.20 -39.99 48.48
C ALA D 187 -23.72 -40.12 48.56
N MET D 188 -24.40 -38.98 48.52
CA MET D 188 -25.86 -38.97 48.57
C MET D 188 -26.54 -39.05 47.20
N ALA D 189 -25.92 -38.55 46.12
CA ALA D 189 -26.48 -38.65 44.77
C ALA D 189 -25.34 -38.57 43.76
N GLY D 190 -25.59 -38.97 42.52
CA GLY D 190 -24.52 -38.89 41.53
C GLY D 190 -24.95 -39.15 40.10
N ALA D 191 -23.95 -39.11 39.20
CA ALA D 191 -24.15 -39.22 37.76
C ALA D 191 -23.09 -40.11 37.10
N TYR D 192 -23.51 -40.85 36.06
CA TYR D 192 -22.62 -41.45 35.06
C TYR D 192 -23.00 -40.84 33.72
N PRO D 193 -22.38 -39.71 33.35
CA PRO D 193 -22.90 -38.89 32.25
C PRO D 193 -22.70 -39.44 30.85
N SER D 194 -21.66 -40.23 30.62
CA SER D 194 -21.48 -40.85 29.31
C SER D 194 -22.56 -41.88 28.98
N TYR D 195 -23.25 -42.41 29.98
CA TYR D 195 -24.27 -43.42 29.77
C TYR D 195 -25.69 -42.91 30.02
N SER D 196 -25.88 -41.60 30.09
CA SER D 196 -27.16 -40.98 30.40
C SER D 196 -27.77 -41.55 31.67
N THR D 197 -26.97 -41.73 32.71
CA THR D 197 -27.48 -42.39 33.91
C THR D 197 -27.35 -41.48 35.12
N ASN D 198 -28.40 -41.44 35.95
CA ASN D 198 -28.37 -40.68 37.20
C ASN D 198 -28.92 -41.51 38.35
N TRP D 199 -28.45 -41.25 39.58
CA TRP D 199 -28.91 -42.01 40.74
C TRP D 199 -29.03 -41.11 41.95
N ALA D 200 -29.91 -41.51 42.88
CA ALA D 200 -30.17 -40.70 44.07
C ALA D 200 -30.67 -41.54 45.25
N ASP D 201 -30.32 -41.08 46.45
CA ASP D 201 -30.90 -41.55 47.69
C ASP D 201 -32.38 -41.19 47.80
N GLU D 202 -33.16 -42.08 48.42
CA GLU D 202 -34.61 -41.89 48.49
C GLU D 202 -35.00 -40.62 49.24
N GLN D 203 -34.16 -40.14 50.17
CA GLN D 203 -34.51 -38.95 50.93
C GLN D 203 -34.41 -37.64 50.15
N VAL D 204 -33.81 -37.61 48.97
CA VAL D 204 -33.64 -36.34 48.25
C VAL D 204 -34.35 -36.35 46.90
N LEU D 205 -35.38 -37.17 46.73
CA LEU D 205 -36.09 -37.21 45.45
C LEU D 205 -36.93 -35.96 45.19
N LYS D 206 -37.16 -35.10 46.19
CA LYS D 206 -37.86 -33.85 46.00
C LYS D 206 -36.92 -32.65 45.96
N ALA D 207 -35.70 -32.82 45.47
CA ALA D 207 -34.78 -31.72 45.26
C ALA D 207 -35.14 -30.96 43.99
N LYS D 208 -34.33 -29.98 43.62
CA LYS D 208 -34.61 -29.12 42.49
C LYS D 208 -33.58 -29.17 41.38
N ASN D 209 -32.29 -29.26 41.69
CA ASN D 209 -31.24 -29.08 40.67
C ASN D 209 -30.26 -30.25 40.55
N ILE D 210 -30.65 -31.46 40.93
CA ILE D 210 -29.79 -32.63 40.68
C ILE D 210 -30.35 -33.39 39.48
N GLY D 211 -29.63 -34.44 39.06
CA GLY D 211 -30.02 -35.16 37.85
C GLY D 211 -31.39 -35.82 37.90
N LEU D 212 -31.70 -36.50 39.00
CA LEU D 212 -32.95 -37.25 39.13
C LEU D 212 -33.76 -36.70 40.30
N CYS D 213 -34.81 -35.91 40.02
CA CYS D 213 -35.61 -35.25 41.05
C CYS D 213 -36.83 -34.59 40.43
N SER D 214 -37.71 -34.07 41.29
CA SER D 214 -38.92 -33.37 40.86
C SER D 214 -39.52 -32.58 42.02
N THR D 215 -39.94 -31.34 41.75
CA THR D 215 -40.53 -30.48 42.78
C THR D 215 -41.55 -29.53 42.15
N ASP D 216 -42.13 -28.64 42.95
CA ASP D 216 -43.21 -27.76 42.48
C ASP D 216 -43.07 -26.34 43.01
N LEU D 217 -43.87 -25.44 42.45
CA LEU D 217 -43.82 -24.01 42.78
C LEU D 217 -44.53 -23.69 44.09
N THR D 218 -43.99 -22.73 44.84
CA THR D 218 -44.55 -22.30 46.11
C THR D 218 -44.26 -20.82 46.33
N GLU D 219 -45.05 -20.19 47.21
CA GLU D 219 -44.79 -18.82 47.61
C GLU D 219 -44.01 -18.70 48.93
N GLY D 220 -43.82 -19.78 49.66
CA GLY D 220 -42.92 -19.71 50.80
C GLY D 220 -43.50 -19.29 52.14
N ARG D 221 -44.42 -20.09 52.68
CA ARG D 221 -44.90 -19.85 54.03
C ARG D 221 -43.80 -20.10 55.07
N ARG D 222 -43.80 -19.28 56.12
CA ARG D 222 -42.80 -19.44 57.17
C ARG D 222 -43.20 -20.42 58.25
N GLY D 223 -44.45 -20.89 58.28
CA GLY D 223 -44.86 -21.70 59.40
C GLY D 223 -44.29 -23.10 59.42
N LYS D 224 -44.83 -23.97 58.56
CA LYS D 224 -44.44 -25.38 58.46
C LYS D 224 -44.08 -25.98 59.83
N LEU D 225 -44.91 -25.70 60.82
CA LEU D 225 -44.60 -26.06 62.21
C LEU D 225 -44.85 -27.54 62.40
N SER D 226 -43.77 -28.32 62.48
CA SER D 226 -43.82 -29.75 62.77
C SER D 226 -42.95 -30.03 63.99
N ILE D 227 -43.52 -30.76 64.95
CA ILE D 227 -42.79 -31.07 66.17
C ILE D 227 -41.76 -32.17 65.96
N MET D 228 -41.91 -32.99 64.92
CA MET D 228 -41.01 -34.10 64.66
C MET D 228 -39.64 -33.56 64.25
N ARG D 229 -38.67 -33.66 65.15
CA ARG D 229 -37.32 -33.14 64.92
C ARG D 229 -36.52 -34.13 64.10
N GLY D 230 -36.22 -33.77 62.85
CA GLY D 230 -35.38 -34.60 62.03
C GLY D 230 -33.92 -34.47 62.43
N LYS D 231 -33.35 -33.30 62.14
CA LYS D 231 -32.07 -32.87 62.70
C LYS D 231 -30.84 -33.61 62.20
N LYS D 232 -31.01 -34.65 61.37
CA LYS D 232 -29.84 -35.23 60.69
C LYS D 232 -30.25 -35.70 59.31
N LEU D 233 -29.38 -35.44 58.33
CA LEU D 233 -29.56 -35.87 56.96
C LEU D 233 -28.36 -36.73 56.60
N GLU D 234 -28.53 -38.05 56.68
CA GLU D 234 -27.46 -39.01 56.41
C GLU D 234 -27.95 -40.01 55.38
N PRO D 235 -27.03 -40.61 54.62
CA PRO D 235 -27.43 -41.64 53.65
C PRO D 235 -28.09 -42.84 54.31
N CYS D 236 -29.05 -43.42 53.61
CA CYS D 236 -29.78 -44.61 54.01
C CYS D 236 -29.63 -45.69 52.94
N ASP D 237 -30.13 -46.89 53.25
CA ASP D 237 -29.84 -48.06 52.43
C ASP D 237 -30.50 -48.03 51.05
N ARG D 238 -31.63 -47.33 50.91
CA ARG D 238 -32.43 -47.40 49.69
C ARG D 238 -31.94 -46.39 48.65
N VAL D 239 -31.67 -46.86 47.43
CA VAL D 239 -31.20 -45.98 46.36
C VAL D 239 -31.99 -46.27 45.08
N LEU D 240 -32.18 -45.24 44.25
CA LEU D 240 -32.87 -45.38 42.96
C LEU D 240 -31.92 -45.02 41.82
N PHE D 241 -31.91 -45.87 40.78
CA PHE D 241 -31.09 -45.73 39.58
C PHE D 241 -31.98 -45.47 38.37
N SER D 242 -31.55 -44.58 37.47
CA SER D 242 -32.26 -44.34 36.22
C SER D 242 -31.27 -44.41 35.05
N VAL D 243 -31.45 -45.44 34.21
CA VAL D 243 -30.63 -45.68 33.03
C VAL D 243 -31.48 -45.36 31.80
N GLY D 244 -31.17 -44.24 31.15
CA GLY D 244 -32.09 -43.70 30.17
C GLY D 244 -33.41 -43.33 30.81
N SER D 245 -34.47 -44.08 30.51
CA SER D 245 -35.73 -43.94 31.22
C SER D 245 -36.15 -45.21 31.95
N THR D 246 -35.25 -46.17 32.10
CA THR D 246 -35.54 -47.40 32.84
C THR D 246 -35.14 -47.25 34.31
N LEU D 247 -36.04 -47.60 35.22
CA LEU D 247 -35.85 -47.43 36.65
C LEU D 247 -35.46 -48.74 37.34
N TYR D 248 -34.48 -48.66 38.25
CA TYR D 248 -34.07 -49.82 39.06
C TYR D 248 -33.81 -49.42 40.52
N PRO D 249 -34.47 -50.05 41.49
CA PRO D 249 -34.12 -49.82 42.89
C PRO D 249 -32.96 -50.73 43.34
N GLU D 250 -32.16 -50.21 44.29
CA GLU D 250 -30.98 -50.93 44.76
C GLU D 250 -30.73 -50.71 46.26
N SER D 251 -29.88 -51.57 46.81
CA SER D 251 -29.48 -51.56 48.21
C SER D 251 -27.98 -51.26 48.34
N ARG D 252 -27.63 -50.38 49.29
CA ARG D 252 -26.25 -49.94 49.44
C ARG D 252 -25.33 -51.08 49.93
N LYS D 253 -25.84 -51.94 50.81
CA LYS D 253 -25.04 -53.04 51.34
C LYS D 253 -24.61 -54.01 50.24
N LEU D 254 -25.54 -54.41 49.38
CA LEU D 254 -25.22 -55.36 48.34
C LEU D 254 -24.29 -54.76 47.30
N LEU D 255 -24.44 -53.47 47.00
CA LEU D 255 -23.51 -52.80 46.09
C LEU D 255 -22.11 -52.76 46.67
N LYS D 256 -21.98 -52.40 47.95
CA LYS D 256 -20.66 -52.37 48.57
C LYS D 256 -20.00 -53.75 48.61
N SER D 257 -20.80 -54.81 48.72
CA SER D 257 -20.20 -56.14 48.84
C SER D 257 -19.42 -56.58 47.60
N TRP D 258 -19.60 -55.96 46.45
CA TRP D 258 -18.84 -56.31 45.26
C TRP D 258 -17.56 -55.50 45.07
N HIS D 259 -17.22 -54.61 46.00
CA HIS D 259 -15.96 -53.85 45.97
C HIS D 259 -14.90 -54.67 46.72
N LEU D 260 -14.38 -55.67 46.06
CA LEU D 260 -13.57 -56.72 46.67
C LEU D 260 -12.08 -56.36 46.70
N PRO D 261 -11.36 -56.81 47.72
CA PRO D 261 -9.91 -56.56 47.79
C PRO D 261 -9.14 -57.49 46.85
N SER D 262 -7.85 -57.17 46.68
CA SER D 262 -7.05 -57.89 45.70
C SER D 262 -6.77 -59.35 46.13
N VAL D 263 -6.79 -59.66 47.42
CA VAL D 263 -6.59 -61.01 47.92
C VAL D 263 -7.56 -61.27 49.06
N PHE D 264 -8.20 -62.45 49.06
CA PHE D 264 -9.05 -62.79 50.22
C PHE D 264 -9.18 -64.30 50.38
N HIS D 265 -9.64 -64.70 51.57
CA HIS D 265 -9.77 -66.10 51.97
C HIS D 265 -11.22 -66.45 52.26
N LEU D 266 -11.68 -67.61 51.77
CA LEU D 266 -13.01 -68.13 52.07
C LEU D 266 -12.85 -69.39 52.92
N LYS D 267 -13.27 -69.33 54.18
CA LYS D 267 -12.97 -70.37 55.17
C LYS D 267 -14.25 -71.01 55.69
N GLY D 268 -14.62 -72.16 55.13
CA GLY D 268 -15.78 -72.90 55.59
C GLY D 268 -15.40 -74.34 55.89
N LYS D 269 -16.27 -75.25 55.46
CA LYS D 269 -15.94 -76.67 55.53
C LYS D 269 -14.74 -76.99 54.65
N LEU D 270 -14.70 -76.40 53.46
CA LEU D 270 -13.52 -76.35 52.62
C LEU D 270 -13.02 -74.91 52.57
N SER D 271 -11.78 -74.73 52.12
CA SER D 271 -11.14 -73.43 52.15
C SER D 271 -10.61 -73.05 50.78
N PHE D 272 -10.60 -71.76 50.49
CA PHE D 272 -10.18 -71.27 49.19
C PHE D 272 -9.43 -69.94 49.34
N THR D 273 -8.55 -69.68 48.38
CA THR D 273 -7.78 -68.44 48.27
C THR D 273 -8.11 -67.78 46.94
N CYS D 274 -8.49 -66.49 46.97
CA CYS D 274 -9.08 -65.85 45.81
C CYS D 274 -8.46 -64.48 45.52
N ARG D 275 -8.50 -64.08 44.24
CA ARG D 275 -7.99 -62.81 43.75
C ARG D 275 -9.03 -62.12 42.86
N CYS D 276 -8.97 -60.78 42.81
CA CYS D 276 -9.88 -59.98 41.98
C CYS D 276 -9.12 -58.86 41.29
N ASP D 277 -9.18 -58.82 39.95
CA ASP D 277 -8.53 -57.81 39.13
C ASP D 277 -9.55 -57.12 38.22
N THR D 278 -9.26 -55.88 37.84
CA THR D 278 -10.08 -55.13 36.90
C THR D 278 -9.43 -55.14 35.52
N VAL D 279 -10.12 -55.69 34.53
CA VAL D 279 -9.51 -55.89 33.22
C VAL D 279 -10.07 -54.97 32.13
N VAL D 280 -11.24 -54.38 32.31
CA VAL D 280 -11.76 -53.36 31.39
C VAL D 280 -12.39 -52.26 32.22
N SER D 281 -12.16 -51.00 31.83
CA SER D 281 -12.68 -49.83 32.53
C SER D 281 -12.92 -48.70 31.52
N CYS D 282 -14.17 -48.26 31.37
CA CYS D 282 -14.53 -47.26 30.36
C CYS D 282 -15.55 -46.29 30.94
N GLU D 283 -15.09 -45.11 31.34
CA GLU D 283 -15.94 -43.99 31.77
C GLU D 283 -16.97 -44.36 32.81
N GLY D 284 -16.65 -45.30 33.70
CA GLY D 284 -17.55 -45.72 34.75
C GLY D 284 -18.19 -47.07 34.59
N TYR D 285 -17.90 -47.82 33.53
CA TYR D 285 -18.36 -49.20 33.36
C TYR D 285 -17.15 -50.14 33.41
N VAL D 286 -17.27 -51.26 34.14
CA VAL D 286 -16.12 -52.15 34.35
C VAL D 286 -16.44 -53.62 34.16
N VAL D 287 -15.36 -54.39 33.92
CA VAL D 287 -15.35 -55.85 33.91
C VAL D 287 -14.31 -56.36 34.91
N LYS D 288 -14.73 -57.25 35.81
CA LYS D 288 -13.85 -57.83 36.83
C LYS D 288 -13.70 -59.34 36.65
N ARG D 289 -12.47 -59.83 36.82
CA ARG D 289 -12.12 -61.25 36.72
C ARG D 289 -11.67 -61.79 38.07
N ILE D 290 -12.22 -62.93 38.48
CA ILE D 290 -11.98 -63.51 39.80
C ILE D 290 -11.56 -64.97 39.65
N THR D 291 -10.49 -65.36 40.35
CA THR D 291 -9.99 -66.73 40.37
C THR D 291 -10.04 -67.29 41.78
N MET D 292 -10.28 -68.60 41.90
CA MET D 292 -10.37 -69.25 43.21
C MET D 292 -9.61 -70.58 43.19
N SER D 293 -8.92 -70.89 44.29
CA SER D 293 -8.05 -72.06 44.41
C SER D 293 -8.24 -72.77 45.75
N PRO D 294 -8.18 -74.09 45.79
CA PRO D 294 -8.38 -74.81 47.05
C PRO D 294 -7.16 -74.70 47.95
N GLY D 295 -7.41 -74.53 49.24
CA GLY D 295 -6.36 -74.38 50.23
C GLY D 295 -6.09 -72.92 50.58
N LEU D 296 -5.28 -72.73 51.61
CA LEU D 296 -4.93 -71.42 52.12
C LEU D 296 -3.45 -71.11 51.88
N TYR D 297 -3.18 -69.98 51.23
CA TYR D 297 -1.83 -69.54 50.91
C TYR D 297 -1.68 -68.03 51.10
N GLY D 298 -0.49 -67.61 51.52
CA GLY D 298 -0.18 -66.20 51.63
C GLY D 298 -0.83 -65.53 52.83
N LYS D 299 -0.96 -64.20 52.73
CA LYS D 299 -1.68 -63.44 53.74
C LYS D 299 -2.36 -62.24 53.09
N THR D 300 -3.31 -61.67 53.81
CA THR D 300 -4.16 -60.61 53.32
C THR D 300 -3.82 -59.29 54.00
N THR D 301 -4.05 -58.18 53.28
CA THR D 301 -3.93 -56.86 53.87
C THR D 301 -5.27 -56.16 54.08
N GLY D 302 -6.26 -56.44 53.25
CA GLY D 302 -7.53 -55.77 53.35
C GLY D 302 -7.64 -54.43 52.65
N TYR D 303 -6.90 -54.21 51.57
CA TYR D 303 -6.94 -52.96 50.84
C TYR D 303 -7.46 -53.18 49.42
N ALA D 304 -8.27 -52.25 48.94
CA ALA D 304 -8.80 -52.26 47.57
C ALA D 304 -8.40 -50.96 46.88
N VAL D 305 -7.99 -51.07 45.61
CA VAL D 305 -7.41 -49.97 44.85
C VAL D 305 -8.21 -49.71 43.59
N THR D 306 -8.40 -48.43 43.26
CA THR D 306 -8.99 -48.00 42.00
C THR D 306 -8.04 -47.07 41.26
N HIS D 307 -7.85 -47.31 39.96
CA HIS D 307 -7.03 -46.46 39.10
C HIS D 307 -7.93 -45.52 38.30
N HIS D 308 -7.62 -44.22 38.32
CA HIS D 308 -8.44 -43.20 37.69
C HIS D 308 -7.83 -42.78 36.36
N ALA D 309 -8.47 -43.13 35.25
CA ALA D 309 -8.04 -42.66 33.94
C ALA D 309 -8.63 -41.30 33.58
N ASP D 310 -9.88 -41.04 33.96
CA ASP D 310 -10.48 -39.72 33.93
C ASP D 310 -10.55 -39.18 35.36
N GLY D 311 -10.86 -37.89 35.49
CA GLY D 311 -10.95 -37.28 36.80
C GLY D 311 -12.22 -37.67 37.55
N PHE D 312 -12.10 -37.81 38.88
CA PHE D 312 -13.23 -38.13 39.73
C PHE D 312 -13.40 -37.05 40.81
N LEU D 313 -14.65 -36.62 41.03
CA LEU D 313 -14.95 -35.48 41.90
C LEU D 313 -16.05 -35.82 42.90
N MET D 314 -15.88 -35.36 44.14
CA MET D 314 -16.92 -35.39 45.16
C MET D 314 -16.94 -34.07 45.91
N CYS D 315 -18.13 -33.49 46.09
CA CYS D 315 -18.21 -32.15 46.67
C CYS D 315 -19.53 -31.89 47.39
N LYS D 316 -19.51 -30.84 48.19
CA LYS D 316 -20.66 -30.41 48.98
C LYS D 316 -21.47 -29.36 48.21
N THR D 317 -22.80 -29.52 48.20
CA THR D 317 -23.69 -28.63 47.47
C THR D 317 -24.90 -28.27 48.35
N THR D 318 -25.52 -27.14 48.02
CA THR D 318 -26.67 -26.60 48.73
C THR D 318 -27.89 -26.56 47.81
N ASP D 319 -29.02 -27.04 48.30
CA ASP D 319 -30.25 -27.11 47.50
C ASP D 319 -31.46 -26.91 48.40
N THR D 320 -32.65 -26.98 47.82
CA THR D 320 -33.89 -27.03 48.59
C THR D 320 -34.57 -28.37 48.35
N VAL D 321 -34.99 -29.01 49.42
CA VAL D 321 -35.71 -30.28 49.36
C VAL D 321 -37.09 -30.05 49.95
N ASP D 322 -38.11 -30.23 49.11
CA ASP D 322 -39.49 -29.92 49.47
C ASP D 322 -39.62 -28.50 50.03
N GLY D 323 -38.78 -27.59 49.54
CA GLY D 323 -38.81 -26.20 49.96
C GLY D 323 -37.88 -25.83 51.11
N GLU D 324 -37.22 -26.78 51.75
CA GLU D 324 -36.33 -26.49 52.87
C GLU D 324 -34.87 -26.56 52.43
N ARG D 325 -34.09 -25.54 52.78
CA ARG D 325 -32.72 -25.42 52.31
C ARG D 325 -31.76 -26.29 53.13
N VAL D 326 -30.96 -27.13 52.45
CA VAL D 326 -30.05 -28.09 53.08
C VAL D 326 -28.76 -28.21 52.26
N SER D 327 -27.79 -28.96 52.82
CA SER D 327 -26.53 -29.27 52.17
C SER D 327 -26.25 -30.77 52.19
N PHE D 328 -25.66 -31.29 51.11
CA PHE D 328 -25.28 -32.71 51.04
C PHE D 328 -24.26 -32.91 49.92
N SER D 329 -23.77 -34.15 49.78
CA SER D 329 -22.64 -34.44 48.90
C SER D 329 -23.04 -35.11 47.59
N VAL D 330 -22.30 -34.80 46.53
CA VAL D 330 -22.59 -35.19 45.15
C VAL D 330 -21.29 -35.56 44.44
N CYS D 331 -21.34 -36.57 43.55
CA CYS D 331 -20.13 -37.06 42.87
C CYS D 331 -20.33 -37.16 41.34
N THR D 332 -19.22 -37.03 40.60
CA THR D 332 -19.28 -37.15 39.14
C THR D 332 -17.89 -37.43 38.53
N TYR D 333 -17.87 -37.66 37.20
CA TYR D 333 -16.68 -37.93 36.41
C TYR D 333 -16.42 -36.81 35.41
N VAL D 334 -15.14 -36.52 35.16
CA VAL D 334 -14.73 -35.41 34.28
C VAL D 334 -13.70 -35.89 33.27
N PRO D 335 -13.82 -35.52 31.98
CA PRO D 335 -12.86 -35.99 30.97
C PRO D 335 -11.45 -35.44 31.16
N ALA D 336 -10.46 -36.24 30.74
CA ALA D 336 -9.07 -35.98 31.06
C ALA D 336 -8.52 -34.71 30.40
N THR D 337 -8.94 -34.42 29.16
CA THR D 337 -8.42 -33.24 28.47
C THR D 337 -8.83 -31.95 29.18
N ILE D 338 -10.06 -31.88 29.69
CA ILE D 338 -10.52 -30.71 30.42
C ILE D 338 -9.72 -30.52 31.71
N CYS D 339 -9.51 -31.62 32.44
CA CYS D 339 -8.69 -31.60 33.64
C CYS D 339 -7.29 -31.07 33.34
N ASP D 340 -6.68 -31.55 32.25
CA ASP D 340 -5.35 -31.07 31.88
C ASP D 340 -5.37 -29.58 31.52
N GLN D 341 -6.43 -29.11 30.88
CA GLN D 341 -6.49 -27.71 30.49
C GLN D 341 -6.82 -26.77 31.64
N MET D 342 -7.23 -27.27 32.80
CA MET D 342 -7.46 -26.38 33.95
C MET D 342 -6.26 -26.24 34.89
N THR D 343 -5.11 -26.85 34.59
CA THR D 343 -4.00 -26.90 35.55
C THR D 343 -3.46 -25.49 35.87
N GLY D 344 -3.33 -24.63 34.86
CA GLY D 344 -2.80 -23.30 35.10
C GLY D 344 -3.74 -22.40 35.89
N ILE D 345 -5.04 -22.49 35.63
CA ILE D 345 -6.02 -21.60 36.28
C ILE D 345 -6.05 -21.84 37.78
N LEU D 346 -5.94 -23.09 38.21
CA LEU D 346 -6.15 -23.44 39.61
C LEU D 346 -4.96 -23.09 40.50
N ALA D 347 -3.90 -22.47 39.97
CA ALA D 347 -2.81 -22.01 40.81
C ALA D 347 -3.20 -20.83 41.68
N THR D 348 -4.20 -20.06 41.28
CA THR D 348 -4.69 -18.91 42.03
C THR D 348 -6.09 -19.18 42.56
N GLU D 349 -6.64 -18.20 43.25
CA GLU D 349 -8.03 -18.26 43.70
C GLU D 349 -8.95 -17.71 42.62
N VAL D 350 -9.98 -18.46 42.29
CA VAL D 350 -10.90 -18.14 41.21
C VAL D 350 -12.32 -18.25 41.75
N THR D 351 -13.18 -17.31 41.36
CA THR D 351 -14.58 -17.37 41.78
C THR D 351 -15.34 -18.43 40.98
N PRO D 352 -16.46 -18.91 41.50
CA PRO D 352 -17.27 -19.88 40.72
C PRO D 352 -17.76 -19.37 39.38
N GLU D 353 -18.14 -18.09 39.28
CA GLU D 353 -18.64 -17.55 38.02
C GLU D 353 -17.57 -17.54 36.93
N ASP D 354 -16.36 -17.12 37.29
CA ASP D 354 -15.25 -17.10 36.34
C ASP D 354 -14.87 -18.52 35.91
N ALA D 355 -14.89 -19.47 36.85
CA ALA D 355 -14.64 -20.86 36.51
C ALA D 355 -15.68 -21.38 35.53
N GLN D 356 -16.94 -21.02 35.74
CA GLN D 356 -18.00 -21.46 34.83
C GLN D 356 -17.80 -20.91 33.42
N LYS D 357 -17.42 -19.63 33.31
CA LYS D 357 -17.16 -19.07 31.98
C LYS D 357 -15.97 -19.74 31.31
N LEU D 358 -14.90 -20.01 32.05
CA LEU D 358 -13.76 -20.72 31.46
C LEU D 358 -14.13 -22.13 30.98
N LEU D 359 -14.91 -22.85 31.78
CA LEU D 359 -15.30 -24.21 31.39
C LEU D 359 -16.18 -24.19 30.14
N VAL D 360 -17.12 -23.24 30.06
CA VAL D 360 -17.93 -23.14 28.86
C VAL D 360 -17.06 -22.85 27.64
N GLY D 361 -16.06 -21.98 27.81
CA GLY D 361 -15.14 -21.70 26.71
C GLY D 361 -14.37 -22.93 26.25
N LEU D 362 -13.89 -23.73 27.20
CA LEU D 362 -13.14 -24.94 26.84
C LEU D 362 -14.03 -25.99 26.20
N ASN D 363 -15.28 -26.11 26.67
CA ASN D 363 -16.14 -27.23 26.26
C ASN D 363 -16.60 -27.06 24.82
N GLN D 364 -17.07 -25.88 24.46
CA GLN D 364 -17.80 -25.68 23.22
C GLN D 364 -16.84 -25.13 22.15
N ARG D 365 -15.94 -26.00 21.72
CA ARG D 365 -14.92 -25.64 20.77
C ARG D 365 -14.41 -26.87 20.03
N THR D 376 -20.36 -29.09 18.91
CA THR D 376 -19.73 -30.21 19.58
C THR D 376 -19.56 -29.94 21.07
N ASN D 377 -19.69 -31.00 21.88
CA ASN D 377 -19.60 -30.89 23.33
C ASN D 377 -18.73 -32.02 23.85
N THR D 378 -17.67 -31.68 24.59
CA THR D 378 -16.85 -32.71 25.22
C THR D 378 -17.55 -33.31 26.44
N MET D 379 -18.18 -32.50 27.26
CA MET D 379 -18.90 -32.98 28.44
C MET D 379 -20.31 -32.40 28.45
N LYS D 380 -21.21 -33.08 29.17
CA LYS D 380 -22.61 -32.66 29.24
C LYS D 380 -22.78 -31.38 30.03
N ASN D 381 -23.64 -30.49 29.54
CA ASN D 381 -23.72 -29.14 30.09
C ASN D 381 -24.39 -29.09 31.46
N TYR D 382 -25.34 -29.98 31.75
CA TYR D 382 -26.08 -29.90 33.01
C TYR D 382 -25.22 -30.14 34.24
N MET D 383 -24.01 -30.70 34.09
CA MET D 383 -23.10 -30.85 35.21
C MET D 383 -22.13 -29.68 35.37
N ILE D 384 -22.06 -28.76 34.42
CA ILE D 384 -21.04 -27.70 34.48
C ILE D 384 -21.14 -26.81 35.71
N PRO D 385 -22.32 -26.36 36.16
CA PRO D 385 -22.34 -25.49 37.37
C PRO D 385 -21.79 -26.15 38.64
N VAL D 386 -22.06 -27.43 38.87
CA VAL D 386 -21.55 -28.06 40.08
C VAL D 386 -20.02 -28.25 40.00
N VAL D 387 -19.50 -28.64 38.84
CA VAL D 387 -18.06 -28.81 38.68
C VAL D 387 -17.34 -27.48 38.91
N ALA D 388 -17.86 -26.40 38.34
CA ALA D 388 -17.27 -25.08 38.55
C ALA D 388 -17.20 -24.73 40.02
N GLN D 389 -18.20 -25.12 40.80
CA GLN D 389 -18.15 -24.81 42.22
C GLN D 389 -17.06 -25.63 42.90
N ALA D 390 -16.95 -26.91 42.56
CA ALA D 390 -15.99 -27.78 43.24
C ALA D 390 -14.57 -27.31 43.00
N PHE D 391 -14.22 -27.04 41.73
CA PHE D 391 -12.88 -26.56 41.41
C PHE D 391 -12.55 -25.29 42.17
N SER D 392 -13.56 -24.43 42.40
CA SER D 392 -13.28 -23.18 43.08
C SER D 392 -12.93 -23.42 44.54
N LYS D 393 -13.56 -24.39 45.19
CA LYS D 393 -13.26 -24.63 46.60
C LYS D 393 -11.92 -25.33 46.76
N TRP D 394 -11.62 -26.30 45.90
CA TRP D 394 -10.33 -27.00 45.96
C TRP D 394 -9.18 -26.02 45.86
N ALA D 395 -9.22 -25.13 44.87
CA ALA D 395 -8.16 -24.14 44.71
C ALA D 395 -8.00 -23.29 45.96
N LYS D 396 -9.09 -22.98 46.65
CA LYS D 396 -8.97 -22.19 47.86
C LYS D 396 -8.27 -22.98 48.96
N GLU D 397 -8.66 -24.25 49.15
CA GLU D 397 -8.12 -25.02 50.27
C GLU D 397 -6.62 -25.22 50.12
N CYS D 398 -6.14 -25.45 48.90
CA CYS D 398 -4.71 -25.60 48.67
C CYS D 398 -3.95 -24.37 49.18
N ARG D 399 -4.46 -23.16 48.90
CA ARG D 399 -3.76 -21.97 49.35
C ARG D 399 -3.65 -21.93 50.87
N LYS D 400 -4.69 -22.37 51.57
CA LYS D 400 -4.65 -22.33 53.02
C LYS D 400 -3.59 -23.26 53.58
N ASP D 401 -3.31 -24.36 52.88
CA ASP D 401 -2.23 -25.23 53.32
C ASP D 401 -0.87 -24.56 53.14
N MET D 402 -0.72 -23.79 52.07
CA MET D 402 0.59 -23.21 51.78
C MET D 402 0.95 -22.08 52.73
N GLU D 403 -0.03 -21.45 53.36
CA GLU D 403 0.20 -20.34 54.25
C GLU D 403 0.31 -20.74 55.71
N ASP D 404 0.13 -22.01 56.04
CA ASP D 404 0.26 -22.49 57.41
C ASP D 404 1.19 -23.71 57.41
N GLU D 405 2.49 -23.45 57.36
CA GLU D 405 3.49 -24.52 57.35
C GLU D 405 3.73 -25.05 58.76
N LYS D 406 4.07 -26.33 58.84
CA LYS D 406 4.42 -26.98 60.08
C LYS D 406 5.90 -27.35 60.06
N LEU D 407 6.39 -27.93 61.16
CA LEU D 407 7.75 -28.40 61.24
C LEU D 407 7.85 -29.86 60.83
N LEU D 408 8.93 -30.21 60.14
CA LEU D 408 9.12 -31.57 59.66
C LEU D 408 9.20 -32.56 60.80
N GLY D 409 8.52 -33.69 60.63
CA GLY D 409 8.62 -34.80 61.56
C GLY D 409 7.88 -34.62 62.87
N VAL D 410 6.91 -33.73 62.93
CA VAL D 410 6.30 -33.32 64.19
C VAL D 410 4.80 -33.20 64.01
N ARG D 411 4.06 -33.63 65.03
CA ARG D 411 2.59 -33.63 65.02
C ARG D 411 2.12 -32.98 66.31
N GLU D 412 1.91 -31.66 66.28
CA GLU D 412 1.55 -30.94 67.50
C GLU D 412 0.13 -31.25 67.93
N ARG D 413 -0.07 -31.43 69.23
CA ARG D 413 -1.38 -31.77 69.79
C ARG D 413 -1.62 -31.05 71.10
N THR D 414 -1.26 -29.77 71.16
CA THR D 414 -1.40 -28.96 72.37
C THR D 414 -2.87 -28.79 72.77
N TRP D 421 -4.34 -30.05 75.21
CA TRP D 421 -3.94 -31.40 74.86
C TRP D 421 -4.82 -31.96 73.75
N ALA D 422 -5.23 -31.11 72.81
CA ALA D 422 -6.10 -31.52 71.73
C ALA D 422 -5.65 -30.89 70.42
N PHE D 423 -6.05 -31.52 69.32
CA PHE D 423 -5.79 -31.02 67.98
C PHE D 423 -7.12 -30.81 67.26
N LYS D 424 -7.12 -29.85 66.34
CA LYS D 424 -8.32 -29.51 65.59
C LYS D 424 -8.29 -30.14 64.20
N LYS D 425 -9.48 -30.41 63.68
CA LYS D 425 -9.64 -30.87 62.31
C LYS D 425 -9.99 -29.68 61.43
N GLN D 426 -9.39 -29.64 60.25
CA GLN D 426 -9.73 -28.63 59.27
C GLN D 426 -10.94 -29.07 58.45
N LYS D 427 -11.66 -28.10 57.91
CA LYS D 427 -12.82 -28.40 57.09
C LYS D 427 -12.42 -28.73 55.66
N THR D 428 -13.06 -29.75 55.10
CA THR D 428 -12.80 -30.20 53.74
C THR D 428 -14.12 -30.27 52.98
N HIS D 429 -14.24 -29.52 51.89
CA HIS D 429 -15.46 -29.51 51.10
C HIS D 429 -15.34 -30.15 49.73
N THR D 430 -14.15 -30.54 49.29
CA THR D 430 -13.96 -31.16 47.98
C THR D 430 -12.91 -32.25 48.05
N VAL D 431 -13.18 -33.40 47.44
CA VAL D 431 -12.12 -34.36 47.12
C VAL D 431 -12.05 -34.51 45.61
N TYR D 432 -10.83 -34.46 45.08
CA TYR D 432 -10.57 -34.40 43.65
C TYR D 432 -9.45 -35.38 43.31
N LYS D 433 -9.77 -36.49 42.65
CA LYS D 433 -8.78 -37.45 42.20
C LYS D 433 -8.47 -37.18 40.73
N ARG D 434 -7.25 -36.73 40.47
CA ARG D 434 -6.79 -36.35 39.15
C ARG D 434 -6.43 -37.57 38.30
N PRO D 435 -6.39 -37.41 36.98
CA PRO D 435 -5.94 -38.51 36.11
C PRO D 435 -4.55 -39.00 36.49
N ASP D 436 -4.41 -40.34 36.49
CA ASP D 436 -3.21 -41.08 36.86
C ASP D 436 -2.95 -41.14 38.37
N THR D 437 -3.95 -40.94 39.21
CA THR D 437 -3.83 -41.19 40.63
C THR D 437 -4.65 -42.42 41.00
N GLN D 438 -4.57 -42.85 42.26
CA GLN D 438 -5.21 -44.07 42.72
C GLN D 438 -5.90 -43.88 44.07
N SER D 439 -7.12 -44.40 44.19
CA SER D 439 -7.83 -44.48 45.46
C SER D 439 -7.53 -45.81 46.15
N ILE D 440 -7.54 -45.80 47.49
CA ILE D 440 -7.26 -46.99 48.29
C ILE D 440 -8.15 -47.01 49.54
N GLN D 441 -8.91 -48.09 49.73
CA GLN D 441 -9.85 -48.20 50.85
C GLN D 441 -9.68 -49.52 51.58
N LYS D 442 -10.00 -49.52 52.87
CA LYS D 442 -9.83 -50.68 53.74
C LYS D 442 -11.15 -51.44 53.88
N VAL D 443 -11.16 -52.73 53.50
CA VAL D 443 -12.35 -53.56 53.52
C VAL D 443 -12.05 -54.91 54.17
N GLN D 444 -13.09 -55.70 54.37
CA GLN D 444 -12.96 -57.03 54.97
C GLN D 444 -12.35 -58.01 53.99
N ALA D 445 -11.47 -58.88 54.50
CA ALA D 445 -10.78 -59.84 53.65
C ALA D 445 -10.81 -61.29 54.15
N GLU D 446 -11.37 -61.55 55.32
CA GLU D 446 -11.50 -62.90 55.85
C GLU D 446 -12.98 -63.21 56.08
N PHE D 447 -13.50 -64.22 55.40
CA PHE D 447 -14.91 -64.57 55.45
C PHE D 447 -15.06 -66.01 55.93
N ASP D 448 -15.79 -66.21 57.02
CA ASP D 448 -16.07 -67.55 57.52
C ASP D 448 -17.54 -67.90 57.59
N SER D 449 -18.44 -66.93 57.63
CA SER D 449 -19.85 -67.18 57.86
C SER D 449 -20.59 -67.24 56.53
N PHE D 450 -21.27 -68.35 56.27
CA PHE D 450 -22.09 -68.52 55.08
C PHE D 450 -23.35 -69.25 55.49
N VAL D 451 -24.48 -68.56 55.49
CA VAL D 451 -25.77 -69.18 55.81
C VAL D 451 -26.79 -68.89 54.71
N TRP D 456 -36.74 -74.18 49.92
CA TRP D 456 -36.91 -73.80 48.53
C TRP D 456 -38.27 -74.22 47.99
N SER D 457 -38.97 -73.27 47.36
CA SER D 457 -40.18 -73.55 46.61
C SER D 457 -40.08 -72.85 45.26
N SER D 458 -40.79 -73.40 44.26
CA SER D 458 -40.54 -73.03 42.88
C SER D 458 -40.84 -71.55 42.62
N GLY D 459 -42.03 -71.09 43.01
CA GLY D 459 -42.44 -69.73 42.74
C GLY D 459 -43.16 -69.52 41.43
N LEU D 460 -43.20 -70.53 40.56
CA LEU D 460 -43.98 -70.48 39.34
C LEU D 460 -45.46 -70.71 39.66
N SER D 461 -46.32 -70.42 38.68
CA SER D 461 -47.76 -70.53 38.85
C SER D 461 -48.38 -71.33 37.71
N ILE D 462 -49.54 -71.92 37.99
CA ILE D 462 -50.19 -72.81 37.03
C ILE D 462 -50.56 -72.10 35.73
N PRO D 463 -51.21 -70.92 35.76
CA PRO D 463 -51.57 -70.27 34.48
C PRO D 463 -50.37 -69.95 33.60
N LEU D 464 -49.25 -69.52 34.18
CA LEU D 464 -48.06 -69.24 33.39
C LEU D 464 -47.48 -70.52 32.79
N ARG D 465 -47.47 -71.60 33.56
CA ARG D 465 -47.02 -72.89 33.05
C ARG D 465 -47.90 -73.33 31.87
N THR D 466 -49.22 -73.15 32.00
CA THR D 466 -50.12 -73.50 30.92
C THR D 466 -49.87 -72.66 29.69
N ARG D 467 -49.62 -71.36 29.87
CA ARG D 467 -49.31 -70.51 28.72
C ARG D 467 -48.04 -70.95 28.03
N ILE D 468 -47.00 -71.27 28.79
CA ILE D 468 -45.73 -71.70 28.19
C ILE D 468 -45.91 -73.02 27.46
N LYS D 469 -46.62 -73.97 28.09
CA LYS D 469 -46.86 -75.26 27.45
C LYS D 469 -47.64 -75.11 26.16
N TRP D 470 -48.68 -74.27 26.16
CA TRP D 470 -49.43 -74.03 24.94
C TRP D 470 -48.57 -73.39 23.87
N LEU D 471 -47.75 -72.41 24.26
CA LEU D 471 -46.92 -71.69 23.30
C LEU D 471 -45.86 -72.59 22.70
N LEU D 472 -45.43 -73.61 23.43
CA LEU D 472 -44.41 -74.52 22.94
C LEU D 472 -45.01 -75.67 22.13
N SER D 473 -45.98 -76.39 22.70
CA SER D 473 -46.51 -77.58 22.08
C SER D 473 -47.11 -77.32 20.70
N LYS D 474 -47.50 -76.08 20.42
CA LYS D 474 -47.98 -75.68 19.11
C LYS D 474 -49.16 -76.54 18.65
N ASP E 2 -41.15 -49.43 0.14
CA ASP E 2 -40.12 -49.37 1.17
C ASP E 2 -39.90 -47.95 1.70
N PRO E 3 -39.99 -46.92 0.85
CA PRO E 3 -40.13 -45.56 1.37
C PRO E 3 -41.51 -45.36 2.00
N VAL E 4 -41.57 -44.43 2.94
CA VAL E 4 -42.81 -43.99 3.54
C VAL E 4 -43.01 -42.53 3.16
N TYR E 5 -44.22 -42.17 2.75
CA TYR E 5 -44.53 -40.87 2.19
C TYR E 5 -45.35 -40.07 3.18
N VAL E 6 -44.92 -38.85 3.47
CA VAL E 6 -45.63 -38.00 4.42
C VAL E 6 -46.02 -36.69 3.74
N ASP E 7 -47.16 -36.15 4.16
CA ASP E 7 -47.79 -34.99 3.51
C ASP E 7 -47.31 -33.70 4.18
N ILE E 8 -46.04 -33.36 3.93
CA ILE E 8 -45.44 -32.14 4.44
C ILE E 8 -44.61 -31.50 3.33
N ASP E 9 -44.31 -30.23 3.52
CA ASP E 9 -43.52 -29.49 2.55
C ASP E 9 -42.08 -29.99 2.53
N ALA E 10 -41.47 -29.95 1.34
CA ALA E 10 -40.15 -30.52 1.15
C ALA E 10 -39.05 -29.73 1.84
N ASP E 11 -39.28 -28.48 2.19
CA ASP E 11 -38.30 -27.65 2.87
C ASP E 11 -38.55 -27.50 4.36
N SER E 12 -39.42 -28.31 4.94
CA SER E 12 -39.73 -28.21 6.35
C SER E 12 -38.54 -28.64 7.21
N ALA E 13 -38.39 -27.99 8.36
CA ALA E 13 -37.37 -28.39 9.33
C ALA E 13 -37.77 -29.60 10.16
N PHE E 14 -39.06 -29.93 10.23
CA PHE E 14 -39.53 -31.04 11.04
C PHE E 14 -39.10 -32.38 10.47
N LEU E 15 -38.67 -32.40 9.22
CA LEU E 15 -38.32 -33.66 8.56
C LEU E 15 -37.09 -34.32 9.20
N LYS E 16 -36.11 -33.52 9.62
CA LYS E 16 -34.93 -34.12 10.24
C LYS E 16 -35.25 -34.72 11.59
N ALA E 17 -36.12 -34.07 12.37
CA ALA E 17 -36.56 -34.66 13.62
C ALA E 17 -37.32 -35.97 13.39
N LEU E 18 -38.17 -36.00 12.35
CA LEU E 18 -38.87 -37.24 12.02
C LEU E 18 -37.90 -38.34 11.63
N GLN E 19 -36.88 -38.02 10.84
CA GLN E 19 -35.90 -39.02 10.43
C GLN E 19 -35.11 -39.54 11.61
N ARG E 20 -34.72 -38.68 12.55
CA ARG E 20 -34.03 -39.17 13.74
C ARG E 20 -34.91 -40.04 14.61
N ALA E 21 -36.21 -39.77 14.68
CA ALA E 21 -37.08 -40.58 15.53
C ALA E 21 -37.40 -41.96 14.95
N TYR E 22 -37.33 -42.14 13.64
CA TYR E 22 -37.65 -43.43 13.00
C TYR E 22 -36.49 -43.86 12.11
N PRO E 23 -35.37 -44.30 12.71
CA PRO E 23 -34.19 -44.63 11.90
C PRO E 23 -34.33 -45.89 11.04
N MET E 24 -35.37 -46.69 11.24
CA MET E 24 -35.52 -47.91 10.45
C MET E 24 -36.29 -47.71 9.15
N PHE E 25 -36.75 -46.50 8.85
CA PHE E 25 -37.49 -46.23 7.62
C PHE E 25 -36.73 -45.25 6.75
N GLU E 26 -37.33 -44.91 5.63
CA GLU E 26 -36.78 -43.97 4.67
C GLU E 26 -37.90 -43.04 4.25
N VAL E 27 -37.82 -41.77 4.69
CA VAL E 27 -38.97 -40.87 4.75
C VAL E 27 -38.90 -39.87 3.60
N GLU E 28 -39.94 -39.84 2.77
CA GLU E 28 -40.12 -38.98 1.60
C GLU E 28 -41.25 -37.98 1.80
N PRO E 29 -41.02 -36.72 1.50
CA PRO E 29 -42.11 -35.73 1.54
C PRO E 29 -42.90 -35.68 0.23
N ARG E 30 -44.23 -35.64 0.33
CA ARG E 30 -45.11 -35.56 -0.84
C ARG E 30 -46.36 -34.79 -0.42
N GLN E 31 -46.37 -33.47 -0.66
CA GLN E 31 -47.43 -32.62 -0.14
C GLN E 31 -48.62 -32.58 -1.10
N VAL E 32 -49.83 -32.74 -0.55
CA VAL E 32 -51.04 -32.70 -1.36
C VAL E 32 -52.11 -31.76 -0.82
N THR E 33 -52.07 -31.33 0.43
CA THR E 33 -53.05 -30.43 1.01
C THR E 33 -52.33 -29.39 1.86
N PRO E 34 -52.99 -28.25 2.15
CA PRO E 34 -52.45 -27.26 3.10
C PRO E 34 -52.93 -27.45 4.54
N ASN E 35 -52.88 -28.69 5.04
CA ASN E 35 -53.36 -28.97 6.40
C ASN E 35 -52.58 -28.16 7.43
N ASP E 36 -53.29 -27.53 8.35
CA ASP E 36 -52.61 -26.70 9.34
C ASP E 36 -52.18 -27.47 10.59
N HIS E 37 -52.41 -28.77 10.65
CA HIS E 37 -51.82 -29.64 11.67
C HIS E 37 -51.17 -30.86 11.01
N ALA E 38 -50.32 -30.60 10.01
CA ALA E 38 -49.72 -31.67 9.21
C ALA E 38 -48.72 -32.52 9.99
N ASN E 39 -47.92 -31.89 10.87
CA ASN E 39 -46.86 -32.62 11.58
C ASN E 39 -47.44 -33.72 12.49
N ALA E 40 -48.54 -33.43 13.18
CA ALA E 40 -49.17 -34.41 14.05
C ALA E 40 -49.67 -35.62 13.28
N ARG E 41 -50.30 -35.39 12.12
CA ARG E 41 -50.77 -36.49 11.28
C ARG E 41 -49.62 -37.35 10.76
N ALA E 42 -48.51 -36.71 10.35
CA ALA E 42 -47.36 -37.48 9.89
C ALA E 42 -46.80 -38.38 11.00
N PHE E 43 -46.69 -37.86 12.23
CA PHE E 43 -46.19 -38.68 13.33
C PHE E 43 -47.10 -39.89 13.58
N SER E 44 -48.42 -39.68 13.58
CA SER E 44 -49.33 -40.80 13.80
C SER E 44 -49.21 -41.87 12.72
N HIS E 45 -49.07 -41.44 11.46
CA HIS E 45 -48.91 -42.38 10.35
C HIS E 45 -47.68 -43.26 10.53
N LEU E 46 -46.53 -42.64 10.84
CA LEU E 46 -45.32 -43.44 11.03
C LEU E 46 -45.42 -44.36 12.24
N ALA E 47 -46.10 -43.92 13.30
CA ALA E 47 -46.25 -44.79 14.47
C ALA E 47 -47.01 -46.06 14.13
N ILE E 48 -48.09 -45.94 13.36
CA ILE E 48 -48.84 -47.14 12.97
C ILE E 48 -47.97 -48.07 12.14
N LYS E 49 -47.19 -47.51 11.19
CA LYS E 49 -46.30 -48.37 10.41
C LYS E 49 -45.35 -49.16 11.29
N LEU E 50 -44.71 -48.50 12.25
CA LEU E 50 -43.74 -49.19 13.10
C LEU E 50 -44.40 -50.28 13.93
N ILE E 51 -45.56 -49.99 14.51
CA ILE E 51 -46.25 -51.00 15.31
C ILE E 51 -46.59 -52.22 14.47
N GLU E 52 -47.08 -52.00 13.25
CA GLU E 52 -47.39 -53.14 12.39
C GLU E 52 -46.13 -53.94 12.06
N GLN E 53 -44.99 -53.27 11.91
CA GLN E 53 -43.77 -54.03 11.65
C GLN E 53 -43.33 -54.86 12.85
N GLU E 54 -43.62 -54.42 14.09
CA GLU E 54 -43.23 -55.25 15.23
C GLU E 54 -43.96 -56.58 15.31
N ILE E 55 -45.28 -56.57 15.24
CA ILE E 55 -46.03 -57.76 15.59
C ILE E 55 -46.10 -58.73 14.42
N ASP E 56 -46.43 -60.00 14.73
CA ASP E 56 -46.46 -60.97 13.65
C ASP E 56 -47.88 -61.21 13.17
N PRO E 57 -48.07 -61.60 11.91
CA PRO E 57 -49.43 -61.89 11.42
C PRO E 57 -49.99 -63.15 12.06
N ASP E 58 -51.21 -63.53 11.67
CA ASP E 58 -52.02 -64.59 12.26
C ASP E 58 -52.58 -64.20 13.61
N SER E 59 -52.20 -63.06 14.15
CA SER E 59 -52.82 -62.53 15.35
C SER E 59 -53.88 -61.51 14.97
N THR E 60 -54.96 -61.48 15.75
CA THR E 60 -56.04 -60.53 15.54
C THR E 60 -55.86 -59.34 16.47
N ILE E 61 -56.15 -58.15 15.97
CA ILE E 61 -55.86 -56.90 16.64
C ILE E 61 -57.17 -56.18 16.96
N LEU E 62 -57.41 -55.90 18.24
CA LEU E 62 -58.52 -55.06 18.62
C LEU E 62 -58.16 -53.59 18.42
N ASP E 63 -59.03 -52.84 17.75
CA ASP E 63 -58.84 -51.41 17.52
C ASP E 63 -59.87 -50.67 18.35
N ILE E 64 -59.44 -50.13 19.48
CA ILE E 64 -60.33 -49.49 20.44
C ILE E 64 -60.63 -48.05 19.99
N GLY E 65 -61.91 -47.72 19.89
CA GLY E 65 -62.33 -46.42 19.41
C GLY E 65 -61.90 -46.15 18.00
N SER E 66 -62.14 -47.09 17.11
CA SER E 66 -61.55 -47.09 15.78
C SER E 66 -62.18 -46.06 14.85
N ALA E 67 -61.44 -45.70 13.82
CA ALA E 67 -61.96 -45.03 12.62
C ALA E 67 -61.77 -45.98 11.45
N PRO E 68 -62.80 -46.74 11.08
CA PRO E 68 -62.58 -47.93 10.23
C PRO E 68 -61.95 -47.65 8.87
N ALA E 69 -62.23 -46.50 8.26
CA ALA E 69 -61.69 -46.23 6.94
C ALA E 69 -60.17 -46.18 6.91
N ARG E 70 -59.52 -45.95 8.05
CA ARG E 70 -58.06 -45.97 8.07
C ARG E 70 -57.50 -47.38 7.95
N ARG E 71 -58.26 -48.39 8.37
CA ARG E 71 -57.75 -49.76 8.35
C ARG E 71 -58.19 -50.55 7.13
N MET E 72 -58.80 -49.89 6.14
CA MET E 72 -59.50 -50.62 5.08
C MET E 72 -58.56 -51.23 4.05
N MET E 73 -57.45 -50.57 3.73
CA MET E 73 -56.46 -51.11 2.80
C MET E 73 -55.26 -51.73 3.50
N SER E 74 -55.48 -52.38 4.64
CA SER E 74 -54.42 -53.08 5.36
C SER E 74 -54.62 -54.58 5.21
N ASP E 75 -53.52 -55.32 5.16
CA ASP E 75 -53.60 -56.77 5.02
C ASP E 75 -53.70 -57.51 6.34
N ARG E 76 -53.52 -56.84 7.47
CA ARG E 76 -53.61 -57.48 8.77
C ARG E 76 -55.08 -57.70 9.15
N LYS E 77 -55.31 -58.27 10.33
CA LYS E 77 -56.66 -58.65 10.77
C LYS E 77 -57.09 -57.76 11.93
N TYR E 78 -57.90 -56.75 11.63
CA TYR E 78 -58.40 -55.81 12.62
C TYR E 78 -59.84 -56.12 12.99
N HIS E 79 -60.18 -55.91 14.26
CA HIS E 79 -61.55 -55.92 14.74
C HIS E 79 -61.81 -54.54 15.34
N CYS E 80 -62.66 -53.75 14.68
CA CYS E 80 -62.85 -52.35 15.02
C CYS E 80 -63.99 -52.21 16.02
N VAL E 81 -63.72 -51.57 17.15
CA VAL E 81 -64.73 -51.37 18.19
C VAL E 81 -65.21 -49.93 18.05
N CYS E 82 -66.44 -49.75 17.61
CA CYS E 82 -66.97 -48.41 17.35
C CYS E 82 -68.29 -48.10 17.99
N PRO E 83 -68.23 -47.49 19.17
CA PRO E 83 -69.49 -47.08 19.75
C PRO E 83 -69.82 -45.62 19.25
N MET E 84 -71.05 -45.28 19.05
CA MET E 84 -71.35 -43.92 18.57
C MET E 84 -71.56 -42.92 19.70
N ARG E 85 -70.53 -42.60 20.49
CA ARG E 85 -70.59 -41.71 21.63
C ARG E 85 -70.13 -40.29 21.33
N SER E 86 -69.61 -40.03 20.14
CA SER E 86 -69.04 -38.75 19.76
C SER E 86 -69.79 -38.18 18.56
N ALA E 87 -69.85 -36.85 18.48
CA ALA E 87 -70.57 -36.19 17.39
C ALA E 87 -69.89 -36.35 16.05
N GLU E 88 -68.63 -36.80 16.02
CA GLU E 88 -67.90 -37.02 14.77
C GLU E 88 -68.07 -38.42 14.22
N ASP E 89 -68.76 -39.32 14.92
CA ASP E 89 -68.83 -40.73 14.56
C ASP E 89 -69.73 -41.05 13.36
N PRO E 90 -70.96 -40.50 13.27
CA PRO E 90 -71.80 -40.85 12.11
C PRO E 90 -71.16 -40.53 10.77
N GLU E 91 -70.42 -39.42 10.69
CA GLU E 91 -69.74 -39.09 9.45
C GLU E 91 -68.60 -40.05 9.14
N ARG E 92 -67.89 -40.52 10.18
CA ARG E 92 -66.86 -41.53 9.98
C ARG E 92 -67.46 -42.83 9.46
N LEU E 93 -68.59 -43.25 10.03
CA LEU E 93 -69.26 -44.45 9.55
C LEU E 93 -69.73 -44.32 8.10
N ALA E 94 -70.36 -43.20 7.78
CA ALA E 94 -70.80 -42.99 6.40
C ALA E 94 -69.62 -42.98 5.43
N ASN E 95 -68.50 -42.39 5.84
CA ASN E 95 -67.30 -42.37 5.00
C ASN E 95 -66.76 -43.77 4.78
N TYR E 96 -66.82 -44.62 5.82
CA TYR E 96 -66.39 -46.00 5.66
C TYR E 96 -67.25 -46.75 4.66
N ALA E 97 -68.58 -46.61 4.78
CA ALA E 97 -69.48 -47.28 3.86
C ALA E 97 -69.27 -46.79 2.43
N ARG E 98 -69.06 -45.49 2.25
CA ARG E 98 -68.80 -44.94 0.93
C ARG E 98 -67.52 -45.51 0.33
N LYS E 99 -66.42 -45.49 1.10
CA LYS E 99 -65.16 -46.07 0.64
C LYS E 99 -65.32 -47.53 0.28
N LEU E 100 -66.07 -48.30 1.09
CA LEU E 100 -66.27 -49.71 0.79
C LEU E 100 -67.01 -49.89 -0.53
N ALA E 101 -68.13 -49.19 -0.70
CA ALA E 101 -68.94 -49.37 -1.90
C ALA E 101 -68.20 -48.93 -3.15
N SER E 102 -67.36 -47.90 -3.06
CA SER E 102 -66.69 -47.40 -4.26
C SER E 102 -65.78 -48.44 -4.88
N ALA E 103 -65.00 -49.15 -4.06
CA ALA E 103 -64.05 -50.15 -4.54
C ALA E 103 -64.53 -51.52 -4.09
N ALA E 104 -65.41 -52.13 -4.87
CA ALA E 104 -65.99 -53.41 -4.51
C ALA E 104 -65.53 -54.56 -5.40
N GLY E 105 -65.06 -54.29 -6.61
CA GLY E 105 -64.51 -55.32 -7.46
C GLY E 105 -63.13 -54.96 -7.96
N LYS E 106 -62.78 -53.68 -7.87
CA LYS E 106 -61.48 -53.23 -8.35
C LYS E 106 -60.36 -53.71 -7.46
N VAL E 107 -60.61 -53.84 -6.16
CA VAL E 107 -59.62 -54.31 -5.19
C VAL E 107 -60.01 -55.72 -4.77
N LEU E 108 -59.06 -56.66 -4.83
CA LEU E 108 -59.34 -58.06 -4.58
C LEU E 108 -58.53 -58.67 -3.45
N ASP E 109 -57.35 -58.14 -3.15
CA ASP E 109 -56.50 -58.74 -2.12
C ASP E 109 -57.12 -58.62 -0.74
N ARG E 110 -57.75 -57.48 -0.45
CA ARG E 110 -58.34 -57.25 0.85
C ARG E 110 -59.71 -57.92 0.94
N ASN E 111 -60.11 -58.22 2.17
CA ASN E 111 -61.37 -58.90 2.42
C ASN E 111 -62.54 -57.92 2.26
N ILE E 112 -62.64 -57.35 1.06
CA ILE E 112 -63.65 -56.32 0.80
C ILE E 112 -65.05 -56.88 0.92
N SER E 113 -65.30 -58.02 0.26
CA SER E 113 -66.63 -58.62 0.31
C SER E 113 -67.00 -59.03 1.72
N GLY E 114 -66.06 -59.61 2.45
CA GLY E 114 -66.32 -59.96 3.83
C GLY E 114 -66.65 -58.75 4.69
N LYS E 115 -65.95 -57.64 4.46
CA LYS E 115 -66.24 -56.43 5.21
C LYS E 115 -67.64 -55.90 4.91
N ILE E 116 -68.03 -55.93 3.62
CA ILE E 116 -69.37 -55.48 3.25
C ILE E 116 -70.43 -56.35 3.92
N GLY E 117 -70.23 -57.67 3.86
CA GLY E 117 -71.17 -58.57 4.49
C GLY E 117 -71.27 -58.37 6.00
N ASP E 118 -70.13 -58.14 6.65
CA ASP E 118 -70.14 -57.92 8.10
C ASP E 118 -70.89 -56.64 8.45
N LEU E 119 -70.65 -55.57 7.69
CA LEU E 119 -71.37 -54.32 7.95
C LEU E 119 -72.88 -54.50 7.77
N GLN E 120 -73.28 -55.20 6.71
CA GLN E 120 -74.71 -55.42 6.50
C GLN E 120 -75.32 -56.25 7.62
N ALA E 121 -74.62 -57.30 8.05
CA ALA E 121 -75.12 -58.15 9.11
C ALA E 121 -75.26 -57.38 10.41
N VAL E 122 -74.32 -56.46 10.68
CA VAL E 122 -74.43 -55.65 11.90
C VAL E 122 -75.61 -54.69 11.79
N MET E 123 -75.81 -54.08 10.61
CA MET E 123 -76.96 -53.19 10.43
C MET E 123 -78.28 -53.93 10.65
N ALA E 124 -78.36 -55.19 10.21
CA ALA E 124 -79.59 -55.95 10.40
C ALA E 124 -79.90 -56.16 11.89
N VAL E 125 -78.95 -56.70 12.63
CA VAL E 125 -79.09 -56.94 14.06
C VAL E 125 -77.94 -56.25 14.77
N PRO E 126 -78.20 -55.26 15.64
CA PRO E 126 -77.11 -54.42 16.16
C PRO E 126 -76.33 -55.02 17.32
N ASP E 127 -76.66 -56.22 17.78
CA ASP E 127 -76.00 -56.83 18.93
C ASP E 127 -75.26 -58.10 18.52
N THR E 128 -74.57 -58.08 17.40
CA THR E 128 -73.85 -59.24 16.92
C THR E 128 -72.39 -58.89 16.67
N GLU E 129 -71.50 -59.77 17.10
CA GLU E 129 -70.08 -59.63 16.80
C GLU E 129 -69.79 -60.25 15.43
N THR E 130 -68.95 -59.58 14.66
CA THR E 130 -68.45 -60.07 13.39
C THR E 130 -66.93 -59.94 13.41
N PRO E 131 -66.23 -60.65 12.55
CA PRO E 131 -64.75 -60.61 12.60
C PRO E 131 -64.15 -59.23 12.39
N THR E 132 -64.84 -58.29 11.75
CA THR E 132 -64.23 -57.01 11.44
C THR E 132 -64.92 -55.79 12.03
N PHE E 133 -65.99 -55.94 12.79
CA PHE E 133 -66.77 -54.77 13.18
C PHE E 133 -67.75 -55.14 14.28
N CYS E 134 -68.06 -54.17 15.14
CA CYS E 134 -69.08 -54.30 16.17
C CYS E 134 -69.39 -52.92 16.72
N LEU E 135 -70.43 -52.82 17.54
CA LEU E 135 -70.91 -51.55 18.07
C LEU E 135 -70.86 -51.48 19.59
N HIS E 136 -69.99 -52.23 20.22
CA HIS E 136 -69.91 -52.25 21.68
C HIS E 136 -68.85 -51.27 22.18
N THR E 137 -68.70 -51.19 23.50
CA THR E 137 -67.65 -50.41 24.12
C THR E 137 -66.46 -51.31 24.44
N ASP E 138 -65.43 -50.71 25.03
CA ASP E 138 -64.24 -51.47 25.40
C ASP E 138 -64.54 -52.51 26.48
N VAL E 139 -65.55 -52.26 27.30
CA VAL E 139 -65.91 -53.17 28.38
C VAL E 139 -66.90 -54.25 27.95
N SER E 140 -67.73 -54.01 26.94
CA SER E 140 -68.79 -54.95 26.60
C SER E 140 -68.55 -55.70 25.28
N CYS E 141 -67.39 -55.56 24.67
CA CYS E 141 -67.05 -56.39 23.52
C CYS E 141 -66.65 -57.79 23.97
N ARG E 142 -66.93 -58.78 23.12
CA ARG E 142 -66.68 -60.18 23.45
C ARG E 142 -65.75 -60.90 22.48
N GLN E 143 -65.17 -60.20 21.53
CA GLN E 143 -64.19 -60.83 20.64
C GLN E 143 -62.89 -61.08 21.39
N ARG E 144 -62.26 -62.22 21.15
CA ARG E 144 -61.00 -62.57 21.79
C ARG E 144 -59.83 -62.33 20.85
N ALA E 145 -58.73 -61.82 21.40
CA ALA E 145 -57.57 -61.45 20.59
C ALA E 145 -56.34 -61.50 21.49
N ASP E 146 -55.20 -61.04 20.95
CA ASP E 146 -53.98 -60.95 21.74
C ASP E 146 -53.22 -59.65 21.61
N VAL E 147 -53.67 -58.69 20.79
CA VAL E 147 -53.08 -57.36 20.71
C VAL E 147 -54.20 -56.33 20.73
N ALA E 148 -53.99 -55.24 21.47
CA ALA E 148 -54.90 -54.10 21.49
C ALA E 148 -54.14 -52.84 21.14
N ILE E 149 -54.81 -51.91 20.47
CA ILE E 149 -54.21 -50.65 20.05
C ILE E 149 -55.12 -49.49 20.48
N TYR E 150 -54.52 -48.43 20.99
CA TYR E 150 -55.20 -47.19 21.33
C TYR E 150 -54.52 -46.05 20.58
N GLN E 151 -55.22 -45.44 19.63
CA GLN E 151 -54.65 -44.36 18.84
C GLN E 151 -55.42 -43.07 19.14
N ASP E 152 -54.77 -42.13 19.84
CA ASP E 152 -55.34 -40.84 20.21
C ASP E 152 -56.65 -40.99 20.98
N VAL E 153 -56.63 -41.86 21.99
CA VAL E 153 -57.80 -42.14 22.81
C VAL E 153 -57.55 -41.55 24.20
N TYR E 154 -58.40 -40.62 24.61
CA TYR E 154 -58.23 -39.93 25.87
C TYR E 154 -59.44 -40.06 26.79
N ALA E 155 -60.40 -40.90 26.45
CA ALA E 155 -61.71 -40.88 27.09
C ALA E 155 -61.96 -42.05 28.04
N VAL E 156 -60.98 -42.91 28.29
CA VAL E 156 -61.20 -44.05 29.17
C VAL E 156 -60.23 -44.01 30.35
N HIS E 157 -60.62 -44.69 31.41
CA HIS E 157 -59.78 -44.89 32.60
C HIS E 157 -58.88 -46.10 32.37
N ALA E 158 -57.57 -45.88 32.36
CA ALA E 158 -56.64 -46.87 31.80
C ALA E 158 -56.64 -48.22 32.53
N PRO E 159 -56.57 -48.31 33.86
CA PRO E 159 -56.50 -49.65 34.48
C PRO E 159 -57.75 -50.50 34.30
N THR E 160 -58.95 -49.91 34.36
CA THR E 160 -60.17 -50.67 34.12
C THR E 160 -60.20 -51.24 32.72
N SER E 161 -59.87 -50.40 31.74
CA SER E 161 -59.85 -50.84 30.34
C SER E 161 -58.83 -51.94 30.12
N LEU E 162 -57.62 -51.80 30.67
CA LEU E 162 -56.58 -52.81 30.48
C LEU E 162 -56.97 -54.13 31.13
N TYR E 163 -57.58 -54.09 32.32
CA TYR E 163 -58.04 -55.31 32.96
C TYR E 163 -59.07 -56.04 32.10
N HIS E 164 -60.01 -55.30 31.52
CA HIS E 164 -61.02 -55.94 30.69
C HIS E 164 -60.41 -56.49 29.40
N GLN E 165 -59.33 -55.90 28.90
CA GLN E 165 -58.64 -56.53 27.78
C GLN E 165 -57.88 -57.78 28.21
N ALA E 166 -57.34 -57.80 29.43
CA ALA E 166 -56.50 -58.90 29.86
C ALA E 166 -57.31 -60.16 30.14
N ILE E 167 -58.51 -60.02 30.70
CA ILE E 167 -59.30 -61.22 31.01
C ILE E 167 -59.81 -61.89 29.74
N LYS E 168 -59.50 -61.32 28.58
CA LYS E 168 -59.88 -61.88 27.30
C LYS E 168 -58.69 -62.42 26.51
N GLY E 169 -57.51 -62.49 27.12
CA GLY E 169 -56.36 -63.09 26.47
C GLY E 169 -55.41 -62.16 25.76
N VAL E 170 -55.51 -60.85 25.95
CA VAL E 170 -54.59 -59.91 25.32
C VAL E 170 -53.30 -59.84 26.14
N ARG E 171 -52.16 -59.90 25.46
CA ARG E 171 -50.86 -59.87 26.12
C ARG E 171 -50.03 -58.64 25.83
N LEU E 172 -50.41 -57.81 24.87
CA LEU E 172 -49.58 -56.70 24.42
C LEU E 172 -50.46 -55.55 23.95
N ALA E 173 -50.15 -54.33 24.37
CA ALA E 173 -50.94 -53.16 24.01
C ALA E 173 -50.05 -51.96 23.72
N TYR E 174 -50.52 -51.07 22.85
CA TYR E 174 -49.81 -49.86 22.48
C TYR E 174 -50.70 -48.64 22.65
N TRP E 175 -50.08 -47.51 23.02
CA TRP E 175 -50.78 -46.23 23.19
C TRP E 175 -49.99 -45.12 22.50
N VAL E 176 -50.67 -44.33 21.67
CA VAL E 176 -50.06 -43.24 20.92
C VAL E 176 -50.71 -41.93 21.33
N GLY E 177 -49.91 -40.93 21.69
CA GLY E 177 -50.53 -39.67 22.07
C GLY E 177 -49.56 -38.63 22.60
N PHE E 178 -50.13 -37.50 23.04
CA PHE E 178 -49.36 -36.40 23.62
C PHE E 178 -48.85 -36.77 25.01
N ASP E 179 -47.62 -36.36 25.30
CA ASP E 179 -46.98 -36.63 26.58
C ASP E 179 -47.79 -36.09 27.75
N THR E 180 -47.95 -36.91 28.79
CA THR E 180 -48.78 -36.60 29.95
C THR E 180 -48.02 -35.88 31.06
N THR E 181 -46.72 -35.63 30.90
CA THR E 181 -45.94 -35.01 31.98
C THR E 181 -46.44 -33.64 32.43
N PRO E 182 -46.81 -32.69 31.56
CA PRO E 182 -47.26 -31.38 32.06
C PRO E 182 -48.48 -31.43 32.97
N PHE E 183 -49.33 -32.44 32.85
CA PHE E 183 -50.48 -32.56 33.72
C PHE E 183 -50.14 -33.18 35.08
N MET E 184 -49.01 -33.87 35.20
CA MET E 184 -48.56 -34.33 36.50
C MET E 184 -47.96 -33.21 37.32
N TYR E 185 -47.38 -32.19 36.68
CA TYR E 185 -46.92 -31.01 37.36
C TYR E 185 -48.04 -30.01 37.67
N ASN E 186 -49.26 -30.23 37.18
CA ASN E 186 -50.46 -29.48 37.54
C ASN E 186 -50.43 -28.02 37.05
N ALA E 187 -50.05 -27.82 35.79
CA ALA E 187 -50.00 -26.48 35.21
C ALA E 187 -51.40 -25.99 34.82
N MET E 188 -51.54 -24.67 34.68
CA MET E 188 -52.81 -24.09 34.30
C MET E 188 -52.99 -23.93 32.78
N ALA E 189 -51.93 -23.75 32.00
CA ALA E 189 -52.02 -23.66 30.54
C ALA E 189 -50.68 -24.07 29.94
N GLY E 190 -50.66 -24.36 28.63
CA GLY E 190 -49.39 -24.74 28.03
C GLY E 190 -49.40 -24.86 26.52
N ALA E 191 -48.23 -25.24 25.97
CA ALA E 191 -48.00 -25.31 24.54
C ALA E 191 -47.21 -26.56 24.14
N TYR E 192 -47.53 -27.10 22.96
CA TYR E 192 -46.67 -28.04 22.22
C TYR E 192 -46.34 -27.36 20.89
N PRO E 193 -45.26 -26.59 20.84
CA PRO E 193 -45.03 -25.66 19.73
C PRO E 193 -44.64 -26.28 18.40
N SER E 194 -43.97 -27.43 18.41
CA SER E 194 -43.63 -28.11 17.17
C SER E 194 -44.86 -28.63 16.43
N TYR E 195 -45.98 -28.81 17.11
CA TYR E 195 -47.19 -29.34 16.50
C TYR E 195 -48.29 -28.31 16.36
N SER E 196 -47.97 -27.02 16.50
CA SER E 196 -48.95 -25.94 16.47
C SER E 196 -50.11 -26.18 17.43
N THR E 197 -49.81 -26.64 18.64
CA THR E 197 -50.88 -27.01 19.57
C THR E 197 -50.81 -26.19 20.84
N ASN E 198 -51.97 -25.71 21.32
CA ASN E 198 -52.05 -24.98 22.57
C ASN E 198 -53.20 -25.50 23.43
N TRP E 199 -53.08 -25.41 24.75
CA TRP E 199 -54.14 -25.89 25.64
C TRP E 199 -54.29 -24.98 26.84
N ALA E 200 -55.50 -24.97 27.42
CA ALA E 200 -55.79 -24.10 28.55
C ALA E 200 -56.92 -24.63 29.43
N ASP E 201 -56.82 -24.32 30.71
CA ASP E 201 -57.89 -24.48 31.68
C ASP E 201 -59.08 -23.56 31.36
N GLU E 202 -60.28 -24.05 31.63
CA GLU E 202 -61.49 -23.30 31.28
C GLU E 202 -61.58 -21.95 31.99
N GLN E 203 -60.97 -21.82 33.17
CA GLN E 203 -61.05 -20.57 33.92
C GLN E 203 -60.22 -19.43 33.34
N VAL E 204 -59.31 -19.67 32.41
CA VAL E 204 -58.45 -18.60 31.91
C VAL E 204 -58.64 -18.36 30.41
N LEU E 205 -59.79 -18.71 29.85
CA LEU E 205 -60.02 -18.50 28.42
C LEU E 205 -60.17 -17.03 28.05
N LYS E 206 -60.36 -16.13 29.02
CA LYS E 206 -60.43 -14.70 28.75
C LYS E 206 -59.14 -13.97 29.11
N ALA E 207 -57.99 -14.63 29.01
CA ALA E 207 -56.70 -13.99 29.19
C ALA E 207 -56.32 -13.18 27.95
N LYS E 208 -55.13 -12.62 27.95
CA LYS E 208 -54.69 -11.75 26.87
C LYS E 208 -53.46 -12.25 26.13
N ASN E 209 -52.47 -12.83 26.81
CA ASN E 209 -51.17 -13.11 26.18
C ASN E 209 -50.73 -14.57 26.24
N ILE E 210 -51.65 -15.52 26.36
CA ILE E 210 -51.29 -16.94 26.26
C ILE E 210 -51.67 -17.45 24.88
N GLY E 211 -51.33 -18.70 24.59
CA GLY E 211 -51.55 -19.25 23.26
C GLY E 211 -53.01 -19.31 22.83
N LEU E 212 -53.89 -19.78 23.71
CA LEU E 212 -55.30 -19.96 23.37
C LEU E 212 -56.17 -19.11 24.29
N CYS E 213 -56.68 -17.97 23.80
CA CYS E 213 -57.44 -17.02 24.59
C CYS E 213 -58.05 -15.95 23.70
N SER E 214 -58.88 -15.09 24.30
CA SER E 214 -59.53 -13.99 23.60
C SER E 214 -60.12 -12.99 24.59
N THR E 215 -59.92 -11.69 24.34
CA THR E 215 -60.42 -10.65 25.23
C THR E 215 -60.74 -9.39 24.42
N ASP E 216 -61.16 -8.31 25.09
CA ASP E 216 -61.61 -7.10 24.41
C ASP E 216 -61.10 -5.83 25.10
N LEU E 217 -61.28 -4.69 24.41
CA LEU E 217 -60.79 -3.40 24.88
C LEU E 217 -61.69 -2.79 25.95
N THR E 218 -61.08 -2.09 26.91
CA THR E 218 -61.82 -1.44 27.99
C THR E 218 -61.06 -0.20 28.44
N GLU E 219 -61.79 0.72 29.10
CA GLU E 219 -61.17 1.89 29.69
C GLU E 219 -60.86 1.73 31.18
N GLY E 220 -61.34 0.67 31.84
CA GLY E 220 -60.89 0.42 33.19
C GLY E 220 -61.67 1.07 34.33
N ARG E 221 -62.93 0.72 34.49
CA ARG E 221 -63.69 1.17 35.65
C ARG E 221 -63.17 0.54 36.93
N ARG E 222 -63.19 1.31 38.01
CA ARG E 222 -62.71 0.80 39.29
C ARG E 222 -63.78 0.09 40.10
N GLY E 223 -65.05 0.16 39.70
CA GLY E 223 -66.07 -0.40 40.56
C GLY E 223 -66.12 -1.90 40.61
N LYS E 224 -66.66 -2.52 39.55
CA LYS E 224 -66.83 -3.97 39.43
C LYS E 224 -67.18 -4.61 40.77
N LEU E 225 -68.11 -4.00 41.48
CA LEU E 225 -68.43 -4.41 42.85
C LEU E 225 -69.27 -5.67 42.82
N SER E 226 -68.65 -6.81 43.14
CA SER E 226 -69.34 -8.08 43.25
C SER E 226 -69.08 -8.66 44.64
N ILE E 227 -70.16 -9.08 45.31
CA ILE E 227 -70.03 -9.62 46.66
C ILE E 227 -69.50 -11.04 46.66
N MET E 228 -69.61 -11.76 45.54
CA MET E 228 -69.17 -13.15 45.46
C MET E 228 -67.65 -13.21 45.54
N ARG E 229 -67.13 -13.66 46.67
CA ARG E 229 -65.69 -13.71 46.91
C ARG E 229 -65.12 -14.97 46.28
N GLY E 230 -64.33 -14.79 45.22
CA GLY E 230 -63.66 -15.92 44.62
C GLY E 230 -62.47 -16.36 45.44
N LYS E 231 -61.43 -15.52 45.47
CA LYS E 231 -60.33 -15.62 46.42
C LYS E 231 -59.40 -16.80 46.24
N LYS E 232 -59.67 -17.71 45.30
CA LYS E 232 -58.68 -18.73 44.96
C LYS E 232 -58.77 -19.03 43.48
N LEU E 233 -57.61 -19.17 42.84
CA LEU E 233 -57.50 -19.53 41.43
C LEU E 233 -56.67 -20.82 41.37
N GLU E 234 -57.34 -21.95 41.26
CA GLU E 234 -56.71 -23.26 41.23
C GLU E 234 -57.19 -24.02 40.01
N PRO E 235 -56.38 -24.95 39.51
CA PRO E 235 -56.82 -25.77 38.37
C PRO E 235 -58.06 -26.58 38.67
N CYS E 236 -58.89 -26.75 37.65
CA CYS E 236 -60.12 -27.55 37.69
C CYS E 236 -60.06 -28.63 36.62
N ASP E 237 -61.05 -29.51 36.63
CA ASP E 237 -60.99 -30.74 35.83
C ASP E 237 -61.11 -30.48 34.32
N ARG E 238 -61.78 -29.40 33.93
CA ARG E 238 -62.11 -29.19 32.52
C ARG E 238 -60.97 -28.49 31.78
N VAL E 239 -60.52 -29.05 30.66
CA VAL E 239 -59.45 -28.47 29.87
C VAL E 239 -59.83 -28.45 28.39
N LEU E 240 -59.34 -27.46 27.65
CA LEU E 240 -59.57 -27.35 26.21
C LEU E 240 -58.26 -27.43 25.45
N PHE E 241 -58.24 -28.24 24.38
CA PHE E 241 -57.10 -28.47 23.51
C PHE E 241 -57.39 -27.92 22.12
N SER E 242 -56.39 -27.30 21.49
CA SER E 242 -56.51 -26.83 20.11
C SER E 242 -55.31 -27.33 19.30
N VAL E 243 -55.60 -28.21 18.33
CA VAL E 243 -54.61 -28.80 17.45
C VAL E 243 -54.82 -28.20 16.06
N GLY E 244 -53.91 -27.32 15.65
CA GLY E 244 -54.19 -26.48 14.49
C GLY E 244 -55.40 -25.60 14.73
N SER E 245 -56.51 -25.88 14.06
CA SER E 245 -57.79 -25.23 14.36
C SER E 245 -58.86 -26.21 14.80
N THR E 246 -58.50 -27.44 15.12
CA THR E 246 -59.46 -28.43 15.61
C THR E 246 -59.52 -28.41 17.13
N LEU E 247 -60.72 -28.35 17.69
CA LEU E 247 -60.94 -28.23 19.12
C LEU E 247 -61.34 -29.56 19.76
N TYR E 248 -60.74 -29.86 20.93
CA TYR E 248 -61.09 -31.06 21.71
C TYR E 248 -61.18 -30.76 23.20
N PRO E 249 -62.30 -31.04 23.86
CA PRO E 249 -62.34 -30.93 25.32
C PRO E 249 -61.84 -32.21 26.00
N GLU E 250 -61.25 -32.03 27.19
CA GLU E 250 -60.65 -33.14 27.93
C GLU E 250 -60.83 -32.99 29.44
N SER E 251 -60.60 -34.10 30.14
CA SER E 251 -60.69 -34.22 31.59
C SER E 251 -59.32 -34.53 32.19
N ARG E 252 -58.97 -33.83 33.28
CA ARG E 252 -57.65 -33.98 33.90
C ARG E 252 -57.46 -35.37 34.51
N LYS E 253 -58.51 -35.93 35.11
CA LYS E 253 -58.40 -37.24 35.75
C LYS E 253 -58.05 -38.34 34.74
N LEU E 254 -58.74 -38.35 33.60
CA LEU E 254 -58.51 -39.38 32.61
C LEU E 254 -57.13 -39.23 31.97
N LEU E 255 -56.66 -38.00 31.77
CA LEU E 255 -55.32 -37.79 31.25
C LEU E 255 -54.27 -38.28 32.23
N LYS E 256 -54.42 -37.97 33.52
CA LYS E 256 -53.46 -38.45 34.51
C LYS E 256 -53.44 -39.97 34.60
N SER E 257 -54.58 -40.63 34.37
CA SER E 257 -54.60 -42.08 34.53
C SER E 257 -53.71 -42.83 33.54
N TRP E 258 -53.25 -42.21 32.46
CA TRP E 258 -52.36 -42.89 31.53
C TRP E 258 -50.87 -42.66 31.81
N HIS E 259 -50.53 -41.93 32.89
CA HIS E 259 -49.13 -41.75 33.32
C HIS E 259 -48.77 -42.89 34.27
N LEU E 260 -48.50 -44.04 33.70
CA LEU E 260 -48.40 -45.31 34.41
C LEU E 260 -46.98 -45.56 34.93
N PRO E 261 -46.84 -46.23 36.07
CA PRO E 261 -45.52 -46.57 36.59
C PRO E 261 -44.91 -47.77 35.85
N SER E 262 -43.61 -47.98 36.10
CA SER E 262 -42.89 -49.00 35.35
C SER E 262 -43.33 -50.42 35.68
N VAL E 263 -43.88 -50.67 36.87
CA VAL E 263 -44.39 -51.97 37.28
C VAL E 263 -45.70 -51.80 38.04
N PHE E 264 -46.71 -52.62 37.72
CA PHE E 264 -47.94 -52.56 38.52
C PHE E 264 -48.68 -53.89 38.49
N HIS E 265 -49.60 -54.05 39.44
CA HIS E 265 -50.39 -55.26 39.64
C HIS E 265 -51.88 -55.00 39.44
N LEU E 266 -52.56 -55.89 38.72
CA LEU E 266 -54.02 -55.84 38.55
C LEU E 266 -54.63 -57.03 39.28
N LYS E 267 -55.37 -56.78 40.35
CA LYS E 267 -55.82 -57.82 41.27
C LYS E 267 -57.34 -57.89 41.32
N GLY E 268 -57.93 -58.80 40.55
CA GLY E 268 -59.37 -59.01 40.56
C GLY E 268 -59.68 -60.47 40.82
N LYS E 269 -60.66 -60.98 40.06
CA LYS E 269 -60.94 -62.41 40.08
C LYS E 269 -59.74 -63.21 39.58
N LEU E 270 -59.10 -62.72 38.52
CA LEU E 270 -57.79 -63.15 38.08
C LEU E 270 -56.79 -62.04 38.34
N SER E 271 -55.50 -62.38 38.31
CA SER E 271 -54.45 -61.44 38.66
C SER E 271 -53.42 -61.35 37.56
N PHE E 272 -52.82 -60.17 37.41
CA PHE E 272 -51.85 -59.92 36.36
C PHE E 272 -50.75 -59.00 36.86
N THR E 273 -49.57 -59.14 36.25
CA THR E 273 -48.39 -58.31 36.50
C THR E 273 -48.01 -57.61 35.20
N CYS E 274 -47.85 -56.27 35.25
CA CYS E 274 -47.74 -55.48 34.03
C CYS E 274 -46.58 -54.48 34.08
N ARG E 275 -46.06 -54.14 32.90
CA ARG E 275 -44.98 -53.19 32.72
C ARG E 275 -45.32 -52.17 31.63
N CYS E 276 -44.75 -50.96 31.73
CA CYS E 276 -44.96 -49.90 30.76
C CYS E 276 -43.65 -49.19 30.44
N ASP E 277 -43.27 -49.17 29.16
CA ASP E 277 -42.05 -48.52 28.68
C ASP E 277 -42.39 -47.51 27.58
N THR E 278 -41.53 -46.50 27.43
CA THR E 278 -41.66 -45.51 26.37
C THR E 278 -40.66 -45.81 25.26
N VAL E 279 -41.15 -46.08 24.05
CA VAL E 279 -40.28 -46.54 22.97
C VAL E 279 -40.06 -45.51 21.87
N VAL E 280 -40.91 -44.49 21.74
CA VAL E 280 -40.68 -43.38 20.82
C VAL E 280 -41.07 -42.09 21.52
N SER E 281 -40.26 -41.04 21.34
CA SER E 281 -40.48 -39.75 21.97
C SER E 281 -39.94 -38.65 21.06
N CYS E 282 -40.80 -37.76 20.58
CA CYS E 282 -40.40 -36.72 19.62
C CYS E 282 -41.11 -35.40 19.95
N GLU E 283 -40.38 -34.50 20.60
CA GLU E 283 -40.81 -33.11 20.86
C GLU E 283 -42.20 -33.02 21.50
N GLY E 284 -42.55 -33.98 22.34
CA GLY E 284 -43.82 -33.97 23.02
C GLY E 284 -44.86 -34.96 22.53
N TYR E 285 -44.55 -35.79 21.55
CA TYR E 285 -45.42 -36.89 21.11
C TYR E 285 -44.76 -38.23 21.43
N VAL E 286 -45.52 -39.19 21.96
CA VAL E 286 -44.93 -40.45 22.43
C VAL E 286 -45.72 -41.69 22.01
N VAL E 287 -45.00 -42.82 22.02
CA VAL E 287 -45.56 -44.17 21.86
C VAL E 287 -45.17 -45.02 23.07
N LYS E 288 -46.15 -45.64 23.71
CA LYS E 288 -45.94 -46.50 24.89
C LYS E 288 -46.33 -47.94 24.61
N ARG E 289 -45.52 -48.88 25.10
CA ARG E 289 -45.73 -50.32 24.95
C ARG E 289 -45.97 -50.96 26.32
N ILE E 290 -47.02 -51.78 26.43
CA ILE E 290 -47.45 -52.37 27.70
C ILE E 290 -47.59 -53.88 27.54
N THR E 291 -47.04 -54.63 28.48
CA THR E 291 -47.14 -56.09 28.51
C THR E 291 -47.85 -56.55 29.79
N MET E 292 -48.61 -57.65 29.69
CA MET E 292 -49.35 -58.17 30.83
C MET E 292 -49.19 -59.69 30.91
N SER E 293 -49.05 -60.21 32.13
CA SER E 293 -48.80 -61.64 32.38
C SER E 293 -49.65 -62.17 33.54
N PRO E 294 -50.13 -63.40 33.45
CA PRO E 294 -50.98 -63.95 34.52
C PRO E 294 -50.16 -64.31 35.75
N GLY E 295 -50.73 -64.01 36.92
CA GLY E 295 -50.07 -64.26 38.19
C GLY E 295 -49.39 -63.02 38.74
N LEU E 296 -48.95 -63.14 39.99
CA LEU E 296 -48.30 -62.05 40.71
C LEU E 296 -46.82 -62.37 40.95
N TYR E 297 -45.94 -61.47 40.53
CA TYR E 297 -44.49 -61.60 40.69
C TYR E 297 -43.85 -60.27 41.06
N GLY E 298 -42.79 -60.34 41.87
CA GLY E 298 -42.01 -59.17 42.20
C GLY E 298 -42.70 -58.26 43.21
N LYS E 299 -42.26 -57.00 43.22
CA LYS E 299 -42.92 -55.99 44.03
C LYS E 299 -42.84 -54.64 43.33
N THR E 300 -43.66 -53.72 43.79
CA THR E 300 -43.84 -52.41 43.16
C THR E 300 -43.25 -51.32 44.05
N THR E 301 -42.80 -50.24 43.41
CA THR E 301 -42.38 -49.04 44.13
C THR E 301 -43.33 -47.88 44.00
N GLY E 302 -44.04 -47.76 42.88
CA GLY E 302 -44.91 -46.64 42.67
C GLY E 302 -44.28 -45.39 42.11
N TYR E 303 -43.21 -45.51 41.32
CA TYR E 303 -42.53 -44.36 40.74
C TYR E 303 -42.60 -44.41 39.22
N ALA E 304 -42.80 -43.24 38.61
CA ALA E 304 -42.82 -43.08 37.16
C ALA E 304 -41.76 -42.06 36.75
N VAL E 305 -41.05 -42.36 35.66
CA VAL E 305 -39.87 -41.61 35.24
C VAL E 305 -40.07 -41.09 33.82
N THR E 306 -39.64 -39.85 33.58
CA THR E 306 -39.59 -39.26 32.25
C THR E 306 -38.17 -38.80 31.93
N HIS E 307 -37.68 -39.14 30.73
CA HIS E 307 -36.38 -38.71 30.25
C HIS E 307 -36.54 -37.51 29.31
N HIS E 308 -35.78 -36.44 29.56
CA HIS E 308 -35.90 -35.19 28.81
C HIS E 308 -34.78 -35.09 27.78
N ALA E 309 -35.12 -35.19 26.50
CA ALA E 309 -34.15 -34.97 25.43
C ALA E 309 -34.03 -33.49 25.06
N ASP E 310 -35.13 -32.76 25.06
CA ASP E 310 -35.14 -31.30 24.98
C ASP E 310 -35.44 -30.73 26.37
N GLY E 311 -35.25 -29.42 26.53
CA GLY E 311 -35.51 -28.79 27.81
C GLY E 311 -37.00 -28.63 28.09
N PHE E 312 -37.36 -28.76 29.38
CA PHE E 312 -38.74 -28.58 29.81
C PHE E 312 -38.81 -27.49 30.88
N LEU E 313 -39.80 -26.60 30.77
CA LEU E 313 -39.90 -25.41 31.62
C LEU E 313 -41.30 -25.25 32.20
N MET E 314 -41.36 -24.87 33.47
CA MET E 314 -42.61 -24.45 34.13
C MET E 314 -42.36 -23.20 34.95
N CYS E 315 -43.22 -22.20 34.83
CA CYS E 315 -42.95 -20.92 35.48
C CYS E 315 -44.22 -20.15 35.80
N LYS E 316 -44.07 -19.16 36.67
CA LYS E 316 -45.14 -18.28 37.12
C LYS E 316 -45.21 -17.03 36.24
N THR E 317 -46.41 -16.65 35.82
CA THR E 317 -46.61 -15.50 34.95
C THR E 317 -47.79 -14.66 35.45
N THR E 318 -47.78 -13.39 35.07
CA THR E 318 -48.81 -12.41 35.45
C THR E 318 -49.55 -11.92 34.22
N ASP E 319 -50.88 -11.89 34.29
CA ASP E 319 -51.71 -11.50 33.15
C ASP E 319 -52.97 -10.81 33.66
N THR E 320 -53.84 -10.40 32.73
CA THR E 320 -55.19 -9.95 33.09
C THR E 320 -56.21 -10.91 32.52
N VAL E 321 -57.17 -11.30 33.34
CA VAL E 321 -58.25 -12.19 32.95
C VAL E 321 -59.54 -11.41 33.10
N ASP E 322 -60.24 -11.19 31.99
CA ASP E 322 -61.43 -10.35 31.94
C ASP E 322 -61.18 -8.98 32.57
N GLY E 323 -59.95 -8.49 32.45
CA GLY E 323 -59.57 -7.19 32.99
C GLY E 323 -58.98 -7.18 34.39
N GLU E 324 -58.98 -8.31 35.10
CA GLU E 324 -58.46 -8.35 36.46
C GLU E 324 -57.08 -9.01 36.47
N ARG E 325 -56.12 -8.37 37.14
CA ARG E 325 -54.73 -8.83 37.14
C ARG E 325 -54.50 -9.99 38.11
N VAL E 326 -53.91 -11.09 37.62
CA VAL E 326 -53.69 -12.31 38.40
C VAL E 326 -52.37 -12.96 38.00
N SER E 327 -51.99 -14.01 38.74
CA SER E 327 -50.80 -14.82 38.48
C SER E 327 -51.15 -16.30 38.43
N PHE E 328 -50.49 -17.05 37.54
CA PHE E 328 -50.70 -18.50 37.44
C PHE E 328 -49.52 -19.13 36.67
N SER E 329 -49.53 -20.46 36.55
CA SER E 329 -48.39 -21.20 36.03
C SER E 329 -48.58 -21.69 34.60
N VAL E 330 -47.48 -21.74 33.86
CA VAL E 330 -47.45 -22.02 32.42
C VAL E 330 -46.24 -22.90 32.10
N CYS E 331 -46.38 -23.83 31.14
CA CYS E 331 -45.31 -24.77 30.81
C CYS E 331 -45.03 -24.84 29.30
N THR E 332 -43.79 -25.18 28.94
CA THR E 332 -43.41 -25.30 27.53
C THR E 332 -42.13 -26.13 27.34
N TYR E 333 -41.78 -26.38 26.06
CA TYR E 333 -40.60 -27.13 25.64
C TYR E 333 -39.62 -26.23 24.89
N VAL E 334 -38.32 -26.48 25.06
CA VAL E 334 -37.26 -25.65 24.47
C VAL E 334 -36.23 -26.53 23.77
N PRO E 335 -35.79 -26.18 22.55
CA PRO E 335 -34.82 -27.02 21.84
C PRO E 335 -33.45 -27.07 22.50
N ALA E 336 -32.77 -28.20 22.31
CA ALA E 336 -31.55 -28.51 23.06
C ALA E 336 -30.39 -27.58 22.73
N THR E 337 -30.24 -27.19 21.46
CA THR E 337 -29.11 -26.33 21.08
C THR E 337 -29.19 -24.97 21.77
N ILE E 338 -30.40 -24.40 21.88
CA ILE E 338 -30.58 -23.12 22.55
C ILE E 338 -30.23 -23.23 24.04
N CYS E 339 -30.70 -24.30 24.68
CA CYS E 339 -30.35 -24.57 26.07
C CYS E 339 -28.85 -24.65 26.27
N ASP E 340 -28.15 -25.36 25.37
CA ASP E 340 -26.70 -25.46 25.47
C ASP E 340 -26.03 -24.10 25.27
N GLN E 341 -26.57 -23.26 24.39
CA GLN E 341 -25.95 -21.97 24.14
C GLN E 341 -26.24 -20.93 25.23
N MET E 342 -27.16 -21.20 26.16
CA MET E 342 -27.39 -20.27 27.27
C MET E 342 -26.58 -20.58 28.53
N THR E 343 -25.74 -21.61 28.54
CA THR E 343 -25.09 -22.06 29.77
C THR E 343 -24.18 -20.98 30.38
N GLY E 344 -23.42 -20.27 29.55
CA GLY E 344 -22.53 -19.25 30.07
C GLY E 344 -23.24 -18.03 30.63
N ILE E 345 -24.32 -17.60 29.97
CA ILE E 345 -25.03 -16.39 30.39
C ILE E 345 -25.63 -16.55 31.78
N LEU E 346 -26.16 -17.72 32.09
CA LEU E 346 -26.91 -17.92 33.32
C LEU E 346 -26.03 -18.05 34.57
N ALA E 347 -24.70 -17.91 34.44
CA ALA E 347 -23.84 -17.90 35.62
C ALA E 347 -24.01 -16.64 36.44
N THR E 348 -24.45 -15.54 35.83
CA THR E 348 -24.67 -14.27 36.52
C THR E 348 -26.16 -13.96 36.57
N GLU E 349 -26.47 -12.81 37.15
CA GLU E 349 -27.84 -12.30 37.16
C GLU E 349 -28.08 -11.46 35.91
N VAL E 350 -29.16 -11.76 35.21
CA VAL E 350 -29.49 -11.13 33.94
C VAL E 350 -30.94 -10.64 34.01
N THR E 351 -31.20 -9.46 33.48
CA THR E 351 -32.57 -8.94 33.44
C THR E 351 -33.37 -9.63 32.34
N PRO E 352 -34.70 -9.61 32.45
CA PRO E 352 -35.53 -10.21 31.38
C PRO E 352 -35.33 -9.58 30.00
N GLU E 353 -35.13 -8.26 29.92
CA GLU E 353 -34.97 -7.60 28.63
C GLU E 353 -33.69 -8.05 27.93
N ASP E 354 -32.59 -8.14 28.67
CA ASP E 354 -31.33 -8.59 28.11
C ASP E 354 -31.40 -10.05 27.68
N ALA E 355 -32.08 -10.89 28.47
CA ALA E 355 -32.28 -12.27 28.08
C ALA E 355 -33.08 -12.37 26.79
N GLN E 356 -34.11 -11.53 26.63
CA GLN E 356 -34.91 -11.54 25.42
C GLN E 356 -34.07 -11.15 24.19
N LYS E 357 -33.22 -10.14 24.33
CA LYS E 357 -32.35 -9.76 23.20
C LYS E 357 -31.36 -10.87 22.86
N LEU E 358 -30.78 -11.52 23.86
CA LEU E 358 -29.87 -12.64 23.58
C LEU E 358 -30.58 -13.79 22.86
N LEU E 359 -31.79 -14.13 23.32
CA LEU E 359 -32.53 -15.23 22.69
C LEU E 359 -32.90 -14.91 21.24
N VAL E 360 -33.31 -13.66 20.97
CA VAL E 360 -33.60 -13.28 19.59
C VAL E 360 -32.34 -13.40 18.74
N GLY E 361 -31.19 -12.97 19.28
CA GLY E 361 -29.94 -13.13 18.56
C GLY E 361 -29.60 -14.58 18.23
N LEU E 362 -29.80 -15.48 19.19
CA LEU E 362 -29.50 -16.89 18.95
C LEU E 362 -30.48 -17.51 17.97
N ASN E 363 -31.75 -17.13 18.03
CA ASN E 363 -32.78 -17.81 17.26
C ASN E 363 -32.68 -17.53 15.78
N GLN E 364 -32.51 -16.26 15.42
CA GLN E 364 -32.67 -15.83 14.04
C GLN E 364 -31.30 -15.73 13.37
N ARG E 365 -30.71 -16.90 13.15
CA ARG E 365 -29.38 -17.00 12.60
C ARG E 365 -29.17 -18.35 11.92
N THR E 376 -34.83 -18.06 8.84
CA THR E 376 -34.93 -19.33 9.55
C THR E 376 -35.16 -19.10 11.04
N ASN E 377 -35.94 -19.99 11.66
CA ASN E 377 -36.27 -19.89 13.07
C ASN E 377 -36.11 -21.25 13.72
N THR E 378 -35.30 -21.34 14.77
CA THR E 378 -35.19 -22.59 15.51
C THR E 378 -36.41 -22.84 16.40
N MET E 379 -36.90 -21.81 17.07
CA MET E 379 -38.09 -21.94 17.92
C MET E 379 -39.09 -20.84 17.56
N LYS E 380 -40.36 -21.08 17.90
CA LYS E 380 -41.44 -20.15 17.58
C LYS E 380 -41.34 -18.88 18.42
N ASN E 381 -41.60 -17.74 17.79
CA ASN E 381 -41.32 -16.44 18.41
C ASN E 381 -42.31 -16.09 19.51
N TYR E 382 -43.57 -16.54 19.42
CA TYR E 382 -44.58 -16.12 20.39
C TYR E 382 -44.32 -16.66 21.80
N MET E 383 -43.44 -17.66 21.96
CA MET E 383 -43.06 -18.12 23.28
C MET E 383 -41.82 -17.42 23.85
N ILE E 384 -41.11 -16.63 23.05
CA ILE E 384 -39.84 -16.07 23.53
C ILE E 384 -39.97 -15.18 24.76
N PRO E 385 -40.96 -14.28 24.88
CA PRO E 385 -41.03 -13.45 26.11
C PRO E 385 -41.20 -14.23 27.40
N VAL E 386 -42.01 -15.29 27.41
CA VAL E 386 -42.19 -16.04 28.65
C VAL E 386 -40.92 -16.81 29.01
N VAL E 387 -40.24 -17.42 28.03
CA VAL E 387 -39.00 -18.15 28.30
C VAL E 387 -37.94 -17.20 28.87
N ALA E 388 -37.80 -16.02 28.27
CA ALA E 388 -36.84 -15.04 28.79
C ALA E 388 -37.11 -14.71 30.24
N GLN E 389 -38.38 -14.65 30.64
CA GLN E 389 -38.67 -14.34 32.03
C GLN E 389 -38.26 -15.50 32.93
N ALA E 390 -38.55 -16.74 32.51
CA ALA E 390 -38.27 -17.89 33.35
C ALA E 390 -36.77 -18.03 33.60
N PHE E 391 -35.97 -17.96 32.53
CA PHE E 391 -34.52 -18.06 32.68
C PHE E 391 -33.99 -17.00 33.63
N SER E 392 -34.60 -15.81 33.63
CA SER E 392 -34.10 -14.75 34.48
C SER E 392 -34.34 -15.07 35.95
N LYS E 393 -35.47 -15.69 36.27
CA LYS E 393 -35.75 -15.99 37.67
C LYS E 393 -34.90 -17.16 38.17
N TRP E 394 -34.75 -18.20 37.34
CA TRP E 394 -33.92 -19.34 37.71
C TRP E 394 -32.51 -18.91 38.07
N ALA E 395 -31.89 -18.10 37.21
CA ALA E 395 -30.54 -17.62 37.48
C ALA E 395 -30.47 -16.87 38.80
N LYS E 396 -31.52 -16.13 39.15
CA LYS E 396 -31.49 -15.42 40.42
C LYS E 396 -31.54 -16.39 41.59
N GLU E 397 -32.42 -17.39 41.52
CA GLU E 397 -32.61 -18.27 42.66
C GLU E 397 -31.35 -19.07 42.97
N CYS E 398 -30.63 -19.51 41.93
CA CYS E 398 -29.36 -20.21 42.13
C CYS E 398 -28.40 -19.38 42.97
N ARG E 399 -28.29 -18.07 42.67
CA ARG E 399 -27.36 -17.24 43.43
C ARG E 399 -27.74 -17.21 44.91
N LYS E 400 -29.03 -17.17 45.21
CA LYS E 400 -29.43 -17.11 46.60
C LYS E 400 -29.05 -18.37 47.36
N ASP E 401 -29.01 -19.51 46.66
CA ASP E 401 -28.56 -20.73 47.32
C ASP E 401 -27.06 -20.64 47.63
N MET E 402 -26.29 -20.04 46.73
CA MET E 402 -24.85 -20.03 46.91
C MET E 402 -24.40 -19.12 48.04
N GLU E 403 -25.21 -18.13 48.40
CA GLU E 403 -24.85 -17.17 49.43
C GLU E 403 -25.39 -17.54 50.81
N ASP E 404 -26.13 -18.63 50.94
CA ASP E 404 -26.64 -19.08 52.23
C ASP E 404 -26.30 -20.57 52.38
N GLU E 405 -25.07 -20.86 52.76
CA GLU E 405 -24.60 -22.22 52.94
C GLU E 405 -25.04 -22.77 54.29
N LYS E 406 -25.27 -24.07 54.35
CA LYS E 406 -25.61 -24.78 55.57
C LYS E 406 -24.45 -25.70 55.95
N LEU E 407 -24.61 -26.39 57.08
CA LEU E 407 -23.63 -27.36 57.53
C LEU E 407 -23.98 -28.75 57.01
N LEU E 408 -22.96 -29.53 56.65
CA LEU E 408 -23.16 -30.85 56.12
C LEU E 408 -23.84 -31.77 57.13
N GLY E 409 -24.81 -32.54 56.64
CA GLY E 409 -25.45 -33.57 57.44
C GLY E 409 -26.43 -33.08 58.49
N VAL E 410 -26.95 -31.87 58.33
CA VAL E 410 -27.72 -31.22 59.39
C VAL E 410 -28.92 -30.52 58.77
N ARG E 411 -30.05 -30.58 59.47
CA ARG E 411 -31.32 -30.01 59.02
C ARG E 411 -31.89 -29.18 60.16
N GLU E 412 -31.56 -27.89 60.21
CA GLU E 412 -31.97 -27.06 61.33
C GLU E 412 -33.47 -26.76 61.27
N ARG E 413 -34.12 -26.81 62.43
CA ARG E 413 -35.56 -26.58 62.52
C ARG E 413 -35.90 -25.78 63.77
N THR E 414 -35.12 -24.76 64.06
CA THR E 414 -35.32 -23.92 65.25
C THR E 414 -36.65 -23.18 65.20
N TRP E 421 -39.18 -23.68 66.95
CA TRP E 421 -39.24 -25.08 66.60
C TRP E 421 -39.87 -25.28 65.23
N ALA E 422 -39.59 -24.37 64.30
CA ALA E 422 -40.17 -24.43 62.97
C ALA E 422 -39.13 -24.06 61.93
N PHE E 423 -39.37 -24.52 60.70
CA PHE E 423 -38.52 -24.19 59.55
C PHE E 423 -39.36 -23.50 58.49
N LYS E 424 -38.70 -22.64 57.72
CA LYS E 424 -39.37 -21.87 56.68
C LYS E 424 -39.14 -22.51 55.31
N LYS E 425 -40.11 -22.31 54.43
CA LYS E 425 -40.00 -22.70 53.04
C LYS E 425 -39.56 -21.50 52.22
N GLN E 426 -38.65 -21.73 51.28
CA GLN E 426 -38.25 -20.69 50.34
C GLN E 426 -39.21 -20.64 49.17
N LYS E 427 -39.28 -19.48 48.53
CA LYS E 427 -40.15 -19.32 47.37
C LYS E 427 -39.47 -19.83 46.11
N THR E 428 -40.24 -20.52 45.28
CA THR E 428 -39.76 -21.07 44.02
C THR E 428 -40.70 -20.64 42.90
N HIS E 429 -40.16 -19.94 41.91
CA HIS E 429 -40.96 -19.46 40.79
C HIS E 429 -40.68 -20.14 39.46
N THR E 430 -39.64 -20.98 39.37
CA THR E 430 -39.30 -21.65 38.11
C THR E 430 -38.84 -23.08 38.39
N VAL E 431 -39.32 -24.05 37.62
CA VAL E 431 -38.67 -25.35 37.53
C VAL E 431 -38.19 -25.56 36.11
N TYR E 432 -36.94 -26.01 35.98
CA TYR E 432 -36.24 -26.10 34.71
C TYR E 432 -35.55 -27.45 34.63
N LYS E 433 -36.04 -28.36 33.79
CA LYS E 433 -35.41 -29.66 33.57
C LYS E 433 -34.57 -29.57 32.30
N ARG E 434 -33.25 -29.66 32.46
CA ARG E 434 -32.28 -29.52 31.38
C ARG E 434 -32.17 -30.80 30.57
N PRO E 435 -31.67 -30.72 29.35
CA PRO E 435 -31.42 -31.93 28.55
C PRO E 435 -30.53 -32.93 29.28
N ASP E 436 -30.91 -34.20 29.18
CA ASP E 436 -30.28 -35.35 29.82
C ASP E 436 -30.55 -35.46 31.33
N THR E 437 -31.61 -34.86 31.84
CA THR E 437 -32.05 -35.10 33.21
C THR E 437 -33.36 -35.89 33.17
N GLN E 438 -33.86 -36.28 34.36
CA GLN E 438 -35.03 -37.13 34.48
C GLN E 438 -35.98 -36.64 35.56
N SER E 439 -37.27 -36.64 35.26
CA SER E 439 -38.33 -36.40 36.24
C SER E 439 -38.80 -37.71 36.85
N ILE E 440 -39.22 -37.66 38.11
CA ILE E 440 -39.69 -38.83 38.83
C ILE E 440 -40.86 -38.46 39.75
N GLN E 441 -42.00 -39.14 39.60
CA GLN E 441 -43.21 -38.85 40.36
C GLN E 441 -43.82 -40.11 40.97
N LYS E 442 -44.49 -39.94 42.09
CA LYS E 442 -45.07 -41.04 42.85
C LYS E 442 -46.55 -41.22 42.51
N VAL E 443 -46.93 -42.40 42.02
CA VAL E 443 -48.29 -42.69 41.59
C VAL E 443 -48.75 -44.03 42.17
N GLN E 444 -50.03 -44.34 41.96
CA GLN E 444 -50.62 -45.59 42.44
C GLN E 444 -50.16 -46.77 41.60
N ALA E 445 -49.89 -47.90 42.25
CA ALA E 445 -49.39 -49.08 41.55
C ALA E 445 -50.12 -50.37 41.87
N GLU E 446 -51.09 -50.36 42.80
CA GLU E 446 -51.89 -51.54 43.12
C GLU E 446 -53.36 -51.22 42.86
N PHE E 447 -53.98 -51.97 41.95
CA PHE E 447 -55.37 -51.73 41.54
C PHE E 447 -56.20 -52.98 41.80
N ASP E 448 -57.25 -52.83 42.59
CA ASP E 448 -58.16 -53.94 42.84
C ASP E 448 -59.60 -53.67 42.44
N SER E 449 -60.02 -52.43 42.31
CA SER E 449 -61.42 -52.09 42.06
C SER E 449 -61.65 -51.89 40.58
N PHE E 450 -62.59 -52.65 40.02
CA PHE E 450 -62.99 -52.51 38.62
C PHE E 450 -64.50 -52.67 38.56
N VAL E 451 -65.21 -51.58 38.28
CA VAL E 451 -66.66 -51.62 38.13
C VAL E 451 -67.08 -51.00 36.81
N TRP E 456 -76.22 -52.03 28.73
CA TRP E 456 -75.78 -51.66 27.40
C TRP E 456 -76.96 -51.52 26.44
N SER E 457 -76.99 -50.39 25.72
CA SER E 457 -77.92 -50.19 24.62
C SER E 457 -77.13 -49.63 23.44
N SER E 458 -77.64 -49.88 22.23
CA SER E 458 -76.84 -49.67 21.02
C SER E 458 -76.45 -48.21 20.84
N GLY E 459 -77.43 -47.30 20.89
CA GLY E 459 -77.17 -45.90 20.65
C GLY E 459 -77.30 -45.46 19.21
N LEU E 460 -77.44 -46.39 18.28
CA LEU E 460 -77.72 -46.07 16.89
C LEU E 460 -79.19 -45.69 16.71
N SER E 461 -79.52 -45.11 15.56
CA SER E 461 -80.87 -44.63 15.28
C SER E 461 -81.35 -45.15 13.93
N ILE E 462 -82.66 -45.22 13.79
CA ILE E 462 -83.27 -45.81 12.58
C ILE E 462 -82.91 -45.05 11.31
N PRO E 463 -83.02 -43.71 11.26
CA PRO E 463 -82.67 -43.01 10.01
C PRO E 463 -81.23 -43.22 9.57
N LEU E 464 -80.28 -43.25 10.50
CA LEU E 464 -78.89 -43.49 10.14
C LEU E 464 -78.69 -44.91 9.62
N ARG E 465 -79.35 -45.89 10.24
CA ARG E 465 -79.30 -47.25 9.76
C ARG E 465 -79.85 -47.35 8.34
N THR E 466 -80.96 -46.66 8.09
CA THR E 466 -81.53 -46.65 6.74
C THR E 466 -80.60 -46.01 5.74
N ARG E 467 -79.94 -44.91 6.12
CA ARG E 467 -78.98 -44.29 5.21
C ARG E 467 -77.83 -45.22 4.89
N ILE E 468 -77.29 -45.91 5.90
CA ILE E 468 -76.17 -46.81 5.66
C ILE E 468 -76.61 -47.98 4.79
N LYS E 469 -77.78 -48.55 5.07
CA LYS E 469 -78.29 -49.66 4.26
C LYS E 469 -78.50 -49.25 2.82
N TRP E 470 -79.08 -48.06 2.59
CA TRP E 470 -79.25 -47.58 1.23
C TRP E 470 -77.90 -47.36 0.54
N LEU E 471 -76.95 -46.78 1.26
CA LEU E 471 -75.65 -46.47 0.67
C LEU E 471 -74.88 -47.73 0.32
N LEU E 472 -75.14 -48.83 1.05
CA LEU E 472 -74.45 -50.09 0.81
C LEU E 472 -75.14 -50.92 -0.26
N SER E 473 -76.44 -51.18 -0.08
CA SER E 473 -77.18 -52.09 -0.95
C SER E 473 -77.15 -51.65 -2.41
N LYS E 474 -76.93 -50.36 -2.67
CA LYS E 474 -76.77 -49.84 -4.03
C LYS E 474 -77.97 -50.17 -4.90
N ASP F 2 -54.73 -29.01 -17.29
CA ASP F 2 -54.15 -29.34 -16.00
C ASP F 2 -53.58 -28.11 -15.28
N PRO F 3 -52.99 -27.15 -16.02
CA PRO F 3 -52.76 -25.83 -15.42
C PRO F 3 -54.07 -25.08 -15.23
N VAL F 4 -54.06 -24.18 -14.26
CA VAL F 4 -55.16 -23.26 -14.02
C VAL F 4 -54.65 -21.86 -14.30
N TYR F 5 -55.44 -21.07 -15.01
CA TYR F 5 -55.03 -19.76 -15.51
C TYR F 5 -55.74 -18.67 -14.74
N VAL F 6 -54.99 -17.71 -14.21
CA VAL F 6 -55.57 -16.62 -13.44
C VAL F 6 -55.20 -15.29 -14.06
N ASP F 7 -56.11 -14.33 -13.96
CA ASP F 7 -56.00 -13.04 -14.64
C ASP F 7 -55.31 -12.02 -13.73
N ILE F 8 -54.00 -12.22 -13.56
CA ILE F 8 -53.16 -11.33 -12.77
C ILE F 8 -51.86 -11.10 -13.51
N ASP F 9 -51.17 -10.04 -13.11
CA ASP F 9 -49.88 -9.71 -13.71
C ASP F 9 -48.82 -10.74 -13.35
N ALA F 10 -47.91 -10.98 -14.29
CA ALA F 10 -46.92 -12.03 -14.13
C ALA F 10 -45.87 -11.73 -13.06
N ASP F 11 -45.71 -10.47 -12.67
CA ASP F 11 -44.75 -10.08 -11.65
C ASP F 11 -45.39 -9.80 -10.30
N SER F 12 -46.64 -10.18 -10.09
CA SER F 12 -47.31 -9.94 -8.83
C SER F 12 -46.71 -10.77 -7.71
N ALA F 13 -46.70 -10.21 -6.50
CA ALA F 13 -46.28 -10.94 -5.31
C ALA F 13 -47.36 -11.88 -4.78
N PHE F 14 -48.62 -11.66 -5.13
CA PHE F 14 -49.71 -12.47 -4.61
C PHE F 14 -49.68 -13.89 -5.16
N LEU F 15 -48.91 -14.12 -6.21
CA LEU F 15 -48.89 -15.42 -6.86
C LEU F 15 -48.28 -16.50 -5.96
N LYS F 16 -47.26 -16.15 -5.18
CA LYS F 16 -46.66 -17.15 -4.30
C LYS F 16 -47.60 -17.53 -3.17
N ALA F 17 -48.35 -16.57 -2.63
CA ALA F 17 -49.37 -16.90 -1.64
C ALA F 17 -50.44 -17.80 -2.22
N LEU F 18 -50.87 -17.52 -3.47
CA LEU F 18 -51.84 -18.38 -4.11
C LEU F 18 -51.31 -19.80 -4.30
N GLN F 19 -50.04 -19.92 -4.71
CA GLN F 19 -49.45 -21.25 -4.90
C GLN F 19 -49.34 -22.01 -3.59
N ARG F 20 -48.97 -21.34 -2.50
CA ARG F 20 -48.93 -22.03 -1.21
C ARG F 20 -50.31 -22.46 -0.75
N ALA F 21 -51.35 -21.69 -1.04
CA ALA F 21 -52.69 -22.06 -0.59
C ALA F 21 -53.32 -23.22 -1.37
N TYR F 22 -52.91 -23.46 -2.61
CA TYR F 22 -53.48 -24.52 -3.44
C TYR F 22 -52.36 -25.41 -3.98
N PRO F 23 -51.75 -26.23 -3.12
CA PRO F 23 -50.59 -27.03 -3.56
C PRO F 23 -50.93 -28.15 -4.54
N MET F 24 -52.19 -28.47 -4.75
CA MET F 24 -52.55 -29.55 -5.67
C MET F 24 -52.73 -29.10 -7.12
N PHE F 25 -52.55 -27.82 -7.41
CA PHE F 25 -52.71 -27.31 -8.77
C PHE F 25 -51.39 -26.75 -9.27
N GLU F 26 -51.43 -26.22 -10.48
CA GLU F 26 -50.28 -25.61 -11.13
C GLU F 26 -50.77 -24.31 -11.77
N VAL F 27 -50.36 -23.18 -11.20
CA VAL F 27 -51.02 -21.89 -11.41
C VAL F 27 -50.21 -21.03 -12.37
N GLU F 28 -50.83 -20.62 -13.47
CA GLU F 28 -50.28 -19.79 -14.55
C GLU F 28 -50.95 -18.42 -14.59
N PRO F 29 -50.16 -17.36 -14.68
CA PRO F 29 -50.74 -16.02 -14.87
C PRO F 29 -51.00 -15.70 -16.34
N ARG F 30 -52.16 -15.13 -16.65
CA ARG F 30 -52.52 -14.75 -18.01
C ARG F 30 -53.44 -13.52 -17.92
N GLN F 31 -52.88 -12.33 -18.01
CA GLN F 31 -53.62 -11.10 -17.76
C GLN F 31 -54.34 -10.63 -19.02
N VAL F 32 -55.62 -10.28 -18.88
CA VAL F 32 -56.40 -9.78 -20.01
C VAL F 32 -57.14 -8.48 -19.73
N THR F 33 -57.33 -8.07 -18.49
CA THR F 33 -58.03 -6.83 -18.15
C THR F 33 -57.27 -6.14 -17.02
N PRO F 34 -57.49 -4.82 -16.83
CA PRO F 34 -56.93 -4.11 -15.66
C PRO F 34 -57.89 -4.05 -14.46
N ASN F 35 -58.48 -5.18 -14.10
CA ASN F 35 -59.44 -5.22 -12.98
C ASN F 35 -58.78 -4.75 -11.69
N ASP F 36 -59.44 -3.87 -10.97
CA ASP F 36 -58.84 -3.34 -9.74
C ASP F 36 -59.16 -4.18 -8.51
N HIS F 37 -59.89 -5.28 -8.65
CA HIS F 37 -60.02 -6.29 -7.60
C HIS F 37 -59.73 -7.68 -8.14
N ALA F 38 -58.57 -7.81 -8.81
CA ALA F 38 -58.22 -9.05 -9.50
C ALA F 38 -57.92 -10.21 -8.54
N ASN F 39 -57.26 -9.93 -7.40
CA ASN F 39 -56.85 -10.99 -6.48
C ASN F 39 -58.06 -11.74 -5.91
N ALA F 40 -59.12 -11.02 -5.55
CA ALA F 40 -60.32 -11.64 -5.02
C ALA F 40 -60.98 -12.58 -6.02
N ARG F 41 -61.06 -12.15 -7.29
CA ARG F 41 -61.63 -13.00 -8.34
C ARG F 41 -60.79 -14.26 -8.57
N ALA F 42 -59.47 -14.12 -8.55
CA ALA F 42 -58.62 -15.30 -8.72
C ALA F 42 -58.83 -16.32 -7.60
N PHE F 43 -58.92 -15.84 -6.35
CA PHE F 43 -59.17 -16.77 -5.22
C PHE F 43 -60.49 -17.51 -5.39
N SER F 44 -61.56 -16.79 -5.77
CA SER F 44 -62.85 -17.45 -5.94
C SER F 44 -62.80 -18.51 -7.04
N HIS F 45 -62.12 -18.21 -8.16
CA HIS F 45 -62.00 -19.16 -9.25
C HIS F 45 -61.32 -20.46 -8.79
N LEU F 46 -60.19 -20.34 -8.09
CA LEU F 46 -59.50 -21.54 -7.63
C LEU F 46 -60.33 -22.32 -6.60
N ALA F 47 -61.08 -21.61 -5.76
CA ALA F 47 -61.92 -22.31 -4.78
C ALA F 47 -62.96 -23.19 -5.46
N ILE F 48 -63.60 -22.67 -6.51
CA ILE F 48 -64.59 -23.49 -7.22
C ILE F 48 -63.94 -24.71 -7.84
N LYS F 49 -62.75 -24.54 -8.44
CA LYS F 49 -62.06 -25.69 -9.01
C LYS F 49 -61.82 -26.78 -7.96
N LEU F 50 -61.31 -26.40 -6.80
CA LEU F 50 -61.00 -27.39 -5.76
C LEU F 50 -62.26 -28.11 -5.29
N ILE F 51 -63.34 -27.36 -5.06
CA ILE F 51 -64.57 -27.99 -4.61
C ILE F 51 -65.08 -29.00 -5.63
N GLU F 52 -65.03 -28.64 -6.91
CA GLU F 52 -65.46 -29.58 -7.94
C GLU F 52 -64.58 -30.83 -7.95
N GLN F 53 -63.29 -30.68 -7.68
CA GLN F 53 -62.43 -31.86 -7.64
C GLN F 53 -62.75 -32.77 -6.45
N GLU F 54 -63.23 -32.21 -5.32
CA GLU F 54 -63.57 -33.09 -4.20
C GLU F 54 -64.74 -34.02 -4.48
N ILE F 55 -65.85 -33.49 -4.95
CA ILE F 55 -67.09 -34.27 -4.96
C ILE F 55 -67.14 -35.17 -6.19
N ASP F 56 -68.01 -36.19 -6.13
CA ASP F 56 -68.08 -37.11 -7.25
C ASP F 56 -69.25 -36.77 -8.16
N PRO F 57 -69.15 -37.09 -9.46
CA PRO F 57 -70.29 -36.83 -10.36
C PRO F 57 -71.46 -37.75 -10.05
N ASP F 58 -72.54 -37.63 -10.82
CA ASP F 58 -73.84 -38.26 -10.62
C ASP F 58 -74.60 -37.64 -9.47
N SER F 59 -74.00 -36.72 -8.73
CA SER F 59 -74.72 -35.96 -7.72
C SER F 59 -75.13 -34.61 -8.30
N THR F 60 -76.29 -34.13 -7.88
CA THR F 60 -76.81 -32.85 -8.31
C THR F 60 -76.49 -31.79 -7.26
N ILE F 61 -76.13 -30.59 -7.70
CA ILE F 61 -75.60 -29.54 -6.85
C ILE F 61 -76.56 -28.37 -6.87
N LEU F 62 -77.07 -27.98 -5.71
CA LEU F 62 -77.83 -26.75 -5.59
C LEU F 62 -76.88 -25.56 -5.52
N ASP F 63 -77.14 -24.54 -6.34
CA ASP F 63 -76.34 -23.31 -6.36
C ASP F 63 -77.21 -22.19 -5.81
N ILE F 64 -77.00 -21.83 -4.56
CA ILE F 64 -77.83 -20.87 -3.85
C ILE F 64 -77.39 -19.45 -4.22
N GLY F 65 -78.34 -18.64 -4.67
CA GLY F 65 -78.06 -17.28 -5.13
C GLY F 65 -77.12 -17.25 -6.31
N SER F 66 -77.42 -18.05 -7.31
CA SER F 66 -76.49 -18.32 -8.39
C SER F 66 -76.34 -17.15 -9.36
N ALA F 67 -75.23 -17.14 -10.08
CA ALA F 67 -75.04 -16.35 -11.30
C ALA F 67 -74.88 -17.33 -12.46
N PRO F 68 -75.94 -17.64 -13.19
CA PRO F 68 -75.94 -18.83 -14.05
C PRO F 68 -74.86 -18.88 -15.12
N ALA F 69 -74.46 -17.73 -15.67
CA ALA F 69 -73.47 -17.72 -16.74
C ALA F 69 -72.13 -18.29 -16.29
N ARG F 70 -71.83 -18.30 -14.99
CA ARG F 70 -70.58 -18.89 -14.55
C ARG F 70 -70.60 -20.42 -14.62
N ARG F 71 -71.78 -21.03 -14.56
CA ARG F 71 -71.87 -22.49 -14.56
C ARG F 71 -72.16 -23.08 -15.93
N MET F 72 -72.12 -22.26 -16.98
CA MET F 72 -72.67 -22.69 -18.27
C MET F 72 -71.77 -23.65 -19.03
N MET F 73 -70.44 -23.48 -18.94
CA MET F 73 -69.50 -24.40 -19.56
C MET F 73 -68.92 -25.43 -18.60
N SER F 74 -69.72 -25.90 -17.65
CA SER F 74 -69.30 -26.94 -16.73
C SER F 74 -70.00 -28.24 -17.08
N ASP F 75 -69.32 -29.36 -16.86
CA ASP F 75 -69.89 -30.67 -17.17
C ASP F 75 -70.69 -31.27 -16.02
N ARG F 76 -70.63 -30.68 -14.83
CA ARG F 76 -71.38 -31.21 -13.69
C ARG F 76 -72.85 -30.81 -13.80
N LYS F 77 -73.66 -31.21 -12.81
CA LYS F 77 -75.10 -31.01 -12.83
C LYS F 77 -75.50 -29.99 -11.77
N TYR F 78 -75.72 -28.75 -12.20
CA TYR F 78 -76.11 -27.66 -11.32
C TYR F 78 -77.59 -27.36 -11.44
N HIS F 79 -78.21 -26.99 -10.32
CA HIS F 79 -79.56 -26.45 -10.27
C HIS F 79 -79.44 -25.06 -9.65
N CYS F 80 -79.66 -24.02 -10.45
CA CYS F 80 -79.39 -22.65 -10.04
C CYS F 80 -80.64 -22.03 -9.43
N VAL F 81 -80.53 -21.54 -8.20
CA VAL F 81 -81.64 -20.91 -7.51
C VAL F 81 -81.47 -19.41 -7.63
N CYS F 82 -82.33 -18.77 -8.41
CA CYS F 82 -82.18 -17.33 -8.68
C CYS F 82 -83.42 -16.51 -8.43
N PRO F 83 -83.50 -15.93 -7.25
CA PRO F 83 -84.61 -15.04 -7.03
C PRO F 83 -84.20 -13.59 -7.46
N MET F 84 -85.06 -12.79 -7.99
CA MET F 84 -84.64 -11.44 -8.39
C MET F 84 -84.80 -10.41 -7.28
N ARG F 85 -84.03 -10.49 -6.20
CA ARG F 85 -84.10 -9.62 -5.04
C ARG F 85 -83.07 -8.51 -5.05
N SER F 86 -82.14 -8.51 -5.99
CA SER F 86 -81.03 -7.58 -6.04
C SER F 86 -81.08 -6.79 -7.35
N ALA F 87 -80.59 -5.55 -7.31
CA ALA F 87 -80.61 -4.70 -8.49
C ALA F 87 -79.66 -5.15 -9.58
N GLU F 88 -78.74 -6.06 -9.28
CA GLU F 88 -77.79 -6.59 -10.25
C GLU F 88 -78.31 -7.82 -10.98
N ASP F 89 -79.48 -8.35 -10.61
CA ASP F 89 -79.95 -9.63 -11.11
C ASP F 89 -80.49 -9.60 -12.55
N PRO F 90 -81.30 -8.61 -12.95
CA PRO F 90 -81.80 -8.62 -14.34
C PRO F 90 -80.69 -8.63 -15.39
N GLU F 91 -79.61 -7.91 -15.13
CA GLU F 91 -78.49 -7.90 -16.06
C GLU F 91 -77.78 -9.26 -16.10
N ARG F 92 -77.66 -9.93 -14.96
CA ARG F 92 -77.10 -11.28 -14.94
C ARG F 92 -77.96 -12.25 -15.74
N LEU F 93 -79.28 -12.16 -15.59
CA LEU F 93 -80.17 -13.02 -16.36
C LEU F 93 -80.08 -12.76 -17.87
N ALA F 94 -80.07 -11.48 -18.25
CA ALA F 94 -79.94 -11.15 -19.67
C ALA F 94 -78.61 -11.64 -20.23
N ASN F 95 -77.54 -11.54 -19.44
CA ASN F 95 -76.23 -12.02 -19.88
C ASN F 95 -76.23 -13.52 -20.06
N TYR F 96 -76.93 -14.24 -19.19
CA TYR F 96 -77.04 -15.69 -19.34
C TYR F 96 -77.77 -16.06 -20.62
N ALA F 97 -78.91 -15.41 -20.89
CA ALA F 97 -79.65 -15.69 -22.11
C ALA F 97 -78.83 -15.37 -23.36
N ARG F 98 -78.09 -14.26 -23.34
CA ARG F 98 -77.22 -13.90 -24.45
C ARG F 98 -76.15 -14.95 -24.68
N LYS F 99 -75.43 -15.33 -23.62
CA LYS F 99 -74.42 -16.38 -23.73
C LYS F 99 -75.01 -17.68 -24.27
N LEU F 100 -76.21 -18.05 -23.82
CA LEU F 100 -76.84 -19.28 -24.30
C LEU F 100 -77.12 -19.20 -25.78
N ALA F 101 -77.77 -18.12 -26.21
CA ALA F 101 -78.15 -17.99 -27.62
C ALA F 101 -76.94 -17.91 -28.54
N SER F 102 -75.85 -17.30 -28.09
CA SER F 102 -74.70 -17.14 -28.98
C SER F 102 -74.11 -18.48 -29.38
N ALA F 103 -73.97 -19.41 -28.46
CA ALA F 103 -73.38 -20.72 -28.72
C ALA F 103 -74.46 -21.78 -28.57
N ALA F 104 -75.22 -22.01 -29.65
CA ALA F 104 -76.33 -22.94 -29.61
C ALA F 104 -76.09 -24.21 -30.43
N GLY F 105 -75.19 -24.17 -31.41
CA GLY F 105 -74.85 -25.36 -32.15
C GLY F 105 -73.35 -25.60 -32.16
N LYS F 106 -72.59 -24.56 -31.85
CA LYS F 106 -71.13 -24.67 -31.87
C LYS F 106 -70.62 -25.54 -30.72
N VAL F 107 -71.31 -25.52 -29.58
CA VAL F 107 -70.94 -26.32 -28.42
C VAL F 107 -71.95 -27.45 -28.27
N LEU F 108 -71.46 -28.68 -28.15
CA LEU F 108 -72.33 -29.85 -28.13
C LEU F 108 -72.22 -30.69 -26.88
N ASP F 109 -71.08 -30.67 -26.18
CA ASP F 109 -70.91 -31.52 -25.01
C ASP F 109 -71.84 -31.13 -23.88
N ARG F 110 -72.03 -29.82 -23.68
CA ARG F 110 -72.87 -29.35 -22.60
C ARG F 110 -74.34 -29.41 -23.00
N ASN F 111 -75.20 -29.50 -21.98
CA ASN F 111 -76.63 -29.61 -22.19
C ASN F 111 -77.22 -28.25 -22.61
N ILE F 112 -76.71 -27.73 -23.72
CA ILE F 112 -77.10 -26.39 -24.16
C ILE F 112 -78.57 -26.34 -24.53
N SER F 113 -79.01 -27.30 -25.34
CA SER F 113 -80.41 -27.33 -25.76
C SER F 113 -81.35 -27.52 -24.58
N GLY F 114 -80.98 -28.41 -23.65
CA GLY F 114 -81.78 -28.58 -22.46
C GLY F 114 -81.88 -27.32 -21.63
N LYS F 115 -80.77 -26.58 -21.52
CA LYS F 115 -80.79 -25.33 -20.78
C LYS F 115 -81.70 -24.29 -21.44
N ILE F 116 -81.64 -24.21 -22.77
CA ILE F 116 -82.52 -23.27 -23.48
C ILE F 116 -83.98 -23.64 -23.25
N GLY F 117 -84.30 -24.92 -23.39
CA GLY F 117 -85.66 -25.36 -23.15
C GLY F 117 -86.15 -25.08 -21.74
N ASP F 118 -85.28 -25.31 -20.76
CA ASP F 118 -85.65 -25.06 -19.37
C ASP F 118 -85.93 -23.59 -19.13
N LEU F 119 -85.08 -22.71 -19.67
CA LEU F 119 -85.30 -21.28 -19.51
C LEU F 119 -86.60 -20.85 -20.16
N GLN F 120 -86.90 -21.37 -21.36
CA GLN F 120 -88.15 -21.01 -22.01
C GLN F 120 -89.35 -21.50 -21.21
N ALA F 121 -89.29 -22.73 -20.70
CA ALA F 121 -90.39 -23.28 -19.93
C ALA F 121 -90.63 -22.47 -18.67
N VAL F 122 -89.55 -22.00 -18.03
CA VAL F 122 -89.71 -21.17 -16.84
C VAL F 122 -90.32 -19.82 -17.19
N MET F 123 -89.90 -19.22 -18.31
CA MET F 123 -90.49 -17.96 -18.73
C MET F 123 -91.99 -18.11 -19.00
N ALA F 124 -92.41 -19.24 -19.57
CA ALA F 124 -93.83 -19.44 -19.84
C ALA F 124 -94.64 -19.47 -18.55
N VAL F 125 -94.27 -20.33 -17.60
CA VAL F 125 -94.94 -20.44 -16.32
C VAL F 125 -93.89 -20.25 -15.23
N PRO F 126 -94.02 -19.21 -14.38
CA PRO F 126 -92.91 -18.85 -13.48
C PRO F 126 -92.84 -19.68 -12.20
N ASP F 127 -93.73 -20.64 -11.98
CA ASP F 127 -93.76 -21.43 -10.76
C ASP F 127 -93.48 -22.90 -11.05
N THR F 128 -92.51 -23.18 -11.91
CA THR F 128 -92.18 -24.55 -12.26
C THR F 128 -90.70 -24.82 -12.01
N GLU F 129 -90.40 -25.97 -11.43
CA GLU F 129 -89.03 -26.41 -11.28
C GLU F 129 -88.57 -27.13 -12.54
N THR F 130 -87.34 -26.87 -12.96
CA THR F 130 -86.70 -27.56 -14.05
C THR F 130 -85.34 -28.04 -13.56
N PRO F 131 -84.73 -29.00 -14.23
CA PRO F 131 -83.45 -29.54 -13.74
C PRO F 131 -82.34 -28.52 -13.61
N THR F 132 -82.37 -27.40 -14.34
CA THR F 132 -81.25 -26.48 -14.33
C THR F 132 -81.56 -25.08 -13.85
N PHE F 133 -82.79 -24.76 -13.47
CA PHE F 133 -83.14 -23.37 -13.21
C PHE F 133 -84.49 -23.29 -12.50
N CYS F 134 -84.65 -22.25 -11.68
CA CYS F 134 -85.92 -21.93 -11.03
C CYS F 134 -85.81 -20.53 -10.46
N LEU F 135 -86.95 -20.00 -9.99
CA LEU F 135 -87.04 -18.63 -9.50
C LEU F 135 -87.45 -18.54 -8.04
N HIS F 136 -87.18 -19.56 -7.25
CA HIS F 136 -87.59 -19.56 -5.85
C HIS F 136 -86.45 -19.07 -4.96
N THR F 137 -86.71 -19.01 -3.66
CA THR F 137 -85.69 -18.70 -2.67
C THR F 137 -85.11 -19.99 -2.10
N ASP F 138 -84.17 -19.84 -1.16
CA ASP F 138 -83.55 -21.00 -0.53
C ASP F 138 -84.55 -21.80 0.29
N VAL F 139 -85.60 -21.14 0.79
CA VAL F 139 -86.59 -21.80 1.62
C VAL F 139 -87.74 -22.42 0.80
N SER F 140 -88.04 -21.90 -0.38
CA SER F 140 -89.21 -22.34 -1.13
C SER F 140 -88.89 -23.16 -2.37
N CYS F 141 -87.63 -23.52 -2.59
CA CYS F 141 -87.28 -24.44 -3.66
C CYS F 141 -87.63 -25.88 -3.26
N ARG F 142 -87.97 -26.70 -4.24
CA ARG F 142 -88.40 -28.08 -3.99
C ARG F 142 -87.57 -29.13 -4.70
N GLN F 143 -86.48 -28.75 -5.36
CA GLN F 143 -85.60 -29.73 -5.97
C GLN F 143 -84.80 -30.46 -4.89
N ARG F 144 -84.62 -31.76 -5.04
CA ARG F 144 -83.87 -32.57 -4.09
C ARG F 144 -82.47 -32.83 -4.61
N ALA F 145 -81.49 -32.79 -3.71
CA ALA F 145 -80.09 -32.93 -4.08
C ALA F 145 -79.31 -33.44 -2.87
N ASP F 146 -77.99 -33.49 -2.99
CA ASP F 146 -77.15 -33.86 -1.86
C ASP F 146 -75.94 -32.97 -1.62
N VAL F 147 -75.71 -31.94 -2.44
CA VAL F 147 -74.67 -30.96 -2.20
C VAL F 147 -75.24 -29.57 -2.41
N ALA F 148 -74.88 -28.64 -1.54
CA ALA F 148 -75.23 -27.23 -1.68
C ALA F 148 -73.97 -26.38 -1.65
N ILE F 149 -73.99 -25.28 -2.41
CA ILE F 149 -72.85 -24.37 -2.49
C ILE F 149 -73.33 -22.94 -2.25
N TYR F 150 -72.56 -22.19 -1.46
CA TYR F 150 -72.78 -20.77 -1.23
C TYR F 150 -71.52 -20.02 -1.61
N GLN F 151 -71.58 -19.21 -2.67
CA GLN F 151 -70.42 -18.46 -3.13
C GLN F 151 -70.68 -16.96 -2.96
N ASP F 152 -69.98 -16.35 -2.00
CA ASP F 152 -70.10 -14.93 -1.69
C ASP F 152 -71.54 -14.52 -1.37
N VAL F 153 -72.17 -15.29 -0.50
CA VAL F 153 -73.56 -15.07 -0.09
C VAL F 153 -73.55 -14.58 1.35
N TYR F 154 -74.07 -13.37 1.57
CA TYR F 154 -74.04 -12.78 2.89
C TYR F 154 -75.44 -12.39 3.39
N ALA F 155 -76.49 -12.78 2.68
CA ALA F 155 -77.82 -12.23 2.90
C ALA F 155 -78.79 -13.17 3.61
N VAL F 156 -78.34 -14.35 4.06
CA VAL F 156 -79.26 -15.29 4.71
C VAL F 156 -78.78 -15.60 6.12
N HIS F 157 -79.71 -16.04 6.95
CA HIS F 157 -79.44 -16.52 8.30
C HIS F 157 -79.05 -17.99 8.24
N ALA F 158 -77.82 -18.31 8.64
CA ALA F 158 -77.23 -19.60 8.30
C ALA F 158 -77.97 -20.81 8.85
N PRO F 159 -78.37 -20.89 10.13
CA PRO F 159 -79.03 -22.13 10.60
C PRO F 159 -80.38 -22.42 9.96
N THR F 160 -81.21 -21.41 9.72
CA THR F 160 -82.48 -21.62 9.05
C THR F 160 -82.28 -22.17 7.65
N SER F 161 -81.37 -21.56 6.90
CA SER F 161 -81.07 -22.01 5.54
C SER F 161 -80.54 -23.44 5.54
N LEU F 162 -79.61 -23.77 6.43
CA LEU F 162 -79.05 -25.12 6.46
C LEU F 162 -80.10 -26.16 6.83
N TYR F 163 -80.99 -25.83 7.78
CA TYR F 163 -82.05 -26.77 8.12
C TYR F 163 -82.96 -27.04 6.93
N HIS F 164 -83.30 -26.00 6.16
CA HIS F 164 -84.15 -26.23 5.01
C HIS F 164 -83.44 -27.00 3.91
N GLN F 165 -82.11 -26.90 3.82
CA GLN F 165 -81.40 -27.79 2.90
C GLN F 165 -81.36 -29.22 3.41
N ALA F 166 -81.27 -29.42 4.73
CA ALA F 166 -81.11 -30.76 5.28
C ALA F 166 -82.40 -31.58 5.17
N ILE F 167 -83.56 -30.95 5.37
CA ILE F 167 -84.80 -31.74 5.30
C ILE F 167 -85.11 -32.18 3.87
N LYS F 168 -84.24 -31.82 2.92
CA LYS F 168 -84.38 -32.22 1.54
C LYS F 168 -83.30 -33.21 1.09
N GLY F 169 -82.50 -33.72 2.02
CA GLY F 169 -81.53 -34.75 1.69
C GLY F 169 -80.12 -34.30 1.40
N VAL F 170 -79.77 -33.05 1.69
CA VAL F 170 -78.41 -32.58 1.46
C VAL F 170 -77.53 -33.00 2.63
N ARG F 171 -76.34 -33.51 2.33
CA ARG F 171 -75.43 -33.99 3.34
C ARG F 171 -74.13 -33.20 3.45
N LEU F 172 -73.84 -32.32 2.51
CA LEU F 172 -72.54 -31.64 2.45
C LEU F 172 -72.72 -30.24 1.85
N ALA F 173 -72.11 -29.24 2.47
CA ALA F 173 -72.24 -27.86 2.00
C ALA F 173 -70.90 -27.13 2.12
N TYR F 174 -70.70 -26.14 1.24
CA TYR F 174 -69.49 -25.33 1.22
C TYR F 174 -69.85 -23.84 1.24
N TRP F 175 -69.00 -23.05 1.89
CA TRP F 175 -69.17 -21.59 1.97
C TRP F 175 -67.84 -20.91 1.67
N VAL F 176 -67.86 -19.94 0.76
CA VAL F 176 -66.67 -19.20 0.33
C VAL F 176 -66.86 -17.73 0.66
N GLY F 177 -65.90 -17.11 1.35
CA GLY F 177 -66.08 -15.70 1.65
C GLY F 177 -64.99 -15.12 2.55
N PHE F 178 -65.21 -13.84 2.90
CA PHE F 178 -64.29 -13.12 3.80
C PHE F 178 -64.43 -13.62 5.23
N ASP F 179 -63.30 -13.73 5.91
CA ASP F 179 -63.25 -14.19 7.30
C ASP F 179 -64.12 -13.34 8.22
N THR F 180 -64.92 -14.00 9.07
CA THR F 180 -65.87 -13.36 9.95
C THR F 180 -65.29 -12.96 11.30
N THR F 181 -64.03 -13.26 11.58
CA THR F 181 -63.44 -12.96 12.90
C THR F 181 -63.49 -11.49 13.31
N PRO F 182 -63.17 -10.50 12.47
CA PRO F 182 -63.21 -9.11 12.94
C PRO F 182 -64.58 -8.64 13.42
N PHE F 183 -65.67 -9.24 12.95
CA PHE F 183 -66.99 -8.87 13.43
C PHE F 183 -67.36 -9.52 14.75
N MET F 184 -66.69 -10.61 15.13
CA MET F 184 -66.89 -11.17 16.45
C MET F 184 -66.20 -10.36 17.53
N TYR F 185 -65.10 -9.68 17.20
CA TYR F 185 -64.46 -8.75 18.11
C TYR F 185 -65.14 -7.38 18.17
N ASN F 186 -66.13 -7.12 17.30
CA ASN F 186 -67.00 -5.94 17.36
C ASN F 186 -66.25 -4.62 17.05
N ALA F 187 -65.45 -4.63 15.99
CA ALA F 187 -64.70 -3.44 15.59
C ALA F 187 -65.60 -2.44 14.85
N MET F 188 -65.17 -1.18 14.81
CA MET F 188 -65.93 -0.15 14.11
C MET F 188 -65.55 0.02 12.64
N ALA F 189 -64.31 -0.26 12.24
CA ALA F 189 -63.89 -0.18 10.84
C ALA F 189 -62.69 -1.11 10.63
N GLY F 190 -62.38 -1.42 9.37
CA GLY F 190 -61.23 -2.29 9.14
C GLY F 190 -60.82 -2.43 7.70
N ALA F 191 -59.77 -3.26 7.49
CA ALA F 191 -59.13 -3.46 6.20
C ALA F 191 -58.81 -4.93 5.94
N TYR F 192 -58.92 -5.34 4.66
CA TYR F 192 -58.30 -6.57 4.13
C TYR F 192 -57.33 -6.11 3.04
N PRO F 193 -56.07 -5.84 3.40
CA PRO F 193 -55.17 -5.10 2.50
C PRO F 193 -54.65 -5.86 1.30
N SER F 194 -54.51 -7.18 1.40
CA SER F 194 -54.09 -7.97 0.25
C SER F 194 -55.12 -7.99 -0.87
N TYR F 195 -56.38 -7.69 -0.59
CA TYR F 195 -57.44 -7.72 -1.58
C TYR F 195 -57.95 -6.33 -1.95
N SER F 196 -57.22 -5.27 -1.58
CA SER F 196 -57.64 -3.89 -1.81
C SER F 196 -59.04 -3.63 -1.26
N THR F 197 -59.34 -4.14 -0.07
CA THR F 197 -60.70 -4.02 0.44
C THR F 197 -60.74 -3.26 1.76
N ASN F 198 -61.70 -2.34 1.90
CA ASN F 198 -61.89 -1.61 3.15
C ASN F 198 -63.36 -1.60 3.55
N TRP F 199 -63.64 -1.53 4.85
CA TRP F 199 -65.03 -1.53 5.32
C TRP F 199 -65.19 -0.60 6.52
N ALA F 200 -66.42 -0.09 6.69
CA ALA F 200 -66.69 0.86 7.77
C ALA F 200 -68.15 0.84 8.21
N ASP F 201 -68.36 1.13 9.49
CA ASP F 201 -69.66 1.43 10.06
C ASP F 201 -70.22 2.74 9.50
N GLU F 202 -71.55 2.77 9.33
CA GLU F 202 -72.19 3.94 8.71
C GLU F 202 -71.98 5.23 9.50
N GLN F 203 -71.78 5.14 10.82
CA GLN F 203 -71.60 6.33 11.63
C GLN F 203 -70.25 7.04 11.45
N VAL F 204 -69.26 6.43 10.81
CA VAL F 204 -67.95 7.05 10.70
C VAL F 204 -67.55 7.31 9.25
N LEU F 205 -68.51 7.42 8.34
CA LEU F 205 -68.16 7.66 6.94
C LEU F 205 -67.61 9.06 6.69
N LYS F 206 -67.74 9.99 7.64
CA LYS F 206 -67.16 11.32 7.51
C LYS F 206 -65.88 11.50 8.31
N ALA F 207 -65.10 10.43 8.49
CA ALA F 207 -63.80 10.51 9.13
C ALA F 207 -62.77 11.06 8.15
N LYS F 208 -61.51 11.11 8.56
CA LYS F 208 -60.45 11.70 7.76
C LYS F 208 -59.34 10.73 7.38
N ASN F 209 -58.92 9.83 8.26
CA ASN F 209 -57.70 9.04 8.03
C ASN F 209 -57.91 7.52 8.07
N ILE F 210 -59.11 7.02 7.81
CA ILE F 210 -59.31 5.57 7.69
C ILE F 210 -59.40 5.21 6.21
N GLY F 211 -59.49 3.92 5.91
CA GLY F 211 -59.47 3.47 4.52
C GLY F 211 -60.62 3.98 3.67
N LEU F 212 -61.85 3.93 4.19
CA LEU F 212 -63.04 4.31 3.43
C LEU F 212 -63.75 5.47 4.12
N CYS F 213 -63.60 6.69 3.61
CA CYS F 213 -64.15 7.89 4.24
C CYS F 213 -63.98 9.10 3.31
N SER F 214 -64.57 10.23 3.72
CA SER F 214 -64.48 11.48 2.96
C SER F 214 -64.92 12.65 3.83
N THR F 215 -64.16 13.75 3.78
CA THR F 215 -64.47 14.95 4.57
C THR F 215 -64.02 16.20 3.84
N ASP F 216 -64.18 17.37 4.46
CA ASP F 216 -63.89 18.64 3.80
C ASP F 216 -63.18 19.63 4.74
N LEU F 217 -62.68 20.72 4.15
CA LEU F 217 -61.89 21.72 4.87
C LEU F 217 -62.78 22.67 5.67
N THR F 218 -62.29 23.10 6.84
CA THR F 218 -63.02 24.01 7.71
C THR F 218 -62.04 24.88 8.48
N GLU F 219 -62.52 26.02 8.98
CA GLU F 219 -61.72 26.87 9.85
C GLU F 219 -61.99 26.64 11.34
N GLY F 220 -63.01 25.88 11.71
CA GLY F 220 -63.16 25.51 13.10
C GLY F 220 -63.94 26.44 14.01
N ARG F 221 -65.22 26.64 13.74
CA ARG F 221 -66.07 27.38 14.66
C ARG F 221 -66.26 26.63 15.97
N ARG F 222 -66.33 27.37 17.07
CA ARG F 222 -66.52 26.76 18.37
C ARG F 222 -67.97 26.55 18.75
N GLY F 223 -68.92 27.11 17.99
CA GLY F 223 -70.29 27.03 18.44
C GLY F 223 -70.94 25.67 18.32
N LYS F 224 -71.29 25.29 17.09
CA LYS F 224 -71.97 24.02 16.78
C LYS F 224 -72.94 23.60 17.88
N LEU F 225 -73.73 24.56 18.34
CA LEU F 225 -74.60 24.35 19.50
C LEU F 225 -75.81 23.52 19.08
N SER F 226 -75.82 22.25 19.46
CA SER F 226 -76.94 21.35 19.23
C SER F 226 -77.37 20.76 20.56
N ILE F 227 -78.68 20.82 20.84
CA ILE F 227 -79.21 20.31 22.09
C ILE F 227 -79.29 18.80 22.11
N MET F 228 -79.31 18.15 20.95
CA MET F 228 -79.45 16.70 20.86
C MET F 228 -78.18 16.05 21.38
N ARG F 229 -78.26 15.46 22.57
CA ARG F 229 -77.11 14.84 23.23
C ARG F 229 -76.88 13.44 22.67
N GLY F 230 -75.80 13.27 21.93
CA GLY F 230 -75.46 11.94 21.45
C GLY F 230 -74.86 11.10 22.54
N LYS F 231 -73.65 11.45 22.97
CA LYS F 231 -73.04 10.96 24.19
C LYS F 231 -72.63 9.49 24.19
N LYS F 232 -72.91 8.74 23.12
CA LYS F 232 -72.34 7.41 22.99
C LYS F 232 -72.05 7.12 21.53
N LEU F 233 -70.90 6.51 21.26
CA LEU F 233 -70.50 6.09 19.93
C LEU F 233 -70.26 4.58 19.99
N GLU F 234 -71.25 3.81 19.57
CA GLU F 234 -71.20 2.36 19.60
C GLU F 234 -71.50 1.82 18.22
N PRO F 235 -71.00 0.63 17.89
CA PRO F 235 -71.34 0.01 16.60
C PRO F 235 -72.83 -0.23 16.42
N CYS F 236 -73.29 -0.08 15.19
CA CYS F 236 -74.67 -0.33 14.78
C CYS F 236 -74.70 -1.37 13.67
N ASP F 237 -75.91 -1.80 13.30
CA ASP F 237 -76.06 -2.96 12.43
C ASP F 237 -75.59 -2.72 10.99
N ARG F 238 -75.63 -1.47 10.52
CA ARG F 238 -75.39 -1.20 9.11
C ARG F 238 -73.90 -1.02 8.82
N VAL F 239 -73.37 -1.75 7.84
CA VAL F 239 -71.96 -1.66 7.48
C VAL F 239 -71.81 -1.54 5.96
N LEU F 240 -70.77 -0.85 5.51
CA LEU F 240 -70.48 -0.69 4.08
C LEU F 240 -69.12 -1.30 3.75
N PHE F 241 -69.09 -2.10 2.66
CA PHE F 241 -67.92 -2.79 2.15
C PHE F 241 -67.50 -2.20 0.81
N SER F 242 -66.21 -2.04 0.57
CA SER F 242 -65.70 -1.60 -0.73
C SER F 242 -64.59 -2.56 -1.19
N VAL F 243 -64.87 -3.29 -2.27
CA VAL F 243 -63.95 -4.24 -2.88
C VAL F 243 -63.46 -3.65 -4.19
N GLY F 244 -62.22 -3.22 -4.22
CA GLY F 244 -61.77 -2.36 -5.31
C GLY F 244 -62.55 -1.08 -5.36
N SER F 245 -63.40 -0.91 -6.36
CA SER F 245 -64.35 0.20 -6.40
C SER F 245 -65.80 -0.25 -6.41
N THR F 246 -66.07 -1.53 -6.12
CA THR F 246 -67.44 -2.04 -6.04
C THR F 246 -67.96 -1.95 -4.61
N LEU F 247 -69.16 -1.40 -4.45
CA LEU F 247 -69.76 -1.16 -3.14
C LEU F 247 -70.81 -2.21 -2.79
N TYR F 248 -70.78 -2.68 -1.53
CA TYR F 248 -71.79 -3.62 -1.02
C TYR F 248 -72.23 -3.27 0.40
N PRO F 249 -73.52 -3.06 0.66
CA PRO F 249 -73.98 -2.91 2.04
C PRO F 249 -74.25 -4.25 2.71
N GLU F 250 -74.05 -4.29 4.04
CA GLU F 250 -74.18 -5.53 4.80
C GLU F 250 -74.76 -5.28 6.20
N SER F 251 -75.21 -6.37 6.81
CA SER F 251 -75.79 -6.40 8.15
C SER F 251 -74.92 -7.21 9.10
N ARG F 252 -74.69 -6.67 10.31
CA ARG F 252 -73.81 -7.32 11.28
C ARG F 252 -74.36 -8.65 11.78
N LYS F 253 -75.68 -8.74 11.97
CA LYS F 253 -76.29 -9.96 12.48
C LYS F 253 -76.09 -11.13 11.51
N LEU F 254 -76.33 -10.90 10.23
CA LEU F 254 -76.21 -11.97 9.26
C LEU F 254 -74.76 -12.40 9.08
N LEU F 255 -73.82 -11.45 9.15
CA LEU F 255 -72.41 -11.81 9.09
C LEU F 255 -72.00 -12.65 10.29
N LYS F 256 -72.42 -12.27 11.49
CA LYS F 256 -72.09 -13.05 12.67
C LYS F 256 -72.68 -14.46 12.62
N SER F 257 -73.84 -14.62 11.98
CA SER F 257 -74.48 -15.94 11.98
C SER F 257 -73.68 -17.01 11.25
N TRP F 258 -72.71 -16.66 10.41
CA TRP F 258 -71.89 -17.65 9.73
C TRP F 258 -70.61 -18.03 10.48
N HIS F 259 -70.38 -17.48 11.67
CA HIS F 259 -69.23 -17.84 12.51
C HIS F 259 -69.66 -19.01 13.41
N LEU F 260 -69.68 -20.19 12.84
CA LEU F 260 -70.31 -21.37 13.42
C LEU F 260 -69.35 -22.16 14.32
N PRO F 261 -69.84 -22.79 15.37
CA PRO F 261 -68.99 -23.61 16.23
C PRO F 261 -68.68 -24.96 15.59
N SER F 262 -67.73 -25.67 16.20
CA SER F 262 -67.24 -26.91 15.60
C SER F 262 -68.29 -28.03 15.64
N VAL F 263 -69.23 -28.00 16.58
CA VAL F 263 -70.31 -29.00 16.68
C VAL F 263 -71.61 -28.29 17.02
N PHE F 264 -72.70 -28.65 16.33
CA PHE F 264 -74.00 -28.09 16.73
C PHE F 264 -75.15 -29.01 16.33
N HIS F 265 -76.31 -28.76 16.93
CA HIS F 265 -77.53 -29.56 16.76
C HIS F 265 -78.65 -28.73 16.16
N LEU F 266 -79.35 -29.30 15.18
CA LEU F 266 -80.55 -28.68 14.58
C LEU F 266 -81.77 -29.51 14.97
N LYS F 267 -82.65 -28.95 15.79
CA LYS F 267 -83.73 -29.70 16.42
C LYS F 267 -85.09 -29.16 15.99
N GLY F 268 -85.71 -29.79 15.00
CA GLY F 268 -87.03 -29.41 14.55
C GLY F 268 -87.96 -30.62 14.56
N LYS F 269 -88.76 -30.72 13.49
CA LYS F 269 -89.56 -31.92 13.28
C LYS F 269 -88.67 -33.14 13.08
N LEU F 270 -87.59 -32.97 12.32
CA LEU F 270 -86.49 -33.91 12.26
C LEU F 270 -85.27 -33.28 12.92
N SER F 271 -84.27 -34.10 13.24
CA SER F 271 -83.11 -33.65 13.99
C SER F 271 -81.83 -34.00 13.26
N PHE F 272 -80.81 -33.16 13.43
CA PHE F 272 -79.54 -33.35 12.75
C PHE F 272 -78.39 -32.93 13.65
N THR F 273 -77.23 -33.54 13.41
CA THR F 273 -75.97 -33.23 14.09
C THR F 273 -74.96 -32.78 13.05
N CYS F 274 -74.32 -31.62 13.27
CA CYS F 274 -73.52 -30.97 12.23
C CYS F 274 -72.17 -30.51 12.73
N ARG F 275 -71.20 -30.44 11.80
CA ARG F 275 -69.84 -30.00 12.05
C ARG F 275 -69.40 -28.97 11.02
N CYS F 276 -68.47 -28.09 11.42
CA CYS F 276 -67.94 -27.05 10.53
C CYS F 276 -66.43 -26.92 10.70
N ASP F 277 -65.69 -27.10 9.60
CA ASP F 277 -64.22 -27.00 9.58
C ASP F 277 -63.78 -25.97 8.53
N THR F 278 -62.60 -25.38 8.75
CA THR F 278 -61.99 -24.46 7.81
C THR F 278 -60.89 -25.17 7.03
N VAL F 279 -61.04 -25.25 5.71
CA VAL F 279 -60.12 -26.05 4.91
C VAL F 279 -59.18 -25.21 4.02
N VAL F 280 -59.49 -23.95 3.75
CA VAL F 280 -58.57 -23.06 3.06
C VAL F 280 -58.63 -21.69 3.74
N SER F 281 -57.47 -21.06 3.92
CA SER F 281 -57.36 -19.76 4.58
C SER F 281 -56.17 -19.00 3.99
N CYS F 282 -56.43 -17.85 3.37
CA CYS F 282 -55.39 -17.09 2.68
C CYS F 282 -55.60 -15.59 2.92
N GLU F 283 -54.81 -15.03 3.84
CA GLU F 283 -54.74 -13.58 4.09
C GLU F 283 -56.10 -12.92 4.29
N GLY F 284 -57.05 -13.64 4.89
CA GLY F 284 -58.37 -13.11 5.15
C GLY F 284 -59.50 -13.62 4.27
N TYR F 285 -59.23 -14.53 3.35
CA TYR F 285 -60.26 -15.21 2.56
C TYR F 285 -60.31 -16.69 2.92
N VAL F 286 -61.51 -17.26 3.11
CA VAL F 286 -61.64 -18.64 3.60
C VAL F 286 -62.66 -19.47 2.84
N VAL F 287 -62.48 -20.79 2.96
CA VAL F 287 -63.43 -21.81 2.50
C VAL F 287 -63.80 -22.71 3.67
N LYS F 288 -65.10 -22.87 3.92
CA LYS F 288 -65.61 -23.71 5.02
C LYS F 288 -66.42 -24.88 4.49
N ARG F 289 -66.23 -26.06 5.11
CA ARG F 289 -66.92 -27.30 4.76
C ARG F 289 -67.81 -27.75 5.91
N ILE F 290 -69.07 -28.08 5.61
CA ILE F 290 -70.07 -28.41 6.63
C ILE F 290 -70.72 -29.74 6.28
N THR F 291 -70.85 -30.63 7.27
CA THR F 291 -71.50 -31.92 7.12
C THR F 291 -72.69 -32.04 8.07
N MET F 292 -73.74 -32.74 7.63
CA MET F 292 -74.95 -32.90 8.44
C MET F 292 -75.41 -34.35 8.41
N SER F 293 -75.89 -34.85 9.55
CA SER F 293 -76.29 -36.25 9.73
C SER F 293 -77.60 -36.36 10.51
N PRO F 294 -78.47 -37.31 10.16
CA PRO F 294 -79.76 -37.44 10.86
C PRO F 294 -79.59 -38.06 12.24
N GLY F 295 -80.31 -37.53 13.20
CA GLY F 295 -80.25 -37.99 14.58
C GLY F 295 -79.36 -37.10 15.43
N LEU F 296 -79.41 -37.35 16.74
CA LEU F 296 -78.66 -36.59 17.73
C LEU F 296 -77.58 -37.45 18.37
N TYR F 297 -76.34 -36.98 18.33
CA TYR F 297 -75.19 -37.68 18.90
C TYR F 297 -74.24 -36.71 19.59
N GLY F 298 -73.60 -37.17 20.66
CA GLY F 298 -72.58 -36.39 21.33
C GLY F 298 -73.14 -35.26 22.17
N LYS F 299 -72.29 -34.27 22.44
CA LYS F 299 -72.72 -33.06 23.12
C LYS F 299 -71.91 -31.87 22.61
N THR F 300 -72.41 -30.68 22.89
CA THR F 300 -71.87 -29.44 22.37
C THR F 300 -71.22 -28.64 23.50
N THR F 301 -70.21 -27.85 23.14
CA THR F 301 -69.61 -26.90 24.08
C THR F 301 -69.94 -25.45 23.78
N GLY F 302 -70.16 -25.10 22.52
CA GLY F 302 -70.42 -23.72 22.16
C GLY F 302 -69.21 -22.85 21.95
N TYR F 303 -68.08 -23.41 21.51
CA TYR F 303 -66.86 -22.65 21.29
C TYR F 303 -66.47 -22.70 19.82
N ALA F 304 -65.99 -21.57 19.30
CA ALA F 304 -65.49 -21.45 17.94
C ALA F 304 -64.04 -20.96 17.97
N VAL F 305 -63.20 -21.54 17.12
CA VAL F 305 -61.76 -21.33 17.15
C VAL F 305 -61.28 -20.82 15.80
N THR F 306 -60.35 -19.86 15.83
CA THR F 306 -59.66 -19.37 14.64
C THR F 306 -58.15 -19.53 14.81
N HIS F 307 -57.49 -20.07 13.79
CA HIS F 307 -56.03 -20.20 13.77
C HIS F 307 -55.41 -19.07 12.96
N HIS F 308 -54.42 -18.38 13.53
CA HIS F 308 -53.80 -17.21 12.91
C HIS F 308 -52.47 -17.59 12.28
N ALA F 309 -52.39 -17.58 10.95
CA ALA F 309 -51.13 -17.80 10.26
C ALA F 309 -50.33 -16.49 10.08
N ASP F 310 -51.02 -15.38 9.83
CA ASP F 310 -50.43 -14.05 9.90
C ASP F 310 -50.91 -13.37 11.18
N GLY F 311 -50.30 -12.24 11.52
CA GLY F 311 -50.70 -11.52 12.72
C GLY F 311 -52.00 -10.77 12.56
N PHE F 312 -52.77 -10.71 13.65
CA PHE F 312 -54.04 -9.99 13.67
C PHE F 312 -54.02 -8.92 14.77
N LEU F 313 -54.50 -7.71 14.45
CA LEU F 313 -54.40 -6.56 15.35
C LEU F 313 -55.73 -5.84 15.48
N MET F 314 -56.05 -5.43 16.71
CA MET F 314 -57.17 -4.53 17.00
C MET F 314 -56.74 -3.46 17.99
N CYS F 315 -57.07 -2.20 17.71
CA CYS F 315 -56.55 -1.12 18.54
C CYS F 315 -57.45 0.10 18.53
N LYS F 316 -57.20 0.97 19.51
CA LYS F 316 -57.94 2.21 19.70
C LYS F 316 -57.24 3.37 18.97
N THR F 317 -58.01 4.18 18.25
CA THR F 317 -57.46 5.29 17.48
C THR F 317 -58.32 6.54 17.68
N THR F 318 -57.70 7.69 17.45
CA THR F 318 -58.34 9.01 17.60
C THR F 318 -58.40 9.71 16.26
N ASP F 319 -59.56 10.28 15.92
CA ASP F 319 -59.77 10.93 14.63
C ASP F 319 -60.76 12.07 14.81
N THR F 320 -61.07 12.76 13.71
CA THR F 320 -62.16 13.73 13.68
C THR F 320 -63.24 13.24 12.73
N VAL F 321 -64.49 13.28 13.19
CA VAL F 321 -65.64 12.89 12.39
C VAL F 321 -66.51 14.12 12.23
N ASP F 322 -66.67 14.56 10.99
CA ASP F 322 -67.37 15.81 10.66
C ASP F 322 -66.82 16.98 11.49
N GLY F 323 -65.52 16.94 11.79
CA GLY F 323 -64.87 17.99 12.54
C GLY F 323 -64.80 17.81 14.04
N GLU F 324 -65.45 16.80 14.61
CA GLU F 324 -65.46 16.58 16.06
C GLU F 324 -64.52 15.44 16.41
N ARG F 325 -63.66 15.66 17.40
CA ARG F 325 -62.61 14.69 17.77
C ARG F 325 -63.17 13.57 18.65
N VAL F 326 -62.94 12.31 18.24
CA VAL F 326 -63.45 11.12 18.93
C VAL F 326 -62.44 9.99 18.89
N SER F 327 -62.76 8.90 19.59
CA SER F 327 -61.94 7.67 19.63
C SER F 327 -62.80 6.45 19.33
N PHE F 328 -62.24 5.48 18.60
CA PHE F 328 -62.94 4.23 18.30
C PHE F 328 -61.93 3.16 17.86
N SER F 329 -62.41 1.94 17.62
CA SER F 329 -61.54 0.79 17.40
C SER F 329 -61.44 0.38 15.93
N VAL F 330 -60.26 -0.12 15.55
CA VAL F 330 -59.89 -0.43 14.17
C VAL F 330 -59.08 -1.73 14.14
N CYS F 331 -59.25 -2.55 13.09
CA CYS F 331 -58.58 -3.85 13.01
C CYS F 331 -57.89 -4.07 11.66
N THR F 332 -56.83 -4.88 11.66
CA THR F 332 -56.11 -5.19 10.42
C THR F 332 -55.25 -6.46 10.55
N TYR F 333 -54.65 -6.87 9.42
CA TYR F 333 -53.78 -8.04 9.30
C TYR F 333 -52.34 -7.62 8.97
N VAL F 334 -51.37 -8.35 9.50
CA VAL F 334 -49.94 -8.04 9.34
C VAL F 334 -49.16 -9.27 8.91
N PRO F 335 -48.26 -9.16 7.92
CA PRO F 335 -47.52 -10.34 7.45
C PRO F 335 -46.55 -10.91 8.49
N ALA F 336 -46.34 -12.23 8.40
CA ALA F 336 -45.65 -12.97 9.45
C ALA F 336 -44.18 -12.59 9.58
N THR F 337 -43.49 -12.32 8.46
CA THR F 337 -42.06 -11.99 8.53
C THR F 337 -41.83 -10.68 9.28
N ILE F 338 -42.69 -9.69 9.09
CA ILE F 338 -42.57 -8.42 9.80
C ILE F 338 -42.78 -8.62 11.31
N CYS F 339 -43.80 -9.40 11.67
CA CYS F 339 -44.05 -9.74 13.06
C CYS F 339 -42.83 -10.40 13.69
N ASP F 340 -42.22 -11.36 12.98
CA ASP F 340 -41.02 -12.02 13.50
C ASP F 340 -39.86 -11.05 13.66
N GLN F 341 -39.72 -10.09 12.74
CA GLN F 341 -38.62 -9.15 12.82
C GLN F 341 -38.81 -8.06 13.87
N MET F 342 -40.01 -7.91 14.44
CA MET F 342 -40.19 -6.94 15.52
C MET F 342 -40.02 -7.50 16.93
N THR F 343 -39.68 -8.79 17.09
CA THR F 343 -39.69 -9.42 18.41
C THR F 343 -38.68 -8.78 19.37
N GLY F 344 -37.49 -8.45 18.89
CA GLY F 344 -36.48 -7.85 19.75
C GLY F 344 -36.81 -6.43 20.19
N ILE F 345 -37.36 -5.62 19.28
CA ILE F 345 -37.65 -4.22 19.59
C ILE F 345 -38.67 -4.09 20.71
N LEU F 346 -39.67 -4.95 20.73
CA LEU F 346 -40.80 -4.80 21.64
C LEU F 346 -40.48 -5.23 23.08
N ALA F 347 -39.24 -5.63 23.36
CA ALA F 347 -38.86 -5.93 24.75
C ALA F 347 -38.79 -4.68 25.61
N THR F 348 -38.56 -3.52 25.00
CA THR F 348 -38.47 -2.25 25.72
C THR F 348 -39.65 -1.36 25.34
N GLU F 349 -39.67 -0.17 25.92
CA GLU F 349 -40.66 0.83 25.57
C GLU F 349 -40.15 1.66 24.40
N VAL F 350 -40.98 1.80 23.38
CA VAL F 350 -40.62 2.47 22.14
C VAL F 350 -41.71 3.49 21.82
N THR F 351 -41.31 4.68 21.35
CA THR F 351 -42.29 5.69 20.95
C THR F 351 -42.90 5.34 19.60
N PRO F 352 -44.09 5.89 19.30
CA PRO F 352 -44.68 5.64 17.97
C PRO F 352 -43.84 6.10 16.79
N GLU F 353 -43.13 7.23 16.91
CA GLU F 353 -42.32 7.73 15.80
C GLU F 353 -41.16 6.79 15.48
N ASP F 354 -40.48 6.30 16.51
CA ASP F 354 -39.37 5.36 16.31
C ASP F 354 -39.87 4.04 15.73
N ALA F 355 -41.04 3.57 16.19
CA ALA F 355 -41.62 2.36 15.62
C ALA F 355 -41.94 2.56 14.14
N GLN F 356 -42.45 3.73 13.77
CA GLN F 356 -42.77 4.00 12.37
C GLN F 356 -41.50 3.99 11.50
N LYS F 357 -40.42 4.58 12.00
CA LYS F 357 -39.18 4.55 11.23
C LYS F 357 -38.63 3.14 11.09
N LEU F 358 -38.68 2.33 12.15
CA LEU F 358 -38.23 0.94 12.04
C LEU F 358 -39.07 0.14 11.04
N LEU F 359 -40.39 0.33 11.07
CA LEU F 359 -41.27 -0.41 10.14
C LEU F 359 -40.99 0.00 8.69
N VAL F 360 -40.79 1.29 8.44
CA VAL F 360 -40.46 1.72 7.08
C VAL F 360 -39.14 1.09 6.64
N GLY F 361 -38.15 1.03 7.54
CA GLY F 361 -36.90 0.38 7.21
C GLY F 361 -37.06 -1.10 6.86
N LEU F 362 -37.87 -1.82 7.63
CA LEU F 362 -38.09 -3.25 7.34
C LEU F 362 -38.86 -3.46 6.06
N ASN F 363 -39.83 -2.59 5.76
CA ASN F 363 -40.76 -2.83 4.66
C ASN F 363 -40.08 -2.65 3.31
N GLN F 364 -39.34 -1.57 3.15
CA GLN F 364 -38.86 -1.14 1.83
C GLN F 364 -37.43 -1.63 1.63
N ARG F 365 -37.30 -2.94 1.48
CA ARG F 365 -36.00 -3.57 1.34
C ARG F 365 -36.13 -4.91 0.63
N THR F 376 -39.95 -2.48 -3.97
CA THR F 376 -40.75 -3.59 -3.45
C THR F 376 -41.33 -3.25 -2.09
N ASN F 377 -42.54 -3.74 -1.82
CA ASN F 377 -43.25 -3.47 -0.58
C ASN F 377 -43.84 -4.77 -0.06
N THR F 378 -43.50 -5.14 1.18
CA THR F 378 -44.13 -6.31 1.78
C THR F 378 -45.55 -6.03 2.23
N MET F 379 -45.80 -4.87 2.83
CA MET F 379 -47.14 -4.49 3.26
C MET F 379 -47.48 -3.10 2.73
N LYS F 380 -48.78 -2.81 2.65
CA LYS F 380 -49.25 -1.53 2.11
C LYS F 380 -48.94 -0.38 3.06
N ASN F 381 -48.52 0.75 2.50
CA ASN F 381 -47.99 1.84 3.30
C ASN F 381 -49.06 2.59 4.08
N TYR F 382 -50.29 2.68 3.57
CA TYR F 382 -51.32 3.49 4.23
C TYR F 382 -51.75 2.94 5.58
N MET F 383 -51.42 1.68 5.90
CA MET F 383 -51.69 1.14 7.23
C MET F 383 -50.53 1.30 8.21
N ILE F 384 -49.34 1.72 7.75
CA ILE F 384 -48.18 1.75 8.64
C ILE F 384 -48.34 2.65 9.86
N PRO F 385 -48.89 3.88 9.76
CA PRO F 385 -49.02 4.69 10.99
C PRO F 385 -49.89 4.09 12.08
N VAL F 386 -51.00 3.43 11.74
CA VAL F 386 -51.83 2.85 12.79
C VAL F 386 -51.15 1.65 13.44
N VAL F 387 -50.49 0.80 12.65
CA VAL F 387 -49.78 -0.35 13.20
C VAL F 387 -48.68 0.11 14.16
N ALA F 388 -47.90 1.12 13.76
CA ALA F 388 -46.85 1.66 14.63
C ALA F 388 -47.43 2.11 15.97
N GLN F 389 -48.63 2.68 15.96
CA GLN F 389 -49.20 3.12 17.23
C GLN F 389 -49.57 1.91 18.08
N ALA F 390 -50.17 0.89 17.47
CA ALA F 390 -50.64 -0.27 18.24
C ALA F 390 -49.47 -0.98 18.91
N PHE F 391 -48.41 -1.27 18.15
CA PHE F 391 -47.23 -1.93 18.72
C PHE F 391 -46.67 -1.14 19.89
N SER F 392 -46.75 0.19 19.82
CA SER F 392 -46.17 0.99 20.89
C SER F 392 -46.98 0.84 22.18
N LYS F 393 -48.30 0.73 22.08
CA LYS F 393 -49.09 0.61 23.29
C LYS F 393 -48.97 -0.79 23.90
N TRP F 394 -48.98 -1.82 23.06
CA TRP F 394 -48.82 -3.20 23.54
C TRP F 394 -47.54 -3.34 24.35
N ALA F 395 -46.42 -2.87 23.80
CA ALA F 395 -45.14 -2.96 24.51
C ALA F 395 -45.22 -2.26 25.86
N LYS F 396 -45.95 -1.16 25.95
CA LYS F 396 -46.06 -0.48 27.24
C LYS F 396 -46.84 -1.32 28.24
N GLU F 397 -47.97 -1.89 27.80
CA GLU F 397 -48.85 -2.59 28.74
C GLU F 397 -48.14 -3.82 29.33
N CYS F 398 -47.37 -4.52 28.52
CA CYS F 398 -46.61 -5.67 29.02
C CYS F 398 -45.71 -5.26 30.19
N ARG F 399 -45.01 -4.12 30.08
CA ARG F 399 -44.14 -3.70 31.16
C ARG F 399 -44.92 -3.48 32.44
N LYS F 400 -46.12 -2.93 32.34
CA LYS F 400 -46.89 -2.67 33.55
C LYS F 400 -47.29 -3.95 34.25
N ASP F 401 -47.46 -5.04 33.50
CA ASP F 401 -47.75 -6.32 34.14
C ASP F 401 -46.52 -6.83 34.89
N MET F 402 -45.33 -6.60 34.33
CA MET F 402 -44.13 -7.17 34.94
C MET F 402 -43.75 -6.47 36.23
N GLU F 403 -44.18 -5.23 36.43
CA GLU F 403 -43.83 -4.46 37.61
C GLU F 403 -44.88 -4.55 38.72
N ASP F 404 -45.99 -5.25 38.50
CA ASP F 404 -47.01 -5.42 39.53
C ASP F 404 -47.34 -6.91 39.62
N GLU F 405 -46.50 -7.66 40.33
CA GLU F 405 -46.67 -9.10 40.51
C GLU F 405 -47.70 -9.38 41.59
N LYS F 406 -48.41 -10.49 41.45
CA LYS F 406 -49.37 -10.96 42.43
C LYS F 406 -48.85 -12.26 43.05
N LEU F 407 -49.61 -12.80 44.00
CA LEU F 407 -49.27 -14.07 44.63
C LEU F 407 -49.95 -15.22 43.89
N LEU F 408 -49.24 -16.34 43.79
CA LEU F 408 -49.76 -17.50 43.08
C LEU F 408 -51.02 -18.04 43.74
N GLY F 409 -52.01 -18.37 42.91
CA GLY F 409 -53.20 -19.04 43.37
C GLY F 409 -54.19 -18.16 44.11
N VAL F 410 -54.14 -16.86 43.94
CA VAL F 410 -54.89 -15.93 44.77
C VAL F 410 -55.46 -14.83 43.89
N ARG F 411 -56.69 -14.41 44.20
CA ARG F 411 -57.42 -13.40 43.45
C ARG F 411 -57.96 -12.38 44.45
N GLU F 412 -57.19 -11.32 44.72
CA GLU F 412 -57.59 -10.36 45.74
C GLU F 412 -58.75 -9.50 45.26
N ARG F 413 -59.70 -9.25 46.16
CA ARG F 413 -60.89 -8.47 45.84
C ARG F 413 -61.28 -7.57 46.99
N THR F 414 -60.29 -6.93 47.61
CA THR F 414 -60.52 -6.05 48.76
C THR F 414 -61.38 -4.84 48.39
N TRP F 421 -64.31 -4.24 49.23
CA TRP F 421 -64.80 -5.52 48.74
C TRP F 421 -64.98 -5.49 47.23
N ALA F 422 -64.09 -4.78 46.52
CA ALA F 422 -64.20 -4.66 45.08
C ALA F 422 -62.82 -4.76 44.45
N PHE F 423 -62.82 -5.12 43.17
CA PHE F 423 -61.61 -5.19 42.36
C PHE F 423 -61.72 -4.25 41.17
N LYS F 424 -60.57 -3.75 40.73
CA LYS F 424 -60.52 -2.81 39.62
C LYS F 424 -60.14 -3.51 38.32
N LYS F 425 -60.63 -2.97 37.22
CA LYS F 425 -60.24 -3.42 35.89
C LYS F 425 -59.13 -2.51 35.37
N GLN F 426 -58.14 -3.11 34.73
CA GLN F 426 -57.09 -2.35 34.07
C GLN F 426 -57.53 -1.96 32.67
N LYS F 427 -56.95 -0.88 32.17
CA LYS F 427 -57.27 -0.43 30.82
C LYS F 427 -56.48 -1.20 29.77
N THR F 428 -57.15 -1.55 28.68
CA THR F 428 -56.54 -2.28 27.58
C THR F 428 -56.83 -1.54 26.28
N HIS F 429 -55.79 -1.14 25.57
CA HIS F 429 -55.94 -0.41 24.32
C HIS F 429 -55.53 -1.20 23.08
N THR F 430 -54.94 -2.38 23.21
CA THR F 430 -54.50 -3.17 22.06
C THR F 430 -54.73 -4.64 22.32
N VAL F 431 -55.28 -5.37 21.34
CA VAL F 431 -55.19 -6.83 21.33
C VAL F 431 -54.40 -7.25 20.10
N TYR F 432 -53.45 -8.17 20.31
CA TYR F 432 -52.48 -8.56 19.31
C TYR F 432 -52.37 -10.08 19.31
N LYS F 433 -52.88 -10.74 18.27
CA LYS F 433 -52.76 -12.19 18.13
C LYS F 433 -51.59 -12.48 17.19
N ARG F 434 -50.54 -13.07 17.73
CA ARG F 434 -49.30 -13.37 17.01
C ARG F 434 -49.45 -14.61 16.14
N PRO F 435 -48.59 -14.77 15.14
CA PRO F 435 -48.58 -16.00 14.34
C PRO F 435 -48.43 -17.24 15.20
N ASP F 436 -49.22 -18.27 14.87
CA ASP F 436 -49.32 -19.56 15.55
C ASP F 436 -50.07 -19.51 16.88
N THR F 437 -50.93 -18.52 17.11
CA THR F 437 -51.84 -18.53 18.25
C THR F 437 -53.26 -18.73 17.74
N GLN F 438 -54.21 -18.86 18.67
CA GLN F 438 -55.60 -19.17 18.35
C GLN F 438 -56.58 -18.31 19.13
N SER F 439 -57.60 -17.80 18.45
CA SER F 439 -58.73 -17.13 19.09
C SER F 439 -59.84 -18.13 19.39
N ILE F 440 -60.58 -17.88 20.47
CA ILE F 440 -61.69 -18.75 20.89
C ILE F 440 -62.83 -17.92 21.45
N GLN F 441 -64.03 -18.10 20.89
CA GLN F 441 -65.22 -17.33 21.28
C GLN F 441 -66.41 -18.23 21.55
N LYS F 442 -67.29 -17.77 22.42
CA LYS F 442 -68.46 -18.53 22.86
C LYS F 442 -69.71 -18.11 22.06
N VAL F 443 -70.33 -19.06 21.36
CA VAL F 443 -71.49 -18.79 20.52
C VAL F 443 -72.58 -19.83 20.80
N GLN F 444 -73.74 -19.61 20.18
CA GLN F 444 -74.88 -20.51 20.33
C GLN F 444 -74.67 -21.80 19.55
N ALA F 445 -75.08 -22.92 20.14
CA ALA F 445 -74.88 -24.22 19.51
C ALA F 445 -76.12 -25.12 19.46
N GLU F 446 -77.24 -24.69 20.04
CA GLU F 446 -78.50 -25.44 19.99
C GLU F 446 -79.57 -24.58 19.33
N PHE F 447 -80.10 -25.05 18.21
CA PHE F 447 -81.08 -24.29 17.43
C PHE F 447 -82.36 -25.09 17.29
N ASP F 448 -83.48 -24.52 17.73
CA ASP F 448 -84.77 -25.17 17.59
C ASP F 448 -85.78 -24.36 16.80
N SER F 449 -85.62 -23.06 16.67
CA SER F 449 -86.62 -22.20 16.05
C SER F 449 -86.29 -21.96 14.59
N PHE F 450 -87.22 -22.30 13.70
CA PHE F 450 -87.06 -22.06 12.27
C PHE F 450 -88.41 -21.61 11.74
N VAL F 451 -88.52 -20.34 11.38
CA VAL F 451 -89.75 -19.81 10.79
C VAL F 451 -89.46 -19.10 9.47
N TRP F 456 -95.21 -16.66 -1.05
CA TRP F 456 -94.26 -16.52 -2.14
C TRP F 456 -94.92 -15.96 -3.40
N SER F 457 -94.29 -14.93 -3.97
CA SER F 457 -94.66 -14.41 -5.28
C SER F 457 -93.40 -14.24 -6.10
N SER F 458 -93.55 -14.30 -7.43
CA SER F 458 -92.40 -14.47 -8.31
C SER F 458 -91.43 -13.28 -8.21
N GLY F 459 -91.95 -12.06 -8.37
CA GLY F 459 -91.12 -10.89 -8.38
C GLY F 459 -90.60 -10.47 -9.74
N LEU F 460 -90.79 -11.29 -10.77
CA LEU F 460 -90.46 -10.93 -12.13
C LEU F 460 -91.53 -10.00 -12.70
N SER F 461 -91.22 -9.38 -13.83
CA SER F 461 -92.11 -8.41 -14.46
C SER F 461 -92.30 -8.74 -15.94
N ILE F 462 -93.43 -8.28 -16.48
CA ILE F 462 -93.80 -8.62 -17.85
C ILE F 462 -92.80 -8.10 -18.88
N PRO F 463 -92.36 -6.83 -18.83
CA PRO F 463 -91.39 -6.36 -19.84
C PRO F 463 -90.09 -7.13 -19.84
N LEU F 464 -89.56 -7.52 -18.67
CA LEU F 464 -88.33 -8.29 -18.62
C LEU F 464 -88.54 -9.69 -19.20
N ARG F 465 -89.69 -10.31 -18.90
CA ARG F 465 -90.01 -11.60 -19.48
C ARG F 465 -90.08 -11.51 -21.01
N THR F 466 -90.70 -10.44 -21.51
CA THR F 466 -90.77 -10.25 -22.95
C THR F 466 -89.39 -10.06 -23.56
N ARG F 467 -88.52 -9.30 -22.89
CA ARG F 467 -87.16 -9.13 -23.40
C ARG F 467 -86.42 -10.45 -23.45
N ILE F 468 -86.53 -11.27 -22.40
CA ILE F 468 -85.84 -12.55 -22.38
C ILE F 468 -86.39 -13.48 -23.45
N LYS F 469 -87.71 -13.53 -23.60
CA LYS F 469 -88.33 -14.37 -24.63
C LYS F 469 -87.89 -13.95 -26.02
N TRP F 470 -87.86 -12.64 -26.29
CA TRP F 470 -87.40 -12.17 -27.58
C TRP F 470 -85.93 -12.51 -27.81
N LEU F 471 -85.11 -12.34 -26.78
CA LEU F 471 -83.67 -12.58 -26.92
C LEU F 471 -83.39 -14.06 -27.14
N LEU F 472 -84.25 -14.95 -26.63
CA LEU F 472 -84.06 -16.38 -26.79
C LEU F 472 -84.65 -16.90 -28.09
N SER F 473 -85.93 -16.62 -28.34
CA SER F 473 -86.63 -17.19 -29.48
C SER F 473 -85.99 -16.83 -30.82
N LYS F 474 -85.22 -15.74 -30.86
CA LYS F 474 -84.46 -15.37 -32.05
C LYS F 474 -85.34 -15.22 -33.27
N ASP G 2 -53.11 -5.40 -35.86
CA ASP G 2 -53.14 -5.89 -34.48
C ASP G 2 -52.40 -4.96 -33.51
N PRO G 3 -51.30 -4.35 -33.93
CA PRO G 3 -50.78 -3.21 -33.16
C PRO G 3 -51.68 -2.00 -33.30
N VAL G 4 -51.64 -1.15 -32.28
CA VAL G 4 -52.32 0.14 -32.31
C VAL G 4 -51.24 1.22 -32.27
N TYR G 5 -51.40 2.23 -33.10
CA TYR G 5 -50.38 3.25 -33.31
C TYR G 5 -50.83 4.56 -32.69
N VAL G 6 -49.97 5.16 -31.87
CA VAL G 6 -50.31 6.41 -31.21
C VAL G 6 -49.27 7.47 -31.55
N ASP G 7 -49.72 8.71 -31.63
CA ASP G 7 -48.91 9.84 -32.12
C ASP G 7 -48.20 10.51 -30.94
N ILE G 8 -47.20 9.82 -30.40
CA ILE G 8 -46.39 10.33 -29.30
C ILE G 8 -44.94 10.00 -29.59
N ASP G 9 -44.05 10.71 -28.89
CA ASP G 9 -42.63 10.49 -29.05
C ASP G 9 -42.21 9.13 -28.48
N ALA G 10 -41.22 8.52 -29.12
CA ALA G 10 -40.81 7.17 -28.78
C ALA G 10 -40.13 7.06 -27.42
N ASP G 11 -39.63 8.16 -26.87
CA ASP G 11 -38.96 8.17 -25.58
C ASP G 11 -39.84 8.72 -24.46
N SER G 12 -41.14 8.87 -24.68
CA SER G 12 -42.03 9.40 -23.66
C SER G 12 -42.19 8.43 -22.50
N ALA G 13 -42.35 8.98 -21.30
CA ALA G 13 -42.64 8.17 -20.12
C ALA G 13 -44.10 7.75 -20.03
N PHE G 14 -45.00 8.45 -20.73
CA PHE G 14 -46.43 8.15 -20.65
C PHE G 14 -46.77 6.81 -21.30
N LEU G 15 -45.85 6.27 -22.09
CA LEU G 15 -46.14 5.05 -22.83
C LEU G 15 -46.31 3.85 -21.90
N LYS G 16 -45.54 3.78 -20.81
CA LYS G 16 -45.67 2.66 -19.90
C LYS G 16 -47.00 2.70 -19.15
N ALA G 17 -47.45 3.91 -18.77
CA ALA G 17 -48.77 4.04 -18.17
C ALA G 17 -49.86 3.62 -19.14
N LEU G 18 -49.73 4.00 -20.42
CA LEU G 18 -50.70 3.58 -21.41
C LEU G 18 -50.72 2.07 -21.57
N GLN G 19 -49.56 1.44 -21.59
CA GLN G 19 -49.48 -0.01 -21.73
C GLN G 19 -50.09 -0.72 -20.53
N ARG G 20 -49.86 -0.22 -19.32
CA ARG G 20 -50.50 -0.83 -18.16
C ARG G 20 -52.01 -0.66 -18.17
N ALA G 21 -52.53 0.45 -18.69
CA ALA G 21 -53.97 0.65 -18.70
C ALA G 21 -54.72 -0.19 -19.74
N TYR G 22 -54.05 -0.61 -20.82
CA TYR G 22 -54.69 -1.38 -21.89
C TYR G 22 -53.90 -2.66 -22.15
N PRO G 23 -53.96 -3.63 -21.23
CA PRO G 23 -53.12 -4.83 -21.38
C PRO G 23 -53.54 -5.76 -22.53
N MET G 24 -54.68 -5.55 -23.14
CA MET G 24 -55.13 -6.43 -24.23
C MET G 24 -54.64 -5.99 -25.60
N PHE G 25 -53.91 -4.88 -25.71
CA PHE G 25 -53.42 -4.39 -27.00
C PHE G 25 -51.90 -4.41 -27.01
N GLU G 26 -51.35 -3.95 -28.12
CA GLU G 26 -49.90 -3.86 -28.32
C GLU G 26 -49.62 -2.51 -28.95
N VAL G 27 -49.01 -1.61 -28.17
CA VAL G 27 -49.02 -0.17 -28.43
C VAL G 27 -47.68 0.26 -29.01
N GLU G 28 -47.72 0.86 -30.20
CA GLU G 28 -46.58 1.37 -30.97
C GLU G 28 -46.62 2.89 -31.08
N PRO G 29 -45.51 3.55 -30.82
CA PRO G 29 -45.43 5.01 -31.05
C PRO G 29 -45.05 5.36 -32.48
N ARG G 30 -45.75 6.33 -33.06
CA ARG G 30 -45.48 6.79 -34.42
C ARG G 30 -45.84 8.28 -34.50
N GLN G 31 -44.86 9.15 -34.29
CA GLN G 31 -45.11 10.58 -34.16
C GLN G 31 -45.15 11.26 -35.52
N VAL G 32 -46.18 12.09 -35.73
CA VAL G 32 -46.30 12.83 -37.00
C VAL G 32 -46.53 14.32 -36.82
N THR G 33 -46.92 14.82 -35.66
CA THR G 33 -47.17 16.23 -35.42
C THR G 33 -46.60 16.60 -34.05
N PRO G 34 -46.34 17.90 -33.81
CA PRO G 34 -45.96 18.37 -32.46
C PRO G 34 -47.14 18.83 -31.59
N ASN G 35 -48.21 18.04 -31.56
CA ASN G 35 -49.41 18.42 -30.79
C ASN G 35 -49.06 18.62 -29.32
N ASP G 36 -49.53 19.73 -28.75
CA ASP G 36 -49.19 20.00 -27.35
C ASP G 36 -50.19 19.39 -26.36
N HIS G 37 -51.20 18.66 -26.82
CA HIS G 37 -52.04 17.83 -25.97
C HIS G 37 -52.14 16.41 -26.53
N ALA G 38 -50.98 15.81 -26.83
CA ALA G 38 -50.93 14.52 -27.50
C ALA G 38 -51.43 13.36 -26.62
N ASN G 39 -51.10 13.40 -25.31
CA ASN G 39 -51.45 12.28 -24.42
C ASN G 39 -52.97 12.09 -24.33
N ALA G 40 -53.72 13.19 -24.24
CA ALA G 40 -55.17 13.11 -24.15
C ALA G 40 -55.79 12.48 -25.40
N ARG G 41 -55.29 12.86 -26.58
CA ARG G 41 -55.77 12.29 -27.83
C ARG G 41 -55.46 10.80 -27.93
N ALA G 42 -54.26 10.39 -27.50
CA ALA G 42 -53.93 8.97 -27.51
C ALA G 42 -54.86 8.15 -26.62
N PHE G 43 -55.16 8.66 -25.41
CA PHE G 43 -56.07 7.94 -24.52
C PHE G 43 -57.46 7.78 -25.15
N SER G 44 -57.98 8.85 -25.76
CA SER G 44 -59.30 8.75 -26.38
C SER G 44 -59.33 7.73 -27.52
N HIS G 45 -58.27 7.70 -28.33
CA HIS G 45 -58.17 6.75 -29.44
C HIS G 45 -58.23 5.31 -28.93
N LEU G 46 -57.44 4.99 -27.91
CA LEU G 46 -57.44 3.62 -27.38
C LEU G 46 -58.78 3.27 -26.73
N ALA G 47 -59.44 4.24 -26.10
CA ALA G 47 -60.74 3.96 -25.49
C ALA G 47 -61.76 3.55 -26.54
N ILE G 48 -61.78 4.25 -27.67
CA ILE G 48 -62.74 3.87 -28.73
C ILE G 48 -62.43 2.47 -29.24
N LYS G 49 -61.15 2.15 -29.44
CA LYS G 49 -60.82 0.79 -29.88
C LYS G 49 -61.36 -0.27 -28.93
N LEU G 50 -61.14 -0.09 -27.63
CA LEU G 50 -61.59 -1.10 -26.65
C LEU G 50 -63.10 -1.24 -26.66
N ILE G 51 -63.82 -0.12 -26.69
CA ILE G 51 -65.29 -0.19 -26.70
C ILE G 51 -65.78 -0.94 -27.93
N GLU G 52 -65.18 -0.66 -29.09
CA GLU G 52 -65.60 -1.40 -30.29
C GLU G 52 -65.31 -2.88 -30.16
N GLN G 53 -64.22 -3.26 -29.50
CA GLN G 53 -63.95 -4.68 -29.31
C GLN G 53 -64.95 -5.35 -28.38
N GLU G 54 -65.50 -4.62 -27.39
CA GLU G 54 -66.50 -5.26 -26.52
C GLU G 54 -67.78 -5.66 -27.23
N ILE G 55 -68.40 -4.74 -27.96
CA ILE G 55 -69.76 -4.98 -28.43
C ILE G 55 -69.76 -5.81 -29.70
N ASP G 56 -70.93 -6.39 -30.01
CA ASP G 56 -70.99 -7.24 -31.18
C ASP G 56 -71.58 -6.49 -32.37
N PRO G 57 -71.21 -6.87 -33.60
CA PRO G 57 -71.81 -6.20 -34.77
C PRO G 57 -73.28 -6.56 -34.93
N ASP G 58 -73.92 -6.04 -35.97
CA ASP G 58 -75.35 -6.11 -36.23
C ASP G 58 -76.14 -5.20 -35.31
N SER G 59 -75.51 -4.58 -34.34
CA SER G 59 -76.15 -3.57 -33.52
C SER G 59 -75.80 -2.19 -34.06
N THR G 60 -76.76 -1.28 -33.96
CA THR G 60 -76.58 0.10 -34.40
C THR G 60 -76.23 0.96 -33.19
N ILE G 61 -75.31 1.91 -33.39
CA ILE G 61 -74.72 2.69 -32.31
C ILE G 61 -75.09 4.15 -32.51
N LEU G 62 -75.76 4.75 -31.52
CA LEU G 62 -75.98 6.18 -31.51
C LEU G 62 -74.72 6.90 -31.04
N ASP G 63 -74.29 7.91 -31.79
CA ASP G 63 -73.13 8.72 -31.44
C ASP G 63 -73.62 10.11 -31.08
N ILE G 64 -73.70 10.38 -29.78
CA ILE G 64 -74.26 11.63 -29.27
C ILE G 64 -73.23 12.74 -29.34
N GLY G 65 -73.59 13.86 -29.98
CA GLY G 65 -72.69 14.96 -30.18
C GLY G 65 -71.48 14.59 -31.02
N SER G 66 -71.72 13.95 -32.15
CA SER G 66 -70.68 13.29 -32.91
C SER G 66 -69.80 14.29 -33.67
N ALA G 67 -68.60 13.83 -34.01
CA ALA G 67 -67.76 14.44 -35.04
C ALA G 67 -67.62 13.45 -36.18
N PRO G 68 -68.42 13.58 -37.23
CA PRO G 68 -68.61 12.44 -38.16
C PRO G 68 -67.35 11.94 -38.85
N ALA G 69 -66.39 12.82 -39.14
CA ALA G 69 -65.19 12.41 -39.85
C ALA G 69 -64.38 11.37 -39.08
N ARG G 70 -64.55 11.28 -37.76
CA ARG G 70 -63.83 10.25 -37.02
C ARG G 70 -64.41 8.87 -37.25
N ARG G 71 -65.69 8.76 -37.61
CA ARG G 71 -66.32 7.46 -37.79
C ARG G 71 -66.37 7.00 -39.23
N MET G 72 -65.69 7.70 -40.13
CA MET G 72 -65.93 7.50 -41.57
C MET G 72 -65.27 6.23 -42.10
N MET G 73 -64.08 5.86 -41.60
CA MET G 73 -63.42 4.63 -42.00
C MET G 73 -63.62 3.49 -41.03
N SER G 74 -64.79 3.39 -40.41
CA SER G 74 -65.12 2.30 -39.51
C SER G 74 -66.12 1.37 -40.18
N ASP G 75 -66.02 0.08 -39.90
CA ASP G 75 -66.93 -0.89 -40.48
C ASP G 75 -68.22 -1.10 -39.70
N ARG G 76 -68.32 -0.55 -38.49
CA ARG G 76 -69.54 -0.70 -37.69
C ARG G 76 -70.62 0.24 -38.19
N LYS G 77 -71.78 0.23 -37.55
CA LYS G 77 -72.94 0.98 -37.98
C LYS G 77 -73.24 2.10 -36.99
N TYR G 78 -72.83 3.31 -37.34
CA TYR G 78 -73.01 4.49 -36.51
C TYR G 78 -74.16 5.35 -37.04
N HIS G 79 -74.90 5.97 -36.13
CA HIS G 79 -75.87 7.00 -36.43
C HIS G 79 -75.44 8.25 -35.67
N CYS G 80 -74.97 9.27 -36.39
CA CYS G 80 -74.34 10.43 -35.79
C CYS G 80 -75.38 11.51 -35.52
N VAL G 81 -75.47 11.96 -34.28
CA VAL G 81 -76.43 12.99 -33.89
C VAL G 81 -75.66 14.30 -33.81
N CYS G 82 -75.92 15.20 -34.74
CA CYS G 82 -75.14 16.46 -34.81
C CYS G 82 -75.97 17.71 -34.86
N PRO G 83 -76.21 18.30 -33.70
CA PRO G 83 -76.90 19.57 -33.75
C PRO G 83 -75.83 20.72 -33.87
N MET G 84 -76.12 21.78 -34.56
CA MET G 84 -75.10 22.84 -34.68
C MET G 84 -75.19 23.89 -33.57
N ARG G 85 -74.90 23.54 -32.32
CA ARG G 85 -75.00 24.39 -31.15
C ARG G 85 -73.67 25.01 -30.74
N SER G 86 -72.57 24.60 -31.35
CA SER G 86 -71.23 25.03 -30.97
C SER G 86 -70.56 25.72 -32.14
N ALA G 87 -69.67 26.67 -31.84
CA ALA G 87 -68.99 27.43 -32.88
C ALA G 87 -67.99 26.60 -33.66
N GLU G 88 -67.63 25.42 -33.19
CA GLU G 88 -66.71 24.53 -33.89
C GLU G 88 -67.40 23.59 -34.85
N ASP G 89 -68.73 23.57 -34.91
CA ASP G 89 -69.48 22.57 -35.66
C ASP G 89 -69.48 22.76 -37.18
N PRO G 90 -69.67 23.99 -37.71
CA PRO G 90 -69.67 24.13 -39.18
C PRO G 90 -68.38 23.66 -39.83
N GLU G 91 -67.24 23.89 -39.19
CA GLU G 91 -65.98 23.43 -39.74
C GLU G 91 -65.86 21.90 -39.70
N ARG G 92 -66.39 21.27 -38.64
CA ARG G 92 -66.42 19.82 -38.59
C ARG G 92 -67.29 19.24 -39.71
N LEU G 93 -68.44 19.85 -39.96
CA LEU G 93 -69.31 19.39 -41.04
C LEU G 93 -68.64 19.55 -42.41
N ALA G 94 -68.03 20.72 -42.65
CA ALA G 94 -67.34 20.92 -43.92
C ALA G 94 -66.20 19.93 -44.10
N ASN G 95 -65.48 19.62 -43.02
CA ASN G 95 -64.39 18.65 -43.09
C ASN G 95 -64.92 17.26 -43.41
N TYR G 96 -66.07 16.90 -42.86
CA TYR G 96 -66.68 15.61 -43.19
C TYR G 96 -67.04 15.53 -44.67
N ALA G 97 -67.69 16.57 -45.20
CA ALA G 97 -68.05 16.57 -46.61
C ALA G 97 -66.83 16.50 -47.51
N ARG G 98 -65.77 17.23 -47.15
CA ARG G 98 -64.52 17.18 -47.91
C ARG G 98 -63.92 15.79 -47.91
N LYS G 99 -63.79 15.18 -46.72
CA LYS G 99 -63.28 13.81 -46.63
C LYS G 99 -64.12 12.84 -47.45
N LEU G 100 -65.44 12.99 -47.42
CA LEU G 100 -66.31 12.10 -48.19
C LEU G 100 -66.05 12.25 -49.68
N ALA G 101 -66.06 13.48 -50.17
CA ALA G 101 -65.90 13.71 -51.61
C ALA G 101 -64.53 13.28 -52.10
N SER G 102 -63.48 13.41 -51.29
CA SER G 102 -62.15 13.08 -51.76
C SER G 102 -62.03 11.60 -52.11
N ALA G 103 -62.56 10.72 -51.28
CA ALA G 103 -62.46 9.28 -51.49
C ALA G 103 -63.86 8.75 -51.78
N ALA G 104 -64.26 8.80 -53.05
CA ALA G 104 -65.59 8.38 -53.44
C ALA G 104 -65.62 7.10 -54.27
N GLY G 105 -64.51 6.75 -54.92
CA GLY G 105 -64.43 5.50 -55.65
C GLY G 105 -63.22 4.69 -55.23
N LYS G 106 -62.27 5.35 -54.59
CA LYS G 106 -61.04 4.67 -54.19
C LYS G 106 -61.29 3.71 -53.04
N VAL G 107 -62.24 4.02 -52.16
CA VAL G 107 -62.60 3.18 -51.03
C VAL G 107 -63.96 2.55 -51.31
N LEU G 108 -64.04 1.23 -51.17
CA LEU G 108 -65.25 0.50 -51.53
C LEU G 108 -65.89 -0.28 -50.39
N ASP G 109 -65.11 -0.70 -49.39
CA ASP G 109 -65.65 -1.51 -48.31
C ASP G 109 -66.66 -0.75 -47.48
N ARG G 110 -66.40 0.54 -47.22
CA ARG G 110 -67.29 1.34 -46.40
C ARG G 110 -68.46 1.85 -47.23
N ASN G 111 -69.55 2.14 -46.53
CA ASN G 111 -70.78 2.61 -47.18
C ASN G 111 -70.64 4.07 -47.61
N ILE G 112 -69.63 4.32 -48.46
CA ILE G 112 -69.31 5.68 -48.86
C ILE G 112 -70.45 6.30 -49.65
N SER G 113 -70.96 5.57 -50.65
CA SER G 113 -72.05 6.10 -51.47
C SER G 113 -73.30 6.32 -50.65
N GLY G 114 -73.62 5.39 -49.75
CA GLY G 114 -74.76 5.58 -48.88
C GLY G 114 -74.62 6.80 -47.99
N LYS G 115 -73.41 7.04 -47.48
CA LYS G 115 -73.18 8.22 -46.66
C LYS G 115 -73.36 9.50 -47.45
N ILE G 116 -72.85 9.53 -48.69
CA ILE G 116 -73.03 10.71 -49.54
C ILE G 116 -74.50 10.97 -49.80
N GLY G 117 -75.24 9.91 -50.15
CA GLY G 117 -76.66 10.06 -50.39
C GLY G 117 -77.42 10.54 -49.17
N ASP G 118 -77.07 10.02 -47.99
CA ASP G 118 -77.75 10.44 -46.76
C ASP G 118 -77.48 11.91 -46.47
N LEU G 119 -76.24 12.35 -46.64
CA LEU G 119 -75.93 13.76 -46.41
C LEU G 119 -76.70 14.65 -47.39
N GLN G 120 -76.76 14.27 -48.66
CA GLN G 120 -77.50 15.07 -49.62
C GLN G 120 -78.99 15.12 -49.27
N ALA G 121 -79.57 13.98 -48.90
CA ALA G 121 -80.97 13.93 -48.55
C ALA G 121 -81.27 14.81 -47.34
N VAL G 122 -80.36 14.83 -46.37
CA VAL G 122 -80.55 15.69 -45.20
C VAL G 122 -80.46 17.16 -45.58
N MET G 123 -79.50 17.51 -46.45
CA MET G 123 -79.40 18.89 -46.91
C MET G 123 -80.67 19.34 -47.63
N ALA G 124 -81.28 18.45 -48.41
CA ALA G 124 -82.51 18.82 -49.11
C ALA G 124 -83.64 19.16 -48.14
N VAL G 125 -83.94 18.25 -47.22
CA VAL G 125 -84.97 18.44 -46.21
C VAL G 125 -84.34 18.25 -44.85
N PRO G 126 -84.31 19.26 -43.97
CA PRO G 126 -83.51 19.18 -42.75
C PRO G 126 -84.17 18.43 -41.60
N ASP G 127 -85.37 17.91 -41.76
CA ASP G 127 -86.09 17.23 -40.69
C ASP G 127 -86.33 15.76 -41.03
N THR G 128 -85.32 15.10 -41.57
CA THR G 128 -85.45 13.70 -41.95
C THR G 128 -84.35 12.88 -41.30
N GLU G 129 -84.72 11.71 -40.77
CA GLU G 129 -83.75 10.77 -40.25
C GLU G 129 -83.23 9.89 -41.39
N THR G 130 -81.94 9.63 -41.38
CA THR G 130 -81.30 8.71 -42.29
C THR G 130 -80.46 7.75 -41.47
N PRO G 131 -80.09 6.60 -42.02
CA PRO G 131 -79.34 5.61 -41.22
C PRO G 131 -78.02 6.11 -40.66
N THR G 132 -77.39 7.13 -41.25
CA THR G 132 -76.06 7.52 -40.79
C THR G 132 -75.94 8.96 -40.30
N PHE G 133 -77.02 9.74 -40.27
CA PHE G 133 -76.86 11.17 -40.00
C PHE G 133 -78.22 11.79 -39.72
N CYS G 134 -78.22 12.83 -38.89
CA CYS G 134 -79.40 13.65 -38.63
C CYS G 134 -78.96 14.91 -37.91
N LEU G 135 -79.89 15.86 -37.75
CA LEU G 135 -79.59 17.17 -37.19
C LEU G 135 -80.38 17.46 -35.92
N HIS G 136 -80.79 16.44 -35.18
CA HIS G 136 -81.58 16.64 -33.98
C HIS G 136 -80.69 16.67 -32.74
N THR G 137 -81.31 16.86 -31.58
CA THR G 137 -80.62 16.77 -30.31
C THR G 137 -80.80 15.36 -29.71
N ASP G 138 -80.22 15.16 -28.53
CA ASP G 138 -80.33 13.88 -27.86
C ASP G 138 -81.77 13.56 -27.47
N VAL G 139 -82.57 14.59 -27.25
CA VAL G 139 -83.95 14.41 -26.83
C VAL G 139 -84.93 14.26 -28.01
N SER G 140 -84.61 14.84 -29.18
CA SER G 140 -85.57 14.87 -30.27
C SER G 140 -85.20 13.95 -31.44
N CYS G 141 -84.17 13.12 -31.30
CA CYS G 141 -83.89 12.10 -32.30
C CYS G 141 -84.87 10.94 -32.17
N ARG G 142 -85.18 10.29 -33.30
CA ARG G 142 -86.16 9.20 -33.32
C ARG G 142 -85.62 7.89 -33.86
N GLN G 143 -84.33 7.78 -34.11
CA GLN G 143 -83.74 6.52 -34.53
C GLN G 143 -83.67 5.56 -33.33
N ARG G 144 -83.97 4.29 -33.55
CA ARG G 144 -83.93 3.28 -32.50
C ARG G 144 -82.66 2.47 -32.60
N ALA G 145 -82.08 2.15 -31.45
CA ALA G 145 -80.79 1.45 -31.39
C ALA G 145 -80.70 0.71 -30.05
N ASP G 146 -79.53 0.14 -29.77
CA ASP G 146 -79.32 -0.51 -28.49
C ASP G 146 -78.00 -0.17 -27.80
N VAL G 147 -77.14 0.66 -28.41
CA VAL G 147 -75.93 1.16 -27.77
C VAL G 147 -75.82 2.66 -28.00
N ALA G 148 -75.42 3.39 -26.97
CA ALA G 148 -75.15 4.83 -27.07
C ALA G 148 -73.75 5.11 -26.58
N ILE G 149 -73.10 6.09 -27.18
CA ILE G 149 -71.73 6.48 -26.83
C ILE G 149 -71.68 7.99 -26.60
N TYR G 150 -70.97 8.39 -25.54
CA TYR G 150 -70.69 9.79 -25.25
C TYR G 150 -69.18 9.97 -25.16
N GLN G 151 -68.59 10.70 -26.09
CA GLN G 151 -67.15 10.91 -26.10
C GLN G 151 -66.85 12.39 -25.87
N ASP G 152 -66.32 12.71 -24.69
CA ASP G 152 -65.96 14.07 -24.28
C ASP G 152 -67.16 15.02 -24.37
N VAL G 153 -68.28 14.60 -23.82
CA VAL G 153 -69.53 15.35 -23.83
C VAL G 153 -69.79 15.85 -22.42
N TYR G 154 -69.85 17.16 -22.23
CA TYR G 154 -70.01 17.74 -20.92
C TYR G 154 -71.23 18.66 -20.82
N ALA G 155 -72.07 18.70 -21.85
CA ALA G 155 -73.07 19.74 -21.99
C ALA G 155 -74.50 19.28 -21.71
N VAL G 156 -74.72 18.04 -21.27
CA VAL G 156 -76.07 17.56 -21.02
C VAL G 156 -76.21 17.12 -19.57
N HIS G 157 -77.46 17.11 -19.11
CA HIS G 157 -77.84 16.61 -17.80
C HIS G 157 -78.05 15.10 -17.89
N ALA G 158 -77.24 14.33 -17.17
CA ALA G 158 -77.12 12.90 -17.44
C ALA G 158 -78.40 12.10 -17.27
N PRO G 159 -79.18 12.22 -16.19
CA PRO G 159 -80.37 11.36 -16.06
C PRO G 159 -81.45 11.61 -17.10
N THR G 160 -81.71 12.86 -17.48
CA THR G 160 -82.69 13.15 -18.53
C THR G 160 -82.28 12.52 -19.85
N SER G 161 -81.00 12.70 -20.22
CA SER G 161 -80.49 12.14 -21.46
C SER G 161 -80.58 10.62 -21.46
N LEU G 162 -80.18 9.97 -20.35
CA LEU G 162 -80.23 8.51 -20.29
C LEU G 162 -81.65 7.98 -20.36
N TYR G 163 -82.60 8.66 -19.70
CA TYR G 163 -83.99 8.24 -19.80
C TYR G 163 -84.51 8.30 -21.22
N HIS G 164 -84.16 9.37 -21.95
CA HIS G 164 -84.61 9.48 -23.33
C HIS G 164 -83.95 8.45 -24.23
N GLN G 165 -82.74 8.01 -23.90
CA GLN G 165 -82.17 6.89 -24.65
C GLN G 165 -82.84 5.57 -24.29
N ALA G 166 -83.27 5.40 -23.04
CA ALA G 166 -83.82 4.12 -22.60
C ALA G 166 -85.21 3.87 -23.18
N ILE G 167 -86.04 4.91 -23.28
CA ILE G 167 -87.39 4.69 -23.80
C ILE G 167 -87.38 4.35 -25.29
N LYS G 168 -86.19 4.32 -25.90
CA LYS G 168 -86.02 3.97 -27.29
C LYS G 168 -85.34 2.62 -27.49
N GLY G 169 -85.13 1.85 -26.42
CA GLY G 169 -84.57 0.52 -26.54
C GLY G 169 -83.08 0.37 -26.34
N VAL G 170 -82.40 1.38 -25.84
CA VAL G 170 -80.96 1.27 -25.60
C VAL G 170 -80.73 0.56 -24.26
N ARG G 171 -79.80 -0.38 -24.24
CA ARG G 171 -79.52 -1.16 -23.05
C ARG G 171 -78.12 -0.94 -22.48
N LEU G 172 -77.22 -0.27 -23.20
CA LEU G 172 -75.83 -0.17 -22.79
C LEU G 172 -75.26 1.16 -23.27
N ALA G 173 -74.53 1.86 -22.40
CA ALA G 173 -73.97 3.16 -22.74
C ALA G 173 -72.57 3.31 -22.15
N TYR G 174 -71.73 4.10 -22.82
CA TYR G 174 -70.37 4.37 -22.40
C TYR G 174 -70.11 5.87 -22.33
N TRP G 175 -69.27 6.29 -21.38
CA TRP G 175 -68.89 7.69 -21.20
C TRP G 175 -67.38 7.79 -21.03
N VAL G 176 -66.73 8.65 -21.79
CA VAL G 176 -65.28 8.85 -21.76
C VAL G 176 -64.98 10.28 -21.36
N GLY G 177 -64.13 10.49 -20.36
CA GLY G 177 -63.83 11.86 -19.99
C GLY G 177 -62.96 12.00 -18.75
N PHE G 178 -62.77 13.25 -18.34
CA PHE G 178 -61.98 13.58 -17.15
C PHE G 178 -62.75 13.22 -15.88
N ASP G 179 -62.02 12.69 -14.90
CA ASP G 179 -62.60 12.28 -13.62
C ASP G 179 -63.32 13.44 -12.92
N THR G 180 -64.52 13.17 -12.43
CA THR G 180 -65.39 14.17 -11.82
C THR G 180 -65.17 14.34 -10.32
N THR G 181 -64.26 13.58 -9.71
CA THR G 181 -64.06 13.65 -8.25
C THR G 181 -63.67 15.02 -7.72
N PRO G 182 -62.75 15.78 -8.32
CA PRO G 182 -62.40 17.09 -7.74
C PRO G 182 -63.56 18.08 -7.66
N PHE G 183 -64.59 17.95 -8.49
CA PHE G 183 -65.73 18.83 -8.40
C PHE G 183 -66.73 18.41 -7.33
N MET G 184 -66.69 17.16 -6.88
CA MET G 184 -67.50 16.76 -5.74
C MET G 184 -66.92 17.28 -4.43
N TYR G 185 -65.60 17.45 -4.34
CA TYR G 185 -64.98 18.07 -3.19
C TYR G 185 -65.07 19.60 -3.21
N ASN G 186 -65.55 20.21 -4.30
CA ASN G 186 -65.86 21.64 -4.38
C ASN G 186 -64.61 22.54 -4.32
N ALA G 187 -63.58 22.18 -5.08
CA ALA G 187 -62.35 22.97 -5.12
C ALA G 187 -62.51 24.22 -5.99
N MET G 188 -61.64 25.20 -5.77
CA MET G 188 -61.68 26.43 -6.56
C MET G 188 -60.82 26.39 -7.82
N ALA G 189 -59.72 25.63 -7.85
CA ALA G 189 -58.88 25.50 -9.05
C ALA G 189 -58.13 24.17 -8.98
N GLY G 190 -57.59 23.72 -10.10
CA GLY G 190 -56.86 22.46 -10.06
C GLY G 190 -56.09 22.12 -11.32
N ALA G 191 -55.44 20.94 -11.29
CA ALA G 191 -54.55 20.46 -12.34
C ALA G 191 -54.75 18.98 -12.64
N TYR G 192 -54.60 18.61 -13.92
CA TYR G 192 -54.36 17.23 -14.36
C TYR G 192 -53.01 17.23 -15.06
N PRO G 193 -51.92 17.00 -14.31
CA PRO G 193 -50.58 17.29 -14.82
C PRO G 193 -50.04 16.34 -15.87
N SER G 194 -50.46 15.07 -15.86
CA SER G 194 -50.02 14.15 -16.91
C SER G 194 -50.57 14.52 -18.29
N TYR G 195 -51.64 15.29 -18.36
CA TYR G 195 -52.25 15.66 -19.63
C TYR G 195 -52.05 17.13 -19.99
N SER G 196 -51.13 17.82 -19.32
CA SER G 196 -50.88 19.25 -19.52
C SER G 196 -52.17 20.06 -19.39
N THR G 197 -53.01 19.75 -18.41
CA THR G 197 -54.30 20.41 -18.33
C THR G 197 -54.45 21.15 -17.01
N ASN G 198 -54.98 22.38 -17.07
CA ASN G 198 -55.27 23.16 -15.87
C ASN G 198 -56.66 23.77 -15.93
N TRP G 199 -57.30 23.99 -14.78
CA TRP G 199 -58.65 24.55 -14.75
C TRP G 199 -58.80 25.51 -13.58
N ALA G 200 -59.73 26.46 -13.73
CA ALA G 200 -59.94 27.47 -12.70
C ALA G 200 -61.35 28.05 -12.72
N ASP G 201 -61.83 28.43 -11.54
CA ASP G 201 -63.02 29.25 -11.37
C ASP G 201 -62.83 30.65 -11.94
N GLU G 202 -63.90 31.20 -12.49
CA GLU G 202 -63.82 32.50 -13.15
C GLU G 202 -63.40 33.63 -12.21
N GLN G 203 -63.66 33.50 -10.91
CA GLN G 203 -63.31 34.56 -9.97
C GLN G 203 -61.81 34.66 -9.66
N VAL G 204 -60.99 33.69 -10.03
CA VAL G 204 -59.57 33.73 -9.67
C VAL G 204 -58.67 33.77 -10.90
N LEU G 205 -59.16 34.23 -12.04
CA LEU G 205 -58.33 34.27 -13.24
C LEU G 205 -57.24 35.34 -13.18
N LYS G 206 -57.28 36.27 -12.22
CA LYS G 206 -56.23 37.25 -12.03
C LYS G 206 -55.32 36.92 -10.86
N ALA G 207 -55.10 35.65 -10.57
CA ALA G 207 -54.14 35.22 -9.57
C ALA G 207 -52.72 35.29 -10.12
N LYS G 208 -51.75 34.84 -9.35
CA LYS G 208 -50.35 34.94 -9.72
C LYS G 208 -49.64 33.60 -9.85
N ASN G 209 -49.91 32.63 -8.98
CA ASN G 209 -49.08 31.42 -8.91
C ASN G 209 -49.86 30.11 -9.08
N ILE G 210 -51.01 30.12 -9.75
CA ILE G 210 -51.70 28.86 -10.07
C ILE G 210 -51.45 28.53 -11.54
N GLY G 211 -51.93 27.37 -11.97
CA GLY G 211 -51.65 26.92 -13.33
C GLY G 211 -52.18 27.81 -14.43
N LEU G 212 -53.42 28.26 -14.32
CA LEU G 212 -54.07 29.06 -15.36
C LEU G 212 -54.46 30.42 -14.80
N CYS G 213 -53.69 31.48 -15.11
CA CYS G 213 -53.91 32.81 -14.57
C CYS G 213 -53.01 33.83 -15.27
N SER G 214 -53.21 35.11 -14.95
CA SER G 214 -52.41 36.20 -15.51
C SER G 214 -52.61 37.47 -14.70
N THR G 215 -51.52 38.19 -14.41
CA THR G 215 -51.59 39.42 -13.63
C THR G 215 -50.46 40.38 -14.06
N ASP G 216 -50.36 41.53 -13.41
CA ASP G 216 -49.39 42.55 -13.81
C ASP G 216 -48.71 43.21 -12.61
N LEU G 217 -47.67 43.99 -12.91
CA LEU G 217 -46.83 44.63 -11.89
C LEU G 217 -47.49 45.88 -11.30
N THR G 218 -47.28 46.10 -10.01
CA THR G 218 -47.82 47.25 -9.31
C THR G 218 -46.88 47.68 -8.19
N GLU G 219 -47.01 48.94 -7.75
CA GLU G 219 -46.28 49.41 -6.59
C GLU G 219 -47.08 49.35 -5.28
N GLY G 220 -48.37 49.08 -5.33
CA GLY G 220 -49.08 48.84 -4.09
C GLY G 220 -49.68 50.03 -3.36
N ARG G 221 -50.64 50.71 -3.99
CA ARG G 221 -51.38 51.76 -3.30
C ARG G 221 -52.25 51.18 -2.19
N ARG G 222 -52.37 51.92 -1.09
CA ARG G 222 -53.19 51.47 0.02
C ARG G 222 -54.64 51.87 -0.08
N GLY G 223 -55.01 52.73 -1.03
CA GLY G 223 -56.37 53.22 -1.03
C GLY G 223 -57.41 52.22 -1.47
N LYS G 224 -57.48 51.98 -2.78
CA LYS G 224 -58.45 51.08 -3.41
C LYS G 224 -59.81 51.11 -2.71
N LEU G 225 -60.28 52.32 -2.41
CA LEU G 225 -61.48 52.49 -1.59
C LEU G 225 -62.70 52.21 -2.44
N SER G 226 -63.32 51.05 -2.21
CA SER G 226 -64.57 50.67 -2.86
C SER G 226 -65.60 50.34 -1.79
N ILE G 227 -66.79 50.92 -1.92
CA ILE G 227 -67.84 50.70 -0.94
C ILE G 227 -68.50 49.34 -1.10
N MET G 228 -68.40 48.73 -2.28
CA MET G 228 -69.04 47.45 -2.55
C MET G 228 -68.36 46.35 -1.72
N ARG G 229 -69.04 45.89 -0.69
CA ARG G 229 -68.49 44.88 0.23
C ARG G 229 -68.66 43.49 -0.38
N GLY G 230 -67.55 42.88 -0.77
CA GLY G 230 -67.61 41.52 -1.26
C GLY G 230 -67.77 40.53 -0.12
N LYS G 231 -66.72 40.39 0.67
CA LYS G 231 -66.76 39.73 1.97
C LYS G 231 -66.97 38.22 1.95
N LYS G 232 -67.17 37.61 0.77
CA LYS G 232 -67.14 36.15 0.69
C LYS G 232 -66.55 35.74 -0.64
N LEU G 233 -65.70 34.72 -0.61
CA LEU G 233 -65.08 34.14 -1.79
C LEU G 233 -65.47 32.66 -1.81
N GLU G 234 -66.49 32.33 -2.59
CA GLU G 234 -67.02 30.97 -2.69
C GLU G 234 -67.06 30.56 -4.15
N PRO G 235 -66.97 29.26 -4.43
CA PRO G 235 -67.09 28.79 -5.82
C PRO G 235 -68.42 29.16 -6.46
N CYS G 236 -68.38 29.44 -7.75
CA CYS G 236 -69.54 29.75 -8.58
C CYS G 236 -69.61 28.77 -9.74
N ASP G 237 -70.70 28.85 -10.51
CA ASP G 237 -71.01 27.82 -11.50
C ASP G 237 -70.05 27.81 -12.70
N ARG G 238 -69.46 28.96 -13.03
CA ARG G 238 -68.69 29.08 -14.26
C ARG G 238 -67.24 28.64 -14.06
N VAL G 239 -66.75 27.74 -14.91
CA VAL G 239 -65.38 27.24 -14.82
C VAL G 239 -64.74 27.25 -16.20
N LEU G 240 -63.42 27.46 -16.24
CA LEU G 240 -62.65 27.45 -17.49
C LEU G 240 -61.61 26.34 -17.46
N PHE G 241 -61.53 25.57 -18.56
CA PHE G 241 -60.62 24.45 -18.76
C PHE G 241 -59.60 24.79 -19.85
N SER G 242 -58.34 24.41 -19.66
CA SER G 242 -57.32 24.57 -20.69
C SER G 242 -56.59 23.24 -20.89
N VAL G 243 -56.77 22.65 -22.08
CA VAL G 243 -56.15 21.39 -22.47
C VAL G 243 -55.09 21.71 -23.52
N GLY G 244 -53.82 21.62 -23.12
CA GLY G 244 -52.76 22.18 -23.93
C GLY G 244 -52.93 23.68 -24.08
N SER G 245 -53.29 24.14 -25.28
CA SER G 245 -53.67 25.53 -25.48
C SER G 245 -55.10 25.69 -25.98
N THR G 246 -55.91 24.64 -25.91
CA THR G 246 -57.31 24.71 -26.31
C THR G 246 -58.19 25.04 -25.10
N LEU G 247 -59.07 26.03 -25.25
CA LEU G 247 -59.91 26.53 -24.17
C LEU G 247 -61.35 25.99 -24.26
N TYR G 248 -61.90 25.58 -23.11
CA TYR G 248 -63.29 25.13 -23.02
C TYR G 248 -63.98 25.67 -21.77
N PRO G 249 -65.10 26.38 -21.90
CA PRO G 249 -65.88 26.75 -20.71
C PRO G 249 -66.85 25.63 -20.29
N GLU G 250 -67.11 25.55 -18.97
CA GLU G 250 -67.95 24.50 -18.42
C GLU G 250 -68.79 25.00 -17.24
N SER G 251 -69.80 24.20 -16.91
CA SER G 251 -70.74 24.44 -15.82
C SER G 251 -70.59 23.37 -14.73
N ARG G 252 -70.58 23.81 -13.46
CA ARG G 252 -70.36 22.90 -12.35
C ARG G 252 -71.51 21.91 -12.17
N LYS G 253 -72.76 22.36 -12.39
CA LYS G 253 -73.92 21.49 -12.23
C LYS G 253 -73.89 20.31 -13.20
N LEU G 254 -73.61 20.58 -14.47
CA LEU G 254 -73.61 19.52 -15.46
C LEU G 254 -72.45 18.55 -15.24
N LEU G 255 -71.30 19.04 -14.78
CA LEU G 255 -70.19 18.16 -14.45
C LEU G 255 -70.53 17.25 -13.28
N LYS G 256 -71.14 17.81 -12.23
CA LYS G 256 -71.53 16.99 -11.08
C LYS G 256 -72.57 15.93 -11.46
N SER G 257 -73.44 16.23 -12.43
CA SER G 257 -74.49 15.27 -12.75
C SER G 257 -73.98 13.96 -13.32
N TRP G 258 -72.74 13.87 -13.78
CA TRP G 258 -72.19 12.61 -14.28
C TRP G 258 -71.45 11.78 -13.22
N HIS G 259 -71.42 12.23 -11.96
CA HIS G 259 -70.84 11.46 -10.85
C HIS G 259 -71.95 10.59 -10.25
N LEU G 260 -72.24 9.50 -10.92
CA LEU G 260 -73.42 8.68 -10.67
C LEU G 260 -73.17 7.60 -9.62
N PRO G 261 -74.18 7.25 -8.83
CA PRO G 261 -74.03 6.18 -7.84
C PRO G 261 -74.08 4.80 -8.49
N SER G 262 -73.72 3.79 -7.70
CA SER G 262 -73.59 2.44 -8.24
C SER G 262 -74.95 1.83 -8.64
N VAL G 263 -76.05 2.26 -8.03
CA VAL G 263 -77.38 1.78 -8.36
C VAL G 263 -78.35 2.95 -8.36
N PHE G 264 -79.23 3.03 -9.37
CA PHE G 264 -80.26 4.08 -9.34
C PHE G 264 -81.48 3.67 -10.15
N HIS G 265 -82.59 4.39 -9.91
CA HIS G 265 -83.89 4.13 -10.51
C HIS G 265 -84.35 5.31 -11.34
N LEU G 266 -84.88 5.04 -12.55
CA LEU G 266 -85.47 6.07 -13.40
C LEU G 266 -86.98 5.80 -13.50
N LYS G 267 -87.79 6.69 -12.93
CA LYS G 267 -89.22 6.45 -12.73
C LYS G 267 -90.05 7.48 -13.49
N GLY G 268 -90.51 7.12 -14.68
CA GLY G 268 -91.38 7.97 -15.47
C GLY G 268 -92.64 7.23 -15.87
N LYS G 269 -93.03 7.42 -17.13
CA LYS G 269 -94.12 6.64 -17.69
C LYS G 269 -93.75 5.16 -17.73
N LEU G 270 -92.52 4.86 -18.11
CA LEU G 270 -91.90 3.56 -17.93
C LEU G 270 -90.81 3.68 -16.87
N SER G 271 -90.37 2.54 -16.35
CA SER G 271 -89.42 2.51 -15.25
C SER G 271 -88.21 1.66 -15.58
N PHE G 272 -87.07 2.03 -15.03
CA PHE G 272 -85.82 1.34 -15.31
C PHE G 272 -84.95 1.29 -14.07
N THR G 273 -84.10 0.26 -14.01
CA THR G 273 -83.11 0.06 -12.95
C THR G 273 -81.72 0.04 -13.59
N CYS G 274 -80.80 0.86 -13.06
CA CYS G 274 -79.53 1.11 -13.75
C CYS G 274 -78.33 1.01 -12.82
N ARG G 275 -77.17 0.67 -13.40
CA ARG G 275 -75.90 0.53 -12.70
C ARG G 275 -74.80 1.28 -13.45
N CYS G 276 -73.78 1.73 -12.70
CA CYS G 276 -72.64 2.45 -13.27
C CYS G 276 -71.33 1.97 -12.65
N ASP G 277 -70.40 1.48 -13.48
CA ASP G 277 -69.10 0.99 -13.05
C ASP G 277 -67.98 1.72 -13.80
N THR G 278 -66.81 1.80 -13.17
CA THR G 278 -65.62 2.38 -13.79
C THR G 278 -64.69 1.27 -14.27
N VAL G 279 -64.43 1.22 -15.57
CA VAL G 279 -63.68 0.10 -16.14
C VAL G 279 -62.28 0.47 -16.61
N VAL G 280 -61.97 1.73 -16.83
CA VAL G 280 -60.60 2.18 -17.12
C VAL G 280 -60.35 3.47 -16.36
N SER G 281 -59.16 3.59 -15.77
CA SER G 281 -58.77 4.76 -14.98
C SER G 281 -57.27 4.97 -15.10
N CYS G 282 -56.84 6.11 -15.66
CA CYS G 282 -55.43 6.38 -15.92
C CYS G 282 -55.10 7.84 -15.60
N GLU G 283 -54.51 8.07 -14.44
CA GLU G 283 -53.97 9.38 -14.03
C GLU G 283 -54.96 10.52 -14.18
N GLY G 284 -56.25 10.26 -13.98
CA GLY G 284 -57.27 11.28 -14.07
C GLY G 284 -58.16 11.23 -15.29
N TYR G 285 -58.00 10.26 -16.19
CA TYR G 285 -58.90 10.04 -17.32
C TYR G 285 -59.63 8.70 -17.13
N VAL G 286 -60.94 8.66 -17.38
CA VAL G 286 -61.73 7.47 -17.09
C VAL G 286 -62.70 7.09 -18.21
N VAL G 287 -63.10 5.80 -18.17
CA VAL G 287 -64.16 5.22 -18.99
C VAL G 287 -65.21 4.58 -18.08
N LYS G 288 -66.47 4.96 -18.26
CA LYS G 288 -67.59 4.42 -17.46
C LYS G 288 -68.57 3.65 -18.32
N ARG G 289 -69.05 2.52 -17.80
CA ARG G 289 -70.02 1.64 -18.46
C ARG G 289 -71.33 1.62 -17.68
N ILE G 290 -72.45 1.80 -18.38
CA ILE G 290 -73.77 1.93 -17.75
C ILE G 290 -74.74 0.96 -18.42
N THR G 291 -75.49 0.22 -17.60
CA THR G 291 -76.51 -0.71 -18.08
C THR G 291 -77.89 -0.31 -17.55
N MET G 292 -78.93 -0.56 -18.34
CA MET G 292 -80.30 -0.20 -17.96
C MET G 292 -81.26 -1.34 -18.28
N SER G 293 -82.23 -1.58 -17.39
CA SER G 293 -83.17 -2.70 -17.49
C SER G 293 -84.58 -2.26 -17.16
N PRO G 294 -85.60 -2.80 -17.85
CA PRO G 294 -86.98 -2.40 -17.58
C PRO G 294 -87.50 -2.99 -16.29
N GLY G 295 -88.25 -2.18 -15.54
CA GLY G 295 -88.79 -2.58 -14.26
C GLY G 295 -87.96 -2.11 -13.09
N LEU G 296 -88.52 -2.28 -11.89
CA LEU G 296 -87.89 -1.85 -10.65
C LEU G 296 -87.49 -3.05 -9.80
N TYR G 297 -86.22 -3.12 -9.42
CA TYR G 297 -85.66 -4.19 -8.60
C TYR G 297 -84.69 -3.66 -7.56
N GLY G 298 -84.65 -4.30 -6.40
CA GLY G 298 -83.69 -3.98 -5.38
C GLY G 298 -83.99 -2.69 -4.64
N LYS G 299 -82.96 -2.11 -4.03
CA LYS G 299 -83.09 -0.81 -3.39
C LYS G 299 -81.76 -0.06 -3.51
N THR G 300 -81.84 1.24 -3.28
CA THR G 300 -80.72 2.15 -3.47
C THR G 300 -80.21 2.66 -2.13
N THR G 301 -78.91 2.98 -2.08
CA THR G 301 -78.33 3.63 -0.92
C THR G 301 -77.97 5.09 -1.16
N GLY G 302 -77.62 5.46 -2.38
CA GLY G 302 -77.19 6.81 -2.66
C GLY G 302 -75.74 7.13 -2.41
N TYR G 303 -74.84 6.15 -2.53
CA TYR G 303 -73.43 6.36 -2.30
C TYR G 303 -72.63 6.12 -3.58
N ALA G 304 -71.63 6.95 -3.82
CA ALA G 304 -70.71 6.82 -4.95
C ALA G 304 -69.28 6.71 -4.43
N VAL G 305 -68.50 5.80 -5.04
CA VAL G 305 -67.18 5.43 -4.56
C VAL G 305 -66.14 5.67 -5.63
N THR G 306 -64.97 6.18 -5.23
CA THR G 306 -63.81 6.32 -6.10
C THR G 306 -62.62 5.58 -5.50
N HIS G 307 -61.91 4.79 -6.32
CA HIS G 307 -60.71 4.10 -5.91
C HIS G 307 -59.47 4.87 -6.38
N HIS G 308 -58.53 5.12 -5.47
CA HIS G 308 -57.35 5.93 -5.75
C HIS G 308 -56.14 5.03 -5.99
N ALA G 309 -55.66 4.97 -7.22
CA ALA G 309 -54.42 4.26 -7.51
C ALA G 309 -53.18 5.12 -7.31
N ASP G 310 -53.25 6.41 -7.64
CA ASP G 310 -52.26 7.40 -7.26
C ASP G 310 -52.82 8.26 -6.13
N GLY G 311 -51.96 9.06 -5.51
CA GLY G 311 -52.41 9.91 -4.41
C GLY G 311 -53.20 11.11 -4.89
N PHE G 312 -54.20 11.51 -4.09
CA PHE G 312 -55.02 12.67 -4.38
C PHE G 312 -54.96 13.67 -3.22
N LEU G 313 -54.80 14.96 -3.55
CA LEU G 313 -54.54 16.01 -2.55
C LEU G 313 -55.47 17.20 -2.75
N MET G 314 -55.98 17.74 -1.64
CA MET G 314 -56.69 19.01 -1.61
C MET G 314 -56.22 19.84 -0.44
N CYS G 315 -55.93 21.12 -0.67
CA CYS G 315 -55.33 21.94 0.38
C CYS G 315 -55.63 23.43 0.22
N LYS G 316 -55.40 24.15 1.31
CA LYS G 316 -55.62 25.59 1.39
C LYS G 316 -54.33 26.34 1.04
N THR G 317 -54.45 27.37 0.20
CA THR G 317 -53.31 28.15 -0.25
C THR G 317 -53.64 29.65 -0.20
N THR G 318 -52.58 30.46 -0.12
CA THR G 318 -52.67 31.91 -0.03
C THR G 318 -52.03 32.55 -1.26
N ASP G 319 -52.72 33.51 -1.86
CA ASP G 319 -52.24 34.16 -3.09
C ASP G 319 -52.71 35.61 -3.10
N THR G 320 -52.37 36.33 -4.17
CA THR G 320 -52.93 37.66 -4.42
C THR G 320 -53.76 37.61 -5.70
N VAL G 321 -54.96 38.14 -5.64
CA VAL G 321 -55.86 38.23 -6.78
C VAL G 321 -56.09 39.70 -7.07
N ASP G 322 -55.67 40.13 -8.26
CA ASP G 322 -55.69 41.54 -8.65
C ASP G 322 -55.02 42.42 -7.59
N GLY G 323 -54.01 41.88 -6.91
CA GLY G 323 -53.28 42.61 -5.90
C GLY G 323 -53.77 42.46 -4.47
N GLU G 324 -54.90 41.80 -4.23
CA GLU G 324 -55.44 41.65 -2.88
C GLU G 324 -55.19 40.23 -2.37
N ARG G 325 -54.67 40.12 -1.15
CA ARG G 325 -54.26 38.84 -0.59
C ARG G 325 -55.45 38.05 -0.04
N VAL G 326 -55.60 36.79 -0.48
CA VAL G 326 -56.73 35.93 -0.11
C VAL G 326 -56.26 34.48 0.05
N SER G 327 -57.19 33.62 0.52
CA SER G 327 -56.97 32.19 0.67
C SER G 327 -58.08 31.40 0.00
N PHE G 328 -57.73 30.26 -0.61
CA PHE G 328 -58.73 29.38 -1.24
C PHE G 328 -58.12 27.99 -1.46
N SER G 329 -58.93 27.05 -1.96
CA SER G 329 -58.55 25.64 -2.02
C SER G 329 -58.16 25.18 -3.42
N VAL G 330 -57.21 24.25 -3.48
CA VAL G 330 -56.57 23.77 -4.71
C VAL G 330 -56.35 22.26 -4.62
N CYS G 331 -56.50 21.54 -5.75
CA CYS G 331 -56.39 20.08 -5.75
C CYS G 331 -55.44 19.57 -6.85
N THR G 332 -54.83 18.41 -6.61
CA THR G 332 -53.93 17.80 -7.60
C THR G 332 -53.72 16.30 -7.35
N TYR G 333 -52.99 15.65 -8.28
CA TYR G 333 -52.65 14.23 -8.25
C TYR G 333 -51.14 14.04 -8.08
N VAL G 334 -50.75 12.99 -7.35
CA VAL G 334 -49.34 12.70 -7.04
C VAL G 334 -49.00 11.26 -7.34
N PRO G 335 -47.87 10.97 -8.00
CA PRO G 335 -47.53 9.57 -8.33
C PRO G 335 -47.24 8.70 -7.12
N ALA G 336 -47.54 7.41 -7.27
CA ALA G 336 -47.56 6.48 -6.14
C ALA G 336 -46.17 6.25 -5.53
N THR G 337 -45.12 6.19 -6.36
CA THR G 337 -43.78 5.93 -5.83
C THR G 337 -43.31 7.06 -4.91
N ILE G 338 -43.61 8.31 -5.26
CA ILE G 338 -43.24 9.44 -4.42
C ILE G 338 -43.98 9.39 -3.07
N CYS G 339 -45.28 9.09 -3.12
CA CYS G 339 -46.07 8.92 -1.91
C CYS G 339 -45.47 7.84 -1.01
N ASP G 340 -45.08 6.70 -1.60
CA ASP G 340 -44.47 5.64 -0.81
C ASP G 340 -43.13 6.07 -0.21
N GLN G 341 -42.36 6.87 -0.94
CA GLN G 341 -41.06 7.29 -0.44
C GLN G 341 -41.14 8.40 0.61
N MET G 342 -42.30 9.03 0.81
CA MET G 342 -42.43 10.03 1.87
C MET G 342 -42.95 9.48 3.21
N THR G 343 -43.19 8.17 3.33
CA THR G 343 -43.87 7.63 4.51
C THR G 343 -43.05 7.85 5.79
N GLY G 344 -41.73 7.67 5.73
CA GLY G 344 -40.90 7.83 6.91
C GLY G 344 -40.78 9.28 7.37
N ILE G 345 -40.67 10.21 6.43
CA ILE G 345 -40.47 11.64 6.76
C ILE G 345 -41.66 12.19 7.53
N LEU G 346 -42.87 11.79 7.16
CA LEU G 346 -44.07 12.40 7.71
C LEU G 346 -44.41 11.92 9.12
N ALA G 347 -43.59 11.07 9.73
CA ALA G 347 -43.82 10.69 11.12
C ALA G 347 -43.54 11.83 12.09
N THR G 348 -42.70 12.78 11.71
CA THR G 348 -42.37 13.94 12.53
C THR G 348 -42.93 15.21 11.91
N GLU G 349 -42.67 16.33 12.57
CA GLU G 349 -43.03 17.64 12.03
C GLU G 349 -41.90 18.16 11.16
N VAL G 350 -42.24 18.59 9.96
CA VAL G 350 -41.28 19.02 8.96
C VAL G 350 -41.73 20.38 8.43
N THR G 351 -40.78 21.29 8.23
CA THR G 351 -41.11 22.60 7.66
C THR G 351 -41.35 22.49 6.16
N PRO G 352 -42.06 23.45 5.58
CA PRO G 352 -42.26 23.42 4.10
C PRO G 352 -40.98 23.47 3.29
N GLU G 353 -39.97 24.23 3.73
CA GLU G 353 -38.72 24.34 2.98
C GLU G 353 -37.97 23.01 2.92
N ASP G 354 -37.90 22.32 4.05
CA ASP G 354 -37.25 21.02 4.11
C ASP G 354 -37.99 19.98 3.27
N ALA G 355 -39.33 20.02 3.31
CA ALA G 355 -40.12 19.13 2.47
C ALA G 355 -39.85 19.40 0.99
N GLN G 356 -39.73 20.66 0.61
CA GLN G 356 -39.45 20.99 -0.78
C GLN G 356 -38.08 20.46 -1.23
N LYS G 357 -37.07 20.59 -0.37
CA LYS G 357 -35.76 20.04 -0.72
C LYS G 357 -35.79 18.52 -0.84
N LEU G 358 -36.49 17.84 0.07
CA LEU G 358 -36.60 16.38 -0.04
C LEU G 358 -37.32 15.95 -1.33
N LEU G 359 -38.40 16.65 -1.68
CA LEU G 359 -39.14 16.29 -2.90
C LEU G 359 -38.29 16.51 -4.15
N VAL G 360 -37.53 17.61 -4.20
CA VAL G 360 -36.65 17.83 -5.33
C VAL G 360 -35.61 16.71 -5.42
N GLY G 361 -35.07 16.30 -4.27
CA GLY G 361 -34.12 15.19 -4.27
C GLY G 361 -34.72 13.89 -4.80
N LEU G 362 -35.95 13.57 -4.40
CA LEU G 362 -36.59 12.34 -4.87
C LEU G 362 -36.94 12.42 -6.35
N ASN G 363 -37.35 13.59 -6.83
CA ASN G 363 -37.89 13.71 -8.18
C ASN G 363 -36.81 13.56 -9.23
N GLN G 364 -35.69 14.26 -9.06
CA GLN G 364 -34.71 14.42 -10.12
C GLN G 364 -33.58 13.40 -9.92
N ARG G 365 -33.93 12.14 -10.16
CA ARG G 365 -33.01 11.05 -9.96
C ARG G 365 -33.41 9.85 -10.81
N THR G 376 -34.33 13.45 -16.08
CA THR G 376 -35.61 12.77 -15.95
C THR G 376 -36.41 13.36 -14.79
N ASN G 377 -37.74 13.39 -14.95
CA ASN G 377 -38.64 13.95 -13.96
C ASN G 377 -39.82 13.02 -13.78
N THR G 378 -40.06 12.58 -12.54
CA THR G 378 -41.24 11.76 -12.27
C THR G 378 -42.51 12.61 -12.26
N MET G 379 -42.47 13.79 -11.65
CA MET G 379 -43.62 14.68 -11.60
C MET G 379 -43.21 16.07 -12.07
N LYS G 380 -44.20 16.85 -12.51
CA LYS G 380 -43.95 18.20 -13.03
C LYS G 380 -43.54 19.16 -11.92
N ASN G 381 -42.56 20.01 -12.22
CA ASN G 381 -41.94 20.82 -11.17
C ASN G 381 -42.83 21.96 -10.69
N TYR G 382 -43.69 22.51 -11.54
CA TYR G 382 -44.48 23.68 -11.14
C TYR G 382 -45.49 23.38 -10.04
N MET G 383 -45.79 22.11 -9.76
CA MET G 383 -46.65 21.76 -8.65
C MET G 383 -45.89 21.48 -7.35
N ILE G 384 -44.57 21.38 -7.38
CA ILE G 384 -43.83 20.97 -6.18
C ILE G 384 -44.01 21.90 -4.99
N PRO G 385 -43.98 23.23 -5.13
CA PRO G 385 -44.16 24.08 -3.92
C PRO G 385 -45.50 23.89 -3.21
N VAL G 386 -46.60 23.72 -3.93
CA VAL G 386 -47.88 23.55 -3.25
C VAL G 386 -47.96 22.19 -2.54
N VAL G 387 -47.46 21.13 -3.18
CA VAL G 387 -47.47 19.81 -2.55
C VAL G 387 -46.64 19.82 -1.27
N ALA G 388 -45.45 20.43 -1.31
CA ALA G 388 -44.62 20.53 -0.12
C ALA G 388 -45.36 21.21 1.02
N GLN G 389 -46.18 22.21 0.71
CA GLN G 389 -46.91 22.88 1.78
C GLN G 389 -47.97 21.94 2.36
N ALA G 390 -48.69 21.22 1.50
CA ALA G 390 -49.78 20.37 1.97
C ALA G 390 -49.26 19.27 2.88
N PHE G 391 -48.21 18.57 2.45
CA PHE G 391 -47.63 17.52 3.28
C PHE G 391 -47.21 18.04 4.64
N SER G 392 -46.73 19.30 4.69
CA SER G 392 -46.27 19.83 5.95
C SER G 392 -47.43 20.05 6.91
N LYS G 393 -48.59 20.47 6.41
CA LYS G 393 -49.71 20.70 7.31
C LYS G 393 -50.33 19.40 7.78
N TRP G 394 -50.46 18.42 6.88
CA TRP G 394 -51.01 17.11 7.25
C TRP G 394 -50.22 16.49 8.39
N ALA G 395 -48.89 16.47 8.25
CA ALA G 395 -48.04 15.90 9.30
C ALA G 395 -48.27 16.61 10.63
N LYS G 396 -48.51 17.91 10.61
CA LYS G 396 -48.75 18.62 11.86
C LYS G 396 -50.07 18.19 12.48
N GLU G 397 -51.13 18.10 11.67
CA GLU G 397 -52.45 17.83 12.23
C GLU G 397 -52.50 16.45 12.87
N CYS G 398 -51.84 15.46 12.27
CA CYS G 398 -51.78 14.13 12.86
C CYS G 398 -51.22 14.18 14.28
N ARG G 399 -50.14 14.95 14.50
CA ARG G 399 -49.56 15.01 15.83
C ARG G 399 -50.57 15.56 16.84
N LYS G 400 -51.36 16.54 16.43
CA LYS G 400 -52.31 17.12 17.37
C LYS G 400 -53.37 16.12 17.78
N ASP G 401 -53.70 15.17 16.90
CA ASP G 401 -54.64 14.13 17.30
C ASP G 401 -54.02 13.20 18.33
N MET G 402 -52.73 12.92 18.18
CA MET G 402 -52.10 11.94 19.06
C MET G 402 -51.90 12.47 20.48
N GLU G 403 -51.87 13.78 20.66
CA GLU G 403 -51.65 14.38 21.96
C GLU G 403 -52.93 14.75 22.68
N ASP G 404 -54.09 14.54 22.08
CA ASP G 404 -55.37 14.81 22.73
C ASP G 404 -56.27 13.58 22.56
N GLU G 405 -56.04 12.58 23.41
CA GLU G 405 -56.81 11.34 23.38
C GLU G 405 -58.15 11.52 24.07
N LYS G 406 -59.15 10.78 23.61
CA LYS G 406 -60.47 10.75 24.20
C LYS G 406 -60.71 9.38 24.82
N LEU G 407 -61.89 9.20 25.43
CA LEU G 407 -62.28 7.93 26.00
C LEU G 407 -63.07 7.12 24.98
N LEU G 408 -62.86 5.81 24.98
CA LEU G 408 -63.53 4.93 24.03
C LEU G 408 -65.04 4.95 24.22
N GLY G 409 -65.76 5.02 23.11
CA GLY G 409 -67.20 4.89 23.12
C GLY G 409 -67.96 6.11 23.60
N VAL G 410 -67.35 7.28 23.59
CA VAL G 410 -67.91 8.46 24.24
C VAL G 410 -67.70 9.67 23.35
N ARG G 411 -68.71 10.54 23.32
CA ARG G 411 -68.71 11.75 22.48
C ARG G 411 -69.10 12.92 23.37
N GLU G 412 -68.12 13.59 23.97
CA GLU G 412 -68.41 14.66 24.91
C GLU G 412 -68.94 15.89 24.20
N ARG G 413 -69.95 16.53 24.78
CA ARG G 413 -70.59 17.71 24.20
C ARG G 413 -70.94 18.72 25.27
N THR G 414 -70.04 18.94 26.22
CA THR G 414 -70.26 19.87 27.33
C THR G 414 -70.41 21.31 26.83
N TRP G 421 -73.00 23.05 26.81
CA TRP G 421 -73.75 22.05 26.07
C TRP G 421 -73.42 22.11 24.58
N ALA G 422 -72.16 22.38 24.25
CA ALA G 422 -71.74 22.50 22.87
C ALA G 422 -70.39 21.84 22.67
N PHE G 423 -70.11 21.47 21.42
CA PHE G 423 -68.83 20.90 21.03
C PHE G 423 -68.19 21.77 19.96
N LYS G 424 -66.87 21.77 19.93
CA LYS G 424 -66.11 22.58 18.98
C LYS G 424 -65.64 21.74 17.80
N LYS G 425 -65.50 22.40 16.66
CA LYS G 425 -64.91 21.80 15.48
C LYS G 425 -63.44 22.18 15.40
N GLN G 426 -62.61 21.21 15.04
CA GLN G 426 -61.20 21.47 14.81
C GLN G 426 -60.98 21.97 13.39
N LYS G 427 -59.90 22.72 13.19
CA LYS G 427 -59.58 23.22 11.87
C LYS G 427 -58.86 22.17 11.04
N THR G 428 -59.23 22.08 9.77
CA THR G 428 -58.64 21.13 8.83
C THR G 428 -58.19 21.89 7.59
N HIS G 429 -56.90 21.82 7.27
CA HIS G 429 -56.37 22.51 6.11
C HIS G 429 -55.91 21.60 4.98
N THR G 430 -55.90 20.28 5.17
CA THR G 430 -55.46 19.35 4.13
C THR G 430 -56.30 18.09 4.16
N VAL G 431 -56.75 17.62 2.99
CA VAL G 431 -57.23 16.25 2.86
C VAL G 431 -56.32 15.50 1.89
N TYR G 432 -55.92 14.30 2.28
CA TYR G 432 -54.90 13.52 1.59
C TYR G 432 -55.39 12.08 1.47
N LYS G 433 -55.77 11.65 0.27
CA LYS G 433 -56.16 10.28 0.01
C LYS G 433 -54.97 9.52 -0.56
N ARG G 434 -54.45 8.57 0.22
CA ARG G 434 -53.28 7.79 -0.12
C ARG G 434 -53.60 6.68 -1.11
N PRO G 435 -52.60 6.16 -1.81
CA PRO G 435 -52.82 5.01 -2.69
C PRO G 435 -53.43 3.83 -1.95
N ASP G 436 -54.41 3.20 -2.62
CA ASP G 436 -55.20 2.08 -2.14
C ASP G 436 -56.25 2.46 -1.10
N THR G 437 -56.70 3.71 -1.03
CA THR G 437 -57.84 4.10 -0.24
C THR G 437 -59.00 4.45 -1.16
N GLN G 438 -60.17 4.75 -0.58
CA GLN G 438 -61.38 5.00 -1.34
C GLN G 438 -62.15 6.20 -0.80
N SER G 439 -62.62 7.05 -1.70
CA SER G 439 -63.54 8.13 -1.37
C SER G 439 -64.99 7.66 -1.52
N ILE G 440 -65.89 8.22 -0.70
CA ILE G 440 -67.31 7.87 -0.72
C ILE G 440 -68.17 9.11 -0.46
N GLN G 441 -69.10 9.40 -1.37
CA GLN G 441 -69.95 10.59 -1.28
C GLN G 441 -71.41 10.26 -1.48
N LYS G 442 -72.28 11.05 -0.87
CA LYS G 442 -73.72 10.82 -0.89
C LYS G 442 -74.38 11.67 -1.97
N VAL G 443 -75.07 11.03 -2.92
CA VAL G 443 -75.70 11.72 -4.04
C VAL G 443 -77.14 11.21 -4.22
N GLN G 444 -77.86 11.85 -5.13
CA GLN G 444 -79.25 11.48 -5.42
C GLN G 444 -79.31 10.20 -6.23
N ALA G 445 -80.29 9.34 -5.91
CA ALA G 445 -80.42 8.05 -6.58
C ALA G 445 -81.82 7.73 -7.09
N GLU G 446 -82.81 8.58 -6.83
CA GLU G 446 -84.17 8.38 -7.33
C GLU G 446 -84.55 9.58 -8.20
N PHE G 447 -84.84 9.34 -9.47
CA PHE G 447 -85.15 10.39 -10.43
C PHE G 447 -86.53 10.16 -11.02
N ASP G 448 -87.42 11.14 -10.88
CA ASP G 448 -88.74 11.06 -11.48
C ASP G 448 -89.06 12.17 -12.45
N SER G 449 -88.37 13.30 -12.39
CA SER G 449 -88.72 14.47 -13.19
C SER G 449 -87.87 14.51 -14.45
N PHE G 450 -88.52 14.54 -15.61
CA PHE G 450 -87.84 14.66 -16.90
C PHE G 450 -88.66 15.59 -17.76
N VAL G 451 -88.15 16.79 -18.01
CA VAL G 451 -88.84 17.75 -18.89
C VAL G 451 -87.89 18.24 -19.97
N TRP G 456 -88.60 22.47 -31.45
CA TRP G 456 -87.38 22.18 -32.18
C TRP G 456 -87.34 22.93 -33.51
N SER G 457 -86.21 23.60 -33.76
CA SER G 457 -85.92 24.19 -35.05
C SER G 457 -84.49 23.82 -35.44
N SER G 458 -84.23 23.78 -36.75
CA SER G 458 -83.01 23.15 -37.25
C SER G 458 -81.75 23.86 -36.75
N GLY G 459 -81.68 25.17 -36.93
CA GLY G 459 -80.50 25.93 -36.57
C GLY G 459 -79.46 26.06 -37.66
N LEU G 460 -79.62 25.35 -38.77
CA LEU G 460 -78.76 25.51 -39.93
C LEU G 460 -79.16 26.77 -40.70
N SER G 461 -78.28 27.19 -41.62
CA SER G 461 -78.49 28.41 -42.39
C SER G 461 -78.31 28.15 -43.88
N ILE G 462 -78.94 29.00 -44.68
CA ILE G 462 -78.95 28.79 -46.13
C ILE G 462 -77.55 28.84 -46.74
N PRO G 463 -76.70 29.84 -46.44
CA PRO G 463 -75.36 29.86 -47.06
C PRO G 463 -74.53 28.62 -46.74
N LEU G 464 -74.60 28.11 -45.52
CA LEU G 464 -73.85 26.90 -45.17
C LEU G 464 -74.38 25.69 -45.92
N ARG G 465 -75.71 25.59 -46.06
CA ARG G 465 -76.30 24.51 -46.83
C ARG G 465 -75.84 24.58 -48.29
N THR G 466 -75.80 25.79 -48.85
CA THR G 466 -75.33 25.95 -50.21
C THR G 466 -73.88 25.56 -50.36
N ARG G 467 -73.04 25.93 -49.38
CA ARG G 467 -71.63 25.53 -49.44
C ARG G 467 -71.48 24.02 -49.39
N ILE G 468 -72.23 23.35 -48.52
CA ILE G 468 -72.13 21.89 -48.41
C ILE G 468 -72.62 21.24 -49.69
N LYS G 469 -73.75 21.71 -50.24
CA LYS G 469 -74.27 21.16 -51.48
C LYS G 469 -73.29 21.33 -52.63
N TRP G 470 -72.67 22.51 -52.74
CA TRP G 470 -71.68 22.72 -53.77
C TRP G 470 -70.47 21.81 -53.58
N LEU G 471 -70.01 21.67 -52.34
CA LEU G 471 -68.83 20.87 -52.06
C LEU G 471 -69.08 19.40 -52.33
N LEU G 472 -70.33 18.95 -52.21
CA LEU G 472 -70.66 17.56 -52.44
C LEU G 472 -70.96 17.28 -53.91
N SER G 473 -71.89 18.04 -54.51
CA SER G 473 -72.35 17.76 -55.86
C SER G 473 -71.23 17.79 -56.89
N LYS G 474 -70.13 18.48 -56.59
CA LYS G 474 -68.94 18.48 -57.44
C LYS G 474 -69.27 18.94 -58.86
N ASP H 2 -36.73 15.10 -50.59
CA ASP H 2 -37.39 14.69 -49.34
C ASP H 2 -36.69 15.28 -48.10
N PRO H 3 -35.37 15.40 -48.10
CA PRO H 3 -34.72 16.25 -47.11
C PRO H 3 -34.99 17.72 -47.39
N VAL H 4 -34.95 18.52 -46.33
CA VAL H 4 -35.03 19.96 -46.42
C VAL H 4 -33.70 20.52 -45.95
N TYR H 5 -33.17 21.50 -46.68
CA TYR H 5 -31.84 22.02 -46.47
C TYR H 5 -31.92 23.42 -45.89
N VAL H 6 -31.21 23.65 -44.79
CA VAL H 6 -31.23 24.95 -44.14
C VAL H 6 -29.80 25.49 -44.04
N ASP H 7 -29.69 26.82 -44.13
CA ASP H 7 -28.41 27.51 -44.23
C ASP H 7 -27.91 27.89 -42.83
N ILE H 8 -27.48 26.87 -42.09
CA ILE H 8 -26.92 27.05 -40.76
C ILE H 8 -25.71 26.15 -40.61
N ASP H 9 -24.88 26.48 -39.62
CA ASP H 9 -23.68 25.70 -39.35
C ASP H 9 -24.03 24.32 -38.84
N ALA H 10 -23.20 23.33 -39.20
CA ALA H 10 -23.48 21.94 -38.89
C ALA H 10 -23.36 21.62 -37.41
N ASP H 11 -22.67 22.45 -36.63
CA ASP H 11 -22.51 22.22 -35.20
C ASP H 11 -23.41 23.11 -34.34
N SER H 12 -24.40 23.76 -34.94
CA SER H 12 -25.29 24.63 -34.18
C SER H 12 -26.17 23.83 -33.23
N ALA H 13 -26.47 24.43 -32.08
CA ALA H 13 -27.42 23.84 -31.13
C ALA H 13 -28.87 24.04 -31.53
N PHE H 14 -29.17 25.02 -32.40
CA PHE H 14 -30.54 25.31 -32.78
C PHE H 14 -31.15 24.21 -33.64
N LEU H 15 -30.32 23.32 -34.17
CA LEU H 15 -30.80 22.29 -35.08
C LEU H 15 -31.70 21.28 -34.36
N LYS H 16 -31.40 20.95 -33.11
CA LYS H 16 -32.24 20.00 -32.40
C LYS H 16 -33.61 20.58 -32.08
N ALA H 17 -33.66 21.87 -31.74
CA ALA H 17 -34.94 22.53 -31.55
C ALA H 17 -35.74 22.56 -32.85
N LEU H 18 -35.08 22.82 -33.98
CA LEU H 18 -35.77 22.80 -35.26
C LEU H 18 -36.32 21.41 -35.57
N GLN H 19 -35.53 20.36 -35.30
CA GLN H 19 -35.99 19.00 -35.55
C GLN H 19 -37.18 18.63 -34.67
N ARG H 20 -37.17 19.03 -33.40
CA ARG H 20 -38.32 18.76 -32.55
C ARG H 20 -39.56 19.51 -33.01
N ALA H 21 -39.41 20.72 -33.55
CA ALA H 21 -40.59 21.48 -33.97
C ALA H 21 -41.22 20.97 -35.27
N TYR H 22 -40.47 20.30 -36.14
CA TYR H 22 -40.98 19.81 -37.42
C TYR H 22 -40.69 18.32 -37.55
N PRO H 23 -41.42 17.48 -36.80
CA PRO H 23 -41.10 16.04 -36.81
C PRO H 23 -41.46 15.32 -38.11
N MET H 24 -42.18 15.95 -39.02
CA MET H 24 -42.55 15.29 -40.27
C MET H 24 -41.54 15.46 -41.39
N PHE H 25 -40.44 16.17 -41.15
CA PHE H 25 -39.42 16.39 -42.18
C PHE H 25 -38.11 15.77 -41.73
N GLU H 26 -37.09 15.94 -42.57
CA GLU H 26 -35.75 15.44 -42.31
C GLU H 26 -34.78 16.56 -42.69
N VAL H 27 -34.15 17.16 -41.68
CA VAL H 27 -33.53 18.49 -41.79
C VAL H 27 -32.02 18.34 -41.88
N GLU H 28 -31.44 18.86 -42.96
CA GLU H 28 -30.01 18.86 -43.30
C GLU H 28 -29.43 20.26 -43.26
N PRO H 29 -28.29 20.43 -42.61
CA PRO H 29 -27.59 21.73 -42.65
C PRO H 29 -26.67 21.86 -43.87
N ARG H 30 -26.72 23.02 -44.53
CA ARG H 30 -25.88 23.30 -45.70
C ARG H 30 -25.59 24.79 -45.72
N GLN H 31 -24.47 25.21 -45.14
CA GLN H 31 -24.18 26.63 -44.95
C GLN H 31 -23.52 27.23 -46.18
N VAL H 32 -24.02 28.39 -46.60
CA VAL H 32 -23.45 29.08 -47.76
C VAL H 32 -23.12 30.54 -47.51
N THR H 33 -23.65 31.19 -46.49
CA THR H 33 -23.39 32.58 -46.19
C THR H 33 -23.19 32.75 -44.68
N PRO H 34 -22.54 33.85 -44.24
CA PRO H 34 -22.45 34.16 -42.81
C PRO H 34 -23.58 35.08 -42.30
N ASN H 35 -24.82 34.78 -42.66
CA ASN H 35 -25.95 35.62 -42.25
C ASN H 35 -26.05 35.71 -40.74
N ASP H 36 -26.21 36.92 -40.22
CA ASP H 36 -26.26 37.09 -38.77
C ASP H 36 -27.66 36.95 -38.20
N HIS H 37 -28.67 36.67 -39.01
CA HIS H 37 -29.99 36.26 -38.54
C HIS H 37 -30.45 34.98 -39.25
N ALA H 38 -29.58 33.97 -39.25
CA ALA H 38 -29.82 32.74 -39.99
C ALA H 38 -30.98 31.90 -39.42
N ASN H 39 -31.10 31.84 -38.08
CA ASN H 39 -32.11 30.99 -37.46
C ASN H 39 -33.53 31.42 -37.84
N ALA H 40 -33.79 32.73 -37.88
CA ALA H 40 -35.10 33.23 -38.25
C ALA H 40 -35.48 32.86 -39.68
N ARG H 41 -34.52 32.98 -40.60
CA ARG H 41 -34.78 32.61 -42.00
C ARG H 41 -35.04 31.11 -42.14
N ALA H 42 -34.30 30.28 -41.41
CA ALA H 42 -34.55 28.84 -41.48
C ALA H 42 -35.96 28.48 -40.99
N PHE H 43 -36.40 29.10 -39.88
CA PHE H 43 -37.75 28.83 -39.38
C PHE H 43 -38.81 29.22 -40.42
N SER H 44 -38.66 30.39 -41.05
CA SER H 44 -39.65 30.81 -42.04
C SER H 44 -39.71 29.85 -43.23
N HIS H 45 -38.54 29.38 -43.69
CA HIS H 45 -38.47 28.43 -44.80
C HIS H 45 -39.24 27.15 -44.48
N LEU H 46 -38.99 26.57 -43.30
CA LEU H 46 -39.70 25.34 -42.95
C LEU H 46 -41.20 25.56 -42.77
N ALA H 47 -41.60 26.73 -42.27
CA ALA H 47 -43.02 27.01 -42.12
C ALA H 47 -43.74 27.00 -43.46
N ILE H 48 -43.13 27.63 -44.48
CA ILE H 48 -43.75 27.62 -45.80
C ILE H 48 -43.88 26.20 -46.33
N LYS H 49 -42.83 25.39 -46.17
CA LYS H 49 -42.92 24.00 -46.62
C LYS H 49 -44.10 23.27 -45.99
N LEU H 50 -44.25 23.39 -44.67
CA LEU H 50 -45.33 22.67 -43.99
C LEU H 50 -46.71 23.14 -44.46
N ILE H 51 -46.89 24.45 -44.60
CA ILE H 51 -48.18 24.97 -45.06
C ILE H 51 -48.50 24.44 -46.45
N GLU H 52 -47.51 24.42 -47.34
CA GLU H 52 -47.78 23.88 -48.68
C GLU H 52 -48.15 22.40 -48.61
N GLN H 53 -47.55 21.65 -47.69
CA GLN H 53 -47.92 20.24 -47.58
C GLN H 53 -49.34 20.05 -47.07
N GLU H 54 -49.86 20.97 -46.23
CA GLU H 54 -51.24 20.81 -45.77
C GLU H 54 -52.28 20.93 -46.87
N ILE H 55 -52.22 22.00 -47.66
CA ILE H 55 -53.35 22.30 -48.53
C ILE H 55 -53.26 21.51 -49.82
N ASP H 56 -54.41 21.42 -50.52
CA ASP H 56 -54.41 20.63 -51.74
C ASP H 56 -54.26 21.52 -52.97
N PRO H 57 -53.70 21.00 -54.07
CA PRO H 57 -53.59 21.81 -55.29
C PRO H 57 -54.95 22.06 -55.92
N ASP H 58 -54.97 22.75 -57.04
CA ASP H 58 -56.16 23.26 -57.73
C ASP H 58 -56.79 24.43 -57.01
N SER H 59 -56.31 24.78 -55.83
CA SER H 59 -56.73 25.98 -55.15
C SER H 59 -55.73 27.10 -55.42
N THR H 60 -56.24 28.32 -55.53
CA THR H 60 -55.42 29.49 -55.74
C THR H 60 -55.16 30.18 -54.40
N ILE H 61 -53.93 30.68 -54.21
CA ILE H 61 -53.47 31.20 -52.94
C ILE H 61 -53.17 32.68 -53.09
N LEU H 62 -53.83 33.51 -52.29
CA LEU H 62 -53.46 34.92 -52.21
C LEU H 62 -52.24 35.09 -51.31
N ASP H 63 -51.25 35.83 -51.79
CA ASP H 63 -50.04 36.12 -51.02
C ASP H 63 -50.05 37.60 -50.69
N ILE H 64 -50.42 37.92 -49.45
CA ILE H 64 -50.60 39.30 -49.01
C ILE H 64 -49.25 39.90 -48.65
N GLY H 65 -48.94 41.05 -49.26
CA GLY H 65 -47.65 41.71 -49.06
C GLY H 65 -46.49 40.86 -49.53
N SER H 66 -46.59 40.34 -50.74
CA SER H 66 -45.70 39.30 -51.21
C SER H 66 -44.31 39.84 -51.56
N ALA H 67 -43.34 38.93 -51.57
CA ALA H 67 -42.04 39.13 -52.23
C ALA H 67 -41.94 38.13 -53.37
N PRO H 68 -42.26 38.53 -54.60
CA PRO H 68 -42.57 37.54 -55.65
C PRO H 68 -41.45 36.57 -55.97
N ALA H 69 -40.18 36.99 -55.87
CA ALA H 69 -39.07 36.11 -56.22
C ALA H 69 -39.02 34.86 -55.35
N ARG H 70 -39.62 34.88 -54.16
CA ARG H 70 -39.63 33.67 -53.35
C ARG H 70 -40.59 32.62 -53.88
N ARG H 71 -41.63 33.03 -54.61
CA ARG H 71 -42.62 32.08 -55.11
C ARG H 71 -42.37 31.63 -56.54
N MET H 72 -41.23 31.98 -57.11
CA MET H 72 -41.06 31.84 -58.56
C MET H 72 -40.80 30.40 -59.00
N MET H 73 -40.08 29.62 -58.21
CA MET H 73 -39.85 28.21 -58.51
C MET H 73 -40.77 27.27 -57.76
N SER H 74 -42.02 27.66 -57.54
CA SER H 74 -43.02 26.82 -56.90
C SER H 74 -44.03 26.35 -57.94
N ASP H 75 -44.53 25.13 -57.76
CA ASP H 75 -45.51 24.58 -58.70
C ASP H 75 -46.95 24.92 -58.36
N ARG H 76 -47.21 25.50 -57.19
CA ARG H 76 -48.57 25.86 -56.81
C ARG H 76 -48.99 27.15 -57.52
N LYS H 77 -50.21 27.61 -57.26
CA LYS H 77 -50.79 28.76 -57.95
C LYS H 77 -50.92 29.94 -56.99
N TYR H 78 -49.99 30.87 -57.06
CA TYR H 78 -49.97 32.05 -56.22
C TYR H 78 -50.46 33.27 -56.98
N HIS H 79 -51.15 34.16 -56.28
CA HIS H 79 -51.49 35.49 -56.76
C HIS H 79 -50.88 36.48 -55.77
N CYS H 80 -49.87 37.21 -56.22
CA CYS H 80 -49.05 38.04 -55.33
C CYS H 80 -49.63 39.45 -55.29
N VAL H 81 -49.93 39.94 -54.09
CA VAL H 81 -50.48 41.28 -53.91
C VAL H 81 -49.34 42.17 -53.47
N CYS H 82 -48.92 43.08 -54.34
CA CYS H 82 -47.74 43.93 -54.04
C CYS H 82 -47.97 45.39 -54.22
N PRO H 83 -48.30 46.07 -53.13
CA PRO H 83 -48.40 47.50 -53.25
C PRO H 83 -47.00 48.13 -52.93
N MET H 84 -46.61 49.20 -53.56
CA MET H 84 -45.30 49.77 -53.27
C MET H 84 -45.31 50.79 -52.13
N ARG H 85 -45.60 50.39 -50.90
CA ARG H 85 -45.72 51.25 -49.74
C ARG H 85 -44.46 51.29 -48.87
N SER H 86 -43.47 50.47 -49.16
CA SER H 86 -42.27 50.34 -48.36
C SER H 86 -41.05 50.68 -49.20
N ALA H 87 -40.01 51.20 -48.54
CA ALA H 87 -38.79 51.60 -49.25
C ALA H 87 -38.00 50.42 -49.77
N GLU H 88 -38.30 49.20 -49.33
CA GLU H 88 -37.62 48.00 -49.80
C GLU H 88 -38.27 47.38 -51.02
N ASP H 89 -39.42 47.89 -51.48
CA ASP H 89 -40.21 47.26 -52.52
C ASP H 89 -39.65 47.39 -53.94
N PRO H 90 -39.19 48.57 -54.38
CA PRO H 90 -38.66 48.66 -55.75
C PRO H 90 -37.51 47.70 -56.04
N GLU H 91 -36.64 47.48 -55.05
CA GLU H 91 -35.55 46.53 -55.24
C GLU H 91 -36.06 45.09 -55.32
N ARG H 92 -37.09 44.75 -54.55
CA ARG H 92 -37.69 43.43 -54.66
C ARG H 92 -38.31 43.21 -56.04
N LEU H 93 -39.00 44.22 -56.55
CA LEU H 93 -39.58 44.12 -57.90
C LEU H 93 -38.51 43.96 -58.97
N ALA H 94 -37.45 44.78 -58.90
CA ALA H 94 -36.37 44.65 -59.88
C ALA H 94 -35.71 43.28 -59.79
N ASN H 95 -35.55 42.75 -58.59
CA ASN H 95 -34.95 41.43 -58.42
C ASN H 95 -35.83 40.35 -59.03
N TYR H 96 -37.16 40.50 -58.90
CA TYR H 96 -38.07 39.55 -59.52
C TYR H 96 -37.95 39.57 -61.03
N ALA H 97 -37.94 40.76 -61.62
CA ALA H 97 -37.81 40.87 -63.07
C ALA H 97 -36.48 40.30 -63.56
N ARG H 98 -35.40 40.55 -62.83
CA ARG H 98 -34.10 39.99 -63.18
C ARG H 98 -34.12 38.47 -63.14
N LYS H 99 -34.61 37.90 -62.04
CA LYS H 99 -34.72 36.44 -61.93
C LYS H 99 -35.57 35.86 -63.06
N LEU H 100 -36.67 36.52 -63.42
CA LEU H 100 -37.51 36.03 -64.49
C LEU H 100 -36.77 36.02 -65.81
N ALA H 101 -36.13 37.14 -66.16
CA ALA H 101 -35.45 37.25 -67.45
C ALA H 101 -34.28 36.29 -67.55
N SER H 102 -33.58 36.03 -66.45
CA SER H 102 -32.40 35.17 -66.53
C SER H 102 -32.75 33.76 -66.97
N ALA H 103 -33.82 33.19 -66.43
CA ALA H 103 -34.22 31.82 -66.74
C ALA H 103 -35.54 31.88 -67.50
N ALA H 104 -35.47 32.04 -68.81
CA ALA H 104 -36.66 32.18 -69.63
C ALA H 104 -36.91 30.99 -70.55
N GLY H 105 -35.88 30.21 -70.88
CA GLY H 105 -36.06 29.02 -71.66
C GLY H 105 -35.47 27.80 -70.99
N LYS H 106 -34.58 28.04 -70.02
CA LYS H 106 -33.90 26.95 -69.34
C LYS H 106 -34.86 26.19 -68.42
N VAL H 107 -35.84 26.89 -67.85
CA VAL H 107 -36.83 26.29 -66.96
C VAL H 107 -38.16 26.25 -67.71
N LEU H 108 -38.79 25.08 -67.73
CA LEU H 108 -40.00 24.88 -68.51
C LEU H 108 -41.22 24.44 -67.71
N ASP H 109 -41.02 23.78 -66.56
CA ASP H 109 -42.15 23.28 -65.79
C ASP H 109 -42.99 24.41 -65.23
N ARG H 110 -42.36 25.48 -64.77
CA ARG H 110 -43.07 26.60 -64.19
C ARG H 110 -43.63 27.50 -65.26
N ASN H 111 -44.68 28.23 -64.91
CA ASN H 111 -45.36 29.12 -65.85
C ASN H 111 -44.53 30.39 -66.06
N ILE H 112 -43.31 30.20 -66.54
CA ILE H 112 -42.37 31.32 -66.69
C ILE H 112 -42.88 32.31 -67.71
N SER H 113 -43.28 31.81 -68.89
CA SER H 113 -43.75 32.70 -69.95
C SER H 113 -45.02 33.43 -69.52
N GLY H 114 -45.93 32.73 -68.86
CA GLY H 114 -47.13 33.38 -68.36
C GLY H 114 -46.82 34.47 -67.35
N LYS H 115 -45.84 34.23 -66.48
CA LYS H 115 -45.45 35.24 -65.51
C LYS H 115 -44.86 36.47 -66.19
N ILE H 116 -44.02 36.26 -67.21
CA ILE H 116 -43.44 37.39 -67.95
C ILE H 116 -44.54 38.19 -68.61
N GLY H 117 -45.47 37.50 -69.27
CA GLY H 117 -46.58 38.20 -69.92
C GLY H 117 -47.44 38.98 -68.94
N ASP H 118 -47.71 38.40 -67.77
CA ASP H 118 -48.52 39.08 -66.77
C ASP H 118 -47.82 40.34 -66.26
N LEU H 119 -46.51 40.24 -66.00
CA LEU H 119 -45.79 41.42 -65.55
C LEU H 119 -45.79 42.52 -66.61
N GLN H 120 -45.59 42.15 -67.88
CA GLN H 120 -45.62 43.16 -68.93
C GLN H 120 -47.00 43.80 -69.05
N ALA H 121 -48.06 43.00 -68.98
CA ALA H 121 -49.41 43.52 -69.09
C ALA H 121 -49.71 44.48 -67.94
N VAL H 122 -49.21 44.16 -66.74
CA VAL H 122 -49.44 45.06 -65.60
C VAL H 122 -48.66 46.36 -65.79
N MET H 123 -47.43 46.28 -66.29
CA MET H 123 -46.65 47.49 -66.55
C MET H 123 -47.35 48.39 -67.57
N ALA H 124 -47.98 47.79 -68.59
CA ALA H 124 -48.68 48.60 -69.59
C ALA H 124 -49.84 49.38 -68.97
N VAL H 125 -50.74 48.69 -68.28
CA VAL H 125 -51.88 49.31 -67.62
C VAL H 125 -51.84 48.92 -66.15
N PRO H 126 -51.71 49.87 -65.22
CA PRO H 126 -51.43 49.51 -63.82
C PRO H 126 -52.65 49.11 -63.01
N ASP H 127 -53.84 49.11 -63.58
CA ASP H 127 -55.07 48.80 -62.84
C ASP H 127 -55.73 47.54 -63.39
N THR H 128 -54.95 46.52 -63.67
CA THR H 128 -55.48 45.27 -64.20
C THR H 128 -55.05 44.10 -63.33
N GLU H 129 -55.98 43.19 -63.06
CA GLU H 129 -55.66 41.96 -62.37
C GLU H 129 -55.19 40.92 -63.39
N THR H 130 -54.18 40.16 -63.02
CA THR H 130 -53.68 39.04 -63.78
C THR H 130 -53.58 37.85 -62.84
N PRO H 131 -53.53 36.63 -63.37
CA PRO H 131 -53.52 35.45 -62.48
C PRO H 131 -52.36 35.40 -61.50
N THR H 132 -51.24 36.07 -61.76
CA THR H 132 -50.08 35.92 -60.90
C THR H 132 -49.58 37.20 -60.24
N PHE H 133 -50.21 38.35 -60.47
CA PHE H 133 -49.62 39.60 -60.02
C PHE H 133 -50.65 40.72 -60.10
N CYS H 134 -50.51 41.70 -59.21
CA CYS H 134 -51.30 42.92 -59.23
C CYS H 134 -50.66 43.93 -58.30
N LEU H 135 -51.16 45.17 -58.33
CA LEU H 135 -50.57 46.27 -57.57
C LEU H 135 -51.54 46.89 -56.57
N HIS H 136 -52.53 46.13 -56.11
CA HIS H 136 -53.52 46.67 -55.19
C HIS H 136 -53.13 46.37 -53.74
N THR H 137 -53.96 46.82 -52.81
CA THR H 137 -53.81 46.51 -51.40
C THR H 137 -54.68 45.31 -51.03
N ASP H 138 -54.63 44.93 -49.76
CA ASP H 138 -55.43 43.81 -49.29
C ASP H 138 -56.92 44.10 -49.38
N VAL H 139 -57.30 45.37 -49.30
CA VAL H 139 -58.70 45.76 -49.35
C VAL H 139 -59.22 45.99 -50.77
N SER H 140 -58.36 46.35 -51.72
CA SER H 140 -58.82 46.73 -53.05
C SER H 140 -58.49 45.71 -54.14
N CYS H 141 -57.97 44.54 -53.79
CA CYS H 141 -57.80 43.47 -54.75
C CYS H 141 -59.13 42.79 -55.04
N ARG H 142 -59.29 42.29 -56.26
CA ARG H 142 -60.56 41.68 -56.69
C ARG H 142 -60.43 40.24 -57.17
N GLN H 143 -59.26 39.63 -57.03
CA GLN H 143 -59.12 38.22 -57.38
C GLN H 143 -59.79 37.36 -56.32
N ARG H 144 -60.47 36.30 -56.75
CA ARG H 144 -61.17 35.38 -55.84
C ARG H 144 -60.33 34.13 -55.63
N ALA H 145 -60.33 33.64 -54.39
CA ALA H 145 -59.50 32.49 -54.02
C ALA H 145 -60.13 31.81 -52.80
N ASP H 146 -59.43 30.83 -52.24
CA ASP H 146 -59.89 30.19 -51.02
C ASP H 146 -58.83 30.00 -49.94
N VAL H 147 -57.59 30.40 -50.17
CA VAL H 147 -56.55 30.40 -49.15
C VAL H 147 -55.81 31.73 -49.19
N ALA H 148 -55.51 32.27 -48.02
CA ALA H 148 -54.68 33.47 -47.88
C ALA H 148 -53.51 33.19 -46.96
N ILE H 149 -52.37 33.82 -47.24
CA ILE H 149 -51.16 33.64 -46.45
C ILE H 149 -50.60 35.01 -46.06
N TYR H 150 -50.17 35.13 -44.81
CA TYR H 150 -49.48 36.31 -44.31
C TYR H 150 -48.13 35.88 -43.75
N GLN H 151 -47.05 36.28 -44.38
CA GLN H 151 -45.71 35.91 -43.94
C GLN H 151 -44.96 37.16 -43.48
N ASP H 152 -44.75 37.27 -42.16
CA ASP H 152 -44.04 38.39 -41.54
C ASP H 152 -44.68 39.74 -41.89
N VAL H 153 -45.99 39.80 -41.74
CA VAL H 153 -46.78 41.00 -42.05
C VAL H 153 -47.28 41.59 -40.74
N TYR H 154 -46.87 42.82 -40.45
CA TYR H 154 -47.21 43.46 -39.20
C TYR H 154 -47.94 44.79 -39.38
N ALA H 155 -48.32 45.13 -40.61
CA ALA H 155 -48.76 46.48 -40.94
C ALA H 155 -50.25 46.63 -41.14
N VAL H 156 -51.06 45.59 -40.92
CA VAL H 156 -52.50 45.69 -41.15
C VAL H 156 -53.26 45.39 -39.85
N HIS H 157 -54.49 45.90 -39.80
CA HIS H 157 -55.42 45.61 -38.72
C HIS H 157 -56.16 44.32 -39.02
N ALA H 158 -55.97 43.31 -38.17
CA ALA H 158 -56.32 41.94 -38.54
C ALA H 158 -57.81 41.72 -38.84
N PRO H 159 -58.77 42.17 -38.04
CA PRO H 159 -60.18 41.86 -38.37
C PRO H 159 -60.70 42.48 -39.65
N THR H 160 -60.32 43.73 -39.96
CA THR H 160 -60.72 44.35 -41.23
C THR H 160 -60.18 43.57 -42.41
N SER H 161 -58.90 43.22 -42.36
CA SER H 161 -58.28 42.46 -43.44
C SER H 161 -58.94 41.10 -43.61
N LEU H 162 -59.19 40.38 -42.52
CA LEU H 162 -59.81 39.06 -42.62
C LEU H 162 -61.24 39.14 -43.17
N TYR H 163 -62.00 40.16 -42.77
CA TYR H 163 -63.34 40.33 -43.32
C TYR H 163 -63.31 40.54 -44.82
N HIS H 164 -62.36 41.37 -45.29
CA HIS H 164 -62.28 41.61 -46.73
C HIS H 164 -61.81 40.37 -47.48
N GLN H 165 -61.04 39.50 -46.85
CA GLN H 165 -60.73 38.23 -47.50
C GLN H 165 -61.95 37.29 -47.50
N ALA H 166 -62.77 37.33 -46.46
CA ALA H 166 -63.89 36.40 -46.34
C ALA H 166 -65.01 36.70 -47.33
N ILE H 167 -65.29 37.98 -47.57
CA ILE H 167 -66.38 38.30 -48.50
C ILE H 167 -66.02 37.94 -49.94
N LYS H 168 -64.82 37.42 -50.16
CA LYS H 168 -64.36 37.00 -51.47
C LYS H 168 -64.22 35.47 -51.58
N GLY H 169 -64.68 34.72 -50.58
CA GLY H 169 -64.68 33.28 -50.66
C GLY H 169 -63.50 32.56 -50.04
N VAL H 170 -62.67 33.22 -49.25
CA VAL H 170 -61.55 32.56 -48.60
C VAL H 170 -62.05 31.86 -47.34
N ARG H 171 -61.62 30.63 -47.14
CA ARG H 171 -62.05 29.83 -45.99
C ARG H 171 -60.94 29.49 -45.01
N LEU H 172 -59.67 29.73 -45.36
CA LEU H 172 -58.55 29.28 -44.54
C LEU H 172 -57.39 30.26 -44.68
N ALA H 173 -56.77 30.64 -43.57
CA ALA H 173 -55.67 31.60 -43.59
C ALA H 173 -54.59 31.19 -42.59
N TYR H 174 -53.35 31.58 -42.89
CA TYR H 174 -52.20 31.30 -42.05
C TYR H 174 -51.41 32.57 -41.77
N TRP H 175 -50.83 32.64 -40.56
CA TRP H 175 -50.02 33.78 -40.14
C TRP H 175 -48.73 33.28 -39.50
N VAL H 176 -47.58 33.80 -39.95
CA VAL H 176 -46.26 33.39 -39.46
C VAL H 176 -45.59 34.61 -38.85
N GLY H 177 -45.08 34.49 -37.62
CA GLY H 177 -44.41 35.64 -37.04
C GLY H 177 -44.00 35.45 -35.59
N PHE H 178 -43.47 36.54 -35.02
CA PHE H 178 -43.05 36.57 -33.62
C PHE H 178 -44.25 36.57 -32.68
N ASP H 179 -44.14 35.83 -31.58
CA ASP H 179 -45.21 35.73 -30.59
C ASP H 179 -45.60 37.09 -30.03
N THR H 180 -46.91 37.33 -29.95
CA THR H 180 -47.46 38.61 -29.53
C THR H 180 -47.69 38.72 -28.03
N THR H 181 -47.39 37.68 -27.25
CA THR H 181 -47.64 37.71 -25.80
C THR H 181 -46.94 38.83 -25.04
N PRO H 182 -45.66 39.14 -25.26
CA PRO H 182 -45.04 40.23 -24.47
C PRO H 182 -45.69 41.60 -24.65
N PHE H 183 -46.37 41.85 -25.76
CA PHE H 183 -47.05 43.12 -25.93
C PHE H 183 -48.41 43.17 -25.26
N MET H 184 -49.00 42.02 -24.94
CA MET H 184 -50.23 42.00 -24.14
C MET H 184 -49.95 42.28 -22.67
N TYR H 185 -48.76 41.92 -22.18
CA TYR H 185 -48.34 42.28 -20.84
C TYR H 185 -47.83 43.71 -20.72
N ASN H 186 -47.67 44.43 -21.84
CA ASN H 186 -47.36 45.87 -21.88
C ASN H 186 -45.94 46.20 -21.34
N ALA H 187 -44.95 45.44 -21.79
CA ALA H 187 -43.57 45.67 -21.37
C ALA H 187 -42.95 46.86 -22.13
N MET H 188 -41.88 47.42 -21.55
CA MET H 188 -41.20 48.54 -22.18
C MET H 188 -40.06 48.13 -23.12
N ALA H 189 -39.39 46.99 -22.90
CA ALA H 189 -38.35 46.50 -23.80
C ALA H 189 -38.23 44.99 -23.64
N GLY H 190 -37.56 44.32 -24.58
CA GLY H 190 -37.43 42.88 -24.45
C GLY H 190 -36.50 42.22 -25.45
N ALA H 191 -36.40 40.88 -25.34
CA ALA H 191 -35.48 40.07 -26.12
C ALA H 191 -36.13 38.77 -26.61
N TYR H 192 -35.73 38.35 -27.82
CA TYR H 192 -35.92 36.97 -28.30
C TYR H 192 -34.53 36.41 -28.55
N PRO H 193 -33.92 35.79 -27.54
CA PRO H 193 -32.47 35.51 -27.58
C PRO H 193 -32.03 34.39 -28.51
N SER H 194 -32.88 33.40 -28.77
CA SER H 194 -32.54 32.35 -29.72
C SER H 194 -32.43 32.87 -31.15
N TYR H 195 -33.03 34.00 -31.46
CA TYR H 195 -33.03 34.54 -32.82
C TYR H 195 -32.16 35.79 -32.95
N SER H 196 -31.32 36.08 -31.96
CA SER H 196 -30.49 37.29 -31.94
C SER H 196 -31.34 38.55 -32.13
N THR H 197 -32.49 38.63 -31.48
CA THR H 197 -33.39 39.75 -31.72
C THR H 197 -33.65 40.53 -30.44
N ASN H 198 -33.62 41.87 -30.54
CA ASN H 198 -33.94 42.73 -29.41
C ASN H 198 -34.90 43.84 -29.83
N TRP H 199 -35.73 44.32 -28.90
CA TRP H 199 -36.68 45.38 -29.23
C TRP H 199 -36.84 46.34 -28.06
N ALA H 200 -37.22 47.58 -28.39
CA ALA H 200 -37.34 48.63 -27.37
C ALA H 200 -38.33 49.72 -27.77
N ASP H 201 -38.97 50.29 -26.75
CA ASP H 201 -39.75 51.51 -26.86
C ASP H 201 -38.86 52.71 -27.20
N GLU H 202 -39.41 53.63 -28.00
CA GLU H 202 -38.63 54.77 -28.47
C GLU H 202 -38.12 55.66 -27.34
N GLN H 203 -38.81 55.69 -26.20
CA GLN H 203 -38.40 56.54 -25.10
C GLN H 203 -37.16 56.06 -24.34
N VAL H 204 -36.70 54.82 -24.54
CA VAL H 204 -35.58 54.32 -23.77
C VAL H 204 -34.38 53.95 -24.65
N LEU H 205 -34.28 54.54 -25.84
CA LEU H 205 -33.16 54.22 -26.72
C LEU H 205 -31.81 54.76 -26.22
N LYS H 206 -31.81 55.65 -25.23
CA LYS H 206 -30.58 56.15 -24.64
C LYS H 206 -30.27 55.52 -23.29
N ALA H 207 -30.68 54.27 -23.07
CA ALA H 207 -30.33 53.53 -21.87
C ALA H 207 -28.90 53.01 -21.97
N LYS H 208 -28.47 52.24 -20.99
CA LYS H 208 -27.10 51.76 -20.91
C LYS H 208 -26.95 50.25 -20.95
N ASN H 209 -27.84 49.48 -20.29
CA ASN H 209 -27.61 48.05 -20.11
C ASN H 209 -28.73 47.15 -20.63
N ILE H 210 -29.51 47.60 -21.61
CA ILE H 210 -30.50 46.71 -22.25
C ILE H 210 -29.94 46.27 -23.61
N GLY H 211 -30.67 45.38 -24.29
CA GLY H 211 -30.17 44.81 -25.53
C GLY H 211 -29.94 45.80 -26.64
N LEU H 212 -30.87 46.72 -26.87
CA LEU H 212 -30.80 47.68 -27.96
C LEU H 212 -30.79 49.10 -27.42
N CYS H 213 -29.62 49.76 -27.38
CA CYS H 213 -29.47 51.08 -26.79
C CYS H 213 -28.07 51.63 -27.08
N SER H 214 -27.85 52.89 -26.71
CA SER H 214 -26.56 53.56 -26.89
C SER H 214 -26.51 54.84 -26.05
N THR H 215 -25.38 55.07 -25.37
CA THR H 215 -25.21 56.25 -24.53
C THR H 215 -23.73 56.67 -24.51
N ASP H 216 -23.40 57.70 -23.73
CA ASP H 216 -22.04 58.25 -23.73
C ASP H 216 -21.57 58.60 -22.31
N LEU H 217 -20.28 58.90 -22.20
CA LEU H 217 -19.63 59.19 -20.92
C LEU H 217 -19.91 60.61 -20.44
N THR H 218 -20.05 60.77 -19.12
CA THR H 218 -20.29 62.07 -18.51
C THR H 218 -19.68 62.11 -17.11
N GLU H 219 -19.45 63.34 -16.62
CA GLU H 219 -18.99 63.51 -15.25
C GLU H 219 -20.12 63.81 -14.25
N GLY H 220 -21.33 64.07 -14.72
CA GLY H 220 -22.43 64.16 -13.77
C GLY H 220 -22.73 65.52 -13.15
N ARG H 221 -23.10 66.50 -13.96
CA ARG H 221 -23.55 67.78 -13.43
C ARG H 221 -24.89 67.63 -12.71
N ARG H 222 -25.05 68.39 -11.62
CA ARG H 222 -26.29 68.33 -10.85
C ARG H 222 -27.36 69.28 -11.36
N GLY H 223 -27.05 70.18 -12.28
CA GLY H 223 -28.04 71.17 -12.64
C GLY H 223 -29.19 70.65 -13.48
N LYS H 224 -28.92 70.42 -14.76
CA LYS H 224 -29.91 69.96 -15.74
C LYS H 224 -31.30 70.55 -15.48
N LEU H 225 -31.33 71.85 -15.23
CA LEU H 225 -32.56 72.51 -14.79
C LEU H 225 -33.47 72.72 -15.99
N SER H 226 -34.52 71.90 -16.08
CA SER H 226 -35.54 72.03 -17.11
C SER H 226 -36.90 72.16 -16.43
N ILE H 227 -37.67 73.16 -16.86
CA ILE H 227 -38.98 73.42 -16.28
C ILE H 227 -40.03 72.43 -16.77
N MET H 228 -39.80 71.78 -17.91
CA MET H 228 -40.77 70.86 -18.49
C MET H 228 -40.85 69.61 -17.62
N ARG H 229 -41.95 69.48 -16.88
CA ARG H 229 -42.15 68.36 -15.95
C ARG H 229 -42.64 67.14 -16.72
N GLY H 230 -41.79 66.12 -16.82
CA GLY H 230 -42.21 64.89 -17.44
C GLY H 230 -43.09 64.08 -16.51
N LYS H 231 -42.49 63.55 -15.45
CA LYS H 231 -43.19 63.00 -14.30
C LYS H 231 -43.95 61.70 -14.54
N LYS H 232 -43.97 61.19 -15.77
CA LYS H 232 -44.49 59.84 -15.99
C LYS H 232 -43.71 59.19 -17.12
N LEU H 233 -43.37 57.91 -16.93
CA LEU H 233 -42.70 57.10 -17.92
C LEU H 233 -43.59 55.90 -18.21
N GLU H 234 -44.36 55.97 -19.28
CA GLU H 234 -45.30 54.94 -19.68
C GLU H 234 -45.03 54.54 -21.11
N PRO H 235 -45.37 53.30 -21.48
CA PRO H 235 -45.21 52.87 -22.88
C PRO H 235 -46.02 53.72 -23.86
N CYS H 236 -45.46 53.92 -25.04
CA CYS H 236 -46.10 54.64 -26.14
C CYS H 236 -46.16 53.75 -27.37
N ASP H 237 -46.83 54.22 -28.41
CA ASP H 237 -47.18 53.38 -29.55
C ASP H 237 -45.97 52.96 -30.40
N ARG H 238 -44.91 53.76 -30.41
CA ARG H 238 -43.81 53.52 -31.34
C ARG H 238 -42.78 52.56 -30.76
N VAL H 239 -42.44 51.51 -31.51
CA VAL H 239 -41.47 50.52 -31.06
C VAL H 239 -40.47 50.23 -32.17
N LEU H 240 -39.24 49.90 -31.79
CA LEU H 240 -38.17 49.55 -32.75
C LEU H 240 -37.70 48.11 -32.51
N PHE H 241 -37.59 47.34 -33.60
CA PHE H 241 -37.17 45.95 -33.63
C PHE H 241 -35.82 45.82 -34.33
N SER H 242 -34.93 44.99 -33.81
CA SER H 242 -33.66 44.70 -34.46
C SER H 242 -33.47 43.18 -34.56
N VAL H 243 -33.47 42.68 -35.80
CA VAL H 243 -33.30 41.27 -36.11
C VAL H 243 -31.92 41.10 -36.75
N GLY H 244 -30.98 40.52 -36.00
CA GLY H 244 -29.59 40.60 -36.39
C GLY H 244 -29.11 42.04 -36.44
N SER H 245 -28.87 42.57 -37.63
CA SER H 245 -28.59 43.99 -37.79
C SER H 245 -29.62 44.69 -38.69
N THR H 246 -30.75 44.05 -38.97
CA THR H 246 -31.81 44.66 -39.77
C THR H 246 -32.83 45.35 -38.85
N LEU H 247 -33.16 46.60 -39.16
CA LEU H 247 -34.04 47.42 -38.34
C LEU H 247 -35.45 47.49 -38.91
N TYR H 248 -36.46 47.37 -38.03
CA TYR H 248 -37.88 47.52 -38.41
C TYR H 248 -38.66 48.32 -37.38
N PRO H 249 -39.32 49.40 -37.76
CA PRO H 249 -40.23 50.09 -36.84
C PRO H 249 -41.62 49.47 -36.85
N GLU H 250 -42.30 49.54 -35.69
CA GLU H 250 -43.62 48.92 -35.52
C GLU H 250 -44.53 49.74 -34.61
N SER H 251 -45.81 49.41 -34.67
CA SER H 251 -46.88 50.05 -33.91
C SER H 251 -47.50 49.05 -32.94
N ARG H 252 -47.73 49.48 -31.69
CA ARG H 252 -48.25 48.57 -30.65
C ARG H 252 -49.68 48.14 -30.94
N LYS H 253 -50.51 49.04 -31.49
CA LYS H 253 -51.90 48.71 -31.76
C LYS H 253 -52.02 47.58 -32.78
N LEU H 254 -51.28 47.68 -33.88
CA LEU H 254 -51.37 46.67 -34.92
C LEU H 254 -50.82 45.33 -34.46
N LEU H 255 -49.77 45.35 -33.63
CA LEU H 255 -49.25 44.10 -33.07
C LEU H 255 -50.28 43.44 -32.16
N LYS H 256 -50.92 44.22 -31.29
CA LYS H 256 -51.93 43.65 -30.41
C LYS H 256 -53.12 43.09 -31.19
N SER H 257 -53.45 43.67 -32.33
CA SER H 257 -54.63 43.21 -33.05
C SER H 257 -54.52 41.78 -33.57
N TRP H 258 -53.32 41.19 -33.64
CA TRP H 258 -53.18 39.81 -34.08
C TRP H 258 -53.20 38.79 -32.94
N HIS H 259 -53.40 39.22 -31.69
CA HIS H 259 -53.54 38.32 -30.54
C HIS H 259 -55.02 37.98 -30.39
N LEU H 260 -55.48 37.07 -31.22
CA LEU H 260 -56.90 36.80 -31.43
C LEU H 260 -57.43 35.73 -30.46
N PRO H 261 -58.70 35.84 -30.06
CA PRO H 261 -59.29 34.82 -29.18
C PRO H 261 -59.66 33.56 -29.95
N SER H 262 -59.99 32.52 -29.19
CA SER H 262 -60.22 31.22 -29.81
C SER H 262 -61.50 31.17 -30.65
N VAL H 263 -62.49 32.02 -30.36
CA VAL H 263 -63.73 32.10 -31.13
C VAL H 263 -64.12 33.57 -31.30
N PHE H 264 -64.51 33.96 -32.52
CA PHE H 264 -65.02 35.33 -32.69
C PHE H 264 -65.99 35.42 -33.87
N HIS H 265 -66.74 36.51 -33.90
CA HIS H 265 -67.78 36.78 -34.90
C HIS H 265 -67.46 38.03 -35.71
N LEU H 266 -67.64 37.95 -37.03
CA LEU H 266 -67.49 39.11 -37.92
C LEU H 266 -68.87 39.45 -38.49
N LYS H 267 -69.40 40.60 -38.11
CA LYS H 267 -70.80 40.96 -38.38
C LYS H 267 -70.88 42.21 -39.25
N GLY H 268 -71.04 42.03 -40.55
CA GLY H 268 -71.22 43.13 -41.47
C GLY H 268 -72.46 42.95 -42.31
N LYS H 269 -72.33 43.24 -43.60
CA LYS H 269 -73.40 42.94 -44.55
C LYS H 269 -73.64 41.43 -44.62
N LEU H 270 -72.56 40.66 -44.63
CA LEU H 270 -72.58 39.22 -44.41
C LEU H 270 -71.93 38.93 -43.06
N SER H 271 -72.15 37.72 -42.55
CA SER H 271 -71.70 37.36 -41.22
C SER H 271 -70.87 36.08 -41.26
N PHE H 272 -69.91 35.99 -40.36
CA PHE H 272 -69.01 34.84 -40.31
C PHE H 272 -68.66 34.49 -38.88
N THR H 273 -68.33 33.21 -38.67
CA THR H 273 -67.89 32.66 -37.38
C THR H 273 -66.50 32.08 -37.57
N CYS H 274 -65.54 32.48 -36.71
CA CYS H 274 -64.13 32.19 -36.95
C CYS H 274 -63.43 31.64 -35.71
N ARG H 275 -62.38 30.85 -35.95
CA ARG H 275 -61.54 30.25 -34.92
C ARG H 275 -60.06 30.48 -35.22
N CYS H 276 -59.24 30.51 -34.16
CA CYS H 276 -57.79 30.69 -34.29
C CYS H 276 -57.05 29.75 -33.34
N ASP H 277 -56.16 28.91 -33.90
CA ASP H 277 -55.36 27.95 -33.15
C ASP H 277 -53.88 28.17 -33.45
N THR H 278 -53.02 27.79 -32.49
CA THR H 278 -51.57 27.83 -32.66
C THR H 278 -51.04 26.43 -32.95
N VAL H 279 -50.43 26.24 -34.11
CA VAL H 279 -50.03 24.91 -34.54
C VAL H 279 -48.52 24.66 -34.52
N VAL H 280 -47.69 25.70 -34.51
CA VAL H 280 -46.25 25.56 -34.32
C VAL H 280 -45.78 26.67 -33.39
N SER H 281 -44.89 26.32 -32.46
CA SER H 281 -44.35 27.26 -31.48
C SER H 281 -42.93 26.86 -31.12
N CYS H 282 -41.94 27.72 -31.40
CA CYS H 282 -40.53 27.39 -31.19
C CYS H 282 -39.79 28.62 -30.65
N GLU H 283 -39.55 28.63 -29.34
CA GLU H 283 -38.72 29.62 -28.66
C GLU H 283 -39.08 31.07 -29.00
N GLY H 284 -40.36 31.34 -29.21
CA GLY H 284 -40.82 32.67 -29.51
C GLY H 284 -41.23 32.95 -30.94
N TYR H 285 -41.18 31.96 -31.83
CA TYR H 285 -41.68 32.08 -33.20
C TYR H 285 -42.88 31.16 -33.38
N VAL H 286 -43.97 31.64 -34.02
CA VAL H 286 -45.21 30.85 -34.10
C VAL H 286 -45.83 30.86 -35.50
N VAL H 287 -46.68 29.84 -35.71
CA VAL H 287 -47.57 29.71 -36.87
C VAL H 287 -49.00 29.57 -36.38
N LYS H 288 -49.91 30.40 -36.89
CA LYS H 288 -51.32 30.39 -36.53
C LYS H 288 -52.20 30.04 -37.72
N ARG H 289 -53.22 29.20 -37.48
CA ARG H 289 -54.19 28.77 -38.50
C ARG H 289 -55.58 29.29 -38.15
N ILE H 290 -56.26 29.88 -39.14
CA ILE H 290 -57.56 30.54 -38.93
C ILE H 290 -58.56 30.01 -39.94
N THR H 291 -59.76 29.65 -39.48
CA THR H 291 -60.85 29.19 -40.33
C THR H 291 -62.05 30.12 -40.20
N MET H 292 -62.80 30.29 -41.30
CA MET H 292 -63.96 31.17 -41.31
C MET H 292 -65.13 30.49 -42.02
N SER H 293 -66.35 30.68 -41.49
CA SER H 293 -67.57 30.03 -41.98
C SER H 293 -68.74 31.00 -42.05
N PRO H 294 -69.60 30.88 -43.06
CA PRO H 294 -70.73 31.82 -43.19
C PRO H 294 -71.82 31.51 -42.18
N GLY H 295 -72.38 32.57 -41.61
CA GLY H 295 -73.43 32.46 -40.61
C GLY H 295 -72.89 32.60 -39.20
N LEU H 296 -73.82 32.70 -38.25
CA LEU H 296 -73.50 32.87 -36.84
C LEU H 296 -73.88 31.64 -36.04
N TYR H 297 -72.93 31.09 -35.29
CA TYR H 297 -73.13 29.90 -34.46
C TYR H 297 -72.41 30.03 -33.13
N GLY H 298 -72.99 29.47 -32.08
CA GLY H 298 -72.34 29.41 -30.79
C GLY H 298 -72.36 30.74 -30.06
N LYS H 299 -71.43 30.87 -29.10
CA LYS H 299 -71.24 32.12 -28.40
C LYS H 299 -69.77 32.30 -28.04
N THR H 300 -69.40 33.52 -27.72
CA THR H 300 -68.02 33.91 -27.47
C THR H 300 -67.82 34.21 -25.99
N THR H 301 -66.58 33.99 -25.52
CA THR H 301 -66.19 34.39 -24.18
C THR H 301 -65.24 35.58 -24.15
N GLY H 302 -64.41 35.74 -25.16
CA GLY H 302 -63.44 36.81 -25.16
C GLY H 302 -62.14 36.54 -24.45
N TYR H 303 -61.69 35.28 -24.40
CA TYR H 303 -60.45 34.91 -23.73
C TYR H 303 -59.46 34.33 -24.73
N ALA H 304 -58.19 34.69 -24.56
CA ALA H 304 -57.08 34.18 -25.37
C ALA H 304 -56.05 33.52 -24.46
N VAL H 305 -55.54 32.36 -24.89
CA VAL H 305 -54.68 31.51 -24.07
C VAL H 305 -53.34 31.28 -24.75
N THR H 306 -52.26 31.31 -23.97
CA THR H 306 -50.93 30.95 -24.43
C THR H 306 -50.38 29.82 -23.57
N HIS H 307 -49.81 28.79 -24.22
CA HIS H 307 -49.16 27.69 -23.54
C HIS H 307 -47.65 27.88 -23.53
N HIS H 308 -47.02 27.77 -22.36
CA HIS H 308 -45.59 28.04 -22.18
C HIS H 308 -44.82 26.73 -22.13
N ALA H 309 -44.03 26.44 -23.16
CA ALA H 309 -43.14 25.28 -23.13
C ALA H 309 -41.79 25.60 -22.48
N ASP H 310 -41.26 26.80 -22.69
CA ASP H 310 -40.14 27.33 -21.93
C ASP H 310 -40.65 28.37 -20.94
N GLY H 311 -39.79 28.78 -20.01
CA GLY H 311 -40.20 29.76 -19.02
C GLY H 311 -40.28 31.17 -19.59
N PHE H 312 -41.23 31.95 -19.08
CA PHE H 312 -41.41 33.34 -19.50
C PHE H 312 -41.34 34.26 -18.28
N LEU H 313 -40.60 35.37 -18.41
CA LEU H 313 -40.30 36.26 -17.29
C LEU H 313 -40.58 37.71 -17.63
N MET H 314 -41.16 38.44 -16.67
CA MET H 314 -41.30 39.90 -16.74
C MET H 314 -40.95 40.51 -15.40
N CYS H 315 -40.13 41.56 -15.40
CA CYS H 315 -39.62 42.10 -14.15
C CYS H 315 -39.27 43.58 -14.24
N LYS H 316 -39.13 44.18 -13.07
CA LYS H 316 -38.78 45.59 -12.91
C LYS H 316 -37.28 45.77 -12.78
N THR H 317 -36.72 46.73 -13.51
CA THR H 317 -35.28 46.98 -13.51
C THR H 317 -35.01 48.48 -13.41
N THR H 318 -33.81 48.81 -12.93
CA THR H 318 -33.35 50.18 -12.72
C THR H 318 -32.16 50.47 -13.62
N ASP H 319 -32.19 51.62 -14.32
CA ASP H 319 -31.15 51.98 -15.26
C ASP H 319 -30.98 53.50 -15.27
N THR H 320 -30.07 54.00 -16.11
CA THR H 320 -29.97 55.43 -16.39
C THR H 320 -30.31 55.67 -17.85
N VAL H 321 -31.16 56.65 -18.11
CA VAL H 321 -31.54 57.05 -19.45
C VAL H 321 -31.08 58.48 -19.65
N ASP H 322 -30.17 58.67 -20.60
CA ASP H 322 -29.53 59.96 -20.84
C ASP H 322 -28.94 60.54 -19.54
N GLY H 323 -28.49 59.66 -18.64
CA GLY H 323 -27.90 60.07 -17.39
C GLY H 323 -28.84 60.16 -16.20
N GLU H 324 -30.14 60.02 -16.39
CA GLU H 324 -31.11 60.13 -15.28
C GLU H 324 -31.59 58.74 -14.87
N ARG H 325 -31.57 58.47 -13.56
CA ARG H 325 -31.88 57.15 -13.04
C ARG H 325 -33.39 56.92 -12.96
N VAL H 326 -33.87 55.81 -13.54
CA VAL H 326 -35.30 55.48 -13.62
C VAL H 326 -35.50 53.97 -13.48
N SER H 327 -36.77 53.56 -13.40
CA SER H 327 -37.19 52.15 -13.33
C SER H 327 -38.25 51.85 -14.38
N PHE H 328 -38.19 50.66 -14.98
CA PHE H 328 -39.20 50.22 -15.95
C PHE H 328 -39.13 48.70 -16.12
N SER H 329 -40.04 48.15 -16.93
CA SER H 329 -40.23 46.71 -17.02
C SER H 329 -39.63 46.08 -18.28
N VAL H 330 -39.14 44.85 -18.14
CA VAL H 330 -38.37 44.13 -19.16
C VAL H 330 -38.81 42.66 -19.16
N CYS H 331 -38.85 42.02 -20.35
CA CYS H 331 -39.31 40.64 -20.47
C CYS H 331 -38.33 39.76 -21.27
N THR H 332 -38.33 38.46 -20.98
CA THR H 332 -37.47 37.52 -21.70
C THR H 332 -37.95 36.06 -21.55
N TYR H 333 -37.28 35.15 -22.28
CA TYR H 333 -37.53 33.71 -22.29
C TYR H 333 -36.36 32.94 -21.70
N VAL H 334 -36.64 31.85 -21.00
CA VAL H 334 -35.63 31.04 -20.30
C VAL H 334 -35.79 29.56 -20.63
N PRO H 335 -34.72 28.83 -20.94
CA PRO H 335 -34.86 27.41 -21.30
C PRO H 335 -35.34 26.53 -20.14
N ALA H 336 -36.04 25.45 -20.50
CA ALA H 336 -36.77 24.64 -19.53
C ALA H 336 -35.85 23.90 -18.57
N THR H 337 -34.70 23.40 -19.04
CA THR H 337 -33.81 22.65 -18.15
C THR H 337 -33.26 23.52 -17.03
N ILE H 338 -32.92 24.78 -17.32
CA ILE H 338 -32.43 25.70 -16.30
C ILE H 338 -33.52 25.99 -15.26
N CYS H 339 -34.75 26.22 -15.72
CA CYS H 339 -35.88 26.41 -14.83
C CYS H 339 -36.07 25.21 -13.91
N ASP H 340 -35.98 23.99 -14.46
CA ASP H 340 -36.11 22.80 -13.64
C ASP H 340 -34.97 22.69 -12.62
N GLN H 341 -33.77 23.09 -13.00
CA GLN H 341 -32.64 22.97 -12.09
C GLN H 341 -32.62 24.05 -11.01
N MET H 342 -33.44 25.10 -11.11
CA MET H 342 -33.50 26.10 -10.04
C MET H 342 -34.58 25.83 -8.98
N THR H 343 -35.34 24.73 -9.08
CA THR H 343 -36.50 24.54 -8.21
C THR H 343 -36.11 24.46 -6.73
N GLY H 344 -35.04 23.76 -6.41
CA GLY H 344 -34.62 23.63 -5.02
C GLY H 344 -34.11 24.92 -4.40
N ILE H 345 -33.34 25.70 -5.17
CA ILE H 345 -32.74 26.93 -4.64
C ILE H 345 -33.80 27.93 -4.22
N LEU H 346 -34.89 28.04 -4.98
CA LEU H 346 -35.87 29.09 -4.76
C LEU H 346 -36.79 28.83 -3.58
N ALA H 347 -36.60 27.74 -2.83
CA ALA H 347 -37.38 27.52 -1.62
C ALA H 347 -37.01 28.48 -0.51
N THR H 348 -35.80 29.01 -0.52
CA THR H 348 -35.33 29.97 0.48
C THR H 348 -35.13 31.34 -0.15
N GLU H 349 -34.68 32.28 0.66
CA GLU H 349 -34.32 33.61 0.18
C GLU H 349 -32.86 33.61 -0.25
N VAL H 350 -32.61 34.10 -1.45
CA VAL H 350 -31.29 34.10 -2.06
C VAL H 350 -30.99 35.50 -2.56
N THR H 351 -29.76 35.96 -2.37
CA THR H 351 -29.35 37.27 -2.88
C THR H 351 -29.13 37.22 -4.39
N PRO H 352 -29.20 38.37 -5.06
CA PRO H 352 -28.90 38.38 -6.51
C PRO H 352 -27.51 37.89 -6.90
N GLU H 353 -26.48 38.20 -6.10
CA GLU H 353 -25.13 37.79 -6.43
C GLU H 353 -24.97 36.27 -6.38
N ASP H 354 -25.54 35.63 -5.36
CA ASP H 354 -25.49 34.18 -5.24
C ASP H 354 -26.27 33.51 -6.36
N ALA H 355 -27.43 34.07 -6.73
CA ALA H 355 -28.18 33.55 -7.85
C ALA H 355 -27.38 33.64 -9.14
N GLN H 356 -26.67 34.74 -9.35
CA GLN H 356 -25.86 34.89 -10.54
C GLN H 356 -24.74 33.85 -10.61
N LYS H 357 -24.08 33.59 -9.48
CA LYS H 357 -23.05 32.56 -9.47
C LYS H 357 -23.61 31.17 -9.74
N LEU H 358 -24.78 30.85 -9.16
CA LEU H 358 -25.39 29.56 -9.45
C LEU H 358 -25.78 29.40 -10.92
N LEU H 359 -26.33 30.46 -11.52
CA LEU H 359 -26.72 30.39 -12.93
C LEU H 359 -25.51 30.23 -13.84
N VAL H 360 -24.41 30.93 -13.54
CA VAL H 360 -23.20 30.75 -14.33
C VAL H 360 -22.70 29.31 -14.21
N GLY H 361 -22.76 28.75 -13.00
CA GLY H 361 -22.37 27.36 -12.83
C GLY H 361 -23.21 26.39 -13.64
N LEU H 362 -24.53 26.59 -13.66
CA LEU H 362 -25.40 25.71 -14.43
C LEU H 362 -25.21 25.87 -15.93
N ASN H 363 -24.97 27.10 -16.39
CA ASN H 363 -24.96 27.37 -17.82
C ASN H 363 -23.75 26.79 -18.51
N GLN H 364 -22.57 26.98 -17.93
CA GLN H 364 -21.32 26.71 -18.63
C GLN H 364 -20.79 25.33 -18.20
N ARG H 365 -21.50 24.32 -18.66
CA ARG H 365 -21.19 22.94 -18.30
C ARG H 365 -21.73 21.98 -19.35
N THR H 376 -19.46 25.50 -24.26
CA THR H 376 -20.88 25.39 -24.59
C THR H 376 -21.71 26.28 -23.68
N ASN H 377 -22.80 26.83 -24.23
CA ASN H 377 -23.67 27.74 -23.50
C ASN H 377 -25.11 27.35 -23.78
N THR H 378 -25.89 27.08 -22.73
CA THR H 378 -27.31 26.81 -22.91
C THR H 378 -28.09 28.09 -23.19
N MET H 379 -27.80 29.17 -22.49
CA MET H 379 -28.47 30.45 -22.70
C MET H 379 -27.43 31.55 -22.88
N LYS H 380 -27.84 32.65 -23.52
CA LYS H 380 -26.95 33.76 -23.80
C LYS H 380 -26.58 34.51 -22.53
N ASN H 381 -25.30 34.90 -22.42
CA ASN H 381 -24.78 35.42 -21.16
C ASN H 381 -25.27 36.84 -20.86
N TYR H 382 -25.53 37.67 -21.87
CA TYR H 382 -25.89 39.06 -21.61
C TYR H 382 -27.23 39.21 -20.90
N MET H 383 -28.07 38.18 -20.87
CA MET H 383 -29.30 38.23 -20.10
C MET H 383 -29.18 37.70 -18.67
N ILE H 384 -28.05 37.09 -18.31
CA ILE H 384 -27.95 36.45 -16.99
C ILE H 384 -28.12 37.41 -15.82
N PRO H 385 -27.54 38.62 -15.80
CA PRO H 385 -27.76 39.50 -14.63
C PRO H 385 -29.21 39.89 -14.38
N VAL H 386 -30.01 40.15 -15.41
CA VAL H 386 -31.40 40.52 -15.17
C VAL H 386 -32.22 39.32 -14.67
N VAL H 387 -32.00 38.13 -15.22
CA VAL H 387 -32.70 36.93 -14.76
C VAL H 387 -32.38 36.66 -13.30
N ALA H 388 -31.11 36.74 -12.92
CA ALA H 388 -30.72 36.54 -11.52
C ALA H 388 -31.46 37.49 -10.60
N GLN H 389 -31.69 38.73 -11.04
CA GLN H 389 -32.41 39.65 -10.18
C GLN H 389 -33.87 39.24 -10.05
N ALA H 390 -34.50 38.84 -11.16
CA ALA H 390 -35.93 38.51 -11.13
C ALA H 390 -36.19 37.32 -10.21
N PHE H 391 -35.41 36.24 -10.37
CA PHE H 391 -35.56 35.06 -9.51
C PHE H 391 -35.43 35.43 -8.05
N SER H 392 -34.55 36.39 -7.73
CA SER H 392 -34.35 36.73 -6.34
C SER H 392 -35.57 37.42 -5.76
N LYS H 393 -36.26 38.25 -6.54
CA LYS H 393 -37.43 38.94 -6.01
C LYS H 393 -38.62 38.00 -5.88
N TRP H 394 -38.82 37.13 -6.87
CA TRP H 394 -39.91 36.16 -6.82
C TRP H 394 -39.83 35.31 -5.56
N ALA H 395 -38.65 34.75 -5.29
CA ALA H 395 -38.47 33.93 -4.10
C ALA H 395 -38.82 34.70 -2.84
N LYS H 396 -38.51 36.00 -2.80
CA LYS H 396 -38.84 36.77 -1.62
C LYS H 396 -40.35 36.92 -1.46
N GLU H 397 -41.04 37.24 -2.56
CA GLU H 397 -42.47 37.53 -2.46
C GLU H 397 -43.24 36.30 -2.00
N CYS H 398 -42.87 35.12 -2.48
CA CYS H 398 -43.51 33.88 -2.03
C CYS H 398 -43.46 33.75 -0.52
N ARG H 399 -42.30 34.03 0.09
CA ARG H 399 -42.20 33.90 1.54
C ARG H 399 -43.18 34.83 2.24
N LYS H 400 -43.35 36.04 1.72
CA LYS H 400 -44.25 36.97 2.38
C LYS H 400 -45.69 36.48 2.36
N ASP H 401 -46.07 35.72 1.32
CA ASP H 401 -47.41 35.15 1.31
C ASP H 401 -47.55 34.08 2.38
N MET H 402 -46.48 33.30 2.60
CA MET H 402 -46.60 32.18 3.53
C MET H 402 -46.68 32.63 4.98
N GLU H 403 -46.20 33.83 5.30
CA GLU H 403 -46.18 34.32 6.66
C GLU H 403 -47.39 35.19 7.00
N ASP H 404 -48.28 35.45 6.05
CA ASP H 404 -49.50 36.22 6.30
C ASP H 404 -50.69 35.44 5.75
N GLU H 405 -51.15 34.46 6.52
CA GLU H 405 -52.28 33.62 6.14
C GLU H 405 -53.60 34.34 6.41
N LYS H 406 -54.60 34.05 5.59
CA LYS H 406 -55.94 34.55 5.75
C LYS H 406 -56.89 33.41 6.12
N LEU H 407 -58.16 33.74 6.34
CA LEU H 407 -59.17 32.74 6.62
C LEU H 407 -59.84 32.28 5.34
N LEU H 408 -60.17 31.00 5.27
CA LEU H 408 -60.79 30.43 4.08
C LEU H 408 -62.14 31.06 3.81
N GLY H 409 -62.39 31.37 2.54
CA GLY H 409 -63.69 31.82 2.10
C GLY H 409 -64.04 33.26 2.45
N VAL H 410 -63.04 34.09 2.74
CA VAL H 410 -63.28 35.41 3.31
C VAL H 410 -62.36 36.41 2.65
N ARG H 411 -62.88 37.61 2.41
CA ARG H 411 -62.16 38.69 1.73
C ARG H 411 -62.33 39.95 2.57
N GLU H 412 -61.40 40.20 3.50
CA GLU H 412 -61.55 41.31 4.42
C GLU H 412 -61.30 42.64 3.71
N ARG H 413 -62.13 43.64 4.02
CA ARG H 413 -62.02 44.96 3.39
C ARG H 413 -62.29 46.06 4.41
N THR H 414 -61.72 45.92 5.60
CA THR H 414 -61.92 46.90 6.67
C THR H 414 -61.33 48.27 6.31
N TRP H 421 -62.89 50.89 5.68
CA TRP H 421 -63.69 50.25 4.65
C TRP H 421 -62.91 50.13 3.34
N ALA H 422 -61.61 49.87 3.44
CA ALA H 422 -60.76 49.78 2.27
C ALA H 422 -59.78 48.63 2.42
N PHE H 423 -59.29 48.14 1.29
CA PHE H 423 -58.28 47.10 1.24
C PHE H 423 -57.05 47.62 0.51
N LYS H 424 -55.89 47.09 0.88
CA LYS H 424 -54.63 47.50 0.30
C LYS H 424 -54.16 46.51 -0.77
N LYS H 425 -53.43 47.03 -1.74
CA LYS H 425 -52.77 46.20 -2.74
C LYS H 425 -51.33 45.97 -2.33
N GLN H 426 -50.86 44.75 -2.52
CA GLN H 426 -49.48 44.42 -2.29
C GLN H 426 -48.65 44.75 -3.52
N LYS H 427 -47.35 45.00 -3.30
CA LYS H 427 -46.46 45.29 -4.41
C LYS H 427 -45.98 44.01 -5.08
N THR H 428 -45.93 44.05 -6.41
CA THR H 428 -45.48 42.92 -7.22
C THR H 428 -44.41 43.40 -8.19
N HIS H 429 -43.22 42.81 -8.10
CA HIS H 429 -42.12 43.20 -8.97
C HIS H 429 -41.72 42.15 -9.99
N THR H 430 -42.27 40.94 -9.94
CA THR H 430 -41.92 39.88 -10.89
C THR H 430 -43.15 39.07 -11.25
N VAL H 431 -43.34 38.77 -12.53
CA VAL H 431 -44.25 37.71 -12.95
C VAL H 431 -43.43 36.63 -13.66
N TYR H 432 -43.68 35.38 -13.29
CA TYR H 432 -42.88 34.25 -13.73
C TYR H 432 -43.82 33.11 -14.13
N LYS H 433 -43.92 32.83 -15.43
CA LYS H 433 -44.73 31.72 -15.93
C LYS H 433 -43.79 30.54 -16.18
N ARG H 434 -43.96 29.48 -15.38
CA ARG H 434 -43.14 28.29 -15.43
C ARG H 434 -43.53 27.37 -16.58
N PRO H 435 -42.63 26.47 -16.99
CA PRO H 435 -42.99 25.48 -18.01
C PRO H 435 -44.21 24.66 -17.61
N ASP H 436 -45.09 24.45 -18.60
CA ASP H 436 -46.37 23.75 -18.50
C ASP H 436 -47.46 24.56 -17.79
N THR H 437 -47.37 25.87 -17.74
CA THR H 437 -48.47 26.71 -17.29
C THR H 437 -49.05 27.47 -18.49
N GLN H 438 -50.12 28.22 -18.25
CA GLN H 438 -50.85 28.91 -19.32
C GLN H 438 -51.22 30.33 -18.92
N SER H 439 -51.02 31.28 -19.83
CA SER H 439 -51.51 32.64 -19.68
C SER H 439 -52.89 32.78 -20.31
N ILE H 440 -53.71 33.68 -19.75
CA ILE H 440 -55.07 33.91 -20.23
C ILE H 440 -55.42 35.39 -20.11
N GLN H 441 -55.83 36.01 -21.23
CA GLN H 441 -56.13 37.45 -21.28
C GLN H 441 -57.47 37.70 -21.94
N LYS H 442 -58.11 38.80 -21.55
CA LYS H 442 -59.44 39.16 -22.03
C LYS H 442 -59.34 40.17 -23.17
N VAL H 443 -59.88 39.83 -24.34
CA VAL H 443 -59.82 40.68 -25.53
C VAL H 443 -61.20 40.77 -26.18
N GLN H 444 -61.29 41.63 -27.20
CA GLN H 444 -62.54 41.83 -27.93
C GLN H 444 -62.83 40.65 -28.84
N ALA H 445 -64.11 40.27 -28.93
CA ALA H 445 -64.50 39.12 -29.72
C ALA H 445 -65.69 39.35 -30.66
N GLU H 446 -66.30 40.54 -30.63
CA GLU H 446 -67.39 40.89 -31.55
C GLU H 446 -66.99 42.11 -32.35
N PHE H 447 -66.92 41.96 -33.67
CA PHE H 447 -66.49 43.03 -34.57
C PHE H 447 -67.58 43.35 -35.57
N ASP H 448 -68.01 44.60 -35.61
CA ASP H 448 -69.01 45.03 -36.58
C ASP H 448 -68.54 46.15 -37.49
N SER H 449 -67.54 46.92 -37.11
CA SER H 449 -67.14 48.11 -37.86
C SER H 449 -65.98 47.76 -38.79
N PHE H 450 -66.16 48.02 -40.08
CA PHE H 450 -65.13 47.82 -41.08
C PHE H 450 -65.20 48.99 -42.06
N VAL H 451 -64.22 49.87 -42.02
CA VAL H 451 -64.17 50.99 -42.96
C VAL H 451 -62.81 51.04 -43.65
N TRP H 456 -58.16 54.87 -54.31
CA TRP H 456 -56.98 54.10 -54.67
C TRP H 456 -56.23 54.73 -55.84
N SER H 457 -54.93 54.90 -55.67
CA SER H 457 -54.03 55.29 -56.76
C SER H 457 -52.81 54.37 -56.72
N SER H 458 -52.18 54.19 -57.89
CA SER H 458 -51.21 53.11 -58.06
C SER H 458 -50.01 53.28 -57.13
N GLY H 459 -49.38 54.45 -57.15
CA GLY H 459 -48.18 54.68 -56.37
C GLY H 459 -46.89 54.36 -57.08
N LEU H 460 -46.94 53.74 -58.25
CA LEU H 460 -45.77 53.51 -59.08
C LEU H 460 -45.37 54.80 -59.80
N SER H 461 -44.18 54.82 -60.37
CA SER H 461 -43.64 55.99 -61.03
C SER H 461 -43.12 55.64 -62.41
N ILE H 462 -43.07 56.65 -63.28
CA ILE H 462 -42.70 56.42 -64.68
C ILE H 462 -41.27 55.90 -64.84
N PRO H 463 -40.25 56.48 -64.18
CA PRO H 463 -38.89 55.95 -64.37
C PRO H 463 -38.74 54.49 -63.94
N LEU H 464 -39.39 54.08 -62.85
CA LEU H 464 -39.31 52.69 -62.43
C LEU H 464 -40.00 51.77 -63.42
N ARG H 465 -41.15 52.19 -63.95
CA ARG H 465 -41.82 51.42 -64.97
C ARG H 465 -40.95 51.26 -66.21
N THR H 466 -40.27 52.33 -66.60
CA THR H 466 -39.36 52.26 -67.74
C THR H 466 -38.20 51.32 -67.48
N ARG H 467 -37.65 51.35 -66.26
CA ARG H 467 -36.57 50.43 -65.93
C ARG H 467 -37.04 48.99 -66.00
N ILE H 468 -38.22 48.69 -65.46
CA ILE H 468 -38.72 47.32 -65.48
C ILE H 468 -38.99 46.88 -66.91
N LYS H 469 -39.62 47.74 -67.71
CA LYS H 469 -39.89 47.40 -69.11
C LYS H 469 -38.61 47.14 -69.88
N TRP H 470 -37.59 47.98 -69.68
CA TRP H 470 -36.31 47.75 -70.34
C TRP H 470 -35.68 46.43 -69.88
N LEU H 471 -35.72 46.16 -68.58
CA LEU H 471 -35.09 44.97 -68.04
C LEU H 471 -35.79 43.70 -68.53
N LEU H 472 -37.08 43.80 -68.83
CA LEU H 472 -37.84 42.64 -69.29
C LEU H 472 -37.74 42.46 -70.80
N SER H 473 -38.06 43.51 -71.57
CA SER H 473 -38.14 43.40 -73.01
C SER H 473 -36.83 42.95 -73.65
N LYS H 474 -35.71 43.15 -72.97
CA LYS H 474 -34.41 42.67 -73.42
C LYS H 474 -34.06 43.17 -74.81
N ASP I 2 -9.98 26.97 -57.53
CA ASP I 2 -11.09 26.90 -56.59
C ASP I 2 -10.66 27.19 -55.14
N PRO I 3 -9.47 26.77 -54.73
CA PRO I 3 -8.89 27.34 -53.51
C PRO I 3 -8.48 28.78 -53.71
N VAL I 4 -8.47 29.53 -52.61
CA VAL I 4 -7.97 30.88 -52.57
C VAL I 4 -6.74 30.88 -51.67
N TYR I 5 -5.67 31.55 -52.11
CA TYR I 5 -4.38 31.50 -51.45
C TYR I 5 -4.09 32.83 -50.78
N VAL I 6 -3.73 32.79 -49.50
CA VAL I 6 -3.46 34.01 -48.76
C VAL I 6 -2.05 33.95 -48.18
N ASP I 7 -1.42 35.12 -48.10
CA ASP I 7 0.00 35.24 -47.74
C ASP I 7 0.13 35.43 -46.22
N ILE I 8 -0.13 34.35 -45.49
CA ILE I 8 0.00 34.33 -44.04
C ILE I 8 0.66 33.03 -43.63
N ASP I 9 1.18 33.03 -42.41
CA ASP I 9 1.84 31.85 -41.87
C ASP I 9 0.84 30.72 -41.62
N ALA I 10 1.30 29.49 -41.82
CA ALA I 10 0.43 28.33 -41.75
C ALA I 10 -0.07 28.03 -40.34
N ASP I 11 0.60 28.54 -39.31
CA ASP I 11 0.20 28.31 -37.93
C ASP I 11 -0.51 29.50 -37.30
N SER I 12 -0.93 30.48 -38.10
CA SER I 12 -1.60 31.65 -37.57
C SER I 12 -2.98 31.30 -37.00
N ALA I 13 -3.38 32.00 -35.95
CA ALA I 13 -4.72 31.86 -35.40
C ALA I 13 -5.78 32.60 -36.19
N PHE I 14 -5.38 33.60 -37.00
CA PHE I 14 -6.34 34.40 -37.75
C PHE I 14 -7.01 33.60 -38.86
N LEU I 15 -6.46 32.45 -39.19
CA LEU I 15 -7.00 31.66 -40.31
C LEU I 15 -8.39 31.12 -40.01
N LYS I 16 -8.66 30.73 -38.76
CA LYS I 16 -9.98 30.21 -38.44
C LYS I 16 -11.03 31.30 -38.49
N ALA I 17 -10.69 32.51 -38.05
CA ALA I 17 -11.60 33.63 -38.19
C ALA I 17 -11.89 33.94 -39.66
N LEU I 18 -10.85 33.88 -40.50
CA LEU I 18 -11.04 34.10 -41.93
C LEU I 18 -11.96 33.03 -42.53
N GLN I 19 -11.77 31.77 -42.14
CA GLN I 19 -12.61 30.70 -42.66
C GLN I 19 -14.06 30.84 -42.22
N ARG I 20 -14.30 31.25 -40.98
CA ARG I 20 -15.67 31.48 -40.54
C ARG I 20 -16.32 32.65 -41.28
N ALA I 21 -15.55 33.69 -41.62
CA ALA I 21 -16.15 34.84 -42.30
C ALA I 21 -16.48 34.59 -43.77
N TYR I 22 -15.80 33.65 -44.44
CA TYR I 22 -16.03 33.37 -45.86
C TYR I 22 -16.32 31.88 -46.05
N PRO I 23 -17.50 31.42 -45.64
CA PRO I 23 -17.78 29.97 -45.70
C PRO I 23 -17.96 29.41 -47.11
N MET I 24 -18.04 30.25 -48.13
CA MET I 24 -18.23 29.75 -49.49
C MET I 24 -16.92 29.48 -50.23
N PHE I 25 -15.78 29.70 -49.60
CA PHE I 25 -14.49 29.47 -50.24
C PHE I 25 -13.72 28.39 -49.48
N GLU I 26 -12.52 28.12 -49.95
CA GLU I 26 -11.62 27.14 -49.36
C GLU I 26 -10.23 27.77 -49.31
N VAL I 27 -9.78 28.11 -48.10
CA VAL I 27 -8.70 29.06 -47.88
C VAL I 27 -7.42 28.32 -47.53
N GLU I 28 -6.36 28.54 -48.32
CA GLU I 28 -5.03 27.96 -48.21
C GLU I 28 -3.98 29.02 -47.85
N PRO I 29 -3.14 28.74 -46.88
CA PRO I 29 -2.02 29.65 -46.58
C PRO I 29 -0.80 29.38 -47.43
N ARG I 30 -0.18 30.43 -47.96
CA ARG I 30 1.02 30.33 -48.78
C ARG I 30 1.85 31.59 -48.57
N GLN I 31 2.81 31.54 -47.64
CA GLN I 31 3.54 32.74 -47.23
C GLN I 31 4.74 32.99 -48.14
N VAL I 32 4.89 34.24 -48.58
CA VAL I 32 6.01 34.61 -49.43
C VAL I 32 6.78 35.84 -48.95
N THR I 33 6.24 36.67 -48.07
CA THR I 33 6.91 37.85 -47.56
C THR I 33 6.68 37.95 -46.06
N PRO I 34 7.51 38.73 -45.34
CA PRO I 34 7.26 39.02 -43.92
C PRO I 34 6.47 40.32 -43.68
N ASN I 35 5.40 40.53 -44.43
CA ASN I 35 4.62 41.77 -44.31
C ASN I 35 4.09 41.93 -42.88
N ASP I 36 4.25 43.12 -42.33
CA ASP I 36 3.81 43.33 -40.95
C ASP I 36 2.36 43.78 -40.84
N HIS I 37 1.63 43.90 -41.95
CA HIS I 37 0.18 44.06 -41.94
C HIS I 37 -0.48 43.05 -42.88
N ALA I 38 -0.12 41.77 -42.71
CA ALA I 38 -0.57 40.72 -43.62
C ALA I 38 -2.07 40.42 -43.51
N ASN I 39 -2.62 40.46 -42.29
CA ASN I 39 -4.03 40.09 -42.09
C ASN I 39 -4.97 41.04 -42.83
N ALA I 40 -4.68 42.35 -42.82
CA ALA I 40 -5.51 43.32 -43.51
C ALA I 40 -5.53 43.09 -45.02
N ARG I 41 -4.36 42.79 -45.60
CA ARG I 41 -4.27 42.51 -47.03
C ARG I 41 -5.04 41.24 -47.40
N ALA I 42 -4.94 40.20 -46.57
CA ALA I 42 -5.70 38.98 -46.84
C ALA I 42 -7.21 39.22 -46.84
N PHE I 43 -7.71 40.00 -45.87
CA PHE I 43 -9.14 40.30 -45.83
C PHE I 43 -9.58 41.05 -47.09
N SER I 44 -8.80 42.05 -47.53
CA SER I 44 -9.18 42.79 -48.73
C SER I 44 -9.22 41.89 -49.97
N HIS I 45 -8.24 40.99 -50.10
CA HIS I 45 -8.19 40.06 -51.22
C HIS I 45 -9.46 39.21 -51.29
N LEU I 46 -9.83 38.60 -50.15
CA LEU I 46 -11.04 37.76 -50.15
C LEU I 46 -12.30 38.57 -50.42
N ALA I 47 -12.36 39.82 -49.94
CA ALA I 47 -13.55 40.64 -50.20
C ALA I 47 -13.73 40.89 -51.69
N ILE I 48 -12.65 41.18 -52.40
CA ILE I 48 -12.77 41.39 -53.85
C ILE I 48 -13.25 40.13 -54.54
N LYS I 49 -12.71 38.96 -54.15
CA LYS I 49 -13.18 37.71 -54.74
C LYS I 49 -14.69 37.53 -54.58
N LEU I 50 -15.19 37.73 -53.36
CA LEU I 50 -16.61 37.53 -53.11
C LEU I 50 -17.47 38.49 -53.93
N ILE I 51 -17.08 39.76 -53.98
CA ILE I 51 -17.86 40.73 -54.75
C ILE I 51 -17.91 40.33 -56.22
N GLU I 52 -16.77 39.90 -56.78
CA GLU I 52 -16.79 39.47 -58.17
C GLU I 52 -17.69 38.26 -58.37
N GLN I 53 -17.76 37.36 -57.40
CA GLN I 53 -18.65 36.22 -57.55
C GLN I 53 -20.12 36.62 -57.50
N GLU I 54 -20.49 37.70 -56.78
CA GLU I 54 -21.89 38.11 -56.77
C GLU I 54 -22.39 38.60 -58.12
N ILE I 55 -21.68 39.53 -58.74
CA ILE I 55 -22.26 40.23 -59.87
C ILE I 55 -22.09 39.44 -61.15
N ASP I 56 -22.90 39.79 -62.17
CA ASP I 56 -22.81 39.04 -63.41
C ASP I 56 -21.95 39.76 -64.44
N PRO I 57 -21.31 39.02 -65.36
CA PRO I 57 -20.52 39.68 -66.40
C PRO I 57 -21.40 40.43 -67.38
N ASP I 58 -20.80 41.05 -68.39
CA ASP I 58 -21.41 41.96 -69.35
C ASP I 58 -21.73 43.31 -68.73
N SER I 59 -21.56 43.47 -67.43
CA SER I 59 -21.68 44.77 -66.80
C SER I 59 -20.30 45.38 -66.64
N THR I 60 -20.24 46.70 -66.77
CA THR I 60 -19.00 47.44 -66.60
C THR I 60 -18.94 48.02 -65.19
N ILE I 61 -17.75 48.00 -64.59
CA ILE I 61 -17.55 48.32 -63.19
C ILE I 61 -16.67 49.55 -63.09
N LEU I 62 -17.18 50.60 -62.45
CA LEU I 62 -16.34 51.75 -62.12
C LEU I 62 -15.51 51.45 -60.89
N ASP I 63 -14.21 51.71 -60.96
CA ASP I 63 -13.28 51.52 -59.84
C ASP I 63 -12.83 52.90 -59.38
N ILE I 64 -13.43 53.37 -58.29
CA ILE I 64 -13.19 54.72 -57.78
C ILE I 64 -11.89 54.76 -56.98
N GLY I 65 -10.99 55.67 -57.34
CA GLY I 65 -9.69 55.76 -56.70
C GLY I 65 -8.85 54.52 -56.88
N SER I 66 -8.76 54.04 -58.11
CA SER I 66 -8.23 52.71 -58.39
C SER I 66 -6.71 52.65 -58.25
N ALA I 67 -6.23 51.44 -58.06
CA ALA I 67 -4.82 51.08 -58.26
C ALA I 67 -4.75 50.09 -59.42
N PRO I 68 -4.48 50.55 -60.64
CA PRO I 68 -4.79 49.74 -61.82
C PRO I 68 -4.09 48.38 -61.89
N ALA I 69 -2.87 48.28 -61.37
CA ALA I 69 -2.15 47.01 -61.46
C ALA I 69 -2.85 45.88 -60.75
N ARG I 70 -3.74 46.16 -59.79
CA ARG I 70 -4.47 45.08 -59.14
C ARG I 70 -5.54 44.49 -60.05
N ARG I 71 -6.04 45.24 -61.01
CA ARG I 71 -7.11 44.76 -61.88
C ARG I 71 -6.62 44.21 -63.21
N MET I 72 -5.31 44.06 -63.37
CA MET I 72 -4.75 43.83 -64.71
C MET I 72 -4.96 42.39 -65.19
N MET I 73 -4.88 41.40 -64.30
CA MET I 73 -5.12 40.01 -64.66
C MET I 73 -6.53 39.53 -64.33
N SER I 74 -7.53 40.40 -64.45
CA SER I 74 -8.92 40.04 -64.23
C SER I 74 -9.65 39.97 -65.56
N ASP I 75 -10.61 39.07 -65.68
CA ASP I 75 -11.37 38.92 -66.91
C ASP I 75 -12.59 39.81 -66.99
N ARG I 76 -12.97 40.49 -65.90
CA ARG I 76 -14.13 41.37 -65.92
C ARG I 76 -13.77 42.70 -66.59
N LYS I 77 -14.73 43.61 -66.66
CA LYS I 77 -14.57 44.87 -67.38
C LYS I 77 -14.55 46.03 -66.39
N TYR I 78 -13.35 46.52 -66.09
CA TYR I 78 -13.15 47.61 -65.16
C TYR I 78 -12.86 48.91 -65.90
N HIS I 79 -13.34 50.02 -65.35
CA HIS I 79 -12.98 51.36 -65.79
C HIS I 79 -12.38 52.05 -64.56
N CYS I 80 -11.07 52.30 -64.60
CA CYS I 80 -10.33 52.78 -63.44
C CYS I 80 -10.30 54.30 -63.43
N VAL I 81 -10.75 54.90 -62.33
CA VAL I 81 -10.78 56.35 -62.19
C VAL I 81 -9.58 56.73 -61.34
N CYS I 82 -8.59 57.37 -61.94
CA CYS I 82 -7.33 57.69 -61.22
C CYS I 82 -6.91 59.12 -61.30
N PRO I 83 -7.29 59.91 -60.31
CA PRO I 83 -6.78 61.26 -60.31
C PRO I 83 -5.42 61.29 -59.53
N MET I 84 -4.48 62.09 -59.89
CA MET I 84 -3.21 62.10 -59.16
C MET I 84 -3.19 63.08 -57.99
N ARG I 85 -3.99 62.86 -56.94
CA ARG I 85 -4.13 63.73 -55.79
C ARG I 85 -3.30 63.29 -54.58
N SER I 86 -2.66 62.14 -54.65
CA SER I 86 -1.93 61.57 -53.54
C SER I 86 -0.47 61.37 -53.93
N ALA I 87 0.43 61.46 -52.94
CA ALA I 87 1.86 61.32 -53.20
C ALA I 87 2.26 59.90 -53.57
N GLU I 88 1.38 58.92 -53.38
CA GLU I 88 1.67 57.54 -53.74
C GLU I 88 1.24 57.19 -55.15
N ASP I 89 0.59 58.10 -55.88
CA ASP I 89 -0.01 57.80 -57.17
C ASP I 89 0.97 57.66 -58.34
N PRO I 90 1.97 58.55 -58.48
CA PRO I 90 2.90 58.38 -59.62
C PRO I 90 3.61 57.03 -59.64
N GLU I 91 3.97 56.52 -58.47
CA GLU I 91 4.62 55.21 -58.41
C GLU I 91 3.65 54.08 -58.78
N ARG I 92 2.38 54.21 -58.40
CA ARG I 92 1.37 53.23 -58.82
C ARG I 92 1.20 53.24 -60.34
N LEU I 93 1.15 54.43 -60.94
CA LEU I 93 1.04 54.52 -62.39
C LEU I 93 2.24 53.92 -63.11
N ALA I 94 3.46 54.25 -62.63
CA ALA I 94 4.66 53.68 -63.24
C ALA I 94 4.67 52.16 -63.10
N ASN I 95 4.22 51.64 -61.96
CA ASN I 95 4.18 50.20 -61.76
C ASN I 95 3.19 49.54 -62.71
N TYR I 96 2.06 50.20 -62.97
CA TYR I 96 1.09 49.68 -63.93
C TYR I 96 1.69 49.61 -65.33
N ALA I 97 2.35 50.68 -65.77
CA ALA I 97 2.96 50.69 -67.10
C ALA I 97 4.04 49.62 -67.21
N ARG I 98 4.84 49.44 -66.17
CA ARG I 98 5.88 48.41 -66.16
C ARG I 98 5.26 47.02 -66.28
N LYS I 99 4.26 46.72 -65.44
CA LYS I 99 3.57 45.43 -65.52
C LYS I 99 2.97 45.20 -66.90
N LEU I 100 2.38 46.23 -67.51
CA LEU I 100 1.80 46.08 -68.84
C LEU I 100 2.87 45.74 -69.86
N ALA I 101 3.96 46.51 -69.89
CA ALA I 101 5.00 46.30 -70.89
C ALA I 101 5.68 44.96 -70.73
N SER I 102 5.84 44.47 -69.50
CA SER I 102 6.56 43.21 -69.30
C SER I 102 5.85 42.04 -69.97
N ALA I 103 4.53 41.95 -69.84
CA ALA I 103 3.75 40.85 -70.39
C ALA I 103 2.87 41.41 -71.51
N ALA I 104 3.42 41.49 -72.71
CA ALA I 104 2.69 42.07 -73.84
C ALA I 104 2.31 41.05 -74.91
N GLY I 105 3.01 39.92 -74.98
CA GLY I 105 2.64 38.87 -75.90
C GLY I 105 2.48 37.54 -75.20
N LYS I 106 3.03 37.43 -73.99
CA LYS I 106 2.97 36.18 -73.25
C LYS I 106 1.57 35.90 -72.75
N VAL I 107 0.81 36.94 -72.43
CA VAL I 107 -0.56 36.81 -71.95
C VAL I 107 -1.50 37.28 -73.06
N LEU I 108 -2.49 36.45 -73.40
CA LEU I 108 -3.36 36.73 -74.52
C LEU I 108 -4.84 36.83 -74.17
N ASP I 109 -5.29 36.18 -73.09
CA ASP I 109 -6.71 36.19 -72.74
C ASP I 109 -7.18 37.58 -72.37
N ARG I 110 -6.36 38.32 -71.63
CA ARG I 110 -6.74 39.65 -71.18
C ARG I 110 -6.53 40.67 -72.28
N ASN I 111 -7.28 41.77 -72.19
CA ASN I 111 -7.23 42.82 -73.19
C ASN I 111 -5.96 43.66 -73.02
N ILE I 112 -4.81 42.98 -73.12
CA ILE I 112 -3.52 43.63 -72.85
C ILE I 112 -3.25 44.71 -73.88
N SER I 113 -3.41 44.38 -75.17
CA SER I 113 -3.16 45.35 -76.23
C SER I 113 -4.11 46.54 -76.14
N GLY I 114 -5.38 46.28 -75.85
CA GLY I 114 -6.32 47.36 -75.68
C GLY I 114 -5.95 48.27 -74.52
N LYS I 115 -5.48 47.68 -73.42
CA LYS I 115 -5.05 48.48 -72.28
C LYS I 115 -3.86 49.36 -72.62
N ILE I 116 -2.88 48.79 -73.35
CA ILE I 116 -1.71 49.58 -73.76
C ILE I 116 -2.14 50.74 -74.64
N GLY I 117 -3.01 50.46 -75.63
CA GLY I 117 -3.49 51.52 -76.50
C GLY I 117 -4.25 52.61 -75.75
N ASP I 118 -5.08 52.21 -74.78
CA ASP I 118 -5.84 53.19 -74.01
C ASP I 118 -4.91 54.08 -73.20
N LEU I 119 -3.90 53.47 -72.56
CA LEU I 119 -2.95 54.28 -71.79
C LEU I 119 -2.21 55.26 -72.69
N GLN I 120 -1.76 54.81 -73.87
CA GLN I 120 -1.07 55.72 -74.78
C GLN I 120 -1.98 56.85 -75.24
N ALA I 121 -3.22 56.53 -75.57
CA ALA I 121 -4.16 57.55 -76.02
C ALA I 121 -4.43 58.58 -74.94
N VAL I 122 -4.49 58.13 -73.68
CA VAL I 122 -4.69 59.07 -72.58
C VAL I 122 -3.47 59.95 -72.39
N MET I 123 -2.28 59.37 -72.50
CA MET I 123 -1.05 60.17 -72.40
C MET I 123 -0.99 61.24 -73.48
N ALA I 124 -1.44 60.92 -74.70
CA ALA I 124 -1.42 61.90 -75.77
C ALA I 124 -2.31 63.10 -75.46
N VAL I 125 -3.58 62.84 -75.14
CA VAL I 125 -4.54 63.88 -74.80
C VAL I 125 -5.13 63.55 -73.44
N PRO I 126 -4.94 64.39 -72.41
CA PRO I 126 -5.28 63.99 -71.04
C PRO I 126 -6.75 64.14 -70.68
N ASP I 127 -7.60 64.59 -71.58
CA ASP I 127 -9.02 64.82 -71.29
C ASP I 127 -9.91 63.91 -72.13
N THR I 128 -9.53 62.65 -72.26
CA THR I 128 -10.30 61.70 -73.05
C THR I 128 -10.65 60.48 -72.22
N GLU I 129 -11.89 60.03 -72.34
CA GLU I 129 -12.32 58.79 -71.71
C GLU I 129 -11.99 57.62 -72.63
N THR I 130 -11.51 56.53 -72.05
CA THR I 130 -11.28 55.28 -72.74
C THR I 130 -11.95 54.18 -71.94
N PRO I 131 -12.20 53.03 -72.55
CA PRO I 131 -12.93 51.97 -71.82
C PRO I 131 -12.25 51.49 -70.55
N THR I 132 -10.94 51.65 -70.39
CA THR I 132 -10.27 51.07 -69.23
C THR I 132 -9.55 52.08 -68.34
N PHE I 133 -9.59 53.37 -68.62
CA PHE I 133 -8.73 54.30 -67.89
C PHE I 133 -9.17 55.72 -68.16
N CYS I 134 -8.95 56.60 -67.18
CA CYS I 134 -9.16 58.04 -67.32
C CYS I 134 -8.52 58.73 -66.13
N LEU I 135 -8.46 60.06 -66.19
CA LEU I 135 -7.76 60.87 -65.19
C LEU I 135 -8.69 61.84 -64.47
N HIS I 136 -9.98 61.56 -64.40
CA HIS I 136 -10.93 62.47 -63.78
C HIS I 136 -11.16 62.08 -62.32
N THR I 137 -12.00 62.86 -61.64
CA THR I 137 -12.43 62.54 -60.29
C THR I 137 -13.77 61.80 -60.33
N ASP I 138 -14.28 61.47 -59.14
CA ASP I 138 -15.56 60.77 -59.05
C ASP I 138 -16.71 61.64 -59.56
N VAL I 139 -16.56 62.95 -59.48
CA VAL I 139 -17.62 63.86 -59.90
C VAL I 139 -17.53 64.23 -61.39
N SER I 140 -16.34 64.19 -61.99
CA SER I 140 -16.18 64.69 -63.35
C SER I 140 -15.94 63.59 -64.39
N CYS I 141 -16.04 62.32 -64.00
CA CYS I 141 -16.01 61.24 -64.98
C CYS I 141 -17.33 61.14 -65.72
N ARG I 142 -17.27 60.70 -66.98
CA ARG I 142 -18.46 60.64 -67.83
C ARG I 142 -18.75 59.25 -68.39
N GLN I 143 -18.02 58.23 -67.97
CA GLN I 143 -18.33 56.87 -68.39
C GLN I 143 -19.59 56.38 -67.68
N ARG I 144 -20.44 55.67 -68.40
CA ARG I 144 -21.68 55.13 -67.85
C ARG I 144 -21.53 53.65 -67.52
N ALA I 145 -22.09 53.23 -66.39
CA ALA I 145 -21.93 51.87 -65.91
C ALA I 145 -23.12 51.53 -65.02
N ASP I 146 -23.08 50.37 -64.37
CA ASP I 146 -24.11 50.00 -63.42
C ASP I 146 -23.61 49.44 -62.10
N VAL I 147 -22.30 49.30 -61.89
CA VAL I 147 -21.73 48.92 -60.61
C VAL I 147 -20.57 49.84 -60.29
N ALA I 148 -20.46 50.26 -59.04
CA ALA I 148 -19.32 51.03 -58.54
C ALA I 148 -18.71 50.33 -57.33
N ILE I 149 -17.40 50.45 -57.20
CA ILE I 149 -16.66 49.83 -56.10
C ILE I 149 -15.78 50.88 -55.43
N TYR I 150 -15.75 50.85 -54.10
CA TYR I 150 -14.86 51.67 -53.29
C TYR I 150 -14.04 50.76 -52.40
N GLN I 151 -12.73 50.68 -52.63
CA GLN I 151 -11.86 49.82 -51.84
C GLN I 151 -10.88 50.68 -51.05
N ASP I 152 -11.07 50.74 -49.72
CA ASP I 152 -10.23 51.50 -48.81
C ASP I 152 -10.15 52.98 -49.19
N VAL I 153 -11.32 53.57 -49.45
CA VAL I 153 -11.43 54.97 -49.86
C VAL I 153 -12.05 55.75 -48.71
N TYR I 154 -11.32 56.72 -48.19
CA TYR I 154 -11.77 57.48 -47.03
C TYR I 154 -11.82 58.99 -47.30
N ALA I 155 -11.65 59.41 -48.54
CA ALA I 155 -11.39 60.81 -48.85
C ALA I 155 -12.57 61.54 -49.48
N VAL I 156 -13.73 60.91 -49.62
CA VAL I 156 -14.87 61.57 -50.26
C VAL I 156 -16.04 61.63 -49.29
N HIS I 157 -16.94 62.58 -49.56
CA HIS I 157 -18.20 62.73 -48.84
C HIS I 157 -19.24 61.82 -49.49
N ALA I 158 -19.74 60.85 -48.73
CA ALA I 158 -20.46 59.72 -49.32
C ALA I 158 -21.74 60.09 -50.08
N PRO I 159 -22.65 60.92 -49.56
CA PRO I 159 -23.89 61.18 -50.34
C PRO I 159 -23.69 61.93 -51.65
N THR I 160 -22.78 62.91 -51.70
CA THR I 160 -22.48 63.60 -52.95
C THR I 160 -21.94 62.64 -54.00
N SER I 161 -20.98 61.81 -53.60
CA SER I 161 -20.40 60.83 -54.50
C SER I 161 -21.44 59.84 -55.01
N LEU I 162 -22.28 59.32 -54.12
CA LEU I 162 -23.29 58.35 -54.53
C LEU I 162 -24.32 58.96 -55.47
N TYR I 163 -24.72 60.22 -55.22
CA TYR I 163 -25.65 60.89 -56.13
C TYR I 163 -25.06 61.03 -57.52
N HIS I 164 -23.77 61.40 -57.61
CA HIS I 164 -23.15 61.54 -58.92
C HIS I 164 -22.98 60.20 -59.62
N GLN I 165 -22.85 59.11 -58.87
CA GLN I 165 -22.87 57.81 -59.53
C GLN I 165 -24.28 57.43 -59.98
N ALA I 166 -25.30 57.83 -59.24
CA ALA I 166 -26.67 57.41 -59.56
C ALA I 166 -27.21 58.11 -60.80
N ILE I 167 -26.88 59.39 -60.99
CA ILE I 167 -27.42 60.08 -62.17
C ILE I 167 -26.79 59.58 -63.46
N LYS I 168 -25.87 58.61 -63.35
CA LYS I 168 -25.23 58.00 -64.50
C LYS I 168 -25.66 56.55 -64.72
N GLY I 169 -26.65 56.07 -63.98
CA GLY I 169 -27.18 54.74 -64.21
C GLY I 169 -26.64 53.63 -63.34
N VAL I 170 -25.92 53.94 -62.28
CA VAL I 170 -25.41 52.90 -61.38
C VAL I 170 -26.51 52.49 -60.41
N ARG I 171 -26.67 51.19 -60.21
CA ARG I 171 -27.71 50.66 -59.34
C ARG I 171 -27.20 49.94 -58.11
N LEU I 172 -25.90 49.65 -58.02
CA LEU I 172 -25.35 48.82 -56.96
C LEU I 172 -23.92 49.25 -56.64
N ALA I 173 -23.59 49.38 -55.36
CA ALA I 173 -22.27 49.83 -54.95
C ALA I 173 -21.80 49.06 -53.72
N TYR I 174 -20.48 48.91 -53.60
CA TYR I 174 -19.85 48.21 -52.48
C TYR I 174 -18.78 49.09 -51.84
N TRP I 175 -18.63 48.96 -50.52
CA TRP I 175 -17.61 49.69 -49.75
C TRP I 175 -16.90 48.73 -48.81
N VAL I 176 -15.56 48.74 -48.84
CA VAL I 176 -14.73 47.86 -48.02
C VAL I 176 -13.87 48.72 -47.11
N GLY I 177 -13.87 48.45 -45.81
CA GLY I 177 -13.04 49.26 -44.94
C GLY I 177 -13.20 48.96 -43.45
N PHE I 178 -12.51 49.77 -42.64
CA PHE I 178 -12.57 49.66 -41.18
C PHE I 178 -13.92 50.17 -40.66
N ASP I 179 -14.45 49.48 -39.66
CA ASP I 179 -15.73 49.83 -39.05
C ASP I 179 -15.73 51.26 -38.50
N THR I 180 -16.79 52.01 -38.80
CA THR I 180 -16.91 53.41 -38.44
C THR I 180 -17.54 53.64 -37.07
N THR I 181 -17.93 52.60 -36.35
CA THR I 181 -18.60 52.77 -35.05
C THR I 181 -17.81 53.54 -34.00
N PRO I 182 -16.50 53.31 -33.79
CA PRO I 182 -15.80 54.08 -32.75
C PRO I 182 -15.79 55.58 -32.97
N PHE I 183 -15.92 56.06 -34.20
CA PHE I 183 -15.96 57.49 -34.45
C PHE I 183 -17.34 58.09 -34.22
N MET I 184 -18.40 57.28 -34.21
CA MET I 184 -19.71 57.77 -33.82
C MET I 184 -19.83 57.96 -32.32
N TYR I 185 -19.10 57.18 -31.53
CA TYR I 185 -19.02 57.37 -30.10
C TYR I 185 -18.06 58.49 -29.69
N ASN I 186 -17.29 59.05 -30.63
CA ASN I 186 -16.46 60.25 -30.42
C ASN I 186 -15.28 60.01 -29.46
N ALA I 187 -14.57 58.90 -29.65
CA ALA I 187 -13.41 58.58 -28.82
C ALA I 187 -12.17 59.40 -29.23
N MET I 188 -11.22 59.51 -28.31
CA MET I 188 -9.99 60.24 -28.58
C MET I 188 -8.88 59.39 -29.17
N ALA I 189 -8.80 58.09 -28.87
CA ALA I 189 -7.80 57.19 -29.45
C ALA I 189 -8.33 55.77 -29.42
N GLY I 190 -7.71 54.87 -30.19
CA GLY I 190 -8.19 53.49 -30.17
C GLY I 190 -7.32 52.49 -30.89
N ALA I 191 -7.78 51.23 -30.89
CA ALA I 191 -7.05 50.10 -31.44
C ALA I 191 -7.95 49.16 -32.23
N TYR I 192 -7.39 48.56 -33.29
CA TYR I 192 -7.93 47.36 -33.95
C TYR I 192 -6.85 46.29 -33.83
N PRO I 193 -6.89 45.50 -32.74
CA PRO I 193 -5.74 44.67 -32.38
C PRO I 193 -5.49 43.45 -33.24
N SER I 194 -6.53 42.87 -33.83
CA SER I 194 -6.33 41.74 -34.74
C SER I 194 -5.58 42.13 -36.01
N TYR I 195 -5.57 43.40 -36.38
CA TYR I 195 -4.92 43.85 -37.60
C TYR I 195 -3.66 44.66 -37.34
N SER I 196 -3.13 44.61 -36.12
CA SER I 196 -1.96 45.40 -35.73
C SER I 196 -2.13 46.88 -36.03
N THR I 197 -3.32 47.43 -35.76
CA THR I 197 -3.58 48.81 -36.14
C THR I 197 -3.91 49.67 -34.94
N ASN I 198 -3.35 50.87 -34.88
CA ASN I 198 -3.64 51.83 -33.83
C ASN I 198 -3.91 53.21 -34.40
N TRP I 199 -4.75 54.01 -33.72
CA TRP I 199 -5.07 55.34 -34.21
C TRP I 199 -5.19 56.33 -33.06
N ALA I 200 -4.95 57.61 -33.36
CA ALA I 200 -4.97 58.64 -32.33
C ALA I 200 -5.29 60.03 -32.89
N ASP I 201 -5.94 60.83 -32.07
CA ASP I 201 -6.11 62.26 -32.28
C ASP I 201 -4.76 63.00 -32.22
N GLU I 202 -4.64 64.04 -33.04
CA GLU I 202 -3.37 64.76 -33.14
C GLU I 202 -2.95 65.41 -31.82
N GLN I 203 -3.90 65.74 -30.94
CA GLN I 203 -3.56 66.39 -29.69
C GLN I 203 -2.92 65.47 -28.65
N VAL I 204 -2.94 64.16 -28.82
CA VAL I 204 -2.40 63.27 -27.80
C VAL I 204 -1.23 62.43 -28.32
N LEU I 205 -0.52 62.90 -29.35
CA LEU I 205 0.60 62.13 -29.88
C LEU I 205 1.81 62.11 -28.95
N LYS I 206 1.85 62.96 -27.92
CA LYS I 206 2.92 62.94 -26.93
C LYS I 206 2.51 62.28 -25.62
N ALA I 207 1.61 61.31 -25.67
CA ALA I 207 1.24 60.52 -24.50
C ALA I 207 2.32 59.47 -24.21
N LYS I 208 2.07 58.62 -23.23
CA LYS I 208 3.05 57.65 -22.79
C LYS I 208 2.62 56.19 -22.93
N ASN I 209 1.34 55.87 -22.66
CA ASN I 209 0.94 54.47 -22.56
C ASN I 209 -0.22 54.07 -23.49
N ILE I 210 -0.42 54.76 -24.61
CA ILE I 210 -1.40 54.32 -25.60
C ILE I 210 -0.66 53.65 -26.76
N GLY I 211 -1.42 53.10 -27.71
CA GLY I 211 -0.81 52.34 -28.79
C GLY I 211 0.13 53.14 -29.68
N LEU I 212 -0.27 54.34 -30.08
CA LEU I 212 0.53 55.16 -31.00
C LEU I 212 0.91 56.48 -30.34
N CYS I 213 2.16 56.62 -29.88
CA CYS I 213 2.61 57.79 -29.14
C CYS I 213 4.13 57.73 -28.94
N SER I 214 4.68 58.81 -28.39
CA SER I 214 6.11 58.90 -28.11
C SER I 214 6.39 60.08 -27.17
N THR I 215 7.24 59.86 -26.17
CA THR I 215 7.58 60.90 -25.19
C THR I 215 9.01 60.71 -24.69
N ASP I 216 9.45 61.54 -23.75
CA ASP I 216 10.83 61.51 -23.27
C ASP I 216 10.93 61.68 -21.76
N LEU I 217 12.13 61.45 -21.23
CA LEU I 217 12.39 61.49 -19.79
C LEU I 217 12.55 62.92 -19.27
N THR I 218 12.08 63.16 -18.05
CA THR I 218 12.16 64.47 -17.41
C THR I 218 12.27 64.30 -15.90
N GLU I 219 12.79 65.35 -15.24
CA GLU I 219 12.81 65.37 -13.79
C GLU I 219 11.63 66.12 -13.16
N GLY I 220 10.83 66.83 -13.93
CA GLY I 220 9.62 67.37 -13.36
C GLY I 220 9.68 68.76 -12.73
N ARG I 221 9.99 69.78 -13.51
CA ARG I 221 9.93 71.15 -13.01
C ARG I 221 8.48 71.56 -12.74
N ARG I 222 8.28 72.35 -11.69
CA ARG I 222 6.95 72.81 -11.34
C ARG I 222 6.55 74.09 -12.05
N GLY I 223 7.45 74.77 -12.73
CA GLY I 223 7.10 76.06 -13.28
C GLY I 223 6.16 76.02 -14.47
N LYS I 224 6.71 75.66 -15.63
CA LYS I 224 5.98 75.60 -16.91
C LYS I 224 4.93 76.70 -17.02
N LEU I 225 5.32 77.92 -16.65
CA LEU I 225 4.37 79.03 -16.55
C LEU I 225 4.05 79.54 -17.94
N SER I 226 2.85 79.21 -18.43
CA SER I 226 2.34 79.70 -19.69
C SER I 226 1.00 80.38 -19.45
N ILE I 227 0.85 81.59 -19.99
CA ILE I 227 -0.37 82.36 -19.80
C ILE I 227 -1.51 81.85 -20.68
N MET I 228 -1.19 81.14 -21.77
CA MET I 228 -2.20 80.66 -22.70
C MET I 228 -3.03 79.57 -22.02
N ARG I 229 -4.28 79.91 -21.67
CA ARG I 229 -5.17 79.00 -20.97
C ARG I 229 -5.82 78.04 -21.96
N GLY I 230 -5.44 76.77 -21.90
CA GLY I 230 -6.09 75.78 -22.74
C GLY I 230 -7.46 75.41 -22.20
N LYS I 231 -7.47 74.73 -21.07
CA LYS I 231 -8.66 74.53 -20.25
C LYS I 231 -9.73 73.63 -20.83
N LYS I 232 -9.57 73.14 -22.07
CA LYS I 232 -10.47 72.09 -22.56
C LYS I 232 -9.68 71.15 -23.46
N LEU I 233 -9.94 69.86 -23.31
CA LEU I 233 -9.35 68.81 -24.13
C LEU I 233 -10.50 68.06 -24.79
N GLU I 234 -10.79 68.41 -26.04
CA GLU I 234 -11.89 67.82 -26.80
C GLU I 234 -11.35 67.30 -28.12
N PRO I 235 -12.00 66.29 -28.70
CA PRO I 235 -11.58 65.80 -30.02
C PRO I 235 -11.65 66.87 -31.10
N CYS I 236 -10.71 66.80 -32.04
CA CYS I 236 -10.64 67.67 -33.19
C CYS I 236 -10.65 66.84 -34.47
N ASP I 237 -10.72 67.52 -35.62
CA ASP I 237 -10.98 66.85 -36.89
C ASP I 237 -9.83 65.95 -37.36
N ARG I 238 -8.59 66.27 -36.98
CA ARG I 238 -7.43 65.60 -37.55
C ARG I 238 -7.10 64.32 -36.79
N VAL I 239 -6.97 63.19 -37.49
CA VAL I 239 -6.66 61.91 -36.87
C VAL I 239 -5.54 61.21 -37.65
N LEU I 240 -4.72 60.43 -36.96
CA LEU I 240 -3.64 59.66 -37.58
C LEU I 240 -3.86 58.17 -37.36
N PHE I 241 -3.71 57.39 -38.44
CA PHE I 241 -3.86 55.94 -38.47
C PHE I 241 -2.52 55.27 -38.74
N SER I 242 -2.24 54.16 -38.07
CA SER I 242 -1.04 53.37 -38.32
C SER I 242 -1.42 51.91 -38.52
N VAL I 243 -1.23 51.42 -39.75
CA VAL I 243 -1.53 50.04 -40.13
C VAL I 243 -0.19 49.32 -40.33
N GLY I 244 0.15 48.44 -39.40
CA GLY I 244 1.52 47.94 -39.34
C GLY I 244 2.50 49.07 -39.09
N SER I 245 3.30 49.43 -40.10
CA SER I 245 4.13 50.62 -40.03
C SER I 245 3.80 51.64 -41.11
N THR I 246 2.66 51.49 -41.79
CA THR I 246 2.23 52.46 -42.80
C THR I 246 1.32 53.51 -42.17
N LEU I 247 1.60 54.79 -42.44
CA LEU I 247 0.90 55.91 -41.85
C LEU I 247 -0.12 56.52 -42.81
N TYR I 248 -1.32 56.84 -42.29
CA TYR I 248 -2.36 57.52 -43.06
C TYR I 248 -3.07 58.60 -42.24
N PRO I 249 -3.10 59.85 -42.70
CA PRO I 249 -3.91 60.86 -42.03
C PRO I 249 -5.35 60.84 -42.52
N GLU I 250 -6.28 61.20 -41.61
CA GLU I 250 -7.72 61.16 -41.92
C GLU I 250 -8.47 62.31 -41.25
N SER I 251 -9.70 62.52 -41.73
CA SER I 251 -10.62 63.54 -41.26
C SER I 251 -11.86 62.90 -40.63
N ARG I 252 -12.28 63.42 -39.47
CA ARG I 252 -13.41 62.84 -38.74
C ARG I 252 -14.73 62.99 -39.48
N LYS I 253 -14.93 64.13 -40.16
CA LYS I 253 -16.17 64.37 -40.88
C LYS I 253 -16.39 63.35 -42.00
N LEU I 254 -15.35 63.12 -42.80
CA LEU I 254 -15.48 62.20 -43.92
C LEU I 254 -15.67 60.77 -43.45
N LEU I 255 -15.02 60.39 -42.35
CA LEU I 255 -15.23 59.06 -41.79
C LEU I 255 -16.66 58.88 -41.29
N LYS I 256 -17.20 59.88 -40.59
CA LYS I 256 -18.57 59.78 -40.11
C LYS I 256 -19.56 59.72 -41.27
N SER I 257 -19.26 60.35 -42.39
CA SER I 257 -20.24 60.37 -43.48
C SER I 257 -20.52 59.00 -44.08
N TRP I 258 -19.69 57.99 -43.85
CA TRP I 258 -19.96 56.65 -44.36
C TRP I 258 -20.74 55.75 -43.39
N HIS I 259 -21.14 56.26 -42.21
CA HIS I 259 -21.97 55.53 -41.26
C HIS I 259 -23.44 55.80 -41.60
N LEU I 260 -23.92 55.13 -42.62
CA LEU I 260 -25.19 55.44 -43.28
C LEU I 260 -26.37 54.70 -42.62
N PRO I 261 -27.55 55.31 -42.61
CA PRO I 261 -28.73 54.64 -42.07
C PRO I 261 -29.30 53.60 -43.04
N SER I 262 -30.22 52.80 -42.52
CA SER I 262 -30.73 51.68 -43.30
C SER I 262 -31.59 52.13 -44.49
N VAL I 263 -32.21 53.30 -44.43
CA VAL I 263 -33.01 53.85 -45.53
C VAL I 263 -32.73 55.34 -45.66
N PHE I 264 -32.54 55.82 -46.89
CA PHE I 264 -32.39 57.27 -47.07
C PHE I 264 -32.81 57.70 -48.47
N HIS I 265 -33.04 59.01 -48.62
CA HIS I 265 -33.53 59.63 -49.85
C HIS I 265 -32.51 60.63 -50.40
N LEU I 266 -32.27 60.59 -51.71
CA LEU I 266 -31.42 61.57 -52.40
C LEU I 266 -32.30 62.42 -53.31
N LYS I 267 -32.44 63.70 -53.00
CA LYS I 267 -33.43 64.57 -53.64
C LYS I 267 -32.74 65.73 -54.37
N GLY I 268 -32.55 65.59 -55.67
CA GLY I 268 -31.97 66.64 -56.48
C GLY I 268 -32.86 66.94 -57.67
N LYS I 269 -32.22 67.13 -58.83
CA LYS I 269 -32.97 67.24 -60.07
C LYS I 269 -33.72 65.95 -60.36
N LEU I 270 -33.09 64.81 -60.13
CA LEU I 270 -33.73 63.51 -60.07
C LEU I 270 -33.70 63.02 -58.63
N SER I 271 -34.52 62.02 -58.33
CA SER I 271 -34.70 61.54 -56.97
C SER I 271 -34.46 60.04 -56.89
N PHE I 272 -33.94 59.60 -55.75
CA PHE I 272 -33.62 58.19 -55.55
C PHE I 272 -33.91 57.77 -54.11
N THR I 273 -34.18 56.48 -53.95
CA THR I 273 -34.41 55.84 -52.66
C THR I 273 -33.37 54.74 -52.47
N CYS I 274 -32.67 54.75 -51.33
CA CYS I 274 -31.48 53.92 -51.16
C CYS I 274 -31.47 53.18 -49.83
N ARG I 275 -30.79 52.03 -49.82
CA ARG I 275 -30.62 51.17 -48.65
C ARG I 275 -29.16 50.78 -48.46
N CYS I 276 -28.77 50.52 -47.21
CA CYS I 276 -27.41 50.10 -46.87
C CYS I 276 -27.43 48.97 -45.84
N ASP I 277 -26.80 47.84 -46.19
CA ASP I 277 -26.71 46.66 -45.33
C ASP I 277 -25.25 46.26 -45.14
N THR I 278 -24.96 45.60 -44.02
CA THR I 278 -23.63 45.07 -43.74
C THR I 278 -23.62 43.56 -43.99
N VAL I 279 -22.80 43.10 -44.93
CA VAL I 279 -22.83 41.71 -45.35
C VAL I 279 -21.62 40.89 -44.89
N VAL I 280 -20.51 41.51 -44.53
CA VAL I 280 -19.37 40.81 -43.93
C VAL I 280 -18.82 41.67 -42.80
N SER I 281 -18.47 41.03 -41.68
CA SER I 281 -17.97 41.70 -40.49
C SER I 281 -17.00 40.78 -39.76
N CYS I 282 -15.72 41.18 -39.65
CA CYS I 282 -14.70 40.31 -39.05
C CYS I 282 -13.75 41.17 -38.19
N GLU I 283 -13.96 41.11 -36.88
CA GLU I 283 -13.06 41.72 -35.88
C GLU I 283 -12.73 43.17 -36.16
N GLY I 284 -13.66 43.93 -36.73
CA GLY I 284 -13.44 45.33 -37.01
C GLY I 284 -13.25 45.70 -38.47
N TYR I 285 -13.29 44.75 -39.39
CA TYR I 285 -13.25 45.02 -40.83
C TYR I 285 -14.59 44.64 -41.46
N VAL I 286 -15.15 45.49 -42.34
CA VAL I 286 -16.49 45.27 -42.88
C VAL I 286 -16.60 45.48 -44.38
N VAL I 287 -17.65 44.88 -44.95
CA VAL I 287 -18.10 45.08 -46.33
C VAL I 287 -19.56 45.52 -46.31
N LYS I 288 -19.86 46.64 -46.98
CA LYS I 288 -21.21 47.19 -47.07
C LYS I 288 -21.73 47.19 -48.50
N ARG I 289 -23.00 46.84 -48.67
CA ARG I 289 -23.69 46.79 -49.96
C ARG I 289 -24.80 47.83 -50.01
N ILE I 290 -24.86 48.62 -51.08
CA ILE I 290 -25.79 49.74 -51.21
C ILE I 290 -26.54 49.62 -52.53
N THR I 291 -27.87 49.78 -52.49
CA THR I 291 -28.72 49.77 -53.67
C THR I 291 -29.45 51.11 -53.82
N MET I 292 -29.68 51.52 -55.07
CA MET I 292 -30.34 52.79 -55.35
C MET I 292 -31.40 52.61 -56.43
N SER I 293 -32.54 53.29 -56.28
CA SER I 293 -33.69 53.15 -57.18
C SER I 293 -34.31 54.51 -57.50
N PRO I 294 -34.78 54.71 -58.74
CA PRO I 294 -35.36 56.01 -59.10
C PRO I 294 -36.74 56.20 -58.51
N GLY I 295 -37.01 57.41 -58.03
CA GLY I 295 -38.27 57.75 -57.41
C GLY I 295 -38.19 57.71 -55.89
N LEU I 296 -39.26 58.19 -55.27
CA LEU I 296 -39.37 58.27 -53.81
C LEU I 296 -40.44 57.31 -53.30
N TYR I 297 -40.05 56.45 -52.36
CA TYR I 297 -40.94 55.47 -51.75
C TYR I 297 -40.69 55.34 -50.26
N GLY I 298 -41.75 55.08 -49.50
CA GLY I 298 -41.63 54.81 -48.08
C GLY I 298 -41.35 56.05 -47.25
N LYS I 299 -40.80 55.84 -46.06
CA LYS I 299 -40.38 56.93 -45.21
C LYS I 299 -39.16 56.51 -44.41
N THR I 300 -38.46 57.50 -43.86
CA THR I 300 -37.20 57.31 -43.17
C THR I 300 -37.37 57.55 -41.68
N THR I 301 -36.54 56.88 -40.89
CA THR I 301 -36.47 57.12 -39.45
C THR I 301 -35.21 57.83 -39.01
N GLY I 302 -34.08 57.63 -39.71
CA GLY I 302 -32.84 58.23 -39.31
C GLY I 302 -32.05 57.47 -38.27
N TYR I 303 -32.16 56.14 -38.21
CA TYR I 303 -31.44 55.34 -37.24
C TYR I 303 -30.48 54.39 -37.95
N ALA I 304 -29.29 54.22 -37.37
CA ALA I 304 -28.28 53.28 -37.85
C ALA I 304 -27.93 52.29 -36.74
N VAL I 305 -27.79 51.01 -37.11
CA VAL I 305 -27.64 49.91 -36.16
C VAL I 305 -26.34 49.17 -36.43
N THR I 306 -25.65 48.78 -35.36
CA THR I 306 -24.48 47.90 -35.42
C THR I 306 -24.71 46.67 -34.56
N HIS I 307 -24.41 45.49 -35.11
CA HIS I 307 -24.49 44.23 -34.37
C HIS I 307 -23.10 43.81 -33.89
N HIS I 308 -22.98 43.50 -32.60
CA HIS I 308 -21.69 43.18 -31.98
C HIS I 308 -21.55 41.67 -31.83
N ALA I 309 -20.64 41.06 -32.59
CA ALA I 309 -20.32 39.65 -32.42
C ALA I 309 -19.24 39.42 -31.36
N ASP I 310 -18.26 40.30 -31.27
CA ASP I 310 -17.32 40.37 -30.16
C ASP I 310 -17.68 41.56 -29.27
N GLY I 311 -17.07 41.62 -28.09
CA GLY I 311 -17.36 42.72 -27.18
C GLY I 311 -16.71 44.02 -27.60
N PHE I 312 -17.39 45.13 -27.33
CA PHE I 312 -16.88 46.46 -27.64
C PHE I 312 -16.84 47.31 -26.36
N LEU I 313 -15.74 48.03 -26.15
CA LEU I 313 -15.50 48.77 -24.91
C LEU I 313 -15.07 50.20 -25.17
N MET I 314 -15.60 51.12 -24.36
CA MET I 314 -15.13 52.51 -24.32
C MET I 314 -15.02 52.97 -22.88
N CYS I 315 -13.90 53.61 -22.53
CA CYS I 315 -13.66 53.94 -21.14
C CYS I 315 -12.75 55.16 -20.97
N LYS I 316 -12.77 55.69 -19.75
CA LYS I 316 -11.98 56.85 -19.36
C LYS I 316 -10.65 56.42 -18.77
N THR I 317 -9.56 57.06 -19.19
CA THR I 317 -8.22 56.72 -18.73
C THR I 317 -7.44 57.99 -18.40
N THR I 318 -6.42 57.82 -17.55
CA THR I 318 -5.57 58.92 -17.08
C THR I 318 -4.13 58.68 -17.54
N ASP I 319 -3.50 59.72 -18.09
CA ASP I 319 -2.14 59.62 -18.64
C ASP I 319 -1.42 60.94 -18.44
N THR I 320 -0.17 61.02 -18.91
CA THR I 320 0.54 62.28 -19.00
C THR I 320 0.81 62.59 -20.46
N VAL I 321 0.53 63.82 -20.87
CA VAL I 321 0.78 64.30 -22.22
C VAL I 321 1.79 65.42 -22.12
N ASP I 322 2.96 65.22 -22.73
CA ASP I 322 4.09 66.13 -22.62
C ASP I 322 4.40 66.47 -21.16
N GLY I 323 4.18 65.51 -20.27
CA GLY I 323 4.45 65.68 -18.86
C GLY I 323 3.30 66.18 -18.00
N GLU I 324 2.17 66.56 -18.59
CA GLU I 324 1.03 67.08 -17.82
C GLU I 324 -0.06 66.01 -17.71
N ARG I 325 -0.56 65.79 -16.50
CA ARG I 325 -1.51 64.71 -16.23
C ARG I 325 -2.93 65.10 -16.63
N VAL I 326 -3.59 64.26 -17.44
CA VAL I 326 -4.93 64.51 -17.98
C VAL I 326 -5.73 63.22 -18.06
N SER I 327 -7.02 63.35 -18.41
CA SER I 327 -7.94 62.23 -18.62
C SER I 327 -8.64 62.34 -19.96
N PHE I 328 -8.86 61.20 -20.63
CA PHE I 328 -9.58 61.18 -21.90
C PHE I 328 -10.06 59.75 -22.20
N SER I 329 -10.80 59.58 -23.29
CA SER I 329 -11.49 58.32 -23.58
C SER I 329 -10.81 57.49 -24.66
N VAL I 330 -10.92 56.16 -24.50
CA VAL I 330 -10.21 55.16 -25.31
C VAL I 330 -11.15 53.99 -25.59
N CYS I 331 -11.04 53.38 -26.78
CA CYS I 331 -11.94 52.29 -27.18
C CYS I 331 -11.18 51.08 -27.74
N THR I 332 -11.77 49.90 -27.60
CA THR I 332 -11.16 48.66 -28.11
C THR I 332 -12.18 47.53 -28.26
N TYR I 333 -11.72 46.41 -28.84
CA TYR I 333 -12.48 45.18 -29.07
C TYR I 333 -11.95 44.03 -28.23
N VAL I 334 -12.85 43.16 -27.77
CA VAL I 334 -12.50 42.04 -26.89
C VAL I 334 -13.11 40.73 -27.39
N PRO I 335 -12.37 39.63 -27.43
CA PRO I 335 -12.92 38.36 -27.95
C PRO I 335 -14.02 37.78 -27.10
N ALA I 336 -14.93 37.06 -27.76
CA ALA I 336 -16.19 36.64 -27.14
C ALA I 336 -15.98 35.62 -26.02
N THR I 337 -15.04 34.69 -26.17
CA THR I 337 -14.83 33.68 -25.14
C THR I 337 -14.37 34.29 -23.82
N ILE I 338 -13.51 35.31 -23.87
CA ILE I 338 -13.05 35.98 -22.66
C ILE I 338 -14.22 36.70 -21.97
N CYS I 339 -15.04 37.40 -22.76
CA CYS I 339 -16.23 38.04 -22.23
C CYS I 339 -17.15 37.04 -21.54
N ASP I 340 -17.37 35.88 -22.16
CA ASP I 340 -18.20 34.85 -21.54
C ASP I 340 -17.58 34.33 -20.25
N GLN I 341 -16.26 34.21 -20.20
CA GLN I 341 -15.62 33.68 -19.00
C GLN I 341 -15.52 34.70 -17.87
N MET I 342 -15.81 35.98 -18.11
CA MET I 342 -15.81 36.95 -17.01
C MET I 342 -17.19 37.17 -16.36
N THR I 343 -18.24 36.46 -16.79
CA THR I 343 -19.59 36.77 -16.34
C THR I 343 -19.76 36.58 -14.82
N GLY I 344 -19.19 35.52 -14.27
CA GLY I 344 -19.33 35.27 -12.84
C GLY I 344 -18.58 36.27 -11.97
N ILE I 345 -17.38 36.67 -12.38
CA ILE I 345 -16.54 37.57 -11.58
C ILE I 345 -17.21 38.92 -11.39
N LEU I 346 -17.86 39.43 -12.43
CA LEU I 346 -18.39 40.79 -12.42
C LEU I 346 -19.67 40.95 -11.60
N ALA I 347 -20.15 39.89 -10.95
CA ALA I 347 -21.30 40.04 -10.06
C ALA I 347 -20.96 40.80 -8.79
N THR I 348 -19.70 40.81 -8.38
CA THR I 348 -19.25 41.52 -7.19
C THR I 348 -18.35 42.69 -7.60
N GLU I 349 -17.85 43.40 -6.60
CA GLU I 349 -16.88 44.45 -6.80
C GLU I 349 -15.47 43.88 -6.78
N VAL I 350 -14.69 44.19 -7.79
CA VAL I 350 -13.35 43.64 -7.97
C VAL I 350 -12.39 44.80 -8.22
N THR I 351 -11.20 44.73 -7.61
CA THR I 351 -10.19 45.76 -7.83
C THR I 351 -9.53 45.59 -9.21
N PRO I 352 -8.94 46.65 -9.75
CA PRO I 352 -8.23 46.49 -11.04
C PRO I 352 -7.09 45.49 -11.03
N GLU I 353 -6.32 45.39 -9.94
CA GLU I 353 -5.20 44.46 -9.88
C GLU I 353 -5.67 43.00 -9.94
N ASP I 354 -6.73 42.68 -9.20
CA ASP I 354 -7.28 41.32 -9.22
C ASP I 354 -7.87 40.98 -10.59
N ALA I 355 -8.53 41.96 -11.23
CA ALA I 355 -9.03 41.74 -12.58
C ALA I 355 -7.90 41.46 -13.54
N GLN I 356 -6.78 42.19 -13.42
CA GLN I 356 -5.64 41.97 -14.29
C GLN I 356 -5.06 40.57 -14.12
N LYS I 357 -4.94 40.10 -12.87
CA LYS I 357 -4.45 38.74 -12.66
C LYS I 357 -5.39 37.69 -13.23
N LEU I 358 -6.70 37.87 -13.06
CA LEU I 358 -7.65 36.92 -13.65
C LEU I 358 -7.57 36.89 -15.18
N LEU I 359 -7.45 38.07 -15.80
CA LEU I 359 -7.36 38.12 -17.27
C LEU I 359 -6.10 37.46 -17.78
N VAL I 360 -4.97 37.68 -17.10
CA VAL I 360 -3.74 37.01 -17.50
C VAL I 360 -3.89 35.50 -17.38
N GLY I 361 -4.54 35.04 -16.30
CA GLY I 361 -4.79 33.62 -16.16
C GLY I 361 -5.63 33.03 -17.28
N LEU I 362 -6.69 33.74 -17.68
CA LEU I 362 -7.55 33.26 -18.77
C LEU I 362 -6.85 33.29 -20.11
N ASN I 363 -6.02 34.30 -20.35
CA ASN I 363 -5.45 34.51 -21.68
C ASN I 363 -4.41 33.47 -22.02
N GLN I 364 -3.50 33.21 -21.10
CA GLN I 364 -2.30 32.43 -21.40
C GLN I 364 -2.51 30.98 -20.99
N ARG I 365 -3.37 30.31 -21.74
CA ARG I 365 -3.74 28.94 -21.44
C ARG I 365 -4.24 28.24 -22.70
N THR I 376 0.63 30.42 -26.31
CA THR I 376 -0.53 30.88 -27.06
C THR I 376 -1.20 32.05 -26.36
N ASN I 377 -1.75 32.97 -27.15
CA ASN I 377 -2.40 34.17 -26.64
C ASN I 377 -3.70 34.38 -27.37
N THR I 378 -4.81 34.46 -26.63
CA THR I 378 -6.10 34.77 -27.26
C THR I 378 -6.19 36.25 -27.64
N MET I 379 -5.74 37.15 -26.78
CA MET I 379 -5.76 38.58 -27.05
C MET I 379 -4.38 39.18 -26.80
N LYS I 380 -4.12 40.33 -27.42
CA LYS I 380 -2.82 40.98 -27.29
C LYS I 380 -2.61 41.56 -25.90
N ASN I 381 -1.39 41.42 -25.38
CA ASN I 381 -1.12 41.72 -23.97
C ASN I 381 -1.11 43.22 -23.69
N TYR I 382 -0.70 44.06 -24.65
CA TYR I 382 -0.56 45.49 -24.37
C TYR I 382 -1.89 46.19 -24.09
N MET I 383 -3.03 45.57 -24.41
CA MET I 383 -4.32 46.13 -24.05
C MET I 383 -4.86 45.64 -22.71
N ILE I 384 -4.23 44.64 -22.09
CA ILE I 384 -4.81 44.05 -20.87
C ILE I 384 -4.96 45.03 -19.72
N PRO I 385 -4.00 45.91 -19.41
CA PRO I 385 -4.22 46.84 -18.28
C PRO I 385 -5.41 47.77 -18.43
N VAL I 386 -5.68 48.30 -19.62
CA VAL I 386 -6.81 49.20 -19.78
C VAL I 386 -8.14 48.44 -19.67
N VAL I 387 -8.23 47.24 -20.25
CA VAL I 387 -9.45 46.44 -20.15
C VAL I 387 -9.75 46.10 -18.70
N ALA I 388 -8.73 45.68 -17.94
CA ALA I 388 -8.92 45.39 -16.52
C ALA I 388 -9.49 46.59 -15.78
N GLN I 389 -9.06 47.79 -16.14
CA GLN I 389 -9.61 48.95 -15.44
C GLN I 389 -11.08 49.15 -15.80
N ALA I 390 -11.42 49.00 -17.08
CA ALA I 390 -12.79 49.26 -17.51
C ALA I 390 -13.77 48.30 -16.85
N PHE I 391 -13.46 47.00 -16.87
CA PHE I 391 -14.32 46.01 -16.23
C PHE I 391 -14.52 46.33 -14.76
N SER I 392 -13.50 46.88 -14.11
CA SER I 392 -13.63 47.15 -12.68
C SER I 392 -14.61 48.29 -12.43
N LYS I 393 -14.64 49.29 -13.30
CA LYS I 393 -15.55 50.41 -13.07
C LYS I 393 -16.99 50.02 -13.41
N TRP I 394 -17.19 49.27 -14.50
CA TRP I 394 -18.52 48.82 -14.88
C TRP I 394 -19.18 48.04 -13.75
N ALA I 395 -18.46 47.06 -13.19
CA ALA I 395 -18.99 46.27 -12.09
C ALA I 395 -19.39 47.16 -10.92
N LYS I 396 -18.64 48.23 -10.66
CA LYS I 396 -19.00 49.11 -9.56
C LYS I 396 -20.30 49.84 -9.85
N GLU I 397 -20.43 50.38 -11.07
CA GLU I 397 -21.59 51.21 -11.38
C GLU I 397 -22.89 50.41 -11.31
N CYS I 398 -22.86 49.16 -11.76
CA CYS I 398 -24.04 48.30 -11.66
C CYS I 398 -24.52 48.20 -10.22
N ARG I 399 -23.60 48.01 -9.26
CA ARG I 399 -24.01 47.89 -7.87
C ARG I 399 -24.74 49.15 -7.40
N LYS I 400 -24.26 50.32 -7.84
CA LYS I 400 -24.89 51.55 -7.39
C LYS I 400 -26.32 51.67 -7.90
N ASP I 401 -26.61 51.09 -9.06
CA ASP I 401 -27.99 51.10 -9.54
C ASP I 401 -28.85 50.21 -8.68
N MET I 402 -28.31 49.07 -8.22
CA MET I 402 -29.13 48.12 -7.49
C MET I 402 -29.49 48.61 -6.09
N GLU I 403 -28.72 49.52 -5.53
CA GLU I 403 -28.94 50.01 -4.18
C GLU I 403 -29.75 51.30 -4.14
N ASP I 404 -30.13 51.86 -5.29
CA ASP I 404 -30.96 53.06 -5.33
C ASP I 404 -32.13 52.80 -6.29
N GLU I 405 -33.15 52.11 -5.80
CA GLU I 405 -34.32 51.78 -6.59
C GLU I 405 -35.28 52.96 -6.66
N LYS I 406 -35.99 53.07 -7.77
CA LYS I 406 -37.02 54.07 -7.97
C LYS I 406 -38.40 53.41 -8.01
N LEU I 407 -39.44 54.22 -8.17
CA LEU I 407 -40.79 53.72 -8.30
C LEU I 407 -41.14 53.53 -9.77
N LEU I 408 -41.90 52.47 -10.06
CA LEU I 408 -42.27 52.16 -11.43
C LEU I 408 -43.12 53.27 -12.04
N GLY I 409 -42.82 53.61 -13.28
CA GLY I 409 -43.62 54.54 -14.05
C GLY I 409 -43.49 55.99 -13.67
N VAL I 410 -42.40 56.38 -13.01
CA VAL I 410 -42.28 57.69 -12.41
C VAL I 410 -40.88 58.24 -12.66
N ARG I 411 -40.80 59.54 -12.93
CA ARG I 411 -39.54 60.22 -13.24
C ARG I 411 -39.47 61.46 -12.36
N GLU I 412 -38.86 61.35 -11.18
CA GLU I 412 -38.86 62.46 -10.24
C GLU I 412 -37.90 63.55 -10.70
N ARG I 413 -38.33 64.81 -10.56
CA ARG I 413 -37.54 65.96 -10.99
C ARG I 413 -37.66 67.11 -10.00
N THR I 414 -37.60 66.79 -8.71
CA THR I 414 -37.73 67.79 -7.65
C THR I 414 -36.59 68.81 -7.68
N TRP I 421 -36.73 71.81 -8.49
CA TRP I 421 -37.35 71.52 -9.77
C TRP I 421 -36.30 71.05 -10.78
N ALA I 422 -35.30 70.30 -10.32
CA ALA I 422 -34.23 69.85 -11.19
C ALA I 422 -33.88 68.41 -10.86
N PHE I 423 -33.28 67.74 -11.84
CA PHE I 423 -32.79 66.38 -11.69
C PHE I 423 -31.28 66.34 -11.95
N LYS I 424 -30.60 65.41 -11.31
CA LYS I 424 -29.17 65.27 -11.43
C LYS I 424 -28.81 64.14 -12.40
N LYS I 425 -27.67 64.30 -13.05
CA LYS I 425 -27.10 63.26 -13.88
C LYS I 425 -26.07 62.48 -13.08
N GLN I 426 -26.07 61.17 -13.25
CA GLN I 426 -25.07 60.32 -12.63
C GLN I 426 -23.83 60.26 -13.52
N LYS I 427 -22.69 59.98 -12.90
CA LYS I 427 -21.44 59.87 -13.66
C LYS I 427 -21.31 58.49 -14.28
N THR I 428 -20.83 58.45 -15.51
CA THR I 428 -20.62 57.22 -16.25
C THR I 428 -19.20 57.20 -16.80
N HIS I 429 -18.42 56.21 -16.43
CA HIS I 429 -17.04 56.09 -16.87
C HIS I 429 -16.77 54.94 -17.83
N THR I 430 -17.74 54.05 -18.07
CA THR I 430 -17.53 52.92 -18.97
C THR I 430 -18.80 52.64 -19.76
N VAL I 431 -18.67 52.41 -21.06
CA VAL I 431 -19.74 51.78 -21.84
C VAL I 431 -19.22 50.46 -22.38
N TYR I 432 -20.03 49.41 -22.23
CA TYR I 432 -19.64 48.04 -22.51
C TYR I 432 -20.76 47.37 -23.30
N LYS I 433 -20.54 47.11 -24.59
CA LYS I 433 -21.51 46.40 -25.41
C LYS I 433 -21.08 44.93 -25.49
N ARG I 434 -21.88 44.05 -24.89
CA ARG I 434 -21.61 42.63 -24.80
C ARG I 434 -21.94 41.91 -26.11
N PRO I 435 -21.37 40.72 -26.31
CA PRO I 435 -21.74 39.92 -27.50
C PRO I 435 -23.24 39.67 -27.57
N ASP I 436 -23.77 39.80 -28.80
CA ASP I 436 -25.18 39.66 -29.15
C ASP I 436 -26.04 40.85 -28.73
N THR I 437 -25.49 42.03 -28.52
CA THR I 437 -26.26 43.25 -28.35
C THR I 437 -26.08 44.14 -29.57
N GLN I 438 -26.80 45.26 -29.61
CA GLN I 438 -26.83 46.15 -30.76
C GLN I 438 -26.73 47.61 -30.34
N SER I 439 -25.90 48.37 -31.05
CA SER I 439 -25.84 49.83 -30.93
C SER I 439 -26.79 50.48 -31.93
N ILE I 440 -27.33 51.64 -31.55
CA ILE I 440 -28.27 52.38 -32.39
C ILE I 440 -28.04 53.89 -32.24
N GLN I 441 -27.80 54.58 -33.36
CA GLN I 441 -27.49 56.02 -33.36
C GLN I 441 -28.35 56.77 -34.37
N LYS I 442 -28.61 58.03 -34.07
CA LYS I 442 -29.46 58.89 -34.89
C LYS I 442 -28.63 59.75 -35.84
N VAL I 443 -28.86 59.61 -37.15
CA VAL I 443 -28.10 60.33 -38.17
C VAL I 443 -29.05 60.94 -39.20
N GLN I 444 -28.48 61.73 -40.10
CA GLN I 444 -29.25 62.39 -41.15
C GLN I 444 -29.67 61.40 -42.23
N ALA I 445 -30.90 61.55 -42.73
CA ALA I 445 -31.43 60.63 -43.72
C ALA I 445 -32.07 61.29 -44.95
N GLU I 446 -32.15 62.62 -44.98
CA GLU I 446 -32.68 63.34 -46.14
C GLU I 446 -31.60 64.29 -46.66
N PHE I 447 -31.19 64.09 -47.91
CA PHE I 447 -30.11 64.87 -48.52
C PHE I 447 -30.62 65.56 -49.77
N ASP I 448 -30.50 66.89 -49.81
CA ASP I 448 -30.88 67.65 -50.98
C ASP I 448 -29.76 68.47 -51.59
N SER I 449 -28.71 68.78 -50.85
CA SER I 449 -27.67 69.68 -51.32
C SER I 449 -26.50 68.89 -51.88
N PHE I 450 -26.16 69.16 -53.14
CA PHE I 450 -25.01 68.54 -53.80
C PHE I 450 -24.33 69.61 -54.63
N VAL I 451 -23.14 70.03 -54.21
CA VAL I 451 -22.37 71.01 -54.96
C VAL I 451 -20.95 70.49 -55.20
N TRP I 456 -12.06 71.86 -63.52
CA TRP I 456 -11.22 70.67 -63.58
C TRP I 456 -9.97 70.92 -64.40
N SER I 457 -8.82 70.56 -63.83
CA SER I 457 -7.55 70.53 -64.55
C SER I 457 -6.86 69.21 -64.24
N SER I 458 -6.02 68.76 -65.18
CA SER I 458 -5.53 67.38 -65.15
C SER I 458 -4.73 67.08 -63.89
N GLY I 459 -3.72 67.91 -63.60
CA GLY I 459 -2.84 67.67 -62.48
C GLY I 459 -1.61 66.84 -62.79
N LEU I 460 -1.53 66.25 -63.98
CA LEU I 460 -0.34 65.56 -64.43
C LEU I 460 0.73 66.57 -64.87
N SER I 461 1.95 66.09 -65.04
CA SER I 461 3.09 66.94 -65.39
C SER I 461 3.84 66.36 -66.57
N ILE I 462 4.54 67.24 -67.29
CA ILE I 462 5.21 66.85 -68.53
C ILE I 462 6.30 65.80 -68.30
N PRO I 463 7.21 65.95 -67.31
CA PRO I 463 8.24 64.91 -67.12
C PRO I 463 7.67 63.53 -66.82
N LEU I 464 6.61 63.43 -66.02
CA LEU I 464 6.01 62.14 -65.73
C LEU I 464 5.37 61.54 -66.98
N ARG I 465 4.70 62.37 -67.79
CA ARG I 465 4.14 61.91 -69.05
C ARG I 465 5.23 61.37 -69.96
N THR I 466 6.36 62.08 -70.03
CA THR I 466 7.48 61.62 -70.84
C THR I 466 8.04 60.30 -70.33
N ARG I 467 8.15 60.15 -69.01
CA ARG I 467 8.63 58.88 -68.46
C ARG I 467 7.68 57.74 -68.80
N ILE I 468 6.37 57.95 -68.68
CA ILE I 468 5.42 56.90 -69.00
C ILE I 468 5.46 56.56 -70.48
N LYS I 469 5.52 57.57 -71.34
CA LYS I 469 5.59 57.33 -72.78
C LYS I 469 6.85 56.56 -73.15
N TRP I 470 7.99 56.92 -72.57
CA TRP I 470 9.22 56.19 -72.83
C TRP I 470 9.11 54.75 -72.34
N LEU I 471 8.55 54.55 -71.15
CA LEU I 471 8.48 53.22 -70.56
C LEU I 471 7.53 52.33 -71.36
N LEU I 472 6.54 52.92 -72.04
CA LEU I 472 5.59 52.15 -72.82
C LEU I 472 6.09 51.89 -74.24
N SER I 473 6.46 52.96 -74.95
CA SER I 473 6.80 52.85 -76.36
C SER I 473 7.96 51.90 -76.61
N LYS I 474 8.80 51.66 -75.60
CA LYS I 474 9.89 50.68 -75.69
C LYS I 474 10.82 50.98 -76.86
N ASP J 2 19.98 27.04 -54.82
CA ASP J 2 18.70 27.44 -54.27
C ASP J 2 18.72 27.58 -52.74
N PRO J 3 19.46 26.74 -52.03
CA PRO J 3 19.78 27.06 -50.65
C PRO J 3 20.76 28.21 -50.56
N VAL J 4 20.70 28.93 -49.44
CA VAL J 4 21.67 29.97 -49.12
C VAL J 4 22.44 29.51 -47.89
N TYR J 5 23.76 29.69 -47.92
CA TYR J 5 24.65 29.15 -46.91
C TYR J 5 25.19 30.27 -46.05
N VAL J 6 25.09 30.14 -44.74
CA VAL J 6 25.55 31.17 -43.83
C VAL J 6 26.58 30.57 -42.86
N ASP J 7 27.54 31.39 -42.47
CA ASP J 7 28.70 30.95 -41.69
C ASP J 7 28.41 31.11 -40.19
N ILE J 8 27.54 30.24 -39.69
CA ILE J 8 27.18 30.22 -38.28
C ILE J 8 27.13 28.77 -37.82
N ASP J 9 27.19 28.60 -36.50
CA ASP J 9 27.14 27.27 -35.91
C ASP J 9 25.76 26.65 -36.09
N ALA J 10 25.74 25.32 -36.26
CA ALA J 10 24.52 24.61 -36.58
C ALA J 10 23.53 24.57 -35.42
N ASP J 11 23.97 24.80 -34.19
CA ASP J 11 23.10 24.79 -33.02
C ASP J 11 22.75 26.19 -32.53
N SER J 12 23.01 27.22 -33.31
CA SER J 12 22.70 28.58 -32.89
C SER J 12 21.20 28.82 -32.81
N ALA J 13 20.80 29.65 -31.85
CA ALA J 13 19.40 30.07 -31.76
C ALA J 13 19.03 31.16 -32.75
N PHE J 14 20.00 31.88 -33.30
CA PHE J 14 19.72 32.98 -34.22
C PHE J 14 19.17 32.49 -35.56
N LEU J 15 19.31 31.19 -35.82
CA LEU J 15 18.91 30.65 -37.12
C LEU J 15 17.39 30.72 -37.31
N LYS J 16 16.63 30.50 -36.25
CA LYS J 16 15.17 30.56 -36.40
C LYS J 16 14.69 31.98 -36.66
N ALA J 17 15.32 32.97 -36.01
CA ALA J 17 15.00 34.36 -36.31
C ALA J 17 15.34 34.70 -37.75
N LEU J 18 16.49 34.21 -38.25
CA LEU J 18 16.86 34.45 -39.64
C LEU J 18 15.84 33.82 -40.59
N GLN J 19 15.40 32.60 -40.29
CA GLN J 19 14.42 31.93 -41.14
C GLN J 19 13.09 32.65 -41.15
N ARG J 20 12.63 33.15 -40.00
CA ARG J 20 11.40 33.93 -39.99
C ARG J 20 11.52 35.23 -40.76
N ALA J 21 12.69 35.87 -40.74
CA ALA J 21 12.83 37.14 -41.46
C ALA J 21 12.92 37.00 -42.97
N TYR J 22 13.35 35.85 -43.50
CA TYR J 22 13.49 35.64 -44.94
C TYR J 22 12.74 34.38 -45.35
N PRO J 23 11.40 34.44 -45.37
CA PRO J 23 10.62 33.23 -45.66
C PRO J 23 10.70 32.74 -47.11
N MET J 24 11.27 33.52 -48.02
CA MET J 24 11.36 33.10 -49.42
C MET J 24 12.62 32.30 -49.74
N PHE J 25 13.50 32.08 -48.78
CA PHE J 25 14.73 31.33 -49.02
C PHE J 25 14.73 30.06 -48.18
N GLU J 26 15.82 29.32 -48.29
CA GLU J 26 16.03 28.08 -47.55
C GLU J 26 17.46 28.11 -47.02
N VAL J 27 17.60 28.27 -45.70
CA VAL J 27 18.83 28.73 -45.07
C VAL J 27 19.55 27.55 -44.43
N GLU J 28 20.80 27.32 -44.84
CA GLU J 28 21.70 26.25 -44.39
C GLU J 28 22.89 26.82 -43.63
N PRO J 29 23.21 26.26 -42.48
CA PRO J 29 24.44 26.66 -41.76
C PRO J 29 25.67 25.90 -42.23
N ARG J 30 26.77 26.60 -42.44
CA ARG J 30 28.03 26.00 -42.86
C ARG J 30 29.18 26.84 -42.29
N GLN J 31 29.68 26.44 -41.12
CA GLN J 31 30.65 27.26 -40.39
C GLN J 31 32.07 26.99 -40.86
N VAL J 32 32.82 28.07 -41.11
CA VAL J 32 34.22 27.93 -41.54
C VAL J 32 35.20 28.76 -40.72
N THR J 33 34.78 29.76 -39.97
CA THR J 33 35.66 30.61 -39.17
C THR J 33 35.01 30.84 -37.81
N PRO J 34 35.80 31.23 -36.79
CA PRO J 34 35.24 31.65 -35.50
C PRO J 34 34.99 33.15 -35.37
N ASN J 35 34.37 33.75 -36.39
CA ASN J 35 34.13 35.20 -36.38
C ASN J 35 33.28 35.60 -35.18
N ASP J 36 33.71 36.64 -34.48
CA ASP J 36 32.97 37.05 -33.28
C ASP J 36 31.84 38.05 -33.58
N HIS J 37 31.62 38.41 -34.83
CA HIS J 37 30.42 39.14 -35.25
C HIS J 37 29.75 38.44 -36.44
N ALA J 38 29.52 37.14 -36.30
CA ALA J 38 29.02 36.32 -37.41
C ALA J 38 27.57 36.64 -37.78
N ASN J 39 26.72 36.93 -36.78
CA ASN J 39 25.29 37.16 -37.06
C ASN J 39 25.08 38.39 -37.96
N ALA J 40 25.83 39.46 -37.72
CA ALA J 40 25.70 40.66 -38.53
C ALA J 40 26.07 40.42 -39.99
N ARG J 41 27.16 39.67 -40.22
CA ARG J 41 27.58 39.33 -41.57
C ARG J 41 26.54 38.46 -42.28
N ALA J 42 25.97 37.49 -41.57
CA ALA J 42 24.92 36.66 -42.19
C ALA J 42 23.72 37.49 -42.62
N PHE J 43 23.27 38.43 -41.77
CA PHE J 43 22.14 39.27 -42.13
C PHE J 43 22.43 40.10 -43.39
N SER J 44 23.63 40.69 -43.46
CA SER J 44 23.97 41.49 -44.64
C SER J 44 23.99 40.65 -45.92
N HIS J 45 24.52 39.43 -45.84
CA HIS J 45 24.57 38.52 -46.98
C HIS J 45 23.16 38.24 -47.51
N LEU J 46 22.24 37.86 -46.61
CA LEU J 46 20.87 37.57 -47.05
C LEU J 46 20.17 38.81 -47.61
N ALA J 47 20.46 39.99 -47.05
CA ALA J 47 19.83 41.20 -47.57
C ALA J 47 20.23 41.46 -49.02
N ILE J 48 21.51 41.28 -49.33
CA ILE J 48 21.94 41.49 -50.72
C ILE J 48 21.26 40.49 -51.64
N LYS J 49 21.16 39.22 -51.22
CA LYS J 49 20.46 38.23 -52.06
C LYS J 49 19.03 38.68 -52.37
N LEU J 50 18.29 39.10 -51.35
CA LEU J 50 16.89 39.48 -51.57
C LEU J 50 16.77 40.68 -52.51
N ILE J 51 17.63 41.69 -52.31
CA ILE J 51 17.57 42.86 -53.18
C ILE J 51 17.84 42.48 -54.63
N GLU J 52 18.83 41.62 -54.85
CA GLU J 52 19.10 41.19 -56.22
C GLU J 52 17.92 40.43 -56.81
N GLN J 53 17.20 39.66 -56.00
CA GLN J 53 16.02 38.96 -56.52
C GLN J 53 14.90 39.92 -56.89
N GLU J 54 14.76 41.06 -56.19
CA GLU J 54 13.70 42.00 -56.57
C GLU J 54 13.89 42.62 -57.95
N ILE J 55 15.05 43.17 -58.24
CA ILE J 55 15.19 44.02 -59.42
C ILE J 55 15.43 43.17 -60.65
N ASP J 56 15.20 43.79 -61.83
CA ASP J 56 15.37 43.02 -63.05
C ASP J 56 16.72 43.32 -63.70
N PRO J 57 17.28 42.37 -64.45
CA PRO J 57 18.56 42.63 -65.13
C PRO J 57 18.39 43.64 -66.26
N ASP J 58 19.47 43.94 -66.96
CA ASP J 58 19.59 44.99 -67.97
C ASP J 58 19.64 46.37 -67.34
N SER J 59 19.44 46.48 -66.04
CA SER J 59 19.63 47.74 -65.35
C SER J 59 21.01 47.76 -64.71
N THR J 60 21.61 48.94 -64.68
CA THR J 60 22.93 49.14 -64.08
C THR J 60 22.75 49.67 -62.66
N ILE J 61 23.59 49.20 -61.74
CA ILE J 61 23.44 49.46 -60.32
C ILE J 61 24.64 50.25 -59.83
N LEU J 62 24.40 51.44 -59.27
CA LEU J 62 25.46 52.17 -58.59
C LEU J 62 25.68 51.60 -57.20
N ASP J 63 26.93 51.32 -56.85
CA ASP J 63 27.30 50.81 -55.53
C ASP J 63 28.07 51.90 -54.82
N ILE J 64 27.40 52.61 -53.92
CA ILE J 64 27.97 53.76 -53.23
C ILE J 64 28.85 53.30 -52.07
N GLY J 65 30.09 53.78 -52.05
CA GLY J 65 31.06 53.36 -51.04
C GLY J 65 31.35 51.88 -51.08
N SER J 66 31.64 51.37 -52.26
CA SER J 66 31.67 49.94 -52.51
C SER J 66 32.93 49.28 -51.92
N ALA J 67 32.82 47.97 -51.71
CA ALA J 67 33.98 47.09 -51.52
C ALA J 67 34.01 46.12 -52.70
N PRO J 68 34.81 46.40 -53.73
CA PRO J 68 34.60 45.75 -55.03
C PRO J 68 34.72 44.23 -55.02
N ALA J 69 35.56 43.65 -54.16
CA ALA J 69 35.74 42.20 -54.15
C ALA J 69 34.46 41.46 -53.80
N ARG J 70 33.50 42.11 -53.14
CA ARG J 70 32.24 41.42 -52.86
C ARG J 70 31.38 41.27 -54.10
N ARG J 71 31.53 42.14 -55.09
CA ARG J 71 30.69 42.09 -56.28
C ARG J 71 31.33 41.36 -57.44
N MET J 72 32.46 40.69 -57.22
CA MET J 72 33.28 40.22 -58.34
C MET J 72 32.70 38.96 -59.00
N MET J 73 32.10 38.06 -58.24
CA MET J 73 31.48 36.86 -58.79
C MET J 73 29.97 37.00 -58.95
N SER J 74 29.47 38.19 -59.29
CA SER J 74 28.05 38.41 -59.53
C SER J 74 27.83 38.61 -61.02
N ASP J 75 26.68 38.15 -61.51
CA ASP J 75 26.35 38.28 -62.92
C ASP J 75 25.66 39.59 -63.28
N ARG J 76 25.25 40.38 -62.30
CA ARG J 76 24.59 41.66 -62.57
C ARG J 76 25.63 42.70 -62.96
N LYS J 77 25.17 43.93 -63.23
CA LYS J 77 26.02 45.00 -63.74
C LYS J 77 26.17 46.08 -62.67
N TYR J 78 27.30 46.06 -61.98
CA TYR J 78 27.61 47.01 -60.92
C TYR J 78 28.60 48.06 -61.41
N HIS J 79 28.43 49.29 -60.93
CA HIS J 79 29.40 50.37 -61.09
C HIS J 79 29.79 50.80 -59.68
N CYS J 80 31.04 50.51 -59.30
CA CYS J 80 31.49 50.68 -57.92
C CYS J 80 32.10 52.07 -57.75
N VAL J 81 31.59 52.83 -56.78
CA VAL J 81 32.08 54.17 -56.52
C VAL J 81 32.99 54.07 -55.30
N CYS J 82 34.29 54.25 -55.52
CA CYS J 82 35.27 54.07 -54.42
C CYS J 82 36.22 55.20 -54.22
N PRO J 83 35.87 56.10 -53.32
CA PRO J 83 36.83 57.14 -53.03
C PRO J 83 37.77 56.65 -51.87
N MET J 84 39.02 57.01 -51.85
CA MET J 84 39.89 56.54 -50.77
C MET J 84 39.91 57.46 -49.56
N ARG J 85 38.80 57.60 -48.83
CA ARG J 85 38.65 58.49 -47.69
C ARG J 85 38.82 57.80 -46.35
N SER J 86 38.94 56.48 -46.33
CA SER J 86 39.01 55.70 -45.11
C SER J 86 40.32 54.92 -45.05
N ALA J 87 40.82 54.68 -43.84
CA ALA J 87 42.08 53.98 -43.67
C ALA J 87 42.00 52.51 -44.05
N GLU J 88 40.81 51.96 -44.22
CA GLU J 88 40.63 50.57 -44.62
C GLU J 88 40.59 50.38 -46.12
N ASP J 89 40.60 51.45 -46.92
CA ASP J 89 40.37 51.38 -48.35
C ASP J 89 41.54 50.82 -49.18
N PRO J 90 42.80 51.24 -48.93
CA PRO J 90 43.90 50.68 -49.74
C PRO J 90 44.00 49.17 -49.68
N GLU J 91 43.75 48.58 -48.51
CA GLU J 91 43.78 47.13 -48.40
C GLU J 91 42.63 46.47 -49.15
N ARG J 92 41.45 47.09 -49.16
CA ARG J 92 40.34 46.59 -49.96
C ARG J 92 40.67 46.61 -51.44
N LEU J 93 41.28 47.71 -51.91
CA LEU J 93 41.67 47.80 -53.32
C LEU J 93 42.72 46.74 -53.69
N ALA J 94 43.74 46.59 -52.84
CA ALA J 94 44.76 45.57 -53.12
C ALA J 94 44.15 44.17 -53.13
N ASN J 95 43.20 43.90 -52.24
CA ASN J 95 42.54 42.61 -52.21
C ASN J 95 41.73 42.37 -53.47
N TYR J 96 41.08 43.42 -53.99
CA TYR J 96 40.35 43.29 -55.25
C TYR J 96 41.28 42.95 -56.40
N ALA J 97 42.41 43.66 -56.51
CA ALA J 97 43.37 43.39 -57.58
C ALA J 97 43.92 41.98 -57.48
N ARG J 98 44.22 41.53 -56.26
CA ARG J 98 44.72 40.17 -56.04
C ARG J 98 43.69 39.13 -56.49
N LYS J 99 42.44 39.28 -56.02
CA LYS J 99 41.37 38.37 -56.44
C LYS J 99 41.21 38.35 -57.95
N LEU J 100 41.28 39.51 -58.60
CA LEU J 100 41.14 39.57 -60.05
C LEU J 100 42.26 38.80 -60.73
N ALA J 101 43.50 39.08 -60.35
CA ALA J 101 44.64 38.45 -61.01
C ALA J 101 44.66 36.94 -60.79
N SER J 102 44.22 36.47 -59.62
CA SER J 102 44.30 35.04 -59.35
C SER J 102 43.45 34.22 -60.30
N ALA J 103 42.23 34.68 -60.60
CA ALA J 103 41.31 33.96 -61.47
C ALA J 103 41.11 34.78 -62.73
N ALA J 104 42.00 34.62 -63.70
CA ALA J 104 41.95 35.38 -64.92
C ALA J 104 41.57 34.58 -66.16
N GLY J 105 41.76 33.25 -66.13
CA GLY J 105 41.33 32.42 -67.22
C GLY J 105 40.46 31.28 -66.74
N LYS J 106 40.51 31.00 -65.44
CA LYS J 106 39.75 29.90 -64.88
C LYS J 106 38.26 30.20 -64.85
N VAL J 107 37.90 31.47 -64.67
CA VAL J 107 36.51 31.91 -64.65
C VAL J 107 36.23 32.68 -65.94
N LEU J 108 35.16 32.31 -66.64
CA LEU J 108 34.87 32.87 -67.95
C LEU J 108 33.51 33.57 -68.04
N ASP J 109 32.54 33.17 -67.22
CA ASP J 109 31.20 33.76 -67.32
C ASP J 109 31.20 35.23 -66.97
N ARG J 110 31.96 35.61 -65.94
CA ARG J 110 32.00 36.99 -65.50
C ARG J 110 32.93 37.81 -66.37
N ASN J 111 32.67 39.12 -66.41
CA ASN J 111 33.44 40.04 -67.23
C ASN J 111 34.81 40.31 -66.60
N ILE J 112 35.57 39.22 -66.41
CA ILE J 112 36.85 39.32 -65.72
C ILE J 112 37.83 40.18 -66.50
N SER J 113 37.97 39.90 -67.80
CA SER J 113 38.90 40.66 -68.63
C SER J 113 38.51 42.12 -68.71
N GLY J 114 37.22 42.39 -68.85
CA GLY J 114 36.76 43.77 -68.86
C GLY J 114 37.06 44.49 -67.56
N LYS J 115 36.90 43.79 -66.43
CA LYS J 115 37.21 44.39 -65.14
C LYS J 115 38.70 44.71 -65.01
N ILE J 116 39.56 43.79 -65.47
CA ILE J 116 41.00 44.04 -65.43
C ILE J 116 41.35 45.24 -66.28
N GLY J 117 40.80 45.30 -67.50
CA GLY J 117 41.07 46.44 -68.36
C GLY J 117 40.60 47.75 -67.77
N ASP J 118 39.42 47.75 -67.15
CA ASP J 118 38.90 48.97 -66.54
C ASP J 118 39.78 49.44 -65.40
N LEU J 119 40.23 48.51 -64.56
CA LEU J 119 41.11 48.89 -63.46
C LEU J 119 42.43 49.47 -63.99
N GLN J 120 43.00 48.85 -65.01
CA GLN J 120 44.24 49.38 -65.57
C GLN J 120 44.04 50.76 -66.17
N ALA J 121 42.94 50.96 -66.90
CA ALA J 121 42.66 52.24 -67.51
C ALA J 121 42.49 53.33 -66.45
N VAL J 122 41.86 52.98 -65.32
CA VAL J 122 41.69 53.96 -64.25
C VAL J 122 43.03 54.28 -63.61
N MET J 123 43.88 53.27 -63.41
CA MET J 123 45.22 53.52 -62.86
C MET J 123 46.03 54.45 -63.76
N ALA J 124 45.89 54.30 -65.09
CA ALA J 124 46.64 55.16 -66.00
C ALA J 124 46.22 56.62 -65.85
N VAL J 125 44.92 56.90 -65.96
CA VAL J 125 44.38 58.25 -65.82
C VAL J 125 43.32 58.21 -64.74
N PRO J 126 43.48 58.94 -63.63
CA PRO J 126 42.59 58.75 -62.47
C PRO J 126 41.26 59.48 -62.56
N ASP J 127 40.97 60.21 -63.62
CA ASP J 127 39.75 60.98 -63.75
C ASP J 127 38.89 60.47 -64.91
N THR J 128 38.78 59.16 -65.05
CA THR J 128 38.00 58.58 -66.13
C THR J 128 36.96 57.62 -65.56
N GLU J 129 35.75 57.70 -66.10
CA GLU J 129 34.70 56.75 -65.76
C GLU J 129 34.83 55.52 -66.65
N THR J 130 34.64 54.35 -66.06
CA THR J 130 34.58 53.09 -66.77
C THR J 130 33.32 52.37 -66.33
N PRO J 131 32.85 51.39 -67.10
CA PRO J 131 31.58 50.73 -66.74
C PRO J 131 31.58 50.06 -65.38
N THR J 132 32.73 49.69 -64.81
CA THR J 132 32.72 48.93 -63.57
C THR J 132 33.44 49.58 -62.40
N PHE J 133 34.00 50.78 -62.56
CA PHE J 133 34.87 51.32 -61.50
C PHE J 133 35.13 52.79 -61.75
N CYS J 134 35.34 53.54 -60.67
CA CYS J 134 35.76 54.93 -60.72
C CYS J 134 36.20 55.34 -59.33
N LEU J 135 36.79 56.54 -59.22
CA LEU J 135 37.38 57.03 -57.98
C LEU J 135 36.73 58.32 -57.49
N HIS J 136 35.47 58.57 -57.84
CA HIS J 136 34.81 59.80 -57.44
C HIS J 136 33.99 59.58 -56.17
N THR J 137 33.35 60.64 -55.70
CA THR J 137 32.42 60.56 -54.59
C THR J 137 30.99 60.42 -55.10
N ASP J 138 30.04 60.35 -54.17
CA ASP J 138 28.64 60.22 -54.53
C ASP J 138 28.14 61.45 -55.28
N VAL J 139 28.74 62.60 -55.02
CA VAL J 139 28.31 63.84 -55.65
C VAL J 139 29.01 64.11 -56.99
N SER J 140 30.22 63.59 -57.21
CA SER J 140 30.97 63.94 -58.40
C SER J 140 31.09 62.79 -59.42
N CYS J 141 30.38 61.69 -59.22
CA CYS J 141 30.32 60.65 -60.24
C CYS J 141 29.36 61.07 -61.36
N ARG J 142 29.64 60.60 -62.58
CA ARG J 142 28.86 60.99 -63.75
C ARG J 142 28.25 59.82 -64.50
N GLN J 143 28.36 58.60 -63.99
CA GLN J 143 27.70 57.47 -64.62
C GLN J 143 26.19 57.53 -64.38
N ARG J 144 25.41 57.21 -65.40
CA ARG J 144 23.95 57.22 -65.30
C ARG J 144 23.42 55.81 -65.09
N ALA J 145 22.41 55.68 -64.23
CA ALA J 145 21.86 54.38 -63.86
C ALA J 145 20.42 54.57 -63.41
N ASP J 146 19.81 53.50 -62.90
CA ASP J 146 18.46 53.61 -62.35
C ASP J 146 18.26 52.93 -61.00
N VAL J 147 19.29 52.29 -60.42
CA VAL J 147 19.22 51.74 -59.08
C VAL J 147 20.49 52.13 -58.32
N ALA J 148 20.34 52.52 -57.07
CA ALA J 148 21.46 52.79 -56.17
C ALA J 148 21.35 51.94 -54.92
N ILE J 149 22.48 51.53 -54.37
CA ILE J 149 22.54 50.70 -53.17
C ILE J 149 23.49 51.33 -52.16
N TYR J 150 23.09 51.33 -50.90
CA TYR J 150 23.91 51.76 -49.78
C TYR J 150 23.99 50.62 -48.78
N GLN J 151 25.17 50.03 -48.61
CA GLN J 151 25.34 48.91 -47.69
C GLN J 151 26.27 49.34 -46.55
N ASP J 152 25.71 49.50 -45.35
CA ASP J 152 26.45 49.90 -44.16
C ASP J 152 27.19 51.21 -44.35
N VAL J 153 26.50 52.21 -44.88
CA VAL J 153 27.07 53.52 -45.17
C VAL J 153 26.47 54.51 -44.18
N TYR J 154 27.31 55.14 -43.37
CA TYR J 154 26.85 56.04 -42.33
C TYR J 154 27.47 57.44 -42.45
N ALA J 155 28.18 57.72 -43.53
CA ALA J 155 29.03 58.89 -43.60
C ALA J 155 28.49 60.02 -44.49
N VAL J 156 27.29 59.90 -45.03
CA VAL J 156 26.76 60.93 -45.91
C VAL J 156 25.45 61.48 -45.34
N HIS J 157 25.12 62.70 -45.77
CA HIS J 157 23.87 63.36 -45.47
C HIS J 157 22.82 62.92 -46.48
N ALA J 158 21.76 62.25 -46.01
CA ALA J 158 20.90 61.48 -46.90
C ALA J 158 20.18 62.31 -47.97
N PRO J 159 19.54 63.45 -47.67
CA PRO J 159 18.81 64.15 -48.75
C PRO J 159 19.70 64.71 -49.85
N THR J 160 20.86 65.25 -49.53
CA THR J 160 21.79 65.74 -50.56
C THR J 160 22.22 64.61 -51.48
N SER J 161 22.61 63.48 -50.89
CA SER J 161 23.03 62.32 -51.68
C SER J 161 21.91 61.82 -52.58
N LEU J 162 20.69 61.70 -52.04
CA LEU J 162 19.57 61.20 -52.83
C LEU J 162 19.22 62.14 -53.97
N TYR J 163 19.27 63.46 -53.73
CA TYR J 163 19.02 64.41 -54.80
C TYR J 163 20.03 64.27 -55.93
N HIS J 164 21.30 64.10 -55.59
CA HIS J 164 22.31 63.94 -56.62
C HIS J 164 22.16 62.63 -57.37
N GLN J 165 21.62 61.59 -56.73
CA GLN J 165 21.31 60.39 -57.49
C GLN J 165 20.09 60.58 -58.39
N ALA J 166 19.12 61.38 -57.96
CA ALA J 166 17.88 61.52 -58.71
C ALA J 166 18.08 62.35 -59.98
N ILE J 167 18.91 63.39 -59.94
CA ILE J 167 19.09 64.20 -61.14
C ILE J 167 19.84 63.45 -62.23
N LYS J 168 20.24 62.20 -61.95
CA LYS J 168 20.92 61.35 -62.90
C LYS J 168 20.07 60.19 -63.38
N GLY J 169 18.78 60.17 -63.04
CA GLY J 169 17.88 59.15 -63.54
C GLY J 169 17.65 57.93 -62.67
N VAL J 170 18.05 57.97 -61.42
CA VAL J 170 17.82 56.84 -60.52
C VAL J 170 16.40 56.93 -59.97
N ARG J 171 15.69 55.81 -59.96
CA ARG J 171 14.31 55.76 -59.50
C ARG J 171 14.09 54.93 -58.25
N LEU J 172 15.07 54.15 -57.81
CA LEU J 172 14.89 53.20 -56.72
C LEU J 172 16.19 53.04 -55.94
N ALA J 173 16.12 53.07 -54.62
CA ALA J 173 17.31 52.96 -53.78
C ALA J 173 17.03 52.11 -52.56
N TYR J 174 18.08 51.45 -52.05
CA TYR J 174 17.99 50.60 -50.87
C TYR J 174 19.06 50.98 -49.85
N TRP J 175 18.73 50.84 -48.57
CA TRP J 175 19.64 51.13 -47.46
C TRP J 175 19.60 50.00 -46.45
N VAL J 176 20.76 49.48 -46.07
CA VAL J 176 20.89 48.37 -45.13
C VAL J 176 21.68 48.84 -43.92
N GLY J 177 21.16 48.63 -42.71
CA GLY J 177 21.92 49.06 -41.55
C GLY J 177 21.19 48.90 -40.23
N PHE J 178 21.84 49.39 -39.18
CA PHE J 178 21.28 49.36 -37.82
C PHE J 178 20.15 50.38 -37.68
N ASP J 179 19.10 49.97 -36.96
CA ASP J 179 17.94 50.83 -36.74
C ASP J 179 18.31 52.15 -36.07
N THR J 180 17.78 53.25 -36.60
CA THR J 180 18.09 54.59 -36.15
C THR J 180 17.20 55.10 -35.02
N THR J 181 16.23 54.31 -34.56
CA THR J 181 15.31 54.77 -33.51
C THR J 181 15.96 55.20 -32.21
N PRO J 182 16.93 54.48 -31.63
CA PRO J 182 17.52 54.93 -30.35
C PRO J 182 18.17 56.30 -30.41
N PHE J 183 18.63 56.76 -31.57
CA PHE J 183 19.22 58.08 -31.67
C PHE J 183 18.18 59.18 -31.81
N MET J 184 16.95 58.86 -32.20
CA MET J 184 15.88 59.84 -32.19
C MET J 184 15.38 60.10 -30.77
N TYR J 185 15.45 59.11 -29.88
CA TYR J 185 15.14 59.31 -28.48
C TYR J 185 16.28 59.97 -27.69
N ASN J 186 17.46 60.15 -28.29
CA ASN J 186 18.57 60.92 -27.72
C ASN J 186 19.20 60.26 -26.48
N ALA J 187 19.45 58.95 -26.56
CA ALA J 187 20.07 58.23 -25.45
C ALA J 187 21.57 58.48 -25.38
N MET J 188 22.15 58.23 -24.21
CA MET J 188 23.59 58.41 -24.03
C MET J 188 24.42 57.16 -24.33
N ALA J 189 23.89 55.94 -24.16
CA ALA J 189 24.60 54.71 -24.50
C ALA J 189 23.58 53.61 -24.77
N GLY J 190 24.01 52.51 -25.40
CA GLY J 190 23.06 51.45 -25.67
C GLY J 190 23.66 50.16 -26.19
N ALA J 191 22.77 49.19 -26.46
CA ALA J 191 23.14 47.85 -26.87
C ALA J 191 22.24 47.32 -27.99
N TYR J 192 22.84 46.52 -28.89
CA TYR J 192 22.13 45.61 -29.80
C TYR J 192 22.60 44.21 -29.46
N PRO J 193 21.93 43.53 -28.52
CA PRO J 193 22.49 42.32 -27.91
C PRO J 193 22.51 41.08 -28.78
N SER J 194 21.57 40.94 -29.72
CA SER J 194 21.60 39.80 -30.62
C SER J 194 22.80 39.82 -31.57
N TYR J 195 23.41 40.97 -31.78
CA TYR J 195 24.54 41.10 -32.70
C TYR J 195 25.87 41.34 -31.99
N SER J 196 25.93 41.13 -30.68
CA SER J 196 27.11 41.38 -29.86
C SER J 196 27.63 42.81 -30.07
N THR J 197 26.72 43.79 -30.11
CA THR J 197 27.15 45.15 -30.41
C THR J 197 26.80 46.10 -29.28
N ASN J 198 27.75 46.99 -28.94
CA ASN J 198 27.53 48.01 -27.92
C ASN J 198 28.00 49.38 -28.41
N TRP J 199 27.37 50.46 -27.95
CA TRP J 199 27.77 51.79 -28.37
C TRP J 199 27.67 52.78 -27.21
N ALA J 200 28.47 53.85 -27.30
CA ALA J 200 28.52 54.84 -26.22
C ALA J 200 28.95 56.22 -26.71
N ASP J 201 28.43 57.24 -26.05
CA ASP J 201 28.91 58.61 -26.15
C ASP J 201 30.33 58.76 -25.62
N GLU J 202 31.11 59.63 -26.25
CA GLU J 202 32.52 59.79 -25.89
C GLU J 202 32.71 60.25 -24.45
N GLN J 203 31.74 60.97 -23.87
CA GLN J 203 31.88 61.46 -22.51
C GLN J 203 31.75 60.39 -21.42
N VAL J 204 31.30 59.19 -21.72
CA VAL J 204 31.10 58.19 -20.68
C VAL J 204 31.95 56.94 -20.91
N LEU J 205 33.06 57.06 -21.62
CA LEU J 205 33.91 55.89 -21.86
C LEU J 205 34.66 55.42 -20.62
N LYS J 206 34.69 56.21 -19.54
CA LYS J 206 35.30 55.80 -18.29
C LYS J 206 34.27 55.39 -17.24
N ALA J 207 33.13 54.86 -17.65
CA ALA J 207 32.15 54.31 -16.73
C ALA J 207 32.59 52.94 -16.24
N LYS J 208 31.73 52.28 -15.47
CA LYS J 208 32.07 51.01 -14.85
C LYS J 208 31.16 49.85 -15.27
N ASN J 209 29.86 50.06 -15.43
CA ASN J 209 28.93 48.94 -15.60
C ASN J 209 28.07 49.01 -16.87
N ILE J 210 28.52 49.69 -17.92
CA ILE J 210 27.81 49.64 -19.20
C ILE J 210 28.56 48.71 -20.14
N GLY J 211 28.00 48.47 -21.33
CA GLY J 211 28.58 47.51 -22.25
C GLY J 211 29.98 47.84 -22.73
N LEU J 212 30.23 49.09 -23.10
CA LEU J 212 31.52 49.49 -23.65
C LEU J 212 32.14 50.58 -22.78
N CYS J 213 33.14 50.22 -21.95
CA CYS J 213 33.75 51.13 -21.00
C CYS J 213 34.98 50.48 -20.36
N SER J 214 35.71 51.27 -19.56
CA SER J 214 36.89 50.80 -18.85
C SER J 214 37.28 51.79 -17.75
N THR J 215 37.61 51.28 -16.56
CA THR J 215 38.00 52.14 -15.44
C THR J 215 39.00 51.40 -14.54
N ASP J 216 39.41 52.02 -13.44
CA ASP J 216 40.45 51.45 -12.57
C ASP J 216 40.12 51.62 -11.09
N LEU J 217 40.90 50.94 -10.25
CA LEU J 217 40.68 50.92 -8.81
C LEU J 217 41.21 52.19 -8.12
N THR J 218 40.50 52.62 -7.08
CA THR J 218 40.88 53.81 -6.32
C THR J 218 40.43 53.66 -4.87
N GLU J 219 41.06 54.43 -3.98
CA GLU J 219 40.63 54.48 -2.59
C GLU J 219 39.71 55.65 -2.27
N GLY J 220 39.53 56.60 -3.18
CA GLY J 220 38.51 57.61 -2.96
C GLY J 220 38.89 58.86 -2.19
N ARG J 221 39.81 59.66 -2.74
CA ARG J 221 40.11 60.95 -2.15
C ARG J 221 38.94 61.90 -2.28
N ARG J 222 38.73 62.74 -1.26
CA ARG J 222 37.64 63.71 -1.30
C ARG J 222 38.01 65.02 -1.96
N GLY J 223 39.28 65.26 -2.26
CA GLY J 223 39.63 66.57 -2.76
C GLY J 223 39.19 66.87 -4.17
N LYS J 224 39.90 66.29 -5.14
CA LYS J 224 39.65 66.49 -6.58
C LYS J 224 39.19 67.92 -6.89
N LEU J 225 39.88 68.89 -6.31
CA LEU J 225 39.46 70.29 -6.38
C LEU J 225 39.80 70.84 -7.75
N SER J 226 38.79 71.00 -8.61
CA SER J 226 38.95 71.61 -9.91
C SER J 226 37.97 72.78 -10.01
N ILE J 227 38.49 73.93 -10.45
CA ILE J 227 37.66 75.13 -10.56
C ILE J 227 36.76 75.09 -11.79
N MET J 228 37.10 74.28 -12.80
CA MET J 228 36.34 74.21 -14.04
C MET J 228 34.98 73.56 -13.75
N ARG J 229 33.93 74.37 -13.76
CA ARG J 229 32.57 73.91 -13.45
C ARG J 229 31.96 73.27 -14.69
N GLY J 230 31.78 71.95 -14.65
CA GLY J 230 31.10 71.27 -15.74
C GLY J 230 29.61 71.49 -15.68
N LYS J 231 28.97 70.90 -14.68
CA LYS J 231 27.60 71.22 -14.28
C LYS J 231 26.51 70.80 -15.25
N LYS J 232 26.86 70.25 -16.42
CA LYS J 232 25.83 69.63 -17.26
C LYS J 232 26.43 68.44 -17.98
N LEU J 233 25.66 67.36 -18.05
CA LEU J 233 26.04 66.14 -18.75
C LEU J 233 24.96 65.89 -19.80
N GLU J 234 25.24 66.28 -21.03
CA GLU J 234 24.31 66.16 -22.15
C GLU J 234 24.98 65.43 -23.29
N PRO J 235 24.21 64.75 -24.13
CA PRO J 235 24.81 64.08 -25.30
C PRO J 235 25.50 65.06 -26.25
N CYS J 236 26.58 64.60 -26.85
CA CYS J 236 27.36 65.34 -27.84
C CYS J 236 27.43 64.54 -29.14
N ASP J 237 28.00 65.15 -30.17
CA ASP J 237 27.91 64.61 -31.53
C ASP J 237 28.72 63.32 -31.72
N ARG J 238 29.79 63.14 -30.95
CA ARG J 238 30.72 62.04 -31.21
C ARG J 238 30.27 60.75 -30.52
N VAL J 239 30.18 59.66 -31.27
CA VAL J 239 29.76 58.37 -30.71
C VAL J 239 30.71 57.27 -31.18
N LEU J 240 30.89 56.25 -30.35
CA LEU J 240 31.73 55.09 -30.69
C LEU J 240 30.89 53.81 -30.70
N PHE J 241 31.07 53.00 -31.76
CA PHE J 241 30.39 51.74 -31.99
C PHE J 241 31.38 50.58 -31.90
N SER J 242 30.98 49.48 -31.29
CA SER J 242 31.79 48.26 -31.25
C SER J 242 30.97 47.07 -31.70
N VAL J 243 31.32 46.50 -32.85
CA VAL J 243 30.66 45.35 -33.44
C VAL J 243 31.61 44.16 -33.31
N GLY J 244 31.28 43.24 -32.41
CA GLY J 244 32.25 42.24 -31.99
C GLY J 244 33.45 42.89 -31.35
N SER J 245 34.61 42.88 -32.02
CA SER J 245 35.76 43.64 -31.58
C SER J 245 36.20 44.68 -32.61
N THR J 246 35.38 44.97 -33.61
CA THR J 246 35.70 46.00 -34.60
C THR J 246 35.12 47.35 -34.17
N LEU J 247 35.94 48.39 -34.21
CA LEU J 247 35.58 49.72 -33.74
C LEU J 247 35.23 50.66 -34.91
N TYR J 248 34.15 51.44 -34.74
CA TYR J 248 33.76 52.46 -35.72
C TYR J 248 33.30 53.75 -35.05
N PRO J 249 33.90 54.89 -35.36
CA PRO J 249 33.37 56.16 -34.87
C PRO J 249 32.26 56.71 -35.78
N GLU J 250 31.31 57.44 -35.16
CA GLU J 250 30.15 57.96 -35.89
C GLU J 250 29.72 59.33 -35.36
N SER J 251 28.90 59.99 -36.17
CA SER J 251 28.34 61.31 -35.90
C SER J 251 26.82 61.23 -35.74
N ARG J 252 26.28 61.91 -34.72
CA ARG J 252 24.86 61.84 -34.42
C ARG J 252 24.00 62.48 -35.51
N LYS J 253 24.49 63.59 -36.10
CA LYS J 253 23.72 64.29 -37.13
C LYS J 253 23.51 63.41 -38.36
N LEU J 254 24.57 62.76 -38.83
CA LEU J 254 24.46 61.94 -40.02
C LEU J 254 23.59 60.71 -39.78
N LEU J 255 23.65 60.14 -38.58
CA LEU J 255 22.79 59.01 -38.24
C LEU J 255 21.32 59.43 -38.23
N LYS J 256 21.02 60.58 -37.61
CA LYS J 256 19.64 61.05 -37.59
C LYS J 256 19.11 61.36 -38.99
N SER J 257 19.98 61.79 -39.91
CA SER J 257 19.49 62.16 -41.23
C SER J 257 18.91 60.99 -42.03
N TRP J 258 19.15 59.75 -41.66
CA TRP J 258 18.57 58.61 -42.35
C TRP J 258 17.25 58.12 -41.76
N HIS J 259 16.73 58.78 -40.72
CA HIS J 259 15.42 58.46 -40.14
C HIS J 259 14.36 59.29 -40.88
N LEU J 260 14.00 58.83 -42.06
CA LEU J 260 13.24 59.60 -43.03
C LEU J 260 11.72 59.41 -42.84
N PRO J 261 10.93 60.44 -43.13
CA PRO J 261 9.47 60.31 -43.03
C PRO J 261 8.89 59.56 -44.23
N SER J 262 7.61 59.20 -44.10
CA SER J 262 7.00 58.35 -45.11
C SER J 262 6.80 59.07 -46.46
N VAL J 263 6.70 60.40 -46.47
CA VAL J 263 6.56 61.18 -47.69
C VAL J 263 7.42 62.44 -47.58
N PHE J 264 8.17 62.77 -48.65
CA PHE J 264 8.90 64.03 -48.62
C PHE J 264 9.14 64.56 -50.04
N HIS J 265 9.50 65.84 -50.12
CA HIS J 265 9.71 66.57 -51.36
C HIS J 265 11.15 67.07 -51.47
N LEU J 266 11.76 66.90 -52.65
CA LEU J 266 13.09 67.44 -52.94
C LEU J 266 12.95 68.54 -53.99
N LYS J 267 13.21 69.78 -53.61
CA LYS J 267 12.90 70.95 -54.43
C LYS J 267 14.16 71.72 -54.79
N GLY J 268 14.70 71.47 -55.98
CA GLY J 268 15.85 72.19 -56.46
C GLY J 268 15.58 72.79 -57.83
N LYS J 269 16.57 72.67 -58.72
CA LYS J 269 16.36 73.03 -60.11
C LYS J 269 15.30 72.14 -60.75
N LEU J 270 15.34 70.85 -60.45
CA LEU J 270 14.27 69.92 -60.72
C LEU J 270 13.65 69.50 -59.39
N SER J 271 12.46 68.91 -59.46
CA SER J 271 11.70 68.58 -58.27
C SER J 271 11.30 67.11 -58.27
N PHE J 272 11.21 66.53 -57.08
CA PHE J 272 10.89 65.12 -56.94
C PHE J 272 10.01 64.89 -55.71
N THR J 273 9.22 63.82 -55.76
CA THR J 273 8.37 63.36 -54.67
C THR J 273 8.79 61.94 -54.29
N CYS J 274 9.04 61.71 -53.00
CA CYS J 274 9.70 60.48 -52.56
C CYS J 274 9.00 59.83 -51.37
N ARG J 275 9.14 58.51 -51.27
CA ARG J 275 8.58 57.69 -50.20
C ARG J 275 9.65 56.76 -49.62
N CYS J 276 9.47 56.39 -48.34
CA CYS J 276 10.40 55.49 -47.65
C CYS J 276 9.63 54.48 -46.79
N ASP J 277 9.83 53.19 -47.05
CA ASP J 277 9.19 52.10 -46.33
C ASP J 277 10.24 51.15 -45.75
N THR J 278 9.88 50.47 -44.66
CA THR J 278 10.74 49.45 -44.05
C THR J 278 10.25 48.06 -44.44
N VAL J 279 11.09 47.29 -45.11
CA VAL J 279 10.66 46.01 -45.66
C VAL J 279 11.25 44.80 -44.96
N VAL J 280 12.34 44.93 -44.21
CA VAL J 280 12.86 43.85 -43.37
C VAL J 280 13.30 44.46 -42.04
N SER J 281 13.00 43.76 -40.94
CA SER J 281 13.33 44.22 -39.60
C SER J 281 13.57 43.01 -38.70
N CYS J 282 14.79 42.86 -38.17
CA CYS J 282 15.17 41.69 -37.39
C CYS J 282 16.03 42.11 -36.20
N GLU J 283 15.42 42.19 -35.02
CA GLU J 283 16.11 42.42 -33.74
C GLU J 283 17.07 43.61 -33.76
N GLY J 284 16.72 44.65 -34.50
CA GLY J 284 17.53 45.85 -34.57
C GLY J 284 18.32 46.07 -35.85
N TYR J 285 18.20 45.19 -36.84
CA TYR J 285 18.80 45.38 -38.16
C TYR J 285 17.68 45.55 -39.20
N VAL J 286 17.82 46.52 -40.11
CA VAL J 286 16.73 46.83 -41.05
C VAL J 286 17.20 47.02 -42.48
N VAL J 287 16.23 46.87 -43.40
CA VAL J 287 16.36 47.20 -44.82
C VAL J 287 15.27 48.19 -45.22
N LYS J 288 15.65 49.31 -45.82
CA LYS J 288 14.71 50.35 -46.26
C LYS J 288 14.72 50.51 -47.77
N ARG J 289 13.53 50.69 -48.35
CA ARG J 289 13.33 50.88 -49.79
C ARG J 289 12.78 52.28 -50.07
N ILE J 290 13.37 52.99 -51.02
CA ILE J 290 13.04 54.38 -51.31
C ILE J 290 12.77 54.54 -52.80
N THR J 291 11.66 55.21 -53.14
CA THR J 291 11.29 55.50 -54.52
C THR J 291 11.23 57.01 -54.75
N MET J 292 11.58 57.45 -55.96
CA MET J 292 11.58 58.87 -56.30
C MET J 292 10.94 59.09 -57.67
N SER J 293 10.16 60.17 -57.80
CA SER J 293 9.40 60.48 -59.01
C SER J 293 9.49 61.96 -59.37
N PRO J 294 9.55 62.30 -60.66
CA PRO J 294 9.66 63.71 -61.05
C PRO J 294 8.35 64.45 -60.88
N GLY J 295 8.43 65.68 -60.39
CA GLY J 295 7.27 66.50 -60.14
C GLY J 295 6.84 66.48 -58.69
N LEU J 296 5.90 67.37 -58.37
CA LEU J 296 5.38 67.53 -57.02
C LEU J 296 3.92 67.08 -56.94
N TYR J 297 3.62 66.17 -56.03
CA TYR J 297 2.28 65.63 -55.82
C TYR J 297 1.97 65.46 -54.34
N GLY J 298 0.71 65.66 -53.97
CA GLY J 298 0.27 65.41 -52.62
C GLY J 298 0.73 66.47 -51.63
N LYS J 299 0.73 66.08 -50.35
CA LYS J 299 1.26 66.95 -49.31
C LYS J 299 1.91 66.09 -48.21
N THR J 300 2.71 66.75 -47.39
CA THR J 300 3.51 66.09 -46.37
C THR J 300 2.98 66.42 -44.98
N THR J 301 3.19 65.49 -44.05
CA THR J 301 2.89 65.74 -42.65
C THR J 301 4.13 65.90 -41.78
N GLY J 302 5.23 65.25 -42.12
CA GLY J 302 6.42 65.30 -41.30
C GLY J 302 6.49 64.33 -40.15
N TYR J 303 5.86 63.16 -40.27
CA TYR J 303 5.87 62.17 -39.21
C TYR J 303 6.55 60.89 -39.68
N ALA J 304 7.33 60.28 -38.80
CA ALA J 304 8.01 59.01 -39.04
C ALA J 304 7.58 58.00 -37.99
N VAL J 305 7.32 56.76 -38.42
CA VAL J 305 6.73 55.72 -37.59
C VAL J 305 7.64 54.50 -37.53
N THR J 306 7.76 53.90 -36.34
CA THR J 306 8.46 52.64 -36.14
C THR J 306 7.51 51.62 -35.51
N HIS J 307 7.48 50.40 -36.05
CA HIS J 307 6.70 49.30 -35.51
C HIS J 307 7.59 48.38 -34.67
N HIS J 308 7.17 48.08 -33.45
CA HIS J 308 7.96 47.30 -32.50
C HIS J 308 7.46 45.86 -32.47
N ALA J 309 8.26 44.92 -32.98
CA ALA J 309 7.93 43.50 -32.86
C ALA J 309 8.45 42.90 -31.56
N ASP J 310 9.61 43.31 -31.09
CA ASP J 310 10.09 43.03 -29.74
C ASP J 310 9.96 44.30 -28.89
N GLY J 311 10.13 44.14 -27.58
CA GLY J 311 10.02 45.29 -26.69
C GLY J 311 11.22 46.21 -26.76
N PHE J 312 10.97 47.51 -26.60
CA PHE J 312 12.01 48.53 -26.60
C PHE J 312 11.97 49.32 -25.30
N LEU J 313 13.14 49.56 -24.70
CA LEU J 313 13.24 50.16 -23.36
C LEU J 313 14.24 51.30 -23.34
N MET J 314 13.89 52.39 -22.65
CA MET J 314 14.82 53.48 -22.33
C MET J 314 14.63 53.88 -20.88
N CYS J 315 15.73 54.04 -20.15
CA CYS J 315 15.63 54.29 -18.71
C CYS J 315 16.83 55.05 -18.15
N LYS J 316 16.63 55.58 -16.96
CA LYS J 316 17.64 56.35 -16.23
C LYS J 316 18.43 55.43 -15.30
N THR J 317 19.76 55.58 -15.31
CA THR J 317 20.64 54.75 -14.50
C THR J 317 21.71 55.61 -13.82
N THR J 318 22.26 55.09 -12.73
CA THR J 318 23.27 55.76 -11.92
C THR J 318 24.57 54.96 -11.95
N ASP J 319 25.69 55.65 -12.17
CA ASP J 319 26.99 55.00 -12.29
C ASP J 319 28.08 55.94 -11.76
N THR J 320 29.32 55.50 -11.82
CA THR J 320 30.47 56.36 -11.55
C THR J 320 31.29 56.50 -12.83
N VAL J 321 31.65 57.73 -13.17
CA VAL J 321 32.47 58.03 -14.33
C VAL J 321 33.75 58.67 -13.82
N ASP J 322 34.87 57.99 -14.07
CA ASP J 322 36.17 58.39 -13.53
C ASP J 322 36.11 58.62 -12.01
N GLY J 323 35.26 57.85 -11.33
CA GLY J 323 35.11 57.94 -9.89
C GLY J 323 34.04 58.87 -9.38
N GLU J 324 33.39 59.66 -10.24
CA GLU J 324 32.36 60.61 -9.80
C GLU J 324 30.97 60.05 -10.13
N ARG J 325 30.07 60.09 -9.16
CA ARG J 325 28.74 59.49 -9.31
C ARG J 325 27.79 60.40 -10.08
N VAL J 326 27.15 59.86 -11.13
CA VAL J 326 26.26 60.62 -12.02
C VAL J 326 25.09 59.74 -12.46
N SER J 327 24.14 60.37 -13.18
CA SER J 327 22.98 59.70 -13.76
C SER J 327 22.84 60.04 -15.24
N PHE J 328 22.42 59.06 -16.05
CA PHE J 328 22.18 59.29 -17.48
C PHE J 328 21.32 58.16 -18.04
N SER J 329 20.96 58.27 -19.33
CA SER J 329 19.96 57.39 -19.93
C SER J 329 20.58 56.31 -20.83
N VAL J 330 19.93 55.14 -20.85
CA VAL J 330 20.41 53.92 -21.50
C VAL J 330 19.24 53.20 -22.16
N CYS J 331 19.47 52.58 -23.34
CA CYS J 331 18.41 51.93 -24.10
C CYS J 331 18.77 50.49 -24.51
N THR J 332 17.75 49.64 -24.67
CA THR J 332 17.98 48.26 -25.10
C THR J 332 16.70 47.61 -25.67
N TYR J 333 16.85 46.38 -26.19
CA TYR J 333 15.79 45.56 -26.76
C TYR J 333 15.54 44.32 -25.92
N VAL J 334 14.28 43.89 -25.84
CA VAL J 334 13.87 42.75 -25.01
C VAL J 334 13.00 41.78 -25.81
N PRO J 335 13.24 40.47 -25.73
CA PRO J 335 12.44 39.51 -26.52
C PRO J 335 10.98 39.44 -26.10
N ALA J 336 10.13 39.12 -27.08
CA ALA J 336 8.68 39.25 -26.92
C ALA J 336 8.11 38.27 -25.90
N THR J 337 8.63 37.03 -25.84
CA THR J 337 8.09 36.05 -24.91
C THR J 337 8.29 36.47 -23.46
N ILE J 338 9.45 37.06 -23.14
CA ILE J 338 9.72 37.54 -21.79
C ILE J 338 8.78 38.68 -21.41
N CYS J 339 8.57 39.61 -22.34
CA CYS J 339 7.63 40.70 -22.14
C CYS J 339 6.23 40.16 -21.86
N ASP J 340 5.79 39.16 -22.63
CA ASP J 340 4.48 38.57 -22.39
C ASP J 340 4.40 37.88 -21.04
N GLN J 341 5.48 37.25 -20.60
CA GLN J 341 5.46 36.55 -19.33
C GLN J 341 5.57 37.47 -18.12
N MET J 342 5.89 38.75 -18.30
CA MET J 342 5.91 39.68 -17.16
C MET J 342 4.60 40.45 -16.95
N THR J 343 3.55 40.19 -17.74
CA THR J 343 2.35 41.03 -17.70
C THR J 343 1.66 40.97 -16.33
N GLY J 344 1.57 39.79 -15.73
CA GLY J 344 0.89 39.65 -14.45
C GLY J 344 1.65 40.30 -13.29
N ILE J 345 2.97 40.18 -13.29
CA ILE J 345 3.80 40.69 -12.18
C ILE J 345 3.68 42.21 -12.07
N LEU J 346 3.63 42.90 -13.20
CA LEU J 346 3.71 44.35 -13.20
C LEU J 346 2.40 45.03 -12.80
N ALA J 347 1.36 44.27 -12.44
CA ALA J 347 0.14 44.89 -11.92
C ALA J 347 0.33 45.49 -10.54
N THR J 348 1.29 45.01 -9.78
CA THR J 348 1.59 45.52 -8.44
C THR J 348 2.94 46.22 -8.43
N GLU J 349 3.32 46.70 -7.26
CA GLU J 349 4.64 47.28 -7.06
C GLU J 349 5.63 46.19 -6.66
N VAL J 350 6.75 46.14 -7.35
CA VAL J 350 7.75 45.10 -7.18
C VAL J 350 9.11 45.77 -7.00
N THR J 351 9.92 45.26 -6.08
CA THR J 351 11.27 45.79 -5.88
C THR J 351 12.21 45.33 -7.00
N PRO J 352 13.30 46.05 -7.23
CA PRO J 352 14.27 45.60 -8.25
C PRO J 352 14.87 44.22 -8.00
N GLU J 353 15.13 43.86 -6.74
CA GLU J 353 15.73 42.56 -6.44
C GLU J 353 14.79 41.41 -6.79
N ASP J 354 13.51 41.55 -6.44
CA ASP J 354 12.52 40.53 -6.77
C ASP J 354 12.32 40.41 -8.27
N ALA J 355 12.31 41.54 -8.98
CA ALA J 355 12.23 41.51 -10.43
C ALA J 355 13.42 40.78 -11.03
N GLN J 356 14.61 41.01 -10.51
CA GLN J 356 15.80 40.33 -11.01
C GLN J 356 15.71 38.81 -10.81
N LYS J 357 15.23 38.38 -9.64
CA LYS J 357 15.07 36.94 -9.43
C LYS J 357 14.03 36.33 -10.36
N LEU J 358 12.91 37.02 -10.58
CA LEU J 358 11.92 36.51 -11.52
C LEU J 358 12.46 36.41 -12.95
N LEU J 359 13.21 37.42 -13.39
CA LEU J 359 13.77 37.39 -14.74
C LEU J 359 14.77 36.26 -14.91
N VAL J 360 15.62 36.04 -13.90
CA VAL J 360 16.55 34.93 -13.98
C VAL J 360 15.80 33.60 -14.06
N GLY J 361 14.72 33.47 -13.28
CA GLY J 361 13.91 32.26 -13.36
C GLY J 361 13.31 32.04 -14.75
N LEU J 362 12.79 33.10 -15.37
CA LEU J 362 12.20 32.96 -16.71
C LEU J 362 13.25 32.67 -17.76
N ASN J 363 14.44 33.26 -17.64
CA ASN J 363 15.44 33.20 -18.71
C ASN J 363 16.05 31.81 -18.82
N GLN J 364 16.45 31.23 -17.70
CA GLN J 364 17.29 30.04 -17.70
C GLN J 364 16.41 28.80 -17.51
N ARG J 365 15.64 28.51 -18.55
CA ARG J 365 14.70 27.41 -18.53
C ARG J 365 14.39 26.93 -19.94
N THR J 376 20.61 26.89 -21.67
CA THR J 376 20.01 27.75 -22.68
C THR J 376 19.65 29.11 -22.11
N ASN J 377 19.79 30.16 -22.93
CA ASN J 377 19.52 31.52 -22.52
C ASN J 377 18.70 32.22 -23.59
N THR J 378 17.55 32.75 -23.21
CA THR J 378 16.75 33.53 -24.17
C THR J 378 17.36 34.91 -24.41
N MET J 379 17.81 35.58 -23.36
CA MET J 379 18.43 36.89 -23.48
C MET J 379 19.78 36.90 -22.76
N LYS J 380 20.65 37.83 -23.15
CA LYS J 380 21.99 37.92 -22.58
C LYS J 380 21.95 38.41 -21.14
N ASN J 381 22.78 37.81 -20.29
CA ASN J 381 22.69 38.04 -18.86
C ASN J 381 23.19 39.40 -18.42
N TYR J 382 24.17 39.98 -19.12
CA TYR J 382 24.76 41.25 -18.68
C TYR J 382 23.78 42.42 -18.74
N MET J 383 22.66 42.29 -19.44
CA MET J 383 21.64 43.34 -19.44
C MET J 383 20.56 43.13 -18.38
N ILE J 384 20.52 41.98 -17.71
CA ILE J 384 19.41 41.71 -16.79
C ILE J 384 19.28 42.71 -15.64
N PRO J 385 20.36 43.14 -14.97
CA PRO J 385 20.16 44.11 -13.86
C PRO J 385 19.54 45.44 -14.28
N VAL J 386 19.90 45.99 -15.44
CA VAL J 386 19.31 47.26 -15.84
C VAL J 386 17.82 47.09 -16.21
N VAL J 387 17.47 46.01 -16.91
CA VAL J 387 16.08 45.77 -17.27
C VAL J 387 15.23 45.62 -16.01
N ALA J 388 15.71 44.86 -15.03
CA ALA J 388 14.98 44.70 -13.77
C ALA J 388 14.71 46.04 -13.12
N GLN J 389 15.65 46.97 -13.21
CA GLN J 389 15.42 48.27 -12.59
C GLN J 389 14.33 49.03 -13.36
N ALA J 390 14.39 48.99 -14.69
CA ALA J 390 13.42 49.76 -15.49
C ALA J 390 12.00 49.29 -15.25
N PHE J 391 11.78 47.97 -15.31
CA PHE J 391 10.45 47.42 -15.06
C PHE J 391 9.92 47.84 -13.71
N SER J 392 10.81 47.95 -12.71
CA SER J 392 10.36 48.30 -11.38
C SER J 392 9.86 49.73 -11.32
N LYS J 393 10.50 50.65 -12.05
CA LYS J 393 10.06 52.03 -12.00
C LYS J 393 8.78 52.24 -12.79
N TRP J 394 8.67 51.60 -13.96
CA TRP J 394 7.45 51.70 -14.77
C TRP J 394 6.23 51.28 -13.97
N ALA J 395 6.31 50.11 -13.32
CA ALA J 395 5.19 49.63 -12.52
C ALA J 395 4.81 50.63 -11.44
N LYS J 396 5.80 51.33 -10.87
CA LYS J 396 5.46 52.31 -9.84
C LYS J 396 4.71 53.49 -10.44
N GLU J 397 5.19 54.01 -11.58
CA GLU J 397 4.61 55.22 -12.14
C GLU J 397 3.15 54.99 -12.54
N CYS J 398 2.83 53.82 -13.09
CA CYS J 398 1.46 53.51 -13.44
C CYS J 398 0.54 53.64 -12.22
N ARG J 399 0.96 53.14 -11.06
CA ARG J 399 0.11 53.24 -9.88
C ARG J 399 -0.17 54.69 -9.52
N LYS J 400 0.82 55.56 -9.67
CA LYS J 400 0.61 56.95 -9.31
C LYS J 400 -0.41 57.61 -10.21
N ASP J 401 -0.52 57.16 -11.47
CA ASP J 401 -1.55 57.70 -12.33
C ASP J 401 -2.93 57.25 -11.87
N MET J 402 -3.03 56.01 -11.38
CA MET J 402 -4.35 55.48 -11.03
C MET J 402 -4.92 56.11 -9.77
N GLU J 403 -4.07 56.66 -8.91
CA GLU J 403 -4.50 57.24 -7.66
C GLU J 403 -4.74 58.75 -7.74
N ASP J 404 -4.48 59.38 -8.88
CA ASP J 404 -4.73 60.80 -9.05
C ASP J 404 -5.53 60.99 -10.33
N GLU J 405 -6.84 60.78 -10.25
CA GLU J 405 -7.73 60.93 -11.39
C GLU J 405 -8.08 62.39 -11.62
N LYS J 406 -8.31 62.74 -12.88
CA LYS J 406 -8.74 64.06 -13.28
C LYS J 406 -10.17 63.99 -13.80
N LEU J 407 -10.72 65.15 -14.18
CA LEU J 407 -12.04 65.22 -14.77
C LEU J 407 -11.96 65.14 -16.28
N LEU J 408 -12.92 64.46 -16.89
CA LEU J 408 -12.94 64.30 -18.34
C LEU J 408 -13.06 65.63 -19.06
N GLY J 409 -12.26 65.79 -20.11
CA GLY J 409 -12.37 66.93 -20.99
C GLY J 409 -11.80 68.23 -20.44
N VAL J 410 -10.92 68.17 -19.46
CA VAL J 410 -10.50 69.35 -18.72
C VAL J 410 -9.00 69.28 -18.47
N ARG J 411 -8.35 70.43 -18.57
CA ARG J 411 -6.89 70.55 -18.41
C ARG J 411 -6.63 71.69 -17.44
N GLU J 412 -6.53 71.38 -16.15
CA GLU J 412 -6.39 72.42 -15.14
C GLU J 412 -4.99 73.03 -15.18
N ARG J 413 -4.92 74.36 -15.05
CA ARG J 413 -3.67 75.09 -15.10
C ARG J 413 -3.64 76.22 -14.08
N THR J 414 -4.12 75.94 -12.87
CA THR J 414 -4.19 76.94 -11.81
C THR J 414 -2.79 77.42 -11.39
N TRP J 421 -1.51 80.21 -11.89
CA TRP J 421 -1.74 80.15 -13.33
C TRP J 421 -0.69 79.28 -14.01
N ALA J 422 -0.26 78.21 -13.35
CA ALA J 422 0.76 77.34 -13.90
C ALA J 422 0.41 75.89 -13.63
N PHE J 423 0.99 75.01 -14.44
CA PHE J 423 0.84 73.56 -14.28
C PHE J 423 2.21 72.93 -14.09
N LYS J 424 2.23 71.82 -13.36
CA LYS J 424 3.47 71.12 -13.06
C LYS J 424 3.65 69.92 -13.99
N LYS J 425 4.91 69.59 -14.23
CA LYS J 425 5.26 68.38 -14.96
C LYS J 425 5.61 67.28 -13.97
N GLN J 426 5.15 66.07 -14.25
CA GLN J 426 5.51 64.92 -13.46
C GLN J 426 6.83 64.34 -13.93
N LYS J 427 7.52 63.65 -13.03
CA LYS J 427 8.79 63.03 -13.38
C LYS J 427 8.58 61.69 -14.06
N THR J 428 9.37 61.44 -15.09
CA THR J 428 9.30 60.20 -15.86
C THR J 428 10.70 59.61 -15.95
N HIS J 429 10.88 58.39 -15.45
CA HIS J 429 12.17 57.73 -15.48
C HIS J 429 12.26 56.54 -16.41
N THR J 430 11.17 56.09 -17.02
CA THR J 430 11.19 54.95 -17.93
C THR J 430 10.23 55.18 -19.10
N VAL J 431 10.67 54.88 -20.32
CA VAL J 431 9.75 54.70 -21.44
C VAL J 431 9.86 53.27 -21.93
N TYR J 432 8.71 52.64 -22.13
CA TYR J 432 8.61 51.21 -22.42
C TYR J 432 7.63 51.01 -23.57
N LYS J 433 8.12 50.66 -24.75
CA LYS J 433 7.28 50.36 -25.90
C LYS J 433 7.11 48.85 -25.99
N ARG J 434 5.89 48.37 -25.76
CA ARG J 434 5.54 46.97 -25.74
C ARG J 434 5.39 46.40 -27.14
N PRO J 435 5.49 45.08 -27.29
CA PRO J 435 5.24 44.45 -28.60
C PRO J 435 3.87 44.82 -29.15
N ASP J 436 3.84 45.11 -30.46
CA ASP J 436 2.69 45.53 -31.23
C ASP J 436 2.27 46.98 -30.97
N THR J 437 3.14 47.84 -30.49
CA THR J 437 2.88 49.27 -30.43
C THR J 437 3.76 49.98 -31.45
N GLN J 438 3.58 51.30 -31.59
CA GLN J 438 4.27 52.09 -32.60
C GLN J 438 4.79 53.40 -32.03
N SER J 439 6.02 53.75 -32.37
CA SER J 439 6.59 55.06 -32.09
C SER J 439 6.35 56.02 -33.26
N ILE J 440 6.20 57.31 -32.95
CA ILE J 440 5.94 58.34 -33.96
C ILE J 440 6.67 59.63 -33.59
N GLN J 441 7.50 60.14 -34.51
CA GLN J 441 8.31 61.34 -34.27
C GLN J 441 8.19 62.33 -35.40
N LYS J 442 8.35 63.61 -35.08
CA LYS J 442 8.20 64.70 -36.03
C LYS J 442 9.55 65.13 -36.59
N VAL J 443 9.72 65.07 -37.92
CA VAL J 443 10.97 65.39 -38.58
C VAL J 443 10.72 66.30 -39.78
N GLN J 444 11.80 66.77 -40.38
CA GLN J 444 11.72 67.66 -41.55
C GLN J 444 11.32 66.88 -42.79
N ALA J 445 10.47 67.50 -43.62
CA ALA J 445 9.96 66.83 -44.82
C ALA J 445 10.06 67.66 -46.10
N GLU J 446 10.51 68.90 -46.03
CA GLU J 446 10.71 69.74 -47.21
C GLU J 446 12.16 70.17 -47.29
N PHE J 447 12.84 69.79 -48.36
CA PHE J 447 14.26 70.05 -48.53
C PHE J 447 14.49 70.86 -49.80
N ASP J 448 15.11 72.02 -49.67
CA ASP J 448 15.44 72.84 -50.83
C ASP J 448 16.92 73.13 -50.98
N SER J 449 17.72 73.02 -49.93
CA SER J 449 19.12 73.42 -49.96
C SER J 449 20.01 72.21 -50.23
N PHE J 450 20.81 72.29 -51.29
CA PHE J 450 21.77 71.25 -51.63
C PHE J 450 23.04 71.93 -52.10
N VAL J 451 24.10 71.87 -51.30
CA VAL J 451 25.39 72.44 -51.69
C VAL J 451 26.49 71.40 -51.54
N TRP J 456 37.35 68.87 -56.60
CA TRP J 456 37.64 67.45 -56.52
C TRP J 456 39.09 67.16 -56.90
N SER J 457 39.76 66.38 -56.04
CA SER J 457 41.07 65.83 -56.34
C SER J 457 41.07 64.35 -55.98
N SER J 458 41.93 63.58 -56.65
CA SER J 458 41.81 62.12 -56.62
C SER J 458 41.99 61.56 -55.21
N GLY J 459 43.09 61.93 -54.55
CA GLY J 459 43.41 61.39 -53.25
C GLY J 459 44.25 60.14 -53.25
N LEU J 460 44.48 59.53 -54.41
CA LEU J 460 45.38 58.41 -54.55
C LEU J 460 46.83 58.90 -54.54
N SER J 461 47.76 57.97 -54.38
CA SER J 461 49.18 58.29 -54.29
C SER J 461 49.99 57.43 -55.24
N ILE J 462 51.16 57.94 -55.62
CA ILE J 462 51.99 57.27 -56.62
C ILE J 462 52.44 55.89 -56.19
N PRO J 463 52.98 55.69 -54.96
CA PRO J 463 53.42 54.34 -54.57
C PRO J 463 52.30 53.30 -54.60
N LEU J 464 51.09 53.67 -54.18
CA LEU J 464 49.98 52.73 -54.22
C LEU J 464 49.59 52.39 -55.65
N ARG J 465 49.60 53.39 -56.53
CA ARG J 465 49.33 53.15 -57.94
C ARG J 465 50.36 52.20 -58.53
N THR J 466 51.63 52.40 -58.18
CA THR J 466 52.68 51.51 -58.66
C THR J 466 52.49 50.10 -58.15
N ARG J 467 52.10 49.95 -56.87
CA ARG J 467 51.86 48.61 -56.34
C ARG J 467 50.72 47.93 -57.06
N ILE J 468 49.62 48.65 -57.32
CA ILE J 468 48.48 48.05 -58.02
C ILE J 468 48.86 47.68 -59.44
N LYS J 469 49.57 48.56 -60.14
CA LYS J 469 50.00 48.27 -61.51
C LYS J 469 50.90 47.05 -61.56
N TRP J 470 51.85 46.95 -60.62
CA TRP J 470 52.72 45.79 -60.58
C TRP J 470 51.92 44.52 -60.29
N LEU J 471 50.99 44.60 -59.35
CA LEU J 471 50.22 43.42 -58.95
C LEU J 471 49.31 42.95 -60.08
N LEU J 472 48.89 43.87 -60.96
CA LEU J 472 48.02 43.51 -62.06
C LEU J 472 48.80 43.05 -63.28
N SER J 473 49.76 43.86 -63.75
CA SER J 473 50.46 43.58 -64.98
C SER J 473 51.19 42.24 -64.97
N LYS J 474 51.50 41.71 -63.78
CA LYS J 474 52.08 40.39 -63.64
C LYS J 474 53.38 40.25 -64.43
N ASP K 2 45.12 15.30 -43.20
CA ASP K 2 43.99 16.20 -43.03
C ASP K 2 43.58 16.36 -41.56
N PRO K 3 43.67 15.31 -40.74
CA PRO K 3 43.64 15.52 -39.30
C PRO K 3 44.91 16.19 -38.81
N VAL K 4 44.78 16.90 -37.69
CA VAL K 4 45.90 17.48 -36.99
C VAL K 4 46.01 16.80 -35.64
N TYR K 5 47.23 16.42 -35.25
CA TYR K 5 47.48 15.61 -34.08
C TYR K 5 48.11 16.45 -32.99
N VAL K 6 47.54 16.41 -31.79
CA VAL K 6 48.05 17.19 -30.68
C VAL K 6 48.40 16.27 -29.51
N ASP K 7 49.44 16.65 -28.77
CA ASP K 7 50.02 15.80 -27.72
C ASP K 7 49.36 16.11 -26.37
N ILE K 8 48.11 15.68 -26.25
CA ILE K 8 47.34 15.83 -25.02
C ILE K 8 46.60 14.55 -24.75
N ASP K 9 46.17 14.40 -23.50
CA ASP K 9 45.42 13.22 -23.09
C ASP K 9 44.04 13.18 -23.74
N ALA K 10 43.57 11.97 -24.04
CA ALA K 10 42.33 11.80 -24.78
C ALA K 10 41.10 12.19 -23.99
N ASP K 11 41.19 12.26 -22.67
CA ASP K 11 40.06 12.63 -21.82
C ASP K 11 40.13 14.06 -21.32
N SER K 12 41.00 14.89 -21.88
CA SER K 12 41.13 16.27 -21.44
C SER K 12 39.89 17.08 -21.78
N ALA K 13 39.55 18.03 -20.92
CA ALA K 13 38.48 18.98 -21.20
C ALA K 13 38.89 20.10 -22.16
N PHE K 14 40.18 20.36 -22.31
CA PHE K 14 40.65 21.44 -23.15
C PHE K 14 40.41 21.17 -24.63
N LEU K 15 40.12 19.92 -24.98
CA LEU K 15 39.97 19.54 -26.38
C LEU K 15 38.75 20.20 -27.01
N LYS K 16 37.65 20.34 -26.26
CA LYS K 16 36.46 20.97 -26.83
C LYS K 16 36.69 22.45 -27.08
N ALA K 17 37.40 23.13 -26.18
CA ALA K 17 37.76 24.52 -26.42
C ALA K 17 38.64 24.66 -27.65
N LEU K 18 39.61 23.75 -27.82
CA LEU K 18 40.45 23.77 -29.01
C LEU K 18 39.63 23.57 -30.28
N GLN K 19 38.69 22.64 -30.25
CA GLN K 19 37.85 22.38 -31.42
C GLN K 19 36.96 23.58 -31.76
N ARG K 20 36.41 24.25 -30.76
CA ARG K 20 35.63 25.45 -31.04
C ARG K 20 36.48 26.58 -31.60
N ALA K 21 37.75 26.70 -31.17
CA ALA K 21 38.58 27.79 -31.67
C ALA K 21 39.08 27.58 -33.10
N TYR K 22 39.18 26.35 -33.58
CA TYR K 22 39.68 26.05 -34.93
C TYR K 22 38.67 25.19 -35.67
N PRO K 23 37.54 25.77 -36.09
CA PRO K 23 36.49 24.96 -36.72
C PRO K 23 36.84 24.44 -38.11
N MET K 24 37.91 24.90 -38.73
CA MET K 24 38.27 24.44 -40.07
C MET K 24 39.16 23.20 -40.08
N PHE K 25 39.53 22.67 -38.92
CA PHE K 25 40.38 21.49 -38.86
C PHE K 25 39.63 20.35 -38.19
N GLU K 26 40.33 19.23 -38.03
CA GLU K 26 39.80 18.03 -37.39
C GLU K 26 40.88 17.51 -36.46
N VAL K 27 40.65 17.63 -35.15
CA VAL K 27 41.69 17.58 -34.13
C VAL K 27 41.65 16.24 -33.43
N GLU K 28 42.78 15.52 -33.47
CA GLU K 28 43.01 14.20 -32.87
C GLU K 28 44.02 14.26 -31.73
N PRO K 29 43.71 13.65 -30.60
CA PRO K 29 44.70 13.56 -29.52
C PRO K 29 45.62 12.36 -29.66
N ARG K 30 46.92 12.56 -29.45
CA ARG K 30 47.91 11.50 -29.54
C ARG K 30 49.04 11.82 -28.56
N GLN K 31 48.96 11.30 -27.34
CA GLN K 31 49.87 11.68 -26.27
C GLN K 31 51.16 10.86 -26.31
N VAL K 32 52.30 11.54 -26.22
CA VAL K 32 53.59 10.86 -26.22
C VAL K 32 54.51 11.25 -25.06
N THR K 33 54.28 12.36 -24.38
CA THR K 33 55.12 12.80 -23.27
C THR K 33 54.21 13.31 -22.15
N PRO K 34 54.73 13.39 -20.90
CA PRO K 34 54.00 14.03 -19.80
C PRO K 34 54.32 15.52 -19.61
N ASN K 35 54.34 16.28 -20.70
CA ASN K 35 54.68 17.70 -20.62
C ASN K 35 53.72 18.45 -19.70
N ASP K 36 54.27 19.25 -18.80
CA ASP K 36 53.40 19.95 -17.85
C ASP K 36 52.91 21.30 -18.36
N HIS K 37 53.25 21.69 -19.59
CA HIS K 37 52.62 22.82 -20.27
C HIS K 37 52.15 22.42 -21.67
N ALA K 38 51.42 21.30 -21.74
CA ALA K 38 51.01 20.73 -23.02
C ALA K 38 49.99 21.59 -23.78
N ASN K 39 49.06 22.22 -23.07
CA ASN K 39 48.00 22.99 -23.74
C ASN K 39 48.56 24.17 -24.53
N ALA K 40 49.55 24.87 -23.97
CA ALA K 40 50.16 26.00 -24.66
C ALA K 40 50.85 25.58 -25.95
N ARG K 41 51.57 24.45 -25.91
CA ARG K 41 52.25 23.94 -27.11
C ARG K 41 51.23 23.54 -28.18
N ALA K 42 50.13 22.90 -27.78
CA ALA K 42 49.12 22.53 -28.76
C ALA K 42 48.51 23.76 -29.45
N PHE K 43 48.22 24.82 -28.68
CA PHE K 43 47.68 26.04 -29.29
C PHE K 43 48.66 26.64 -30.30
N SER K 44 49.94 26.70 -29.95
CA SER K 44 50.92 27.27 -30.88
C SER K 44 51.02 26.45 -32.18
N HIS K 45 50.98 25.13 -32.06
CA HIS K 45 51.03 24.25 -33.23
C HIS K 45 49.87 24.52 -34.18
N LEU K 46 48.65 24.57 -33.64
CA LEU K 46 47.49 24.83 -34.50
C LEU K 46 47.54 26.23 -35.12
N ALA K 47 48.06 27.22 -34.39
CA ALA K 47 48.15 28.56 -34.94
C ALA K 47 49.05 28.60 -36.17
N ILE K 48 50.20 27.91 -36.10
CA ILE K 48 51.09 27.89 -37.26
C ILE K 48 50.41 27.22 -38.45
N LYS K 49 49.70 26.11 -38.20
CA LYS K 49 48.98 25.47 -39.31
C LYS K 49 48.01 26.42 -39.99
N LEU K 50 47.20 27.13 -39.21
CA LEU K 50 46.20 28.04 -39.80
C LEU K 50 46.86 29.15 -40.59
N ILE K 51 47.93 29.76 -40.05
CA ILE K 51 48.60 30.83 -40.78
C ILE K 51 49.15 30.32 -42.10
N GLU K 52 49.75 29.13 -42.10
CA GLU K 52 50.25 28.59 -43.37
C GLU K 52 49.13 28.35 -44.35
N GLN K 53 47.95 27.95 -43.88
CA GLN K 53 46.83 27.75 -44.80
C GLN K 53 46.34 29.08 -45.39
N GLU K 54 46.44 30.20 -44.66
CA GLU K 54 46.00 31.47 -45.25
C GLU K 54 46.84 31.92 -46.43
N ILE K 55 48.15 31.96 -46.29
CA ILE K 55 48.97 32.64 -47.29
C ILE K 55 49.25 31.74 -48.48
N ASP K 56 49.66 32.37 -49.60
CA ASP K 56 49.90 31.55 -50.78
C ASP K 56 51.38 31.27 -50.95
N PRO K 57 51.74 30.15 -51.59
CA PRO K 57 53.16 29.87 -51.83
C PRO K 57 53.76 30.84 -52.84
N ASP K 58 55.04 30.65 -53.16
CA ASP K 58 55.88 31.55 -53.97
C ASP K 58 56.25 32.82 -53.23
N SER K 59 55.70 33.03 -52.04
CA SER K 59 56.13 34.13 -51.19
C SER K 59 57.13 33.62 -50.17
N THR K 60 58.11 34.46 -49.84
CA THR K 60 59.13 34.14 -48.85
C THR K 60 58.73 34.75 -47.51
N ILE K 61 58.98 34.01 -46.43
CA ILE K 61 58.49 34.34 -45.10
C ILE K 61 59.68 34.59 -44.20
N LEU K 62 59.76 35.80 -43.62
CA LEU K 62 60.75 36.07 -42.58
C LEU K 62 60.28 35.50 -41.25
N ASP K 63 61.14 34.76 -40.58
CA ASP K 63 60.84 34.19 -39.27
C ASP K 63 61.71 34.90 -38.24
N ILE K 64 61.11 35.84 -37.52
CA ILE K 64 61.83 36.70 -36.58
C ILE K 64 62.04 35.96 -35.27
N GLY K 65 63.29 35.90 -34.82
CA GLY K 65 63.66 35.17 -33.62
C GLY K 65 63.35 33.69 -33.71
N SER K 66 63.79 33.08 -34.80
CA SER K 66 63.34 31.74 -35.16
C SER K 66 63.99 30.65 -34.29
N ALA K 67 63.33 29.51 -34.26
CA ALA K 67 63.93 28.24 -33.82
C ALA K 67 63.96 27.30 -35.02
N PRO K 68 65.09 27.21 -35.73
CA PRO K 68 65.07 26.66 -37.09
C PRO K 68 64.58 25.21 -37.20
N ALA K 69 64.82 24.38 -36.19
CA ALA K 69 64.41 22.98 -36.27
C ALA K 69 62.91 22.81 -36.41
N ARG K 70 62.11 23.80 -36.00
CA ARG K 70 60.66 23.69 -36.18
C ARG K 70 60.25 23.86 -37.64
N ARG K 71 61.05 24.56 -38.44
CA ARG K 71 60.67 24.83 -39.83
C ARG K 71 61.31 23.86 -40.81
N MET K 72 61.96 22.81 -40.33
CA MET K 72 62.84 22.02 -41.19
C MET K 72 62.08 21.08 -42.12
N MET K 73 60.95 20.50 -41.66
CA MET K 73 60.13 19.64 -42.50
C MET K 73 58.92 20.35 -43.09
N SER K 74 59.06 21.63 -43.44
CA SER K 74 58.00 22.39 -44.08
C SER K 74 58.35 22.62 -45.54
N ASP K 75 57.33 22.64 -46.39
CA ASP K 75 57.55 22.85 -47.82
C ASP K 75 57.56 24.32 -48.24
N ARG K 76 57.20 25.24 -47.35
CA ARG K 76 57.21 26.65 -47.68
C ARG K 76 58.63 27.20 -47.63
N LYS K 77 58.79 28.50 -47.90
CA LYS K 77 60.10 29.13 -48.01
C LYS K 77 60.32 30.09 -46.85
N TYR K 78 61.06 29.64 -45.85
CA TYR K 78 61.36 30.43 -44.67
C TYR K 78 62.77 30.98 -44.72
N HIS K 79 62.95 32.19 -44.19
CA HIS K 79 64.25 32.78 -43.94
C HIS K 79 64.32 33.06 -42.44
N CYS K 80 65.17 32.31 -41.73
CA CYS K 80 65.19 32.34 -40.28
C CYS K 80 66.19 33.37 -39.79
N VAL K 81 65.74 34.30 -38.95
CA VAL K 81 66.60 35.34 -38.41
C VAL K 81 66.97 34.92 -37.00
N CYS K 82 68.22 34.57 -36.79
CA CYS K 82 68.65 34.04 -35.47
C CYS K 82 69.85 34.71 -34.89
N PRO K 83 69.61 35.70 -34.04
CA PRO K 83 70.75 36.28 -33.37
C PRO K 83 71.02 35.49 -32.03
N MET K 84 72.23 35.32 -31.61
CA MET K 84 72.44 34.58 -30.37
C MET K 84 72.44 35.45 -29.12
N ARG K 85 71.30 36.05 -28.75
CA ARG K 85 71.15 36.95 -27.63
C ARG K 85 70.61 36.29 -26.37
N SER K 86 70.20 35.03 -26.45
CA SER K 86 69.57 34.32 -25.35
C SER K 86 70.40 33.10 -24.98
N ALA K 87 70.34 32.71 -23.71
CA ALA K 87 71.11 31.56 -23.23
C ALA K 87 70.60 30.24 -23.76
N GLU K 88 69.41 30.20 -24.34
CA GLU K 88 68.85 28.98 -24.91
C GLU K 88 69.21 28.79 -26.37
N ASP K 89 69.88 29.73 -27.01
CA ASP K 89 70.12 29.72 -28.45
C ASP K 89 71.18 28.73 -28.93
N PRO K 90 72.36 28.61 -28.27
CA PRO K 90 73.34 27.64 -28.77
C PRO K 90 72.84 26.21 -28.83
N GLU K 91 72.02 25.81 -27.87
CA GLU K 91 71.44 24.47 -27.89
C GLU K 91 70.44 24.30 -29.03
N ARG K 92 69.66 25.34 -29.32
CA ARG K 92 68.75 25.29 -30.46
C ARG K 92 69.52 25.15 -31.78
N LEU K 93 70.62 25.89 -31.92
CA LEU K 93 71.45 25.78 -33.12
C LEU K 93 72.06 24.39 -33.27
N ALA K 94 72.61 23.86 -32.17
CA ALA K 94 73.19 22.52 -32.23
C ALA K 94 72.13 21.48 -32.57
N ASN K 95 70.92 21.64 -32.04
CA ASN K 95 69.84 20.70 -32.33
C ASN K 95 69.45 20.77 -33.80
N TYR K 96 69.46 21.98 -34.39
CA TYR K 96 69.17 22.11 -35.81
C TYR K 96 70.22 21.40 -36.66
N ALA K 97 71.50 21.61 -36.35
CA ALA K 97 72.56 20.94 -37.10
C ALA K 97 72.47 19.42 -36.97
N ARG K 98 72.17 18.93 -35.77
CA ARG K 98 72.00 17.49 -35.56
C ARG K 98 70.86 16.94 -36.39
N LYS K 99 69.68 17.58 -36.32
CA LYS K 99 68.54 17.16 -37.13
C LYS K 99 68.86 17.17 -38.61
N LEU K 100 69.58 18.18 -39.08
CA LEU K 100 69.95 18.25 -40.50
C LEU K 100 70.83 17.09 -40.89
N ALA K 101 71.91 16.85 -40.12
CA ALA K 101 72.86 15.80 -40.46
C ALA K 101 72.23 14.42 -40.40
N SER K 102 71.29 14.19 -39.47
CA SER K 102 70.71 12.86 -39.34
C SER K 102 69.97 12.43 -40.59
N ALA K 103 69.18 13.31 -41.18
CA ALA K 103 68.39 12.99 -42.35
C ALA K 103 68.93 13.79 -43.53
N ALA K 104 69.94 13.25 -44.20
CA ALA K 104 70.59 13.96 -45.30
C ALA K 104 70.34 13.32 -46.66
N GLY K 105 69.98 12.04 -46.71
CA GLY K 105 69.63 11.40 -47.96
C GLY K 105 68.29 10.72 -47.89
N LYS K 106 67.82 10.48 -46.66
CA LYS K 106 66.54 9.78 -46.47
C LYS K 106 65.37 10.67 -46.87
N VAL K 107 65.49 11.97 -46.68
CA VAL K 107 64.45 12.94 -47.04
C VAL K 107 64.90 13.71 -48.26
N LEU K 108 64.06 13.77 -49.28
CA LEU K 108 64.44 14.37 -50.56
C LEU K 108 63.57 15.53 -50.98
N ASP K 109 62.30 15.59 -50.54
CA ASP K 109 61.40 16.65 -50.98
C ASP K 109 61.86 18.02 -50.50
N ARG K 110 62.35 18.09 -49.26
CA ARG K 110 62.76 19.35 -48.68
C ARG K 110 64.16 19.71 -49.15
N ASN K 111 64.45 21.01 -49.12
CA ASN K 111 65.73 21.53 -49.59
C ASN K 111 66.82 21.24 -48.54
N ILE K 112 67.01 19.96 -48.25
CA ILE K 112 67.93 19.55 -47.19
C ILE K 112 69.36 19.93 -47.55
N SER K 113 69.79 19.58 -48.77
CA SER K 113 71.14 19.88 -49.19
C SER K 113 71.40 21.39 -49.24
N GLY K 114 70.42 22.14 -49.74
CA GLY K 114 70.56 23.59 -49.75
C GLY K 114 70.69 24.17 -48.35
N LYS K 115 69.93 23.62 -47.40
CA LYS K 115 70.01 24.09 -46.02
C LYS K 115 71.38 23.79 -45.42
N ILE K 116 71.92 22.59 -45.69
CA ILE K 116 73.25 22.25 -45.19
C ILE K 116 74.30 23.19 -45.76
N GLY K 117 74.23 23.42 -47.08
CA GLY K 117 75.17 24.34 -47.71
C GLY K 117 75.07 25.75 -47.16
N ASP K 118 73.86 26.23 -46.92
CA ASP K 118 73.68 27.58 -46.38
C ASP K 118 74.27 27.69 -44.98
N LEU K 119 74.03 26.68 -44.14
CA LEU K 119 74.59 26.71 -42.79
C LEU K 119 76.11 26.71 -42.84
N GLN K 120 76.71 25.88 -43.71
CA GLN K 120 78.17 25.86 -43.81
C GLN K 120 78.71 27.19 -44.29
N ALA K 121 78.07 27.79 -45.30
CA ALA K 121 78.52 29.06 -45.83
C ALA K 121 78.43 30.15 -44.77
N VAL K 122 77.40 30.12 -43.93
CA VAL K 122 77.30 31.11 -42.86
C VAL K 122 78.39 30.89 -41.82
N MET K 123 78.67 29.64 -41.47
CA MET K 123 79.74 29.35 -40.52
C MET K 123 81.09 29.85 -41.04
N ALA K 124 81.34 29.73 -42.35
CA ALA K 124 82.60 30.20 -42.90
C ALA K 124 82.76 31.71 -42.74
N VAL K 125 81.78 32.48 -43.21
CA VAL K 125 81.78 33.93 -43.10
C VAL K 125 80.50 34.35 -42.41
N PRO K 126 80.56 34.99 -41.23
CA PRO K 126 79.36 35.20 -40.42
C PRO K 126 78.51 36.39 -40.83
N ASP K 127 78.89 37.14 -41.85
CA ASP K 127 78.16 38.34 -42.27
C ASP K 127 77.59 38.18 -43.67
N THR K 128 77.03 37.02 -43.97
CA THR K 128 76.47 36.77 -45.29
C THR K 128 75.02 36.32 -45.17
N GLU K 129 74.17 36.85 -46.03
CA GLU K 129 72.79 36.40 -46.12
C GLU K 129 72.71 35.19 -47.05
N THR K 130 71.91 34.21 -46.67
CA THR K 130 71.60 33.06 -47.49
C THR K 130 70.09 32.91 -47.52
N PRO K 131 69.54 32.18 -48.49
CA PRO K 131 68.09 32.09 -48.60
C PRO K 131 67.39 31.51 -47.37
N THR K 132 68.06 30.74 -46.53
CA THR K 132 67.37 30.07 -45.43
C THR K 132 67.88 30.43 -44.04
N PHE K 133 68.88 31.29 -43.90
CA PHE K 133 69.50 31.47 -42.58
C PHE K 133 70.37 32.72 -42.60
N CYS K 134 70.49 33.34 -41.43
CA CYS K 134 71.41 34.46 -41.21
C CYS K 134 71.51 34.70 -39.71
N LEU K 135 72.44 35.57 -39.32
CA LEU K 135 72.75 35.82 -37.92
C LEU K 135 72.52 37.27 -37.51
N HIS K 136 71.64 37.99 -38.20
CA HIS K 136 71.42 39.39 -37.90
C HIS K 136 70.23 39.55 -36.96
N THR K 137 69.93 40.80 -36.61
CA THR K 137 68.75 41.12 -35.83
C THR K 137 67.61 41.55 -36.77
N ASP K 138 66.46 41.88 -36.17
CA ASP K 138 65.31 42.31 -36.96
C ASP K 138 65.59 43.62 -37.69
N VAL K 139 66.47 44.45 -37.16
CA VAL K 139 66.78 45.73 -37.75
C VAL K 139 67.91 45.67 -38.80
N SER K 140 68.82 44.70 -38.69
CA SER K 140 69.99 44.68 -39.55
C SER K 140 69.98 43.57 -40.60
N CYS K 141 68.88 42.83 -40.73
CA CYS K 141 68.74 41.88 -41.82
C CYS K 141 68.43 42.61 -43.13
N ARG K 142 68.89 42.04 -44.25
CA ARG K 142 68.73 42.68 -45.56
C ARG K 142 67.99 41.81 -46.57
N GLN K 143 67.44 40.67 -46.17
CA GLN K 143 66.64 39.88 -47.09
C GLN K 143 65.28 40.54 -47.31
N ARG K 144 64.79 40.52 -48.54
CA ARG K 144 63.51 41.12 -48.89
C ARG K 144 62.44 40.03 -48.98
N ALA K 145 61.24 40.34 -48.50
CA ALA K 145 60.15 39.38 -48.45
C ALA K 145 58.83 40.14 -48.43
N ASP K 146 57.73 39.41 -48.24
CA ASP K 146 56.43 40.06 -48.11
C ASP K 146 55.57 39.55 -46.96
N VAL K 147 56.02 38.58 -46.17
CA VAL K 147 55.32 38.14 -44.97
C VAL K 147 56.34 38.03 -43.84
N ALA K 148 55.96 38.46 -42.65
CA ALA K 148 56.75 38.30 -41.43
C ALA K 148 55.93 37.60 -40.37
N ILE K 149 56.59 36.79 -39.55
CA ILE K 149 55.93 36.05 -38.48
C ILE K 149 56.68 36.27 -37.17
N TYR K 150 55.93 36.47 -36.09
CA TYR K 150 56.45 36.57 -34.74
C TYR K 150 55.76 35.52 -33.88
N GLN K 151 56.50 34.52 -33.43
CA GLN K 151 55.92 33.45 -32.61
C GLN K 151 56.54 33.50 -31.21
N ASP K 152 55.73 33.91 -30.23
CA ASP K 152 56.14 34.01 -28.83
C ASP K 152 57.36 34.91 -28.65
N VAL K 153 57.31 36.09 -29.26
CA VAL K 153 58.39 37.06 -29.23
C VAL K 153 57.95 38.24 -28.38
N TYR K 154 58.66 38.49 -27.29
CA TYR K 154 58.27 39.54 -26.36
C TYR K 154 59.38 40.57 -26.14
N ALA K 155 60.46 40.52 -26.92
CA ALA K 155 61.67 41.26 -26.61
C ALA K 155 61.92 42.47 -27.50
N VAL K 156 61.00 42.83 -28.40
CA VAL K 156 61.21 43.96 -29.28
C VAL K 156 60.12 45.00 -29.09
N HIS K 157 60.44 46.24 -29.47
CA HIS K 157 59.50 47.35 -29.49
C HIS K 157 58.75 47.34 -30.82
N ALA K 158 57.43 47.15 -30.75
CA ALA K 158 56.67 46.76 -31.94
C ALA K 158 56.70 47.78 -33.08
N PRO K 159 56.49 49.08 -32.88
CA PRO K 159 56.48 49.99 -34.05
C PRO K 159 57.81 50.12 -34.77
N THR K 160 58.93 50.16 -34.06
CA THR K 160 60.23 50.21 -34.71
C THR K 160 60.47 48.98 -35.57
N SER K 161 60.18 47.80 -35.01
CA SER K 161 60.35 46.55 -35.74
C SER K 161 59.47 46.51 -36.98
N LEU K 162 58.20 46.89 -36.85
CA LEU K 162 57.29 46.86 -38.00
C LEU K 162 57.71 47.84 -39.09
N TYR K 163 58.19 49.03 -38.71
CA TYR K 163 58.67 49.97 -39.71
C TYR K 163 59.85 49.41 -40.48
N HIS K 164 60.78 48.75 -39.78
CA HIS K 164 61.92 48.18 -40.48
C HIS K 164 61.53 47.01 -41.37
N GLN K 165 60.46 46.29 -41.03
CA GLN K 165 59.97 45.29 -41.96
C GLN K 165 59.27 45.93 -43.16
N ALA K 166 58.59 47.06 -42.97
CA ALA K 166 57.81 47.67 -44.05
C ALA K 166 58.71 48.30 -45.11
N ILE K 167 59.82 48.92 -44.70
CA ILE K 167 60.66 49.57 -45.71
C ILE K 167 61.38 48.54 -46.59
N LYS K 168 61.15 47.26 -46.33
CA LYS K 168 61.71 46.18 -47.11
C LYS K 168 60.68 45.43 -47.95
N GLY K 169 59.44 45.93 -48.01
CA GLY K 169 58.43 45.34 -48.86
C GLY K 169 57.48 44.35 -48.23
N VAL K 170 57.45 44.24 -46.91
CA VAL K 170 56.53 43.34 -46.25
C VAL K 170 55.15 44.00 -46.14
N ARG K 171 54.11 43.25 -46.47
CA ARG K 171 52.75 43.77 -46.45
C ARG K 171 51.84 43.12 -45.41
N LEU K 172 52.25 42.03 -44.78
CA LEU K 172 51.38 41.27 -43.90
C LEU K 172 52.21 40.63 -42.79
N ALA K 173 51.73 40.72 -41.55
CA ALA K 173 52.46 40.17 -40.40
C ALA K 173 51.50 39.53 -39.41
N TYR K 174 51.99 38.53 -38.69
CA TYR K 174 51.22 37.81 -37.68
C TYR K 174 51.97 37.77 -36.35
N TRP K 175 51.22 37.81 -35.25
CA TRP K 175 51.77 37.76 -33.90
C TRP K 175 50.98 36.75 -33.06
N VAL K 176 51.67 35.83 -32.40
CA VAL K 176 51.05 34.79 -31.59
C VAL K 176 51.53 34.94 -30.16
N GLY K 177 50.62 34.99 -29.19
CA GLY K 177 51.07 35.12 -27.82
C GLY K 177 49.96 35.30 -26.80
N PHE K 178 50.38 35.52 -25.55
CA PHE K 178 49.45 35.75 -24.44
C PHE K 178 48.82 37.13 -24.54
N ASP K 179 47.53 37.21 -24.22
CA ASP K 179 46.77 38.46 -24.28
C ASP K 179 47.39 39.54 -23.40
N THR K 180 47.52 40.75 -23.95
CA THR K 180 48.17 41.87 -23.29
C THR K 180 47.24 42.72 -22.44
N THR K 181 45.95 42.39 -22.38
CA THR K 181 44.99 43.21 -21.62
C THR K 181 45.31 43.38 -20.13
N PRO K 182 45.69 42.35 -19.37
CA PRO K 182 45.96 42.58 -17.94
C PRO K 182 47.08 43.57 -17.65
N PHE K 183 48.02 43.77 -18.57
CA PHE K 183 49.07 44.75 -18.35
C PHE K 183 48.63 46.16 -18.68
N MET K 184 47.57 46.34 -19.46
CA MET K 184 47.02 47.68 -19.67
C MET K 184 46.23 48.15 -18.46
N TYR K 185 45.64 47.24 -17.69
CA TYR K 185 44.99 47.59 -16.44
C TYR K 185 45.98 47.76 -15.28
N ASN K 186 47.27 47.44 -15.47
CA ASN K 186 48.35 47.73 -14.52
C ASN K 186 48.24 46.90 -13.22
N ALA K 187 47.98 45.61 -13.35
CA ALA K 187 47.89 44.73 -12.19
C ALA K 187 49.27 44.35 -11.64
N MET K 188 49.30 43.93 -10.38
CA MET K 188 50.56 43.53 -9.76
C MET K 188 50.90 42.05 -9.92
N ALA K 189 49.91 41.15 -10.04
CA ALA K 189 50.16 39.73 -10.27
C ALA K 189 48.94 39.12 -10.95
N GLY K 190 49.09 37.92 -11.52
CA GLY K 190 47.94 37.31 -12.17
C GLY K 190 48.13 35.88 -12.61
N ALA K 191 47.07 35.33 -13.24
CA ALA K 191 47.00 33.94 -13.65
C ALA K 191 46.38 33.78 -15.04
N TYR K 192 46.87 32.78 -15.79
CA TYR K 192 46.20 32.21 -16.96
C TYR K 192 45.96 30.74 -16.64
N PRO K 193 44.81 30.41 -16.02
CA PRO K 193 44.65 29.10 -15.39
C PRO K 193 44.46 27.92 -16.33
N SER K 194 43.90 28.14 -17.52
CA SER K 194 43.77 27.06 -18.49
C SER K 194 45.11 26.57 -19.01
N TYR K 195 46.16 27.38 -18.92
CA TYR K 195 47.46 27.02 -19.44
C TYR K 195 48.49 26.74 -18.34
N SER K 196 48.04 26.56 -17.10
CA SER K 196 48.92 26.35 -15.94
C SER K 196 49.97 27.45 -15.83
N THR K 197 49.58 28.70 -16.04
CA THR K 197 50.57 29.78 -16.07
C THR K 197 50.28 30.82 -15.01
N ASN K 198 51.32 31.27 -14.30
CA ASN K 198 51.20 32.32 -13.31
C ASN K 198 52.30 33.38 -13.50
N TRP K 199 52.02 34.62 -13.13
CA TRP K 199 53.01 35.69 -13.28
C TRP K 199 52.94 36.66 -12.11
N ALA K 200 54.07 37.32 -11.84
CA ALA K 200 54.15 38.24 -10.71
C ALA K 200 55.22 39.32 -10.90
N ASP K 201 54.95 40.48 -10.32
CA ASP K 201 55.92 41.55 -10.14
C ASP K 201 57.04 41.13 -9.19
N GLU K 202 58.25 41.61 -9.47
CA GLU K 202 59.42 41.21 -8.68
C GLU K 202 59.31 41.60 -7.21
N GLN K 203 58.56 42.65 -6.88
CA GLN K 203 58.44 43.08 -5.50
C GLN K 203 57.57 42.19 -4.61
N VAL K 204 56.81 41.25 -5.16
CA VAL K 204 55.91 40.45 -4.33
C VAL K 204 56.25 38.96 -4.42
N LEU K 205 57.49 38.61 -4.75
CA LEU K 205 57.85 37.19 -4.84
C LEU K 205 57.92 36.50 -3.48
N LYS K 206 57.91 37.24 -2.37
CA LYS K 206 57.88 36.67 -1.04
C LYS K 206 56.50 36.72 -0.40
N ALA K 207 55.44 36.67 -1.18
CA ALA K 207 54.08 36.59 -0.67
C ALA K 207 53.78 35.17 -0.21
N LYS K 208 52.55 34.93 0.20
CA LYS K 208 52.15 33.64 0.76
C LYS K 208 51.05 32.93 -0.03
N ASN K 209 50.05 33.64 -0.55
CA ASN K 209 48.86 32.97 -1.11
C ASN K 209 48.55 33.33 -2.56
N ILE K 210 49.53 33.75 -3.35
CA ILE K 210 49.31 33.96 -4.79
C ILE K 210 49.90 32.77 -5.55
N GLY K 211 49.70 32.75 -6.87
CA GLY K 211 50.12 31.60 -7.66
C GLY K 211 51.62 31.34 -7.66
N LEU K 212 52.43 32.37 -7.81
CA LEU K 212 53.89 32.22 -7.90
C LEU K 212 54.57 32.99 -6.77
N CYS K 213 55.02 32.29 -5.73
CA CYS K 213 55.61 32.91 -4.54
C CYS K 213 56.21 31.85 -3.63
N SER K 214 56.89 32.31 -2.58
CA SER K 214 57.51 31.43 -1.59
C SER K 214 57.89 32.21 -0.33
N THR K 215 57.61 31.65 0.84
CA THR K 215 57.91 32.31 2.11
C THR K 215 58.21 31.26 3.18
N ASP K 216 58.45 31.70 4.42
CA ASP K 216 58.86 30.79 5.49
C ASP K 216 58.17 31.12 6.82
N LEU K 217 58.32 30.21 7.79
CA LEU K 217 57.66 30.31 9.09
C LEU K 217 58.38 31.29 10.02
N THR K 218 57.61 32.01 10.83
CA THR K 218 58.15 32.96 11.79
C THR K 218 57.25 33.05 13.01
N GLU K 219 57.81 33.53 14.13
CA GLU K 219 57.03 33.79 15.32
C GLU K 219 56.57 35.24 15.46
N GLY K 220 57.06 36.15 14.64
CA GLY K 220 56.49 37.48 14.65
C GLY K 220 57.06 38.51 15.61
N ARG K 221 58.34 38.86 15.46
CA ARG K 221 58.92 39.94 16.24
C ARG K 221 58.30 41.28 15.85
N ARG K 222 58.13 42.16 16.84
CA ARG K 222 57.57 43.47 16.58
C ARG K 222 58.60 44.51 16.19
N GLY K 223 59.89 44.22 16.31
CA GLY K 223 60.85 45.27 16.08
C GLY K 223 61.04 45.68 14.63
N LYS K 224 61.74 44.84 13.87
CA LYS K 224 62.05 45.08 12.46
C LYS K 224 62.31 46.56 12.16
N LEU K 225 63.09 47.19 13.03
CA LEU K 225 63.28 48.64 12.97
C LEU K 225 64.23 48.98 11.83
N SER K 226 63.69 49.50 10.73
CA SER K 226 64.48 49.96 9.60
C SER K 226 64.11 51.41 9.32
N ILE K 227 65.13 52.26 9.18
CA ILE K 227 64.92 53.68 8.95
C ILE K 227 64.50 53.97 7.50
N MET K 228 64.81 53.06 6.58
CA MET K 228 64.52 53.26 5.16
C MET K 228 63.00 53.21 4.96
N ARG K 229 62.40 54.37 4.71
CA ARG K 229 60.96 54.49 4.55
C ARG K 229 60.56 54.11 3.12
N GLY K 230 59.90 52.98 2.98
CA GLY K 230 59.39 52.60 1.67
C GLY K 230 58.17 53.40 1.30
N LYS K 231 57.06 53.14 1.99
CA LYS K 231 55.87 53.98 1.99
C LYS K 231 55.08 54.01 0.69
N LYS K 232 55.53 53.32 -0.36
CA LYS K 232 54.68 53.14 -1.53
C LYS K 232 54.96 51.78 -2.14
N LEU K 233 53.91 51.09 -2.55
CA LEU K 233 53.98 49.80 -3.23
C LEU K 233 53.29 49.97 -4.58
N GLU K 234 54.07 50.19 -5.62
CA GLU K 234 53.56 50.41 -6.97
C GLU K 234 54.23 49.44 -7.92
N PRO K 235 53.58 49.10 -9.03
CA PRO K 235 54.21 48.22 -10.03
C PRO K 235 55.48 48.82 -10.61
N CYS K 236 56.44 47.94 -10.90
CA CYS K 236 57.70 48.29 -11.53
C CYS K 236 57.87 47.49 -12.82
N ASP K 237 58.93 47.80 -13.57
CA ASP K 237 59.08 47.30 -14.93
C ASP K 237 59.34 45.78 -15.00
N ARG K 238 59.94 45.21 -13.97
CA ARG K 238 60.41 43.83 -14.04
C ARG K 238 59.31 42.85 -13.65
N VAL K 239 59.05 41.86 -14.50
CA VAL K 239 58.01 40.86 -14.23
C VAL K 239 58.55 39.46 -14.50
N LEU K 240 58.06 38.46 -13.76
CA LEU K 240 58.45 37.06 -13.94
C LEU K 240 57.24 36.22 -14.34
N PHE K 241 57.41 35.39 -15.37
CA PHE K 241 56.41 34.50 -15.92
C PHE K 241 56.80 33.03 -15.65
N SER K 242 55.83 32.19 -15.30
CA SER K 242 56.06 30.76 -15.14
C SER K 242 55.02 29.99 -15.94
N VAL K 243 55.48 29.29 -16.98
CA VAL K 243 54.65 28.48 -17.86
C VAL K 243 54.97 27.01 -17.57
N GLY K 244 54.04 26.32 -16.90
CA GLY K 244 54.36 25.03 -16.31
C GLY K 244 55.46 25.17 -15.27
N SER K 245 56.66 24.69 -15.57
CA SER K 245 57.82 24.94 -14.73
C SER K 245 58.93 25.68 -15.46
N THR K 246 58.65 26.25 -16.63
CA THR K 246 59.64 27.04 -17.36
C THR K 246 59.51 28.52 -17.00
N LEU K 247 60.64 29.15 -16.68
CA LEU K 247 60.69 30.53 -16.22
C LEU K 247 61.13 31.49 -17.33
N TYR K 248 60.43 32.64 -17.42
CA TYR K 248 60.79 33.70 -18.37
C TYR K 248 60.69 35.09 -17.74
N PRO K 249 61.74 35.89 -17.74
CA PRO K 249 61.61 37.28 -17.30
C PRO K 249 61.16 38.20 -18.44
N GLU K 250 60.42 39.26 -18.07
CA GLU K 250 59.83 40.18 -19.06
C GLU K 250 59.82 41.62 -18.55
N SER K 251 59.62 42.53 -19.50
CA SER K 251 59.56 43.97 -19.28
C SER K 251 58.16 44.50 -19.60
N ARG K 252 57.63 45.37 -18.72
CA ARG K 252 56.27 45.88 -18.88
C ARG K 252 56.13 46.78 -20.10
N LYS K 253 57.16 47.58 -20.40
CA LYS K 253 57.10 48.50 -21.54
C LYS K 253 56.96 47.74 -22.86
N LEU K 254 57.77 46.71 -23.06
CA LEU K 254 57.74 45.97 -24.30
C LEU K 254 56.45 45.19 -24.46
N LEU K 255 55.90 44.67 -23.35
CA LEU K 255 54.61 44.00 -23.41
C LEU K 255 53.49 44.96 -23.79
N LYS K 256 53.47 46.15 -23.19
CA LYS K 256 52.46 47.14 -23.54
C LYS K 256 52.56 47.58 -24.99
N SER K 257 53.77 47.61 -25.56
CA SER K 257 53.91 48.11 -26.92
C SER K 257 53.20 47.25 -27.97
N TRP K 258 52.82 46.01 -27.67
CA TRP K 258 52.10 45.18 -28.63
C TRP K 258 50.57 45.27 -28.51
N HIS K 259 50.06 46.12 -27.61
CA HIS K 259 48.61 46.37 -27.49
C HIS K 259 48.24 47.52 -28.43
N LEU K 260 48.13 47.21 -29.70
CA LEU K 260 48.06 48.19 -30.78
C LEU K 260 46.63 48.63 -31.08
N PRO K 261 46.43 49.87 -31.48
CA PRO K 261 45.08 50.34 -31.85
C PRO K 261 44.67 49.84 -33.23
N SER K 262 43.39 50.02 -33.53
CA SER K 262 42.84 49.46 -34.76
C SER K 262 43.38 50.16 -36.02
N VAL K 263 43.81 51.42 -35.93
CA VAL K 263 44.37 52.16 -37.05
C VAL K 263 45.56 52.97 -36.56
N PHE K 264 46.67 52.94 -37.31
CA PHE K 264 47.79 53.82 -36.94
C PHE K 264 48.65 54.16 -38.15
N HIS K 265 49.48 55.19 -37.99
CA HIS K 265 50.34 55.74 -39.03
C HIS K 265 51.81 55.62 -38.65
N LEU K 266 52.65 55.20 -39.61
CA LEU K 266 54.10 55.15 -39.42
C LEU K 266 54.73 56.18 -40.35
N LYS K 267 55.33 57.23 -39.78
CA LYS K 267 55.76 58.41 -40.53
C LYS K 267 57.27 58.60 -40.42
N GLY K 268 58.01 58.12 -41.40
CA GLY K 268 59.45 58.32 -41.45
C GLY K 268 59.88 58.93 -42.77
N LYS K 269 60.97 58.40 -43.32
CA LYS K 269 61.37 58.78 -44.67
C LYS K 269 60.31 58.37 -45.68
N LEU K 270 59.75 57.17 -45.52
CA LEU K 270 58.55 56.74 -46.19
C LEU K 270 57.43 56.63 -45.16
N SER K 271 56.19 56.57 -45.65
CA SER K 271 55.03 56.60 -44.78
C SER K 271 54.12 55.41 -45.05
N PHE K 272 53.44 54.94 -44.00
CA PHE K 272 52.57 53.78 -44.11
C PHE K 272 51.33 53.96 -43.23
N THR K 273 50.25 53.28 -43.63
CA THR K 273 49.00 53.23 -42.90
C THR K 273 48.69 51.78 -42.56
N CYS K 274 48.42 51.50 -41.27
CA CYS K 274 48.36 50.12 -40.79
C CYS K 274 47.14 49.84 -39.94
N ARG K 275 46.72 48.57 -39.93
CA ARG K 275 45.58 48.07 -39.17
C ARG K 275 45.96 46.81 -38.39
N CYS K 276 45.26 46.59 -37.26
CA CYS K 276 45.49 45.41 -36.42
C CYS K 276 44.17 44.82 -35.95
N ASP K 277 43.94 43.54 -36.26
CA ASP K 277 42.72 42.82 -35.88
C ASP K 277 43.09 41.54 -35.11
N THR K 278 42.17 41.09 -34.25
CA THR K 278 42.32 39.84 -33.52
C THR K 278 41.48 38.74 -34.17
N VAL K 279 42.13 37.69 -34.65
CA VAL K 279 41.44 36.67 -35.42
C VAL K 279 41.26 35.34 -34.70
N VAL K 280 42.02 35.06 -33.64
CA VAL K 280 41.79 33.89 -32.80
C VAL K 280 41.99 34.30 -31.35
N SER K 281 41.11 33.81 -30.47
CA SER K 281 41.14 34.14 -29.05
C SER K 281 40.60 32.96 -28.25
N CYS K 282 41.44 32.36 -27.39
CA CYS K 282 41.06 31.15 -26.65
C CYS K 282 41.61 31.24 -25.22
N GLU K 283 40.72 31.58 -24.28
CA GLU K 283 41.00 31.54 -22.83
C GLU K 283 42.29 32.27 -22.44
N GLY K 284 42.64 33.34 -23.15
CA GLY K 284 43.82 34.11 -22.84
C GLY K 284 44.99 33.97 -23.80
N TYR K 285 44.87 33.17 -24.85
CA TYR K 285 45.87 33.08 -25.92
C TYR K 285 45.31 33.64 -27.22
N VAL K 286 46.08 34.46 -27.95
CA VAL K 286 45.56 35.14 -29.13
C VAL K 286 46.50 35.09 -30.33
N VAL K 287 45.89 35.31 -31.51
CA VAL K 287 46.58 35.51 -32.78
C VAL K 287 46.13 36.85 -33.38
N LYS K 288 47.09 37.71 -33.73
CA LYS K 288 46.82 39.02 -34.32
C LYS K 288 47.37 39.12 -35.74
N ARG K 289 46.59 39.75 -36.63
CA ARG K 289 46.94 39.96 -38.04
C ARG K 289 47.08 41.45 -38.32
N ILE K 290 48.18 41.83 -38.97
CA ILE K 290 48.53 43.24 -39.21
C ILE K 290 48.82 43.45 -40.69
N THR K 291 48.23 44.50 -41.28
CA THR K 291 48.46 44.87 -42.67
C THR K 291 49.05 46.27 -42.75
N MET K 292 49.91 46.50 -43.75
CA MET K 292 50.57 47.80 -43.92
C MET K 292 50.53 48.21 -45.39
N SER K 293 50.31 49.51 -45.65
CA SER K 293 50.16 50.06 -46.99
C SER K 293 50.91 51.37 -47.16
N PRO K 294 51.51 51.62 -48.33
CA PRO K 294 52.28 52.85 -48.51
C PRO K 294 51.37 54.06 -48.69
N GLY K 295 51.76 55.17 -48.07
CA GLY K 295 51.00 56.40 -48.11
C GLY K 295 50.15 56.59 -46.86
N LEU K 296 49.57 57.78 -46.75
CA LEU K 296 48.75 58.17 -45.61
C LEU K 296 47.30 58.35 -46.03
N TYR K 297 46.39 57.65 -45.34
CA TYR K 297 44.96 57.70 -45.60
C TYR K 297 44.16 57.70 -44.31
N GLY K 298 43.03 58.41 -44.31
CA GLY K 298 42.11 58.38 -43.19
C GLY K 298 42.60 59.21 -42.01
N LYS K 299 42.06 58.89 -40.84
CA LYS K 299 42.51 59.50 -39.60
C LYS K 299 42.40 58.50 -38.46
N THR K 300 43.09 58.80 -37.37
CA THR K 300 43.21 57.91 -36.23
C THR K 300 42.43 58.46 -35.04
N THR K 301 41.96 57.55 -34.18
CA THR K 301 41.35 57.94 -32.92
C THR K 301 42.21 57.62 -31.70
N GLY K 302 43.02 56.57 -31.76
CA GLY K 302 43.82 56.18 -30.62
C GLY K 302 43.13 55.29 -29.61
N TYR K 303 42.17 54.46 -30.02
CA TYR K 303 41.45 53.58 -29.12
C TYR K 303 41.72 52.12 -29.49
N ALA K 304 41.88 51.27 -28.47
CA ALA K 304 42.05 49.84 -28.63
C ALA K 304 40.95 49.11 -27.86
N VAL K 305 40.39 48.06 -28.48
CA VAL K 305 39.21 47.36 -27.97
C VAL K 305 39.52 45.89 -27.76
N THR K 306 39.00 45.33 -26.66
CA THR K 306 39.06 43.90 -26.39
C THR K 306 37.65 43.36 -26.19
N HIS K 307 37.33 42.24 -26.83
CA HIS K 307 36.05 41.55 -26.66
C HIS K 307 36.21 40.38 -25.70
N HIS K 308 35.34 40.31 -24.70
CA HIS K 308 35.43 39.29 -23.63
C HIS K 308 34.42 38.18 -23.90
N ALA K 309 34.92 36.99 -24.24
CA ALA K 309 34.05 35.81 -24.36
C ALA K 309 33.85 35.09 -23.03
N ASP K 310 34.87 35.03 -22.19
CA ASP K 310 34.76 34.62 -20.80
C ASP K 310 34.85 35.85 -19.91
N GLY K 311 34.53 35.68 -18.62
CA GLY K 311 34.59 36.81 -17.71
C GLY K 311 36.01 37.17 -17.32
N PHE K 312 36.24 38.47 -17.11
CA PHE K 312 37.54 38.98 -16.69
C PHE K 312 37.39 39.78 -15.39
N LEU K 313 38.31 39.54 -14.44
CA LEU K 313 38.21 40.10 -13.09
C LEU K 313 39.51 40.74 -12.65
N MET K 314 39.39 41.89 -11.98
CA MET K 314 40.51 42.54 -11.29
C MET K 314 40.05 43.04 -9.93
N CYS K 315 40.84 42.76 -8.89
CA CYS K 315 40.39 43.07 -7.53
C CYS K 315 41.54 43.31 -6.57
N LYS K 316 41.20 43.90 -5.44
CA LYS K 316 42.14 44.23 -4.37
C LYS K 316 42.18 43.10 -3.34
N THR K 317 43.39 42.71 -2.94
CA THR K 317 43.58 41.62 -1.99
C THR K 317 44.62 42.01 -0.93
N THR K 318 44.54 41.34 0.21
CA THR K 318 45.42 41.58 1.36
C THR K 318 46.25 40.33 1.64
N ASP K 319 47.55 40.51 1.84
CA ASP K 319 48.48 39.39 2.06
C ASP K 319 49.59 39.84 2.99
N THR K 320 50.53 38.94 3.26
CA THR K 320 51.78 39.29 3.94
C THR K 320 52.94 39.06 2.99
N VAL K 321 53.84 40.03 2.91
CA VAL K 321 55.04 39.95 2.08
C VAL K 321 56.22 40.03 3.02
N ASP K 322 57.02 38.96 3.06
CA ASP K 322 58.12 38.83 4.00
C ASP K 322 57.67 39.10 5.44
N GLY K 323 56.43 38.76 5.75
CA GLY K 323 55.89 38.94 7.08
C GLY K 323 55.15 40.24 7.34
N GLU K 324 55.16 41.19 6.40
CA GLU K 324 54.50 42.49 6.60
C GLU K 324 53.19 42.52 5.81
N ARG K 325 52.10 42.94 6.47
CA ARG K 325 50.77 42.90 5.87
C ARG K 325 50.53 44.09 4.94
N VAL K 326 50.12 43.83 3.69
CA VAL K 326 49.91 44.85 2.66
C VAL K 326 48.71 44.50 1.79
N SER K 327 48.35 45.42 0.90
CA SER K 327 47.27 45.26 -0.08
C SER K 327 47.74 45.58 -1.48
N PHE K 328 47.27 44.83 -2.48
CA PHE K 328 47.61 45.09 -3.88
C PHE K 328 46.60 44.38 -4.80
N SER K 329 46.74 44.58 -6.10
CA SER K 329 45.73 44.15 -7.07
C SER K 329 46.12 42.90 -7.85
N VAL K 330 45.12 42.09 -8.18
CA VAL K 330 45.27 40.75 -8.77
C VAL K 330 44.19 40.54 -9.83
N CYS K 331 44.52 39.84 -10.93
CA CYS K 331 43.59 39.64 -12.03
C CYS K 331 43.49 38.17 -12.47
N THR K 332 42.32 37.79 -13.01
CA THR K 332 42.12 36.42 -13.49
C THR K 332 40.95 36.32 -14.48
N TYR K 333 40.78 35.12 -15.05
CA TYR K 333 39.73 34.77 -16.00
C TYR K 333 38.76 33.75 -15.41
N VAL K 334 37.48 33.85 -15.75
CA VAL K 334 36.42 32.99 -15.21
C VAL K 334 35.55 32.43 -16.32
N PRO K 335 35.22 31.13 -16.31
CA PRO K 335 34.41 30.55 -17.40
C PRO K 335 32.99 31.08 -17.44
N ALA K 336 32.44 31.10 -18.67
CA ALA K 336 31.18 31.79 -18.93
C ALA K 336 29.98 31.15 -18.24
N THR K 337 29.93 29.81 -18.16
CA THR K 337 28.80 29.14 -17.53
C THR K 337 28.68 29.49 -16.05
N ILE K 338 29.81 29.58 -15.34
CA ILE K 338 29.79 29.95 -13.93
C ILE K 338 29.30 31.38 -13.74
N CYS K 339 29.78 32.30 -14.59
CA CYS K 339 29.31 33.68 -14.57
C CYS K 339 27.79 33.75 -14.78
N ASP K 340 27.28 32.98 -15.75
CA ASP K 340 25.84 32.97 -15.98
C ASP K 340 25.08 32.41 -14.79
N GLN K 341 25.63 31.41 -14.11
CA GLN K 341 24.94 30.81 -12.99
C GLN K 341 25.00 31.65 -11.72
N MET K 342 25.84 32.69 -11.66
CA MET K 342 25.84 33.56 -10.48
C MET K 342 24.94 34.79 -10.59
N THR K 343 24.19 34.96 -11.69
CA THR K 343 23.45 36.20 -11.92
C THR K 343 22.40 36.46 -10.84
N GLY K 344 21.67 35.43 -10.42
CA GLY K 344 20.63 35.61 -9.42
C GLY K 344 21.17 35.94 -8.03
N ILE K 345 22.27 35.29 -7.64
CA ILE K 345 22.82 35.48 -6.29
C ILE K 345 23.27 36.92 -6.07
N LEU K 346 23.86 37.54 -7.09
CA LEU K 346 24.48 38.85 -6.92
C LEU K 346 23.48 40.00 -6.87
N ALA K 347 22.18 39.72 -6.91
CA ALA K 347 21.19 40.79 -6.73
C ALA K 347 21.15 41.31 -5.31
N THR K 348 21.56 40.50 -4.33
CA THR K 348 21.58 40.89 -2.93
C THR K 348 23.02 40.99 -2.44
N GLU K 349 23.17 41.33 -1.17
CA GLU K 349 24.47 41.33 -0.52
C GLU K 349 24.78 39.95 0.04
N VAL K 350 25.95 39.44 -0.27
CA VAL K 350 26.36 38.09 0.09
C VAL K 350 27.74 38.18 0.73
N THR K 351 27.96 37.41 1.80
CA THR K 351 29.26 37.37 2.45
C THR K 351 30.26 36.54 1.62
N PRO K 352 31.55 36.77 1.81
CA PRO K 352 32.55 35.93 1.09
C PRO K 352 32.45 34.44 1.37
N GLU K 353 32.15 34.04 2.61
CA GLU K 353 32.06 32.62 2.94
C GLU K 353 30.92 31.93 2.21
N ASP K 354 29.75 32.57 2.17
CA ASP K 354 28.60 32.02 1.46
C ASP K 354 28.86 31.95 -0.04
N ALA K 355 29.52 32.97 -0.60
CA ALA K 355 29.89 32.93 -2.01
C ALA K 355 30.83 31.77 -2.29
N GLN K 356 31.79 31.52 -1.40
CA GLN K 356 32.71 30.41 -1.59
C GLN K 356 32.00 29.07 -1.59
N LYS K 357 31.04 28.89 -0.67
CA LYS K 357 30.28 27.64 -0.66
C LYS K 357 29.44 27.47 -1.91
N LEU K 358 28.81 28.54 -2.39
CA LEU K 358 28.03 28.44 -3.63
C LEU K 358 28.93 28.09 -4.83
N LEU K 359 30.11 28.71 -4.92
CA LEU K 359 31.01 28.42 -6.04
C LEU K 359 31.50 26.98 -6.01
N VAL K 360 31.83 26.47 -4.82
CA VAL K 360 32.23 25.07 -4.72
C VAL K 360 31.10 24.16 -5.16
N GLY K 361 29.86 24.49 -4.77
CA GLY K 361 28.73 23.70 -5.22
C GLY K 361 28.55 23.69 -6.73
N LEU K 362 28.71 24.85 -7.37
CA LEU K 362 28.57 24.91 -8.82
C LEU K 362 29.71 24.20 -9.54
N ASN K 363 30.92 24.28 -9.00
CA ASN K 363 32.10 23.79 -9.72
C ASN K 363 32.13 22.28 -9.78
N GLN K 364 31.90 21.62 -8.66
CA GLN K 364 32.16 20.19 -8.53
C GLN K 364 30.88 19.40 -8.73
N ARG K 365 30.43 19.41 -9.98
CA ARG K 365 29.18 18.78 -10.35
C ARG K 365 29.18 18.42 -11.84
N THR K 376 35.10 15.87 -11.60
CA THR K 376 35.23 16.87 -12.66
C THR K 376 35.27 18.28 -12.08
N ASN K 377 36.04 19.16 -12.72
CA ASN K 377 36.21 20.53 -12.27
C ASN K 377 36.10 21.45 -13.46
N THR K 378 35.18 22.42 -13.40
CA THR K 378 35.10 23.42 -14.47
C THR K 378 36.24 24.44 -14.37
N MET K 379 36.56 24.90 -13.17
CA MET K 379 37.64 25.85 -12.97
C MET K 379 38.58 25.35 -11.88
N LYS K 380 39.81 25.84 -11.89
CA LYS K 380 40.83 25.42 -10.94
C LYS K 380 40.52 25.93 -9.53
N ASN K 381 40.75 25.07 -8.54
CA ASN K 381 40.29 25.35 -7.18
C ASN K 381 41.11 26.42 -6.48
N TYR K 382 42.41 26.54 -6.79
CA TYR K 382 43.27 27.48 -6.06
C TYR K 382 42.89 28.94 -6.29
N MET K 383 42.10 29.25 -7.32
CA MET K 383 41.62 30.61 -7.52
C MET K 383 40.26 30.89 -6.87
N ILE K 384 39.57 29.86 -6.35
CA ILE K 384 38.21 30.08 -5.84
C ILE K 384 38.13 31.08 -4.69
N PRO K 385 39.01 31.07 -3.68
CA PRO K 385 38.86 32.07 -2.60
C PRO K 385 38.96 33.52 -3.05
N VAL K 386 39.85 33.86 -3.98
CA VAL K 386 39.96 35.25 -4.41
C VAL K 386 38.73 35.67 -5.23
N VAL K 387 38.23 34.80 -6.11
CA VAL K 387 37.04 35.11 -6.89
C VAL K 387 35.84 35.35 -5.97
N ALA K 388 35.66 34.48 -4.97
CA ALA K 388 34.57 34.67 -4.01
C ALA K 388 34.64 36.02 -3.34
N GLN K 389 35.84 36.50 -3.05
CA GLN K 389 35.94 37.81 -2.41
C GLN K 389 35.54 38.91 -3.38
N ALA K 390 35.99 38.82 -4.64
CA ALA K 390 35.71 39.88 -5.61
C ALA K 390 34.21 40.02 -5.86
N PHE K 391 33.53 38.90 -6.12
CA PHE K 391 32.09 38.93 -6.34
C PHE K 391 31.37 39.56 -5.17
N SER K 392 31.87 39.34 -3.94
CA SER K 392 31.18 39.87 -2.78
C SER K 392 31.29 41.39 -2.73
N LYS K 393 32.43 41.95 -3.14
CA LYS K 393 32.57 43.40 -3.08
C LYS K 393 31.78 44.08 -4.20
N TRP K 394 31.82 43.50 -5.41
CA TRP K 394 31.06 44.05 -6.53
C TRP K 394 29.58 44.17 -6.19
N ALA K 395 28.99 43.09 -5.67
CA ALA K 395 27.58 43.12 -5.29
C ALA K 395 27.29 44.22 -4.28
N LYS K 396 28.23 44.48 -3.37
CA LYS K 396 27.99 45.54 -2.40
C LYS K 396 27.99 46.91 -3.08
N GLU K 397 28.96 47.15 -3.96
CA GLU K 397 29.11 48.48 -4.54
C GLU K 397 27.89 48.84 -5.39
N CYS K 398 27.34 47.88 -6.12
CA CYS K 398 26.13 48.13 -6.90
C CYS K 398 25.00 48.65 -6.01
N ARG K 399 24.81 48.05 -4.83
CA ARG K 399 23.73 48.51 -3.96
C ARG K 399 23.93 49.97 -3.56
N LYS K 400 25.17 50.37 -3.31
CA LYS K 400 25.41 51.74 -2.89
C LYS K 400 25.07 52.73 -3.99
N ASP K 401 25.19 52.33 -5.26
CA ASP K 401 24.78 53.21 -6.34
C ASP K 401 23.27 53.35 -6.37
N MET K 402 22.55 52.27 -6.06
CA MET K 402 21.10 52.31 -6.17
C MET K 402 20.45 53.15 -5.09
N GLU K 403 21.11 53.35 -3.96
CA GLU K 403 20.57 54.09 -2.85
C GLU K 403 20.97 55.55 -2.83
N ASP K 404 21.80 56.00 -3.78
CA ASP K 404 22.19 57.40 -3.87
C ASP K 404 21.97 57.86 -5.31
N GLU K 405 20.72 58.19 -5.65
CA GLU K 405 20.37 58.64 -6.98
C GLU K 405 20.71 60.12 -7.16
N LYS K 406 21.04 60.49 -8.39
CA LYS K 406 21.30 61.87 -8.76
C LYS K 406 20.20 62.36 -9.70
N LEU K 407 20.29 63.62 -10.10
CA LEU K 407 19.35 64.20 -11.06
C LEU K 407 19.89 64.04 -12.48
N LEU K 408 18.97 63.79 -13.42
CA LEU K 408 19.36 63.60 -14.81
C LEU K 408 20.00 64.84 -15.39
N GLY K 409 21.08 64.65 -16.13
CA GLY K 409 21.72 65.71 -16.88
C GLY K 409 22.52 66.69 -16.06
N VAL K 410 22.95 66.32 -14.86
CA VAL K 410 23.53 67.25 -13.91
C VAL K 410 24.73 66.60 -13.24
N ARG K 411 25.78 67.40 -13.02
CA ARG K 411 27.03 66.94 -12.42
C ARG K 411 27.38 67.90 -11.30
N GLU K 412 26.94 67.61 -10.07
CA GLU K 412 27.15 68.54 -8.97
C GLU K 412 28.60 68.55 -8.53
N ARG K 413 29.13 69.75 -8.25
CA ARG K 413 30.53 69.91 -7.84
C ARG K 413 30.66 70.96 -6.76
N THR K 414 29.75 70.94 -5.79
CA THR K 414 29.74 71.91 -4.69
C THR K 414 31.00 71.81 -3.83
N TRP K 421 33.34 73.84 -3.63
CA TRP K 421 33.57 73.84 -5.07
C TRP K 421 34.37 72.61 -5.49
N ALA K 422 34.12 71.47 -4.85
CA ALA K 422 34.85 70.25 -5.14
C ALA K 422 33.89 69.06 -5.13
N PHE K 423 34.31 68.01 -5.82
CA PHE K 423 33.59 66.74 -5.85
C PHE K 423 34.47 65.63 -5.32
N LYS K 424 33.82 64.62 -4.74
CA LYS K 424 34.53 63.50 -4.16
C LYS K 424 34.52 62.30 -5.10
N LYS K 425 35.57 61.49 -4.99
CA LYS K 425 35.64 60.22 -5.69
C LYS K 425 35.20 59.11 -4.76
N GLN K 426 34.43 58.17 -5.29
CA GLN K 426 34.04 56.99 -4.54
C GLN K 426 35.11 55.92 -4.64
N LYS K 427 35.16 55.04 -3.65
CA LYS K 427 36.13 53.96 -3.66
C LYS K 427 35.65 52.79 -4.51
N THR K 428 36.56 52.21 -5.27
CA THR K 428 36.28 51.08 -6.14
C THR K 428 37.30 49.98 -5.87
N HIS K 429 36.81 48.81 -5.47
CA HIS K 429 37.69 47.69 -5.17
C HIS K 429 37.61 46.54 -6.15
N THR K 430 36.68 46.55 -7.10
CA THR K 430 36.55 45.46 -8.07
C THR K 430 36.18 46.01 -9.44
N VAL K 431 36.83 45.53 -10.50
CA VAL K 431 36.31 45.70 -11.85
C VAL K 431 36.01 44.32 -12.43
N TYR K 432 34.84 44.19 -13.03
CA TYR K 432 34.29 42.92 -13.48
C TYR K 432 33.73 43.10 -14.89
N LYS K 433 34.40 42.54 -15.90
CA LYS K 433 33.92 42.57 -17.27
C LYS K 433 33.21 41.24 -17.56
N ARG K 434 31.90 41.31 -17.76
CA ARG K 434 31.05 40.15 -17.98
C ARG K 434 31.16 39.65 -19.42
N PRO K 435 30.78 38.39 -19.66
CA PRO K 435 30.74 37.88 -21.04
C PRO K 435 29.86 38.74 -21.94
N ASP K 436 30.37 38.98 -23.16
CA ASP K 436 29.77 39.81 -24.20
C ASP K 436 29.88 41.31 -23.94
N THR K 437 30.82 41.77 -23.13
CA THR K 437 31.12 43.19 -23.00
C THR K 437 32.49 43.46 -23.63
N GLN K 438 32.88 44.73 -23.68
CA GLN K 438 34.10 45.16 -24.36
C GLN K 438 34.87 46.17 -23.53
N SER K 439 36.19 45.99 -23.44
CA SER K 439 37.10 46.98 -22.88
C SER K 439 37.62 47.92 -23.95
N ILE K 440 37.89 49.17 -23.58
CA ILE K 440 38.39 50.19 -24.50
C ILE K 440 39.40 51.09 -23.81
N GLN K 441 40.60 51.21 -24.38
CA GLN K 441 41.69 51.98 -23.78
C GLN K 441 42.33 52.92 -24.80
N LYS K 442 42.86 54.03 -24.31
CA LYS K 442 43.45 55.07 -25.15
C LYS K 442 44.96 54.91 -25.23
N VAL K 443 45.50 54.74 -26.44
CA VAL K 443 46.93 54.53 -26.65
C VAL K 443 47.43 55.43 -27.78
N GLN K 444 48.76 55.42 -27.97
CA GLN K 444 49.38 56.23 -29.02
C GLN K 444 49.13 55.64 -30.39
N ALA K 445 48.90 56.51 -31.37
CA ALA K 445 48.58 56.07 -32.73
C ALA K 445 49.39 56.75 -33.83
N GLU K 446 50.24 57.72 -33.50
CA GLU K 446 51.11 58.38 -34.48
C GLU K 446 52.56 58.19 -34.07
N PHE K 447 53.34 57.53 -34.92
CA PHE K 447 54.73 57.21 -34.63
C PHE K 447 55.64 57.82 -35.68
N ASP K 448 56.59 58.65 -35.25
CA ASP K 448 57.56 59.24 -36.16
C ASP K 448 59.00 58.91 -35.83
N SER K 449 59.32 58.53 -34.61
CA SER K 449 60.69 58.33 -34.17
C SER K 449 61.08 56.87 -34.28
N PHE K 450 62.14 56.59 -35.04
CA PHE K 450 62.68 55.23 -35.17
C PHE K 450 64.20 55.35 -35.17
N VAL K 451 64.83 54.89 -34.10
CA VAL K 451 66.29 54.90 -34.02
C VAL K 451 66.80 53.50 -33.65
N TRP K 456 76.85 46.73 -35.41
CA TRP K 456 76.53 45.32 -35.39
C TRP K 456 77.79 44.46 -35.34
N SER K 457 77.81 43.52 -34.41
CA SER K 457 78.82 42.47 -34.35
C SER K 457 78.14 41.13 -34.16
N SER K 458 78.80 40.06 -34.62
CA SER K 458 78.12 38.78 -34.77
C SER K 458 77.62 38.23 -33.44
N GLY K 459 78.50 38.15 -32.44
CA GLY K 459 78.16 37.57 -31.16
C GLY K 459 78.41 36.09 -31.04
N LEU K 460 78.74 35.41 -32.13
CA LEU K 460 79.14 34.01 -32.11
C LEU K 460 80.58 33.89 -31.61
N SER K 461 80.97 32.67 -31.27
CA SER K 461 82.30 32.40 -30.71
C SER K 461 82.96 31.26 -31.47
N ILE K 462 84.30 31.25 -31.41
CA ILE K 462 85.07 30.28 -32.19
C ILE K 462 84.80 28.84 -31.77
N PRO K 463 84.81 28.49 -30.47
CA PRO K 463 84.53 27.08 -30.11
C PRO K 463 83.18 26.57 -30.57
N LEU K 464 82.14 27.40 -30.51
CA LEU K 464 80.82 26.98 -30.97
C LEU K 464 80.81 26.79 -32.48
N ARG K 465 81.48 27.68 -33.22
CA ARG K 465 81.60 27.52 -34.65
C ARG K 465 82.31 26.22 -35.01
N THR K 466 83.38 25.91 -34.26
CA THR K 466 84.11 24.66 -34.49
C THR K 466 83.23 23.45 -34.20
N ARG K 467 82.45 23.51 -33.12
CA ARG K 467 81.54 22.40 -32.83
C ARG K 467 80.51 22.20 -33.93
N ILE K 468 79.92 23.29 -34.43
CA ILE K 468 78.94 23.18 -35.50
C ILE K 468 79.57 22.64 -36.77
N LYS K 469 80.75 23.15 -37.13
CA LYS K 469 81.44 22.67 -38.32
C LYS K 469 81.78 21.20 -38.22
N TRP K 470 82.26 20.76 -37.06
CA TRP K 470 82.54 19.34 -36.87
C TRP K 470 81.27 18.51 -36.97
N LEU K 471 80.19 18.97 -36.35
CA LEU K 471 78.95 18.22 -36.32
C LEU K 471 78.34 18.11 -37.72
N LEU K 472 78.60 19.09 -38.58
CA LEU K 472 78.07 19.08 -39.93
C LEU K 472 78.95 18.31 -40.90
N SER K 473 80.23 18.65 -40.97
CA SER K 473 81.14 18.08 -41.95
C SER K 473 81.24 16.57 -41.86
N LYS K 474 80.94 16.00 -40.69
CA LYS K 474 80.89 14.55 -40.51
C LYS K 474 82.21 13.89 -40.88
N ASP L 2 58.70 -5.11 -25.77
CA ASP L 2 58.01 -3.83 -25.86
C ASP L 2 57.25 -3.48 -24.58
N PRO L 3 56.67 -4.45 -23.89
CA PRO L 3 56.25 -4.22 -22.50
C PRO L 3 57.47 -4.08 -21.58
N VAL L 4 57.27 -3.35 -20.50
CA VAL L 4 58.25 -3.24 -19.43
C VAL L 4 57.64 -3.88 -18.19
N TYR L 5 58.43 -4.68 -17.49
CA TYR L 5 57.96 -5.50 -16.39
C TYR L 5 58.50 -4.95 -15.07
N VAL L 6 57.60 -4.73 -14.11
CA VAL L 6 58.00 -4.18 -12.82
C VAL L 6 57.57 -5.13 -11.71
N ASP L 7 58.38 -5.17 -10.66
CA ASP L 7 58.23 -6.15 -9.57
C ASP L 7 57.35 -5.56 -8.46
N ILE L 8 56.05 -5.46 -8.76
CA ILE L 8 55.06 -4.98 -7.82
C ILE L 8 53.82 -5.86 -7.91
N ASP L 9 53.00 -5.78 -6.87
CA ASP L 9 51.77 -6.57 -6.83
C ASP L 9 50.77 -6.07 -7.86
N ALA L 10 49.99 -7.00 -8.41
CA ALA L 10 49.09 -6.69 -9.51
C ALA L 10 47.92 -5.82 -9.09
N ASP L 11 47.59 -5.75 -7.81
CA ASP L 11 46.49 -4.94 -7.31
C ASP L 11 46.95 -3.63 -6.67
N SER L 12 48.20 -3.24 -6.85
CA SER L 12 48.70 -2.01 -6.25
C SER L 12 48.06 -0.77 -6.88
N ALA L 13 47.86 0.26 -6.07
CA ALA L 13 47.37 1.54 -6.56
C ALA L 13 48.45 2.38 -7.23
N PHE L 14 49.73 2.09 -6.95
CA PHE L 14 50.83 2.88 -7.50
C PHE L 14 50.98 2.68 -9.00
N LEU L 15 50.37 1.64 -9.54
CA LEU L 15 50.53 1.31 -10.95
C LEU L 15 49.92 2.38 -11.86
N LYS L 16 48.80 2.97 -11.47
CA LYS L 16 48.18 4.00 -12.30
C LYS L 16 49.02 5.26 -12.32
N ALA L 17 49.62 5.63 -11.19
CA ALA L 17 50.54 6.76 -11.16
C ALA L 17 51.75 6.50 -12.05
N LEU L 18 52.28 5.27 -12.01
CA LEU L 18 53.41 4.93 -12.88
C LEU L 18 53.02 5.03 -14.35
N GLN L 19 51.83 4.55 -14.70
CA GLN L 19 51.38 4.62 -16.09
C GLN L 19 51.18 6.05 -16.56
N ARG L 20 50.65 6.92 -15.71
CA ARG L 20 50.52 8.32 -16.09
C ARG L 20 51.87 9.00 -16.25
N ALA L 21 52.88 8.63 -15.45
CA ALA L 21 54.17 9.27 -15.56
C ALA L 21 54.98 8.85 -16.79
N TYR L 22 54.74 7.66 -17.34
CA TYR L 22 55.49 7.15 -18.49
C TYR L 22 54.52 6.74 -19.59
N PRO L 23 53.91 7.71 -20.27
CA PRO L 23 52.88 7.36 -21.27
C PRO L 23 53.41 6.71 -22.54
N MET L 24 54.73 6.68 -22.74
CA MET L 24 55.29 6.08 -23.96
C MET L 24 55.57 4.60 -23.83
N PHE L 25 55.33 3.99 -22.66
CA PHE L 25 55.59 2.58 -22.47
C PHE L 25 54.29 1.84 -22.17
N GLU L 26 54.41 0.55 -21.93
CA GLU L 26 53.30 -0.32 -21.61
C GLU L 26 53.73 -1.21 -20.44
N VAL L 27 53.16 -0.96 -19.26
CA VAL L 27 53.73 -1.39 -17.99
C VAL L 27 52.95 -2.60 -17.46
N GLU L 28 53.66 -3.70 -17.24
CA GLU L 28 53.16 -4.98 -16.74
C GLU L 28 53.70 -5.29 -15.34
N PRO L 29 52.85 -5.69 -14.43
CA PRO L 29 53.32 -6.14 -13.11
C PRO L 29 53.70 -7.62 -13.09
N ARG L 30 54.84 -7.93 -12.48
CA ARG L 30 55.32 -9.31 -12.37
C ARG L 30 56.11 -9.44 -11.06
N GLN L 31 55.45 -9.85 -9.98
CA GLN L 31 56.05 -9.83 -8.65
C GLN L 31 56.86 -11.09 -8.40
N VAL L 32 58.08 -10.92 -7.88
CA VAL L 32 58.95 -12.06 -7.57
C VAL L 32 59.52 -12.03 -6.16
N THR L 33 59.53 -10.90 -5.46
CA THR L 33 60.08 -10.80 -4.11
C THR L 33 59.13 -9.94 -3.27
N PRO L 34 59.21 -10.04 -1.93
CA PRO L 34 58.48 -9.12 -1.05
C PRO L 34 59.27 -7.89 -0.61
N ASN L 35 59.93 -7.22 -1.56
CA ASN L 35 60.74 -6.05 -1.24
C ASN L 35 59.90 -4.96 -0.58
N ASP L 36 60.40 -4.41 0.51
CA ASP L 36 59.62 -3.40 1.23
C ASP L 36 59.88 -1.98 0.73
N HIS L 37 60.70 -1.79 -0.30
CA HIS L 37 60.82 -0.53 -1.01
C HIS L 37 60.70 -0.75 -2.52
N ALA L 38 59.65 -1.47 -2.93
CA ALA L 38 59.48 -1.88 -4.32
C ALA L 38 59.19 -0.71 -5.27
N ASN L 39 58.38 0.27 -4.81
CA ASN L 39 57.97 1.37 -5.68
C ASN L 39 59.17 2.21 -6.15
N ALA L 40 60.11 2.47 -5.24
CA ALA L 40 61.30 3.24 -5.60
C ALA L 40 62.14 2.55 -6.66
N ARG L 41 62.32 1.23 -6.52
CA ARG L 41 63.09 0.46 -7.50
C ARG L 41 62.40 0.45 -8.86
N ALA L 42 61.07 0.32 -8.88
CA ALA L 42 60.35 0.36 -10.15
C ALA L 42 60.53 1.70 -10.87
N PHE L 43 60.44 2.81 -10.12
CA PHE L 43 60.63 4.13 -10.73
C PHE L 43 62.03 4.26 -11.34
N SER L 44 63.05 3.82 -10.61
CA SER L 44 64.42 3.92 -11.14
C SER L 44 64.60 3.10 -12.42
N HIS L 45 64.02 1.90 -12.45
CA HIS L 45 64.10 1.03 -13.63
C HIS L 45 63.50 1.72 -14.86
N LEU L 46 62.29 2.27 -14.71
CA LEU L 46 61.66 2.95 -15.86
C LEU L 46 62.44 4.19 -16.28
N ALA L 47 63.03 4.91 -15.33
CA ALA L 47 63.80 6.09 -15.69
C ALA L 47 64.99 5.73 -16.58
N ILE L 48 65.70 4.66 -16.24
CA ILE L 48 66.83 4.24 -17.07
C ILE L 48 66.35 3.87 -18.47
N LYS L 49 65.23 3.14 -18.57
CA LYS L 49 64.71 2.80 -19.89
C LYS L 49 64.46 4.04 -20.73
N LEU L 50 63.79 5.04 -20.17
CA LEU L 50 63.46 6.24 -20.93
C LEU L 50 64.72 6.98 -21.38
N ILE L 51 65.69 7.13 -20.48
CA ILE L 51 66.92 7.82 -20.86
C ILE L 51 67.62 7.10 -22.00
N GLU L 52 67.68 5.77 -21.94
CA GLU L 52 68.31 5.04 -23.05
C GLU L 52 67.56 5.24 -24.35
N GLN L 53 66.22 5.36 -24.29
CA GLN L 53 65.48 5.59 -25.52
C GLN L 53 65.75 6.98 -26.10
N GLU L 54 66.03 7.99 -25.26
CA GLU L 54 66.33 9.32 -25.82
C GLU L 54 67.60 9.36 -26.65
N ILE L 55 68.71 8.88 -26.11
CA ILE L 55 70.00 9.16 -26.74
C ILE L 55 70.28 8.18 -27.87
N ASP L 56 71.23 8.56 -28.75
CA ASP L 56 71.49 7.69 -29.88
C ASP L 56 72.72 6.84 -29.62
N PRO L 57 72.82 5.65 -30.23
CA PRO L 57 74.01 4.82 -30.06
C PRO L 57 75.23 5.43 -30.74
N ASP L 58 76.36 4.75 -30.67
CA ASP L 58 77.68 5.22 -31.09
C ASP L 58 78.26 6.25 -30.15
N SER L 59 77.50 6.71 -29.17
CA SER L 59 78.03 7.57 -28.13
C SER L 59 78.37 6.73 -26.91
N THR L 60 79.43 7.13 -26.22
CA THR L 60 79.87 6.45 -25.00
C THR L 60 79.35 7.21 -23.79
N ILE L 61 78.93 6.46 -22.76
CA ILE L 61 78.22 7.00 -21.62
C ILE L 61 79.06 6.78 -20.37
N LEU L 62 79.41 7.88 -19.68
CA LEU L 62 80.04 7.77 -18.38
C LEU L 62 78.99 7.47 -17.31
N ASP L 63 79.24 6.46 -16.48
CA ASP L 63 78.34 6.09 -15.39
C ASP L 63 79.05 6.43 -14.09
N ILE L 64 78.66 7.56 -13.49
CA ILE L 64 79.31 8.08 -12.29
C ILE L 64 78.79 7.36 -11.05
N GLY L 65 79.71 6.81 -10.26
CA GLY L 65 79.36 6.04 -9.09
C GLY L 65 78.56 4.79 -9.42
N SER L 66 79.05 4.03 -10.38
CA SER L 66 78.27 2.97 -10.99
C SER L 66 78.13 1.74 -10.08
N ALA L 67 77.12 0.95 -10.37
CA ALA L 67 77.00 -0.43 -9.89
C ALA L 67 77.05 -1.34 -11.12
N PRO L 68 78.21 -1.89 -11.46
CA PRO L 68 78.41 -2.43 -12.81
C PRO L 68 77.47 -3.56 -13.20
N ALA L 69 77.04 -4.40 -12.26
CA ALA L 69 76.18 -5.52 -12.61
C ALA L 69 74.84 -5.08 -13.20
N ARG L 70 74.41 -3.85 -12.96
CA ARG L 70 73.17 -3.38 -13.58
C ARG L 70 73.34 -3.10 -15.07
N ARG L 71 74.55 -2.79 -15.52
CA ARG L 71 74.77 -2.45 -16.92
C ARG L 71 75.26 -3.61 -17.76
N MET L 72 75.27 -4.82 -17.21
CA MET L 72 76.01 -5.92 -17.84
C MET L 72 75.27 -6.51 -19.04
N MET L 73 73.94 -6.57 -19.01
CA MET L 73 73.16 -7.06 -20.14
C MET L 73 72.57 -5.94 -20.99
N SER L 74 73.29 -4.84 -21.15
CA SER L 74 72.87 -3.73 -22.00
C SER L 74 73.72 -3.71 -23.26
N ASP L 75 73.11 -3.31 -24.37
CA ASP L 75 73.84 -3.24 -25.64
C ASP L 75 74.55 -1.92 -25.88
N ARG L 76 74.30 -0.91 -25.06
CA ARG L 76 74.97 0.38 -25.22
C ARG L 76 76.40 0.32 -24.69
N LYS L 77 77.11 1.43 -24.77
CA LYS L 77 78.53 1.49 -24.42
C LYS L 77 78.72 2.32 -23.15
N TYR L 78 78.87 1.65 -22.03
CA TYR L 78 79.06 2.28 -20.73
C TYR L 78 80.52 2.23 -20.30
N HIS L 79 80.96 3.28 -19.62
CA HIS L 79 82.24 3.32 -18.94
C HIS L 79 81.93 3.59 -17.47
N CYS L 80 82.15 2.59 -16.62
CA CYS L 80 81.71 2.64 -15.22
C CYS L 80 82.83 3.21 -14.35
N VAL L 81 82.53 4.26 -13.60
CA VAL L 81 83.50 4.90 -12.73
C VAL L 81 83.22 4.40 -11.31
N CYS L 82 84.10 3.58 -10.77
CA CYS L 82 83.86 2.96 -9.45
C CYS L 82 84.97 3.12 -8.46
N PRO L 83 84.86 4.15 -7.64
CA PRO L 83 85.86 4.25 -6.60
C PRO L 83 85.37 3.46 -5.33
N MET L 84 86.22 2.85 -4.58
CA MET L 84 85.73 2.10 -3.41
C MET L 84 85.66 2.94 -2.14
N ARG L 85 84.79 3.95 -2.07
CA ARG L 85 84.64 4.87 -0.96
C ARG L 85 83.52 4.52 -0.01
N SER L 86 82.72 3.53 -0.33
CA SER L 86 81.55 3.15 0.45
C SER L 86 81.67 1.71 0.93
N ALA L 87 81.08 1.41 2.08
CA ALA L 87 81.15 0.07 2.65
C ALA L 87 80.37 -0.96 1.86
N GLU L 88 79.50 -0.53 0.94
CA GLU L 88 78.73 -1.44 0.11
C GLU L 88 79.43 -1.81 -1.18
N ASP L 89 80.58 -1.23 -1.49
CA ASP L 89 81.23 -1.37 -2.79
C ASP L 89 81.92 -2.73 -3.02
N PRO L 90 82.69 -3.27 -2.05
CA PRO L 90 83.34 -4.57 -2.32
C PRO L 90 82.36 -5.68 -2.69
N GLU L 91 81.18 -5.69 -2.06
CA GLU L 91 80.19 -6.70 -2.38
C GLU L 91 79.61 -6.49 -3.78
N ARG L 92 79.43 -5.23 -4.19
CA ARG L 92 78.98 -4.95 -5.56
C ARG L 92 80.01 -5.43 -6.58
N LEU L 93 81.29 -5.18 -6.31
CA LEU L 93 82.35 -5.65 -7.21
C LEU L 93 82.39 -7.17 -7.31
N ALA L 94 82.32 -7.85 -6.15
CA ALA L 94 82.33 -9.31 -6.17
C ALA L 94 81.11 -9.86 -6.91
N ASN L 95 79.95 -9.21 -6.76
CA ASN L 95 78.75 -9.64 -7.46
C ASN L 95 78.91 -9.47 -8.97
N TYR L 96 79.57 -8.39 -9.39
CA TYR L 96 79.83 -8.19 -10.81
C TYR L 96 80.72 -9.29 -11.38
N ALA L 97 81.81 -9.60 -10.67
CA ALA L 97 82.71 -10.65 -11.14
C ALA L 97 82.01 -12.01 -11.19
N ARG L 98 81.17 -12.30 -10.20
CA ARG L 98 80.42 -13.55 -10.19
C ARG L 98 79.47 -13.62 -11.38
N LYS L 99 78.68 -12.56 -11.60
CA LYS L 99 77.78 -12.52 -12.76
C LYS L 99 78.54 -12.68 -14.07
N LEU L 100 79.70 -12.06 -14.19
CA LEU L 100 80.49 -12.18 -15.41
C LEU L 100 80.93 -13.61 -15.63
N ALA L 101 81.53 -14.22 -14.61
CA ALA L 101 82.06 -15.58 -14.75
C ALA L 101 80.96 -16.59 -15.02
N SER L 102 79.77 -16.40 -14.45
CA SER L 102 78.72 -17.40 -14.62
C SER L 102 78.30 -17.54 -16.08
N ALA L 103 78.14 -16.42 -16.79
CA ALA L 103 77.70 -16.44 -18.18
C ALA L 103 78.85 -15.95 -19.05
N ALA L 104 79.74 -16.87 -19.43
CA ALA L 104 80.91 -16.51 -20.20
C ALA L 104 80.89 -17.03 -21.64
N GLY L 105 80.10 -18.07 -21.92
CA GLY L 105 79.95 -18.55 -23.27
C GLY L 105 78.50 -18.64 -23.68
N LYS L 106 77.61 -18.64 -22.69
CA LYS L 106 76.18 -18.77 -22.96
C LYS L 106 75.63 -17.50 -23.60
N VAL L 107 76.17 -16.34 -23.26
CA VAL L 107 75.75 -15.06 -23.81
C VAL L 107 76.83 -14.57 -24.75
N LEU L 108 76.45 -14.20 -25.97
CA LEU L 108 77.41 -13.84 -27.01
C LEU L 108 77.24 -12.43 -27.56
N ASP L 109 76.03 -11.87 -27.51
CA ASP L 109 75.79 -10.55 -28.10
C ASP L 109 76.56 -9.47 -27.36
N ARG L 110 76.62 -9.56 -26.03
CA ARG L 110 77.28 -8.55 -25.23
C ARG L 110 78.78 -8.79 -25.21
N ASN L 111 79.52 -7.71 -24.98
CA ASN L 111 80.98 -7.76 -24.97
C ASN L 111 81.49 -8.42 -23.68
N ILE L 112 81.06 -9.67 -23.48
CA ILE L 112 81.37 -10.38 -22.23
C ILE L 112 82.87 -10.61 -22.11
N SER L 113 83.49 -11.13 -23.17
CA SER L 113 84.91 -11.40 -23.13
C SER L 113 85.72 -10.13 -22.95
N GLY L 114 85.34 -9.06 -23.64
CA GLY L 114 86.02 -7.79 -23.46
C GLY L 114 85.90 -7.27 -22.04
N LYS L 115 84.74 -7.44 -21.42
CA LYS L 115 84.55 -7.01 -20.04
C LYS L 115 85.43 -7.80 -19.09
N ILE L 116 85.52 -9.12 -19.30
CA ILE L 116 86.38 -9.96 -18.46
C ILE L 116 87.83 -9.52 -18.60
N GLY L 117 88.28 -9.32 -19.84
CA GLY L 117 89.65 -8.87 -20.05
C GLY L 117 89.93 -7.52 -19.42
N ASP L 118 88.99 -6.59 -19.52
CA ASP L 118 89.18 -5.27 -18.92
C ASP L 118 89.29 -5.36 -17.41
N LEU L 119 88.43 -6.16 -16.79
CA LEU L 119 88.50 -6.32 -15.33
C LEU L 119 89.84 -6.94 -14.92
N GLN L 120 90.31 -7.95 -15.64
CA GLN L 120 91.60 -8.55 -15.30
C GLN L 120 92.73 -7.56 -15.46
N ALA L 121 92.72 -6.79 -16.55
CA ALA L 121 93.77 -5.82 -16.79
C ALA L 121 93.78 -4.75 -15.70
N VAL L 122 92.61 -4.35 -15.22
CA VAL L 122 92.56 -3.37 -14.13
C VAL L 122 93.09 -3.96 -12.84
N MET L 123 92.74 -5.23 -12.55
CA MET L 123 93.26 -5.88 -11.36
C MET L 123 94.78 -5.97 -11.39
N ALA L 124 95.36 -6.22 -12.57
CA ALA L 124 96.82 -6.31 -12.66
C ALA L 124 97.49 -4.98 -12.31
N VAL L 125 97.08 -3.90 -12.98
CA VAL L 125 97.61 -2.56 -12.73
C VAL L 125 96.43 -1.65 -12.41
N PRO L 126 96.37 -1.06 -11.21
CA PRO L 126 95.15 -0.36 -10.79
C PRO L 126 95.00 1.06 -11.31
N ASP L 127 95.94 1.57 -12.09
CA ASP L 127 95.90 2.94 -12.58
C ASP L 127 95.80 2.98 -14.10
N THR L 128 94.95 2.14 -14.68
CA THR L 128 94.79 2.08 -16.12
C THR L 128 93.33 2.24 -16.48
N GLU L 129 93.06 3.05 -17.51
CA GLU L 129 91.72 3.18 -18.05
C GLU L 129 91.49 2.08 -19.08
N THR L 130 90.30 1.51 -19.06
CA THR L 130 89.84 0.56 -20.05
C THR L 130 88.49 1.02 -20.55
N PRO L 131 88.04 0.53 -21.71
CA PRO L 131 86.78 1.02 -22.26
C PRO L 131 85.55 0.81 -21.37
N THR L 132 85.58 -0.15 -20.44
CA THR L 132 84.37 -0.45 -19.68
C THR L 132 84.50 -0.29 -18.17
N PHE L 133 85.66 0.12 -17.65
CA PHE L 133 85.85 0.07 -16.19
C PHE L 133 87.09 0.86 -15.81
N CYS L 134 87.07 1.43 -14.61
CA CYS L 134 88.22 2.09 -14.01
C CYS L 134 87.93 2.31 -12.53
N LEU L 135 88.95 2.76 -11.80
CA LEU L 135 88.86 2.91 -10.35
C LEU L 135 89.10 4.34 -9.88
N HIS L 136 88.83 5.32 -10.73
CA HIS L 136 89.08 6.71 -10.37
C HIS L 136 87.81 7.36 -9.83
N THR L 137 87.92 8.63 -9.46
CA THR L 137 86.77 9.42 -9.05
C THR L 137 86.25 10.23 -10.24
N ASP L 138 85.20 11.01 -9.98
CA ASP L 138 84.61 11.84 -11.04
C ASP L 138 85.58 12.91 -11.51
N VAL L 139 86.50 13.33 -10.65
CA VAL L 139 87.46 14.38 -11.00
C VAL L 139 88.73 13.83 -11.65
N SER L 140 89.12 12.59 -11.37
CA SER L 140 90.41 12.09 -11.84
C SER L 140 90.29 11.03 -12.94
N CYS L 141 89.10 10.79 -13.48
CA CYS L 141 88.96 9.94 -14.64
C CYS L 141 89.38 10.69 -15.91
N ARG L 142 89.92 9.96 -16.89
CA ARG L 142 90.44 10.57 -18.12
C ARG L 142 89.79 10.05 -19.39
N GLN L 143 88.75 9.22 -19.29
CA GLN L 143 88.04 8.79 -20.48
C GLN L 143 87.19 9.93 -21.03
N ARG L 144 87.15 10.07 -22.35
CA ARG L 144 86.37 11.11 -23.00
C ARG L 144 85.06 10.54 -23.53
N ALA L 145 83.99 11.32 -23.40
CA ALA L 145 82.65 10.86 -23.77
C ALA L 145 81.79 12.09 -24.08
N ASP L 146 80.51 11.87 -24.31
CA ASP L 146 79.58 12.98 -24.52
C ASP L 146 78.27 12.89 -23.74
N VAL L 147 78.05 11.84 -22.95
CA VAL L 147 76.89 11.75 -22.07
C VAL L 147 77.36 11.27 -20.70
N ALA L 148 76.82 11.86 -19.64
CA ALA L 148 77.07 11.43 -18.26
C ALA L 148 75.74 11.15 -17.58
N ILE L 149 75.74 10.16 -16.68
CA ILE L 149 74.55 9.77 -15.94
C ILE L 149 74.86 9.72 -14.45
N TYR L 150 73.95 10.23 -13.64
CA TYR L 150 74.02 10.15 -12.19
C TYR L 150 72.74 9.48 -11.69
N GLN L 151 72.85 8.28 -11.13
CA GLN L 151 71.68 7.55 -10.64
C GLN L 151 71.80 7.40 -9.13
N ASP L 152 70.94 8.12 -8.39
CA ASP L 152 70.89 8.10 -6.94
C ASP L 152 72.24 8.44 -6.30
N VAL L 153 72.85 9.52 -6.78
CA VAL L 153 74.14 9.99 -6.33
C VAL L 153 73.94 11.27 -5.54
N TYR L 154 74.30 11.26 -4.26
CA TYR L 154 74.09 12.40 -3.39
C TYR L 154 75.37 12.90 -2.74
N ALA L 155 76.53 12.41 -3.16
CA ALA L 155 77.77 12.62 -2.43
C ALA L 155 78.73 13.61 -3.08
N VAL L 156 78.36 14.27 -4.17
CA VAL L 156 79.27 15.20 -4.83
C VAL L 156 78.65 16.60 -4.87
N HIS L 157 79.53 17.59 -5.01
CA HIS L 157 79.15 18.98 -5.20
C HIS L 157 78.91 19.23 -6.69
N ALA L 158 77.68 19.58 -7.04
CA ALA L 158 77.24 19.50 -8.44
C ALA L 158 78.02 20.38 -9.41
N PRO L 159 78.28 21.67 -9.15
CA PRO L 159 78.98 22.48 -10.18
C PRO L 159 80.41 22.04 -10.44
N THR L 160 81.18 21.66 -9.42
CA THR L 160 82.54 21.16 -9.64
C THR L 160 82.54 19.91 -10.50
N SER L 161 81.66 18.97 -10.18
CA SER L 161 81.56 17.74 -10.95
C SER L 161 81.17 18.01 -12.39
N LEU L 162 80.18 18.87 -12.62
CA LEU L 162 79.73 19.16 -13.98
C LEU L 162 80.82 19.86 -14.79
N TYR L 163 81.58 20.78 -14.17
CA TYR L 163 82.68 21.42 -14.87
C TYR L 163 83.73 20.41 -15.30
N HIS L 164 84.06 19.47 -14.43
CA HIS L 164 85.05 18.47 -14.80
C HIS L 164 84.53 17.52 -15.88
N GLN L 165 83.23 17.31 -15.96
CA GLN L 165 82.71 16.55 -17.09
C GLN L 165 82.74 17.38 -18.38
N ALA L 166 82.52 18.69 -18.28
CA ALA L 166 82.42 19.52 -19.48
C ALA L 166 83.78 19.72 -20.15
N ILE L 167 84.85 19.86 -19.37
CA ILE L 167 86.15 20.09 -20.01
C ILE L 167 86.65 18.84 -20.72
N LYS L 168 85.88 17.76 -20.67
CA LYS L 168 86.21 16.52 -21.36
C LYS L 168 85.28 16.23 -22.54
N GLY L 169 84.43 17.17 -22.91
CA GLY L 169 83.60 17.01 -24.09
C GLY L 169 82.19 16.49 -23.88
N VAL L 170 81.70 16.45 -22.65
CA VAL L 170 80.34 16.00 -22.39
C VAL L 170 79.38 17.15 -22.63
N ARG L 171 78.28 16.87 -23.34
CA ARG L 171 77.30 17.89 -23.68
C ARG L 171 75.93 17.68 -23.03
N LEU L 172 75.66 16.54 -22.42
CA LEU L 172 74.34 16.21 -21.92
C LEU L 172 74.46 15.32 -20.68
N ALA L 173 73.69 15.63 -19.64
CA ALA L 173 73.74 14.87 -18.40
C ALA L 173 72.35 14.70 -17.81
N TYR L 174 72.16 13.60 -17.07
CA TYR L 174 70.89 13.28 -16.43
C TYR L 174 71.11 12.99 -14.95
N TRP L 175 70.13 13.36 -14.13
CA TRP L 175 70.15 13.12 -12.68
C TRP L 175 68.82 12.54 -12.23
N VAL L 176 68.85 11.44 -11.49
CA VAL L 176 67.65 10.75 -11.01
C VAL L 176 67.68 10.74 -9.49
N GLY L 177 66.59 11.18 -8.85
CA GLY L 177 66.60 11.15 -7.40
C GLY L 177 65.38 11.79 -6.75
N PHE L 178 65.44 11.87 -5.42
CA PHE L 178 64.37 12.47 -4.62
C PHE L 178 64.39 14.00 -4.77
N ASP L 179 63.20 14.58 -4.85
CA ASP L 179 63.04 16.03 -5.00
C ASP L 179 63.72 16.79 -3.87
N THR L 180 64.46 17.84 -4.23
CA THR L 180 65.25 18.63 -3.30
C THR L 180 64.49 19.80 -2.69
N THR L 181 63.23 20.01 -3.05
CA THR L 181 62.48 21.17 -2.54
C THR L 181 62.35 21.25 -1.02
N PRO L 182 62.04 20.16 -0.28
CA PRO L 182 61.90 20.31 1.17
C PRO L 182 63.17 20.78 1.89
N PHE L 183 64.35 20.57 1.32
CA PHE L 183 65.57 21.06 1.94
C PHE L 183 65.85 22.52 1.64
N MET L 184 65.23 23.08 0.60
CA MET L 184 65.33 24.52 0.37
C MET L 184 64.45 25.30 1.33
N TYR L 185 63.34 24.72 1.79
CA TYR L 185 62.52 25.33 2.82
C TYR L 185 63.08 25.13 4.23
N ASN L 186 64.13 24.33 4.40
CA ASN L 186 64.87 24.18 5.66
C ASN L 186 64.06 23.51 6.78
N ALA L 187 63.37 22.42 6.44
CA ALA L 187 62.58 21.68 7.43
C ALA L 187 63.47 20.81 8.33
N MET L 188 62.92 20.44 9.49
CA MET L 188 63.67 19.60 10.42
C MET L 188 63.44 18.10 10.22
N ALA L 189 62.28 17.67 9.71
CA ALA L 189 62.02 16.26 9.42
C ALA L 189 60.94 16.16 8.35
N GLY L 190 60.79 14.98 7.74
CA GLY L 190 59.77 14.87 6.71
C GLY L 190 59.52 13.46 6.20
N ALA L 191 58.59 13.36 5.24
CA ALA L 191 58.13 12.10 4.69
C ALA L 191 57.96 12.15 3.17
N TYR L 192 58.25 11.02 2.50
CA TYR L 192 57.81 10.74 1.13
C TYR L 192 56.94 9.49 1.22
N PRO L 193 55.63 9.66 1.42
CA PRO L 193 54.77 8.54 1.83
C PRO L 193 54.45 7.51 0.76
N SER L 194 54.42 7.90 -0.51
CA SER L 194 54.20 6.93 -1.57
C SER L 194 55.35 5.94 -1.72
N TYR L 195 56.54 6.26 -1.22
CA TYR L 195 57.70 5.40 -1.35
C TYR L 195 58.12 4.77 -0.04
N SER L 196 57.28 4.81 0.99
CA SER L 196 57.58 4.31 2.32
C SER L 196 58.89 4.90 2.86
N THR L 197 59.10 6.20 2.67
CA THR L 197 60.38 6.79 3.05
C THR L 197 60.19 7.89 4.08
N ASN L 198 61.05 7.91 5.10
CA ASN L 198 61.03 8.96 6.11
C ASN L 198 62.45 9.48 6.38
N TRP L 199 62.57 10.75 6.77
CA TRP L 199 63.89 11.32 7.03
C TRP L 199 63.83 12.28 8.21
N ALA L 200 64.98 12.45 8.88
CA ALA L 200 65.04 13.29 10.07
C ALA L 200 66.44 13.85 10.32
N ASP L 201 66.47 15.04 10.90
CA ASP L 201 67.67 15.64 11.47
C ASP L 201 68.18 14.84 12.68
N GLU L 202 69.50 14.79 12.82
CA GLU L 202 70.11 13.98 13.88
C GLU L 202 69.69 14.43 15.28
N GLN L 203 69.35 15.70 15.47
CA GLN L 203 68.98 16.19 16.79
C GLN L 203 67.60 15.73 17.28
N VAL L 204 66.74 15.17 16.43
CA VAL L 204 65.40 14.80 16.86
C VAL L 204 65.14 13.30 16.74
N LEU L 205 66.18 12.47 16.76
CA LEU L 205 65.98 11.03 16.65
C LEU L 205 65.34 10.41 17.88
N LYS L 206 65.28 11.13 19.01
CA LYS L 206 64.60 10.64 20.20
C LYS L 206 63.23 11.27 20.40
N ALA L 207 62.53 11.61 19.33
CA ALA L 207 61.16 12.10 19.40
C ALA L 207 60.20 10.92 19.60
N LYS L 208 58.92 11.20 19.59
CA LYS L 208 57.89 10.20 19.86
C LYS L 208 56.93 9.95 18.72
N ASN L 209 56.49 10.99 17.99
CA ASN L 209 55.38 10.83 17.04
C ASN L 209 55.72 11.24 15.60
N ILE L 210 56.98 11.21 15.19
CA ILE L 210 57.32 11.45 13.78
C ILE L 210 57.61 10.11 13.12
N GLY L 211 57.85 10.13 11.81
CA GLY L 211 58.03 8.89 11.07
C GLY L 211 59.22 8.05 11.50
N LEU L 212 60.38 8.67 11.70
CA LEU L 212 61.61 7.95 12.04
C LEU L 212 62.13 8.42 13.39
N CYS L 213 61.92 7.63 14.45
CA CYS L 213 62.29 8.00 15.81
C CYS L 213 62.13 6.81 16.75
N SER L 214 62.56 6.99 18.01
CA SER L 214 62.44 5.97 19.03
C SER L 214 62.67 6.57 20.42
N THR L 215 61.83 6.20 21.39
CA THR L 215 61.95 6.72 22.75
C THR L 215 61.46 5.67 23.76
N ASP L 216 61.45 6.02 25.04
CA ASP L 216 61.12 5.06 26.09
C ASP L 216 60.22 5.67 27.17
N LEU L 217 59.70 4.80 28.05
CA LEU L 217 58.75 5.20 29.09
C LEU L 217 59.46 5.83 30.29
N THR L 218 58.81 6.82 30.91
CA THR L 218 59.34 7.51 32.07
C THR L 218 58.20 7.98 32.96
N GLU L 219 58.52 8.23 34.24
CA GLU L 219 57.56 8.81 35.16
C GLU L 219 57.68 10.33 35.30
N GLY L 220 58.73 10.95 34.76
CA GLY L 220 58.74 12.40 34.73
C GLY L 220 59.32 13.13 35.93
N ARG L 221 60.60 12.95 36.19
CA ARG L 221 61.27 13.73 37.22
C ARG L 221 61.39 15.20 36.80
N ARG L 222 61.26 16.09 37.78
CA ARG L 222 61.36 17.52 37.49
C ARG L 222 62.78 18.06 37.54
N GLY L 223 63.75 17.29 38.01
CA GLY L 223 65.06 17.85 38.20
C GLY L 223 65.83 18.11 36.92
N LYS L 224 66.36 17.04 36.32
CA LYS L 224 67.17 17.10 35.10
C LYS L 224 68.06 18.35 35.05
N LEU L 225 68.71 18.64 36.17
CA LEU L 225 69.45 19.89 36.32
C LEU L 225 70.76 19.78 35.57
N SER L 226 70.84 20.44 34.41
CA SER L 226 72.06 20.53 33.62
C SER L 226 72.39 22.00 33.39
N ILE L 227 73.65 22.37 33.66
CA ILE L 227 74.08 23.75 33.51
C ILE L 227 74.29 24.14 32.05
N MET L 228 74.50 23.15 31.17
CA MET L 228 74.77 23.41 29.76
C MET L 228 73.51 23.97 29.10
N ARG L 229 73.51 25.26 28.80
CA ARG L 229 72.36 25.94 28.22
C ARG L 229 72.33 25.70 26.72
N GLY L 230 71.35 24.93 26.26
CA GLY L 230 71.18 24.74 24.83
C GLY L 230 70.55 25.95 24.18
N LYS L 231 69.28 26.16 24.49
CA LYS L 231 68.56 27.41 24.21
C LYS L 231 68.29 27.71 22.75
N LYS L 232 68.76 26.88 21.81
CA LYS L 232 68.32 27.01 20.43
C LYS L 232 68.24 25.64 19.80
N LEU L 233 67.19 25.42 19.02
CA LEU L 233 66.98 24.18 18.27
C LEU L 233 66.86 24.58 16.80
N GLU L 234 67.96 24.44 16.06
CA GLU L 234 68.03 24.80 14.66
C GLU L 234 68.55 23.62 13.87
N PRO L 235 68.19 23.53 12.58
CA PRO L 235 68.72 22.44 11.74
C PRO L 235 70.24 22.47 11.63
N CYS L 236 70.82 21.28 11.55
CA CYS L 236 72.25 21.08 11.37
C CYS L 236 72.50 20.24 10.13
N ASP L 237 73.77 20.08 9.77
CA ASP L 237 74.13 19.52 8.46
C ASP L 237 73.81 18.03 8.32
N ARG L 238 73.78 17.29 9.43
CA ARG L 238 73.68 15.84 9.36
C ARG L 238 72.22 15.38 9.30
N VAL L 239 71.88 14.56 8.31
CA VAL L 239 70.51 14.06 8.16
C VAL L 239 70.53 12.55 7.92
N LEU L 240 69.49 11.86 8.38
CA LEU L 240 69.34 10.41 8.18
C LEU L 240 68.10 10.11 7.36
N PHE L 241 68.25 9.24 6.35
CA PHE L 241 67.21 8.80 5.43
C PHE L 241 66.90 7.33 5.65
N SER L 242 65.63 6.94 5.61
CA SER L 242 65.23 5.55 5.68
C SER L 242 64.28 5.22 4.54
N VAL L 243 64.74 4.36 3.62
CA VAL L 243 63.99 3.93 2.45
C VAL L 243 63.60 2.46 2.68
N GLY L 244 62.32 2.22 2.96
CA GLY L 244 61.92 0.93 3.48
C GLY L 244 62.60 0.65 4.82
N SER L 245 63.54 -0.28 4.85
CA SER L 245 64.38 -0.49 6.03
C SER L 245 65.86 -0.27 5.74
N THR L 246 66.21 0.33 4.61
CA THR L 246 67.60 0.65 4.28
C THR L 246 67.94 2.06 4.74
N LEU L 247 69.06 2.20 5.45
CA LEU L 247 69.50 3.46 6.04
C LEU L 247 70.59 4.15 5.21
N TYR L 248 70.46 5.47 5.04
CA TYR L 248 71.48 6.28 4.35
C TYR L 248 71.72 7.61 5.06
N PRO L 249 72.94 7.92 5.46
CA PRO L 249 73.23 9.26 5.97
C PRO L 249 73.55 10.25 4.85
N GLU L 250 73.20 11.53 5.08
CA GLU L 250 73.37 12.57 4.07
C GLU L 250 73.75 13.91 4.69
N SER L 251 74.22 14.80 3.82
CA SER L 251 74.66 16.16 4.16
C SER L 251 73.75 17.19 3.48
N ARG L 252 73.35 18.22 4.25
CA ARG L 252 72.41 19.22 3.73
C ARG L 252 73.03 20.07 2.62
N LYS L 253 74.32 20.39 2.73
CA LYS L 253 74.98 21.22 1.72
C LYS L 253 74.99 20.55 0.35
N LEU L 254 75.36 19.26 0.31
CA LEU L 254 75.45 18.56 -0.95
C LEU L 254 74.07 18.36 -1.57
N LEU L 255 73.05 18.13 -0.74
CA LEU L 255 71.69 18.03 -1.26
C LEU L 255 71.22 19.35 -1.86
N LYS L 256 71.47 20.46 -1.17
CA LYS L 256 71.07 21.76 -1.71
C LYS L 256 71.79 22.07 -3.01
N SER L 257 73.03 21.61 -3.18
CA SER L 257 73.78 21.97 -4.39
C SER L 257 73.17 21.43 -5.68
N TRP L 258 72.27 20.46 -5.62
CA TRP L 258 71.63 19.95 -6.83
C TRP L 258 70.30 20.65 -7.17
N HIS L 259 69.88 21.66 -6.40
CA HIS L 259 68.70 22.46 -6.69
C HIS L 259 69.11 23.64 -7.58
N LEU L 260 69.30 23.35 -8.85
CA LEU L 260 69.97 24.25 -9.79
C LEU L 260 68.98 25.21 -10.46
N PRO L 261 69.41 26.43 -10.78
CA PRO L 261 68.55 27.38 -11.49
C PRO L 261 68.43 27.04 -12.97
N SER L 262 67.49 27.71 -13.63
CA SER L 262 67.19 27.38 -15.02
C SER L 262 68.33 27.77 -15.98
N VAL L 263 69.15 28.76 -15.64
CA VAL L 263 70.28 29.18 -16.45
C VAL L 263 71.47 29.47 -15.55
N PHE L 264 72.66 28.98 -15.92
CA PHE L 264 73.85 29.35 -15.15
C PHE L 264 75.12 29.28 -16.00
N HIS L 265 76.18 29.91 -15.49
CA HIS L 265 77.46 30.04 -16.17
C HIS L 265 78.57 29.36 -15.37
N LEU L 266 79.44 28.61 -16.07
CA LEU L 266 80.62 28.00 -15.46
C LEU L 266 81.87 28.67 -16.04
N LYS L 267 82.59 29.41 -15.22
CA LYS L 267 83.66 30.30 -15.68
C LYS L 267 85.00 29.87 -15.09
N GLY L 268 85.78 29.12 -15.86
CA GLY L 268 87.11 28.72 -15.45
C GLY L 268 88.14 29.08 -16.51
N LYS L 269 89.06 28.13 -16.75
CA LYS L 269 89.98 28.29 -17.87
C LYS L 269 89.22 28.30 -19.19
N LEU L 270 88.23 27.43 -19.32
CA LEU L 270 87.23 27.49 -20.37
C LEU L 270 85.89 27.87 -19.75
N SER L 271 84.95 28.29 -20.58
CA SER L 271 83.68 28.80 -20.11
C SER L 271 82.51 28.07 -20.77
N PHE L 272 81.42 27.94 -20.02
CA PHE L 272 80.25 27.21 -20.50
C PHE L 272 78.97 27.89 -20.03
N THR L 273 77.90 27.68 -20.80
CA THR L 273 76.56 28.17 -20.50
C THR L 273 75.63 26.96 -20.40
N CYS L 274 74.87 26.85 -19.30
CA CYS L 274 74.15 25.62 -19.00
C CYS L 274 72.70 25.88 -18.59
N ARG L 275 71.85 24.88 -18.84
CA ARG L 275 70.42 24.89 -18.51
C ARG L 275 70.02 23.61 -17.78
N CYS L 276 68.98 23.71 -16.95
CA CYS L 276 68.46 22.56 -16.20
C CYS L 276 66.93 22.57 -16.22
N ASP L 277 66.33 21.47 -16.71
CA ASP L 277 64.89 21.30 -16.78
C ASP L 277 64.47 20.01 -16.07
N THR L 278 63.23 19.99 -15.59
CA THR L 278 62.64 18.79 -14.96
C THR L 278 61.70 18.10 -15.95
N VAL L 279 62.01 16.87 -16.31
CA VAL L 279 61.26 16.18 -17.36
C VAL L 279 60.37 15.06 -16.86
N VAL L 280 60.59 14.52 -15.66
CA VAL L 280 59.67 13.56 -15.05
C VAL L 280 59.54 13.91 -13.57
N SER L 281 58.31 13.83 -13.05
CA SER L 281 58.00 14.16 -11.66
C SER L 281 56.84 13.31 -11.18
N CYS L 282 57.05 12.45 -10.18
CA CYS L 282 56.02 11.52 -9.72
C CYS L 282 56.07 11.42 -8.18
N GLU L 283 55.15 12.11 -7.52
CA GLU L 283 54.92 12.01 -6.07
C GLU L 283 56.19 12.18 -5.25
N GLY L 284 57.12 13.01 -5.70
CA GLY L 284 58.35 13.25 -4.97
C GLY L 284 59.60 12.63 -5.54
N TYR L 285 59.53 11.92 -6.66
CA TYR L 285 60.71 11.40 -7.37
C TYR L 285 60.85 12.11 -8.72
N VAL L 286 62.07 12.52 -9.09
CA VAL L 286 62.24 13.33 -10.30
C VAL L 286 63.42 12.87 -11.16
N VAL L 287 63.35 13.28 -12.44
CA VAL L 287 64.43 13.16 -13.42
C VAL L 287 64.75 14.55 -13.99
N LYS L 288 66.02 14.95 -13.95
CA LYS L 288 66.48 16.24 -14.45
C LYS L 288 67.44 16.07 -15.62
N ARG L 289 67.30 16.93 -16.64
CA ARG L 289 68.13 16.94 -17.84
C ARG L 289 68.92 18.24 -17.92
N ILE L 290 70.23 18.14 -18.16
CA ILE L 290 71.14 19.29 -18.15
C ILE L 290 71.94 19.32 -19.44
N THR L 291 72.02 20.49 -20.07
CA THR L 291 72.81 20.71 -21.28
C THR L 291 73.88 21.76 -21.04
N MET L 292 75.03 21.60 -21.70
CA MET L 292 76.15 22.52 -21.54
C MET L 292 76.75 22.87 -22.90
N SER L 293 77.14 24.14 -23.07
CA SER L 293 77.64 24.67 -24.35
C SER L 293 78.86 25.57 -24.14
N PRO L 294 79.84 25.53 -25.04
CA PRO L 294 81.04 26.35 -24.86
C PRO L 294 80.77 27.81 -25.18
N GLY L 295 81.34 28.70 -24.37
CA GLY L 295 81.16 30.13 -24.50
C GLY L 295 80.11 30.67 -23.56
N LEU L 296 80.03 32.00 -23.51
CA LEU L 296 79.11 32.71 -22.63
C LEU L 296 78.04 33.44 -23.45
N TYR L 297 76.77 33.18 -23.14
CA TYR L 297 75.64 33.79 -23.82
C TYR L 297 74.53 34.15 -22.84
N GLY L 298 73.83 35.24 -23.11
CA GLY L 298 72.66 35.62 -22.33
C GLY L 298 73.03 36.21 -20.98
N LYS L 299 72.06 36.16 -20.06
CA LYS L 299 72.30 36.58 -18.69
C LYS L 299 71.46 35.74 -17.75
N THR L 300 71.82 35.77 -16.47
CA THR L 300 71.23 34.94 -15.44
C THR L 300 70.39 35.79 -14.49
N THR L 301 69.36 35.17 -13.92
CA THR L 301 68.58 35.80 -12.86
C THR L 301 68.81 35.20 -11.49
N GLY L 302 69.13 33.92 -11.40
CA GLY L 302 69.30 33.28 -10.12
C GLY L 302 68.05 32.76 -9.46
N TYR L 303 67.04 32.37 -10.23
CA TYR L 303 65.79 31.87 -9.67
C TYR L 303 65.57 30.42 -10.09
N ALA L 304 65.06 29.61 -9.17
CA ALA L 304 64.70 28.22 -9.41
C ALA L 304 63.23 28.01 -9.09
N VAL L 305 62.53 27.25 -9.95
CA VAL L 305 61.08 27.09 -9.89
C VAL L 305 60.72 25.62 -9.74
N THR L 306 59.71 25.34 -8.91
CA THR L 306 59.12 24.02 -8.79
C THR L 306 57.62 24.09 -9.07
N HIS L 307 57.12 23.16 -9.89
CA HIS L 307 55.69 23.05 -10.19
C HIS L 307 55.07 21.94 -9.34
N HIS L 308 53.97 22.24 -8.66
CA HIS L 308 53.32 21.32 -7.73
C HIS L 308 52.10 20.67 -8.40
N ALA L 309 52.18 19.38 -8.70
CA ALA L 309 51.03 18.65 -9.19
C ALA L 309 50.14 18.11 -8.07
N ASP L 310 50.74 17.67 -6.97
CA ASP L 310 50.04 17.37 -5.73
C ASP L 310 50.32 18.49 -4.72
N GLY L 311 49.57 18.50 -3.62
CA GLY L 311 49.75 19.53 -2.62
C GLY L 311 51.01 19.32 -1.78
N PHE L 312 51.64 20.43 -1.39
CA PHE L 312 52.82 20.39 -0.55
C PHE L 312 52.60 21.21 0.73
N LEU L 313 52.99 20.66 1.88
CA LEU L 313 52.70 21.25 3.18
C LEU L 313 53.93 21.34 4.06
N MET L 314 54.06 22.47 4.77
CA MET L 314 55.06 22.63 5.83
C MET L 314 54.43 23.30 7.03
N CYS L 315 54.66 22.77 8.23
CA CYS L 315 53.96 23.27 9.40
C CYS L 315 54.75 23.06 10.69
N LYS L 316 54.32 23.78 11.72
CA LYS L 316 54.92 23.74 13.05
C LYS L 316 54.20 22.71 13.92
N THR L 317 54.96 21.88 14.64
CA THR L 317 54.42 20.83 15.48
C THR L 317 55.13 20.82 16.83
N THR L 318 54.44 20.26 17.83
CA THR L 318 54.93 20.17 19.20
C THR L 318 55.08 18.70 19.60
N ASP L 319 56.23 18.36 20.19
CA ASP L 319 56.52 16.97 20.57
C ASP L 319 57.37 16.96 21.83
N THR L 320 57.74 15.76 22.29
CA THR L 320 58.75 15.61 23.35
C THR L 320 59.97 14.91 22.77
N VAL L 321 61.14 15.45 23.05
CA VAL L 321 62.40 14.87 22.63
C VAL L 321 63.17 14.50 23.89
N ASP L 322 63.43 13.21 24.05
CA ASP L 322 64.05 12.67 25.27
C ASP L 322 63.30 13.15 26.53
N GLY L 323 62.00 13.33 26.41
CA GLY L 323 61.17 13.76 27.52
C GLY L 323 60.95 15.25 27.67
N GLU L 324 61.63 16.09 26.89
CA GLU L 324 61.48 17.54 27.01
C GLU L 324 60.61 18.08 25.86
N ARG L 325 59.62 18.91 26.20
CA ARG L 325 58.65 19.39 25.23
C ARG L 325 59.20 20.55 24.40
N VAL L 326 59.12 20.43 23.06
CA VAL L 326 59.67 21.42 22.13
C VAL L 326 58.76 21.55 20.91
N SER L 327 59.09 22.52 20.04
CA SER L 327 58.40 22.76 18.77
C SER L 327 59.39 22.83 17.62
N PHE L 328 59.00 22.31 16.45
CA PHE L 328 59.84 22.37 15.26
C PHE L 328 58.98 22.09 14.01
N SER L 329 59.60 22.19 12.83
CA SER L 329 58.86 22.16 11.56
C SER L 329 58.96 20.83 10.82
N VAL L 330 57.89 20.48 10.12
CA VAL L 330 57.71 19.17 9.48
C VAL L 330 57.01 19.38 8.12
N CYS L 331 57.39 18.57 7.11
CA CYS L 331 56.85 18.73 5.76
C CYS L 331 56.34 17.41 5.17
N THR L 332 55.35 17.50 4.26
CA THR L 332 54.80 16.31 3.61
C THR L 332 54.06 16.66 2.31
N TYR L 333 53.63 15.60 1.59
CA TYR L 333 52.88 15.68 0.34
C TYR L 333 51.46 15.14 0.51
N VAL L 334 50.50 15.74 -0.20
CA VAL L 334 49.08 15.38 -0.08
C VAL L 334 48.46 15.18 -1.46
N PRO L 335 47.67 14.12 -1.68
CA PRO L 335 47.10 13.87 -3.01
C PRO L 335 46.09 14.92 -3.44
N ALA L 336 46.00 15.12 -4.75
CA ALA L 336 45.27 16.25 -5.32
C ALA L 336 43.75 16.15 -5.09
N THR L 337 43.18 14.95 -5.16
CA THR L 337 41.72 14.81 -4.98
C THR L 337 41.29 15.22 -3.58
N ILE L 338 42.08 14.88 -2.55
CA ILE L 338 41.76 15.26 -1.18
C ILE L 338 41.82 16.78 -1.01
N CYS L 339 42.86 17.40 -1.58
CA CYS L 339 42.98 18.85 -1.56
C CYS L 339 41.77 19.51 -2.21
N ASP L 340 41.32 18.99 -3.36
CA ASP L 340 40.15 19.54 -4.02
C ASP L 340 38.90 19.36 -3.18
N GLN L 341 38.78 18.24 -2.47
CA GLN L 341 37.58 18.00 -1.67
C GLN L 341 37.56 18.78 -0.36
N MET L 342 38.66 19.41 0.05
CA MET L 342 38.63 20.24 1.26
C MET L 342 38.36 21.72 1.01
N THR L 343 38.12 22.14 -0.25
CA THR L 343 38.03 23.56 -0.56
C THR L 343 36.87 24.26 0.16
N GLY L 344 35.71 23.61 0.24
CA GLY L 344 34.57 24.21 0.89
C GLY L 344 34.72 24.34 2.40
N ILE L 345 35.31 23.32 3.05
CA ILE L 345 35.43 23.32 4.51
C ILE L 345 36.30 24.47 5.00
N LEU L 346 37.37 24.77 4.28
CA LEU L 346 38.36 25.73 4.75
C LEU L 346 37.91 27.18 4.62
N ALA L 347 36.69 27.45 4.15
CA ALA L 347 36.20 28.82 4.13
C ALA L 347 35.91 29.35 5.53
N THR L 348 35.64 28.49 6.48
CA THR L 348 35.37 28.87 7.87
C THR L 348 36.49 28.41 8.77
N GLU L 349 36.35 28.69 10.06
CA GLU L 349 37.27 28.20 11.07
C GLU L 349 36.83 26.83 11.55
N VAL L 350 37.76 25.89 11.55
CA VAL L 350 37.48 24.49 11.89
C VAL L 350 38.50 24.05 12.93
N THR L 351 38.06 23.28 13.93
CA THR L 351 38.97 22.75 14.93
C THR L 351 39.76 21.57 14.36
N PRO L 352 40.92 21.27 14.96
CA PRO L 352 41.69 20.09 14.49
C PRO L 352 40.94 18.76 14.58
N GLU L 353 40.13 18.55 15.62
CA GLU L 353 39.40 17.29 15.77
C GLU L 353 38.38 17.09 14.65
N ASP L 354 37.63 18.14 14.32
CA ASP L 354 36.65 18.07 13.25
C ASP L 354 37.33 17.86 11.90
N ALA L 355 38.46 18.52 11.67
CA ALA L 355 39.21 18.30 10.45
C ALA L 355 39.67 16.85 10.35
N GLN L 356 40.12 16.26 11.45
CA GLN L 356 40.56 14.87 11.44
C GLN L 356 39.42 13.92 11.10
N LYS L 357 38.23 14.17 11.66
CA LYS L 357 37.09 13.32 11.32
C LYS L 357 36.69 13.47 9.85
N LEU L 358 36.70 14.69 9.32
CA LEU L 358 36.39 14.86 7.89
C LEU L 358 37.41 14.15 6.99
N LEU L 359 38.70 14.25 7.32
CA LEU L 359 39.72 13.60 6.51
C LEU L 359 39.59 12.09 6.54
N VAL L 360 39.30 11.52 7.72
CA VAL L 360 39.08 10.07 7.79
C VAL L 360 37.88 9.68 6.94
N GLY L 361 36.82 10.48 6.97
CA GLY L 361 35.66 10.20 6.13
C GLY L 361 35.99 10.21 4.64
N LEU L 362 36.78 11.20 4.20
CA LEU L 362 37.14 11.27 2.78
C LEU L 362 38.08 10.14 2.37
N ASN L 363 39.00 9.75 3.26
CA ASN L 363 40.05 8.82 2.88
C ASN L 363 39.52 7.41 2.68
N GLN L 364 38.71 6.93 3.61
CA GLN L 364 38.35 5.52 3.67
C GLN L 364 37.00 5.30 3.00
N ARG L 365 37.01 5.45 1.69
CA ARG L 365 35.80 5.35 0.90
C ARG L 365 36.13 4.99 -0.55
N THR L 376 40.20 0.30 1.21
CA THR L 376 41.03 1.13 0.35
C THR L 376 41.43 2.43 1.05
N ASN L 377 42.64 2.91 0.76
CA ASN L 377 43.16 4.12 1.38
C ASN L 377 43.82 4.97 0.31
N THR L 378 43.37 6.23 0.19
CA THR L 378 44.02 7.14 -0.75
C THR L 378 45.36 7.64 -0.21
N MET L 379 45.44 7.97 1.07
CA MET L 379 46.69 8.42 1.69
C MET L 379 46.96 7.61 2.95
N LYS L 380 48.22 7.58 3.36
CA LYS L 380 48.64 6.80 4.54
C LYS L 380 48.12 7.43 5.82
N ASN L 381 47.66 6.58 6.75
CA ASN L 381 46.95 7.06 7.93
C ASN L 381 47.86 7.74 8.94
N TYR L 382 49.12 7.33 9.05
CA TYR L 382 50.00 7.87 10.10
C TYR L 382 50.31 9.36 9.91
N MET L 383 50.07 9.93 8.73
CA MET L 383 50.22 11.36 8.53
C MET L 383 48.95 12.16 8.77
N ILE L 384 47.80 11.52 8.95
CA ILE L 384 46.55 12.27 9.04
C ILE L 384 46.49 13.25 10.20
N PRO L 385 46.93 12.93 11.43
CA PRO L 385 46.84 13.93 12.51
C PRO L 385 47.64 15.21 12.27
N VAL L 386 48.83 15.14 11.68
CA VAL L 386 49.59 16.36 11.45
C VAL L 386 48.94 17.21 10.34
N VAL L 387 48.46 16.58 9.27
CA VAL L 387 47.79 17.32 8.20
C VAL L 387 46.56 18.04 8.74
N ALA L 388 45.75 17.35 9.54
CA ALA L 388 44.57 17.98 10.13
C ALA L 388 44.94 19.21 10.93
N GLN L 389 46.08 19.18 11.62
CA GLN L 389 46.46 20.36 12.38
C GLN L 389 46.85 21.50 11.45
N ALA L 390 47.60 21.21 10.39
CA ALA L 390 48.08 22.25 9.50
C ALA L 390 46.91 22.98 8.82
N PHE L 391 45.98 22.20 8.26
CA PHE L 391 44.81 22.80 7.61
C PHE L 391 44.05 23.70 8.57
N SER L 392 44.01 23.33 9.86
CA SER L 392 43.25 24.13 10.80
C SER L 392 43.92 25.48 11.03
N LYS L 393 45.24 25.53 11.06
CA LYS L 393 45.90 26.80 11.30
C LYS L 393 45.84 27.71 10.06
N TRP L 394 46.02 27.13 8.87
CA TRP L 394 45.94 27.91 7.64
C TRP L 394 44.59 28.62 7.52
N ALA L 395 43.50 27.88 7.73
CA ALA L 395 42.18 28.46 7.67
C ALA L 395 42.02 29.62 8.64
N LYS L 396 42.66 29.51 9.82
CA LYS L 396 42.54 30.60 10.78
C LYS L 396 43.29 31.84 10.28
N GLU L 397 44.51 31.66 9.75
CA GLU L 397 45.32 32.80 9.38
C GLU L 397 44.68 33.60 8.24
N CYS L 398 44.06 32.91 7.29
CA CYS L 398 43.35 33.59 6.21
C CYS L 398 42.30 34.54 6.76
N ARG L 399 41.52 34.11 7.76
CA ARG L 399 40.49 34.98 8.31
C ARG L 399 41.10 36.25 8.89
N LYS L 400 42.25 36.12 9.55
CA LYS L 400 42.85 37.30 10.15
C LYS L 400 43.28 38.32 9.11
N ASP L 401 43.64 37.86 7.90
CA ASP L 401 43.96 38.81 6.84
C ASP L 401 42.71 39.53 6.38
N MET L 402 41.57 38.84 6.34
CA MET L 402 40.37 39.45 5.79
C MET L 402 39.78 40.51 6.72
N GLU L 403 40.08 40.46 8.00
CA GLU L 403 39.54 41.38 8.97
C GLU L 403 40.45 42.57 9.25
N ASP L 404 41.64 42.62 8.65
CA ASP L 404 42.55 43.75 8.83
C ASP L 404 42.99 44.22 7.44
N GLU L 405 42.15 45.00 6.78
CA GLU L 405 42.44 45.52 5.45
C GLU L 405 43.35 46.73 5.53
N LYS L 406 44.17 46.91 4.51
CA LYS L 406 45.05 48.06 4.36
C LYS L 406 44.58 48.92 3.20
N LEU L 407 45.27 50.02 2.97
CA LEU L 407 44.99 50.90 1.84
C LEU L 407 45.83 50.51 0.64
N LEU L 408 45.25 50.61 -0.55
CA LEU L 408 45.95 50.24 -1.77
C LEU L 408 47.17 51.12 -2.01
N GLY L 409 48.27 50.48 -2.40
CA GLY L 409 49.46 51.19 -2.81
C GLY L 409 50.28 51.79 -1.69
N VAL L 410 50.12 51.31 -0.47
CA VAL L 410 50.69 51.96 0.70
C VAL L 410 51.26 50.91 1.64
N ARG L 411 52.40 51.23 2.25
CA ARG L 411 53.12 50.33 3.15
C ARG L 411 53.45 51.11 4.41
N GLU L 412 52.57 51.05 5.41
CA GLU L 412 52.76 51.86 6.61
C GLU L 412 53.88 51.30 7.47
N ARG L 413 54.70 52.19 8.02
CA ARG L 413 55.85 51.81 8.84
C ARG L 413 56.02 52.75 10.02
N THR L 414 54.92 53.11 10.66
CA THR L 414 54.94 54.04 11.80
C THR L 414 55.72 53.47 12.98
N TRP L 421 58.47 54.41 14.08
CA TRP L 421 59.12 54.28 12.78
C TRP L 421 59.47 52.82 12.50
N ALA L 422 58.61 51.90 12.92
CA ALA L 422 58.87 50.48 12.74
C ALA L 422 57.58 49.77 12.34
N PHE L 423 57.75 48.61 11.71
CA PHE L 423 56.65 47.75 11.32
C PHE L 423 56.81 46.38 11.98
N LYS L 424 55.69 45.73 12.25
CA LYS L 424 55.68 44.44 12.90
C LYS L 424 55.51 43.30 11.89
N LYS L 425 56.07 42.16 12.22
CA LYS L 425 55.87 40.94 11.45
C LYS L 425 54.76 40.12 12.09
N GLN L 426 53.90 39.56 11.25
CA GLN L 426 52.87 38.65 11.73
C GLN L 426 53.43 37.24 11.85
N LYS L 427 52.81 36.45 12.71
CA LYS L 427 53.24 35.07 12.89
C LYS L 427 52.63 34.17 11.81
N THR L 428 53.45 33.25 11.32
CA THR L 428 53.05 32.30 10.29
C THR L 428 53.42 30.90 10.74
N HIS L 429 52.42 30.02 10.86
CA HIS L 429 52.65 28.65 11.30
C HIS L 429 52.45 27.59 10.22
N THR L 430 51.95 27.95 9.04
CA THR L 430 51.73 26.98 7.98
C THR L 430 52.05 27.59 6.62
N VAL L 431 52.77 26.86 5.77
CA VAL L 431 52.82 27.18 4.35
C VAL L 431 52.21 26.02 3.57
N TYR L 432 51.34 26.35 2.63
CA TYR L 432 50.52 25.39 1.91
C TYR L 432 50.54 25.73 0.42
N LYS L 433 51.23 24.92 -0.38
CA LYS L 433 51.26 25.11 -1.83
C LYS L 433 50.23 24.16 -2.45
N ARG L 434 49.17 24.73 -3.03
CA ARG L 434 48.06 23.99 -3.61
C ARG L 434 48.41 23.46 -4.99
N PRO L 435 47.68 22.44 -5.46
CA PRO L 435 47.88 21.95 -6.83
C PRO L 435 47.75 23.07 -7.87
N ASP L 436 48.66 23.05 -8.84
CA ASP L 436 48.80 24.01 -9.93
C ASP L 436 49.38 25.36 -9.50
N THR L 437 50.12 25.43 -8.40
CA THR L 437 50.89 26.61 -8.05
C THR L 437 52.37 26.30 -8.20
N GLN L 438 53.22 27.31 -8.00
CA GLN L 438 54.65 27.20 -8.23
C GLN L 438 55.45 27.85 -7.11
N SER L 439 56.50 27.16 -6.65
CA SER L 439 57.49 27.72 -5.73
C SER L 439 58.64 28.35 -6.51
N ILE L 440 59.24 29.40 -5.94
CA ILE L 440 60.35 30.12 -6.57
C ILE L 440 61.36 30.55 -5.51
N GLN L 441 62.63 30.17 -5.68
CA GLN L 441 63.68 30.47 -4.70
C GLN L 441 64.91 31.05 -5.38
N LYS L 442 65.65 31.86 -4.64
CA LYS L 442 66.82 32.56 -5.15
C LYS L 442 68.10 31.81 -4.79
N VAL L 443 68.88 31.41 -5.79
CA VAL L 443 70.11 30.63 -5.58
C VAL L 443 71.25 31.24 -6.41
N GLN L 444 72.45 30.69 -6.20
CA GLN L 444 73.64 31.15 -6.91
C GLN L 444 73.64 30.68 -8.35
N ALA L 445 74.08 31.54 -9.27
CA ALA L 445 74.07 31.22 -10.69
C ALA L 445 75.37 31.49 -11.42
N GLU L 446 76.38 32.06 -10.75
CA GLU L 446 77.70 32.30 -11.36
C GLU L 446 78.75 31.55 -10.54
N PHE L 447 79.45 30.62 -11.18
CA PHE L 447 80.43 29.78 -10.52
C PHE L 447 81.79 29.95 -11.18
N ASP L 448 82.79 30.33 -10.40
CA ASP L 448 84.15 30.47 -10.91
C ASP L 448 85.17 29.60 -10.20
N SER L 449 84.91 29.16 -8.98
CA SER L 449 85.89 28.46 -8.17
C SER L 449 85.70 26.95 -8.30
N PHE L 450 86.75 26.25 -8.73
CA PHE L 450 86.73 24.79 -8.83
C PHE L 450 88.09 24.30 -8.36
N VAL L 451 88.13 23.66 -7.20
CA VAL L 451 89.37 23.08 -6.68
C VAL L 451 89.15 21.62 -6.32
N TRP L 456 95.83 11.36 -5.64
CA TRP L 456 95.00 10.19 -5.86
C TRP L 456 95.75 8.90 -5.51
N SER L 457 95.10 8.05 -4.72
CA SER L 457 95.56 6.70 -4.46
C SER L 457 94.39 5.75 -4.62
N SER L 458 94.69 4.50 -4.97
CA SER L 458 93.66 3.57 -5.44
C SER L 458 92.60 3.31 -4.39
N GLY L 459 93.00 2.91 -3.18
CA GLY L 459 92.08 2.56 -2.14
C GLY L 459 91.68 1.10 -2.09
N LEU L 460 92.06 0.32 -3.10
CA LEU L 460 91.86 -1.12 -3.09
C LEU L 460 92.90 -1.79 -2.20
N SER L 461 92.67 -3.07 -1.87
CA SER L 461 93.54 -3.82 -0.98
C SER L 461 93.92 -5.15 -1.60
N ILE L 462 95.06 -5.68 -1.15
CA ILE L 462 95.60 -6.90 -1.75
C ILE L 462 94.67 -8.11 -1.58
N PRO L 463 94.12 -8.39 -0.38
CA PRO L 463 93.24 -9.56 -0.27
C PRO L 463 92.01 -9.50 -1.17
N LEU L 464 91.41 -8.33 -1.34
CA LEU L 464 90.26 -8.21 -2.21
C LEU L 464 90.65 -8.42 -3.67
N ARG L 465 91.81 -7.89 -4.08
CA ARG L 465 92.30 -8.13 -5.42
C ARG L 465 92.54 -9.62 -5.66
N THR L 466 93.11 -10.30 -4.67
CA THR L 466 93.32 -11.74 -4.79
C THR L 466 92.00 -12.49 -4.91
N ARG L 467 91.01 -12.10 -4.12
CA ARG L 467 89.71 -12.75 -4.22
C ARG L 467 89.09 -12.55 -5.60
N ILE L 468 89.16 -11.34 -6.14
CA ILE L 468 88.58 -11.08 -7.46
C ILE L 468 89.34 -11.86 -8.53
N LYS L 469 90.67 -11.87 -8.46
CA LYS L 469 91.46 -12.61 -9.44
C LYS L 469 91.16 -14.10 -9.39
N TRP L 470 91.04 -14.67 -8.18
CA TRP L 470 90.68 -16.07 -8.06
C TRP L 470 89.29 -16.33 -8.62
N LEU L 471 88.34 -15.46 -8.31
CA LEU L 471 86.96 -15.66 -8.74
C LEU L 471 86.84 -15.55 -10.26
N LEU L 472 87.71 -14.79 -10.90
CA LEU L 472 87.67 -14.62 -12.34
C LEU L 472 88.45 -15.71 -13.07
N SER L 473 89.72 -15.91 -12.71
CA SER L 473 90.59 -16.81 -13.43
C SER L 473 90.06 -18.25 -13.46
N LYS L 474 89.21 -18.62 -12.50
CA LYS L 474 88.56 -19.91 -12.49
C LYS L 474 89.56 -21.06 -12.51
ZN ZN M . 83.52 -29.65 11.74
N SAH N . 69.40 -25.86 14.72
CA SAH N . 68.51 -26.58 15.62
CB SAH N . 68.37 -25.86 16.95
CG SAH N . 69.06 -26.59 18.09
SD SAH N . 68.79 -25.85 19.72
C SAH N . 67.14 -26.78 14.99
O SAH N . 66.96 -26.50 13.81
OXT SAH N . 66.22 -27.25 15.63
C5' SAH N . 70.40 -25.03 19.67
C4' SAH N . 71.59 -25.95 19.47
O4' SAH N . 72.78 -25.19 19.46
C3' SAH N . 71.75 -26.95 20.60
O3' SAH N . 71.64 -28.26 20.07
C2' SAH N . 73.14 -26.76 21.14
O2' SAH N . 73.78 -28.00 21.31
C1' SAH N . 73.82 -25.94 20.05
N9 SAH N . 74.91 -25.09 20.57
C8 SAH N . 75.01 -24.51 21.81
N7 SAH N . 76.17 -23.83 21.86
C5 SAH N . 76.82 -23.98 20.70
C6 SAH N . 78.03 -23.51 20.23
N6 SAH N . 78.81 -22.75 20.99
N1 SAH N . 78.45 -23.83 18.96
C2 SAH N . 77.66 -24.61 18.16
N3 SAH N . 76.45 -25.08 18.63
C4 SAH N . 76.04 -24.76 19.88
P G7M O . 57.79 -27.76 17.35
OP1 G7M O . 58.46 -28.86 18.15
OP2 G7M O . 57.68 -28.42 16.04
O5' G7M O . 59.08 -26.75 17.04
C5' G7M O . 59.61 -25.85 17.96
C4' G7M O . 59.62 -24.47 17.34
O4' G7M O . 60.22 -23.42 18.41
C3' G7M O . 60.37 -24.44 16.30
O3' G7M O . 59.58 -24.36 15.04
C2' G7M O . 61.22 -23.17 16.39
O2' G7M O . 60.64 -22.22 15.62
C1' G7M O . 61.12 -22.68 17.83
N9 G7M O . 62.40 -22.80 18.61
C8 G7M O . 63.17 -23.85 18.31
N7 G7M O . 64.24 -23.80 19.12
CN7 G7M O . 65.24 -24.85 18.98
C5 G7M O . 64.10 -22.70 19.89
C6 G7M O . 64.95 -22.08 21.00
O6 G7M O . 65.97 -22.56 21.34
N1 G7M O . 64.52 -20.90 21.65
C2 G7M O . 63.30 -20.27 21.29
N2 G7M O . 62.89 -19.06 21.96
N3 G7M O . 62.48 -20.84 20.25
C4 G7M O . 62.94 -22.09 19.56
ZN ZN P . 57.25 -60.01 33.38
N SAH Q . 45.53 -50.84 32.31
CA SAH Q . 44.20 -51.13 32.83
CB SAH Q . 43.94 -50.37 34.12
CG SAH Q . 43.90 -51.28 35.33
SD SAH Q . 43.42 -50.44 36.87
C SAH Q . 43.14 -50.79 31.80
O SAH Q . 43.46 -50.48 30.65
OXT SAH Q . 41.95 -50.83 32.08
C5' SAH Q . 45.15 -50.34 37.39
C4' SAH Q . 45.90 -51.66 37.47
O4' SAH Q . 47.22 -51.43 37.90
C3' SAH Q . 45.28 -52.61 38.49
O3' SAH Q . 44.85 -53.77 37.82
C2' SAH Q . 46.41 -52.97 39.44
O2' SAH Q . 46.42 -54.36 39.67
C1' SAH Q . 47.65 -52.51 38.69
N9 SAH Q . 48.74 -52.16 39.60
C8 SAH Q . 48.67 -51.62 40.86
N7 SAH Q . 49.91 -51.47 41.34
C5 SAH Q . 50.79 -51.89 40.41
C6 SAH Q . 52.17 -51.95 40.38
N6 SAH Q . 52.90 -51.54 41.41
N1 SAH Q . 52.81 -52.44 39.27
C2 SAH Q . 52.07 -52.87 38.20
N3 SAH Q . 50.71 -52.81 38.23
C4 SAH Q . 50.07 -52.33 39.32
P G7M R . 33.90 -47.90 31.11
OP1 G7M R . 33.81 -49.16 31.96
OP2 G7M R . 33.97 -48.50 29.76
O5' G7M R . 35.51 -47.49 31.30
C5' G7M R . 36.02 -46.86 32.42
C4' G7M R . 36.76 -45.60 31.98
O4' G7M R . 37.34 -44.86 33.29
C3' G7M R . 37.76 -45.92 31.22
O3' G7M R . 37.50 -45.56 29.81
C2' G7M R . 38.95 -45.08 31.69
O2' G7M R . 39.06 -44.00 30.89
C1' G7M R . 38.59 -44.55 33.08
N9 G7M R . 39.41 -45.14 34.19
C8 G7M R . 39.77 -46.43 34.04
N7 G7M R . 40.47 -46.77 35.13
CN7 G7M R . 40.96 -48.15 35.20
C5 G7M R . 40.52 -45.69 35.93
C6 G7M R . 41.15 -45.43 37.31
O6 G7M R . 41.73 -46.27 37.88
N1 G7M R . 41.01 -44.15 37.91
C2 G7M R . 40.31 -43.10 37.26
N2 G7M R . 40.21 -41.81 37.89
N3 G7M R . 39.71 -43.34 35.97
C4 G7M R . 39.85 -44.68 35.34
ZN ZN S . 15.93 -76.80 42.88
N SAH T . 9.64 -63.78 39.26
CA SAH T . 8.21 -63.49 39.31
CB SAH T . 7.87 -62.66 40.53
CG SAH T . 7.09 -63.44 41.58
SD SAH T . 6.52 -62.45 42.98
C SAH T . 7.75 -62.79 38.05
O SAH T . 8.50 -62.67 37.08
OXT SAH T . 6.62 -62.35 37.95
C5' SAH T . 7.89 -63.02 44.00
C4' SAH T . 8.00 -64.52 44.17
O4' SAH T . 9.10 -64.82 45.00
C3' SAH T . 6.78 -65.12 44.85
O3' SAH T . 6.18 -66.04 43.97
C2' SAH T . 7.31 -65.86 46.05
O2' SAH T . 6.73 -67.14 46.14
C1' SAH T . 8.80 -65.96 45.77
N9 SAH T . 9.61 -66.05 47.00
C8 SAH T . 9.34 -65.49 48.22
N7 SAH T . 10.34 -65.83 49.07
C5 SAH T . 11.23 -66.59 48.41
C6 SAH T . 12.41 -67.20 48.79
N6 SAH T . 12.87 -67.07 50.03
N1 SAH T . 13.13 -67.93 47.88
C2 SAH T . 12.66 -68.07 46.60
N3 SAH T . 11.49 -67.47 46.23
C4 SAH T . 10.78 -66.74 47.11
P G7M U . 1.08 -56.50 34.89
OP1 G7M U . 0.24 -57.59 35.55
OP2 G7M U . 1.33 -57.11 33.58
O5' G7M U . 2.56 -56.75 35.61
C5' G7M U . 2.90 -56.35 36.89
C4' G7M U . 4.15 -55.50 36.82
O4' G7M U . 4.54 -55.01 38.31
C3' G7M U . 5.14 -56.21 36.37
O3' G7M U . 5.51 -55.82 34.98
C2' G7M U . 6.35 -55.89 37.26
O2' G7M U . 7.11 -54.97 36.64
C1' G7M U . 5.80 -55.23 38.52
N9 G7M U . 5.93 -56.07 39.76
C8 G7M U . 5.79 -57.39 39.59
N7 G7M U . 5.92 -57.95 40.80
CN7 G7M U . 5.81 -59.41 40.87
C5 G7M U . 6.13 -56.96 41.69
C6 G7M U . 6.33 -56.93 43.21
O6 G7M U . 6.34 -57.91 43.84
N1 G7M U . 6.52 -55.69 43.86
C2 G7M U . 6.52 -54.47 43.15
N2 G7M U . 6.72 -53.22 43.85
N3 G7M U . 6.32 -54.47 41.72
C4 G7M U . 6.13 -55.78 41.02
ZN ZN V . -29.35 -75.56 37.71
N SAH W . -28.64 -61.21 33.69
CA SAH W . -29.79 -60.38 33.34
CB SAH W . -30.15 -59.44 34.48
CG SAH W . -31.46 -59.82 35.16
SD SAH W . -32.02 -58.65 36.41
C SAH W . -29.52 -59.59 32.07
O SAH W . -28.52 -59.81 31.40
OXT SAH W . -30.30 -58.74 31.68
C5' SAH W . -31.38 -59.68 37.74
C4' SAH W . -31.91 -61.10 37.78
O4' SAH W . -31.34 -61.79 38.87
C3' SAH W . -33.41 -61.15 38.00
O3' SAH W . -34.02 -61.77 36.89
C2' SAH W . -33.63 -62.01 39.22
O2' SAH W . -34.65 -62.94 38.99
C1' SAH W . -32.28 -62.70 39.39
N9 SAH W . -32.00 -63.06 40.79
C8 SAH W . -32.41 -62.41 41.93
N7 SAH W . -31.94 -63.08 42.99
C5 SAH W . -31.26 -64.16 42.57
C6 SAH W . -30.59 -65.17 43.22
N6 SAH W . -30.54 -65.21 44.55
N1 SAH W . -29.97 -66.16 42.51
C2 SAH W . -30.01 -66.14 41.14
N3 SAH W . -30.68 -65.13 40.48
C4 SAH W . -31.29 -64.15 41.19
P G7M X . -31.88 -51.26 27.70
OP1 G7M X . -33.24 -51.91 27.96
OP2 G7M X . -31.48 -51.96 26.47
O5' G7M X . -30.92 -52.07 28.80
C5' G7M X . -30.88 -51.78 30.16
C4' G7M X . -29.44 -51.51 30.56
O4' G7M X . -29.39 -51.17 32.13
C3' G7M X . -28.71 -52.56 30.36
O3' G7M X . -27.81 -52.39 29.19
C2' G7M X . -27.83 -52.73 31.60
O2' G7M X . -26.62 -52.21 31.33
C1' G7M X . -28.45 -51.87 32.70
N9 G7M X . -29.06 -52.65 33.83
C8 G7M X . -29.63 -53.81 33.49
N7 G7M X . -30.13 -54.34 34.62
CN7 G7M X . -30.80 -55.63 34.51
C5 G7M X . -29.84 -53.49 35.62
C6 G7M X . -30.13 -53.50 37.12
O6 G7M X . -30.71 -54.39 37.63
N1 G7M X . -29.70 -52.42 37.93
C2 G7M X . -29.00 -51.32 37.38
N2 G7M X . -28.56 -50.24 38.23
N3 G7M X . -28.72 -51.29 35.97
C4 G7M X . -29.17 -52.43 35.11
ZN ZN Y . -66.48 -56.57 19.25
N SAH Z . -59.06 -43.82 17.10
CA SAH Z . -59.63 -42.61 16.50
CB SAH Z . -59.95 -41.57 17.57
CG SAH Z . -61.45 -41.38 17.78
SD SAH Z . -61.86 -40.04 18.92
C SAH Z . -58.69 -42.03 15.46
O SAH Z . -57.69 -42.65 15.11
OXT SAH Z . -58.91 -40.95 14.94
C5' SAH Z . -62.13 -41.21 20.27
C4' SAH Z . -63.16 -42.30 20.00
O4' SAH Z . -63.27 -43.13 21.13
C3' SAH Z . -64.55 -41.74 19.75
O3' SAH Z . -64.95 -42.11 18.45
C2' SAH Z . -65.45 -42.41 20.76
O2' SAH Z . -66.62 -42.86 20.14
C1' SAH Z . -64.61 -43.57 21.26
N9 SAH Z . -64.95 -43.98 22.63
C8 SAH Z . -65.40 -43.18 23.65
N7 SAH Z . -65.61 -43.95 24.73
C5 SAH Z . -65.28 -45.23 24.43
C6 SAH Z . -65.31 -46.40 25.15
N6 SAH Z . -65.69 -46.42 26.42
N1 SAH Z . -64.92 -47.58 24.56
C2 SAH Z . -64.51 -47.58 23.25
N3 SAH Z . -64.49 -46.41 22.53
C4 SAH Z . -64.87 -45.25 23.11
P G7M AA . -56.15 -33.57 11.45
OP1 G7M AA . -57.65 -33.63 11.22
OP2 G7M AA . -55.68 -34.41 10.33
O5' G7M AA . -55.97 -34.67 12.71
C5' G7M AA . -56.26 -34.38 14.03
C4' G7M AA . -55.03 -34.69 14.87
O4' G7M AA . -55.37 -34.35 16.41
C3' G7M AA . -54.74 -35.95 14.79
O3' G7M AA . -53.52 -36.18 13.98
C2' G7M AA . -54.44 -36.42 16.22
O2' G7M AA . -53.11 -36.43 16.39
C1' G7M AA . -55.00 -35.35 17.16
N9 G7M AA . -56.17 -35.79 17.97
C8 G7M AA . -57.01 -36.64 17.36
N7 G7M AA . -58.00 -36.90 18.23
CN7 G7M AA . -59.05 -37.82 17.78
C5 G7M AA . -57.75 -36.20 19.35
C6 G7M AA . -58.48 -36.05 20.69
O6 G7M AA . -59.48 -36.62 20.90
N1 G7M AA . -57.95 -35.22 21.70
C2 G7M AA . -56.74 -34.49 21.49
N2 G7M AA . -56.22 -33.65 22.54
N3 G7M AA . -56.04 -34.61 20.23
C4 G7M AA . -56.59 -35.51 19.18
ZN ZN BA . -85.52 -24.96 -7.56
N SAH CA . -73.49 -16.26 -6.06
CA SAH CA . -73.33 -14.95 -6.68
CB SAH CA . -73.54 -13.84 -5.66
CG SAH CA . -74.83 -13.07 -5.89
SD SAH CA . -75.04 -11.63 -4.81
C SAH CA . -71.96 -14.82 -7.32
O SAH CA . -71.21 -15.80 -7.41
OXT SAH CA . -71.57 -13.75 -7.77
C5' SAH CA . -76.14 -12.57 -3.72
C4' SAH CA . -77.37 -13.16 -4.40
O4' SAH CA . -78.15 -13.85 -3.44
C3' SAH CA . -78.28 -12.11 -5.00
O3' SAH CA . -78.37 -12.32 -6.39
C2' SAH CA . -79.64 -12.34 -4.38
O2' SAH CA . -80.63 -12.30 -5.37
C1' SAH CA . -79.51 -13.72 -3.77
N9 SAH CA . -80.40 -13.91 -2.61
C8 SAH CA . -80.81 -12.97 -1.71
N7 SAH CA . -81.63 -13.58 -0.82
C5 SAH CA . -81.74 -14.88 -1.14
C6 SAH CA . -82.45 -15.93 -0.58
N6 SAH CA . -83.19 -15.75 0.50
N1 SAH CA . -82.37 -17.18 -1.14
C2 SAH CA . -81.61 -17.38 -2.26
N3 SAH CA . -80.91 -16.33 -2.82
C4 SAH CA . -80.98 -15.10 -2.26
P G7M DA . -65.23 -8.19 -9.50
OP1 G7M DA . -66.47 -7.65 -10.19
OP2 G7M DA . -64.79 -9.18 -10.50
O5' G7M DA . -65.89 -9.22 -8.37
C5' G7M DA . -66.45 -8.81 -7.18
C4' G7M DA . -65.78 -9.55 -6.04
O4' G7M DA . -66.42 -9.07 -4.64
C3' G7M DA . -65.98 -10.83 -6.15
O3' G7M DA . -64.76 -11.55 -6.57
C2' G7M DA . -66.35 -11.34 -4.75
O2' G7M DA . -65.24 -11.87 -4.19
C1' G7M DA . -66.72 -10.11 -3.92
N9 G7M DA . -68.17 -10.03 -3.56
C8 G7M DA . -69.03 -10.48 -4.47
N7 G7M DA . -70.27 -10.31 -3.97
CN7 G7M DA . -71.39 -10.75 -4.80
C5 G7M DA . -70.13 -9.74 -2.76
C6 G7M DA . -71.13 -9.27 -1.70
O6 G7M DA . -72.29 -9.39 -1.86
N1 G7M DA . -70.66 -8.68 -0.50
C2 G7M DA . -69.28 -8.51 -0.25
N2 G7M DA . -68.83 -7.91 0.98
N3 G7M DA . -68.32 -8.93 -1.25
C4 G7M DA . -68.82 -9.56 -2.51
ZN ZN EA . -81.33 10.80 -35.51
N SAH FA . -68.03 14.06 -29.59
CA SAH FA . -67.19 15.19 -29.99
CB SAH FA . -67.26 16.32 -28.98
CG SAH FA . -68.02 17.53 -29.51
SD SAH FA . -68.00 18.96 -28.40
C SAH FA . -65.75 14.74 -30.17
O SAH FA . -65.46 13.55 -30.14
OXT SAH FA . -64.86 15.56 -30.38
C5' SAH FA . -69.66 18.58 -27.80
C4' SAH FA . -70.73 18.49 -28.87
O4' SAH FA . -71.97 18.20 -28.27
C3' SAH FA . -70.92 19.80 -29.61
O3' SAH FA . -70.63 19.61 -30.98
C2' SAH FA . -72.38 20.16 -29.46
O2' SAH FA . -72.92 20.55 -30.69
C1' SAH FA . -73.00 18.85 -28.98
N9 SAH FA . -74.21 19.06 -28.17
C8 SAH FA . -74.50 20.11 -27.34
N7 SAH FA . -75.72 19.91 -26.81
C5 SAH FA . -76.22 18.75 -27.28
C6 SAH FA . -77.40 18.08 -27.06
N6 SAH FA . -78.33 18.57 -26.25
N1 SAH FA . -77.65 16.89 -27.71
C2 SAH FA . -76.70 16.37 -28.55
N3 SAH FA . -75.52 17.04 -28.76
C4 SAH FA . -75.28 18.21 -28.13
P G7M GA . -56.67 18.09 -29.54
OP1 G7M GA . -57.33 19.06 -30.51
OP2 G7M GA . -56.35 16.98 -30.46
O5' G7M GA . -58.00 17.44 -28.77
C5' G7M GA . -58.71 18.07 -27.76
C4' G7M GA . -58.77 17.16 -26.56
O4' G7M GA . -59.58 17.90 -25.38
C3' G7M GA . -59.40 16.07 -26.85
O3' G7M GA . -58.49 14.91 -26.96
C2' G7M GA . -60.37 15.78 -25.69
O2' G7M GA . -59.79 14.87 -24.88
C1' G7M GA . -60.47 17.08 -24.89
N9 G7M GA . -61.82 17.75 -24.98
C8 G7M GA . -62.45 17.64 -26.15
N7 G7M GA . -63.61 18.31 -26.03
CN7 G7M GA . -64.48 18.33 -27.20
C5 G7M GA . -63.65 18.82 -24.79
C6 G7M GA . -64.67 19.67 -24.04
O6 G7M GA . -65.68 20.01 -24.54
N1 G7M GA . -64.42 20.06 -22.70
C2 G7M GA . -63.24 19.68 -22.03
N2 G7M GA . -63.01 20.08 -20.67
N3 G7M GA . -62.26 18.87 -22.72
C4 G7M GA . -62.53 18.46 -24.13
ZN ZN HA . -55.05 41.17 -57.15
N SAH IA . -44.15 39.05 -47.19
CA SAH IA . -42.87 39.74 -47.20
CB SAH IA . -42.82 40.84 -46.15
CG SAH IA . -42.83 42.23 -46.76
SD SAH IA . -42.62 43.56 -45.55
C SAH IA . -41.74 38.75 -46.98
O SAH IA . -41.94 37.54 -46.98
OXT SAH IA . -40.58 39.14 -46.82
C5' SAH IA . -44.40 43.88 -45.53
C4' SAH IA . -45.02 44.21 -46.88
O4' SAH IA . -46.40 44.45 -46.71
C3' SAH IA . -44.44 45.47 -47.51
O3' SAH IA . -43.84 45.13 -48.73
C2' SAH IA . -45.62 46.37 -47.76
O2' SAH IA . -45.55 46.91 -49.06
C1' SAH IA . -46.81 45.44 -47.63
N9 SAH IA . -48.04 46.13 -47.21
C8 SAH IA . -48.14 47.23 -46.40
N7 SAH IA . -49.45 47.54 -46.28
C5 SAH IA . -50.18 46.67 -47.00
C6 SAH IA . -51.54 46.53 -47.22
N6 SAH IA . -52.41 47.37 -46.67
N1 SAH IA . -51.99 45.52 -48.02
C2 SAH IA . -51.11 44.64 -48.59
N3 SAH IA . -49.77 44.77 -48.36
C4 SAH IA . -49.30 45.78 -47.58
P G7M JA . -32.78 38.24 -43.30
OP1 G7M JA . -32.66 39.37 -44.32
OP2 G7M JA . -32.64 37.07 -44.18
O5' G7M JA . -34.42 38.19 -43.04
C5' G7M JA . -35.11 39.09 -42.24
C4' G7M JA . -35.90 38.30 -41.20
O4' G7M JA . -36.70 39.34 -40.26
C3' G7M JA . -36.77 37.55 -41.79
O3' G7M JA . -36.40 36.11 -41.73
C2' G7M JA . -38.08 37.70 -41.00
O2' G7M JA . -38.20 36.66 -40.15
C1' G7M JA . -37.93 38.95 -40.14
N9 G7M JA . -38.82 40.09 -40.56
C8 G7M JA . -39.03 40.22 -41.88
N7 G7M JA . -39.82 41.29 -42.05
CN7 G7M JA . -40.20 41.62 -43.43
C5 G7M JA . -40.06 41.81 -40.83
C6 G7M JA . -40.85 43.02 -40.35
O6 G7M JA . -41.43 43.72 -41.10
N1 G7M JA . -40.91 43.32 -38.96
C2 G7M JA . -40.24 42.51 -38.00
N2 G7M JA . -40.32 42.84 -36.61
N3 G7M JA . -39.48 41.37 -38.45
C4 G7M JA . -39.42 41.05 -39.91
ZN ZN KA . -13.75 57.98 -66.66
N SAH LA . -8.28 51.99 -54.13
CA SAH LA . -6.89 52.11 -53.69
CB SAH LA . -6.76 53.13 -52.56
CG SAH LA . -6.05 54.40 -53.01
SD SAH LA . -5.73 55.56 -51.66
C SAH LA . -6.36 50.76 -53.24
O SAH LA . -7.01 49.73 -53.42
OXT SAH LA . -5.25 50.66 -52.70
C5' SAH LA . -7.15 56.57 -52.14
C4' SAH LA . -7.14 57.07 -53.58
O4' SAH LA . -8.29 57.85 -53.82
C3' SAH LA . -5.95 57.98 -53.87
O3' SAH LA . -5.17 57.40 -54.88
C2' SAH LA . -6.55 59.28 -54.39
O2' SAH LA . -5.86 59.70 -55.53
C1' SAH LA . -7.99 58.89 -54.71
N9 SAH LA . -8.91 60.03 -54.61
C8 SAH LA . -8.84 61.10 -53.76
N7 SAH LA . -9.89 61.91 -54.02
C5 SAH LA . -10.63 61.37 -55.00
C6 SAH LA . -11.79 61.78 -55.64
N6 SAH LA . -12.39 62.91 -55.30
N1 SAH LA . -12.32 61.01 -56.64
C2 SAH LA . -11.72 59.84 -57.00
N3 SAH LA . -10.57 59.43 -56.37
C4 SAH LA . -10.03 60.20 -55.39
P G7M MA . 0.05 46.84 -47.09
OP1 G7M MA . 0.90 47.80 -47.91
OP2 G7M MA . -0.01 45.69 -48.01
O5' G7M MA . -1.49 47.46 -47.34
C5' G7M MA . -2.00 48.57 -46.70
C4' G7M MA . -3.32 48.20 -46.04
O4' G7M MA . -3.90 49.50 -45.28
C3' G7M MA . -4.17 47.84 -46.93
O3' G7M MA . -4.41 46.37 -46.91
C2' G7M MA . -5.49 48.52 -46.57
O2' G7M MA . -6.26 47.64 -45.90
C1' G7M MA . -5.16 49.64 -45.59
N9 G7M MA . -5.35 51.02 -46.13
C8 G7M MA . -5.07 51.18 -47.44
N7 G7M MA . -5.28 52.48 -47.73
CN7 G7M MA . -5.05 52.89 -49.11
C5 G7M MA . -5.68 53.08 -46.60
C6 G7M MA . -6.05 54.52 -46.25
O6 G7M MA . -6.05 55.37 -47.06
N1 G7M MA . -6.43 54.86 -44.93
C2 G7M MA . -6.46 53.88 -43.90
N2 G7M MA . -6.85 54.25 -42.56
N3 G7M MA . -6.11 52.52 -44.21
C4 G7M MA . -5.72 52.16 -45.60
ZN ZN NA . 31.54 56.71 -61.48
N SAH OA . 30.01 49.41 -48.56
CA SAH OA . 31.11 48.99 -47.71
CB SAH OA . 31.26 49.90 -46.50
CG SAH OA . 32.51 50.77 -46.57
SD SAH OA . 32.82 51.76 -45.09
C SAH OA . 30.92 47.55 -47.25
O SAH OA . 30.02 46.87 -47.73
OXT SAH OA . 31.66 47.04 -46.42
C5' SAH OA . 32.12 53.23 -45.87
C4' SAH OA . 32.78 53.64 -47.18
O4' SAH OA . 32.15 54.81 -47.67
C3' SAH OA . 34.25 54.00 -47.01
O3' SAH OA . 35.02 53.12 -47.79
C2' SAH OA . 34.39 55.40 -47.54
O2' SAH OA . 35.51 55.49 -48.38
C1' SAH OA . 33.10 55.61 -48.32
N9 SAH OA . 32.70 57.02 -48.39
C8 SAH OA . 32.92 58.01 -47.47
N7 SAH OA . 32.41 59.16 -47.94
C5 SAH OA . 31.87 58.93 -49.15
C6 SAH OA . 31.21 59.74 -50.06
N6 SAH OA . 31.02 61.04 -49.81
N1 SAH OA . 30.77 59.23 -51.25
C2 SAH OA . 30.96 57.90 -51.52
N3 SAH OA . 31.61 57.09 -50.62
C4 SAH OA . 32.05 57.60 -49.45
P G7M PA . 33.00 41.59 -39.89
OP1 G7M PA . 34.37 42.11 -40.31
OP2 G7M PA . 32.81 40.53 -40.89
O5' G7M PA . 32.00 42.76 -40.53
C5' G7M PA . 31.78 44.00 -39.97
C4' G7M PA . 30.29 44.20 -39.77
O4' G7M PA . 30.03 45.64 -39.10
C3' G7M PA . 29.68 44.19 -40.92
O3' G7M PA . 28.91 42.94 -41.11
C2' G7M PA . 28.69 45.34 -40.90
O2' G7M PA . 27.47 44.85 -40.59
C1' G7M PA . 29.10 46.27 -39.75
N9 G7M PA . 29.64 47.60 -40.20
C8 G7M PA . 30.35 47.59 -41.33
N7 G7M PA . 30.76 48.85 -41.54
CN7 G7M PA . 31.56 49.10 -42.73
C5 G7M PA . 30.29 49.60 -40.52
C6 G7M PA . 30.41 51.08 -40.16
O6 G7M PA . 31.00 51.83 -40.84
N1 G7M PA . 29.79 51.58 -38.98
C2 G7M PA . 29.07 50.72 -38.12
N2 G7M PA . 28.44 51.26 -36.94
N3 G7M PA . 28.94 49.32 -38.44
C4 G7M PA . 29.59 48.80 -39.68
ZN ZN QA . 68.69 37.74 -43.02
N SAH RA . 60.45 32.03 -31.98
CA SAH RA . 60.97 31.22 -30.88
CB SAH RA . 61.07 32.03 -29.60
CG SAH RA . 62.50 32.33 -29.20
SD SAH RA . 62.68 33.16 -27.60
C SAH RA . 60.10 30.00 -30.66
O SAH RA . 59.21 29.71 -31.44
OXT SAH RA . 60.29 29.26 -29.69
C5' SAH RA . 62.89 34.77 -28.41
C4' SAH RA . 64.04 34.85 -29.40
O4' SAH RA . 64.10 36.15 -29.94
C3' SAH RA . 65.39 34.60 -28.76
O3' SAH RA . 65.97 33.47 -29.36
C2' SAH RA . 66.23 35.82 -29.08
O2' SAH RA . 67.50 35.43 -29.53
C1' SAH RA . 65.44 36.49 -30.19
N9 SAH RA . 65.66 37.95 -30.24
C8 SAH RA . 65.92 38.79 -29.19
N7 SAH RA . 66.07 40.04 -29.68
C5 SAH RA . 65.90 40.01 -31.02
C6 SAH RA . 65.95 40.99 -32.00
N6 SAH RA . 66.19 42.25 -31.68
N1 SAH RA . 65.73 40.64 -33.30
C2 SAH RA . 65.48 39.35 -33.64
N3 SAH RA . 65.44 38.37 -32.67
C4 SAH RA . 65.65 38.70 -31.38
P G7M SA . 57.28 23.91 -23.64
OP1 G7M SA . 58.80 23.83 -23.57
OP2 G7M SA . 57.02 22.98 -24.75
O5' G7M SA . 57.06 25.36 -24.44
C5' G7M SA . 57.17 26.61 -23.84
C4' G7M SA . 55.89 27.39 -24.09
O4' G7M SA . 56.01 28.83 -23.38
C3' G7M SA . 55.73 27.58 -25.36
O3' G7M SA . 54.64 26.73 -25.90
C2' G7M SA . 55.30 29.04 -25.53
O2' G7M SA . 53.97 29.08 -25.65
C1' G7M SA . 55.65 29.76 -24.22
N9 G7M SA . 56.77 30.75 -24.34
C8 G7M SA . 57.75 30.43 -25.20
N7 G7M SA . 58.65 31.42 -25.15
CN7 G7M SA . 59.82 31.30 -26.02
C5 G7M SA . 58.21 32.32 -24.26
C6 G7M SA . 58.77 33.64 -23.73
O6 G7M SA . 59.78 34.08 -24.12
N1 G7M SA . 58.05 34.38 -22.75
C2 G7M SA . 56.81 33.91 -22.24
N2 G7M SA . 56.10 34.67 -21.25
N3 G7M SA . 56.28 32.66 -22.71
C4 G7M SA . 57.03 31.89 -23.75
ZN ZN TA . 87.70 6.13 -16.22
N SAH UA . 74.85 4.48 -8.82
CA SAH UA . 74.65 3.56 -7.70
CB SAH UA . 74.64 4.31 -6.37
CG SAH UA . 75.87 4.02 -5.53
SD SAH UA . 75.84 4.76 -3.88
C SAH UA . 73.36 2.79 -7.87
O SAH UA . 72.72 2.86 -8.92
OXT SAH UA . 72.93 2.07 -6.98
C5' SAH UA . 76.90 6.13 -4.42
C4' SAH UA . 78.24 5.72 -5.01
O4' SAH UA . 78.96 6.87 -5.37
C3' SAH UA . 79.11 4.97 -4.02
O3' SAH UA . 79.37 3.68 -4.52
C2' SAH UA . 80.40 5.74 -3.95
O2' SAH UA . 81.50 4.87 -4.02
C1' SAH UA . 80.34 6.65 -5.17
N9 SAH UA . 81.10 7.89 -5.00
C8 SAH UA . 81.32 8.59 -3.84
N7 SAH UA . 82.09 9.66 -4.13
C5 SAH UA . 82.35 9.66 -5.45
C6 SAH UA . 83.07 10.52 -6.27
N6 SAH UA . 83.68 11.59 -5.77
N1 SAH UA . 83.17 10.25 -7.61
C2 SAH UA . 82.56 9.15 -8.14
N3 SAH UA . 81.85 8.30 -7.33
C4 SAH UA . 81.74 8.56 -6.00
P G7M VA . 66.34 -1.47 -2.69
OP1 G7M VA . 67.61 -2.14 -2.18
OP2 G7M VA . 66.11 -2.25 -3.92
O5' G7M VA . 66.97 -0.08 -3.36
C5' G7M VA . 67.35 1.04 -2.64
C4' G7M VA . 66.62 2.26 -3.19
O4' G7M VA . 67.05 3.55 -2.33
C3' G7M VA . 66.96 2.46 -4.42
O3' G7M VA . 65.86 2.11 -5.35
C2' G7M VA . 67.20 3.96 -4.56
O2' G7M VA . 66.10 4.53 -5.08
C1' G7M VA . 67.36 4.52 -3.14
N9 G7M VA . 68.75 4.99 -2.83
C8 G7M VA . 69.75 4.28 -3.38
N7 G7M VA . 70.90 4.83 -2.95
CN7 G7M VA . 72.15 4.23 -3.43
C5 G7M VA . 70.58 5.86 -2.14
C6 G7M VA . 71.41 6.86 -1.34
O6 G7M VA . 72.58 6.85 -1.36
N1 G7M VA . 70.75 7.85 -0.56
C2 G7M VA . 69.35 7.93 -0.49
N2 G7M VA . 68.70 8.94 0.31
N3 G7M VA . 68.54 6.97 -1.23
C4 G7M VA . 69.23 5.94 -2.06
#